data_8XA0
#
_entry.id   8XA0
#
_cell.length_a   1.00
_cell.length_b   1.00
_cell.length_c   1.00
_cell.angle_alpha   90.00
_cell.angle_beta   90.00
_cell.angle_gamma   90.00
#
_symmetry.space_group_name_H-M   'P 1'
#
loop_
_entity.id
_entity.type
_entity.pdbx_description
1 polymer 'Large tegument protein deneddylase'
2 polymer 'Major capsid protein'
3 polymer 'Capsid vertex component 1'
4 polymer 'Capsid vertex component 2'
5 polymer Tri2A
6 polymer Tri2B
7 polymer Tri1
#
loop_
_entity_poly.entity_id
_entity_poly.type
_entity_poly.pdbx_seq_one_letter_code
_entity_poly.pdbx_strand_id
1 'polypeptide(L)' QRTGRSALAVLIRACYRLQQQLQRTRRALLHHSDAVLTSLHHVRMLL 2,y
2 'polypeptide(L)'
;IPAGIIPTGNVLSTIEVCIFFCIFDFFKQIRSDDNSLYSAQFDILLGTYCNTLNFVRFLELGLSVACICTKFPELAYVRD
GVIQFEVQQPMIARDGPHPVDQPVHNYMVKRIHKRSLSAAFAIASEALSLLSNTYVAATEIDSSLRIRAIQQMARNLRTV
SDSFERGTADQLLGVLLEKAPPLSLLSPINKFQPEGHLNRVARAALLSDLKRRVCADMFFMTRHAREPRLISAYLSDMVS
CTQPSVMVSRITHTNTRGRQVDGVLVTTATLKRQLLQGILQIDDTAADVPVTYGEMVLQGTNLVTALVMGKAVRGMDDVA
RHLLDITDPNTLNIPSIPPQSNSDSTTAGLPVNARVPADLVIVGDKLVFLEALERRVYQATRVAYPLIGNIDITFIMPMG
VFQANSMDRYTRHAGDFSTVSEQDPRQFPPQGIFFYNKDGILTQLTLRDAMGTICHSSLLDVEATLVALRQQHLDRQCYF
GVYVAEGTEDTLDVQMGRFMETWADMMPHHPHWVNEHLTILQFIAPSNPRLRFELNPAFDFFVAPGDVDLPGPQRPPEAM
PTVNATLRIINGNIPVPLCPISFRDCRGTQLGLGRHTMTPATIKAVKDTFEDRAYPTIFYMLEAVIHGNERNFCALLRLL
TQCIRGYWEQSHRVAFVNNFHMLMYITTYLGNGELPEVCINIYRDLLQHVRALRQTITDFTIQGEGHNGETSEALNNILT
DDTFIAPILWDCDALIYRDEAARDRLPAIRVSGRNGYQALHFVDMAGHNFQRRDNVLIHGRPVRGDTGQAIPITPHHDRE
WGILSKIYYYIVIPAFSRGSCCTMGVRYDRLYPALQAVIVPEIPADEEAPTTPEDPRHPLHAHQLVPNSLNVYFHNAHLT
VDGDALLTLQELMGDMAERTTAILVSSAPDAGAATATTRNMRIYDGALYHGLIMMAYQAYDETIATGTFFYPVPVNPLFA
CPEHLASLRGMTNARRVLAKMVPPIPPFLGANHHATIRQPVAYHVTHSKSDFNTLTYSLLGGYFKFTPISLTHQLRTGFH
PGIAFTVVRQDRFATEQLLYAERASESYFVGQIQVHHHDAIGGVNFTLTQPRAHVDLGVGYTAVCATAALRCPLTDMGNT
AQNLFFSRGGVPMLHDNVTESLRRITASGGRLNPTEPLPIFGGLRPATSAGIARGQASVCEFVAMPVSTDLQYFRTACNP
RGRASGMLYMGDRDADIEAIMFDHTQSDVAYTDRATLNPWASQKHSYGDRLYNGTYNLTGASPIYSPCFKFFTPAEVNTN
CNTLDRLLMEAKAVASQSSTDTEYQFKRPPGSTEMTQDPCGLFQEAYPPLCSSDAAMLRTAHAGETGADEVHLAQYLIRD
ASPLRGCLPL
;
A,C,E,F,G
3 'polypeptide(L)'
;MNAHLANEVQYDLGHARVGPSSLVHVIISSECLAAAGIPLAALMRGRPGLGTAANFQVEIQTRAHATGDCTPWCTAFAAY
VPADAVGELLAPVVPAHPGLLPRASSAGGLFVSLPVVCDAQGVYDPYAVAALRLAWGSGASCARVILFSYDELVPPNTRY
AADSTRIMRVCRHLCRYVALLGAAAPPAAKEAAAHLSMGLGESASPRPQPLARPHAGAPADPPIVGASDPPISPEEQLTA
PGGDTTAAQDVSIAQENEEILALVQRAVQDVTRRHPVRARTGRAACGVASGLRQGALVHQAVSGGAMGAADADAVLAGLE
PPGGGRFVAPAPHGPGGEDILNDVLTLTPGTAKPRSLVEWLDRGWEALAGGDRPDWLWSRRSISVVLRHHYGTKQRFVVV
SYENSVAWGGRRARPPLLSSALATALTEACAAERVVRPHQLSPAGQAELLLRFPALEVPLRHPRPVLPPFDIAAEVAFTA
RIHLACLRALGQAIRAALQGGPRISQRLRYDFGPDQRAWLGEVTRRFPILLENLMRAVEGTAPDAFFHTAYALAVLAHLG
GRGGRGRRVVPLGDDLPARFADSDGHYVFDYYSTSGDTLRLNNRPIAVAMDGDVSKREQSKCRFMEAVPSTAPRRVCEQY
LPGESYAYLCLGFNRRLCGIVVFPGGFAFTINIAAYLSLSDPVARAAVLRFCRKVS
;
h
4 'polypeptide(L)'
;MDPYCPFDALDVWEHRRFIVADSRNFITPEFPRDFWMSPVFNLPRETAAEQVVVLQAQRTAAAAALENAAMQAAELPVDI
ERRLRPIERNVHEI
;
q,u
5 'polypeptide(L)'
;AMPFEIEVLLPGELSPAETSALQKCEGKIITFSTLRHRASLVDIALSSYYINGAPPDTLSLLEAYRMRFAAVITRVIPGK
LLAHAIGVGTPTPGLFIQNTSPVDLCNGDYICLLPPVYGSADSIRLDSVGLEIVFPLTIPQTLMREIIAKVVARAVEDLN
LMFSINEGCLLILALIPRLLALLIPRLLALVTREAAQLIHPEAPMLMLPIYETISSWISTSSRLGDTLGTRAILRVCVFD
GPSTVHPGDRTAVIQV
;
R
6 'polypeptide(L)'
;AMPFEIEVLLPGEISPAETSALQKCEGKIITFSTLRHRASLVDIALSSYYINGAPPDTLSLLEAYRMRFAAVITRVIPGK
LLAHAIGVGTPTPGLFIQNTSPVDLCNGDYICLLPPVFGSADEIRLDSVGLEIVFPLTIPQTLMREIIAKVVARAVERTA
ADVICYNGRRYELETNLQHRDGSDAAIRTLVLNLMFSINEGTTLILTLITRLLRFPIYEAISSWISTSSRLGDTLGTRAI
LRVCVFDGPSTVHPGDRTAVIQV
;
V
7 'polypeptide(L)'
;FKSTTQLIQQVSLTDFFRPDIEHAGSTVLILRHPTDLPALARHRAPPGRQTERLAEAWGQLLEASRAYVTSLSFIAACRA
EEYTDKQAAEANRTAIVSAYGCSRMGARLIRFSECLRAMVQCHVFPHRFISFFGSLLEYTIQDNLCNITAVAKGPQEAAR
TDKTSTRRVTANIPACVFWDVDKDLHLSADGLKHVFLVFVYTQRRQREGVRLHLALSQLNEQCFGRGIGFLLGARICMYA
AYTLIGTIPSESVRYTRRMERFGGYNVPTIWLEGVVWGGTNTWNEC
;
Z
#
# COMPACT_ATOMS: atom_id res chain seq x y z
N GLN A 1 -25.53 -61.11 -50.18
CA GLN A 1 -26.98 -61.24 -50.08
C GLN A 1 -27.66 -59.88 -50.13
N ARG A 2 -26.92 -58.84 -49.77
CA ARG A 2 -27.48 -57.50 -49.69
C ARG A 2 -27.53 -56.78 -51.03
N THR A 3 -26.94 -57.35 -52.08
CA THR A 3 -26.93 -56.67 -53.38
C THR A 3 -28.23 -56.94 -54.14
N GLY A 4 -28.50 -58.21 -54.46
CA GLY A 4 -29.67 -58.53 -55.24
C GLY A 4 -30.98 -58.40 -54.48
N ARG A 5 -30.92 -58.49 -53.15
CA ARG A 5 -32.12 -58.32 -52.34
C ARG A 5 -32.56 -56.86 -52.28
N SER A 6 -31.61 -55.92 -52.26
CA SER A 6 -31.94 -54.51 -52.22
C SER A 6 -31.96 -53.87 -53.60
N ALA A 7 -31.53 -54.59 -54.64
CA ALA A 7 -31.64 -54.04 -55.99
C ALA A 7 -33.09 -54.03 -56.48
N LEU A 8 -33.92 -54.94 -55.98
CA LEU A 8 -35.31 -55.00 -56.40
C LEU A 8 -36.16 -53.91 -55.74
N ALA A 9 -35.63 -53.23 -54.73
CA ALA A 9 -36.39 -52.22 -54.01
C ALA A 9 -36.79 -51.03 -54.88
N VAL A 10 -35.90 -50.58 -55.77
CA VAL A 10 -36.22 -49.45 -56.63
C VAL A 10 -37.40 -49.78 -57.53
N LEU A 11 -37.36 -50.95 -58.16
CA LEU A 11 -38.46 -51.39 -59.01
C LEU A 11 -39.75 -51.64 -58.22
N ILE A 12 -39.66 -52.20 -57.03
CA ILE A 12 -40.85 -52.44 -56.22
C ILE A 12 -41.52 -51.11 -55.85
N ARG A 13 -40.72 -50.15 -55.38
CA ARG A 13 -41.25 -48.83 -55.07
C ARG A 13 -41.80 -48.13 -56.29
N ALA A 14 -41.16 -48.26 -57.44
CA ALA A 14 -41.66 -47.65 -58.66
C ALA A 14 -43.00 -48.24 -59.07
N CYS A 15 -43.14 -49.57 -59.06
CA CYS A 15 -44.38 -50.19 -59.53
C CYS A 15 -45.53 -49.97 -58.55
N TYR A 16 -45.29 -50.17 -57.25
CA TYR A 16 -46.37 -50.02 -56.29
C TYR A 16 -46.83 -48.58 -56.15
N ARG A 17 -46.06 -47.62 -56.62
CA ARG A 17 -46.49 -46.22 -56.62
C ARG A 17 -47.04 -45.79 -57.97
N LEU A 18 -46.55 -46.38 -59.08
CA LEU A 18 -47.19 -46.15 -60.36
C LEU A 18 -48.60 -46.70 -60.39
N GLN A 19 -48.87 -47.74 -59.61
CA GLN A 19 -50.23 -48.24 -59.51
C GLN A 19 -51.17 -47.19 -58.93
N GLN A 20 -50.74 -46.48 -57.89
CA GLN A 20 -51.60 -45.46 -57.27
C GLN A 20 -51.58 -44.16 -58.05
N GLN A 21 -50.50 -43.88 -58.78
CA GLN A 21 -50.50 -42.71 -59.65
C GLN A 21 -51.60 -42.80 -60.70
N LEU A 22 -51.83 -44.00 -61.24
CA LEU A 22 -52.96 -44.23 -62.13
C LEU A 22 -54.30 -44.04 -61.43
N GLN A 23 -54.42 -44.47 -60.16
CA GLN A 23 -55.65 -44.26 -59.41
C GLN A 23 -55.96 -42.79 -59.26
N ARG A 24 -54.94 -41.99 -58.93
CA ARG A 24 -55.15 -40.55 -58.78
C ARG A 24 -55.60 -39.90 -60.08
N THR A 25 -54.99 -40.31 -61.21
CA THR A 25 -55.47 -39.82 -62.50
C THR A 25 -56.89 -40.26 -62.80
N ARG A 26 -57.26 -41.49 -62.41
CA ARG A 26 -58.63 -41.95 -62.61
C ARG A 26 -59.62 -41.09 -61.84
N ARG A 27 -59.30 -40.78 -60.58
CA ARG A 27 -60.29 -40.12 -59.72
C ARG A 27 -60.28 -38.61 -59.90
N ALA A 28 -59.14 -38.04 -60.32
CA ALA A 28 -59.08 -36.59 -60.53
C ALA A 28 -59.70 -36.14 -61.84
N LEU A 29 -59.79 -37.03 -62.84
CA LEU A 29 -60.38 -36.68 -64.13
C LEU A 29 -61.87 -36.92 -64.19
N LEU A 30 -62.43 -37.69 -63.26
CA LEU A 30 -63.86 -37.97 -63.24
C LEU A 30 -64.67 -36.90 -62.52
N HIS A 31 -64.22 -36.44 -61.36
CA HIS A 31 -64.93 -35.40 -60.63
C HIS A 31 -64.72 -34.01 -61.23
N HIS A 32 -63.73 -33.86 -62.11
CA HIS A 32 -63.49 -32.58 -62.78
C HIS A 32 -64.29 -32.44 -64.06
N SER A 33 -64.37 -33.51 -64.87
CA SER A 33 -65.22 -33.47 -66.05
C SER A 33 -66.70 -33.51 -65.67
N ASP A 34 -67.02 -34.05 -64.50
CA ASP A 34 -68.38 -33.95 -63.99
C ASP A 34 -68.79 -32.50 -63.77
N ALA A 35 -67.85 -31.63 -63.40
CA ALA A 35 -68.14 -30.21 -63.33
C ALA A 35 -68.48 -29.65 -64.71
N VAL A 36 -67.79 -30.11 -65.76
CA VAL A 36 -68.09 -29.66 -67.11
C VAL A 36 -69.49 -30.12 -67.52
N LEU A 37 -69.82 -31.38 -67.23
CA LEU A 37 -71.15 -31.87 -67.53
C LEU A 37 -72.23 -31.11 -66.77
N THR A 38 -71.99 -30.82 -65.49
CA THR A 38 -72.94 -30.04 -64.70
C THR A 38 -73.10 -28.63 -65.27
N SER A 39 -72.01 -28.02 -65.70
CA SER A 39 -72.08 -26.68 -66.30
C SER A 39 -72.87 -26.71 -67.60
N LEU A 40 -72.66 -27.73 -68.43
CA LEU A 40 -73.44 -27.84 -69.66
C LEU A 40 -74.92 -28.04 -69.37
N HIS A 41 -75.24 -28.87 -68.37
CA HIS A 41 -76.62 -29.07 -68.00
C HIS A 41 -77.24 -27.78 -67.46
N HIS A 42 -76.48 -27.00 -66.70
CA HIS A 42 -76.97 -25.70 -66.23
C HIS A 42 -77.19 -24.73 -67.39
N VAL A 43 -76.29 -24.75 -68.38
CA VAL A 43 -76.47 -23.91 -69.56
C VAL A 43 -77.76 -24.27 -70.26
N ARG A 44 -78.05 -25.57 -70.42
CA ARG A 44 -79.31 -25.96 -71.04
C ARG A 44 -80.48 -25.69 -70.10
N MET A 45 -80.22 -25.62 -68.79
CA MET A 45 -81.22 -25.18 -67.82
C MET A 45 -81.66 -23.74 -68.06
N LEU A 46 -80.72 -22.84 -68.36
CA LEU A 46 -81.10 -21.46 -68.63
C LEU A 46 -82.04 -21.35 -69.83
N LEU A 47 -82.06 -22.37 -70.68
CA LEU A 47 -83.07 -22.47 -71.74
C LEU A 47 -84.15 -23.49 -71.37
N ILE B 1 20.99 73.66 -38.70
CA ILE B 1 19.82 74.00 -37.88
C ILE B 1 20.23 74.81 -36.67
N PRO B 2 19.85 76.08 -36.58
CA PRO B 2 20.03 76.81 -35.31
C PRO B 2 19.06 76.26 -34.27
N ALA B 3 19.62 75.61 -33.25
CA ALA B 3 18.79 74.94 -32.26
C ALA B 3 18.07 75.95 -31.37
N GLY B 4 18.83 76.74 -30.60
CA GLY B 4 18.24 77.74 -29.74
C GLY B 4 17.26 77.20 -28.72
N ILE B 5 17.37 75.93 -28.37
CA ILE B 5 16.45 75.26 -27.47
C ILE B 5 17.27 74.48 -26.44
N ILE B 6 16.65 74.12 -25.33
CA ILE B 6 17.35 73.29 -24.34
C ILE B 6 17.69 71.95 -24.97
N PRO B 7 18.86 71.38 -24.72
CA PRO B 7 19.19 70.08 -25.31
C PRO B 7 18.35 68.96 -24.71
N THR B 8 17.06 68.95 -25.03
CA THR B 8 16.12 67.96 -24.51
C THR B 8 16.15 67.93 -22.99
N GLY B 9 16.98 67.05 -22.42
CA GLY B 9 17.02 66.91 -20.97
C GLY B 9 15.80 66.20 -20.42
N ASN B 10 15.71 64.89 -20.69
CA ASN B 10 14.59 64.06 -20.25
C ASN B 10 13.27 64.56 -20.85
N VAL B 11 13.19 64.43 -22.18
CA VAL B 11 11.99 64.77 -22.93
C VAL B 11 10.77 64.08 -22.33
N LEU B 12 9.74 64.86 -22.02
CA LEU B 12 8.44 64.33 -21.59
C LEU B 12 7.49 64.46 -22.78
N SER B 13 7.31 63.35 -23.51
CA SER B 13 6.36 63.33 -24.59
C SER B 13 4.94 63.34 -24.03
N THR B 14 3.99 63.72 -24.88
CA THR B 14 2.60 63.86 -24.47
C THR B 14 1.74 62.79 -25.12
N ILE B 15 0.97 62.07 -24.29
CA ILE B 15 -0.02 61.14 -24.81
C ILE B 15 -1.18 61.95 -25.36
N GLU B 16 -1.65 61.59 -26.55
CA GLU B 16 -2.75 62.29 -27.20
C GLU B 16 -3.97 61.39 -27.20
N VAL B 17 -5.06 61.87 -26.64
CA VAL B 17 -6.35 61.19 -26.69
C VAL B 17 -7.12 61.70 -27.89
N CYS B 18 -7.46 60.79 -28.80
CA CYS B 18 -8.07 61.13 -30.07
C CYS B 18 -9.56 60.79 -30.03
N ILE B 19 -10.41 61.81 -30.14
CA ILE B 19 -11.85 61.65 -30.13
C ILE B 19 -12.35 61.77 -31.56
N PHE B 20 -13.24 60.86 -31.96
CA PHE B 20 -13.72 60.80 -33.34
C PHE B 20 -15.06 61.52 -33.43
N PHE B 21 -15.03 62.70 -34.05
CA PHE B 21 -16.25 63.44 -34.35
C PHE B 21 -16.57 63.38 -35.84
N ARG B 57 22.96 58.21 -17.56
CA ARG B 57 24.30 58.78 -17.69
C ARG B 57 25.31 57.81 -17.10
N PHE B 58 26.59 58.10 -17.33
CA PHE B 58 27.66 57.22 -16.91
C PHE B 58 28.15 57.48 -15.50
N LEU B 59 28.45 58.75 -15.17
CA LEU B 59 28.98 59.04 -13.84
C LEU B 59 27.96 58.77 -12.74
N GLU B 60 26.69 59.14 -12.96
CA GLU B 60 25.67 58.88 -11.96
C GLU B 60 25.47 57.39 -11.75
N LEU B 61 25.76 56.57 -12.76
CA LEU B 61 25.73 55.13 -12.61
C LEU B 61 26.77 54.68 -11.59
N GLY B 62 26.37 53.72 -10.75
CA GLY B 62 27.24 53.27 -9.67
C GLY B 62 28.51 52.60 -10.13
N LEU B 63 28.51 51.99 -11.32
CA LEU B 63 29.71 51.35 -11.84
C LEU B 63 30.83 52.34 -12.14
N SER B 64 30.51 53.61 -12.34
CA SER B 64 31.52 54.59 -12.71
C SER B 64 32.51 54.85 -11.58
N VAL B 65 32.21 54.37 -10.36
CA VAL B 65 33.12 54.52 -9.24
C VAL B 65 34.38 53.68 -9.41
N ALA B 66 34.44 52.83 -10.44
CA ALA B 66 35.62 52.04 -10.73
C ALA B 66 36.52 52.68 -11.78
N CYS B 67 36.21 53.90 -12.21
CA CYS B 67 36.99 54.55 -13.26
C CYS B 67 37.28 55.99 -12.86
N ILE B 68 38.36 56.52 -13.43
CA ILE B 68 38.75 57.92 -13.23
C ILE B 68 38.61 58.60 -14.58
N CYS B 69 37.45 59.21 -14.83
CA CYS B 69 37.21 59.86 -16.11
C CYS B 69 37.85 61.24 -16.14
N THR B 70 38.69 61.46 -17.14
CA THR B 70 39.35 62.75 -17.33
C THR B 70 39.30 63.13 -18.80
N LYS B 71 39.03 64.40 -19.06
CA LYS B 71 38.93 64.91 -20.42
C LYS B 71 40.31 64.97 -21.06
N PHE B 72 40.36 64.58 -22.34
CA PHE B 72 41.60 64.61 -23.11
C PHE B 72 41.26 64.99 -24.54
N PRO B 73 40.94 66.27 -24.78
CA PRO B 73 40.50 66.67 -26.13
C PRO B 73 41.52 66.39 -27.22
N GLU B 74 42.81 66.53 -26.93
CA GLU B 74 43.85 66.33 -27.93
C GLU B 74 44.31 64.87 -27.93
N LEU B 75 43.38 63.97 -28.28
CA LEU B 75 43.65 62.53 -28.21
C LEU B 75 43.66 61.85 -29.57
N ALA B 76 42.86 62.33 -30.51
CA ALA B 76 42.81 61.71 -31.84
C ALA B 76 44.15 61.79 -32.56
N TYR B 77 44.99 62.76 -32.23
CA TYR B 77 46.29 62.93 -32.86
C TYR B 77 47.40 62.21 -32.13
N VAL B 78 47.10 61.47 -31.07
CA VAL B 78 48.09 60.70 -30.33
C VAL B 78 48.59 59.57 -31.22
N ARG B 79 49.91 59.47 -31.36
CA ARG B 79 50.52 58.48 -32.23
C ARG B 79 50.48 57.08 -31.62
N ASP B 80 52.58 59.09 -29.37
CA ASP B 80 52.04 58.03 -28.52
C ASP B 80 52.07 58.48 -27.06
N GLY B 81 51.64 57.61 -26.16
CA GLY B 81 51.51 57.96 -24.75
C GLY B 81 52.05 56.89 -23.82
N VAL B 82 52.66 57.33 -22.72
CA VAL B 82 53.04 56.47 -21.60
C VAL B 82 52.87 57.26 -20.31
N ILE B 83 52.62 56.53 -19.23
CA ILE B 83 52.56 57.08 -17.88
C ILE B 83 53.50 56.28 -17.00
N GLN B 84 53.97 56.91 -15.92
CA GLN B 84 54.96 56.30 -15.05
C GLN B 84 54.51 56.40 -13.60
N PHE B 85 54.84 55.35 -12.84
CA PHE B 85 54.61 55.30 -11.40
C PHE B 85 55.94 55.02 -10.71
N GLU B 86 56.10 55.54 -9.49
CA GLU B 86 57.35 55.47 -8.75
C GLU B 86 57.13 54.88 -7.36
N VAL B 87 56.40 53.76 -7.31
CA VAL B 87 56.19 53.06 -6.05
C VAL B 87 57.52 52.52 -5.54
N GLN B 88 57.73 52.62 -4.23
CA GLN B 88 58.94 52.11 -3.59
C GLN B 88 58.56 51.21 -2.42
N GLN B 89 59.50 50.38 -2.00
CA GLN B 89 59.22 49.36 -0.99
C GLN B 89 59.44 49.93 0.41
N PRO B 90 58.42 49.99 1.25
CA PRO B 90 58.64 50.42 2.64
C PRO B 90 59.50 49.42 3.40
N MET B 91 60.24 49.95 4.37
CA MET B 91 61.17 49.15 5.16
C MET B 91 60.79 49.22 6.64
N ILE B 92 60.88 48.08 7.31
CA ILE B 92 60.74 48.03 8.75
C ILE B 92 62.07 48.44 9.37
N ALA B 93 62.02 49.14 10.51
CA ALA B 93 63.23 49.64 11.14
C ALA B 93 63.73 48.63 12.16
N ARG B 94 64.55 47.69 11.69
CA ARG B 94 65.28 46.81 12.59
C ARG B 94 66.21 47.67 13.44
N ASP B 95 66.19 47.44 14.75
CA ASP B 95 66.78 48.42 15.66
C ASP B 95 68.30 48.34 15.71
N GLY B 96 68.85 47.13 15.76
CA GLY B 96 70.28 46.96 15.86
C GLY B 96 71.00 47.32 14.58
N PRO B 97 72.23 47.84 14.70
CA PRO B 97 72.96 48.28 13.51
C PRO B 97 73.63 47.14 12.75
N HIS B 98 73.13 46.84 11.55
CA HIS B 98 73.77 45.90 10.62
C HIS B 98 73.78 46.55 9.24
N PRO B 99 74.94 46.60 8.59
CA PRO B 99 75.02 47.29 7.29
C PRO B 99 74.62 46.42 6.11
N VAL B 100 73.33 46.11 5.98
CA VAL B 100 72.84 45.28 4.87
C VAL B 100 71.65 45.94 4.21
N ASP B 101 71.07 46.94 4.86
CA ASP B 101 69.84 47.55 4.37
C ASP B 101 70.13 48.66 3.36
N GLN B 102 69.25 48.78 2.37
CA GLN B 102 69.30 49.86 1.39
C GLN B 102 67.91 50.04 0.78
N PRO B 103 67.42 51.27 0.70
CA PRO B 103 66.11 51.50 0.08
C PRO B 103 66.10 51.09 -1.38
N VAL B 104 64.93 50.65 -1.84
CA VAL B 104 64.73 50.20 -3.21
C VAL B 104 63.47 50.85 -3.75
N HIS B 105 63.50 51.25 -5.02
CA HIS B 105 62.39 51.93 -5.67
C HIS B 105 62.01 51.17 -6.94
N ASN B 106 60.74 51.26 -7.31
CA ASN B 106 60.25 50.61 -8.51
C ASN B 106 59.56 51.62 -9.43
N TYR B 107 59.88 51.52 -10.71
CA TYR B 107 59.34 52.44 -11.73
C TYR B 107 58.59 51.61 -12.76
N MET B 108 57.27 51.59 -12.65
CA MET B 108 56.41 50.89 -13.60
C MET B 108 55.82 51.90 -14.58
N VAL B 109 55.69 51.47 -15.84
CA VAL B 109 55.13 52.30 -16.90
C VAL B 109 54.06 51.50 -17.62
N LYS B 110 53.06 52.21 -18.15
CA LYS B 110 51.86 51.59 -18.69
C LYS B 110 51.66 51.93 -20.16
N ARG B 111 51.02 51.01 -20.88
CA ARG B 111 50.58 51.26 -22.25
C ARG B 111 49.15 51.82 -22.22
N ILE B 112 48.87 52.76 -23.13
CA ILE B 112 47.65 53.56 -23.06
C ILE B 112 46.46 52.82 -23.66
N HIS B 113 46.73 51.94 -24.64
CA HIS B 113 45.67 51.26 -25.39
C HIS B 113 44.82 52.28 -26.13
N LYS B 114 43.79 51.83 -26.86
CA LYS B 114 42.99 52.77 -27.64
C LYS B 114 41.63 52.20 -28.03
N ARG B 115 40.57 52.97 -27.81
CA ARG B 115 39.21 52.64 -28.21
C ARG B 115 38.65 53.76 -29.07
N SER B 116 37.35 53.71 -29.34
CA SER B 116 36.70 54.72 -30.17
C SER B 116 35.20 54.71 -29.89
N LEU B 117 34.45 55.43 -30.73
CA LEU B 117 32.99 55.45 -30.66
C LEU B 117 32.45 55.60 -32.08
N SER B 118 31.24 55.06 -32.30
CA SER B 118 30.56 55.20 -33.57
C SER B 118 29.09 54.80 -33.41
N ALA B 119 28.23 55.48 -34.16
CA ALA B 119 26.80 55.19 -34.12
C ALA B 119 26.17 55.63 -35.44
N ALA B 120 24.95 55.15 -35.67
CA ALA B 120 24.20 55.44 -36.88
C ALA B 120 23.11 56.46 -36.60
N PHE B 121 22.95 57.40 -37.54
CA PHE B 121 21.98 58.48 -37.39
C PHE B 121 21.60 58.98 -38.78
N ALA B 122 20.45 58.52 -39.27
CA ALA B 122 20.02 58.80 -40.64
C ALA B 122 19.01 59.95 -40.68
N ILE B 123 19.03 60.69 -41.79
CA ILE B 123 18.18 61.87 -41.98
C ILE B 123 17.39 61.70 -43.27
N ALA B 124 16.14 62.15 -43.26
CA ALA B 124 15.33 62.16 -44.46
C ALA B 124 15.56 63.45 -45.26
N SER B 125 15.33 63.36 -46.57
CA SER B 125 15.60 64.49 -47.45
C SER B 125 14.64 65.64 -47.19
N GLU B 126 13.37 65.33 -46.92
CA GLU B 126 12.40 66.38 -46.63
C GLU B 126 12.75 67.13 -45.36
N ALA B 127 13.29 66.41 -44.36
CA ALA B 127 13.76 67.06 -43.16
C ALA B 127 14.86 68.06 -43.49
N LEU B 128 15.78 67.68 -44.37
CA LEU B 128 16.83 68.60 -44.79
C LEU B 128 16.27 69.79 -45.57
N SER B 129 15.22 69.55 -46.36
CA SER B 129 14.63 70.64 -47.13
C SER B 129 13.98 71.67 -46.22
N LEU B 130 13.20 71.20 -45.23
CA LEU B 130 12.63 72.13 -44.26
C LEU B 130 13.71 72.76 -43.38
N LEU B 131 14.79 72.02 -43.14
CA LEU B 131 15.99 72.56 -42.51
C LEU B 131 16.51 73.79 -43.25
N SER B 132 16.62 73.68 -44.58
CA SER B 132 17.27 74.74 -45.35
C SER B 132 16.53 76.07 -45.22
N ASN B 133 15.19 76.05 -45.28
CA ASN B 133 14.44 77.28 -45.14
C ASN B 133 14.53 77.82 -43.72
N THR B 134 14.47 76.94 -42.71
CA THR B 134 14.52 77.38 -41.32
C THR B 134 15.89 77.96 -40.98
N TYR B 135 16.95 77.53 -41.66
CA TYR B 135 18.27 78.12 -41.46
C TYR B 135 18.29 79.60 -41.81
N VAL B 136 17.38 80.05 -42.66
CA VAL B 136 17.26 81.44 -43.05
C VAL B 136 15.92 81.97 -42.58
N ALA B 137 15.49 81.49 -41.40
CA ALA B 137 14.17 81.80 -40.85
C ALA B 137 13.82 83.27 -40.99
N ALA B 138 12.67 83.53 -41.58
CA ALA B 138 12.23 84.88 -41.93
C ALA B 138 10.71 84.90 -41.84
N THR B 139 10.08 85.90 -42.47
CA THR B 139 8.63 85.98 -42.50
C THR B 139 8.01 84.71 -43.07
N GLU B 140 8.70 84.07 -44.00
CA GLU B 140 8.24 82.81 -44.58
C GLU B 140 8.61 81.65 -43.64
N ILE B 141 8.49 80.43 -44.14
CA ILE B 141 8.86 79.20 -43.41
C ILE B 141 7.92 79.00 -42.23
N ASP B 142 6.95 78.10 -42.39
CA ASP B 142 5.96 77.79 -41.36
C ASP B 142 6.63 77.44 -40.04
N SER B 143 6.34 78.23 -39.01
CA SER B 143 6.99 78.04 -37.71
C SER B 143 6.59 76.71 -37.08
N SER B 144 5.32 76.31 -37.22
CA SER B 144 4.87 75.07 -36.63
C SER B 144 5.59 73.87 -37.23
N LEU B 145 5.69 73.83 -38.56
CA LEU B 145 6.38 72.71 -39.20
C LEU B 145 7.87 72.75 -38.91
N ARG B 146 8.45 73.95 -38.87
CA ARG B 146 9.87 74.07 -38.54
C ARG B 146 10.16 73.54 -37.15
N ILE B 147 9.32 73.90 -36.17
CA ILE B 147 9.55 73.44 -34.80
C ILE B 147 9.28 71.95 -34.69
N ARG B 148 8.30 71.42 -35.44
CA ARG B 148 8.08 69.98 -35.46
C ARG B 148 9.31 69.24 -35.96
N ALA B 149 9.87 69.71 -37.08
CA ALA B 149 11.04 69.06 -37.66
C ALA B 149 12.24 69.16 -36.72
N ILE B 150 12.46 70.33 -36.12
CA ILE B 150 13.62 70.49 -35.24
C ILE B 150 13.44 69.66 -33.98
N GLN B 151 12.21 69.50 -33.50
CA GLN B 151 11.96 68.66 -32.35
C GLN B 151 12.27 67.20 -32.67
N GLN B 152 11.83 66.74 -33.85
CA GLN B 152 12.14 65.37 -34.26
C GLN B 152 13.64 65.15 -34.36
N MET B 153 14.35 66.09 -35.01
CA MET B 153 15.79 65.99 -35.15
C MET B 153 16.48 65.99 -33.79
N ALA B 154 16.06 66.88 -32.89
CA ALA B 154 16.70 66.97 -31.59
C ALA B 154 16.47 65.71 -30.76
N ARG B 155 15.25 65.17 -30.76
CA ARG B 155 15.00 63.96 -29.99
C ARG B 155 15.81 62.78 -30.52
N ASN B 156 15.87 62.64 -31.86
CA ASN B 156 16.65 61.54 -32.41
C ASN B 156 18.14 61.71 -32.12
N LEU B 157 18.64 62.94 -32.26
CA LEU B 157 20.06 63.20 -32.00
C LEU B 157 20.40 62.94 -30.54
N ARG B 158 19.51 63.30 -29.62
CA ARG B 158 19.78 63.05 -28.22
C ARG B 158 19.72 61.57 -27.87
N THR B 159 18.81 60.81 -28.50
CA THR B 159 18.81 59.37 -28.30
C THR B 159 20.14 58.76 -28.74
N VAL B 160 20.57 59.09 -29.96
CA VAL B 160 21.82 58.49 -30.46
C VAL B 160 23.02 58.98 -29.66
N SER B 161 22.95 60.21 -29.13
CA SER B 161 24.06 60.71 -28.32
C SER B 161 24.13 60.02 -26.97
N ASP B 162 22.99 59.86 -26.29
CA ASP B 162 22.95 59.15 -25.02
C ASP B 162 23.33 57.68 -25.21
N SER B 163 23.16 57.15 -26.42
CA SER B 163 23.65 55.80 -26.69
C SER B 163 25.14 55.65 -26.39
N PHE B 164 25.93 56.70 -26.61
CA PHE B 164 27.36 56.62 -26.33
C PHE B 164 27.63 56.43 -24.84
N GLU B 165 27.00 57.26 -23.99
CA GLU B 165 27.15 57.08 -22.55
C GLU B 165 26.59 55.75 -22.10
N ARG B 166 25.55 55.25 -22.79
CA ARG B 166 25.00 53.95 -22.46
C ARG B 166 25.99 52.83 -22.74
N GLY B 167 26.73 52.92 -23.86
CA GLY B 167 27.67 51.90 -24.24
C GLY B 167 29.03 52.00 -23.59
N THR B 168 29.34 53.18 -23.04
CA THR B 168 30.61 53.35 -22.33
C THR B 168 30.68 52.41 -21.13
N ALA B 169 29.60 52.32 -20.36
CA ALA B 169 29.55 51.40 -19.24
C ALA B 169 29.68 49.95 -19.69
N ASP B 170 29.04 49.62 -20.82
CA ASP B 170 29.19 48.27 -21.38
C ASP B 170 30.65 47.95 -21.67
N GLN B 171 31.34 48.86 -22.36
CA GLN B 171 32.74 48.61 -22.70
C GLN B 171 33.59 48.49 -21.45
N LEU B 172 33.34 49.35 -20.46
CA LEU B 172 34.15 49.31 -19.25
C LEU B 172 33.93 48.02 -18.48
N LEU B 173 32.68 47.60 -18.31
CA LEU B 173 32.43 46.34 -17.62
C LEU B 173 33.01 45.18 -18.39
N GLY B 174 33.01 45.26 -19.73
CA GLY B 174 33.64 44.21 -20.51
C GLY B 174 35.14 44.13 -20.28
N VAL B 175 35.81 45.29 -20.24
CA VAL B 175 37.26 45.25 -20.04
C VAL B 175 37.60 44.78 -18.63
N LEU B 176 36.83 45.18 -17.62
CA LEU B 176 37.07 44.66 -16.27
C LEU B 176 36.81 43.16 -16.22
N LEU B 177 35.78 42.67 -16.91
CA LEU B 177 35.55 41.24 -16.98
C LEU B 177 36.71 40.52 -17.65
N GLU B 178 37.32 41.14 -18.65
CA GLU B 178 38.47 40.57 -19.34
C GLU B 178 39.78 40.76 -18.59
N LYS B 179 39.78 41.54 -17.51
CA LYS B 179 40.99 41.83 -16.75
C LYS B 179 40.86 41.32 -15.32
N ALA B 180 40.43 40.07 -15.17
CA ALA B 180 40.25 39.51 -13.83
C ALA B 180 40.48 38.00 -13.81
N PRO B 181 41.22 37.49 -12.83
CA PRO B 181 41.35 36.05 -12.67
C PRO B 181 40.30 35.51 -11.71
N PRO B 182 40.08 34.19 -11.69
CA PRO B 182 39.08 33.63 -10.79
C PRO B 182 39.55 33.64 -9.34
N LEU B 183 38.58 33.63 -8.43
CA LEU B 183 38.89 33.55 -7.01
C LEU B 183 39.63 32.26 -6.68
N SER B 184 39.15 31.13 -7.21
CA SER B 184 39.72 29.84 -6.87
C SER B 184 41.14 29.68 -7.39
N LEU B 185 41.58 30.53 -8.30
CA LEU B 185 42.93 30.49 -8.83
C LEU B 185 43.84 31.53 -8.21
N LEU B 186 43.29 32.55 -7.55
CA LEU B 186 44.14 33.57 -6.93
C LEU B 186 44.26 33.36 -5.43
N SER B 187 43.16 33.06 -4.75
CA SER B 187 43.18 32.99 -3.29
C SER B 187 44.16 31.96 -2.74
N PRO B 188 44.25 30.73 -3.25
CA PRO B 188 45.23 29.79 -2.70
C PRO B 188 46.67 30.28 -2.78
N ILE B 189 47.06 30.91 -3.89
CA ILE B 189 48.38 31.51 -3.98
C ILE B 189 48.49 32.72 -3.05
N ASN B 190 47.41 33.50 -2.95
CA ASN B 190 47.40 34.66 -2.08
C ASN B 190 47.65 34.26 -0.62
N LYS B 191 47.21 33.07 -0.21
CA LYS B 191 47.39 32.65 1.17
C LYS B 191 48.63 31.77 1.35
N PHE B 192 48.82 30.77 0.48
CA PHE B 192 49.89 29.78 0.66
C PHE B 192 51.12 30.27 -0.09
N GLN B 193 51.68 31.39 0.38
CA GLN B 193 52.96 31.89 -0.11
C GLN B 193 53.52 32.90 0.88
N PRO B 194 54.15 32.45 1.96
CA PRO B 194 54.70 33.41 2.94
C PRO B 194 55.75 34.33 2.35
N GLU B 195 56.75 33.78 1.66
CA GLU B 195 57.79 34.61 1.06
C GLU B 195 57.96 34.35 -0.43
N GLY B 196 57.76 33.13 -0.90
CA GLY B 196 57.90 32.79 -2.30
C GLY B 196 59.05 31.84 -2.54
N HIS B 197 59.08 31.30 -3.75
CA HIS B 197 60.10 30.33 -4.17
C HIS B 197 60.21 29.18 -3.18
N LEU B 198 59.07 28.57 -2.87
CA LEU B 198 58.98 27.49 -1.90
C LEU B 198 59.26 26.11 -2.52
N ASN B 199 59.98 26.08 -3.65
CA ASN B 199 60.44 24.88 -4.35
C ASN B 199 59.32 23.89 -4.66
N ARG B 200 59.71 22.65 -4.98
CA ARG B 200 58.79 21.70 -5.61
C ARG B 200 57.74 21.19 -4.64
N VAL B 201 58.14 20.82 -3.42
CA VAL B 201 57.22 20.15 -2.50
C VAL B 201 56.09 21.11 -2.09
N ALA B 202 56.44 22.34 -1.73
CA ALA B 202 55.40 23.31 -1.40
C ALA B 202 54.66 23.79 -2.64
N ARG B 203 55.29 23.75 -3.81
CA ARG B 203 54.55 24.01 -5.03
C ARG B 203 53.43 22.98 -5.21
N ALA B 204 53.72 21.70 -4.99
CA ALA B 204 52.69 20.68 -5.13
C ALA B 204 51.67 20.76 -3.99
N ALA B 205 52.09 21.23 -2.81
CA ALA B 205 51.11 21.54 -1.77
C ALA B 205 50.14 22.62 -2.26
N LEU B 206 50.67 23.64 -2.93
CA LEU B 206 49.81 24.65 -3.54
C LEU B 206 48.91 24.03 -4.60
N LEU B 207 49.46 23.11 -5.41
CA LEU B 207 48.69 22.35 -6.38
C LEU B 207 47.47 21.69 -5.73
N SER B 208 47.70 20.99 -4.62
CA SER B 208 46.60 20.35 -3.91
C SER B 208 45.62 21.39 -3.33
N ASP B 209 46.13 22.52 -2.88
CA ASP B 209 45.26 23.58 -2.36
C ASP B 209 44.32 24.10 -3.44
N LEU B 210 44.86 24.39 -4.63
CA LEU B 210 44.00 24.79 -5.74
C LEU B 210 43.07 23.66 -6.16
N LYS B 211 43.53 22.41 -6.08
CA LYS B 211 42.66 21.28 -6.39
C LYS B 211 41.42 21.29 -5.50
N ARG B 212 41.63 21.43 -4.20
CA ARG B 212 40.50 21.43 -3.27
C ARG B 212 39.64 22.67 -3.43
N ARG B 213 40.25 23.84 -3.64
CA ARG B 213 39.46 25.05 -3.81
C ARG B 213 38.61 24.97 -5.08
N VAL B 214 39.18 24.42 -6.15
CA VAL B 214 38.44 24.23 -7.40
C VAL B 214 37.29 23.24 -7.21
N CYS B 215 37.56 22.09 -6.59
CA CYS B 215 36.51 21.09 -6.42
C CYS B 215 35.43 21.55 -5.47
N ALA B 216 35.74 22.45 -4.54
CA ALA B 216 34.77 22.89 -3.55
C ALA B 216 33.94 24.09 -3.99
N ASP B 217 34.49 24.95 -4.87
CA ASP B 217 33.84 26.23 -5.13
C ASP B 217 33.75 26.45 -6.64
N MET B 218 32.62 26.02 -7.21
CA MET B 218 32.16 26.47 -8.52
C MET B 218 30.75 27.01 -8.49
N PHE B 219 29.85 26.39 -7.75
CA PHE B 219 28.46 26.80 -7.63
C PHE B 219 28.07 26.93 -6.17
N PHE B 220 28.97 27.52 -5.36
CA PHE B 220 28.73 27.68 -3.94
C PHE B 220 27.45 28.47 -3.66
N MET B 221 27.10 29.41 -4.53
CA MET B 221 25.99 30.31 -4.24
C MET B 221 24.66 29.57 -4.23
N THR B 222 24.46 28.65 -5.17
CA THR B 222 23.29 27.79 -5.18
C THR B 222 23.53 26.49 -4.42
N ARG B 223 24.76 26.24 -3.96
CA ARG B 223 25.05 25.03 -3.20
C ARG B 223 24.57 25.17 -1.76
N HIS B 224 25.20 26.06 -0.99
CA HIS B 224 24.80 26.31 0.38
C HIS B 224 23.84 27.49 0.45
N ALA B 225 22.73 27.37 -0.29
CA ALA B 225 21.72 28.42 -0.31
C ALA B 225 21.02 28.56 1.04
N ARG B 226 21.03 27.52 1.86
CA ARG B 226 20.39 27.55 3.18
C ARG B 226 21.37 27.83 4.30
N GLU B 227 22.61 28.21 3.99
CA GLU B 227 23.64 28.49 5.00
C GLU B 227 24.13 29.91 4.77
N PRO B 228 23.42 30.90 5.31
CA PRO B 228 23.77 32.30 5.00
C PRO B 228 25.17 32.71 5.44
N ARG B 229 25.74 32.06 6.45
CA ARG B 229 27.06 32.44 6.93
C ARG B 229 28.13 32.16 5.88
N LEU B 230 28.00 31.06 5.14
CA LEU B 230 29.03 30.67 4.18
C LEU B 230 29.17 31.70 3.06
N ILE B 231 28.06 32.23 2.56
CA ILE B 231 28.12 33.24 1.50
C ILE B 231 28.83 34.48 2.01
N SER B 232 28.53 34.90 3.24
CA SER B 232 29.21 36.05 3.81
C SER B 232 30.71 35.80 3.95
N ALA B 233 31.10 34.59 4.37
CA ALA B 233 32.51 34.26 4.46
C ALA B 233 33.18 34.31 3.10
N TYR B 234 32.52 33.77 2.07
CA TYR B 234 33.09 33.80 0.73
C TYR B 234 33.24 35.23 0.21
N LEU B 235 32.24 36.08 0.42
CA LEU B 235 32.37 37.48 0.01
C LEU B 235 33.46 38.20 0.78
N SER B 236 33.59 37.91 2.08
CA SER B 236 34.65 38.52 2.87
C SER B 236 36.02 38.10 2.36
N ASP B 237 36.18 36.82 2.03
CA ASP B 237 37.44 36.36 1.46
C ASP B 237 37.70 36.99 0.09
N MET B 238 36.65 37.13 -0.73
CA MET B 238 36.80 37.73 -2.05
C MET B 238 37.25 39.18 -1.96
N VAL B 239 36.57 39.97 -1.13
CA VAL B 239 36.89 41.39 -1.03
C VAL B 239 38.27 41.59 -0.40
N SER B 240 38.62 40.76 0.58
CA SER B 240 39.95 40.82 1.19
C SER B 240 40.91 39.82 0.54
N CYS B 241 41.01 39.88 -0.78
CA CYS B 241 41.96 39.04 -1.51
C CYS B 241 42.73 39.81 -2.56
N THR B 242 42.36 41.05 -2.85
CA THR B 242 43.07 41.88 -3.81
C THR B 242 43.70 43.07 -3.11
N GLN B 243 44.90 43.42 -3.51
CA GLN B 243 45.56 44.58 -2.93
C GLN B 243 44.94 45.86 -3.49
N PRO B 244 44.87 46.93 -2.68
CA PRO B 244 44.25 48.17 -3.16
C PRO B 244 45.09 48.85 -4.24
N SER B 245 44.62 49.98 -4.74
CA SER B 245 45.30 50.70 -5.81
C SER B 245 45.76 52.06 -5.30
N VAL B 246 46.24 52.89 -6.24
CA VAL B 246 46.72 54.21 -5.89
C VAL B 246 45.60 55.02 -5.26
N MET B 247 45.92 55.73 -4.17
CA MET B 247 44.96 56.43 -3.33
C MET B 247 44.46 57.71 -3.99
N VAL B 248 44.99 58.05 -5.17
CA VAL B 248 44.74 59.33 -5.83
C VAL B 248 43.25 59.60 -5.93
N SER B 249 42.85 60.82 -5.57
CA SER B 249 41.49 61.31 -5.73
C SER B 249 41.48 62.80 -5.46
N ARG B 250 40.61 63.51 -6.17
CA ARG B 250 40.37 64.93 -5.92
C ARG B 250 39.00 65.17 -5.32
N ILE B 251 37.95 64.71 -5.99
CA ILE B 251 36.63 64.56 -5.40
C ILE B 251 36.19 63.12 -5.65
N THR B 252 35.94 62.39 -4.57
CA THR B 252 35.67 60.96 -4.66
C THR B 252 34.20 60.69 -4.40
N HIS B 253 33.83 59.42 -4.48
CA HIS B 253 32.46 59.00 -4.21
C HIS B 253 32.33 58.61 -2.75
N THR B 254 31.36 59.22 -2.06
CA THR B 254 31.11 58.96 -0.65
C THR B 254 29.62 58.74 -0.45
N ASN B 255 29.28 58.24 0.74
CA ASN B 255 27.89 58.09 1.14
C ASN B 255 27.36 59.44 1.61
N THR B 256 26.09 59.45 2.03
CA THR B 256 25.51 60.69 2.56
C THR B 256 26.20 61.10 3.85
N ARG B 257 26.63 60.11 4.65
CA ARG B 257 27.39 60.43 5.86
C ARG B 257 28.70 61.12 5.51
N GLY B 258 29.40 60.64 4.50
CA GLY B 258 30.66 61.24 4.09
C GLY B 258 31.78 60.25 3.95
N ARG B 259 31.60 59.05 4.50
CA ARG B 259 32.63 58.02 4.42
C ARG B 259 32.82 57.58 2.97
N GLN B 260 34.08 57.50 2.54
CA GLN B 260 34.39 57.15 1.16
C GLN B 260 34.13 55.67 0.90
N VAL B 261 33.54 55.40 -0.27
CA VAL B 261 33.35 54.03 -0.73
C VAL B 261 34.70 53.47 -1.15
N ASP B 262 34.82 52.15 -1.22
CA ASP B 262 36.10 51.51 -1.52
C ASP B 262 36.09 50.61 -2.74
N GLY B 263 34.94 50.39 -3.38
CA GLY B 263 34.93 49.58 -4.58
C GLY B 263 33.53 49.37 -5.09
N VAL B 264 33.44 48.63 -6.19
CA VAL B 264 32.17 48.33 -6.84
C VAL B 264 32.09 46.83 -7.12
N LEU B 265 30.92 46.25 -6.88
CA LEU B 265 30.65 44.84 -7.13
C LEU B 265 29.55 44.74 -8.18
N VAL B 266 29.78 43.93 -9.21
CA VAL B 266 28.87 43.82 -10.34
C VAL B 266 28.39 42.38 -10.48
N THR B 267 27.09 42.21 -10.61
CA THR B 267 26.45 40.89 -10.73
C THR B 267 25.12 41.11 -11.46
N THR B 268 24.24 40.11 -11.42
CA THR B 268 22.92 40.19 -12.02
C THR B 268 21.87 40.43 -10.94
N ALA B 269 20.70 40.92 -11.36
CA ALA B 269 19.67 41.34 -10.41
C ALA B 269 19.18 40.19 -9.54
N THR B 270 19.18 38.97 -10.06
CA THR B 270 18.75 37.82 -9.26
C THR B 270 19.60 37.68 -8.01
N LEU B 271 20.92 37.75 -8.19
CA LEU B 271 21.80 37.66 -7.04
C LEU B 271 21.77 38.93 -6.19
N LYS B 272 21.54 40.11 -6.77
CA LYS B 272 21.27 41.28 -5.94
C LYS B 272 20.13 41.01 -4.97
N ARG B 273 19.00 40.51 -5.48
CA ARG B 273 17.86 40.26 -4.60
C ARG B 273 18.17 39.18 -3.57
N GLN B 274 18.83 38.11 -3.99
CA GLN B 274 19.08 36.99 -3.08
C GLN B 274 20.06 37.39 -1.97
N LEU B 275 21.04 38.25 -2.29
CA LEU B 275 21.92 38.76 -1.24
C LEU B 275 21.20 39.78 -0.37
N LEU B 276 20.37 40.64 -0.98
CA LEU B 276 19.80 41.77 -0.25
C LEU B 276 18.69 41.34 0.68
N GLN B 277 18.03 40.20 0.41
CA GLN B 277 16.89 39.82 1.22
C GLN B 277 17.27 39.61 2.68
N GLY B 278 18.31 38.79 2.93
CA GLY B 278 18.69 38.52 4.30
C GLY B 278 20.16 38.34 4.58
N ILE B 279 21.02 38.47 3.57
CA ILE B 279 22.43 38.13 3.75
C ILE B 279 23.25 39.37 4.08
N LEU B 280 23.11 40.43 3.30
CA LEU B 280 23.85 41.66 3.51
C LEU B 280 22.94 42.77 3.97
N GLN B 281 23.56 43.81 4.54
CA GLN B 281 22.86 44.89 5.20
C GLN B 281 22.93 46.15 4.36
N ILE B 282 21.78 46.80 4.16
CA ILE B 282 21.72 48.05 3.43
C ILE B 282 22.41 49.13 4.24
N ASP B 283 23.12 50.03 3.55
CA ASP B 283 23.75 51.16 4.21
C ASP B 283 22.99 52.46 3.97
N ASP B 284 22.54 52.69 2.74
CA ASP B 284 21.78 53.89 2.39
C ASP B 284 21.22 53.67 0.98
N THR B 285 20.54 54.68 0.47
CA THR B 285 19.94 54.64 -0.87
C THR B 285 20.65 55.52 -1.88
N ALA B 286 21.21 56.65 -1.46
CA ALA B 286 21.91 57.55 -2.36
C ALA B 286 23.37 57.67 -1.94
N ALA B 287 24.15 58.34 -2.80
CA ALA B 287 25.57 58.53 -2.55
C ALA B 287 26.03 59.82 -3.21
N ASP B 288 27.19 60.30 -2.78
CA ASP B 288 27.78 61.51 -3.33
C ASP B 288 28.67 61.13 -4.52
N VAL B 289 28.34 61.66 -5.70
CA VAL B 289 29.05 61.33 -6.92
C VAL B 289 29.50 62.60 -7.63
N PRO B 290 30.76 62.68 -8.07
CA PRO B 290 31.19 63.86 -8.85
C PRO B 290 30.50 63.90 -10.20
N VAL B 291 30.46 65.11 -10.78
CA VAL B 291 29.79 65.35 -12.04
C VAL B 291 30.76 65.54 -13.20
N THR B 292 32.00 65.91 -12.93
CA THR B 292 32.98 66.10 -13.99
C THR B 292 33.55 64.76 -14.46
N ALA B 354 27.25 65.18 -6.15
CA ALA B 354 25.83 65.17 -6.52
C ALA B 354 25.09 64.04 -5.81
N ARG B 355 23.77 64.18 -5.72
CA ARG B 355 22.94 63.19 -5.05
C ARG B 355 22.27 62.31 -6.11
N VAL B 356 22.62 61.03 -6.13
CA VAL B 356 22.08 60.07 -7.08
C VAL B 356 21.68 58.83 -6.31
N PRO B 357 20.47 58.30 -6.50
CA PRO B 357 20.09 57.05 -5.83
C PRO B 357 20.95 55.89 -6.31
N ALA B 358 21.64 55.25 -5.36
CA ALA B 358 22.50 54.12 -5.67
C ALA B 358 22.73 53.32 -4.40
N ASP B 359 22.37 52.04 -4.42
CA ASP B 359 22.53 51.20 -3.25
C ASP B 359 24.00 50.97 -2.95
N LEU B 360 24.28 50.63 -1.69
CA LEU B 360 25.64 50.43 -1.23
C LEU B 360 25.61 49.53 0.00
N VAL B 361 26.58 48.62 0.08
CA VAL B 361 26.55 47.52 1.03
C VAL B 361 27.93 47.37 1.67
N ILE B 362 27.93 47.05 2.96
CA ILE B 362 29.14 46.81 3.74
C ILE B 362 29.45 45.32 3.72
N VAL B 363 30.70 44.98 3.41
CA VAL B 363 31.20 43.62 3.50
C VAL B 363 32.62 43.69 4.06
N GLY B 364 32.96 42.74 4.92
CA GLY B 364 34.28 42.73 5.53
C GLY B 364 34.52 43.95 6.40
N ASP B 365 35.39 44.85 5.94
CA ASP B 365 35.66 46.10 6.65
C ASP B 365 35.66 47.30 5.72
N LYS B 366 35.24 47.12 4.47
CA LYS B 366 35.20 48.21 3.50
C LYS B 366 33.86 48.24 2.79
N LEU B 367 33.41 49.44 2.48
CA LEU B 367 32.11 49.67 1.85
C LEU B 367 32.23 49.53 0.34
N VAL B 368 31.31 48.79 -0.26
CA VAL B 368 31.35 48.47 -1.68
C VAL B 368 29.97 48.67 -2.30
N PHE B 369 29.95 49.22 -3.50
CA PHE B 369 28.73 49.27 -4.28
C PHE B 369 28.29 47.86 -4.67
N LEU B 370 26.99 47.64 -4.66
CA LEU B 370 26.39 46.41 -5.17
C LEU B 370 25.66 46.79 -6.45
N GLU B 371 26.21 46.39 -7.59
CA GLU B 371 25.65 46.72 -8.89
C GLU B 371 25.15 45.46 -9.59
N ALA B 372 23.94 45.56 -10.13
CA ALA B 372 23.30 44.52 -10.93
C ALA B 372 22.86 45.11 -12.25
N LEU B 373 23.80 45.76 -12.94
CA LEU B 373 23.43 46.63 -14.05
C LEU B 373 22.82 45.80 -15.16
N GLU B 374 21.49 45.66 -15.09
CA GLU B 374 20.72 44.82 -16.00
C GLU B 374 19.48 45.58 -16.43
N ARG B 375 19.08 46.58 -15.64
CA ARG B 375 17.85 47.33 -15.91
C ARG B 375 18.13 48.66 -16.59
N ARG B 376 19.11 49.42 -16.10
CA ARG B 376 19.43 50.70 -16.72
C ARG B 376 19.95 50.52 -18.14
N VAL B 377 20.46 49.33 -18.44
CA VAL B 377 20.97 49.00 -19.77
C VAL B 377 20.68 47.52 -20.02
N TYR B 378 20.74 47.13 -21.30
CA TYR B 378 20.49 45.77 -21.79
C TYR B 378 19.01 45.40 -21.84
N GLN B 379 18.13 46.37 -22.10
CA GLN B 379 16.76 46.10 -22.50
C GLN B 379 16.48 46.73 -23.85
N ALA B 380 15.73 46.02 -24.69
CA ALA B 380 15.33 46.51 -26.01
C ALA B 380 16.55 46.83 -26.87
N THR B 381 17.68 46.17 -26.57
CA THR B 381 18.88 46.27 -27.36
C THR B 381 19.36 44.87 -27.69
N ARG B 382 19.99 44.73 -28.86
CA ARG B 382 20.29 43.41 -29.41
C ARG B 382 21.72 42.98 -29.13
N VAL B 383 22.25 43.32 -27.96
CA VAL B 383 23.53 42.81 -27.48
C VAL B 383 23.27 41.92 -26.28
N ALA B 384 23.87 40.72 -26.28
CA ALA B 384 23.66 39.78 -25.20
C ALA B 384 24.37 40.26 -23.94
N TYR B 385 23.77 39.98 -22.79
CA TYR B 385 24.37 40.38 -21.53
C TYR B 385 25.59 39.51 -21.24
N PRO B 386 26.73 40.10 -20.88
CA PRO B 386 27.87 39.29 -20.44
C PRO B 386 27.61 38.74 -19.05
N LEU B 387 28.62 38.10 -18.45
CA LEU B 387 28.57 37.53 -17.12
C LEU B 387 27.69 36.28 -17.04
N ILE B 388 27.07 35.88 -18.15
CA ILE B 388 26.15 34.75 -18.13
C ILE B 388 26.62 33.69 -19.12
N GLY B 389 27.93 33.62 -19.37
CA GLY B 389 28.41 32.87 -20.51
C GLY B 389 28.04 31.40 -20.60
N ASN B 390 28.78 30.53 -19.90
CA ASN B 390 28.48 29.08 -19.86
C ASN B 390 29.55 28.38 -19.03
N ILE B 391 29.38 27.07 -18.78
CA ILE B 391 30.46 26.23 -18.28
C ILE B 391 30.26 24.85 -18.88
N ASP B 392 31.36 24.09 -19.04
CA ASP B 392 31.31 22.80 -19.72
C ASP B 392 32.05 21.82 -18.80
N ILE B 393 31.31 21.16 -17.91
CA ILE B 393 31.88 20.23 -16.95
C ILE B 393 31.59 18.81 -17.41
N THR B 394 32.62 17.97 -17.41
CA THR B 394 32.49 16.57 -17.82
C THR B 394 32.38 15.70 -16.58
N PHE B 395 31.39 14.82 -16.56
CA PHE B 395 31.15 13.91 -15.45
C PHE B 395 31.82 12.57 -15.73
N ILE B 396 32.10 11.83 -14.67
CA ILE B 396 32.67 10.49 -14.77
C ILE B 396 31.73 9.52 -14.06
N MET B 397 31.50 8.37 -14.69
CA MET B 397 30.52 7.45 -14.16
C MET B 397 30.91 6.00 -14.46
N PRO B 398 31.50 5.29 -13.50
CA PRO B 398 31.77 3.86 -13.71
C PRO B 398 30.48 3.06 -13.82
N MET B 399 30.54 1.97 -14.60
CA MET B 399 29.35 1.22 -14.95
C MET B 399 29.33 -0.18 -14.34
N GLY B 400 30.41 -0.95 -14.48
CA GLY B 400 30.37 -2.34 -14.07
C GLY B 400 31.50 -2.80 -13.18
N VAL B 401 31.96 -1.94 -12.27
CA VAL B 401 33.03 -2.34 -11.36
C VAL B 401 32.50 -3.30 -10.30
N PHE B 402 33.33 -4.29 -9.97
CA PHE B 402 32.95 -5.38 -9.08
C PHE B 402 33.98 -5.51 -7.96
N GLN B 403 33.52 -5.94 -6.79
CA GLN B 403 34.40 -6.12 -5.65
C GLN B 403 34.89 -7.56 -5.59
N ALA B 404 36.14 -7.77 -6.02
CA ALA B 404 36.71 -9.12 -6.00
C ALA B 404 36.95 -9.60 -4.58
N ASN B 405 37.31 -8.69 -3.68
CA ASN B 405 37.68 -9.08 -2.32
C ASN B 405 36.49 -9.69 -1.58
N SER B 406 36.70 -10.88 -1.03
CA SER B 406 35.69 -11.48 -0.17
C SER B 406 35.60 -10.75 1.16
N MET B 407 36.64 -9.99 1.52
CA MET B 407 36.56 -9.09 2.67
C MET B 407 35.53 -7.99 2.48
N ASP B 408 35.41 -7.47 1.24
CA ASP B 408 34.63 -6.26 1.00
C ASP B 408 33.18 -6.54 0.65
N ARG B 409 32.76 -7.80 0.56
CA ARG B 409 31.36 -8.11 0.25
C ARG B 409 30.53 -8.03 1.53
N TYR B 410 30.69 -6.91 2.22
CA TYR B 410 30.04 -6.69 3.52
C TYR B 410 28.91 -5.69 3.37
N THR B 411 27.95 -5.77 4.26
CA THR B 411 26.73 -4.98 4.22
C THR B 411 26.60 -4.11 5.47
N ARG B 412 25.59 -3.22 5.47
CA ARG B 412 25.27 -2.47 6.68
C ARG B 412 24.59 -3.36 7.71
N HIS B 413 23.56 -4.09 7.30
CA HIS B 413 22.93 -5.12 8.11
C HIS B 413 22.71 -6.34 7.23
N ALA B 414 22.89 -7.53 7.82
CA ALA B 414 22.94 -8.76 7.04
C ALA B 414 21.70 -8.94 6.19
N GLY B 415 20.53 -8.83 6.81
CA GLY B 415 19.29 -8.95 6.07
C GLY B 415 18.72 -7.62 5.61
N ASP B 416 19.49 -6.84 4.85
CA ASP B 416 18.95 -5.60 4.32
C ASP B 416 18.00 -5.85 3.15
N PHE B 417 18.51 -6.39 2.05
CA PHE B 417 17.72 -6.64 0.84
C PHE B 417 17.67 -8.14 0.61
N SER B 418 16.60 -8.77 1.07
CA SER B 418 16.38 -10.21 0.88
C SER B 418 15.04 -10.45 0.20
N THR B 419 14.87 -11.66 -0.33
CA THR B 419 13.66 -12.03 -1.05
C THR B 419 13.12 -13.37 -0.54
N VAL B 420 12.07 -13.87 -1.18
CA VAL B 420 11.57 -15.21 -0.90
C VAL B 420 12.38 -16.28 -1.63
N SER B 421 13.20 -15.90 -2.61
CA SER B 421 14.05 -16.85 -3.31
C SER B 421 15.13 -17.38 -2.38
N GLU B 422 15.50 -18.64 -2.58
CA GLU B 422 16.54 -19.25 -1.76
C GLU B 422 17.87 -18.53 -1.96
N GLN B 423 18.19 -18.17 -3.18
CA GLN B 423 19.41 -17.44 -3.49
C GLN B 423 19.12 -15.95 -3.56
N ASP B 424 19.93 -15.16 -2.88
CA ASP B 424 19.75 -13.72 -2.88
C ASP B 424 19.97 -13.17 -4.30
N PRO B 425 19.02 -12.40 -4.83
CA PRO B 425 19.27 -11.71 -6.11
C PRO B 425 20.15 -10.49 -5.91
N ARG B 426 21.24 -10.68 -5.17
CA ARG B 426 22.17 -9.63 -4.82
C ARG B 426 23.62 -10.04 -4.99
N GLN B 427 23.92 -11.35 -4.95
CA GLN B 427 25.28 -11.82 -5.16
C GLN B 427 25.78 -11.49 -6.56
N PHE B 428 24.86 -11.26 -7.50
CA PHE B 428 25.21 -11.12 -8.90
C PHE B 428 26.03 -9.84 -9.13
N PRO B 429 26.94 -9.86 -10.11
CA PRO B 429 27.74 -8.67 -10.38
C PRO B 429 26.89 -7.56 -10.94
N PRO B 430 27.26 -6.29 -10.71
CA PRO B 430 26.49 -5.18 -11.25
C PRO B 430 26.56 -5.12 -12.77
N GLN B 431 25.45 -4.68 -13.37
CA GLN B 431 25.37 -4.52 -14.82
C GLN B 431 24.73 -3.20 -15.25
N GLY B 432 24.28 -2.37 -14.32
CA GLY B 432 23.68 -1.10 -14.67
C GLY B 432 23.99 -0.04 -13.62
N ILE B 433 23.75 1.20 -13.99
CA ILE B 433 23.97 2.34 -13.10
C ILE B 433 22.71 3.19 -13.05
N PHE B 434 22.40 3.70 -11.86
CA PHE B 434 21.20 4.50 -11.62
C PHE B 434 21.61 5.88 -11.14
N PHE B 435 20.98 6.92 -11.70
CA PHE B 435 21.17 8.28 -11.22
C PHE B 435 19.90 9.07 -11.52
N TYR B 436 19.94 10.35 -11.20
CA TYR B 436 18.77 11.23 -11.27
C TYR B 436 18.83 12.11 -12.51
N ASN B 437 17.67 12.40 -13.08
CA ASN B 437 17.58 13.42 -14.12
C ASN B 437 17.61 14.80 -13.47
N LYS B 438 17.62 15.85 -14.30
CA LYS B 438 17.71 17.20 -13.76
C LYS B 438 16.41 17.62 -13.07
N ASP B 439 15.31 16.92 -13.33
CA ASP B 439 14.06 17.17 -12.65
C ASP B 439 13.79 16.20 -11.52
N GLY B 440 14.70 15.25 -11.27
CA GLY B 440 14.54 14.30 -10.20
C GLY B 440 14.00 12.93 -10.59
N ILE B 441 13.88 12.65 -11.89
CA ILE B 441 13.36 11.37 -12.34
C ILE B 441 14.50 10.36 -12.47
N LEU B 442 14.26 9.14 -12.00
CA LEU B 442 15.24 8.07 -12.12
C LEU B 442 15.60 7.83 -13.59
N THR B 443 16.88 7.65 -13.85
CA THR B 443 17.39 7.33 -15.17
C THR B 443 18.30 6.10 -15.07
N GLN B 444 18.30 5.29 -16.12
CA GLN B 444 18.97 4.00 -16.10
C GLN B 444 19.85 3.80 -17.33
N LEU B 445 21.07 3.30 -17.10
CA LEU B 445 21.97 2.86 -18.15
C LEU B 445 22.16 1.36 -18.03
N THR B 446 21.96 0.65 -19.13
CA THR B 446 21.95 -0.81 -19.14
C THR B 446 23.08 -1.30 -20.04
N LEU B 447 23.45 -2.57 -19.89
CA LEU B 447 24.50 -3.16 -20.71
C LEU B 447 24.19 -3.06 -22.19
N ARG B 448 22.91 -2.96 -22.57
CA ARG B 448 22.55 -2.81 -23.97
C ARG B 448 23.04 -1.47 -24.53
N ASP B 449 23.28 -0.48 -23.66
CA ASP B 449 23.79 0.80 -24.12
C ASP B 449 25.23 0.73 -24.60
N ALA B 450 25.92 -0.40 -24.37
CA ALA B 450 27.34 -0.49 -24.65
C ALA B 450 27.68 -0.60 -26.13
N MET B 451 26.78 -1.14 -26.96
CA MET B 451 27.13 -1.38 -28.36
C MET B 451 27.42 -0.09 -29.12
N GLY B 452 27.07 1.06 -28.57
CA GLY B 452 27.46 2.31 -29.21
C GLY B 452 28.97 2.53 -29.28
N THR B 453 29.74 1.90 -28.40
CA THR B 453 31.19 2.03 -28.39
C THR B 453 31.91 0.69 -28.43
N ILE B 454 31.41 -0.31 -27.72
CA ILE B 454 32.10 -1.60 -27.65
C ILE B 454 31.97 -2.41 -28.93
N CYS B 455 30.96 -2.11 -29.77
CA CYS B 455 30.56 -3.01 -30.84
C CYS B 455 30.85 -2.43 -32.23
N HIS B 456 32.00 -1.79 -32.41
CA HIS B 456 32.35 -1.18 -33.68
C HIS B 456 33.52 -1.93 -34.35
N SER B 457 33.75 -1.58 -35.62
CA SER B 457 34.86 -2.15 -36.37
C SER B 457 36.20 -1.63 -35.88
N SER B 458 36.22 -0.56 -35.08
CA SER B 458 37.47 -0.03 -34.57
C SER B 458 38.08 -0.92 -33.49
N LEU B 459 37.44 -2.06 -33.20
CA LEU B 459 37.94 -3.01 -32.22
C LEU B 459 39.19 -3.75 -32.68
N LEU B 460 39.46 -3.77 -33.99
CA LEU B 460 40.54 -4.59 -34.54
C LEU B 460 41.54 -3.74 -35.30
N ASP B 461 41.96 -2.62 -34.73
CA ASP B 461 42.90 -1.73 -35.43
C ASP B 461 44.21 -1.62 -34.66
N VAL B 462 44.73 -2.76 -34.19
CA VAL B 462 45.98 -2.78 -33.43
C VAL B 462 47.22 -2.65 -34.32
N GLU B 463 47.04 -2.60 -35.65
CA GLU B 463 48.19 -2.58 -36.55
C GLU B 463 49.08 -1.38 -36.30
N ALA B 464 48.49 -0.20 -36.12
CA ALA B 464 49.28 0.99 -35.82
C ALA B 464 50.04 0.85 -34.51
N THR B 465 49.38 0.33 -33.47
CA THR B 465 50.07 0.12 -32.20
C THR B 465 51.07 -1.02 -32.29
N LEU B 466 50.80 -2.02 -33.14
CA LEU B 466 51.81 -3.05 -33.39
C LEU B 466 53.08 -2.45 -33.96
N VAL B 467 52.94 -1.57 -34.97
CA VAL B 467 54.10 -0.91 -35.54
C VAL B 467 54.79 -0.03 -34.51
N ALA B 468 54.00 0.71 -33.72
CA ALA B 468 54.57 1.62 -32.74
C ALA B 468 55.36 0.87 -31.68
N LEU B 469 54.82 -0.24 -31.17
CA LEU B 469 55.49 -1.01 -30.15
C LEU B 469 56.62 -1.86 -30.72
N ARG B 470 56.62 -2.11 -32.03
CA ARG B 470 57.72 -2.80 -32.68
C ARG B 470 59.05 -2.07 -32.55
N GLN B 471 59.03 -0.77 -32.28
CA GLN B 471 60.24 0.05 -32.26
C GLN B 471 60.70 0.37 -30.85
N GLN B 472 60.58 -0.56 -29.91
CA GLN B 472 61.07 -0.39 -28.55
C GLN B 472 62.26 -1.34 -28.32
N HIS B 473 62.74 -1.37 -27.09
CA HIS B 473 63.84 -2.25 -26.73
C HIS B 473 63.31 -3.63 -26.41
N LEU B 474 63.45 -4.55 -27.37
CA LEU B 474 62.99 -5.92 -27.22
C LEU B 474 64.20 -6.84 -27.12
N ASP B 475 64.31 -7.56 -26.01
CA ASP B 475 65.41 -8.49 -25.77
C ASP B 475 64.96 -9.92 -26.06
N ARG B 476 65.94 -10.82 -26.12
CA ARG B 476 65.67 -12.23 -26.38
C ARG B 476 65.06 -12.86 -25.14
N GLN B 477 63.87 -13.45 -25.29
CA GLN B 477 63.17 -14.10 -24.20
C GLN B 477 62.77 -15.52 -24.60
N CYS B 478 61.94 -16.12 -23.76
CA CYS B 478 61.57 -17.52 -23.93
C CYS B 478 60.78 -17.73 -25.22
N TYR B 479 61.09 -18.83 -25.91
CA TYR B 479 60.42 -19.19 -27.16
C TYR B 479 59.57 -20.44 -27.00
N PHE B 480 58.99 -20.66 -25.82
CA PHE B 480 58.19 -21.86 -25.58
C PHE B 480 56.71 -21.60 -25.85
N GLY B 481 56.14 -20.56 -25.24
CA GLY B 481 54.74 -20.26 -25.40
C GLY B 481 54.37 -19.42 -26.60
N VAL B 482 55.34 -19.04 -27.43
CA VAL B 482 55.08 -18.16 -28.57
C VAL B 482 55.51 -18.83 -29.85
N TYR B 483 55.76 -20.13 -29.80
CA TYR B 483 56.26 -20.87 -30.96
C TYR B 483 55.39 -22.08 -31.24
N VAL B 484 55.13 -22.32 -32.52
CA VAL B 484 54.37 -23.47 -32.99
C VAL B 484 55.22 -24.21 -34.02
N ALA B 485 55.26 -25.54 -33.90
CA ALA B 485 56.05 -26.39 -34.78
C ALA B 485 55.13 -27.27 -35.61
N GLU B 486 55.71 -28.20 -36.37
CA GLU B 486 54.98 -29.21 -37.12
C GLU B 486 55.42 -30.58 -36.67
N GLY B 487 54.52 -31.56 -36.84
CA GLY B 487 54.89 -32.94 -36.54
C GLY B 487 56.02 -33.41 -37.43
N THR B 488 56.89 -34.24 -36.85
CA THR B 488 58.07 -34.74 -37.54
C THR B 488 57.86 -36.11 -38.16
N GLU B 489 56.61 -36.50 -38.38
CA GLU B 489 56.26 -37.75 -39.06
C GLU B 489 56.85 -38.96 -38.32
N ASP B 490 56.40 -39.13 -37.07
CA ASP B 490 56.94 -40.19 -36.23
C ASP B 490 55.81 -40.86 -35.44
N THR B 491 56.15 -41.83 -34.59
CA THR B 491 55.19 -42.56 -33.78
C THR B 491 55.00 -41.91 -32.41
N LEU B 492 55.33 -40.63 -32.27
CA LEU B 492 55.09 -39.78 -31.11
C LEU B 492 55.88 -40.20 -29.87
N ASP B 493 56.94 -40.99 -30.02
CA ASP B 493 57.79 -41.34 -28.88
C ASP B 493 59.06 -40.50 -28.84
N VAL B 494 59.88 -40.59 -29.89
CA VAL B 494 61.12 -39.81 -29.92
C VAL B 494 60.82 -38.33 -30.10
N GLN B 495 59.65 -38.00 -30.66
CA GLN B 495 59.24 -36.60 -30.77
C GLN B 495 59.20 -35.94 -29.41
N MET B 496 58.32 -36.42 -28.53
CA MET B 496 58.26 -35.90 -27.17
C MET B 496 59.55 -36.19 -26.40
N GLY B 497 60.31 -37.20 -26.83
CA GLY B 497 61.62 -37.43 -26.26
C GLY B 497 62.57 -36.27 -26.42
N ARG B 498 62.91 -35.92 -27.67
CA ARG B 498 63.81 -34.78 -27.83
C ARG B 498 63.13 -33.48 -27.46
N PHE B 499 61.79 -33.43 -27.46
CA PHE B 499 61.12 -32.27 -26.89
C PHE B 499 61.47 -32.07 -25.43
N MET B 500 61.34 -33.11 -24.60
CA MET B 500 61.62 -32.92 -23.18
C MET B 500 63.12 -32.71 -22.97
N GLU B 501 63.96 -33.32 -23.82
CA GLU B 501 65.39 -33.07 -23.72
C GLU B 501 65.73 -31.60 -23.97
N THR B 502 65.13 -30.99 -24.99
CA THR B 502 65.34 -29.57 -25.24
C THR B 502 64.66 -28.72 -24.19
N TRP B 503 63.49 -29.14 -23.72
CA TRP B 503 62.70 -28.41 -22.75
C TRP B 503 63.39 -28.27 -21.41
N ALA B 504 64.13 -29.30 -20.98
CA ALA B 504 64.75 -29.25 -19.65
C ALA B 504 65.72 -28.08 -19.49
N ASP B 505 66.23 -27.52 -20.59
CA ASP B 505 67.22 -26.45 -20.50
C ASP B 505 66.95 -25.27 -21.44
N MET B 506 65.80 -25.24 -22.12
CA MET B 506 65.51 -24.13 -23.02
C MET B 506 64.89 -22.93 -22.30
N MET B 507 64.66 -23.05 -20.99
CA MET B 507 64.12 -21.95 -20.20
C MET B 507 65.19 -20.89 -19.98
N PRO B 508 64.99 -19.65 -20.42
CA PRO B 508 65.91 -18.57 -20.06
C PRO B 508 65.57 -17.90 -18.75
N HIS B 509 64.30 -17.91 -18.35
CA HIS B 509 63.83 -17.36 -17.08
C HIS B 509 62.39 -17.82 -16.90
N HIS B 510 61.75 -17.38 -15.83
CA HIS B 510 60.37 -17.76 -15.59
C HIS B 510 59.46 -17.12 -16.63
N PRO B 511 58.53 -17.85 -17.22
CA PRO B 511 57.68 -17.28 -18.26
C PRO B 511 56.81 -16.14 -17.72
N HIS B 512 56.54 -15.16 -18.60
CA HIS B 512 55.71 -14.03 -18.22
C HIS B 512 54.23 -14.36 -18.24
N TRP B 513 53.85 -15.51 -18.78
CA TRP B 513 52.45 -15.90 -18.91
C TRP B 513 52.04 -16.98 -17.91
N VAL B 514 52.89 -17.28 -16.94
CA VAL B 514 52.60 -18.28 -15.92
C VAL B 514 52.28 -17.64 -14.57
N ASN B 515 52.93 -16.52 -14.25
CA ASN B 515 52.83 -15.92 -12.92
C ASN B 515 51.45 -15.28 -12.77
N GLU B 516 50.43 -16.13 -12.70
CA GLU B 516 49.06 -15.72 -12.46
C GLU B 516 48.78 -15.48 -10.99
N HIS B 517 49.72 -15.85 -10.10
CA HIS B 517 49.52 -15.70 -8.67
C HIS B 517 49.56 -14.24 -8.21
N LEU B 518 50.01 -13.32 -9.06
CA LEU B 518 50.00 -11.92 -8.71
C LEU B 518 48.57 -11.43 -8.56
N THR B 519 48.33 -10.61 -7.54
CA THR B 519 47.02 -9.99 -7.36
C THR B 519 46.91 -8.80 -8.30
N ILE B 520 45.82 -8.04 -8.18
CA ILE B 520 45.65 -6.85 -9.01
C ILE B 520 46.75 -5.84 -8.72
N LEU B 521 47.00 -5.57 -7.44
CA LEU B 521 48.03 -4.61 -7.08
C LEU B 521 49.42 -5.11 -7.48
N GLN B 522 49.68 -6.41 -7.27
CA GLN B 522 50.99 -6.96 -7.62
C GLN B 522 51.22 -6.93 -9.12
N PHE B 523 50.19 -7.24 -9.91
CA PHE B 523 50.31 -7.12 -11.36
C PHE B 523 50.51 -5.67 -11.78
N ILE B 524 49.77 -4.74 -11.17
CA ILE B 524 49.85 -3.33 -11.52
C ILE B 524 51.11 -2.70 -10.95
N ALA B 525 51.87 -3.42 -10.14
CA ALA B 525 53.11 -2.89 -9.61
C ALA B 525 54.03 -2.48 -10.76
N PRO B 526 54.56 -1.25 -10.74
CA PRO B 526 55.27 -0.72 -11.91
C PRO B 526 56.49 -1.54 -12.33
N SER B 527 57.12 -2.25 -11.39
CA SER B 527 58.29 -3.04 -11.74
C SER B 527 57.95 -4.24 -12.62
N ASN B 528 56.69 -4.62 -12.71
CA ASN B 528 56.29 -5.74 -13.56
C ASN B 528 56.43 -5.37 -15.03
N PRO B 529 57.25 -6.07 -15.80
CA PRO B 529 57.35 -5.76 -17.24
C PRO B 529 56.10 -6.08 -18.04
N ARG B 530 55.19 -6.89 -17.50
CA ARG B 530 54.01 -7.32 -18.23
C ARG B 530 52.92 -6.25 -18.29
N LEU B 531 53.10 -5.13 -17.59
CA LEU B 531 52.12 -4.05 -17.66
C LEU B 531 52.05 -3.47 -19.08
N ARG B 532 53.21 -3.32 -19.72
CA ARG B 532 53.27 -2.72 -21.05
C ARG B 532 52.84 -3.67 -22.16
N PHE B 533 52.62 -4.95 -21.85
CA PHE B 533 52.22 -5.95 -22.84
C PHE B 533 50.73 -6.23 -22.84
N GLU B 534 49.93 -5.42 -22.16
CA GLU B 534 48.47 -5.52 -22.17
C GLU B 534 47.92 -4.22 -22.73
N LEU B 535 47.52 -4.24 -24.00
CA LEU B 535 47.05 -3.07 -24.71
C LEU B 535 45.55 -3.13 -24.98
N ASN B 536 45.08 -4.21 -25.60
CA ASN B 536 43.68 -4.38 -25.92
C ASN B 536 43.09 -5.55 -25.14
N PRO B 537 41.89 -5.38 -24.57
CA PRO B 537 41.25 -6.50 -23.86
C PRO B 537 41.10 -7.75 -24.70
N ALA B 538 40.88 -7.62 -26.01
CA ALA B 538 40.65 -8.75 -26.89
C ALA B 538 41.94 -9.27 -27.53
N PHE B 539 43.08 -8.65 -27.23
CA PHE B 539 44.33 -9.01 -27.89
C PHE B 539 45.38 -9.41 -26.85
N ASP B 540 46.07 -10.50 -27.14
CA ASP B 540 47.18 -11.00 -26.33
C ASP B 540 48.48 -10.64 -27.00
N PHE B 541 49.25 -9.75 -26.38
CA PHE B 541 50.50 -9.26 -26.92
C PHE B 541 51.66 -10.03 -26.33
N PHE B 542 52.47 -10.64 -27.19
CA PHE B 542 53.59 -11.47 -26.77
C PHE B 542 54.77 -11.21 -27.70
N VAL B 543 55.95 -11.66 -27.29
CA VAL B 543 57.18 -11.46 -28.04
C VAL B 543 57.41 -12.65 -28.95
N ALA B 544 57.66 -12.40 -30.22
CA ALA B 544 57.85 -13.43 -31.23
C ALA B 544 59.13 -13.14 -32.01
N PRO B 545 59.78 -14.18 -32.53
CA PRO B 545 61.00 -13.95 -33.31
C PRO B 545 60.71 -13.21 -34.61
N GLY B 546 61.77 -12.71 -35.23
CA GLY B 546 61.66 -11.94 -36.45
C GLY B 546 61.76 -12.82 -37.68
N ASP B 547 60.84 -12.58 -38.64
CA ASP B 547 60.80 -13.32 -39.90
C ASP B 547 60.71 -14.83 -39.67
N VAL B 548 59.71 -15.24 -38.90
CA VAL B 548 59.45 -16.66 -38.64
C VAL B 548 57.99 -16.94 -38.98
N ASP B 549 57.77 -17.87 -39.90
CA ASP B 549 56.41 -18.24 -40.30
C ASP B 549 55.85 -19.28 -39.33
N LEU B 550 54.65 -19.04 -38.84
CA LEU B 550 54.02 -19.96 -37.89
C LEU B 550 53.08 -20.90 -38.63
N PRO B 551 53.20 -22.23 -38.44
CA PRO B 551 54.19 -22.87 -37.56
C PRO B 551 55.58 -22.94 -38.18
N GLY B 552 56.61 -22.93 -37.35
CA GLY B 552 57.98 -23.00 -37.82
C GLY B 552 58.57 -24.38 -37.66
N PRO B 553 59.84 -24.54 -38.02
CA PRO B 553 60.51 -25.83 -37.87
C PRO B 553 60.68 -26.21 -36.40
N GLN B 554 61.23 -27.40 -36.18
CA GLN B 554 61.43 -27.88 -34.82
C GLN B 554 62.37 -26.97 -34.05
N ARG B 555 63.45 -26.55 -34.67
CA ARG B 555 64.39 -25.63 -34.03
C ARG B 555 64.03 -24.20 -34.42
N PRO B 556 63.62 -23.35 -33.50
CA PRO B 556 63.27 -21.97 -33.85
C PRO B 556 64.50 -21.20 -34.31
N PRO B 557 64.46 -20.60 -35.50
CA PRO B 557 65.58 -19.79 -35.95
C PRO B 557 65.77 -18.56 -35.06
N GLU B 558 67.04 -18.19 -34.88
CA GLU B 558 67.39 -17.11 -33.97
C GLU B 558 67.47 -15.79 -34.73
N ALA B 559 66.69 -14.81 -34.29
CA ALA B 559 66.67 -13.49 -34.91
C ALA B 559 66.17 -12.49 -33.89
N MET B 560 66.14 -11.22 -34.30
CA MET B 560 65.70 -10.16 -33.41
C MET B 560 64.23 -10.36 -33.05
N PRO B 561 63.88 -10.46 -31.77
CA PRO B 561 62.50 -10.77 -31.39
C PRO B 561 61.60 -9.57 -31.60
N THR B 562 60.47 -9.79 -32.27
CA THR B 562 59.46 -8.78 -32.54
C THR B 562 58.24 -9.01 -31.63
N VAL B 563 57.21 -8.20 -31.85
CA VAL B 563 55.97 -8.28 -31.08
C VAL B 563 54.88 -8.85 -31.98
N ASN B 564 54.14 -9.82 -31.46
CA ASN B 564 52.97 -10.36 -32.15
C ASN B 564 51.80 -10.38 -31.18
N ALA B 565 50.61 -10.15 -31.73
CA ALA B 565 49.40 -10.06 -30.94
C ALA B 565 48.33 -10.95 -31.57
N THR B 566 47.60 -11.66 -30.71
CA THR B 566 46.54 -12.57 -31.15
C THR B 566 45.23 -12.21 -30.45
N LEU B 567 44.14 -12.58 -31.09
CA LEU B 567 42.82 -12.27 -30.57
C LEU B 567 42.48 -13.15 -29.38
N ARG B 568 41.80 -12.56 -28.39
CA ARG B 568 41.34 -13.29 -27.22
C ARG B 568 39.95 -13.86 -27.53
N ILE B 569 39.92 -15.12 -27.97
CA ILE B 569 38.65 -15.77 -28.26
C ILE B 569 37.88 -16.04 -26.96
N ILE B 570 38.56 -16.53 -25.95
CA ILE B 570 37.95 -16.75 -24.64
C ILE B 570 38.08 -15.50 -23.81
N ASN B 571 36.95 -15.03 -23.25
CA ASN B 571 37.00 -13.88 -22.35
C ASN B 571 37.81 -14.18 -21.09
N GLY B 572 37.96 -15.46 -20.74
CA GLY B 572 38.79 -15.86 -19.63
C GLY B 572 40.28 -15.94 -19.92
N ASN B 573 40.68 -15.70 -21.17
CA ASN B 573 42.10 -15.67 -21.50
C ASN B 573 42.82 -14.49 -20.85
N ILE B 574 42.07 -13.50 -20.36
CA ILE B 574 42.62 -12.42 -19.55
C ILE B 574 43.17 -13.06 -18.27
N PRO B 575 44.29 -12.59 -17.73
CA PRO B 575 44.82 -13.19 -16.51
C PRO B 575 43.83 -13.11 -15.36
N VAL B 576 43.85 -14.13 -14.51
CA VAL B 576 42.89 -14.27 -13.41
C VAL B 576 43.02 -13.16 -12.37
N PRO B 577 44.15 -12.49 -12.18
CA PRO B 577 44.10 -11.26 -11.38
C PRO B 577 43.15 -10.22 -11.96
N LEU B 578 43.08 -10.10 -13.28
CA LEU B 578 42.18 -9.14 -13.91
C LEU B 578 40.76 -9.65 -14.01
N CYS B 579 40.56 -10.96 -14.00
CA CYS B 579 39.22 -11.58 -13.98
C CYS B 579 39.12 -12.39 -12.71
N PRO B 580 38.49 -11.84 -11.67
CA PRO B 580 38.56 -12.46 -10.35
C PRO B 580 37.92 -13.84 -10.32
N ILE B 581 38.52 -14.72 -9.51
CA ILE B 581 37.96 -16.03 -9.28
C ILE B 581 36.61 -15.91 -8.58
N SER B 582 36.53 -15.03 -7.57
CA SER B 582 35.28 -14.81 -6.87
C SER B 582 34.21 -14.28 -7.81
N PHE B 583 34.60 -13.35 -8.70
CA PHE B 583 33.64 -12.85 -9.69
C PHE B 583 33.15 -13.96 -10.61
N ARG B 584 34.06 -14.83 -11.05
CA ARG B 584 33.67 -15.94 -11.91
C ARG B 584 32.69 -16.87 -11.20
N ASP B 585 32.97 -17.17 -9.92
CA ASP B 585 32.03 -18.00 -9.16
C ASP B 585 30.69 -17.32 -8.99
N CYS B 586 30.70 -16.00 -8.75
CA CYS B 586 29.46 -15.26 -8.59
C CYS B 586 28.61 -15.33 -9.86
N ARG B 587 29.22 -15.07 -11.02
CA ARG B 587 28.44 -15.07 -12.25
C ARG B 587 28.03 -16.49 -12.64
N GLY B 588 28.86 -17.49 -12.32
CA GLY B 588 28.47 -18.87 -12.56
C GLY B 588 27.26 -19.26 -11.74
N THR B 589 27.22 -18.85 -10.47
CA THR B 589 26.03 -19.04 -9.66
C THR B 589 24.84 -18.30 -10.27
N GLN B 590 25.08 -17.08 -10.76
CA GLN B 590 24.04 -16.31 -11.42
C GLN B 590 23.48 -17.03 -12.64
N LEU B 591 24.30 -17.84 -13.32
CA LEU B 591 23.86 -18.46 -14.56
C LEU B 591 22.79 -19.52 -14.30
N GLY B 592 23.14 -20.55 -13.52
CA GLY B 592 22.22 -21.62 -13.25
C GLY B 592 21.41 -21.46 -11.97
N LEU B 593 20.63 -20.38 -11.88
CA LEU B 593 19.82 -20.15 -10.69
C LEU B 593 18.77 -21.24 -10.52
N GLY B 594 18.06 -21.56 -11.60
CA GLY B 594 17.06 -22.60 -11.57
C GLY B 594 17.38 -23.85 -12.35
N ARG B 595 18.58 -23.95 -12.92
CA ARG B 595 18.94 -25.10 -13.73
C ARG B 595 19.15 -26.34 -12.86
N HIS B 596 19.27 -27.48 -13.51
CA HIS B 596 19.44 -28.74 -12.79
C HIS B 596 20.76 -28.77 -12.04
N THR B 597 20.73 -29.32 -10.83
CA THR B 597 21.94 -29.46 -10.02
C THR B 597 22.25 -30.93 -9.80
N MET B 598 23.45 -31.24 -9.33
CA MET B 598 23.89 -32.62 -9.18
C MET B 598 23.47 -33.16 -7.81
N THR B 599 22.91 -34.36 -7.81
CA THR B 599 22.51 -35.02 -6.59
C THR B 599 23.75 -35.32 -5.73
N PRO B 600 23.62 -35.23 -4.40
CA PRO B 600 24.77 -35.59 -3.55
C PRO B 600 25.31 -36.99 -3.81
N ALA B 601 24.44 -37.96 -4.06
CA ALA B 601 24.91 -39.32 -4.31
C ALA B 601 25.81 -39.38 -5.54
N THR B 602 25.33 -38.85 -6.67
CA THR B 602 26.10 -38.93 -7.90
C THR B 602 27.37 -38.09 -7.82
N ILE B 603 27.31 -36.92 -7.19
CA ILE B 603 28.49 -36.06 -7.12
C ILE B 603 29.56 -36.72 -6.25
N LYS B 604 29.15 -37.31 -5.11
CA LYS B 604 30.12 -37.97 -4.25
C LYS B 604 30.71 -39.21 -4.92
N ALA B 605 29.87 -39.97 -5.64
CA ALA B 605 30.39 -41.16 -6.33
C ALA B 605 31.38 -40.76 -7.42
N VAL B 606 31.05 -39.74 -8.21
CA VAL B 606 31.93 -39.31 -9.28
C VAL B 606 33.25 -38.79 -8.73
N LYS B 607 33.20 -37.99 -7.66
CA LYS B 607 34.45 -37.50 -7.08
C LYS B 607 35.28 -38.63 -6.50
N ASP B 608 34.63 -39.58 -5.82
CA ASP B 608 35.37 -40.70 -5.22
C ASP B 608 36.03 -41.55 -6.28
N THR B 609 35.35 -41.79 -7.40
CA THR B 609 35.97 -42.57 -8.47
C THR B 609 37.01 -41.77 -9.25
N PHE B 610 36.87 -40.44 -9.31
CA PHE B 610 37.89 -39.62 -9.96
C PHE B 610 39.18 -39.61 -9.16
N GLU B 611 39.08 -39.44 -7.84
CA GLU B 611 40.25 -39.45 -6.98
C GLU B 611 40.64 -40.84 -6.52
N ASP B 612 40.25 -41.88 -7.27
CA ASP B 612 40.66 -43.23 -6.98
C ASP B 612 42.02 -43.50 -7.63
N ARG B 613 43.06 -43.56 -6.81
CA ARG B 613 44.41 -43.79 -7.31
C ARG B 613 44.67 -45.24 -7.67
N ALA B 614 43.93 -46.18 -7.10
CA ALA B 614 44.07 -47.60 -7.39
C ALA B 614 43.20 -48.05 -8.55
N TYR B 615 42.86 -47.15 -9.46
CA TYR B 615 41.96 -47.48 -10.56
C TYR B 615 42.57 -48.56 -11.44
N PRO B 616 41.89 -49.69 -11.65
CA PRO B 616 42.48 -50.78 -12.43
C PRO B 616 42.65 -50.41 -13.88
N THR B 617 43.61 -51.06 -14.53
CA THR B 617 43.90 -50.82 -15.94
C THR B 617 42.99 -51.57 -16.89
N ILE B 618 42.10 -52.43 -16.38
CA ILE B 618 41.20 -53.19 -17.25
C ILE B 618 40.23 -52.24 -17.93
N PHE B 619 39.69 -51.27 -17.19
CA PHE B 619 38.78 -50.31 -17.76
C PHE B 619 39.46 -49.49 -18.85
N TYR B 620 40.71 -49.06 -18.59
CA TYR B 620 41.45 -48.31 -19.60
C TYR B 620 41.73 -49.16 -20.84
N MET B 621 42.07 -50.43 -20.64
CA MET B 621 42.31 -51.33 -21.76
C MET B 621 41.06 -51.49 -22.61
N LEU B 622 39.91 -51.72 -21.97
CA LEU B 622 38.67 -51.88 -22.71
C LEU B 622 38.29 -50.59 -23.45
N GLU B 623 38.47 -49.44 -22.80
CA GLU B 623 38.17 -48.17 -23.45
C GLU B 623 39.07 -47.95 -24.66
N ALA B 624 40.35 -48.27 -24.54
CA ALA B 624 41.27 -48.10 -25.66
C ALA B 624 40.95 -49.05 -26.80
N VAL B 625 40.58 -50.30 -26.48
CA VAL B 625 40.30 -51.28 -27.52
C VAL B 625 39.00 -50.93 -28.25
N ILE B 626 37.96 -50.57 -27.50
CA ILE B 626 36.68 -50.23 -28.13
C ILE B 626 36.81 -48.98 -28.99
N HIS B 627 37.66 -48.04 -28.55
CA HIS B 627 37.95 -46.78 -29.26
C HIS B 627 36.66 -46.06 -29.68
N GLY B 628 35.64 -46.13 -28.82
CA GLY B 628 34.42 -45.38 -29.04
C GLY B 628 33.69 -45.70 -30.32
N ASN B 629 33.60 -46.98 -30.67
CA ASN B 629 32.90 -47.43 -31.87
C ASN B 629 31.68 -48.25 -31.45
N GLU B 630 30.55 -48.01 -32.13
CA GLU B 630 29.33 -48.76 -31.82
C GLU B 630 29.49 -50.23 -32.16
N ARG B 631 30.30 -50.55 -33.19
CA ARG B 631 30.51 -51.94 -33.57
C ARG B 631 31.15 -52.74 -32.44
N ASN B 632 32.15 -52.15 -31.78
CA ASN B 632 32.77 -52.82 -30.64
C ASN B 632 31.81 -52.94 -29.46
N PHE B 633 31.08 -51.87 -29.16
CA PHE B 633 30.20 -51.89 -27.99
C PHE B 633 29.05 -52.87 -28.18
N CYS B 634 28.64 -53.11 -29.43
CA CYS B 634 27.49 -53.96 -29.70
C CYS B 634 27.73 -55.42 -29.34
N ALA B 635 28.96 -55.81 -29.08
CA ALA B 635 29.29 -57.21 -28.77
C ALA B 635 29.88 -57.41 -27.38
N LEU B 636 29.96 -56.35 -26.58
CA LEU B 636 30.53 -56.44 -25.23
C LEU B 636 29.53 -55.95 -24.20
N LEU B 637 28.25 -56.23 -24.41
CA LEU B 637 27.24 -55.80 -23.44
C LEU B 637 27.42 -56.52 -22.10
N ARG B 638 27.53 -57.86 -22.15
CA ARG B 638 27.59 -58.65 -20.92
C ARG B 638 28.89 -58.43 -20.18
N LEU B 639 30.01 -58.37 -20.90
CA LEU B 639 31.31 -58.16 -20.25
C LEU B 639 31.36 -56.81 -19.55
N LEU B 640 30.88 -55.76 -20.23
CA LEU B 640 30.84 -54.43 -19.60
C LEU B 640 29.92 -54.43 -18.40
N THR B 641 28.76 -55.09 -18.50
CA THR B 641 27.83 -55.15 -17.38
C THR B 641 28.47 -55.82 -16.17
N GLN B 642 29.13 -56.97 -16.40
CA GLN B 642 29.77 -57.69 -15.30
C GLN B 642 30.89 -56.86 -14.69
N CYS B 643 31.72 -56.23 -15.52
CA CYS B 643 32.83 -55.44 -14.99
C CYS B 643 32.32 -54.26 -14.18
N ILE B 644 31.29 -53.57 -14.68
CA ILE B 644 30.74 -52.42 -13.97
C ILE B 644 30.15 -52.87 -12.63
N ARG B 645 29.38 -53.96 -12.64
CA ARG B 645 28.79 -54.45 -11.39
C ARG B 645 29.87 -54.82 -10.39
N GLY B 646 30.89 -55.56 -10.84
CA GLY B 646 31.95 -55.97 -9.93
C GLY B 646 32.71 -54.81 -9.34
N TYR B 647 33.02 -53.80 -10.17
CA TYR B 647 33.74 -52.64 -9.65
C TYR B 647 32.85 -51.77 -8.79
N TRP B 648 31.55 -51.80 -9.01
CA TRP B 648 30.65 -50.89 -8.28
C TRP B 648 30.29 -51.45 -6.91
N GLU B 649 29.75 -52.67 -6.86
CA GLU B 649 29.35 -53.20 -5.56
C GLU B 649 30.56 -53.82 -4.84
N GLN B 650 31.66 -53.08 -4.82
CA GLN B 650 32.80 -53.38 -3.96
C GLN B 650 33.35 -52.16 -3.23
N SER B 651 33.21 -50.96 -3.79
CA SER B 651 33.57 -49.73 -3.11
C SER B 651 32.60 -48.59 -3.42
N HIS B 652 31.52 -48.85 -4.15
CA HIS B 652 30.52 -47.84 -4.51
C HIS B 652 31.15 -46.70 -5.31
N ARG B 653 31.76 -47.06 -6.43
CA ARG B 653 32.37 -46.09 -7.35
C ARG B 653 31.89 -46.38 -8.76
N VAL B 654 31.42 -45.33 -9.45
CA VAL B 654 31.01 -45.48 -10.84
C VAL B 654 32.24 -45.56 -11.74
N ALA B 655 32.25 -46.52 -12.64
CA ALA B 655 33.38 -46.78 -13.50
C ALA B 655 33.08 -46.32 -14.93
N PHE B 656 34.12 -46.33 -15.76
CA PHE B 656 34.04 -46.02 -17.19
C PHE B 656 33.54 -44.61 -17.45
N VAL B 657 33.53 -43.75 -16.42
CA VAL B 657 33.02 -42.40 -16.57
C VAL B 657 33.93 -41.52 -17.42
N ASN B 658 35.20 -41.90 -17.57
CA ASN B 658 36.18 -41.03 -18.23
C ASN B 658 35.80 -40.78 -19.69
N ASN B 659 35.77 -41.84 -20.50
CA ASN B 659 35.55 -41.68 -21.93
C ASN B 659 34.08 -41.46 -22.22
N PHE B 660 33.78 -40.38 -22.94
CA PHE B 660 32.39 -39.98 -23.17
C PHE B 660 31.69 -40.87 -24.18
N HIS B 661 32.45 -41.68 -24.93
CA HIS B 661 31.86 -42.51 -25.98
C HIS B 661 31.40 -43.88 -25.49
N MET B 662 31.18 -44.04 -24.19
CA MET B 662 30.48 -45.25 -23.74
C MET B 662 29.41 -44.97 -22.70
N LEU B 663 29.44 -43.80 -22.05
CA LEU B 663 28.38 -43.43 -21.12
C LEU B 663 27.01 -43.39 -21.80
N MET B 664 26.93 -42.77 -22.98
CA MET B 664 25.67 -42.74 -23.70
C MET B 664 25.32 -44.12 -24.25
N TYR B 665 26.31 -44.90 -24.68
CA TYR B 665 26.06 -46.30 -25.02
C TYR B 665 25.44 -47.05 -23.84
N ILE B 666 25.98 -46.82 -22.64
CA ILE B 666 25.43 -47.47 -21.45
C ILE B 666 23.98 -47.03 -21.23
N THR B 667 23.74 -45.72 -21.24
CA THR B 667 22.42 -45.23 -20.88
C THR B 667 21.38 -45.57 -21.95
N THR B 668 21.83 -45.88 -23.18
CA THR B 668 20.88 -46.29 -24.21
C THR B 668 20.65 -47.80 -24.20
N TYR B 669 21.71 -48.58 -24.39
CA TYR B 669 21.56 -50.03 -24.47
C TYR B 669 21.37 -50.66 -23.09
N LEU B 670 22.30 -50.41 -22.18
CA LEU B 670 22.24 -50.94 -20.82
C LEU B 670 21.40 -50.01 -19.94
N GLY B 671 20.12 -49.90 -20.28
CA GLY B 671 19.24 -48.97 -19.58
C GLY B 671 17.91 -49.55 -19.15
N ASN B 672 17.63 -50.80 -19.53
CA ASN B 672 16.37 -51.43 -19.16
C ASN B 672 16.44 -52.16 -17.83
N GLY B 673 17.61 -52.19 -17.18
CA GLY B 673 17.75 -52.85 -15.90
C GLY B 673 18.86 -53.87 -15.87
N GLU B 674 19.76 -53.80 -16.86
CA GLU B 674 20.91 -54.70 -16.88
C GLU B 674 21.85 -54.41 -15.71
N LEU B 675 22.04 -53.12 -15.40
CA LEU B 675 22.92 -52.65 -14.35
C LEU B 675 22.11 -52.26 -13.12
N PRO B 676 22.77 -52.08 -11.98
CA PRO B 676 22.06 -51.60 -10.78
C PRO B 676 21.43 -50.24 -11.02
N GLU B 677 20.34 -50.00 -10.30
CA GLU B 677 19.55 -48.79 -10.50
C GLU B 677 20.35 -47.52 -10.25
N VAL B 678 21.20 -47.52 -9.21
CA VAL B 678 21.92 -46.30 -8.85
C VAL B 678 22.89 -45.88 -9.95
N CYS B 679 23.54 -46.86 -10.60
CA CYS B 679 24.51 -46.53 -11.64
C CYS B 679 23.84 -45.82 -12.80
N ILE B 680 22.76 -46.38 -13.34
CA ILE B 680 22.08 -45.78 -14.48
C ILE B 680 21.50 -44.43 -14.10
N ASN B 681 20.99 -44.31 -12.87
CA ASN B 681 20.50 -43.01 -12.40
C ASN B 681 21.64 -41.99 -12.34
N ILE B 682 22.83 -42.41 -11.91
CA ILE B 682 23.96 -41.49 -11.85
C ILE B 682 24.36 -41.04 -13.26
N TYR B 683 24.44 -41.99 -14.19
CA TYR B 683 24.76 -41.63 -15.57
C TYR B 683 23.73 -40.68 -16.14
N ARG B 684 22.44 -40.96 -15.89
CA ARG B 684 21.39 -40.10 -16.42
C ARG B 684 21.42 -38.72 -15.77
N ASP B 685 21.75 -38.65 -14.47
CA ASP B 685 21.82 -37.35 -13.82
C ASP B 685 22.96 -36.52 -14.41
N LEU B 686 24.11 -37.15 -14.67
CA LEU B 686 25.20 -36.43 -15.34
C LEU B 686 24.78 -35.99 -16.73
N LEU B 687 24.08 -36.84 -17.47
CA LEU B 687 23.63 -36.48 -18.80
C LEU B 687 22.66 -35.32 -18.76
N GLN B 688 21.71 -35.32 -17.81
CA GLN B 688 20.78 -34.20 -17.68
C GLN B 688 21.49 -32.93 -17.22
N HIS B 689 22.57 -33.06 -16.44
CA HIS B 689 23.37 -31.88 -16.15
C HIS B 689 23.98 -31.30 -17.42
N VAL B 690 24.48 -32.19 -18.30
CA VAL B 690 25.05 -31.74 -19.57
C VAL B 690 23.97 -31.09 -20.44
N ARG B 691 22.78 -31.69 -20.51
CA ARG B 691 21.69 -31.10 -21.29
C ARG B 691 21.23 -29.77 -20.69
N ALA B 692 21.27 -29.64 -19.36
CA ALA B 692 20.95 -28.36 -18.74
C ALA B 692 21.98 -27.30 -19.11
N LEU B 693 23.25 -27.68 -19.16
CA LEU B 693 24.29 -26.75 -19.61
C LEU B 693 24.04 -26.33 -21.06
N ARG B 694 23.70 -27.28 -21.93
CA ARG B 694 23.45 -26.96 -23.32
C ARG B 694 22.20 -26.07 -23.47
N GLN B 695 21.17 -26.35 -22.69
CA GLN B 695 19.97 -25.51 -22.72
C GLN B 695 20.27 -24.11 -22.21
N THR B 696 21.15 -24.00 -21.21
CA THR B 696 21.57 -22.69 -20.74
C THR B 696 22.34 -21.95 -21.83
N ILE B 697 23.17 -22.67 -22.58
CA ILE B 697 23.84 -22.08 -23.74
C ILE B 697 22.81 -21.54 -24.73
N THR B 698 21.77 -22.34 -25.02
CA THR B 698 20.76 -21.92 -25.98
C THR B 698 19.97 -20.71 -25.48
N ASP B 699 19.71 -20.66 -24.17
CA ASP B 699 18.88 -19.59 -23.62
C ASP B 699 19.61 -18.25 -23.64
N PHE B 700 20.94 -18.28 -23.58
CA PHE B 700 21.74 -17.06 -23.53
C PHE B 700 22.20 -16.60 -24.90
N THR B 701 21.90 -17.35 -25.96
CA THR B 701 22.19 -16.93 -27.32
C THR B 701 20.89 -16.47 -27.99
N ILE B 702 21.05 -15.62 -29.00
CA ILE B 702 19.93 -15.05 -29.74
C ILE B 702 19.88 -15.73 -31.10
N GLN B 703 18.73 -16.30 -31.43
CA GLN B 703 18.57 -17.05 -32.67
C GLN B 703 17.93 -16.17 -33.74
N GLY B 704 18.26 -16.46 -34.99
CA GLY B 704 17.78 -15.70 -36.12
C GLY B 704 18.79 -14.75 -36.73
N GLU B 705 20.03 -14.73 -36.24
CA GLU B 705 21.09 -13.87 -36.78
C GLU B 705 22.29 -14.75 -37.11
N GLY B 706 22.51 -14.99 -38.40
CA GLY B 706 23.65 -15.75 -38.88
C GLY B 706 24.33 -15.00 -40.03
N HIS B 707 25.65 -14.96 -39.99
CA HIS B 707 26.43 -14.23 -40.98
C HIS B 707 27.43 -15.18 -41.66
N ASN B 708 27.50 -15.08 -42.99
CA ASN B 708 28.43 -15.86 -43.80
C ASN B 708 28.24 -17.36 -43.61
N GLY B 709 27.00 -17.79 -43.36
CA GLY B 709 26.72 -19.19 -43.21
C GLY B 709 27.06 -19.80 -41.86
N GLU B 710 27.23 -18.97 -40.83
CA GLU B 710 27.53 -19.44 -39.49
C GLU B 710 26.27 -19.34 -38.63
N THR B 711 25.90 -20.44 -38.00
CA THR B 711 24.70 -20.46 -37.16
C THR B 711 24.92 -19.64 -35.89
N SER B 712 23.80 -19.22 -35.29
CA SER B 712 23.87 -18.35 -34.11
C SER B 712 24.54 -19.05 -32.93
N GLU B 713 24.28 -20.34 -32.74
CA GLU B 713 24.88 -21.07 -31.62
C GLU B 713 26.40 -21.08 -31.74
N ALA B 714 26.92 -21.39 -32.93
CA ALA B 714 28.36 -21.36 -33.14
C ALA B 714 28.89 -19.94 -33.17
N LEU B 715 28.07 -18.97 -33.58
CA LEU B 715 28.51 -17.58 -33.66
C LEU B 715 28.60 -16.92 -32.29
N ASN B 716 27.89 -17.45 -31.30
CA ASN B 716 27.95 -16.88 -29.95
C ASN B 716 28.88 -17.66 -29.03
N ASN B 717 28.61 -18.95 -28.84
CA ASN B 717 29.34 -19.77 -27.88
C ASN B 717 30.57 -20.40 -28.52
N ILE B 718 31.41 -20.98 -27.67
CA ILE B 718 32.63 -21.65 -28.11
C ILE B 718 32.43 -23.16 -28.22
N LEU B 719 31.77 -23.76 -27.23
CA LEU B 719 31.56 -25.21 -27.23
C LEU B 719 30.58 -25.64 -28.31
N THR B 720 29.82 -24.69 -28.88
CA THR B 720 28.96 -24.97 -30.01
C THR B 720 29.61 -24.64 -31.35
N ASP B 721 30.85 -24.13 -31.33
CA ASP B 721 31.55 -23.75 -32.55
C ASP B 721 32.13 -25.00 -33.20
N ASP B 722 31.95 -25.10 -34.53
CA ASP B 722 32.44 -26.26 -35.27
C ASP B 722 33.95 -26.27 -35.44
N THR B 723 34.58 -25.09 -35.56
CA THR B 723 36.02 -25.03 -35.79
C THR B 723 36.79 -25.63 -34.62
N PHE B 724 36.40 -25.29 -33.39
CA PHE B 724 37.07 -25.82 -32.21
C PHE B 724 36.74 -27.29 -32.03
N ILE B 725 37.70 -28.05 -31.53
CA ILE B 725 37.58 -29.50 -31.45
C ILE B 725 37.82 -29.97 -30.03
N ALA B 726 37.32 -31.18 -29.75
CA ALA B 726 37.48 -31.79 -28.44
C ALA B 726 38.94 -32.18 -28.20
N PRO B 727 39.36 -32.31 -26.94
CA PRO B 727 40.76 -32.68 -26.67
C PRO B 727 41.17 -34.00 -27.29
N ILE B 728 40.26 -34.99 -27.36
CA ILE B 728 40.53 -36.27 -27.98
C ILE B 728 39.37 -36.60 -28.91
N LEU B 729 39.69 -37.07 -30.12
CA LEU B 729 38.71 -37.51 -31.10
C LEU B 729 38.95 -38.97 -31.42
N TRP B 730 37.89 -39.76 -31.42
CA TRP B 730 37.96 -41.18 -31.78
C TRP B 730 37.50 -41.46 -33.19
N ASP B 731 36.59 -40.64 -33.72
CA ASP B 731 36.05 -40.83 -35.05
C ASP B 731 36.33 -39.59 -35.89
N CYS B 732 36.36 -39.78 -37.21
CA CYS B 732 36.66 -38.68 -38.12
C CYS B 732 35.45 -37.78 -38.39
N ASP B 733 34.32 -38.03 -37.72
CA ASP B 733 33.13 -37.21 -37.95
C ASP B 733 33.37 -35.76 -37.55
N ALA B 734 33.99 -35.54 -36.38
CA ALA B 734 34.20 -34.17 -35.91
C ALA B 734 35.14 -33.41 -36.83
N LEU B 735 36.17 -34.08 -37.35
CA LEU B 735 37.07 -33.43 -38.29
C LEU B 735 36.35 -33.06 -39.58
N ILE B 736 35.45 -33.93 -40.06
CA ILE B 736 34.68 -33.61 -41.26
C ILE B 736 33.78 -32.41 -41.01
N TYR B 737 33.12 -32.37 -39.86
CA TYR B 737 32.31 -31.20 -39.52
C TYR B 737 33.15 -29.94 -39.47
N ARG B 738 34.35 -30.03 -38.87
CA ARG B 738 35.21 -28.86 -38.75
C ARG B 738 35.64 -28.34 -40.11
N ASP B 739 36.15 -29.21 -40.97
CA ASP B 739 36.68 -28.75 -42.25
C ASP B 739 35.61 -28.64 -43.33
N GLU B 740 34.34 -28.88 -43.00
CA GLU B 740 33.26 -28.57 -43.94
C GLU B 740 32.47 -27.33 -43.53
N ALA B 741 32.36 -27.06 -42.22
CA ALA B 741 31.41 -26.05 -41.75
C ALA B 741 31.80 -24.63 -42.16
N ALA B 742 33.08 -24.27 -42.05
CA ALA B 742 33.46 -22.86 -42.11
C ALA B 742 33.42 -22.32 -43.54
N ARG B 743 34.31 -22.81 -44.41
CA ARG B 743 34.38 -22.43 -45.81
C ARG B 743 34.68 -20.95 -46.01
N ASP B 744 34.92 -20.21 -44.93
CA ASP B 744 35.43 -18.84 -45.02
C ASP B 744 36.65 -18.70 -44.12
N ARG B 745 36.68 -19.48 -43.05
CA ARG B 745 37.87 -19.57 -42.21
C ARG B 745 38.92 -20.41 -42.93
N LEU B 746 40.03 -19.78 -43.30
CA LEU B 746 41.10 -20.46 -44.03
C LEU B 746 41.59 -21.66 -43.24
N PRO B 747 41.33 -22.88 -43.72
CA PRO B 747 41.67 -24.07 -42.93
C PRO B 747 43.05 -24.63 -43.22
N ALA B 748 43.66 -25.24 -42.22
CA ALA B 748 44.94 -25.91 -42.38
C ALA B 748 45.03 -27.02 -41.35
N ILE B 749 44.89 -28.27 -41.81
CA ILE B 749 44.94 -29.43 -40.95
C ILE B 749 46.32 -30.06 -41.07
N ARG B 750 46.94 -30.35 -39.92
CA ARG B 750 48.28 -30.92 -39.87
C ARG B 750 48.26 -32.13 -38.96
N VAL B 751 48.50 -33.31 -39.53
CA VAL B 751 48.52 -34.54 -38.76
C VAL B 751 49.94 -35.09 -38.73
N SER B 752 50.71 -34.67 -37.71
CA SER B 752 52.10 -35.10 -37.53
C SER B 752 52.89 -35.04 -38.83
N GLY B 753 53.01 -33.81 -39.36
CA GLY B 753 53.66 -33.62 -40.64
C GLY B 753 52.70 -33.36 -41.78
N ARG B 754 52.42 -34.40 -42.57
CA ARG B 754 51.61 -34.28 -43.77
C ARG B 754 50.30 -33.56 -43.50
N ASN B 755 49.80 -32.87 -44.51
CA ASN B 755 48.56 -32.11 -44.42
C ASN B 755 47.43 -32.91 -45.06
N GLY B 756 46.31 -33.01 -44.37
CA GLY B 756 45.17 -33.74 -44.88
C GLY B 756 45.13 -35.16 -44.36
N TYR B 757 43.94 -35.75 -44.38
CA TYR B 757 43.72 -37.11 -43.92
C TYR B 757 43.18 -37.97 -45.05
N GLN B 758 43.08 -39.28 -44.79
CA GLN B 758 42.56 -40.24 -45.75
C GLN B 758 41.30 -40.94 -45.27
N ALA B 759 41.17 -41.18 -43.97
CA ALA B 759 39.96 -41.73 -43.34
C ALA B 759 39.62 -43.10 -43.94
N LEU B 760 40.51 -44.04 -43.70
CA LEU B 760 40.31 -45.44 -44.09
C LEU B 760 39.80 -46.23 -42.89
N HIS B 761 38.63 -46.82 -43.02
CA HIS B 761 37.99 -47.57 -41.95
C HIS B 761 37.99 -49.05 -42.27
N PHE B 762 37.48 -49.84 -41.32
CA PHE B 762 37.38 -51.30 -41.42
C PHE B 762 38.74 -51.93 -41.67
N VAL B 763 39.61 -51.77 -40.67
CA VAL B 763 40.92 -52.39 -40.68
C VAL B 763 40.85 -53.70 -39.91
N ASP B 764 41.46 -54.74 -40.45
CA ASP B 764 41.43 -56.07 -39.87
C ASP B 764 42.85 -56.53 -39.53
N MET B 765 42.96 -57.80 -39.11
CA MET B 765 44.26 -58.33 -38.68
C MET B 765 45.22 -58.43 -39.85
N ALA B 766 44.73 -58.80 -41.03
CA ALA B 766 45.59 -58.99 -42.18
C ALA B 766 46.29 -57.69 -42.58
N GLY B 767 45.68 -56.56 -42.28
CA GLY B 767 46.26 -55.27 -42.63
C GLY B 767 46.50 -54.37 -41.43
N HIS B 768 47.05 -54.92 -40.35
CA HIS B 768 47.24 -54.12 -39.13
C HIS B 768 48.25 -53.01 -39.35
N ASN B 769 49.50 -53.38 -39.64
CA ASN B 769 50.56 -52.41 -39.96
C ASN B 769 50.67 -51.32 -38.90
N PHE B 770 51.04 -51.75 -37.69
CA PHE B 770 51.11 -50.83 -36.56
C PHE B 770 52.15 -49.73 -36.79
N GLN B 771 53.12 -49.98 -37.67
CA GLN B 771 54.16 -49.00 -37.96
C GLN B 771 53.76 -48.10 -39.14
N ARG B 772 52.58 -47.50 -39.01
CA ARG B 772 52.07 -46.60 -40.03
C ARG B 772 52.37 -45.15 -39.66
N ARG B 773 52.91 -44.40 -40.61
CA ARG B 773 53.28 -43.01 -40.41
C ARG B 773 52.47 -42.05 -41.26
N ASP B 774 51.78 -42.53 -42.30
CA ASP B 774 51.05 -41.68 -43.21
C ASP B 774 49.71 -41.27 -42.60
N ASN B 775 48.84 -40.66 -43.41
CA ASN B 775 47.61 -40.03 -42.94
C ASN B 775 46.40 -40.93 -43.08
N VAL B 776 46.57 -42.24 -42.92
CA VAL B 776 45.43 -43.14 -42.87
C VAL B 776 44.81 -43.07 -41.48
N LEU B 777 43.57 -42.60 -41.40
CA LEU B 777 42.85 -42.45 -40.14
C LEU B 777 41.76 -43.51 -40.05
N ILE B 778 41.73 -44.21 -38.92
CA ILE B 778 40.80 -45.31 -38.72
C ILE B 778 39.46 -44.71 -38.31
N HIS B 779 38.57 -44.56 -39.29
CA HIS B 779 37.23 -44.02 -39.02
C HIS B 779 36.38 -45.00 -38.24
N GLY B 780 36.58 -46.29 -38.45
CA GLY B 780 35.82 -47.31 -37.75
C GLY B 780 34.70 -47.87 -38.61
N ARG B 781 34.32 -49.11 -38.30
CA ARG B 781 33.28 -49.80 -39.06
C ARG B 781 31.90 -49.28 -38.65
N PRO B 782 31.10 -48.76 -39.58
CA PRO B 782 29.71 -48.46 -39.26
C PRO B 782 28.93 -49.74 -38.97
N VAL B 783 27.93 -49.61 -38.10
CA VAL B 783 27.12 -50.75 -37.70
C VAL B 783 26.00 -50.96 -38.71
N ARG B 784 25.15 -49.96 -38.88
CA ARG B 784 24.01 -50.06 -39.80
C ARG B 784 24.40 -49.50 -41.17
N GLY B 785 25.40 -50.14 -41.76
CA GLY B 785 25.90 -49.71 -43.05
C GLY B 785 26.90 -50.71 -43.59
N ASP B 786 27.49 -50.35 -44.73
CA ASP B 786 28.47 -51.18 -45.42
C ASP B 786 29.83 -50.50 -45.41
N THR B 787 30.89 -51.28 -45.27
CA THR B 787 32.23 -50.73 -45.20
C THR B 787 32.74 -50.32 -46.58
N GLY B 788 32.92 -51.30 -47.47
CA GLY B 788 33.41 -51.03 -48.79
C GLY B 788 34.84 -50.51 -48.79
N GLN B 789 35.24 -50.00 -49.95
CA GLN B 789 36.56 -49.39 -50.11
C GLN B 789 36.48 -47.98 -50.66
N ALA B 790 35.58 -47.72 -51.60
CA ALA B 790 35.44 -46.40 -52.20
C ALA B 790 34.25 -45.62 -51.65
N ILE B 791 33.54 -46.16 -50.66
CA ILE B 791 32.37 -45.49 -50.08
C ILE B 791 32.85 -44.25 -49.33
N PRO B 792 32.28 -43.08 -49.59
CA PRO B 792 32.69 -41.86 -48.88
C PRO B 792 32.43 -41.98 -47.38
N ILE B 793 33.31 -41.36 -46.61
CA ILE B 793 33.21 -41.43 -45.15
C ILE B 793 32.08 -40.54 -44.67
N THR B 794 31.19 -41.11 -43.86
CA THR B 794 30.06 -40.40 -43.29
C THR B 794 30.20 -40.30 -41.78
N PRO B 795 29.72 -39.20 -41.18
CA PRO B 795 29.76 -39.10 -39.72
C PRO B 795 28.96 -40.20 -39.05
N HIS B 796 29.47 -40.69 -37.93
CA HIS B 796 28.80 -41.77 -37.21
C HIS B 796 27.57 -41.27 -36.47
N HIS B 797 27.59 -40.00 -36.03
CA HIS B 797 26.50 -39.42 -35.27
C HIS B 797 26.21 -38.02 -35.77
N ASP B 798 25.13 -37.44 -35.26
CA ASP B 798 24.73 -36.08 -35.61
C ASP B 798 25.70 -35.06 -35.01
N ARG B 799 25.55 -33.81 -35.43
CA ARG B 799 26.43 -32.75 -34.94
C ARG B 799 26.25 -32.54 -33.43
N GLU B 800 25.05 -32.77 -32.92
CA GLU B 800 24.79 -32.60 -31.49
C GLU B 800 25.64 -33.53 -30.64
N TRP B 801 26.06 -34.68 -31.20
CA TRP B 801 26.98 -35.57 -30.51
C TRP B 801 28.32 -34.88 -30.25
N GLY B 802 28.84 -34.16 -31.26
CA GLY B 802 30.05 -33.41 -31.05
C GLY B 802 29.89 -32.33 -29.99
N ILE B 803 28.72 -31.68 -29.99
CA ILE B 803 28.44 -30.67 -28.97
C ILE B 803 28.48 -31.30 -27.58
N LEU B 804 27.84 -32.46 -27.41
CA LEU B 804 27.83 -33.13 -26.12
C LEU B 804 29.24 -33.53 -25.70
N SER B 805 30.02 -34.08 -26.64
CA SER B 805 31.38 -34.51 -26.31
C SER B 805 32.25 -33.33 -25.88
N LYS B 806 32.20 -32.23 -26.64
CA LYS B 806 33.00 -31.06 -26.28
C LYS B 806 32.55 -30.48 -24.95
N ILE B 807 31.24 -30.41 -24.72
CA ILE B 807 30.73 -29.86 -23.47
C ILE B 807 31.20 -30.70 -22.30
N TYR B 808 31.09 -32.02 -22.41
CA TYR B 808 31.52 -32.89 -21.33
C TYR B 808 33.01 -32.74 -21.07
N TYR B 809 33.83 -32.85 -22.14
CA TYR B 809 35.28 -32.82 -21.97
C TYR B 809 35.76 -31.49 -21.41
N TYR B 810 35.12 -30.37 -21.78
CA TYR B 810 35.57 -29.07 -21.35
C TYR B 810 34.88 -28.56 -20.09
N ILE B 811 33.87 -29.28 -19.59
CA ILE B 811 33.19 -28.81 -18.38
C ILE B 811 33.28 -29.84 -17.27
N VAL B 812 32.77 -31.06 -17.51
CA VAL B 812 32.64 -32.04 -16.44
C VAL B 812 34.01 -32.56 -16.02
N ILE B 813 34.86 -32.88 -17.00
CA ILE B 813 36.17 -33.44 -16.68
C ILE B 813 37.04 -32.47 -15.90
N PRO B 814 37.24 -31.21 -16.33
CA PRO B 814 38.13 -30.33 -15.56
C PRO B 814 37.55 -29.89 -14.23
N ALA B 815 36.23 -29.71 -14.13
CA ALA B 815 35.64 -29.28 -12.87
C ALA B 815 35.78 -30.34 -11.79
N PHE B 816 35.65 -31.62 -12.15
CA PHE B 816 35.83 -32.70 -11.19
C PHE B 816 37.29 -33.02 -10.95
N SER B 817 38.10 -33.11 -12.00
CA SER B 817 39.50 -33.48 -11.83
C SER B 817 40.30 -32.35 -11.20
N ARG B 818 39.93 -31.09 -11.44
CA ARG B 818 40.65 -29.94 -10.90
C ARG B 818 42.11 -29.93 -11.33
N GLY B 819 42.34 -30.19 -12.61
CA GLY B 819 43.70 -30.21 -13.14
C GLY B 819 44.56 -31.33 -12.61
N SER B 820 43.97 -32.50 -12.37
CA SER B 820 44.71 -33.68 -11.91
C SER B 820 44.76 -34.79 -12.96
N CYS B 821 43.70 -34.96 -13.74
CA CYS B 821 43.72 -35.93 -14.82
C CYS B 821 44.60 -35.42 -15.95
N CYS B 822 45.11 -36.35 -16.76
CA CYS B 822 46.00 -36.03 -17.85
C CYS B 822 45.58 -36.78 -19.11
N THR B 823 45.91 -36.20 -20.25
CA THR B 823 45.68 -36.82 -21.55
C THR B 823 47.01 -37.28 -22.13
N MET B 824 47.02 -38.47 -22.71
CA MET B 824 48.25 -39.06 -23.22
C MET B 824 47.91 -40.01 -24.37
N GLY B 825 48.96 -40.62 -24.91
CA GLY B 825 48.81 -41.54 -26.02
C GLY B 825 48.71 -42.99 -25.57
N VAL B 826 48.65 -43.88 -26.55
CA VAL B 826 48.55 -45.30 -26.31
C VAL B 826 49.54 -46.05 -27.21
N ARG B 827 50.12 -47.11 -26.67
CA ARG B 827 51.06 -47.97 -27.39
C ARG B 827 50.30 -49.23 -27.80
N TYR B 828 49.66 -49.20 -28.96
CA TYR B 828 48.93 -50.37 -29.43
C TYR B 828 49.86 -51.53 -29.73
N ASP B 829 51.09 -51.24 -30.15
CA ASP B 829 52.06 -52.28 -30.47
C ASP B 829 52.43 -53.13 -29.26
N ARG B 830 52.13 -52.65 -28.05
CA ARG B 830 52.29 -53.43 -26.83
C ARG B 830 50.95 -53.91 -26.26
N LEU B 831 49.90 -53.09 -26.38
CA LEU B 831 48.59 -53.48 -25.87
C LEU B 831 48.03 -54.68 -26.62
N TYR B 832 48.14 -54.68 -27.95
CA TYR B 832 47.55 -55.75 -28.75
C TYR B 832 48.20 -57.11 -28.51
N PRO B 833 49.52 -57.27 -28.52
CA PRO B 833 50.08 -58.61 -28.29
C PRO B 833 49.71 -59.22 -26.95
N ALA B 834 49.55 -58.39 -25.91
CA ALA B 834 49.15 -58.89 -24.60
C ALA B 834 47.64 -59.03 -24.45
N LEU B 835 46.87 -58.68 -25.48
CA LEU B 835 45.41 -58.69 -25.42
C LEU B 835 44.79 -60.05 -25.72
N GLN B 836 45.57 -61.00 -26.24
CA GLN B 836 45.01 -62.25 -26.74
C GLN B 836 45.13 -63.40 -25.75
N ALA B 837 45.59 -63.14 -24.53
CA ALA B 837 45.88 -64.19 -23.55
C ALA B 837 44.71 -64.29 -22.57
N VAL B 838 43.64 -64.97 -22.99
CA VAL B 838 42.51 -65.30 -22.14
C VAL B 838 42.51 -66.80 -21.91
N ILE B 839 42.20 -67.21 -20.68
CA ILE B 839 42.41 -68.60 -20.27
C ILE B 839 41.06 -69.23 -19.96
N VAL B 840 40.02 -68.83 -20.69
CA VAL B 840 38.73 -69.49 -20.50
C VAL B 840 38.87 -70.96 -20.89
N PRO B 841 38.32 -71.89 -20.12
CA PRO B 841 38.51 -73.32 -20.40
C PRO B 841 37.44 -73.84 -21.36
N GLU B 842 37.60 -75.09 -21.76
CA GLU B 842 36.65 -75.78 -22.62
C GLU B 842 35.60 -76.43 -21.73
N ILE B 843 34.42 -75.82 -21.67
CA ILE B 843 33.32 -76.38 -20.87
C ILE B 843 32.87 -77.69 -21.47
N PRO B 844 32.66 -78.74 -20.68
CA PRO B 844 32.14 -80.00 -21.22
C PRO B 844 30.73 -79.81 -21.76
N ALA B 845 30.37 -80.66 -22.73
CA ALA B 845 29.07 -80.57 -23.36
C ALA B 845 27.96 -80.83 -22.34
N ASP B 846 26.86 -80.08 -22.49
CA ASP B 846 25.70 -80.18 -21.61
C ASP B 846 26.08 -79.91 -20.15
N GLU B 847 26.75 -78.78 -19.92
CA GLU B 847 27.16 -78.37 -18.58
C GLU B 847 26.74 -76.93 -18.34
N GLU B 848 26.36 -76.65 -17.10
CA GLU B 848 25.95 -75.29 -16.73
C GLU B 848 27.16 -74.36 -16.67
N ALA B 849 26.95 -73.11 -17.05
CA ALA B 849 28.02 -72.12 -17.08
C ALA B 849 28.35 -71.68 -15.67
N PRO B 850 29.59 -71.83 -15.20
CA PRO B 850 29.94 -71.40 -13.84
C PRO B 850 29.92 -69.88 -13.73
N THR B 851 29.62 -69.39 -12.53
CA THR B 851 29.66 -67.97 -12.21
C THR B 851 30.64 -67.63 -11.10
N THR B 852 30.67 -68.41 -10.03
CA THR B 852 31.57 -68.15 -8.93
C THR B 852 33.02 -68.45 -9.34
N PRO B 853 33.98 -67.67 -8.82
CA PRO B 853 35.39 -67.93 -9.12
C PRO B 853 36.04 -69.01 -8.27
N GLU B 854 35.29 -69.64 -7.36
CA GLU B 854 35.89 -70.66 -6.50
C GLU B 854 36.11 -71.98 -7.21
N ASP B 855 35.42 -72.22 -8.34
CA ASP B 855 35.63 -73.50 -8.99
C ASP B 855 36.64 -73.38 -10.13
N PRO B 856 37.35 -74.48 -10.44
CA PRO B 856 38.33 -74.41 -11.53
C PRO B 856 37.72 -74.14 -12.89
N ARG B 857 36.42 -74.43 -13.08
CA ARG B 857 35.78 -74.19 -14.36
C ARG B 857 35.68 -72.70 -14.68
N HIS B 858 35.77 -71.84 -13.68
CA HIS B 858 35.76 -70.41 -13.93
C HIS B 858 37.15 -69.94 -14.38
N PRO B 859 37.24 -69.07 -15.38
CA PRO B 859 38.56 -68.64 -15.86
C PRO B 859 39.37 -67.86 -14.84
N LEU B 860 38.74 -67.29 -13.81
CA LEU B 860 39.44 -66.52 -12.80
C LEU B 860 39.92 -67.36 -11.63
N HIS B 861 39.75 -68.68 -11.71
CA HIS B 861 40.25 -69.57 -10.66
C HIS B 861 41.77 -69.57 -10.64
N ALA B 862 42.32 -69.83 -9.45
CA ALA B 862 43.77 -69.80 -9.29
C ALA B 862 44.47 -70.89 -10.08
N HIS B 863 43.81 -72.04 -10.25
CA HIS B 863 44.43 -73.13 -11.02
C HIS B 863 44.58 -72.76 -12.49
N GLN B 864 43.62 -72.03 -13.04
CA GLN B 864 43.62 -71.65 -14.45
C GLN B 864 44.06 -70.20 -14.66
N LEU B 865 44.71 -69.61 -13.67
CA LEU B 865 45.19 -68.22 -13.73
C LEU B 865 46.69 -68.26 -13.99
N VAL B 866 47.08 -68.23 -15.25
CA VAL B 866 48.49 -68.20 -15.64
C VAL B 866 48.98 -66.76 -15.50
N PRO B 867 50.19 -66.54 -14.98
CA PRO B 867 50.71 -65.17 -14.89
C PRO B 867 50.93 -64.57 -16.27
N ASN B 868 50.88 -63.24 -16.32
CA ASN B 868 51.11 -62.46 -17.53
C ASN B 868 50.07 -62.78 -18.61
N SER B 869 48.81 -62.67 -18.21
CA SER B 869 47.68 -62.90 -19.10
C SER B 869 46.52 -62.04 -18.63
N LEU B 870 45.48 -61.97 -19.46
CA LEU B 870 44.30 -61.18 -19.11
C LEU B 870 43.70 -61.60 -17.78
N ASN B 871 43.80 -62.87 -17.42
CA ASN B 871 43.16 -63.36 -16.20
C ASN B 871 43.79 -62.74 -14.95
N VAL B 872 45.12 -62.69 -14.90
CA VAL B 872 45.76 -62.05 -13.74
C VAL B 872 45.51 -60.53 -13.78
N TYR B 873 45.40 -59.95 -14.97
CA TYR B 873 45.05 -58.54 -15.07
C TYR B 873 43.69 -58.27 -14.43
N PHE B 874 42.71 -59.14 -14.68
CA PHE B 874 41.39 -58.95 -14.07
C PHE B 874 41.42 -59.25 -12.58
N HIS B 875 42.14 -60.31 -12.17
CA HIS B 875 42.12 -60.69 -10.76
C HIS B 875 42.94 -59.74 -9.90
N ASN B 876 43.81 -58.93 -10.50
CA ASN B 876 44.50 -57.89 -9.75
C ASN B 876 43.50 -56.93 -9.13
N ALA B 877 42.39 -56.66 -9.82
CA ALA B 877 41.34 -55.78 -9.34
C ALA B 877 40.24 -56.52 -8.58
N HIS B 878 40.29 -57.86 -8.55
CA HIS B 878 39.22 -58.67 -7.95
C HIS B 878 37.87 -58.38 -8.61
N LEU B 879 37.79 -58.69 -9.90
CA LEU B 879 36.57 -58.56 -10.67
C LEU B 879 36.04 -59.93 -11.04
N THR B 880 34.79 -59.96 -11.51
CA THR B 880 34.13 -61.20 -11.91
C THR B 880 33.69 -61.11 -13.36
N VAL B 881 34.22 -62.02 -14.19
CA VAL B 881 33.88 -62.09 -15.60
C VAL B 881 33.77 -63.56 -16.00
N ASP B 882 32.76 -63.85 -16.81
CA ASP B 882 32.45 -65.22 -17.21
C ASP B 882 33.17 -65.60 -18.49
N GLY B 883 32.94 -66.85 -18.92
CA GLY B 883 33.67 -67.38 -20.06
C GLY B 883 33.32 -66.68 -21.37
N ASP B 884 32.03 -66.45 -21.60
CA ASP B 884 31.60 -65.78 -22.83
C ASP B 884 32.06 -64.33 -22.87
N ALA B 885 32.10 -63.66 -21.71
CA ALA B 885 32.56 -62.28 -21.66
C ALA B 885 33.99 -62.16 -22.14
N LEU B 886 34.82 -63.15 -21.84
CA LEU B 886 36.20 -63.12 -22.29
C LEU B 886 36.35 -63.68 -23.70
N LEU B 887 35.47 -64.62 -24.10
CA LEU B 887 35.48 -65.12 -25.46
C LEU B 887 35.00 -64.07 -26.46
N THR B 888 34.32 -63.03 -25.99
CA THR B 888 33.90 -61.95 -26.89
C THR B 888 35.08 -61.15 -27.43
N LEU B 889 36.28 -61.36 -26.87
CA LEU B 889 37.45 -60.63 -27.35
C LEU B 889 37.76 -60.95 -28.81
N GLN B 890 37.50 -62.17 -29.26
CA GLN B 890 37.85 -62.55 -30.62
C GLN B 890 37.02 -61.77 -31.64
N GLU B 891 35.74 -61.53 -31.36
CA GLU B 891 34.93 -60.72 -32.25
C GLU B 891 35.01 -59.22 -31.93
N LEU B 892 35.53 -58.86 -30.76
CA LEU B 892 35.86 -57.46 -30.50
C LEU B 892 37.08 -57.04 -31.30
N MET B 893 38.02 -57.95 -31.51
CA MET B 893 39.24 -57.65 -32.23
C MET B 893 38.99 -57.35 -33.71
N GLY B 894 37.80 -57.64 -34.21
CA GLY B 894 37.50 -57.37 -35.61
C GLY B 894 37.65 -55.90 -35.97
N ASP B 895 37.09 -55.01 -35.16
CA ASP B 895 37.29 -53.58 -35.35
C ASP B 895 38.49 -53.13 -34.51
N MET B 896 39.40 -52.42 -35.17
CA MET B 896 40.74 -52.17 -34.62
C MET B 896 41.12 -50.72 -34.84
N ALA B 897 42.06 -50.24 -34.02
CA ALA B 897 42.64 -48.91 -34.13
C ALA B 897 44.15 -49.06 -34.21
N GLU B 898 44.78 -48.25 -35.08
CA GLU B 898 46.21 -48.44 -35.35
C GLU B 898 47.07 -47.89 -34.22
N ARG B 899 47.01 -46.59 -33.98
CA ARG B 899 47.77 -45.94 -32.93
C ARG B 899 47.35 -44.49 -32.84
N THR B 900 47.66 -43.86 -31.70
CA THR B 900 47.36 -42.46 -31.51
C THR B 900 48.26 -41.58 -32.36
N THR B 901 47.76 -40.41 -32.73
CA THR B 901 48.49 -39.48 -33.56
C THR B 901 48.29 -38.05 -33.03
N ALA B 902 49.21 -37.18 -33.39
CA ALA B 902 49.16 -35.78 -33.02
C ALA B 902 48.64 -34.97 -34.21
N ILE B 903 47.49 -34.32 -34.03
CA ILE B 903 46.83 -33.57 -35.09
C ILE B 903 46.81 -32.10 -34.68
N LEU B 904 47.37 -31.24 -35.52
CA LEU B 904 47.35 -29.79 -35.32
C LEU B 904 46.42 -29.19 -36.36
N VAL B 905 45.43 -28.43 -35.89
CA VAL B 905 44.46 -27.78 -36.76
C VAL B 905 44.52 -26.28 -36.51
N SER B 906 44.24 -25.49 -37.54
CA SER B 906 44.27 -24.05 -37.46
C SER B 906 43.22 -23.46 -38.39
N SER B 907 42.79 -22.24 -38.08
CA SER B 907 41.83 -21.54 -38.92
C SER B 907 41.95 -20.04 -38.69
N ALA B 908 41.37 -19.28 -39.61
CA ALA B 908 41.34 -17.83 -39.53
C ALA B 908 40.37 -17.38 -38.44
N PRO B 909 40.50 -16.14 -37.95
CA PRO B 909 39.52 -15.63 -36.99
C PRO B 909 38.13 -15.56 -37.60
N ASP B 910 37.12 -15.67 -36.72
CA ASP B 910 35.74 -15.76 -37.16
C ASP B 910 35.30 -14.52 -37.91
N ALA B 911 34.28 -14.70 -38.75
CA ALA B 911 33.79 -13.61 -39.59
C ALA B 911 33.29 -12.42 -38.77
N GLY B 912 32.91 -12.65 -37.51
CA GLY B 912 32.53 -11.54 -36.66
C GLY B 912 33.66 -10.59 -36.37
N ALA B 913 34.90 -11.09 -36.34
CA ALA B 913 36.07 -10.29 -36.03
C ALA B 913 37.21 -10.56 -37.01
N ALA B 914 36.90 -10.79 -38.27
CA ALA B 914 37.91 -11.01 -39.30
C ALA B 914 38.03 -9.73 -40.13
N THR B 915 39.18 -9.07 -40.05
CA THR B 915 39.43 -7.86 -40.82
C THR B 915 40.73 -8.00 -41.61
N ALA B 916 41.19 -6.90 -42.21
CA ALA B 916 42.36 -6.96 -43.08
C ALA B 916 43.61 -7.45 -42.33
N THR B 917 43.78 -7.02 -41.08
CA THR B 917 44.98 -7.37 -40.32
C THR B 917 44.78 -8.56 -39.39
N THR B 918 43.54 -8.88 -39.02
CA THR B 918 43.31 -10.04 -38.16
C THR B 918 43.42 -11.37 -38.91
N ARG B 919 43.10 -11.38 -40.21
CA ARG B 919 43.17 -12.62 -41.00
C ARG B 919 44.62 -13.10 -41.16
N ASN B 920 45.58 -12.23 -40.86
CA ASN B 920 46.99 -12.59 -41.02
C ASN B 920 47.41 -13.68 -40.04
N MET B 921 47.09 -13.50 -38.75
CA MET B 921 47.50 -14.47 -37.74
C MET B 921 46.36 -15.44 -37.48
N ARG B 922 46.72 -16.71 -37.27
CA ARG B 922 45.78 -17.79 -37.10
C ARG B 922 45.89 -18.35 -35.69
N ILE B 923 44.89 -19.13 -35.31
CA ILE B 923 44.85 -19.78 -34.01
C ILE B 923 45.43 -21.18 -34.16
N TYR B 924 46.31 -21.56 -33.24
CA TYR B 924 47.01 -22.83 -33.31
C TYR B 924 46.65 -23.69 -32.10
N ASP B 925 45.84 -24.72 -32.33
CA ASP B 925 45.45 -25.66 -31.29
C ASP B 925 45.52 -27.07 -31.84
N GLY B 926 45.87 -28.02 -30.98
CA GLY B 926 46.03 -29.39 -31.35
C GLY B 926 45.28 -30.33 -30.43
N ALA B 927 45.12 -31.58 -30.89
CA ALA B 927 44.44 -32.61 -30.13
C ALA B 927 45.09 -33.94 -30.45
N LEU B 928 44.60 -34.99 -29.78
CA LEU B 928 45.13 -36.34 -29.97
C LEU B 928 44.02 -37.24 -30.48
N TYR B 929 44.20 -37.79 -31.67
CA TYR B 929 43.30 -38.82 -32.18
C TYR B 929 43.71 -40.17 -31.61
N HIS B 930 42.72 -40.94 -31.15
CA HIS B 930 42.96 -42.23 -30.50
C HIS B 930 43.79 -42.10 -29.23
N GLY B 931 43.76 -40.92 -28.59
CA GLY B 931 44.39 -40.75 -27.30
C GLY B 931 43.47 -41.16 -26.16
N LEU B 932 44.04 -41.19 -24.96
CA LEU B 932 43.31 -41.67 -23.79
C LEU B 932 43.69 -40.82 -22.58
N ILE B 933 42.80 -40.81 -21.58
CA ILE B 933 42.92 -39.96 -20.40
C ILE B 933 42.93 -40.85 -19.16
N MET B 934 43.82 -40.55 -18.22
CA MET B 934 43.88 -41.22 -16.93
C MET B 934 43.61 -40.21 -15.82
N MET B 935 42.73 -40.57 -14.88
CA MET B 935 42.31 -39.62 -13.86
C MET B 935 43.37 -39.43 -12.79
N ALA B 936 43.76 -40.49 -12.09
CA ALA B 936 44.78 -40.41 -11.06
C ALA B 936 46.03 -41.13 -11.53
N TYR B 937 47.16 -40.42 -11.53
CA TYR B 937 48.44 -41.02 -11.87
C TYR B 937 48.87 -41.99 -10.79
N GLN B 938 49.37 -43.15 -11.20
CA GLN B 938 49.90 -44.15 -10.28
C GLN B 938 51.33 -44.48 -10.66
N ALA B 939 52.22 -44.42 -9.68
CA ALA B 939 53.61 -44.86 -9.84
C ALA B 939 54.01 -45.92 -8.83
N TYR B 940 53.19 -46.16 -7.81
CA TYR B 940 53.47 -47.13 -6.77
C TYR B 940 52.78 -48.47 -7.00
N ASP B 941 52.11 -48.62 -8.16
CA ASP B 941 51.50 -49.89 -8.55
C ASP B 941 52.56 -50.67 -9.32
N GLU B 942 53.25 -51.57 -8.62
CA GLU B 942 54.41 -52.26 -9.18
C GLU B 942 54.06 -53.52 -9.95
N THR B 943 52.77 -53.89 -10.00
CA THR B 943 52.38 -55.07 -10.77
C THR B 943 52.49 -54.84 -12.27
N ILE B 944 52.34 -53.59 -12.71
CA ILE B 944 52.46 -53.22 -14.11
C ILE B 944 53.61 -52.23 -14.24
N ALA B 945 54.52 -52.50 -15.18
CA ALA B 945 55.68 -51.64 -15.36
C ALA B 945 55.25 -50.24 -15.83
N THR B 946 55.98 -49.24 -15.34
CA THR B 946 55.67 -47.85 -15.68
C THR B 946 55.85 -47.61 -17.17
N GLY B 947 54.85 -46.98 -17.79
CA GLY B 947 54.91 -46.70 -19.22
C GLY B 947 54.88 -47.94 -20.09
N THR B 948 54.05 -48.93 -19.75
CA THR B 948 54.00 -50.14 -20.55
C THR B 948 53.07 -49.97 -21.75
N PHE B 949 51.92 -49.34 -21.56
CA PHE B 949 50.92 -49.20 -22.60
C PHE B 949 50.72 -47.76 -23.07
N PHE B 950 51.01 -46.77 -22.24
CA PHE B 950 50.70 -45.38 -22.53
C PHE B 950 51.91 -44.51 -22.25
N TYR B 951 52.04 -43.42 -23.01
CA TYR B 951 53.13 -42.47 -22.79
C TYR B 951 52.56 -41.06 -22.67
N PRO B 952 53.00 -40.29 -21.67
CA PRO B 952 52.42 -38.96 -21.45
C PRO B 952 52.79 -37.99 -22.57
N VAL B 953 51.79 -37.62 -23.37
CA VAL B 953 51.95 -36.60 -24.40
C VAL B 953 50.80 -35.60 -24.30
N PRO B 954 50.76 -34.79 -23.24
CA PRO B 954 49.60 -33.91 -23.01
C PRO B 954 49.77 -32.60 -23.75
N VAL B 955 48.77 -32.22 -24.55
CA VAL B 955 48.69 -30.89 -25.15
C VAL B 955 47.32 -30.30 -24.83
N ASN B 956 47.22 -29.64 -23.67
CA ASN B 956 46.12 -28.81 -23.18
C ASN B 956 46.65 -28.03 -21.98
N PRO B 957 46.47 -26.72 -21.94
CA PRO B 957 46.78 -26.00 -20.69
C PRO B 957 45.96 -26.50 -19.51
N LEU B 958 44.71 -26.89 -19.76
CA LEU B 958 43.87 -27.43 -18.69
C LEU B 958 44.35 -28.80 -18.24
N PHE B 959 44.84 -29.61 -19.17
CA PHE B 959 45.22 -30.99 -18.88
C PHE B 959 46.72 -31.14 -18.61
N ALA B 960 47.34 -30.12 -18.01
CA ALA B 960 48.75 -30.24 -17.63
C ALA B 960 48.91 -31.26 -16.51
N CYS B 961 49.83 -32.20 -16.70
CA CYS B 961 50.04 -33.32 -15.77
C CYS B 961 51.52 -33.42 -15.45
N PRO B 962 52.03 -32.59 -14.54
CA PRO B 962 53.44 -32.71 -14.15
C PRO B 962 53.77 -34.07 -13.54
N GLU B 963 52.82 -34.67 -12.80
CA GLU B 963 53.07 -35.97 -12.20
C GLU B 963 52.98 -37.11 -13.20
N HIS B 964 52.10 -37.00 -14.21
CA HIS B 964 51.99 -38.06 -15.20
C HIS B 964 53.20 -38.12 -16.11
N LEU B 965 54.04 -37.08 -16.13
CA LEU B 965 55.26 -37.12 -16.93
C LEU B 965 56.24 -38.19 -16.42
N ALA B 966 56.12 -38.59 -15.16
CA ALA B 966 56.95 -39.66 -14.64
C ALA B 966 56.61 -41.01 -15.25
N SER B 967 55.48 -41.11 -15.97
CA SER B 967 55.16 -42.33 -16.70
C SER B 967 56.20 -42.64 -17.77
N LEU B 968 56.84 -41.62 -18.33
CA LEU B 968 57.83 -41.79 -19.38
C LEU B 968 59.19 -42.17 -18.80
N ARG B 969 59.91 -43.03 -19.52
CA ARG B 969 61.28 -43.34 -19.17
C ARG B 969 62.17 -42.11 -19.37
N GLY B 970 63.36 -42.17 -18.78
CA GLY B 970 64.23 -41.00 -18.77
C GLY B 970 63.68 -39.87 -17.94
N MET B 971 63.07 -40.18 -16.81
CA MET B 971 62.46 -39.19 -15.93
C MET B 971 63.52 -38.67 -14.96
N THR B 972 63.79 -37.38 -15.02
CA THR B 972 64.85 -36.74 -14.26
C THR B 972 64.21 -35.74 -13.27
N ASN B 973 64.96 -35.36 -12.24
CA ASN B 973 64.48 -34.36 -11.31
C ASN B 973 64.46 -32.96 -11.91
N ALA B 974 65.33 -32.68 -12.88
CA ALA B 974 65.37 -31.36 -13.49
C ALA B 974 64.08 -31.07 -14.28
N ARG B 975 63.63 -32.04 -15.08
CA ARG B 975 62.39 -31.85 -15.81
C ARG B 975 61.21 -31.68 -14.85
N ARG B 976 61.26 -32.39 -13.72
CA ARG B 976 60.16 -32.31 -12.76
C ARG B 976 60.12 -30.93 -12.09
N VAL B 977 61.27 -30.43 -11.66
CA VAL B 977 61.29 -29.12 -11.02
C VAL B 977 60.96 -28.02 -12.03
N LEU B 978 61.30 -28.22 -13.30
CA LEU B 978 60.88 -27.27 -14.33
C LEU B 978 59.38 -27.34 -14.57
N ALA B 979 58.80 -28.54 -14.56
CA ALA B 979 57.39 -28.73 -14.87
C ALA B 979 56.47 -28.33 -13.72
N LYS B 980 56.93 -28.38 -12.48
CA LYS B 980 56.06 -28.00 -11.37
C LYS B 980 55.62 -26.55 -11.44
N MET B 981 56.32 -25.71 -12.21
CA MET B 981 55.90 -24.34 -12.42
C MET B 981 55.44 -24.05 -13.84
N VAL B 982 55.91 -24.81 -14.84
CA VAL B 982 55.60 -24.57 -16.23
C VAL B 982 54.93 -25.81 -16.79
N PRO B 983 53.73 -25.71 -17.34
CA PRO B 983 53.07 -26.89 -17.93
C PRO B 983 53.77 -27.32 -19.20
N PRO B 984 54.21 -28.58 -19.28
CA PRO B 984 54.86 -29.08 -20.50
C PRO B 984 53.86 -29.31 -21.61
N ILE B 985 53.94 -28.49 -22.66
CA ILE B 985 53.02 -28.57 -23.78
C ILE B 985 53.83 -28.55 -25.08
N PRO B 986 53.59 -29.48 -26.01
CA PRO B 986 54.37 -29.47 -27.26
C PRO B 986 54.02 -28.26 -28.10
N PRO B 987 54.97 -27.73 -28.88
CA PRO B 987 54.66 -26.59 -29.75
C PRO B 987 53.99 -27.02 -31.05
N PHE B 988 54.34 -28.19 -31.58
CA PHE B 988 53.76 -28.70 -32.81
C PHE B 988 52.28 -29.07 -32.66
N LEU B 989 51.71 -28.85 -31.49
CA LEU B 989 50.29 -29.12 -31.24
C LEU B 989 49.61 -27.90 -30.63
N GLY B 990 50.23 -26.73 -30.72
CA GLY B 990 49.65 -25.50 -30.22
C GLY B 990 50.39 -24.89 -29.04
N ALA B 991 50.74 -23.61 -29.17
CA ALA B 991 51.37 -22.88 -28.07
C ALA B 991 50.30 -22.24 -27.19
N ASN B 992 50.69 -21.93 -25.96
CA ASN B 992 49.74 -21.37 -24.99
C ASN B 992 49.19 -20.04 -25.47
N HIS B 993 50.06 -19.17 -26.02
CA HIS B 993 49.59 -17.91 -26.56
C HIS B 993 48.73 -18.09 -27.80
N HIS B 994 48.94 -19.17 -28.57
CA HIS B 994 48.24 -19.37 -29.82
C HIS B 994 47.09 -20.36 -29.74
N ALA B 995 46.94 -21.07 -28.62
CA ALA B 995 45.81 -21.96 -28.44
C ALA B 995 44.62 -21.18 -27.88
N THR B 996 43.42 -21.65 -28.21
CA THR B 996 42.22 -21.02 -27.69
C THR B 996 42.17 -21.10 -26.17
N ILE B 997 42.32 -22.30 -25.63
CA ILE B 997 42.46 -22.48 -24.18
C ILE B 997 43.82 -21.99 -23.75
N ARG B 998 43.87 -21.13 -22.75
CA ARG B 998 45.09 -20.47 -22.32
C ARG B 998 45.39 -20.81 -20.87
N GLN B 999 46.46 -20.22 -20.34
CA GLN B 999 46.82 -20.44 -18.94
C GLN B 999 45.76 -19.99 -17.94
N PRO B 1000 45.12 -18.82 -18.07
CA PRO B 1000 44.21 -18.37 -17.00
C PRO B 1000 43.05 -19.32 -16.71
N VAL B 1001 42.49 -19.99 -17.72
CA VAL B 1001 41.39 -20.91 -17.44
C VAL B 1001 41.90 -22.13 -16.67
N ALA B 1002 43.11 -22.59 -16.98
CA ALA B 1002 43.71 -23.67 -16.20
C ALA B 1002 43.96 -23.24 -14.76
N TYR B 1003 44.46 -22.01 -14.57
CA TYR B 1003 44.67 -21.50 -13.21
C TYR B 1003 43.35 -21.38 -12.46
N HIS B 1004 42.29 -20.98 -13.17
CA HIS B 1004 40.97 -20.89 -12.57
C HIS B 1004 40.47 -22.26 -12.13
N VAL B 1005 40.66 -23.27 -12.97
CA VAL B 1005 40.11 -24.58 -12.66
C VAL B 1005 40.97 -25.31 -11.63
N THR B 1006 42.23 -24.92 -11.47
CA THR B 1006 43.12 -25.62 -10.54
C THR B 1006 43.22 -24.96 -9.17
N HIS B 1007 42.63 -23.77 -8.97
CA HIS B 1007 42.83 -23.04 -7.73
C HIS B 1007 41.53 -22.46 -7.15
N SER B 1008 40.38 -22.86 -7.66
CA SER B 1008 39.09 -22.37 -7.18
C SER B 1008 38.38 -23.49 -6.44
N LYS B 1009 38.02 -23.23 -5.17
CA LYS B 1009 37.34 -24.22 -4.33
C LYS B 1009 36.11 -23.56 -3.71
N SER B 1010 35.00 -23.58 -4.45
CA SER B 1010 33.71 -23.12 -3.96
C SER B 1010 32.64 -24.21 -4.03
N ASP B 1011 32.44 -24.79 -5.20
CA ASP B 1011 31.43 -25.82 -5.44
C ASP B 1011 31.75 -26.47 -6.77
N PHE B 1012 30.88 -27.37 -7.22
CA PHE B 1012 31.06 -28.10 -8.47
C PHE B 1012 30.04 -27.71 -9.53
N ASN B 1013 28.77 -27.57 -9.16
CA ASN B 1013 27.80 -27.02 -10.10
C ASN B 1013 28.15 -25.58 -10.46
N THR B 1014 28.48 -24.77 -9.45
CA THR B 1014 28.90 -23.39 -9.71
C THR B 1014 30.18 -23.35 -10.52
N LEU B 1015 31.11 -24.28 -10.26
CA LEU B 1015 32.33 -24.35 -11.05
C LEU B 1015 32.03 -24.68 -12.51
N THR B 1016 31.11 -25.64 -12.74
CA THR B 1016 30.75 -25.98 -14.11
C THR B 1016 30.10 -24.81 -14.83
N TYR B 1017 29.20 -24.10 -14.14
CA TYR B 1017 28.54 -22.96 -14.78
C TYR B 1017 29.51 -21.81 -15.03
N SER B 1018 30.47 -21.61 -14.12
CA SER B 1018 31.49 -20.59 -14.35
C SER B 1018 32.37 -20.96 -15.53
N LEU B 1019 32.74 -22.24 -15.65
CA LEU B 1019 33.52 -22.67 -16.81
C LEU B 1019 32.73 -22.47 -18.10
N LEU B 1020 31.43 -22.77 -18.07
CA LEU B 1020 30.59 -22.56 -19.25
C LEU B 1020 30.51 -21.08 -19.61
N GLY B 1021 30.31 -20.21 -18.62
CA GLY B 1021 30.24 -18.79 -18.89
C GLY B 1021 31.54 -18.22 -19.40
N GLY B 1022 32.67 -18.77 -18.95
CA GLY B 1022 33.96 -18.34 -19.49
C GLY B 1022 34.15 -18.81 -20.92
N TYR B 1023 33.40 -19.82 -21.34
CA TYR B 1023 33.53 -20.39 -22.68
C TYR B 1023 32.59 -19.66 -23.64
N PHE B 1024 32.78 -18.35 -23.72
CA PHE B 1024 32.05 -17.49 -24.64
C PHE B 1024 33.07 -16.77 -25.52
N LYS B 1025 32.77 -16.65 -26.80
CA LYS B 1025 33.64 -15.85 -27.67
C LYS B 1025 33.54 -14.38 -27.30
N PHE B 1026 34.67 -13.68 -27.47
CA PHE B 1026 34.78 -12.27 -27.14
C PHE B 1026 34.59 -11.37 -28.36
N THR B 1027 34.13 -11.94 -29.47
CA THR B 1027 33.94 -11.17 -30.69
C THR B 1027 32.82 -10.15 -30.50
N PRO B 1028 32.84 -9.05 -31.26
CA PRO B 1028 31.78 -8.03 -31.11
C PRO B 1028 30.38 -8.59 -31.33
N ILE B 1029 30.22 -9.55 -32.24
CA ILE B 1029 28.91 -10.16 -32.43
C ILE B 1029 28.50 -10.92 -31.18
N SER B 1030 29.41 -11.70 -30.61
CA SER B 1030 29.11 -12.42 -29.37
C SER B 1030 28.87 -11.44 -28.23
N LEU B 1031 29.65 -10.36 -28.17
CA LEU B 1031 29.46 -9.35 -27.13
C LEU B 1031 28.06 -8.74 -27.22
N THR B 1032 27.62 -8.41 -28.43
CA THR B 1032 26.26 -7.94 -28.62
C THR B 1032 25.25 -9.00 -28.18
N HIS B 1033 25.55 -10.26 -28.49
CA HIS B 1033 24.65 -11.35 -28.07
C HIS B 1033 24.45 -11.36 -26.57
N GLN B 1034 25.54 -11.37 -25.79
CA GLN B 1034 25.39 -11.42 -24.35
C GLN B 1034 24.78 -10.12 -23.80
N LEU B 1035 25.18 -8.97 -24.36
CA LEU B 1035 24.67 -7.70 -23.84
C LEU B 1035 23.17 -7.55 -24.08
N ARG B 1036 22.67 -8.00 -25.24
CA ARG B 1036 21.23 -8.00 -25.47
C ARG B 1036 20.56 -9.12 -24.68
N THR B 1037 21.30 -10.18 -24.36
CA THR B 1037 20.74 -11.27 -23.57
C THR B 1037 20.60 -10.88 -22.11
N GLY B 1038 21.68 -10.46 -21.48
CA GLY B 1038 21.66 -10.10 -20.07
C GLY B 1038 22.85 -10.63 -19.30
N PHE B 1039 23.69 -11.43 -19.96
CA PHE B 1039 24.88 -11.96 -19.32
C PHE B 1039 25.89 -10.84 -19.08
N HIS B 1040 26.72 -11.03 -18.05
CA HIS B 1040 27.75 -10.06 -17.68
C HIS B 1040 29.11 -10.53 -18.15
N PRO B 1041 29.69 -9.92 -19.18
CA PRO B 1041 31.06 -10.28 -19.57
C PRO B 1041 32.07 -9.76 -18.55
N GLY B 1042 33.26 -10.37 -18.59
CA GLY B 1042 34.31 -10.01 -17.65
C GLY B 1042 35.01 -8.70 -17.97
N ILE B 1043 34.24 -7.65 -18.23
CA ILE B 1043 34.80 -6.33 -18.48
C ILE B 1043 33.80 -5.30 -17.98
N ALA B 1044 34.31 -4.13 -17.59
CA ALA B 1044 33.51 -3.04 -17.08
C ALA B 1044 33.66 -1.82 -17.99
N PHE B 1045 32.95 -0.74 -17.64
CA PHE B 1045 32.98 0.50 -18.40
C PHE B 1045 32.81 1.69 -17.48
N THR B 1046 33.08 2.87 -18.04
CA THR B 1046 32.84 4.14 -17.38
C THR B 1046 32.15 5.07 -18.36
N VAL B 1047 31.42 6.05 -17.82
CA VAL B 1047 30.60 6.95 -18.61
C VAL B 1047 31.09 8.38 -18.41
N VAL B 1048 31.26 9.10 -19.51
CA VAL B 1048 31.69 10.50 -19.50
C VAL B 1048 30.68 11.33 -20.27
N ARG B 1049 30.26 12.45 -19.69
CA ARG B 1049 29.16 13.25 -20.23
C ARG B 1049 29.46 14.73 -20.08
N GLN B 1050 29.15 15.51 -21.11
CA GLN B 1050 29.22 16.97 -21.04
C GLN B 1050 27.86 17.53 -20.67
N ASP B 1051 27.85 18.41 -19.67
CA ASP B 1051 26.67 19.18 -19.29
C ASP B 1051 27.04 20.65 -19.29
N ARG B 1052 26.14 21.50 -19.79
CA ARG B 1052 26.36 22.94 -19.82
C ARG B 1052 25.42 23.61 -18.84
N PHE B 1053 25.98 24.41 -17.94
CA PHE B 1053 25.22 25.09 -16.90
C PHE B 1053 25.26 26.58 -17.13
N ALA B 1054 24.13 27.24 -16.93
CA ALA B 1054 24.12 28.70 -16.90
C ALA B 1054 24.93 29.19 -15.71
N THR B 1055 25.86 30.10 -15.97
CA THR B 1055 26.83 30.52 -14.97
C THR B 1055 26.63 31.99 -14.63
N GLU B 1056 26.47 32.28 -13.34
CA GLU B 1056 26.44 33.65 -12.86
C GLU B 1056 27.78 33.98 -12.22
N GLN B 1057 28.33 35.13 -12.60
CA GLN B 1057 29.67 35.52 -12.19
C GLN B 1057 29.61 36.66 -11.18
N LEU B 1058 30.48 36.56 -10.18
CA LEU B 1058 30.57 37.53 -9.10
C LEU B 1058 31.88 38.29 -9.26
N LEU B 1059 31.81 39.61 -9.30
CA LEU B 1059 32.98 40.41 -9.64
C LEU B 1059 33.08 41.64 -8.75
N TYR B 1060 34.20 41.75 -8.05
CA TYR B 1060 34.62 42.96 -7.34
C TYR B 1060 36.01 43.35 -7.81
N ALA B 1061 36.22 44.63 -8.11
CA ALA B 1061 37.54 45.08 -8.54
C ALA B 1061 38.18 46.06 -7.56
N GLU B 1062 37.71 47.30 -7.49
CA GLU B 1062 38.42 48.40 -6.83
C GLU B 1062 37.63 49.71 -6.88
N ARG B 1063 38.16 50.74 -6.22
CA ARG B 1063 37.73 52.10 -6.48
C ARG B 1063 38.48 52.69 -7.67
N ALA B 1064 39.80 52.83 -7.57
CA ALA B 1064 40.60 53.40 -8.65
C ALA B 1064 41.36 52.29 -9.38
N SER B 1065 40.64 51.56 -10.22
CA SER B 1065 41.25 50.47 -10.96
C SER B 1065 41.50 50.80 -12.42
N GLU B 1066 40.83 51.80 -12.99
CA GLU B 1066 40.94 52.12 -14.40
C GLU B 1066 40.91 53.62 -14.59
N SER B 1067 41.85 54.14 -15.38
CA SER B 1067 41.82 55.52 -15.83
C SER B 1067 41.27 55.54 -17.26
N TYR B 1068 40.32 56.43 -17.51
CA TYR B 1068 39.57 56.41 -18.76
C TYR B 1068 39.63 57.80 -19.38
N PHE B 1069 40.29 57.89 -20.54
CA PHE B 1069 40.43 59.16 -21.25
C PHE B 1069 39.32 59.26 -22.29
N VAL B 1070 38.82 60.47 -22.50
CA VAL B 1070 37.75 60.73 -23.47
C VAL B 1070 38.23 61.79 -24.46
N GLY B 1071 38.04 61.52 -25.74
CA GLY B 1071 38.37 62.45 -26.79
C GLY B 1071 37.23 63.40 -27.10
N GLN B 1072 37.40 64.15 -28.18
CA GLN B 1072 36.41 65.10 -28.64
C GLN B 1072 35.59 64.49 -29.78
N ILE B 1073 34.28 64.73 -29.75
CA ILE B 1073 33.38 64.14 -30.72
C ILE B 1073 33.58 64.77 -32.10
N GLN B 1074 33.63 63.92 -33.12
CA GLN B 1074 33.73 64.37 -34.51
C GLN B 1074 32.74 63.57 -35.35
N VAL B 1075 32.32 64.17 -36.46
CA VAL B 1075 31.23 63.64 -37.27
C VAL B 1075 31.71 63.45 -38.70
N HIS B 1076 31.05 62.53 -39.41
CA HIS B 1076 31.27 62.32 -40.84
C HIS B 1076 29.91 62.37 -41.53
N HIS B 1077 29.74 63.32 -42.44
CA HIS B 1077 28.53 63.38 -43.25
C HIS B 1077 28.70 62.50 -44.47
N HIS B 1078 27.88 61.45 -44.55
CA HIS B 1078 27.98 60.47 -45.61
C HIS B 1078 26.66 60.37 -46.35
N ASP B 1079 26.71 60.42 -47.68
CA ASP B 1079 25.52 60.29 -48.49
C ASP B 1079 24.91 58.90 -48.34
N ALA B 1080 23.58 58.86 -48.25
CA ALA B 1080 22.86 57.62 -48.00
C ALA B 1080 21.82 57.45 -49.10
N ILE B 1081 20.96 56.44 -48.94
CA ILE B 1081 19.99 56.11 -49.98
C ILE B 1081 18.89 57.17 -50.04
N GLY B 1082 18.15 57.33 -48.94
CA GLY B 1082 17.06 58.29 -48.91
C GLY B 1082 17.53 59.68 -48.57
N GLY B 1083 18.51 59.78 -47.68
CA GLY B 1083 19.09 61.06 -47.31
C GLY B 1083 20.59 60.97 -47.16
N VAL B 1084 21.10 61.41 -46.01
CA VAL B 1084 22.52 61.31 -45.69
C VAL B 1084 22.65 60.67 -44.31
N ASN B 1085 23.84 60.12 -44.06
CA ASN B 1085 24.12 59.45 -42.80
C ASN B 1085 25.12 60.28 -42.00
N PHE B 1086 24.74 60.65 -40.79
CA PHE B 1086 25.62 61.34 -39.86
C PHE B 1086 26.13 60.32 -38.85
N THR B 1087 27.44 60.10 -38.82
CA THR B 1087 28.07 59.17 -37.90
C THR B 1087 28.91 59.97 -36.90
N LEU B 1088 28.66 59.75 -35.62
CA LEU B 1088 29.35 60.47 -34.56
C LEU B 1088 30.49 59.62 -34.03
N THR B 1089 31.70 60.16 -34.07
CA THR B 1089 32.90 59.43 -33.70
C THR B 1089 33.68 60.22 -32.66
N GLN B 1090 34.07 59.54 -31.57
CA GLN B 1090 34.83 60.15 -30.49
C GLN B 1090 35.78 59.10 -29.94
N PRO B 1091 37.09 59.32 -29.98
CA PRO B 1091 38.04 58.33 -29.48
C PRO B 1091 38.16 58.35 -27.96
N ARG B 1092 38.66 57.24 -27.43
CA ARG B 1092 38.86 57.09 -26.00
C ARG B 1092 39.88 56.00 -25.76
N ALA B 1093 40.46 56.00 -24.56
CA ALA B 1093 41.48 55.03 -24.19
C ALA B 1093 41.34 54.65 -22.73
N HIS B 1094 41.77 53.44 -22.41
CA HIS B 1094 41.68 52.90 -21.06
C HIS B 1094 43.06 52.45 -20.60
N VAL B 1095 43.41 52.79 -19.36
CA VAL B 1095 44.69 52.42 -18.77
C VAL B 1095 44.42 51.85 -17.38
N ASP B 1096 45.02 50.69 -17.09
CA ASP B 1096 44.83 50.02 -15.82
C ASP B 1096 45.97 50.43 -14.88
N LEU B 1097 45.73 51.47 -14.09
CA LEU B 1097 46.74 51.99 -13.17
C LEU B 1097 46.67 51.26 -11.83
N GLY B 1098 46.65 49.94 -11.92
CA GLY B 1098 46.60 49.08 -10.74
C GLY B 1098 47.95 48.42 -10.49
N VAL B 1099 48.25 48.20 -9.21
CA VAL B 1099 49.55 47.62 -8.85
C VAL B 1099 49.57 46.13 -9.19
N GLY B 1100 48.63 45.37 -8.64
CA GLY B 1100 48.55 43.95 -8.90
C GLY B 1100 47.25 43.55 -9.59
N TYR B 1101 46.61 42.50 -9.09
CA TYR B 1101 45.34 42.02 -9.64
C TYR B 1101 44.22 42.84 -9.03
N THR B 1102 43.71 43.80 -9.81
CA THR B 1102 42.63 44.67 -9.30
C THR B 1102 41.31 43.94 -9.18
N ALA B 1103 40.90 43.17 -10.19
CA ALA B 1103 39.57 42.59 -10.24
C ALA B 1103 39.63 41.08 -10.10
N VAL B 1104 38.58 40.51 -9.51
CA VAL B 1104 38.42 39.07 -9.40
C VAL B 1104 36.99 38.73 -9.81
N CYS B 1105 36.84 37.77 -10.71
CA CYS B 1105 35.54 37.28 -11.16
C CYS B 1105 35.50 35.77 -11.07
N ALA B 1106 34.44 35.24 -10.43
CA ALA B 1106 34.32 33.81 -10.20
C ALA B 1106 32.89 33.36 -10.45
N THR B 1107 32.72 32.13 -10.91
CA THR B 1107 31.40 31.57 -11.14
C THR B 1107 30.68 31.39 -9.80
N ALA B 1108 29.45 31.86 -9.72
CA ALA B 1108 28.70 31.83 -8.46
C ALA B 1108 27.47 30.95 -8.51
N ALA B 1109 26.54 31.21 -9.43
CA ALA B 1109 25.22 30.61 -9.36
C ALA B 1109 24.92 29.76 -10.60
N LEU B 1110 23.91 28.91 -10.45
CA LEU B 1110 23.53 27.91 -11.45
C LEU B 1110 22.25 28.25 -12.20
N ARG B 1111 21.25 28.79 -11.50
CA ARG B 1111 19.89 29.01 -12.01
C ARG B 1111 19.40 27.84 -12.86
N CYS B 1112 18.53 28.11 -13.82
CA CYS B 1112 17.96 27.04 -14.62
C CYS B 1112 19.05 26.34 -15.43
N PRO B 1113 19.00 25.00 -15.55
CA PRO B 1113 20.01 24.28 -16.34
C PRO B 1113 19.65 24.25 -17.81
N LEU B 1114 20.52 24.83 -18.64
CA LEU B 1114 20.28 24.82 -20.08
C LEU B 1114 20.48 23.45 -20.69
N THR B 1115 21.16 22.54 -19.98
CA THR B 1115 21.42 21.21 -20.47
C THR B 1115 20.48 20.21 -19.80
N ASP B 1116 20.52 18.97 -20.29
CA ASP B 1116 19.79 17.86 -19.71
C ASP B 1116 20.80 16.81 -19.24
N MET B 1117 20.69 16.42 -17.97
CA MET B 1117 21.54 15.36 -17.44
C MET B 1117 20.84 14.00 -17.54
N GLY B 1118 20.47 13.65 -18.76
CA GLY B 1118 19.77 12.42 -19.03
C GLY B 1118 20.71 11.29 -19.42
N ASN B 1119 20.20 10.41 -20.29
CA ASN B 1119 20.90 9.20 -20.70
C ASN B 1119 20.86 9.06 -22.21
N THR B 1120 21.94 9.48 -22.88
CA THR B 1120 22.11 9.30 -24.31
C THR B 1120 23.52 8.80 -24.59
N ALA B 1121 23.62 7.59 -25.12
CA ALA B 1121 24.92 6.97 -25.33
C ALA B 1121 25.65 7.63 -26.49
N GLN B 1122 26.98 7.50 -26.50
CA GLN B 1122 27.81 8.01 -27.59
C GLN B 1122 27.99 6.93 -28.63
N ASN B 1123 27.29 7.06 -29.75
CA ASN B 1123 27.50 6.14 -30.87
C ASN B 1123 28.87 6.35 -31.49
N LEU B 1124 29.52 5.26 -31.86
CA LEU B 1124 30.80 5.31 -32.56
C LEU B 1124 30.64 5.05 -34.05
N PHE B 1125 29.43 4.71 -34.50
CA PHE B 1125 29.18 4.47 -35.92
C PHE B 1125 29.12 5.76 -36.73
N PHE B 1126 29.00 6.92 -36.08
CA PHE B 1126 29.09 8.19 -36.77
C PHE B 1126 30.49 8.44 -37.32
N SER B 1127 31.54 8.07 -36.60
CA SER B 1127 32.91 8.40 -36.96
C SER B 1127 33.41 7.45 -38.04
N ARG B 1128 34.34 7.94 -38.85
CA ARG B 1128 34.93 7.19 -39.94
C ARG B 1128 36.45 7.33 -39.90
N GLY B 1129 37.13 6.26 -40.29
CA GLY B 1129 38.59 6.27 -40.30
C GLY B 1129 39.21 4.97 -39.83
N GLY B 1130 38.48 4.22 -39.00
CA GLY B 1130 38.97 2.95 -38.53
C GLY B 1130 38.97 1.88 -39.61
N VAL B 1131 39.70 0.81 -39.34
CA VAL B 1131 39.81 -0.30 -40.28
C VAL B 1131 38.46 -1.02 -40.35
N PRO B 1132 37.91 -1.21 -41.55
CA PRO B 1132 36.61 -1.87 -41.67
C PRO B 1132 36.73 -3.38 -41.56
N MET B 1133 35.63 -4.00 -41.14
CA MET B 1133 35.54 -5.45 -41.15
C MET B 1133 35.46 -5.95 -42.59
N LEU B 1134 36.04 -7.13 -42.82
CA LEU B 1134 36.07 -7.68 -44.16
C LEU B 1134 34.68 -8.12 -44.61
N HIS B 1135 33.74 -8.24 -43.67
CA HIS B 1135 32.37 -8.65 -43.96
C HIS B 1135 31.45 -7.46 -43.79
N ASP B 1136 30.84 -7.00 -44.89
CA ASP B 1136 29.98 -5.84 -44.84
C ASP B 1136 28.69 -6.10 -44.08
N ASN B 1137 28.11 -7.30 -44.24
CA ASN B 1137 26.85 -7.62 -43.57
C ASN B 1137 27.00 -7.59 -42.05
N VAL B 1138 28.16 -7.99 -41.54
CA VAL B 1138 28.39 -7.93 -40.10
C VAL B 1138 28.32 -6.50 -39.61
N THR B 1139 29.00 -5.59 -40.29
CA THR B 1139 28.98 -4.18 -39.90
C THR B 1139 27.58 -3.59 -40.05
N GLU B 1140 26.86 -3.98 -41.10
CA GLU B 1140 25.50 -3.48 -41.28
C GLU B 1140 24.58 -3.94 -40.16
N SER B 1141 24.68 -5.21 -39.77
CA SER B 1141 23.88 -5.71 -38.67
C SER B 1141 24.25 -5.02 -37.36
N LEU B 1142 25.54 -4.77 -37.16
CA LEU B 1142 25.95 -4.07 -35.95
C LEU B 1142 25.41 -2.64 -35.93
N ARG B 1143 25.41 -1.99 -37.09
CA ARG B 1143 24.84 -0.64 -37.19
C ARG B 1143 23.34 -0.65 -36.90
N ARG B 1144 22.61 -1.64 -37.43
CA ARG B 1144 21.16 -1.68 -37.20
C ARG B 1144 20.86 -2.02 -35.74
N ILE B 1145 21.73 -2.79 -35.09
CA ILE B 1145 21.56 -3.07 -33.67
C ILE B 1145 21.83 -1.82 -32.85
N THR B 1146 22.87 -1.07 -33.20
CA THR B 1146 23.18 0.18 -32.49
C THR B 1146 22.06 1.21 -32.67
N ALA B 1147 21.49 1.29 -33.87
CA ALA B 1147 20.39 2.22 -34.10
C ALA B 1147 19.19 1.88 -33.22
N SER B 1148 18.86 0.59 -33.10
CA SER B 1148 17.80 0.18 -32.19
C SER B 1148 18.23 0.39 -30.74
N GLY B 1149 17.32 0.93 -29.94
CA GLY B 1149 17.63 1.21 -28.56
C GLY B 1149 18.54 2.40 -28.34
N GLY B 1150 18.66 3.29 -29.33
CA GLY B 1150 19.47 4.48 -29.18
C GLY B 1150 18.67 5.72 -29.50
N ARG B 1151 18.75 6.70 -28.60
CA ARG B 1151 17.96 7.91 -28.73
C ARG B 1151 18.44 8.81 -29.87
N LEU B 1152 19.72 8.76 -30.19
CA LEU B 1152 20.28 9.45 -31.35
C LEU B 1152 20.98 8.43 -32.24
N ASN B 1153 20.55 8.38 -33.50
CA ASN B 1153 21.02 7.35 -34.41
C ASN B 1153 21.22 7.97 -35.79
N PRO B 1154 22.09 7.39 -36.62
CA PRO B 1154 22.30 7.94 -37.96
C PRO B 1154 21.07 7.75 -38.85
N THR B 1155 20.96 8.62 -39.85
CA THR B 1155 19.88 8.49 -40.82
C THR B 1155 20.08 7.25 -41.69
N GLU B 1156 18.97 6.63 -42.07
CA GLU B 1156 19.05 5.44 -42.93
C GLU B 1156 19.68 5.68 -44.30
N PRO B 1157 19.39 6.78 -45.03
CA PRO B 1157 19.98 6.90 -46.38
C PRO B 1157 21.49 7.00 -46.40
N LEU B 1158 22.11 7.41 -45.27
CA LEU B 1158 23.56 7.56 -45.16
C LEU B 1158 24.10 8.49 -46.25
N PRO B 1159 23.81 9.79 -46.18
CA PRO B 1159 24.25 10.70 -47.25
C PRO B 1159 25.75 10.80 -47.33
N ILE B 1160 26.29 10.51 -48.52
CA ILE B 1160 27.73 10.62 -48.73
C ILE B 1160 28.13 12.08 -48.90
N PHE B 1161 29.43 12.34 -48.71
CA PHE B 1161 29.99 13.69 -48.73
C PHE B 1161 29.22 14.61 -47.78
N GLY B 1162 29.21 14.23 -46.52
CA GLY B 1162 28.49 14.97 -45.49
C GLY B 1162 28.81 14.41 -44.12
N GLY B 1163 28.32 15.11 -43.11
CA GLY B 1163 28.59 14.74 -41.73
C GLY B 1163 27.71 13.65 -41.16
N LEU B 1164 26.77 13.12 -41.94
CA LEU B 1164 25.83 12.10 -41.49
C LEU B 1164 25.06 12.60 -40.25
N ARG B 1165 24.31 13.67 -40.46
CA ARG B 1165 23.60 14.32 -39.36
C ARG B 1165 22.52 13.39 -38.81
N PRO B 1166 22.25 13.46 -37.50
CA PRO B 1166 21.20 12.63 -36.92
C PRO B 1166 19.83 13.01 -37.47
N ALA B 1167 18.92 12.04 -37.47
CA ALA B 1167 17.59 12.24 -38.03
C ALA B 1167 16.83 13.29 -37.22
N THR B 1168 15.97 14.03 -37.90
CA THR B 1168 15.13 15.02 -37.22
C THR B 1168 14.15 14.31 -36.28
N SER B 1169 13.72 15.05 -35.26
CA SER B 1169 12.87 14.46 -34.24
C SER B 1169 11.90 15.48 -33.66
N ALA B 1170 10.98 15.01 -32.83
CA ALA B 1170 10.03 15.89 -32.14
C ALA B 1170 10.71 16.53 -30.94
N GLY B 1171 9.93 17.18 -30.08
CA GLY B 1171 10.52 17.91 -28.97
C GLY B 1171 11.31 17.00 -28.05
N ILE B 1172 12.60 17.30 -27.90
CA ILE B 1172 13.40 16.63 -26.90
C ILE B 1172 12.94 17.09 -25.52
N ALA B 1173 12.84 16.15 -24.58
CA ALA B 1173 12.02 16.35 -23.39
C ALA B 1173 12.38 17.63 -22.64
N ARG B 1174 13.67 17.81 -22.31
CA ARG B 1174 14.02 18.93 -21.44
C ARG B 1174 15.31 19.63 -21.83
N GLY B 1175 15.65 19.69 -23.11
CA GLY B 1175 16.82 20.40 -23.58
C GLY B 1175 17.71 19.51 -24.43
N GLN B 1176 18.80 20.11 -24.91
CA GLN B 1176 19.74 19.38 -25.75
C GLN B 1176 20.35 18.22 -24.98
N ALA B 1177 20.40 17.05 -25.62
CA ALA B 1177 20.84 15.84 -24.95
C ALA B 1177 22.33 15.89 -24.61
N SER B 1178 22.68 15.21 -23.53
CA SER B 1178 24.07 15.07 -23.09
C SER B 1178 24.55 13.66 -23.41
N VAL B 1179 25.68 13.58 -24.12
CA VAL B 1179 26.15 12.31 -24.67
C VAL B 1179 26.87 11.52 -23.58
N CYS B 1180 26.94 10.20 -23.78
CA CYS B 1180 27.54 9.28 -22.81
C CYS B 1180 28.48 8.33 -23.56
N GLU B 1181 29.79 8.50 -23.35
CA GLU B 1181 30.80 7.66 -23.97
C GLU B 1181 31.26 6.60 -22.99
N PHE B 1182 31.72 5.47 -23.53
CA PHE B 1182 32.09 4.30 -22.73
C PHE B 1182 33.58 4.01 -22.88
N VAL B 1183 34.25 3.85 -21.74
CA VAL B 1183 35.67 3.47 -21.68
C VAL B 1183 35.79 2.26 -20.77
N ALA B 1184 36.49 1.23 -21.24
CA ALA B 1184 36.46 -0.08 -20.60
C ALA B 1184 37.59 -0.24 -19.58
N MET B 1185 37.35 -1.09 -18.60
CA MET B 1185 38.34 -1.48 -17.60
C MET B 1185 37.92 -2.82 -17.01
N PRO B 1186 38.81 -3.52 -16.29
CA PRO B 1186 38.43 -4.79 -15.68
C PRO B 1186 37.33 -4.63 -14.65
N VAL B 1187 36.54 -5.69 -14.49
CA VAL B 1187 35.41 -5.65 -13.56
C VAL B 1187 35.86 -5.36 -12.15
N SER B 1188 37.02 -5.86 -11.74
CA SER B 1188 37.54 -5.59 -10.41
C SER B 1188 38.51 -4.43 -10.51
N THR B 1189 38.00 -3.23 -10.28
CA THR B 1189 38.78 -2.00 -10.32
C THR B 1189 38.62 -1.31 -8.97
N ASP B 1190 39.64 -0.55 -8.57
CA ASP B 1190 39.63 0.09 -7.25
C ASP B 1190 38.45 1.04 -7.16
N LEU B 1191 37.42 0.65 -6.39
CA LEU B 1191 36.17 1.38 -6.39
C LEU B 1191 36.27 2.70 -5.64
N GLN B 1192 37.08 2.76 -4.57
CA GLN B 1192 37.24 4.01 -3.84
C GLN B 1192 37.93 5.08 -4.66
N TYR B 1193 38.57 4.69 -5.77
CA TYR B 1193 39.11 5.68 -6.71
C TYR B 1193 38.01 6.54 -7.29
N PHE B 1194 36.89 5.93 -7.66
CA PHE B 1194 35.78 6.68 -8.23
C PHE B 1194 34.92 7.39 -7.19
N ARG B 1195 35.13 7.10 -5.90
CA ARG B 1195 34.39 7.78 -4.85
C ARG B 1195 34.71 9.27 -4.78
N THR B 1196 35.93 9.67 -5.15
CA THR B 1196 36.32 11.08 -5.10
C THR B 1196 36.51 11.62 -6.51
N ALA B 1197 36.81 12.92 -6.62
CA ALA B 1197 37.06 13.54 -7.92
C ALA B 1197 38.33 12.92 -8.50
N CYS B 1198 38.16 12.08 -9.51
CA CYS B 1198 39.25 11.33 -10.11
C CYS B 1198 39.51 11.82 -11.53
N ASN B 1199 40.47 11.18 -12.19
CA ASN B 1199 40.86 11.52 -13.54
C ASN B 1199 40.14 10.62 -14.54
N PRO B 1200 39.63 11.17 -15.64
CA PRO B 1200 38.96 10.31 -16.64
C PRO B 1200 39.87 9.23 -17.20
N ARG B 1201 41.15 9.52 -17.37
CA ARG B 1201 42.09 8.50 -17.83
C ARG B 1201 42.35 7.47 -16.74
N GLY B 1202 42.49 7.91 -15.50
CA GLY B 1202 42.82 7.04 -14.38
C GLY B 1202 44.17 7.30 -13.75
N ARG B 1203 44.89 8.33 -14.19
CA ARG B 1203 46.21 8.63 -13.67
C ARG B 1203 46.34 10.12 -13.45
N ALA B 1204 47.01 10.52 -12.37
CA ALA B 1204 47.40 11.92 -12.22
C ALA B 1204 48.32 12.31 -13.37
N SER B 1205 48.06 13.47 -13.95
CA SER B 1205 48.62 13.75 -15.26
C SER B 1205 48.88 15.25 -15.40
N GLU B 1325 40.41 16.40 -14.33
CA GLU B 1325 39.61 15.57 -13.43
C GLU B 1325 38.15 15.75 -13.76
N ALA B 1326 37.43 14.63 -13.81
CA ALA B 1326 35.98 14.61 -14.04
C ALA B 1326 35.28 14.36 -12.71
N TYR B 1327 34.33 15.21 -12.37
CA TYR B 1327 33.64 15.12 -11.09
C TYR B 1327 32.57 14.04 -11.15
N PRO B 1328 32.63 13.02 -10.28
CA PRO B 1328 31.60 11.99 -10.27
C PRO B 1328 30.40 12.42 -9.43
N PRO B 1329 29.21 12.45 -10.00
CA PRO B 1329 28.01 12.77 -9.24
C PRO B 1329 27.52 11.57 -8.44
N LEU B 1330 26.45 11.79 -7.70
CA LEU B 1330 25.84 10.72 -6.91
C LEU B 1330 25.22 9.67 -7.83
N CYS B 1331 25.43 8.41 -7.49
CA CYS B 1331 24.95 7.32 -8.33
C CYS B 1331 24.84 6.05 -7.50
N SER B 1332 24.04 5.11 -8.02
CA SER B 1332 23.93 3.77 -7.46
C SER B 1332 23.83 2.77 -8.59
N SER B 1333 24.27 1.54 -8.32
CA SER B 1333 24.29 0.48 -9.32
C SER B 1333 23.02 -0.34 -9.34
N ASP B 1334 22.15 -0.21 -8.33
CA ASP B 1334 20.84 -0.83 -8.32
C ASP B 1334 19.81 0.22 -7.91
N ALA B 1335 18.54 -0.04 -8.24
CA ALA B 1335 17.49 0.91 -7.88
C ALA B 1335 17.34 1.02 -6.37
N ALA B 1336 17.69 -0.04 -5.64
CA ALA B 1336 17.50 -0.05 -4.19
C ALA B 1336 18.38 1.01 -3.51
N MET B 1337 19.69 0.99 -3.78
CA MET B 1337 20.55 1.92 -3.06
C MET B 1337 20.33 3.36 -3.50
N LEU B 1338 19.92 3.57 -4.75
CA LEU B 1338 19.66 4.94 -5.19
C LEU B 1338 18.47 5.55 -4.44
N ARG B 1339 17.40 4.77 -4.25
CA ARG B 1339 16.27 5.27 -3.48
C ARG B 1339 16.59 5.35 -2.00
N THR B 1340 17.48 4.49 -1.49
CA THR B 1340 17.87 4.62 -0.09
C THR B 1340 18.91 5.71 0.13
N ALA B 1341 19.47 6.27 -0.95
CA ALA B 1341 20.48 7.31 -0.83
C ALA B 1341 19.90 8.67 -0.53
N HIS B 1342 18.58 8.77 -0.35
CA HIS B 1342 17.97 10.05 -0.01
C HIS B 1342 18.14 10.39 1.46
N ALA B 1343 19.05 9.70 2.15
CA ALA B 1343 19.25 9.83 3.59
C ALA B 1343 17.98 9.44 4.34
N GLY B 1344 17.51 8.21 4.11
CA GLY B 1344 16.29 7.71 4.73
C GLY B 1344 16.33 7.75 6.24
N GLU B 1345 17.43 7.28 6.82
CA GLU B 1345 17.69 7.45 8.25
C GLU B 1345 18.93 8.32 8.44
N THR B 1346 18.99 9.35 7.60
CA THR B 1346 20.20 10.15 7.35
C THR B 1346 21.32 9.27 6.79
N GLY B 1347 20.94 8.05 6.41
CA GLY B 1347 21.89 7.00 6.08
C GLY B 1347 22.27 6.91 4.63
N ALA B 1348 23.54 7.14 4.34
CA ALA B 1348 24.11 6.91 3.01
C ALA B 1348 24.87 5.60 3.03
N ASP B 1349 24.43 4.66 2.20
CA ASP B 1349 25.07 3.35 2.10
C ASP B 1349 25.93 3.33 0.85
N GLU B 1350 26.92 2.45 0.83
CA GLU B 1350 27.90 2.41 -0.24
C GLU B 1350 27.88 1.09 -1.01
N VAL B 1351 27.90 -0.03 -0.31
CA VAL B 1351 27.85 -1.35 -0.92
C VAL B 1351 26.98 -2.26 -0.06
N HIS B 1352 26.11 -3.04 -0.71
CA HIS B 1352 25.33 -4.03 0.03
C HIS B 1352 26.02 -5.39 0.03
N LEU B 1353 26.15 -6.02 -1.14
CA LEU B 1353 26.99 -7.22 -1.27
C LEU B 1353 28.08 -7.03 -2.31
N ALA B 1354 27.73 -6.68 -3.55
CA ALA B 1354 28.72 -6.42 -4.60
C ALA B 1354 28.40 -5.19 -5.44
N GLN B 1355 27.14 -4.77 -5.54
CA GLN B 1355 26.80 -3.54 -6.21
C GLN B 1355 27.19 -2.36 -5.32
N TYR B 1356 27.22 -1.16 -5.91
CA TYR B 1356 27.88 -0.05 -5.25
C TYR B 1356 27.00 1.19 -5.30
N LEU B 1357 27.26 2.09 -4.35
CA LEU B 1357 26.66 3.43 -4.35
C LEU B 1357 27.82 4.42 -4.22
N ILE B 1358 28.08 5.18 -5.27
CA ILE B 1358 29.09 6.22 -5.24
C ILE B 1358 28.40 7.55 -4.99
N ARG B 1359 28.80 8.24 -3.93
CA ARG B 1359 28.15 9.50 -3.56
C ARG B 1359 28.50 10.61 -4.55
N ASP B 1360 27.98 11.79 -4.27
CA ASP B 1360 28.24 12.94 -5.12
C ASP B 1360 29.59 13.56 -4.77
N ALA B 1361 30.46 13.66 -5.78
CA ALA B 1361 31.67 14.45 -5.70
C ALA B 1361 31.66 15.60 -6.70
N SER B 1362 30.62 15.68 -7.53
CA SER B 1362 30.46 16.79 -8.45
C SER B 1362 30.11 18.06 -7.69
N PRO B 1363 30.36 19.23 -8.27
CA PRO B 1363 30.03 20.49 -7.58
C PRO B 1363 28.56 20.64 -7.21
N LEU B 1364 27.71 19.69 -7.61
CA LEU B 1364 26.27 19.78 -7.36
C LEU B 1364 25.93 19.10 -6.03
N ARG B 1365 26.64 19.52 -4.97
CA ARG B 1365 26.39 18.96 -3.65
C ARG B 1365 25.05 19.43 -3.10
N GLY B 1366 24.89 20.74 -2.92
CA GLY B 1366 23.70 21.29 -2.30
C GLY B 1366 22.71 21.88 -3.28
N CYS B 1367 22.72 21.39 -4.51
CA CYS B 1367 21.81 21.85 -5.55
C CYS B 1367 20.91 20.69 -6.00
N LEU B 1368 20.09 20.96 -7.01
CA LEU B 1368 19.24 19.98 -7.66
C LEU B 1368 18.39 19.21 -6.65
N PRO B 1369 17.37 19.85 -6.08
CA PRO B 1369 16.55 19.15 -5.07
C PRO B 1369 15.90 17.90 -5.64
N LEU B 1370 15.85 16.86 -4.82
CA LEU B 1370 15.37 15.55 -5.25
C LEU B 1370 13.85 15.47 -5.17
N ILE C 1 72.05 71.41 4.08
CA ILE C 1 70.94 71.87 3.25
C ILE C 1 70.05 72.81 4.04
N PRO C 2 69.85 74.05 3.58
CA PRO C 2 68.77 74.88 4.11
C PRO C 2 67.42 74.37 3.59
N ALA C 3 66.65 73.74 4.46
CA ALA C 3 65.43 73.09 4.02
C ALA C 3 64.35 74.11 3.69
N GLY C 4 63.87 74.85 4.69
CA GLY C 4 62.92 75.91 4.47
C GLY C 4 61.64 75.48 3.78
N ILE C 5 61.26 74.22 3.91
CA ILE C 5 60.09 73.66 3.25
C ILE C 5 59.31 72.86 4.29
N ILE C 6 58.05 72.55 3.96
CA ILE C 6 57.28 71.69 4.86
C ILE C 6 57.93 70.31 4.90
N PRO C 7 57.99 69.65 6.05
CA PRO C 7 58.64 68.34 6.11
C PRO C 7 57.78 67.26 5.48
N THR C 8 57.67 67.30 4.14
CA THR C 8 56.90 66.33 3.37
C THR C 8 55.46 66.27 3.88
N GLY C 9 55.17 65.33 4.77
CA GLY C 9 53.82 65.13 5.25
C GLY C 9 52.93 64.46 4.23
N ASN C 10 53.18 63.17 3.97
CA ASN C 10 52.41 62.37 3.02
C ASN C 10 52.48 62.99 1.62
N VAL C 11 53.70 62.95 1.08
CA VAL C 11 54.00 63.51 -0.25
C VAL C 11 53.02 62.99 -1.29
N LEU C 12 52.37 63.91 -2.00
CA LEU C 12 51.51 63.57 -3.12
C LEU C 12 52.34 63.72 -4.41
N SER C 13 52.89 62.62 -4.88
CA SER C 13 53.65 62.65 -6.12
C SER C 13 52.71 62.86 -7.30
N THR C 14 53.27 63.32 -8.42
CA THR C 14 52.50 63.68 -9.59
C THR C 14 52.64 62.63 -10.67
N ILE C 15 51.51 62.21 -11.23
CA ILE C 15 51.51 61.36 -12.42
C ILE C 15 51.78 62.25 -13.62
N GLU C 16 52.76 61.86 -14.43
CA GLU C 16 53.09 62.57 -15.66
C GLU C 16 52.76 61.69 -16.84
N VAL C 17 51.92 62.21 -17.74
CA VAL C 17 51.59 61.52 -18.99
C VAL C 17 52.49 62.07 -20.09
N CYS C 18 53.16 61.17 -20.80
CA CYS C 18 54.15 61.54 -21.79
C CYS C 18 53.57 61.38 -23.18
N ILE C 19 53.69 62.43 -23.99
CA ILE C 19 53.18 62.44 -25.35
C ILE C 19 54.36 62.34 -26.30
N PHE C 20 54.28 61.42 -27.27
CA PHE C 20 55.35 61.21 -28.24
C PHE C 20 54.95 61.87 -29.56
N PHE C 21 55.83 62.74 -30.05
CA PHE C 21 55.62 63.39 -31.34
C PHE C 21 56.94 63.63 -32.05
N ARG C 57 51.83 56.44 11.53
CA ARG C 57 52.40 56.96 12.77
C ARG C 57 52.04 56.00 13.91
N PHE C 58 52.74 56.16 15.03
CA PHE C 58 52.57 55.27 16.16
C PHE C 58 51.39 55.64 17.04
N LEU C 59 51.24 56.91 17.40
CA LEU C 59 50.17 57.31 18.30
C LEU C 59 48.80 57.18 17.64
N GLU C 60 48.66 57.62 16.39
CA GLU C 60 47.39 57.47 15.70
C GLU C 60 47.04 56.00 15.50
N LEU C 61 48.06 55.15 15.39
CA LEU C 61 47.82 53.71 15.41
C LEU C 61 47.21 53.29 16.73
N GLY C 62 46.16 52.47 16.65
CA GLY C 62 45.40 52.10 17.82
C GLY C 62 46.19 51.32 18.86
N LEU C 63 47.11 50.46 18.42
CA LEU C 63 47.85 49.61 19.34
C LEU C 63 48.68 50.40 20.36
N SER C 64 48.95 51.67 20.10
CA SER C 64 49.71 52.48 21.05
C SER C 64 48.95 52.69 22.35
N VAL C 65 47.66 52.36 22.38
CA VAL C 65 46.87 52.48 23.60
C VAL C 65 47.39 51.58 24.71
N ALA C 66 48.22 50.59 24.37
CA ALA C 66 48.79 49.69 25.35
C ALA C 66 50.13 50.17 25.89
N CYS C 67 50.58 51.36 25.49
CA CYS C 67 51.84 51.91 25.97
C CYS C 67 51.63 53.37 26.36
N ILE C 68 52.47 53.84 27.26
CA ILE C 68 52.46 55.23 27.70
C ILE C 68 53.76 55.85 27.23
N CYS C 69 53.71 56.51 26.08
CA CYS C 69 54.90 57.14 25.51
C CYS C 69 55.23 58.43 26.27
N THR C 70 56.47 58.52 26.74
CA THR C 70 56.93 59.70 27.46
C THR C 70 58.31 60.09 26.96
N LYS C 71 58.51 61.39 26.81
CA LYS C 71 59.78 61.92 26.33
C LYS C 71 60.85 61.82 27.42
N PHE C 72 62.05 61.48 27.00
CA PHE C 72 63.19 61.35 27.92
C PHE C 72 64.47 61.60 27.14
N PRO C 73 64.72 62.86 26.76
CA PRO C 73 65.92 63.15 25.95
C PRO C 73 67.22 62.78 26.63
N GLU C 74 67.31 62.93 27.94
CA GLU C 74 68.54 62.63 28.68
C GLU C 74 68.63 61.13 29.00
N LEU C 75 68.67 60.31 27.97
CA LEU C 75 68.65 58.86 28.15
C LEU C 75 69.88 58.15 27.59
N ALA C 76 70.50 58.69 26.54
CA ALA C 76 71.68 58.05 25.98
C ALA C 76 72.83 57.99 26.99
N TYR C 77 72.84 58.86 27.99
CA TYR C 77 73.87 58.87 29.01
C TYR C 77 73.49 58.03 30.23
N VAL C 78 72.38 57.32 30.18
CA VAL C 78 71.91 56.53 31.32
C VAL C 78 72.87 55.37 31.56
N ARG C 79 73.25 55.19 32.81
CA ARG C 79 74.24 54.20 33.24
C ARG C 79 73.61 52.86 33.57
N ASP C 80 72.10 54.70 36.08
CA ASP C 80 71.10 53.71 35.73
C ASP C 80 69.73 54.14 36.25
N GLY C 81 68.68 53.41 35.90
CA GLY C 81 67.31 53.81 36.20
C GLY C 81 66.51 52.72 36.87
N VAL C 82 65.72 53.11 37.88
CA VAL C 82 64.74 52.26 38.53
C VAL C 82 63.52 53.10 38.86
N ILE C 83 62.37 52.44 38.90
CA ILE C 83 61.10 53.06 39.29
C ILE C 83 60.47 52.21 40.38
N GLN C 84 59.73 52.87 41.26
CA GLN C 84 59.17 52.21 42.44
C GLN C 84 57.71 52.59 42.61
N PHE C 85 56.92 51.64 43.12
CA PHE C 85 55.50 51.80 43.34
C PHE C 85 55.19 51.59 44.82
N GLU C 86 53.98 51.97 45.23
CA GLU C 86 53.55 51.89 46.62
C GLU C 86 52.23 51.13 46.74
N VAL C 87 52.15 49.96 46.11
CA VAL C 87 50.94 49.15 46.18
C VAL C 87 50.74 48.67 47.62
N GLN C 88 49.49 48.74 48.08
CA GLN C 88 49.12 48.29 49.42
C GLN C 88 47.94 47.34 49.34
N GLN C 89 47.78 46.52 50.37
CA GLN C 89 46.72 45.52 50.37
C GLN C 89 45.46 46.09 51.02
N PRO C 90 44.37 46.27 50.28
CA PRO C 90 43.12 46.69 50.93
C PRO C 90 42.64 45.65 51.92
N MET C 91 42.06 46.13 53.02
CA MET C 91 41.60 45.27 54.10
C MET C 91 40.10 45.43 54.29
N ILE C 92 39.44 44.34 54.68
CA ILE C 92 38.03 44.39 55.02
C ILE C 92 37.90 44.75 56.49
N ALA C 93 36.83 45.48 56.83
CA ALA C 93 36.63 45.93 58.20
C ALA C 93 35.70 44.96 58.92
N ARG C 94 36.28 43.90 59.47
CA ARG C 94 35.55 42.99 60.33
C ARG C 94 35.08 43.80 61.53
N ASP C 95 33.78 43.69 61.85
CA ASP C 95 33.17 44.64 62.76
C ASP C 95 33.58 44.44 64.20
N GLY C 96 33.65 43.18 64.65
CA GLY C 96 33.99 42.91 66.03
C GLY C 96 35.45 43.19 66.34
N PRO C 97 35.73 43.58 67.58
CA PRO C 97 37.11 43.92 67.95
C PRO C 97 38.00 42.71 68.20
N HIS C 98 38.94 42.46 67.29
CA HIS C 98 39.94 41.39 67.43
C HIS C 98 41.31 42.00 67.12
N PRO C 99 42.27 41.89 68.04
CA PRO C 99 43.55 42.60 67.86
C PRO C 99 44.60 41.77 67.13
N VAL C 100 44.39 41.46 65.86
CA VAL C 100 45.41 40.75 65.09
C VAL C 100 45.63 41.44 63.74
N ASP C 101 44.70 42.32 63.37
CA ASP C 101 44.78 42.99 62.08
C ASP C 101 45.85 44.07 62.08
N GLN C 102 46.52 44.23 60.94
CA GLN C 102 47.51 45.28 60.75
C GLN C 102 47.67 45.57 59.26
N PRO C 103 47.86 46.84 58.89
CA PRO C 103 48.13 47.17 57.49
C PRO C 103 49.46 46.58 57.03
N VAL C 104 49.52 46.29 55.73
CA VAL C 104 50.72 45.76 55.09
C VAL C 104 50.92 46.50 53.78
N HIS C 105 52.18 46.77 53.45
CA HIS C 105 52.54 47.53 52.27
C HIS C 105 53.52 46.76 51.40
N ASN C 106 53.46 46.98 50.10
CA ASN C 106 54.36 46.33 49.16
C ASN C 106 55.01 47.36 48.24
N TYR C 107 56.34 47.28 48.16
CA TYR C 107 57.13 48.24 47.37
C TYR C 107 57.86 47.47 46.28
N MET C 108 57.34 47.53 45.06
CA MET C 108 57.96 46.88 43.92
C MET C 108 58.83 47.88 43.17
N VAL C 109 60.00 47.42 42.73
CA VAL C 109 60.94 48.23 41.95
C VAL C 109 61.26 47.49 40.67
N LYS C 110 61.43 48.25 39.59
CA LYS C 110 61.52 47.68 38.25
C LYS C 110 62.86 47.98 37.60
N ARG C 111 63.32 47.06 36.75
CA ARG C 111 64.46 47.27 35.88
C ARG C 111 63.97 47.87 34.56
N ILE C 112 64.71 48.85 34.04
CA ILE C 112 64.19 49.70 32.97
C ILE C 112 64.49 49.12 31.58
N HIS C 113 65.41 48.15 31.50
CA HIS C 113 65.78 47.54 30.24
C HIS C 113 66.37 48.59 29.30
N LYS C 114 66.72 48.21 28.07
CA LYS C 114 67.29 49.17 27.13
C LYS C 114 67.21 48.70 25.68
N ARG C 115 66.74 49.57 24.80
CA ARG C 115 66.67 49.32 23.36
C ARG C 115 67.38 50.45 22.62
N SER C 116 67.25 50.46 21.29
CA SER C 116 67.87 51.48 20.46
C SER C 116 67.19 51.50 19.10
N LEU C 117 67.77 52.26 18.17
CA LEU C 117 67.26 52.35 16.80
C LEU C 117 68.46 52.51 15.87
N SER C 118 68.29 52.09 14.61
CA SER C 118 69.29 52.28 13.57
C SER C 118 68.67 52.01 12.20
N ALA C 119 69.13 52.76 11.20
CA ALA C 119 68.64 52.60 9.85
C ALA C 119 69.70 53.06 8.87
N ALA C 120 69.56 52.63 7.61
CA ALA C 120 70.49 52.96 6.55
C ALA C 120 69.93 54.04 5.65
N PHE C 121 70.80 54.95 5.23
CA PHE C 121 70.40 56.07 4.38
C PHE C 121 71.62 56.54 3.61
N ALA C 122 71.68 56.21 2.33
CA ALA C 122 72.83 56.50 1.49
C ALA C 122 72.64 57.81 0.73
N ILE C 123 73.76 58.43 0.36
CA ILE C 123 73.76 59.70 -0.36
C ILE C 123 74.76 59.59 -1.52
N ALA C 124 74.38 60.12 -2.67
CA ALA C 124 75.27 60.16 -3.82
C ALA C 124 76.15 61.41 -3.79
N SER C 125 77.30 61.31 -4.45
CA SER C 125 78.25 62.42 -4.45
C SER C 125 77.72 63.62 -5.22
N GLU C 126 76.97 63.37 -6.30
CA GLU C 126 76.39 64.47 -7.07
C GLU C 126 75.39 65.24 -6.22
N ALA C 127 74.62 64.54 -5.39
CA ALA C 127 73.70 65.23 -4.48
C ALA C 127 74.46 66.14 -3.54
N LEU C 128 75.60 65.68 -3.01
CA LEU C 128 76.40 66.51 -2.13
C LEU C 128 76.99 67.70 -2.87
N SER C 129 77.38 67.50 -4.13
CA SER C 129 77.97 68.59 -4.92
C SER C 129 76.94 69.68 -5.18
N LEU C 130 75.72 69.30 -5.60
CA LEU C 130 74.66 70.29 -5.78
C LEU C 130 74.24 70.89 -4.44
N LEU C 131 74.35 70.10 -3.37
CA LEU C 131 74.15 70.60 -2.01
C LEU C 131 75.09 71.75 -1.71
N SER C 132 76.36 71.61 -2.08
CA SER C 132 77.37 72.61 -1.73
C SER C 132 77.03 73.98 -2.32
N ASN C 133 76.58 74.02 -3.58
CA ASN C 133 76.19 75.30 -4.17
C ASN C 133 74.91 75.83 -3.55
N THR C 134 73.98 74.94 -3.20
CA THR C 134 72.72 75.39 -2.61
C THR C 134 72.92 75.89 -1.18
N TYR C 135 73.90 75.34 -0.46
CA TYR C 135 74.21 75.85 0.88
C TYR C 135 74.69 77.29 0.82
N VAL C 136 75.22 77.73 -0.31
CA VAL C 136 75.67 79.11 -0.51
C VAL C 136 74.80 79.74 -1.59
N ALA C 137 73.51 79.37 -1.60
CA ALA C 137 72.58 79.81 -2.63
C ALA C 137 72.72 81.29 -2.94
N ALA C 138 72.94 81.59 -4.21
CA ALA C 138 73.21 82.94 -4.69
C ALA C 138 72.66 83.07 -6.10
N THR C 139 73.12 84.09 -6.83
CA THR C 139 72.70 84.26 -8.21
C THR C 139 72.98 83.01 -9.05
N GLU C 140 74.08 82.32 -8.76
CA GLU C 140 74.42 81.08 -9.45
C GLU C 140 73.62 79.93 -8.84
N ILE C 141 74.00 78.69 -9.20
CA ILE C 141 73.39 77.48 -8.67
C ILE C 141 71.95 77.36 -9.16
N ASP C 142 71.73 76.53 -10.17
CA ASP C 142 70.42 76.33 -10.79
C ASP C 142 69.35 76.00 -9.77
N SER C 143 68.35 76.89 -9.66
CA SER C 143 67.31 76.72 -8.64
C SER C 143 66.48 75.48 -8.92
N SER C 144 66.17 75.21 -10.19
CA SER C 144 65.34 74.05 -10.52
C SER C 144 66.03 72.75 -10.12
N LEU C 145 67.31 72.62 -10.48
CA LEU C 145 68.05 71.41 -10.11
C LEU C 145 68.22 71.30 -8.61
N ARG C 146 68.48 72.43 -7.94
CA ARG C 146 68.63 72.42 -6.50
C ARG C 146 67.36 71.95 -5.81
N ILE C 147 66.20 72.48 -6.25
CA ILE C 147 64.94 72.09 -5.63
C ILE C 147 64.61 70.63 -5.96
N ARG C 148 64.94 70.17 -7.17
CA ARG C 148 64.75 68.77 -7.50
C ARG C 148 65.55 67.86 -6.57
N ALA C 149 66.83 68.18 -6.37
CA ALA C 149 67.69 67.36 -5.53
C ALA C 149 67.23 67.38 -4.08
N ILE C 150 66.89 68.57 -3.56
CA ILE C 150 66.46 68.66 -2.17
C ILE C 150 65.14 67.94 -1.97
N GLN C 151 64.25 68.00 -2.97
CA GLN C 151 62.98 67.30 -2.88
C GLN C 151 63.19 65.79 -2.83
N GLN C 152 64.06 65.28 -3.71
CA GLN C 152 64.31 63.84 -3.72
C GLN C 152 64.95 63.39 -2.41
N MET C 153 65.94 64.14 -1.92
CA MET C 153 66.62 63.78 -0.69
C MET C 153 65.67 63.83 0.49
N ALA C 154 64.79 64.85 0.54
CA ALA C 154 63.81 64.94 1.61
C ALA C 154 62.81 63.79 1.55
N ARG C 155 62.40 63.40 0.35
CA ARG C 155 61.55 62.21 0.21
C ARG C 155 62.21 60.99 0.85
N ASN C 156 63.45 60.72 0.46
CA ASN C 156 64.14 59.54 1.01
C ASN C 156 64.34 59.66 2.52
N LEU C 157 64.71 60.85 2.99
CA LEU C 157 64.96 61.07 4.42
C LEU C 157 63.68 60.85 5.22
N ARG C 158 62.55 61.32 4.71
CA ARG C 158 61.31 61.14 5.46
C ARG C 158 60.82 59.69 5.40
N THR C 159 61.08 58.98 4.29
CA THR C 159 60.79 57.56 4.28
C THR C 159 61.58 56.83 5.36
N VAL C 160 62.89 57.04 5.41
CA VAL C 160 63.70 56.32 6.39
C VAL C 160 63.37 56.79 7.81
N SER C 161 62.91 58.04 7.97
CA SER C 161 62.52 58.52 9.29
C SER C 161 61.22 57.86 9.76
N ASP C 162 60.20 57.83 8.89
CA ASP C 162 58.95 57.17 9.25
C ASP C 162 59.14 55.68 9.43
N SER C 163 60.20 55.10 8.86
CA SER C 163 60.52 53.71 9.16
C SER C 163 60.69 53.49 10.66
N PHE C 164 61.22 54.48 11.39
CA PHE C 164 61.41 54.34 12.82
C PHE C 164 60.07 54.13 13.55
N GLU C 165 59.10 55.01 13.28
CA GLU C 165 57.79 54.87 13.87
C GLU C 165 57.10 53.60 13.40
N ARG C 166 57.40 53.17 12.17
CA ARG C 166 56.86 51.92 11.67
C ARG C 166 57.39 50.73 12.46
N GLY C 167 58.67 50.75 12.82
CA GLY C 167 59.29 49.65 13.55
C GLY C 167 59.07 49.67 15.05
N THR C 168 58.70 50.84 15.57
CA THR C 168 58.38 50.92 17.00
C THR C 168 57.22 50.01 17.35
N ALA C 169 56.17 50.03 16.52
CA ALA C 169 55.03 49.13 16.74
C ALA C 169 55.46 47.67 16.65
N ASP C 170 56.31 47.35 15.68
CA ASP C 170 56.84 45.99 15.56
C ASP C 170 57.51 45.55 16.85
N GLN C 171 58.44 46.37 17.36
CA GLN C 171 59.18 45.98 18.55
C GLN C 171 58.26 45.85 19.76
N LEU C 172 57.30 46.76 19.89
CA LEU C 172 56.41 46.72 21.04
C LEU C 172 55.49 45.49 20.98
N LEU C 173 54.92 45.20 19.82
CA LEU C 173 54.09 44.00 19.72
C LEU C 173 54.91 42.75 19.97
N GLY C 174 56.18 42.75 19.54
CA GLY C 174 57.04 41.62 19.82
C GLY C 174 57.28 41.43 21.31
N VAL C 175 57.53 42.53 22.03
CA VAL C 175 57.82 42.39 23.45
C VAL C 175 56.58 41.98 24.23
N LEU C 176 55.40 42.50 23.86
CA LEU C 176 54.18 42.01 24.51
C LEU C 176 53.90 40.55 24.16
N LEU C 177 54.17 40.13 22.92
CA LEU C 177 54.03 38.72 22.59
C LEU C 177 54.96 37.86 23.42
N GLU C 178 56.16 38.35 23.70
CA GLU C 178 57.09 37.67 24.59
C GLU C 178 56.75 37.86 26.05
N LYS C 179 55.74 38.67 26.35
CA LYS C 179 55.35 39.01 27.72
C LYS C 179 53.95 38.46 28.03
N ALA C 180 53.70 37.20 27.64
CA ALA C 180 52.37 36.64 27.87
C ALA C 180 52.40 35.13 28.03
N PRO C 181 51.67 34.59 29.01
CA PRO C 181 51.48 33.14 29.08
C PRO C 181 50.22 32.72 28.36
N PRO C 182 50.06 31.42 28.09
CA PRO C 182 48.84 30.97 27.40
C PRO C 182 47.62 31.03 28.31
N LEU C 183 46.45 31.17 27.67
CA LEU C 183 45.19 31.14 28.40
C LEU C 183 44.99 29.80 29.10
N SER C 184 45.27 28.71 28.38
CA SER C 184 44.99 27.38 28.91
C SER C 184 45.87 27.03 30.09
N LEU C 185 46.91 27.82 30.35
CA LEU C 185 47.79 27.61 31.49
C LEU C 185 47.60 28.65 32.58
N LEU C 186 47.00 29.79 32.27
CA LEU C 186 46.78 30.80 33.31
C LEU C 186 45.37 30.70 33.90
N SER C 187 44.36 30.53 33.06
CA SER C 187 42.98 30.52 33.55
C SER C 187 42.70 29.43 34.58
N PRO C 188 43.15 28.17 34.41
CA PRO C 188 42.88 27.17 35.45
C PRO C 188 43.41 27.52 36.83
N ILE C 189 44.62 28.07 36.92
CA ILE C 189 45.11 28.56 38.22
C ILE C 189 44.32 29.78 38.67
N ASN C 190 43.98 30.65 37.71
CA ASN C 190 43.21 31.84 38.05
C ASN C 190 41.87 31.50 38.67
N LYS C 191 41.29 30.34 38.32
CA LYS C 191 40.01 29.95 38.89
C LYS C 191 40.16 28.97 40.04
N PHE C 192 41.05 27.99 39.91
CA PHE C 192 41.16 26.90 40.89
C PHE C 192 42.29 27.21 41.86
N GLN C 193 42.10 28.29 42.61
CA GLN C 193 42.99 28.61 43.72
C GLN C 193 42.31 29.62 44.64
N PRO C 194 41.44 29.17 45.55
CA PRO C 194 40.74 30.12 46.42
C PRO C 194 41.67 30.94 47.31
N GLU C 195 42.59 30.30 48.01
CA GLU C 195 43.51 31.03 48.88
C GLU C 195 44.98 30.76 48.57
N GLY C 196 45.33 29.54 48.17
CA GLY C 196 46.69 29.19 47.84
C GLY C 196 47.23 28.13 48.77
N HIS C 197 48.37 27.55 48.36
CA HIS C 197 49.02 26.47 49.10
C HIS C 197 48.04 25.35 49.43
N LEU C 198 47.37 24.85 48.38
CA LEU C 198 46.36 23.81 48.52
C LEU C 198 46.96 22.41 48.55
N ASN C 199 48.23 22.29 48.90
CA ASN C 199 48.97 21.03 49.08
C ASN C 199 48.88 20.11 47.87
N ARG C 200 49.25 18.83 48.07
CA ARG C 200 49.48 17.92 46.96
C ARG C 200 48.19 17.55 46.23
N VAL C 201 47.14 17.18 46.98
CA VAL C 201 45.94 16.62 46.35
C VAL C 201 45.27 17.68 45.46
N ALA C 202 45.12 18.91 45.96
CA ALA C 202 44.50 19.95 45.17
C ALA C 202 45.43 20.48 44.09
N ARG C 203 46.76 20.40 44.29
CA ARG C 203 47.66 20.73 43.20
C ARG C 203 47.52 19.74 42.06
N ALA C 204 47.31 18.46 42.38
CA ALA C 204 47.07 17.47 41.32
C ALA C 204 45.69 17.66 40.69
N ALA C 205 44.70 18.09 41.47
CA ALA C 205 43.41 18.45 40.87
C ALA C 205 43.56 19.60 39.89
N LEU C 206 44.33 20.62 40.28
CA LEU C 206 44.65 21.72 39.37
C LEU C 206 45.39 21.21 38.13
N LEU C 207 46.30 20.25 38.34
CA LEU C 207 47.04 19.64 37.24
C LEU C 207 46.10 18.98 36.24
N SER C 208 45.12 18.24 36.75
CA SER C 208 44.13 17.61 35.88
C SER C 208 43.25 18.65 35.19
N ASP C 209 42.96 19.76 35.88
CA ASP C 209 42.22 20.85 35.25
C ASP C 209 43.01 21.43 34.08
N LEU C 210 44.31 21.63 34.27
CA LEU C 210 45.17 22.05 33.16
C LEU C 210 45.19 21.01 32.05
N LYS C 211 45.24 19.73 32.42
CA LYS C 211 45.21 18.65 31.45
C LYS C 211 44.00 18.78 30.54
N ARG C 212 42.81 18.91 31.14
CA ARG C 212 41.59 18.97 30.35
C ARG C 212 41.49 20.27 29.56
N ARG C 213 41.90 21.39 30.17
CA ARG C 213 41.84 22.67 29.45
C ARG C 213 42.76 22.64 28.24
N VAL C 214 43.94 22.05 28.36
CA VAL C 214 44.83 21.90 27.22
C VAL C 214 44.21 20.98 26.18
N CYS C 215 43.73 19.81 26.62
CA CYS C 215 43.14 18.85 25.67
C CYS C 215 41.92 19.43 24.97
N ALA C 216 41.32 20.47 25.51
CA ALA C 216 40.11 21.04 24.92
C ALA C 216 40.39 22.17 23.93
N ASP C 217 41.41 23.00 24.16
CA ASP C 217 41.58 24.23 23.36
C ASP C 217 43.05 24.44 22.94
N MET C 218 43.34 24.17 21.68
CA MET C 218 44.39 24.85 20.92
C MET C 218 43.90 25.44 19.61
N PHE C 219 42.96 24.77 18.95
CA PHE C 219 42.39 25.22 17.68
C PHE C 219 40.88 25.37 17.81
N PHE C 220 40.43 25.98 18.90
CA PHE C 220 39.01 26.08 19.18
C PHE C 220 38.25 26.89 18.13
N MET C 221 38.85 27.97 17.62
CA MET C 221 38.12 28.84 16.71
C MET C 221 37.75 28.11 15.43
N THR C 222 38.66 27.32 14.88
CA THR C 222 38.36 26.46 13.75
C THR C 222 37.67 25.17 14.16
N ARG C 223 37.60 24.89 15.46
CA ARG C 223 36.88 23.71 15.93
C ARG C 223 35.38 23.96 15.99
N HIS C 224 34.95 24.86 16.87
CA HIS C 224 33.55 25.25 16.98
C HIS C 224 33.30 26.50 16.14
N ALA C 225 33.61 26.40 14.85
CA ALA C 225 33.40 27.51 13.94
C ALA C 225 31.92 27.77 13.69
N ARG C 226 31.07 26.76 13.85
CA ARG C 226 29.64 26.90 13.67
C ARG C 226 28.89 27.22 14.97
N GLU C 227 29.61 27.44 16.07
CA GLU C 227 29.01 27.73 17.36
C GLU C 227 29.46 29.11 17.80
N PRO C 228 28.72 30.16 17.43
CA PRO C 228 29.13 31.52 17.80
C PRO C 228 29.19 31.76 19.29
N ARG C 229 28.35 31.09 20.09
CA ARG C 229 28.29 31.37 21.51
C ARG C 229 29.58 30.97 22.22
N LEU C 230 30.17 29.84 21.83
CA LEU C 230 31.38 29.36 22.49
C LEU C 230 32.55 30.34 22.33
N ILE C 231 32.69 30.93 21.14
CA ILE C 231 33.78 31.86 20.90
C ILE C 231 33.64 33.09 21.78
N SER C 232 32.41 33.61 21.89
CA SER C 232 32.18 34.74 22.78
C SER C 232 32.48 34.40 24.23
N ALA C 233 32.13 33.20 24.67
CA ALA C 233 32.45 32.79 26.03
C ALA C 233 33.96 32.71 26.24
N TYR C 234 34.69 32.17 25.26
CA TYR C 234 36.15 32.09 25.38
C TYR C 234 36.80 33.47 25.43
N LEU C 235 36.34 34.40 24.58
CA LEU C 235 36.88 35.76 24.64
C LEU C 235 36.53 36.45 25.94
N SER C 236 35.31 36.23 26.45
CA SER C 236 34.93 36.80 27.74
C SER C 236 35.82 36.27 28.86
N ASP C 237 36.10 34.96 28.84
CA ASP C 237 37.01 34.39 29.82
C ASP C 237 38.42 34.96 29.66
N MET C 238 38.87 35.14 28.42
CA MET C 238 40.20 35.69 28.17
C MET C 238 40.33 37.09 28.73
N VAL C 239 39.39 37.98 28.41
CA VAL C 239 39.49 39.36 28.82
C VAL C 239 39.32 39.48 30.34
N SER C 240 38.45 38.68 30.93
CA SER C 240 38.25 38.66 32.37
C SER C 240 39.08 37.57 33.03
N CYS C 241 40.39 37.56 32.75
CA CYS C 241 41.30 36.62 33.41
C CYS C 241 42.58 37.29 33.88
N THR C 242 42.85 38.51 33.48
CA THR C 242 44.04 39.23 33.90
C THR C 242 43.65 40.43 34.76
N GLN C 243 44.39 40.63 35.83
CA GLN C 243 44.13 41.76 36.71
C GLN C 243 44.58 43.06 36.03
N PRO C 244 43.88 44.16 36.24
CA PRO C 244 44.27 45.42 35.58
C PRO C 244 45.57 45.98 36.13
N SER C 245 46.00 47.13 35.61
CA SER C 245 47.24 47.75 36.02
C SER C 245 46.95 49.08 36.69
N VAL C 246 48.00 49.83 36.98
CA VAL C 246 47.85 51.12 37.65
C VAL C 246 47.01 52.06 36.78
N MET C 247 46.03 52.71 37.41
CA MET C 247 45.16 53.65 36.73
C MET C 247 45.81 55.02 36.60
N VAL C 248 46.67 55.20 35.60
CA VAL C 248 47.37 56.47 35.41
C VAL C 248 47.11 56.98 34.00
N SER C 249 46.75 58.26 33.90
CA SER C 249 46.60 58.94 32.61
C SER C 249 46.35 60.41 32.89
N ARG C 250 46.88 61.26 32.00
CA ARG C 250 46.54 62.67 31.96
C ARG C 250 45.48 62.96 30.90
N ILE C 251 45.76 62.58 29.66
CA ILE C 251 44.74 62.46 28.61
C ILE C 251 44.89 61.07 28.01
N THR C 252 43.78 60.34 27.93
CA THR C 252 43.81 58.94 27.55
C THR C 252 43.02 58.73 26.27
N HIS C 253 42.97 57.47 25.84
CA HIS C 253 42.23 57.11 24.64
C HIS C 253 40.78 56.81 25.01
N THR C 254 39.85 57.46 24.33
CA THR C 254 38.42 57.27 24.55
C THR C 254 37.73 57.13 23.20
N ASN C 255 36.47 56.68 23.25
CA ASN C 255 35.64 56.64 22.06
C ASN C 255 35.13 58.04 21.75
N THR C 256 34.39 58.17 20.65
CA THR C 256 33.83 59.47 20.30
C THR C 256 32.80 59.92 21.33
N ARG C 257 32.08 58.98 21.92
CA ARG C 257 31.14 59.33 22.99
C ARG C 257 31.88 59.92 24.19
N GLY C 258 33.00 59.32 24.57
CA GLY C 258 33.78 59.82 25.69
C GLY C 258 34.21 58.75 26.65
N ARG C 259 33.58 57.58 26.58
CA ARG C 259 33.92 56.48 27.46
C ARG C 259 35.33 55.98 27.16
N GLN C 260 36.13 55.78 28.19
CA GLN C 260 37.52 55.37 28.03
C GLN C 260 37.60 53.92 27.57
N VAL C 261 38.50 53.69 26.62
CA VAL C 261 38.79 52.33 26.16
C VAL C 261 39.59 51.63 27.26
N ASP C 262 39.69 50.30 27.16
CA ASP C 262 40.30 49.52 28.23
C ASP C 262 41.41 48.59 27.79
N GLY C 263 41.59 48.36 26.50
CA GLY C 263 42.68 47.50 26.07
C GLY C 263 42.71 47.33 24.56
N VAL C 264 43.68 46.55 24.11
CA VAL C 264 43.90 46.31 22.69
C VAL C 264 44.10 44.82 22.46
N LEU C 265 43.51 44.31 21.38
CA LEU C 265 43.64 42.91 20.99
C LEU C 265 44.29 42.85 19.62
N VAL C 266 45.26 41.95 19.46
CA VAL C 266 46.03 41.84 18.22
C VAL C 266 45.92 40.42 17.68
N THR C 267 45.67 40.31 16.38
CA THR C 267 45.54 39.04 15.68
C THR C 267 45.79 39.34 14.20
N THR C 268 45.42 38.43 13.30
CA THR C 268 45.57 38.62 11.87
C THR C 268 44.21 38.97 11.25
N ALA C 269 44.26 39.59 10.07
CA ALA C 269 43.07 40.15 9.45
C ALA C 269 42.00 39.10 9.18
N THR C 270 42.41 37.86 8.90
CA THR C 270 41.45 36.77 8.74
C THR C 270 40.56 36.67 9.96
N LEU C 271 41.16 36.76 11.15
CA LEU C 271 40.37 36.71 12.36
C LEU C 271 39.59 37.99 12.63
N LYS C 272 40.10 39.17 12.23
CA LYS C 272 39.23 40.34 12.26
C LYS C 272 37.94 40.10 11.49
N ARG C 273 38.05 39.61 10.26
CA ARG C 273 36.84 39.36 9.48
C ARG C 273 35.97 38.29 10.12
N GLN C 274 36.58 37.20 10.61
CA GLN C 274 35.79 36.10 11.14
C GLN C 274 35.08 36.48 12.42
N LEU C 275 35.70 37.32 13.26
CA LEU C 275 35.02 37.82 14.45
C LEU C 275 33.98 38.87 14.12
N LEU C 276 34.31 39.80 13.22
CA LEU C 276 33.46 40.96 13.00
C LEU C 276 32.23 40.61 12.16
N GLN C 277 32.26 39.50 11.42
CA GLN C 277 31.13 39.20 10.54
C GLN C 277 29.83 39.04 11.33
N GLY C 278 29.83 38.20 12.35
CA GLY C 278 28.60 37.98 13.10
C GLY C 278 28.73 37.73 14.59
N ILE C 279 29.95 37.78 15.13
CA ILE C 279 30.16 37.34 16.50
C ILE C 279 30.23 38.55 17.44
N LEU C 280 31.07 39.53 17.10
CA LEU C 280 31.23 40.71 17.92
C LEU C 280 30.58 41.92 17.28
N GLN C 281 30.27 42.91 18.12
CA GLN C 281 29.49 44.07 17.72
C GLN C 281 30.37 45.30 17.63
N ILE C 282 30.24 46.03 16.53
CA ILE C 282 31.00 47.27 16.33
C ILE C 282 30.47 48.33 17.29
N ASP C 283 31.38 49.19 17.76
CA ASP C 283 30.99 50.31 18.60
C ASP C 283 31.07 51.64 17.87
N ASP C 284 32.12 51.84 17.07
CA ASP C 284 32.29 53.05 16.28
C ASP C 284 33.45 52.78 15.31
N THR C 285 33.69 53.75 14.43
CA THR C 285 34.77 53.67 13.44
C THR C 285 36.02 54.42 13.86
N ALA C 286 35.89 55.48 14.65
CA ALA C 286 37.03 56.28 15.08
C ALA C 286 37.09 56.31 16.61
N ALA C 287 38.10 57.01 17.13
CA ALA C 287 38.31 57.13 18.56
C ALA C 287 39.10 58.39 18.86
N ASP C 288 39.07 58.80 20.12
CA ASP C 288 39.83 59.96 20.58
C ASP C 288 41.19 59.51 21.10
N VAL C 289 42.24 60.03 20.50
CA VAL C 289 43.61 59.59 20.82
C VAL C 289 44.48 60.80 21.12
N PRO C 290 45.30 60.75 22.17
CA PRO C 290 46.23 61.84 22.45
C PRO C 290 47.32 61.94 21.39
N VAL C 291 47.94 63.10 21.30
CA VAL C 291 48.96 63.39 20.29
C VAL C 291 50.35 63.54 20.88
N THR C 292 50.53 63.25 22.16
CA THR C 292 51.85 63.35 22.79
C THR C 292 52.29 62.02 23.39
N ALA C 354 42.98 63.54 19.58
CA ALA C 354 42.70 63.61 18.14
C ALA C 354 41.76 62.49 17.72
N ARG C 355 41.06 62.71 16.61
CA ARG C 355 40.08 61.75 16.09
C ARG C 355 40.73 60.98 14.95
N VAL C 356 40.92 59.68 15.15
CA VAL C 356 41.60 58.82 14.19
C VAL C 356 40.71 57.61 13.94
N PRO C 357 40.47 57.23 12.68
CA PRO C 357 39.66 56.04 12.42
C PRO C 357 40.33 54.78 12.98
N ALA C 358 39.60 54.09 13.85
CA ALA C 358 40.09 52.86 14.44
C ALA C 358 38.90 52.11 15.03
N ASP C 359 38.75 50.84 14.63
CA ASP C 359 37.63 50.06 15.11
C ASP C 359 37.78 49.72 16.59
N LEU C 360 36.65 49.43 17.23
CA LEU C 360 36.63 49.13 18.65
C LEU C 360 35.37 48.34 18.95
N VAL C 361 35.51 47.35 19.84
CA VAL C 361 34.47 46.35 20.07
C VAL C 361 34.32 46.09 21.55
N ILE C 362 33.06 45.90 21.97
CA ILE C 362 32.72 45.58 23.35
C ILE C 362 32.70 44.06 23.51
N VAL C 363 33.33 43.57 24.57
CA VAL C 363 33.29 42.17 24.94
C VAL C 363 33.29 42.09 26.46
N GLY C 364 32.57 41.11 27.01
CA GLY C 364 32.43 41.02 28.45
C GLY C 364 31.71 42.23 29.02
N ASP C 365 32.45 43.08 29.74
CA ASP C 365 31.90 44.33 30.25
C ASP C 365 32.87 45.49 30.06
N LYS C 366 33.92 45.30 29.27
CA LYS C 366 34.94 46.32 29.07
C LYS C 366 35.29 46.43 27.60
N LEU C 367 35.49 47.67 27.16
CA LEU C 367 35.72 47.99 25.76
C LEU C 367 37.18 47.76 25.39
N VAL C 368 37.40 47.06 24.28
CA VAL C 368 38.74 46.67 23.86
C VAL C 368 38.91 46.93 22.37
N PHE C 369 40.08 47.42 22.00
CA PHE C 369 40.47 47.49 20.59
C PHE C 369 40.64 46.09 20.04
N LEU C 370 40.09 45.85 18.85
CA LEU C 370 40.25 44.58 18.15
C LEU C 370 41.02 44.91 16.88
N GLU C 371 42.32 44.58 16.88
CA GLU C 371 43.22 45.00 15.81
C GLU C 371 43.91 43.80 15.19
N ALA C 372 44.14 43.89 13.88
CA ALA C 372 44.77 42.86 13.08
C ALA C 372 45.92 43.47 12.28
N LEU C 373 46.85 44.11 12.98
CA LEU C 373 47.77 45.03 12.32
C LEU C 373 48.65 44.26 11.35
N GLU C 374 48.19 44.19 10.10
CA GLU C 374 48.80 43.41 9.04
C GLU C 374 48.87 44.26 7.77
N ARG C 375 48.05 45.30 7.70
CA ARG C 375 47.98 46.15 6.51
C ARG C 375 48.81 47.42 6.64
N ARG C 376 48.70 48.12 7.77
CA ARG C 376 49.47 49.36 7.95
C ARG C 376 50.96 49.06 8.01
N VAL C 377 51.33 47.81 8.30
CA VAL C 377 52.72 47.38 8.38
C VAL C 377 52.78 45.94 7.89
N TYR C 378 54.00 45.51 7.54
CA TYR C 378 54.32 44.16 7.05
C TYR C 378 53.91 43.92 5.60
N GLN C 379 53.95 44.94 4.76
CA GLN C 379 53.87 44.77 3.31
C GLN C 379 55.11 45.35 2.65
N ALA C 380 55.62 44.64 1.64
CA ALA C 380 56.79 45.07 0.88
C ALA C 380 58.00 45.28 1.78
N THR C 381 58.01 44.58 2.92
CA THR C 381 59.14 44.56 3.83
C THR C 381 59.49 43.11 4.11
N ARG C 382 60.78 42.86 4.36
CA ARG C 382 61.32 41.51 4.39
C ARG C 382 61.43 40.96 5.80
N VAL C 383 60.49 41.29 6.67
CA VAL C 383 60.39 40.70 8.00
C VAL C 383 59.11 39.90 8.07
N ALA C 384 59.20 38.68 8.60
CA ALA C 384 58.05 37.80 8.68
C ALA C 384 57.09 38.27 9.77
N TYR C 385 55.80 38.05 9.54
CA TYR C 385 54.80 38.45 10.52
C TYR C 385 54.82 37.49 11.71
N PRO C 386 54.80 38.00 12.94
CA PRO C 386 54.65 37.11 14.10
C PRO C 386 53.23 36.58 14.20
N LEU C 387 52.92 35.89 15.29
CA LEU C 387 51.63 35.26 15.55
C LEU C 387 51.36 34.09 14.61
N ILE C 388 52.35 33.67 13.84
CA ILE C 388 52.21 32.59 12.87
C ILE C 388 53.22 31.50 13.24
N GLY C 389 53.46 31.35 14.54
CA GLY C 389 54.52 30.49 15.07
C GLY C 389 54.68 29.13 14.44
N ASN C 390 53.65 28.27 14.59
CA ASN C 390 53.52 26.89 14.13
C ASN C 390 53.30 26.01 15.36
N ILE C 391 53.31 24.69 15.19
CA ILE C 391 53.13 23.76 16.31
C ILE C 391 53.64 22.39 15.89
N ASP C 392 54.01 21.55 16.86
CA ASP C 392 54.53 20.22 16.62
C ASP C 392 53.75 19.29 17.54
N ILE C 393 52.66 18.73 17.02
CA ILE C 393 51.80 17.82 17.77
C ILE C 393 52.09 16.39 17.34
N THR C 394 52.17 15.49 18.32
CA THR C 394 52.43 14.08 18.07
C THR C 394 51.15 13.28 18.25
N PHE C 395 50.82 12.48 17.24
CA PHE C 395 49.60 11.68 17.23
C PHE C 395 49.93 10.24 17.60
N ILE C 396 49.02 9.59 18.32
CA ILE C 396 49.18 8.18 18.68
C ILE C 396 48.08 7.34 18.05
N MET C 397 48.49 6.27 17.37
CA MET C 397 47.78 5.24 16.60
C MET C 397 48.26 3.83 16.89
N PRO C 398 47.49 3.03 17.64
CA PRO C 398 47.80 1.60 17.73
C PRO C 398 47.60 0.92 16.38
N MET C 399 48.31 -0.19 16.18
CA MET C 399 48.31 -0.87 14.89
C MET C 399 47.53 -2.18 14.93
N GLY C 400 47.83 -3.07 15.87
CA GLY C 400 47.21 -4.38 15.88
C GLY C 400 46.67 -4.84 17.22
N VAL C 401 46.05 -3.95 17.99
CA VAL C 401 45.50 -4.36 19.27
C VAL C 401 44.25 -5.21 19.08
N PHE C 402 44.19 -6.31 19.82
CA PHE C 402 43.16 -7.33 19.64
C PHE C 402 42.43 -7.57 20.95
N GLN C 403 41.15 -7.93 20.87
CA GLN C 403 40.34 -8.18 22.05
C GLN C 403 40.36 -9.66 22.38
N ALA C 404 41.07 -10.03 23.44
CA ALA C 404 41.12 -11.43 23.86
C ALA C 404 39.80 -11.87 24.49
N ASN C 405 39.10 -10.95 25.14
CA ASN C 405 37.90 -11.30 25.89
C ASN C 405 36.78 -11.77 24.97
N SER C 406 36.14 -12.87 25.34
CA SER C 406 34.94 -13.31 24.63
C SER C 406 33.77 -12.37 24.91
N MET C 407 33.76 -11.73 26.08
CA MET C 407 32.75 -10.73 26.39
C MET C 407 32.83 -9.52 25.47
N ASP C 408 34.03 -9.11 25.08
CA ASP C 408 34.21 -7.88 24.33
C ASP C 408 34.01 -8.06 22.83
N ARG C 409 33.86 -9.29 22.35
CA ARG C 409 33.67 -9.54 20.92
C ARG C 409 32.18 -9.38 20.57
N TYR C 410 31.67 -8.18 20.89
CA TYR C 410 30.26 -7.87 20.69
C TYR C 410 30.13 -6.79 19.63
N THR C 411 28.99 -6.80 18.94
CA THR C 411 28.71 -5.89 17.84
C THR C 411 27.52 -4.99 18.17
N ARG C 412 27.26 -4.03 17.29
CA ARG C 412 26.06 -3.21 17.42
C ARG C 412 24.81 -4.00 17.06
N HIS C 413 24.86 -4.72 15.94
CA HIS C 413 23.83 -5.68 15.56
C HIS C 413 24.52 -6.93 15.03
N ALA C 414 23.94 -8.10 15.38
CA ALA C 414 24.60 -9.37 15.10
C ALA C 414 24.99 -9.50 13.64
N GLY C 415 24.05 -9.25 12.74
CA GLY C 415 24.34 -9.29 11.32
C GLY C 415 24.69 -7.94 10.72
N ASP C 416 25.69 -7.26 11.28
CA ASP C 416 26.11 -5.99 10.68
C ASP C 416 26.85 -6.24 9.35
N PHE C 417 28.00 -6.91 9.41
CA PHE C 417 28.82 -7.15 8.23
C PHE C 417 28.85 -8.66 7.97
N SER C 418 27.94 -9.13 7.13
CA SER C 418 27.89 -10.53 6.74
C SER C 418 28.20 -10.68 5.25
N THR C 419 28.62 -11.89 4.87
CA THR C 419 28.98 -12.16 3.49
C THR C 419 28.29 -13.43 2.99
N VAL C 420 28.62 -13.87 1.77
CA VAL C 420 28.16 -15.15 1.27
C VAL C 420 29.07 -16.30 1.73
N SER C 421 30.23 -16.00 2.31
CA SER C 421 31.10 -17.03 2.83
C SER C 421 30.52 -17.64 4.10
N GLU C 422 30.80 -18.93 4.30
CA GLU C 422 30.29 -19.63 5.48
C GLU C 422 30.88 -19.03 6.75
N GLN C 423 32.17 -18.71 6.73
CA GLN C 423 32.85 -18.13 7.88
C GLN C 423 32.90 -16.62 7.73
N ASP C 424 32.61 -15.91 8.81
CA ASP C 424 32.64 -14.45 8.79
C ASP C 424 34.05 -13.96 8.51
N PRO C 425 34.25 -13.10 7.50
CA PRO C 425 35.57 -12.48 7.32
C PRO C 425 35.76 -11.33 8.29
N ARG C 426 35.44 -11.59 9.55
CA ARG C 426 35.48 -10.59 10.62
C ARG C 426 36.10 -11.12 11.91
N GLN C 427 36.11 -12.44 12.12
CA GLN C 427 36.75 -13.01 13.29
C GLN C 427 38.23 -12.74 13.32
N PHE C 428 38.83 -12.45 12.16
CA PHE C 428 40.28 -12.36 12.04
C PHE C 428 40.82 -11.18 12.85
N PRO C 429 42.00 -11.34 13.45
CA PRO C 429 42.57 -10.24 14.22
C PRO C 429 42.97 -9.08 13.33
N PRO C 430 42.98 -7.86 13.86
CA PRO C 430 43.32 -6.69 13.02
C PRO C 430 44.77 -6.72 12.57
N GLN C 431 44.98 -6.24 11.34
CA GLN C 431 46.31 -6.10 10.78
C GLN C 431 46.54 -4.79 10.05
N GLY C 432 45.56 -3.89 10.01
CA GLY C 432 45.72 -2.62 9.35
C GLY C 432 45.00 -1.52 10.12
N ILE C 433 45.35 -0.28 9.79
CA ILE C 433 44.74 0.89 10.40
C ILE C 433 44.33 1.86 9.30
N PHE C 434 43.13 2.44 9.45
CA PHE C 434 42.57 3.35 8.46
C PHE C 434 42.34 4.72 9.09
N PHE C 435 42.73 5.77 8.37
CA PHE C 435 42.40 7.14 8.77
C PHE C 435 42.34 8.01 7.52
N TYR C 436 42.02 9.28 7.71
CA TYR C 436 41.79 10.22 6.61
C TYR C 436 43.04 11.05 6.35
N ASN C 437 43.24 11.42 5.09
CA ASN C 437 44.26 12.39 4.74
C ASN C 437 43.76 13.80 5.08
N LYS C 438 44.62 14.80 4.85
CA LYS C 438 44.23 16.16 5.20
C LYS C 438 43.21 16.73 4.21
N ASP C 439 43.04 16.09 3.07
CA ASP C 439 41.99 16.47 2.12
C ASP C 439 40.77 15.56 2.18
N GLY C 440 40.78 14.54 3.05
CA GLY C 440 39.65 13.65 3.19
C GLY C 440 39.78 12.32 2.47
N ILE C 441 40.93 12.01 1.88
CA ILE C 441 41.12 10.75 1.16
C ILE C 441 41.48 9.65 2.14
N LEU C 442 40.90 8.47 1.93
CA LEU C 442 41.25 7.30 2.72
C LEU C 442 42.74 7.01 2.64
N THR C 443 43.33 6.69 3.79
CA THR C 443 44.73 6.32 3.89
C THR C 443 44.85 5.01 4.66
N GLN C 444 45.81 4.19 4.26
CA GLN C 444 45.96 2.85 4.81
C GLN C 444 47.40 2.57 5.20
N LEU C 445 47.58 1.99 6.38
CA LEU C 445 48.86 1.46 6.83
C LEU C 445 48.72 -0.05 7.01
N THR C 446 49.62 -0.82 6.42
CA THR C 446 49.55 -2.26 6.45
C THR C 446 50.75 -2.79 7.24
N LEU C 447 50.66 -4.04 7.69
CA LEU C 447 51.74 -4.65 8.45
C LEU C 447 53.04 -4.71 7.66
N ARG C 448 52.98 -4.61 6.33
CA ARG C 448 54.20 -4.53 5.52
C ARG C 448 54.98 -3.27 5.83
N ASP C 449 54.32 -2.23 6.35
CA ASP C 449 55.00 -1.00 6.71
C ASP C 449 55.91 -1.17 7.93
N ALA C 450 55.84 -2.31 8.61
CA ALA C 450 56.55 -2.49 9.88
C ALA C 450 58.06 -2.67 9.71
N MET C 451 58.53 -3.20 8.58
CA MET C 451 59.96 -3.52 8.46
C MET C 451 60.85 -2.29 8.57
N GLY C 452 60.28 -1.08 8.44
CA GLY C 452 61.07 0.11 8.66
C GLY C 452 61.61 0.25 10.07
N THR C 453 60.93 -0.31 11.07
CA THR C 453 61.37 -0.25 12.45
C THR C 453 61.58 -1.63 13.08
N ILE C 454 60.66 -2.57 12.85
CA ILE C 454 60.74 -3.86 13.52
C ILE C 454 61.86 -4.74 12.96
N CYS C 455 62.22 -4.57 11.69
CA CYS C 455 63.09 -5.51 11.01
C CYS C 455 64.49 -4.95 10.73
N HIS C 456 65.05 -4.19 11.68
CA HIS C 456 66.41 -3.70 11.56
C HIS C 456 67.31 -4.51 12.50
N SER C 457 68.62 -4.39 12.28
CA SER C 457 69.58 -5.21 13.02
C SER C 457 69.70 -4.81 14.48
N SER C 458 69.10 -3.69 14.88
CA SER C 458 69.25 -3.21 16.24
C SER C 458 68.44 -4.03 17.24
N LEU C 459 67.62 -4.98 16.79
CA LEU C 459 66.76 -5.72 17.70
C LEU C 459 67.54 -6.64 18.63
N LEU C 460 68.83 -6.86 18.41
CA LEU C 460 69.61 -7.78 19.22
C LEU C 460 70.75 -7.05 19.94
N ASP C 461 70.46 -5.88 20.52
CA ASP C 461 71.49 -5.12 21.22
C ASP C 461 71.26 -5.17 22.72
N VAL C 462 70.84 -6.32 23.22
CA VAL C 462 70.48 -6.46 24.63
C VAL C 462 71.70 -6.56 25.55
N GLU C 463 72.91 -6.50 25.00
CA GLU C 463 74.10 -6.61 25.83
C GLU C 463 74.14 -5.52 26.89
N ALA C 464 73.78 -4.29 26.49
CA ALA C 464 73.72 -3.19 27.45
C ALA C 464 72.72 -3.46 28.57
N THR C 465 71.56 -4.03 28.24
CA THR C 465 70.57 -4.30 29.27
C THR C 465 71.01 -5.45 30.18
N LEU C 466 71.68 -6.45 29.64
CA LEU C 466 72.26 -7.49 30.48
C LEU C 466 73.27 -6.89 31.45
N VAL C 467 74.15 -6.01 30.96
CA VAL C 467 75.12 -5.38 31.84
C VAL C 467 74.43 -4.53 32.91
N ALA C 468 73.40 -3.78 32.52
CA ALA C 468 72.72 -2.89 33.46
C ALA C 468 71.95 -3.68 34.52
N LEU C 469 71.16 -4.67 34.09
CA LEU C 469 70.37 -5.46 35.02
C LEU C 469 71.23 -6.42 35.85
N ARG C 470 72.44 -6.71 35.39
CA ARG C 470 73.38 -7.48 36.20
C ARG C 470 73.72 -6.81 37.51
N GLN C 471 73.52 -5.50 37.62
CA GLN C 471 73.93 -4.71 38.78
C GLN C 471 72.76 -4.37 39.70
N GLN C 472 71.82 -5.30 39.89
CA GLN C 472 70.70 -5.12 40.81
C GLN C 472 70.78 -6.18 41.90
N HIS C 473 69.74 -6.23 42.74
CA HIS C 473 69.68 -7.20 43.82
C HIS C 473 69.13 -8.52 43.29
N LEU C 474 70.02 -9.49 43.09
CA LEU C 474 69.66 -10.81 42.59
C LEU C 474 69.87 -11.83 43.68
N ASP C 475 68.78 -12.42 44.16
CA ASP C 475 68.83 -13.43 45.21
C ASP C 475 68.88 -14.83 44.61
N ARG C 476 69.20 -15.79 45.45
CA ARG C 476 69.30 -17.20 45.02
C ARG C 476 67.88 -17.73 44.77
N GLN C 477 67.65 -18.20 43.55
CA GLN C 477 66.36 -18.75 43.16
C GLN C 477 66.53 -20.16 42.61
N CYS C 478 65.44 -20.70 42.08
CA CYS C 478 65.42 -22.09 41.63
C CYS C 478 66.33 -22.28 40.42
N TYR C 479 67.06 -23.40 40.43
CA TYR C 479 67.98 -23.75 39.36
C TYR C 479 67.50 -24.92 38.52
N PHE C 480 66.18 -25.06 38.37
CA PHE C 480 65.64 -26.20 37.63
C PHE C 480 65.47 -25.88 36.15
N GLY C 481 64.83 -24.76 35.84
CA GLY C 481 64.58 -24.37 34.46
C GLY C 481 65.63 -23.53 33.81
N VAL C 482 66.74 -23.26 34.48
CA VAL C 482 67.78 -22.38 33.95
C VAL C 482 69.11 -23.11 33.91
N TYR C 483 69.10 -24.42 34.08
CA TYR C 483 70.32 -25.21 34.14
C TYR C 483 70.24 -26.38 33.16
N VAL C 484 71.37 -26.64 32.50
CA VAL C 484 71.52 -27.77 31.58
C VAL C 484 72.71 -28.60 32.02
N ALA C 485 72.54 -29.91 32.05
CA ALA C 485 73.58 -30.83 32.46
C ALA C 485 74.01 -31.70 31.29
N GLU C 486 74.87 -32.68 31.55
CA GLU C 486 75.29 -33.67 30.56
C GLU C 486 74.90 -35.06 31.03
N GLY C 487 74.76 -35.97 30.07
CA GLY C 487 74.49 -37.36 30.41
C GLY C 487 75.62 -37.96 31.22
N THR C 488 75.26 -38.85 32.15
CA THR C 488 76.23 -39.46 33.05
C THR C 488 76.68 -40.83 32.57
N GLU C 489 76.51 -41.13 31.29
CA GLU C 489 76.98 -42.38 30.67
C GLU C 489 76.38 -43.60 31.37
N ASP C 490 75.06 -43.71 31.30
CA ASP C 490 74.36 -44.81 31.95
C ASP C 490 73.25 -45.33 31.05
N THR C 491 72.47 -46.31 31.54
CA THR C 491 71.36 -46.89 30.80
C THR C 491 70.04 -46.20 31.11
N LEU C 492 70.09 -44.93 31.55
CA LEU C 492 68.95 -44.04 31.75
C LEU C 492 68.03 -44.47 32.88
N ASP C 493 68.46 -45.35 33.79
CA ASP C 493 67.64 -45.76 34.93
C ASP C 493 68.05 -45.04 36.21
N VAL C 494 69.31 -45.19 36.62
CA VAL C 494 69.77 -44.50 37.82
C VAL C 494 69.88 -43.00 37.56
N GLN C 495 70.03 -42.62 36.29
CA GLN C 495 70.01 -41.20 35.93
C GLN C 495 68.72 -40.54 36.38
N MET C 496 67.59 -41.00 35.84
CA MET C 496 66.30 -40.48 36.26
C MET C 496 66.05 -40.75 37.74
N GLY C 497 66.64 -41.82 38.27
CA GLY C 497 66.54 -42.09 39.70
C GLY C 497 67.06 -40.96 40.57
N ARG C 498 68.36 -40.69 40.49
CA ARG C 498 68.90 -39.62 41.33
C ARG C 498 68.37 -38.26 40.87
N PHE C 499 67.99 -38.12 39.60
CA PHE C 499 67.30 -36.91 39.18
C PHE C 499 66.03 -36.65 39.99
N MET C 500 65.13 -37.63 40.06
CA MET C 500 63.90 -37.39 40.79
C MET C 500 64.17 -37.27 42.29
N GLU C 501 65.17 -37.99 42.79
CA GLU C 501 65.49 -37.89 44.22
C GLU C 501 65.94 -36.48 44.59
N THR C 502 66.81 -35.87 43.78
CA THR C 502 67.23 -34.50 44.06
C THR C 502 66.15 -33.49 43.69
N TRP C 503 65.36 -33.79 42.66
CA TRP C 503 64.28 -32.91 42.22
C TRP C 503 63.19 -32.75 43.25
N ALA C 504 62.89 -33.80 44.03
CA ALA C 504 61.81 -33.73 45.00
C ALA C 504 62.01 -32.64 46.04
N ASP C 505 63.25 -32.20 46.27
CA ASP C 505 63.52 -31.25 47.35
C ASP C 505 64.38 -30.07 46.92
N MET C 506 64.69 -29.92 45.63
CA MET C 506 65.52 -28.79 45.21
C MET C 506 64.71 -27.53 44.94
N MET C 507 63.38 -27.60 45.06
CA MET C 507 62.52 -26.44 44.85
C MET C 507 62.59 -25.50 46.04
N PRO C 508 63.00 -24.24 45.86
CA PRO C 508 62.90 -23.26 46.94
C PRO C 508 61.55 -22.56 47.00
N HIS C 509 60.80 -22.51 45.90
CA HIS C 509 59.49 -21.87 45.83
C HIS C 509 58.85 -22.26 44.50
N HIS C 510 57.62 -21.79 44.28
CA HIS C 510 56.94 -22.02 43.01
C HIS C 510 57.64 -21.22 41.91
N PRO C 511 57.96 -21.82 40.77
CA PRO C 511 58.79 -21.14 39.79
C PRO C 511 58.10 -20.00 39.03
N HIS C 512 58.92 -19.08 38.53
CA HIS C 512 58.40 -17.90 37.86
C HIS C 512 57.96 -18.17 36.42
N TRP C 513 58.35 -19.32 35.84
CA TRP C 513 58.03 -19.64 34.46
C TRP C 513 56.89 -20.64 34.32
N VAL C 514 56.18 -20.93 35.42
CA VAL C 514 55.08 -21.88 35.42
C VAL C 514 53.74 -21.19 35.57
N ASN C 515 53.67 -20.13 36.40
CA ASN C 515 52.42 -19.51 36.78
C ASN C 515 51.86 -18.73 35.59
N GLU C 516 51.40 -19.48 34.59
CA GLU C 516 50.76 -18.93 33.41
C GLU C 516 49.30 -18.58 33.64
N HIS C 517 48.74 -18.95 34.79
CA HIS C 517 47.33 -18.74 35.07
C HIS C 517 46.98 -17.28 35.27
N LEU C 518 47.96 -16.41 35.49
CA LEU C 518 47.68 -14.99 35.62
C LEU C 518 47.14 -14.43 34.32
N THR C 519 46.22 -13.48 34.42
CA THR C 519 45.69 -12.79 33.25
C THR C 519 46.65 -11.65 32.88
N ILE C 520 46.22 -10.78 31.97
CA ILE C 520 47.03 -9.61 31.62
C ILE C 520 47.20 -8.71 32.83
N LEU C 521 46.08 -8.40 33.50
CA LEU C 521 46.15 -7.51 34.65
C LEU C 521 46.95 -8.12 35.79
N GLN C 522 46.75 -9.41 36.07
CA GLN C 522 47.47 -10.06 37.16
C GLN C 522 48.96 -10.11 36.88
N PHE C 523 49.35 -10.40 35.64
CA PHE C 523 50.77 -10.41 35.30
C PHE C 523 51.35 -9.00 35.36
N ILE C 524 50.57 -8.00 34.94
CA ILE C 524 51.04 -6.61 34.96
C ILE C 524 50.95 -6.02 36.37
N ALA C 525 50.28 -6.71 37.30
CA ALA C 525 50.15 -6.19 38.65
C ALA C 525 51.53 -5.91 39.25
N PRO C 526 51.72 -4.76 39.89
CA PRO C 526 53.07 -4.37 40.32
C PRO C 526 53.71 -5.33 41.30
N SER C 527 52.92 -6.09 42.07
CA SER C 527 53.49 -7.06 42.99
C SER C 527 54.08 -8.28 42.29
N ASN C 528 53.82 -8.45 41.00
CA ASN C 528 54.37 -9.58 40.26
C ASN C 528 55.87 -9.43 40.11
N PRO C 529 56.68 -10.38 40.61
CA PRO C 529 58.12 -10.30 40.39
C PRO C 529 58.53 -10.43 38.93
N ARG C 530 57.76 -11.15 38.11
CA ARG C 530 58.11 -11.36 36.71
C ARG C 530 57.76 -10.17 35.83
N LEU C 531 57.10 -9.14 36.39
CA LEU C 531 56.79 -7.96 35.61
C LEU C 531 58.05 -7.26 35.12
N ARG C 532 59.06 -7.17 35.98
CA ARG C 532 60.31 -6.50 35.63
C ARG C 532 61.24 -7.36 34.78
N PHE C 533 61.05 -8.67 34.74
CA PHE C 533 61.94 -9.57 34.01
C PHE C 533 61.51 -9.81 32.58
N GLU C 534 60.68 -8.93 32.01
CA GLU C 534 60.32 -8.98 30.60
C GLU C 534 60.77 -7.69 29.95
N LEU C 535 61.82 -7.79 29.13
CA LEU C 535 62.45 -6.64 28.49
C LEU C 535 62.25 -6.65 26.98
N ASN C 536 62.64 -7.74 26.32
CA ASN C 536 62.58 -7.80 24.87
C ASN C 536 61.56 -8.84 24.43
N PRO C 537 60.74 -8.54 23.42
CA PRO C 537 59.78 -9.54 22.94
C PRO C 537 60.44 -10.79 22.38
N ALA C 538 61.66 -10.69 21.86
CA ALA C 538 62.37 -11.83 21.30
C ALA C 538 63.31 -12.50 22.29
N PHE C 539 63.41 -11.98 23.51
CA PHE C 539 64.37 -12.48 24.49
C PHE C 539 63.65 -12.93 25.75
N ASP C 540 64.13 -14.06 26.30
CA ASP C 540 63.68 -14.58 27.59
C ASP C 540 64.76 -14.33 28.63
N PHE C 541 64.44 -13.51 29.62
CA PHE C 541 65.38 -13.13 30.67
C PHE C 541 65.11 -13.96 31.90
N PHE C 542 66.14 -14.66 32.39
CA PHE C 542 66.04 -15.52 33.55
C PHE C 542 67.30 -15.39 34.39
N VAL C 543 67.24 -15.90 35.62
CA VAL C 543 68.35 -15.83 36.56
C VAL C 543 69.20 -17.08 36.41
N ALA C 544 70.50 -16.89 36.24
CA ALA C 544 71.45 -17.97 36.03
C ALA C 544 72.63 -17.80 36.98
N PRO C 545 73.26 -18.91 37.39
CA PRO C 545 74.42 -18.80 38.28
C PRO C 545 75.60 -18.10 37.62
N GLY C 546 76.54 -17.65 38.45
CA GLY C 546 77.69 -16.92 37.97
C GLY C 546 78.84 -17.86 37.63
N ASP C 547 79.50 -17.58 36.50
CA ASP C 547 80.65 -18.38 36.04
C ASP C 547 80.30 -19.86 35.92
N VAL C 548 79.25 -20.15 35.16
CA VAL C 548 78.82 -21.52 34.88
C VAL C 548 78.73 -21.69 33.37
N ASP C 549 79.43 -22.69 32.85
CA ASP C 549 79.39 -22.98 31.42
C ASP C 549 78.25 -23.95 31.13
N LEU C 550 77.41 -23.60 30.17
CA LEU C 550 76.26 -24.42 29.81
C LEU C 550 76.62 -25.34 28.66
N PRO C 551 76.39 -26.66 28.77
CA PRO C 551 75.82 -27.31 29.96
C PRO C 551 76.84 -27.53 31.07
N GLY C 552 76.40 -27.52 32.32
CA GLY C 552 77.27 -27.73 33.44
C GLY C 552 77.22 -29.15 33.97
N PRO C 553 77.95 -29.42 35.05
CA PRO C 553 77.91 -30.77 35.64
C PRO C 553 76.54 -31.09 36.22
N GLN C 554 76.41 -32.32 36.71
CA GLN C 554 75.13 -32.76 37.26
C GLN C 554 74.72 -31.91 38.46
N ARG C 555 75.66 -31.60 39.34
CA ARG C 555 75.39 -30.73 40.48
C ARG C 555 75.77 -29.31 40.12
N PRO C 556 74.82 -28.37 40.07
CA PRO C 556 75.14 -26.99 39.72
C PRO C 556 76.02 -26.35 40.78
N PRO C 557 77.14 -25.75 40.39
CA PRO C 557 77.97 -25.03 41.36
C PRO C 557 77.23 -23.82 41.92
N GLU C 558 77.49 -23.54 43.20
CA GLU C 558 76.79 -22.48 43.90
C GLU C 558 77.62 -21.19 43.87
N ALA C 559 77.02 -20.13 43.35
CA ALA C 559 77.67 -18.83 43.27
C ALA C 559 76.60 -17.75 43.18
N MET C 560 77.03 -16.50 43.16
CA MET C 560 76.09 -15.39 43.09
C MET C 560 75.35 -15.43 41.76
N PRO C 561 74.03 -15.52 41.75
CA PRO C 561 73.31 -15.71 40.49
C PRO C 561 73.24 -14.42 39.68
N THR C 562 73.52 -14.55 38.38
CA THR C 562 73.49 -13.44 37.43
C THR C 562 72.26 -13.57 36.54
N VAL C 563 72.17 -12.68 35.56
CA VAL C 563 71.06 -12.66 34.61
C VAL C 563 71.56 -13.19 33.27
N ASN C 564 70.79 -14.09 32.67
CA ASN C 564 71.08 -14.61 31.35
C ASN C 564 69.82 -14.55 30.49
N ALA C 565 70.02 -14.26 29.21
CA ALA C 565 68.92 -14.07 28.28
C ALA C 565 69.09 -14.97 27.06
N THR C 566 67.98 -15.54 26.59
CA THR C 566 67.97 -16.39 25.42
C THR C 566 66.93 -15.87 24.43
N LEU C 567 67.14 -16.20 23.16
CA LEU C 567 66.27 -15.72 22.11
C LEU C 567 64.97 -16.52 22.08
N ARG C 568 63.87 -15.83 21.75
CA ARG C 568 62.55 -16.47 21.62
C ARG C 568 62.41 -16.95 20.19
N ILE C 569 62.71 -18.23 19.97
CA ILE C 569 62.59 -18.80 18.63
C ILE C 569 61.13 -18.91 18.22
N ILE C 570 60.29 -19.38 19.13
CA ILE C 570 58.86 -19.52 18.87
C ILE C 570 58.15 -18.25 19.33
N ASN C 571 57.31 -17.71 18.45
CA ASN C 571 56.53 -16.53 18.81
C ASN C 571 55.56 -16.81 19.96
N GLY C 572 55.19 -18.07 20.16
CA GLY C 572 54.34 -18.44 21.29
C GLY C 572 55.06 -18.63 22.60
N ASN C 573 56.39 -18.45 22.62
CA ASN C 573 57.14 -18.58 23.87
C ASN C 573 56.83 -17.46 24.85
N ILE C 574 56.17 -16.40 24.41
CA ILE C 574 55.68 -15.37 25.32
C ILE C 574 54.59 -15.99 26.19
N PRO C 575 54.45 -15.56 27.44
CA PRO C 575 53.45 -16.18 28.32
C PRO C 575 52.04 -16.02 27.77
N VAL C 576 51.20 -17.01 28.04
CA VAL C 576 49.84 -17.04 27.51
C VAL C 576 48.97 -15.89 28.03
N PRO C 577 49.25 -15.29 29.21
CA PRO C 577 48.61 -13.99 29.47
C PRO C 577 48.96 -12.95 28.43
N LEU C 578 50.20 -12.93 27.94
CA LEU C 578 50.60 -11.99 26.91
C LEU C 578 50.23 -12.46 25.51
N CYS C 579 50.01 -13.76 25.33
CA CYS C 579 49.56 -14.33 24.06
C CYS C 579 48.30 -15.12 24.32
N PRO C 580 47.14 -14.50 24.14
CA PRO C 580 45.88 -15.15 24.53
C PRO C 580 45.60 -16.41 23.72
N ILE C 581 44.96 -17.37 24.40
CA ILE C 581 44.54 -18.59 23.72
C ILE C 581 43.42 -18.29 22.73
N SER C 582 42.52 -17.37 23.09
CA SER C 582 41.45 -16.99 22.18
C SER C 582 42.00 -16.37 20.90
N PHE C 583 43.00 -15.51 21.03
CA PHE C 583 43.63 -14.92 19.85
C PHE C 583 44.28 -15.99 18.99
N ARG C 584 44.95 -16.96 19.63
CA ARG C 584 45.59 -18.04 18.89
C ARG C 584 44.55 -18.86 18.12
N ASP C 585 43.42 -19.17 18.76
CA ASP C 585 42.36 -19.89 18.08
C ASP C 585 41.80 -19.07 16.92
N CYS C 586 41.64 -17.76 17.12
CA CYS C 586 41.13 -16.90 16.06
C CYS C 586 42.05 -16.92 14.84
N ARG C 587 43.35 -16.74 15.06
CA ARG C 587 44.27 -16.71 13.92
C ARG C 587 44.44 -18.09 13.31
N GLY C 588 44.33 -19.15 14.11
CA GLY C 588 44.36 -20.50 13.56
C GLY C 588 43.17 -20.78 12.66
N THR C 589 41.99 -20.33 13.06
CA THR C 589 40.83 -20.40 12.18
C THR C 589 41.06 -19.57 10.93
N GLN C 590 41.67 -18.40 11.08
CA GLN C 590 42.01 -17.56 9.93
C GLN C 590 42.96 -18.27 8.97
N LEU C 591 43.81 -19.17 9.49
CA LEU C 591 44.83 -19.78 8.64
C LEU C 591 44.21 -20.75 7.64
N GLY C 592 43.52 -21.78 8.14
CA GLY C 592 42.92 -22.78 7.27
C GLY C 592 41.47 -22.54 6.94
N LEU C 593 41.18 -21.39 6.30
CA LEU C 593 39.81 -21.08 5.93
C LEU C 593 39.27 -22.09 4.90
N GLY C 594 40.06 -22.37 3.87
CA GLY C 594 39.68 -23.33 2.85
C GLY C 594 40.47 -24.62 2.84
N ARG C 595 41.40 -24.81 3.77
CA ARG C 595 42.24 -26.00 3.77
C ARG C 595 41.43 -27.21 4.22
N HIS C 596 42.02 -28.39 4.02
CA HIS C 596 41.33 -29.64 4.31
C HIS C 596 41.03 -29.78 5.79
N THR C 597 39.86 -30.32 6.10
CA THR C 597 39.43 -30.53 7.48
C THR C 597 39.24 -32.03 7.74
N MET C 598 39.11 -32.40 9.01
CA MET C 598 38.96 -33.81 9.38
C MET C 598 37.49 -34.19 9.42
N THR C 599 37.17 -35.31 8.78
CA THR C 599 35.82 -35.84 8.79
C THR C 599 35.43 -36.21 10.24
N PRO C 600 34.15 -36.06 10.61
CA PRO C 600 33.75 -36.45 11.96
C PRO C 600 34.06 -37.90 12.29
N ALA C 601 33.99 -38.81 11.32
CA ALA C 601 34.30 -40.21 11.59
C ALA C 601 35.74 -40.38 12.05
N THR C 602 36.70 -39.85 11.28
CA THR C 602 38.09 -40.04 11.63
C THR C 602 38.45 -39.32 12.93
N ILE C 603 37.89 -38.12 13.15
CA ILE C 603 38.23 -37.39 14.38
C ILE C 603 37.65 -38.10 15.59
N LYS C 604 36.42 -38.61 15.49
CA LYS C 604 35.84 -39.33 16.62
C LYS C 604 36.61 -40.62 16.90
N ALA C 605 37.02 -41.34 15.85
CA ALA C 605 37.78 -42.56 16.06
C ALA C 605 39.13 -42.27 16.69
N VAL C 606 39.83 -41.24 16.20
CA VAL C 606 41.15 -40.91 16.74
C VAL C 606 41.04 -40.46 18.19
N LYS C 607 40.05 -39.62 18.51
CA LYS C 607 39.89 -39.19 19.89
C LYS C 607 39.53 -40.36 20.80
N ASP C 608 38.64 -41.25 20.35
CA ASP C 608 38.25 -42.38 21.17
C ASP C 608 39.42 -43.32 21.42
N THR C 609 40.26 -43.54 20.40
CA THR C 609 41.41 -44.43 20.60
C THR C 609 42.52 -43.74 21.39
N PHE C 610 42.65 -42.41 21.32
CA PHE C 610 43.62 -41.72 22.16
C PHE C 610 43.21 -41.78 23.63
N GLU C 611 41.94 -41.51 23.91
CA GLU C 611 41.42 -41.62 25.27
C GLU C 611 40.97 -43.03 25.61
N ASP C 612 41.44 -44.03 24.86
CA ASP C 612 41.22 -45.42 25.23
C ASP C 612 42.20 -45.81 26.33
N ARG C 613 41.70 -45.83 27.56
CA ARG C 613 42.54 -46.17 28.71
C ARG C 613 42.97 -47.62 28.71
N ALA C 614 42.13 -48.53 28.24
CA ALA C 614 42.41 -49.96 28.26
C ALA C 614 43.24 -50.41 27.06
N TYR C 615 43.98 -49.49 26.45
CA TYR C 615 44.81 -49.82 25.30
C TYR C 615 45.83 -50.88 25.67
N PRO C 616 45.81 -52.04 25.03
CA PRO C 616 46.78 -53.10 25.36
C PRO C 616 48.20 -52.69 25.03
N THR C 617 49.15 -53.23 25.80
CA THR C 617 50.57 -52.97 25.57
C THR C 617 51.15 -53.78 24.42
N ILE C 618 50.37 -54.69 23.83
CA ILE C 618 50.89 -55.54 22.76
C ILE C 618 51.29 -54.69 21.55
N PHE C 619 50.44 -53.73 21.19
CA PHE C 619 50.76 -52.84 20.08
C PHE C 619 52.02 -52.03 20.38
N TYR C 620 52.20 -51.63 21.64
CA TYR C 620 53.42 -50.95 22.04
C TYR C 620 54.64 -51.85 21.88
N MET C 621 54.49 -53.13 22.25
CA MET C 621 55.59 -54.08 22.10
C MET C 621 55.97 -54.25 20.62
N LEU C 622 54.97 -54.40 19.76
CA LEU C 622 55.26 -54.53 18.33
C LEU C 622 55.92 -53.26 17.78
N GLU C 623 55.43 -52.09 18.20
CA GLU C 623 56.03 -50.84 17.73
C GLU C 623 57.48 -50.72 18.19
N ALA C 624 57.76 -51.09 19.44
CA ALA C 624 59.12 -51.03 19.94
C ALA C 624 60.04 -52.02 19.22
N VAL C 625 59.54 -53.23 18.96
CA VAL C 625 60.37 -54.25 18.32
C VAL C 625 60.67 -53.87 16.88
N ILE C 626 59.64 -53.43 16.14
CA ILE C 626 59.85 -52.99 14.76
C ILE C 626 60.77 -51.78 14.72
N HIS C 627 60.65 -50.90 15.72
CA HIS C 627 61.48 -49.70 15.88
C HIS C 627 61.60 -48.90 14.58
N GLY C 628 60.48 -48.81 13.86
CA GLY C 628 60.39 -47.95 12.69
C GLY C 628 61.37 -48.28 11.59
N ASN C 629 61.57 -49.56 11.31
CA ASN C 629 62.48 -50.01 10.26
C ASN C 629 61.69 -50.71 9.17
N GLU C 630 62.00 -50.38 7.92
CA GLU C 630 61.29 -50.98 6.79
C GLU C 630 61.56 -52.48 6.69
N ARG C 631 62.75 -52.92 7.08
CA ARG C 631 63.07 -54.35 7.02
C ARG C 631 62.16 -55.15 7.94
N ASN C 632 61.87 -54.61 9.13
CA ASN C 632 60.95 -55.28 10.04
C ASN C 632 59.53 -55.31 9.46
N PHE C 633 59.07 -54.18 8.93
CA PHE C 633 57.69 -54.09 8.46
C PHE C 633 57.49 -54.96 7.21
N CYS C 634 58.54 -55.21 6.45
CA CYS C 634 58.42 -55.98 5.22
C CYS C 634 58.08 -57.44 5.46
N ALA C 635 58.15 -57.93 6.69
CA ALA C 635 57.93 -59.34 6.98
C ALA C 635 56.77 -59.58 7.94
N LEU C 636 56.06 -58.55 8.36
CA LEU C 636 54.95 -58.69 9.32
C LEU C 636 53.66 -58.14 8.74
N LEU C 637 53.39 -58.41 7.46
CA LEU C 637 52.16 -57.94 6.86
C LEU C 637 50.95 -58.65 7.44
N ARG C 638 51.00 -59.97 7.49
CA ARG C 638 49.84 -60.76 7.93
C ARG C 638 49.55 -60.53 9.41
N LEU C 639 50.59 -60.56 10.25
CA LEU C 639 50.39 -60.39 11.69
C LEU C 639 49.81 -59.03 12.01
N LEU C 640 50.38 -57.98 11.42
CA LEU C 640 49.87 -56.63 11.66
C LEU C 640 48.44 -56.48 11.13
N THR C 641 48.16 -57.04 9.95
CA THR C 641 46.80 -56.96 9.41
C THR C 641 45.79 -57.62 10.33
N GLN C 642 46.11 -58.84 10.79
CA GLN C 642 45.20 -59.53 11.70
C GLN C 642 45.02 -58.77 12.99
N CYS C 643 46.11 -58.23 13.55
CA CYS C 643 46.03 -57.51 14.81
C CYS C 643 45.18 -56.25 14.68
N ILE C 644 45.40 -55.47 13.62
CA ILE C 644 44.63 -54.22 13.47
C ILE C 644 43.17 -54.54 13.19
N ARG C 645 42.89 -55.56 12.38
CA ARG C 645 41.50 -55.94 12.13
C ARG C 645 40.80 -56.37 13.42
N GLY C 646 41.47 -57.21 14.21
CA GLY C 646 40.88 -57.67 15.45
C GLY C 646 40.63 -56.54 16.43
N TYR C 647 41.58 -55.61 16.55
CA TYR C 647 41.38 -54.50 17.47
C TYR C 647 40.34 -53.51 16.94
N TRP C 648 40.18 -53.42 15.62
CA TRP C 648 39.26 -52.43 15.06
C TRP C 648 37.81 -52.92 15.11
N GLU C 649 37.54 -54.09 14.50
CA GLU C 649 36.15 -54.54 14.48
C GLU C 649 35.80 -55.25 15.78
N GLN C 650 36.14 -54.61 16.91
CA GLN C 650 35.65 -54.98 18.23
C GLN C 650 35.18 -53.80 19.05
N SER C 651 35.71 -52.60 18.83
CA SER C 651 35.23 -51.38 19.46
C SER C 651 35.25 -50.19 18.52
N HIS C 652 35.54 -50.38 17.24
CA HIS C 652 35.59 -49.32 16.24
C HIS C 652 36.60 -48.23 16.65
N ARG C 653 37.80 -48.67 17.01
CA ARG C 653 38.90 -47.79 17.36
C ARG C 653 40.09 -48.10 16.47
N VAL C 654 40.64 -47.06 15.81
CA VAL C 654 41.82 -47.24 14.99
C VAL C 654 43.07 -47.22 15.86
N ALA C 655 43.86 -48.28 15.76
CA ALA C 655 45.10 -48.41 16.52
C ALA C 655 46.29 -48.04 15.65
N PHE C 656 47.48 -48.30 16.18
CA PHE C 656 48.74 -48.11 15.47
C PHE C 656 48.94 -46.66 15.03
N VAL C 657 48.47 -45.71 15.85
CA VAL C 657 48.52 -44.30 15.50
C VAL C 657 49.73 -43.59 16.09
N ASN C 658 50.33 -44.13 17.15
CA ASN C 658 51.37 -43.41 17.86
C ASN C 658 52.63 -43.27 17.01
N ASN C 659 53.23 -44.39 16.64
CA ASN C 659 54.51 -44.36 15.93
C ASN C 659 54.32 -43.85 14.51
N PHE C 660 55.03 -42.78 14.17
CA PHE C 660 54.90 -42.19 12.83
C PHE C 660 55.54 -43.08 11.76
N HIS C 661 56.55 -43.88 12.13
CA HIS C 661 57.12 -44.80 11.17
C HIS C 661 56.33 -46.09 11.05
N MET C 662 55.00 -46.03 11.09
CA MET C 662 54.24 -47.23 10.76
C MET C 662 52.93 -46.93 10.05
N LEU C 663 52.37 -45.72 10.21
CA LEU C 663 51.14 -45.36 9.52
C LEU C 663 51.33 -45.28 8.00
N MET C 664 52.41 -44.63 7.55
CA MET C 664 52.65 -44.56 6.12
C MET C 664 53.02 -45.92 5.55
N TYR C 665 53.71 -46.76 6.33
CA TYR C 665 53.93 -48.14 5.91
C TYR C 665 52.61 -48.84 5.66
N ILE C 666 51.63 -48.63 6.54
CA ILE C 666 50.31 -49.20 6.35
C ILE C 666 49.67 -48.66 5.08
N THR C 667 49.67 -47.33 4.92
CA THR C 667 48.94 -46.74 3.78
C THR C 667 49.62 -47.06 2.46
N THR C 668 50.89 -47.46 2.49
CA THR C 668 51.55 -47.83 1.24
C THR C 668 51.44 -49.33 0.97
N TYR C 669 51.92 -50.18 1.87
CA TYR C 669 51.89 -51.62 1.64
C TYR C 669 50.50 -52.20 1.89
N LEU C 670 49.95 -51.95 3.07
CA LEU C 670 48.60 -52.40 3.40
C LEU C 670 47.56 -51.39 2.92
N GLY C 671 47.61 -51.11 1.62
CA GLY C 671 46.72 -50.13 1.03
C GLY C 671 46.00 -50.66 -0.20
N ASN C 672 46.26 -51.91 -0.54
CA ASN C 672 45.62 -52.53 -1.70
C ASN C 672 44.25 -53.10 -1.38
N GLY C 673 43.86 -53.13 -0.11
CA GLY C 673 42.58 -53.68 0.28
C GLY C 673 42.69 -54.73 1.36
N GLU C 674 43.88 -54.84 1.96
CA GLU C 674 44.10 -55.83 3.02
C GLU C 674 43.25 -55.51 4.24
N LEU C 675 43.15 -54.23 4.60
CA LEU C 675 42.42 -53.76 5.76
C LEU C 675 41.04 -53.28 5.36
N PRO C 676 40.12 -53.12 6.32
CA PRO C 676 38.81 -52.55 6.00
C PRO C 676 38.96 -51.14 5.42
N GLU C 677 38.02 -50.80 4.54
CA GLU C 677 38.08 -49.53 3.81
C GLU C 677 38.07 -48.32 4.74
N VAL C 678 37.46 -48.47 5.93
CA VAL C 678 37.36 -47.33 6.83
C VAL C 678 38.72 -46.98 7.44
N CYS C 679 39.49 -48.00 7.85
CA CYS C 679 40.77 -47.72 8.50
C CYS C 679 41.73 -47.01 7.57
N ILE C 680 41.91 -47.54 6.35
CA ILE C 680 42.81 -46.92 5.39
C ILE C 680 42.29 -45.53 5.02
N ASN C 681 40.98 -45.35 5.02
CA ASN C 681 40.42 -44.02 4.82
C ASN C 681 40.86 -43.06 5.91
N ILE C 682 40.86 -43.52 7.17
CA ILE C 682 41.28 -42.67 8.27
C ILE C 682 42.77 -42.34 8.16
N TYR C 683 43.59 -43.34 7.82
CA TYR C 683 45.02 -43.08 7.65
C TYR C 683 45.27 -42.09 6.52
N ARG C 684 44.56 -42.25 5.40
CA ARG C 684 44.73 -41.35 4.27
C ARG C 684 44.23 -39.95 4.60
N ASP C 685 43.16 -39.84 5.38
CA ASP C 685 42.68 -38.52 5.79
C ASP C 685 43.68 -37.83 6.72
N LEU C 686 44.31 -38.60 7.62
CA LEU C 686 45.36 -38.04 8.46
C LEU C 686 46.52 -37.54 7.60
N LEU C 687 46.93 -38.34 6.61
CA LEU C 687 48.02 -37.92 5.73
C LEU C 687 47.62 -36.69 4.92
N GLN C 688 46.37 -36.62 4.48
CA GLN C 688 45.89 -35.45 3.76
C GLN C 688 45.91 -34.21 4.64
N HIS C 689 45.52 -34.35 5.91
CA HIS C 689 45.58 -33.21 6.82
C HIS C 689 47.02 -32.75 7.04
N VAL C 690 47.95 -33.70 7.20
CA VAL C 690 49.35 -33.35 7.40
C VAL C 690 49.90 -32.65 6.16
N ARG C 691 49.57 -33.16 4.98
CA ARG C 691 50.07 -32.55 3.75
C ARG C 691 49.40 -31.20 3.50
N ALA C 692 48.16 -31.03 3.94
CA ALA C 692 47.52 -29.72 3.86
C ALA C 692 48.22 -28.72 4.78
N LEU C 693 48.62 -29.17 5.97
CA LEU C 693 49.41 -28.32 6.86
C LEU C 693 50.73 -27.95 6.21
N ARG C 694 51.39 -28.90 5.55
CA ARG C 694 52.65 -28.62 4.85
C ARG C 694 52.43 -27.63 3.71
N GLN C 695 51.34 -27.78 2.97
CA GLN C 695 51.01 -26.83 1.91
C GLN C 695 50.74 -25.44 2.48
N THR C 696 50.08 -25.39 3.64
CA THR C 696 49.89 -24.12 4.33
C THR C 696 51.22 -23.48 4.69
N ILE C 697 52.16 -24.28 5.17
CA ILE C 697 53.51 -23.78 5.47
C ILE C 697 54.14 -23.22 4.21
N THR C 698 54.03 -23.94 3.10
CA THR C 698 54.66 -23.50 1.85
C THR C 698 54.01 -22.21 1.34
N ASP C 699 52.69 -22.08 1.49
CA ASP C 699 51.99 -20.89 1.02
C ASP C 699 52.43 -19.66 1.79
N PHE C 700 52.55 -19.78 3.12
CA PHE C 700 52.84 -18.64 3.97
C PHE C 700 54.31 -18.27 4.00
N THR C 701 55.18 -19.06 3.37
CA THR C 701 56.58 -18.72 3.23
C THR C 701 56.84 -18.19 1.82
N ILE C 702 57.90 -17.41 1.69
CA ILE C 702 58.27 -16.78 0.42
C ILE C 702 59.53 -17.45 -0.10
N GLN C 703 59.46 -17.97 -1.32
CA GLN C 703 60.57 -18.68 -1.92
C GLN C 703 61.47 -17.73 -2.69
N GLY C 704 62.66 -18.22 -3.04
CA GLY C 704 63.63 -17.44 -3.78
C GLY C 704 64.61 -16.66 -2.95
N GLU C 705 64.48 -16.68 -1.62
CA GLU C 705 65.38 -15.95 -0.73
C GLU C 705 66.01 -16.95 0.24
N GLY C 706 67.31 -17.15 0.11
CA GLY C 706 68.07 -18.02 0.99
C GLY C 706 69.38 -17.34 1.39
N HIS C 707 69.73 -17.44 2.67
CA HIS C 707 70.92 -16.80 3.21
C HIS C 707 71.82 -17.85 3.85
N ASN C 708 73.12 -17.77 3.52
CA ASN C 708 74.15 -18.64 4.09
C ASN C 708 73.84 -20.12 3.86
N GLY C 709 73.21 -20.44 2.72
CA GLY C 709 72.91 -21.81 2.40
C GLY C 709 71.70 -22.39 3.11
N GLU C 710 70.83 -21.55 3.65
CA GLU C 710 69.60 -21.99 4.31
C GLU C 710 68.42 -21.73 3.38
N THR C 711 67.64 -22.79 3.12
CA THR C 711 66.48 -22.66 2.24
C THR C 711 65.39 -21.84 2.92
N SER C 712 64.45 -21.35 2.10
CA SER C 712 63.40 -20.47 2.61
C SER C 712 62.50 -21.20 3.61
N GLU C 713 62.19 -22.47 3.34
CA GLU C 713 61.32 -23.23 4.25
C GLU C 713 61.96 -23.38 5.62
N ALA C 714 63.23 -23.77 5.65
CA ALA C 714 63.93 -23.92 6.93
C ALA C 714 64.28 -22.57 7.55
N LEU C 715 64.13 -21.48 6.79
CA LEU C 715 64.46 -20.16 7.30
C LEU C 715 63.23 -19.44 7.87
N ASN C 716 62.03 -19.78 7.39
CA ASN C 716 60.81 -19.14 7.87
C ASN C 716 60.12 -19.95 8.96
N ASN C 717 59.76 -21.20 8.66
CA ASN C 717 59.03 -22.04 9.59
C ASN C 717 59.98 -22.87 10.44
N ILE C 718 59.48 -23.36 11.58
CA ILE C 718 60.26 -24.13 12.52
C ILE C 718 60.12 -25.63 12.27
N LEU C 719 58.91 -26.09 11.94
CA LEU C 719 58.72 -27.49 11.62
C LEU C 719 59.49 -27.89 10.36
N THR C 720 59.86 -26.94 9.52
CA THR C 720 60.68 -27.19 8.35
C THR C 720 62.16 -26.95 8.59
N ASP C 721 62.54 -26.57 9.80
CA ASP C 721 63.93 -26.29 10.14
C ASP C 721 64.67 -27.60 10.40
N ASP C 722 65.84 -27.75 9.80
CA ASP C 722 66.64 -28.95 9.96
C ASP C 722 67.26 -29.08 11.35
N THR C 723 67.65 -27.97 11.97
CA THR C 723 68.33 -28.03 13.27
C THR C 723 67.42 -28.61 14.35
N PHE C 724 66.16 -28.19 14.38
CA PHE C 724 65.21 -28.72 15.36
C PHE C 724 64.84 -30.14 14.99
N ILE C 725 64.65 -30.98 16.02
CA ILE C 725 64.44 -32.40 15.81
C ILE C 725 63.14 -32.83 16.50
N ALA C 726 62.64 -33.98 16.06
CA ALA C 726 61.42 -34.54 16.63
C ALA C 726 61.69 -35.06 18.05
N PRO C 727 60.65 -35.14 18.89
CA PRO C 727 60.86 -35.64 20.26
C PRO C 727 61.43 -37.06 20.32
N ILE C 728 61.05 -37.93 19.39
CA ILE C 728 61.52 -39.30 19.36
C ILE C 728 62.06 -39.60 17.96
N LEU C 729 63.26 -40.19 17.91
CA LEU C 729 63.91 -40.55 16.66
C LEU C 729 64.23 -42.04 16.68
N TRP C 730 63.98 -42.70 15.55
CA TRP C 730 64.22 -44.14 15.43
C TRP C 730 65.44 -44.48 14.57
N ASP C 731 65.78 -43.63 13.61
CA ASP C 731 66.91 -43.86 12.72
C ASP C 731 67.87 -42.69 12.81
N CYS C 732 69.07 -42.89 12.26
CA CYS C 732 70.10 -41.85 12.30
C CYS C 732 70.00 -40.89 11.13
N ASP C 733 68.99 -41.03 10.26
CA ASP C 733 68.87 -40.16 9.10
C ASP C 733 68.66 -38.71 9.51
N ALA C 734 67.72 -38.45 10.43
CA ALA C 734 67.43 -37.08 10.84
C ALA C 734 68.64 -36.43 11.50
N LEU C 735 69.40 -37.22 12.28
CA LEU C 735 70.62 -36.68 12.87
C LEU C 735 71.63 -36.28 11.81
N ILE C 736 71.75 -37.10 10.76
CA ILE C 736 72.67 -36.77 9.66
C ILE C 736 72.23 -35.48 8.97
N TYR C 737 70.92 -35.35 8.70
CA TYR C 737 70.43 -34.12 8.11
C TYR C 737 70.71 -32.92 9.01
N ARG C 738 70.50 -33.08 10.32
CA ARG C 738 70.72 -31.98 11.26
C ARG C 738 72.18 -31.54 11.26
N ASP C 739 73.10 -32.48 11.42
CA ASP C 739 74.50 -32.10 11.56
C ASP C 739 75.21 -31.95 10.21
N GLU C 740 74.48 -32.07 9.10
CA GLU C 740 75.04 -31.70 7.80
C GLU C 740 74.47 -30.39 7.26
N ALA C 741 73.22 -30.06 7.61
CA ALA C 741 72.53 -28.97 6.93
C ALA C 741 73.12 -27.60 7.24
N ALA C 742 73.44 -27.32 8.49
CA ALA C 742 73.71 -25.94 8.90
C ALA C 742 75.07 -25.44 8.43
N ARG C 743 76.15 -26.04 8.95
CA ARG C 743 77.53 -25.69 8.60
C ARG C 743 77.90 -24.25 8.92
N ASP C 744 76.99 -23.51 9.58
CA ASP C 744 77.30 -22.19 10.11
C ASP C 744 76.87 -22.13 11.57
N ARG C 745 75.85 -22.91 11.93
CA ARG C 745 75.42 -23.04 13.31
C ARG C 745 76.40 -23.95 14.04
N LEU C 746 77.06 -23.43 15.07
CA LEU C 746 78.04 -24.20 15.84
C LEU C 746 77.36 -25.42 16.47
N PRO C 747 77.67 -26.62 16.00
CA PRO C 747 76.95 -27.81 16.49
C PRO C 747 77.61 -28.45 17.70
N ALA C 748 76.80 -29.04 18.58
CA ALA C 748 77.31 -29.79 19.72
C ALA C 748 76.32 -30.89 20.05
N ILE C 749 76.61 -32.10 19.59
CA ILE C 749 75.75 -33.26 19.80
C ILE C 749 76.26 -34.01 21.03
N ARG C 750 75.37 -34.30 21.96
CA ARG C 750 75.70 -35.00 23.20
C ARG C 750 74.77 -36.19 23.35
N VAL C 751 75.35 -37.39 23.41
CA VAL C 751 74.56 -38.60 23.60
C VAL C 751 74.94 -39.23 24.92
N SER C 752 74.26 -38.82 25.99
CA SER C 752 74.47 -39.35 27.35
C SER C 752 75.96 -39.41 27.69
N GLY C 753 76.57 -38.23 27.74
CA GLY C 753 77.98 -38.14 28.01
C GLY C 753 78.83 -37.84 26.78
N ARG C 754 79.44 -38.88 26.21
CA ARG C 754 80.34 -38.73 25.07
C ARG C 754 79.69 -37.92 23.96
N ASN C 755 80.54 -37.24 23.18
CA ASN C 755 80.11 -36.38 22.08
C ASN C 755 80.36 -37.09 20.76
N GLY C 756 79.36 -37.10 19.91
CA GLY C 756 79.48 -37.75 18.61
C GLY C 756 78.91 -39.16 18.63
N TYR C 757 78.46 -39.61 17.47
CA TYR C 757 77.85 -40.92 17.32
C TYR C 757 78.70 -41.79 16.38
N GLN C 758 78.36 -43.07 16.32
CA GLN C 758 79.05 -44.03 15.46
C GLN C 758 78.16 -44.60 14.37
N ALA C 759 76.87 -44.79 14.65
CA ALA C 759 75.88 -45.23 13.66
C ALA C 759 76.27 -46.59 13.06
N LEU C 760 76.28 -47.61 13.91
CA LEU C 760 76.53 -48.98 13.50
C LEU C 760 75.20 -49.70 13.32
N HIS C 761 74.96 -50.21 12.13
CA HIS C 761 73.70 -50.85 11.77
C HIS C 761 73.89 -52.36 11.64
N PHE C 762 72.76 -53.04 11.43
CA PHE C 762 72.72 -54.51 11.26
C PHE C 762 73.33 -55.23 12.46
N VAL C 763 72.66 -55.06 13.59
CA VAL C 763 72.99 -55.78 14.80
C VAL C 763 72.16 -57.06 14.85
N ASP C 764 72.79 -58.17 15.22
CA ASP C 764 72.15 -59.47 15.24
C ASP C 764 72.19 -60.06 16.65
N MET C 765 71.73 -61.30 16.77
CA MET C 765 71.66 -61.96 18.07
C MET C 765 73.05 -62.22 18.63
N ALA C 766 74.01 -62.58 17.77
CA ALA C 766 75.34 -62.93 18.23
C ALA C 766 76.03 -61.77 18.93
N GLY C 767 75.76 -60.55 18.48
CA GLY C 767 76.35 -59.37 19.08
C GLY C 767 75.33 -58.43 19.68
N HIS C 768 74.36 -58.99 20.42
CA HIS C 768 73.28 -58.16 20.94
C HIS C 768 73.80 -57.10 21.91
N ASN C 769 74.56 -57.53 22.92
CA ASN C 769 75.24 -56.62 23.86
C ASN C 769 74.30 -55.53 24.37
N PHE C 770 73.27 -55.98 25.11
CA PHE C 770 72.28 -55.04 25.63
C PHE C 770 72.88 -54.07 26.62
N GLN C 771 74.03 -54.41 27.22
CA GLN C 771 74.69 -53.54 28.19
C GLN C 771 75.72 -52.64 27.50
N ARG C 772 75.24 -51.93 26.48
CA ARG C 772 76.08 -51.01 25.73
C ARG C 772 75.92 -49.58 26.26
N ARG C 773 77.05 -48.93 26.51
CA ARG C 773 77.07 -47.58 27.05
C ARG C 773 77.71 -46.57 26.10
N ASP C 774 78.46 -47.02 25.09
CA ASP C 774 79.14 -46.13 24.18
C ASP C 774 78.16 -45.55 23.15
N ASN C 775 78.69 -44.87 22.14
CA ASN C 775 77.90 -44.11 21.18
C ASN C 775 77.61 -44.89 19.91
N VAL C 776 77.46 -46.22 20.01
CA VAL C 776 77.01 -47.01 18.87
C VAL C 776 75.50 -46.85 18.73
N LEU C 777 75.07 -46.32 17.60
CA LEU C 777 73.67 -46.09 17.31
C LEU C 777 73.20 -47.07 16.25
N ILE C 778 72.09 -47.77 16.53
CA ILE C 778 71.59 -48.80 15.64
C ILE C 778 70.79 -48.11 14.54
N HIS C 779 71.45 -47.88 13.40
CA HIS C 779 70.77 -47.26 12.27
C HIS C 779 69.76 -48.21 11.64
N GLY C 780 69.97 -49.51 11.78
CA GLY C 780 69.06 -50.50 11.25
C GLY C 780 69.46 -50.97 9.87
N ARG C 781 68.96 -52.15 9.50
CA ARG C 781 69.29 -52.75 8.22
C ARG C 781 68.49 -52.08 7.11
N PRO C 782 69.13 -51.50 6.10
CA PRO C 782 68.40 -51.07 4.91
C PRO C 782 67.88 -52.27 4.14
N VAL C 783 66.75 -52.06 3.47
CA VAL C 783 66.10 -53.13 2.71
C VAL C 783 66.71 -53.18 1.32
N ARG C 784 66.60 -52.09 0.58
CA ARG C 784 67.10 -52.02 -0.80
C ARG C 784 68.55 -51.57 -0.80
N GLY C 785 69.38 -52.34 -0.10
CA GLY C 785 70.79 -52.03 0.01
C GLY C 785 71.52 -53.14 0.72
N ASP C 786 72.83 -52.93 0.90
CA ASP C 786 73.71 -53.89 1.56
C ASP C 786 74.18 -53.31 2.87
N THR C 787 74.30 -54.18 3.89
CA THR C 787 74.71 -53.71 5.22
C THR C 787 76.19 -53.43 5.27
N GLY C 788 77.02 -54.45 5.06
CA GLY C 788 78.46 -54.29 5.12
C GLY C 788 78.93 -53.88 6.52
N GLN C 789 80.18 -53.43 6.56
CA GLN C 789 80.76 -52.91 7.79
C GLN C 789 81.33 -51.52 7.63
N ALA C 790 81.97 -51.23 6.49
CA ALA C 790 82.58 -49.93 6.24
C ALA C 790 81.74 -49.04 5.33
N ILE C 791 80.55 -49.49 4.93
CA ILE C 791 79.67 -48.70 4.07
C ILE C 791 79.20 -47.48 4.84
N PRO C 792 79.34 -46.27 4.28
CA PRO C 792 78.87 -45.08 5.00
C PRO C 792 77.37 -45.10 5.21
N ILE C 793 76.95 -44.53 6.34
CA ILE C 793 75.54 -44.53 6.70
C ILE C 793 74.78 -43.54 5.82
N THR C 794 73.68 -43.99 5.23
CA THR C 794 72.85 -43.16 4.38
C THR C 794 71.46 -43.03 4.98
N PRO C 795 70.80 -41.89 4.77
CA PRO C 795 69.42 -41.75 5.26
C PRO C 795 68.49 -42.77 4.62
N HIS C 796 67.53 -43.26 5.42
CA HIS C 796 66.58 -44.24 4.92
C HIS C 796 65.55 -43.59 4.02
N HIS C 797 65.21 -42.33 4.28
CA HIS C 797 64.18 -41.63 3.52
C HIS C 797 64.66 -40.23 3.17
N ASP C 798 63.87 -39.55 2.33
CA ASP C 798 64.18 -38.21 1.87
C ASP C 798 64.05 -37.21 3.02
N ARG C 799 64.46 -35.97 2.76
CA ARG C 799 64.39 -34.93 3.79
C ARG C 799 62.94 -34.62 4.16
N GLU C 800 62.02 -34.75 3.21
CA GLU C 800 60.61 -34.50 3.49
C GLU C 800 60.06 -35.44 4.57
N TRP C 801 60.67 -36.62 4.74
CA TRP C 801 60.22 -37.54 5.78
C TRP C 801 60.39 -36.95 7.16
N GLY C 802 61.53 -36.31 7.41
CA GLY C 802 61.72 -35.62 8.69
C GLY C 802 60.71 -34.51 8.89
N ILE C 803 60.40 -33.78 7.81
CA ILE C 803 59.40 -32.72 7.90
C ILE C 803 58.05 -33.29 8.31
N LEU C 804 57.63 -34.38 7.67
CA LEU C 804 56.36 -35.01 8.00
C LEU C 804 56.35 -35.52 9.44
N SER C 805 57.44 -36.14 9.88
CA SER C 805 57.50 -36.67 11.24
C SER C 805 57.41 -35.55 12.27
N LYS C 806 58.16 -34.47 12.07
CA LYS C 806 58.11 -33.36 13.00
C LYS C 806 56.73 -32.71 13.02
N ILE C 807 56.13 -32.54 11.82
CA ILE C 807 54.81 -31.94 11.74
C ILE C 807 53.80 -32.78 12.50
N TYR C 808 53.83 -34.10 12.30
CA TYR C 808 52.92 -34.99 13.02
C TYR C 808 53.14 -34.88 14.53
N TYR C 809 54.38 -35.06 14.98
CA TYR C 809 54.65 -35.12 16.41
C TYR C 809 54.34 -33.80 17.10
N TYR C 810 54.47 -32.67 16.41
CA TYR C 810 54.26 -31.38 17.04
C TYR C 810 52.89 -30.78 16.71
N ILE C 811 52.06 -31.45 15.91
CA ILE C 811 50.73 -30.93 15.64
C ILE C 811 49.66 -31.94 16.04
N VAL C 812 49.69 -33.13 15.44
CA VAL C 812 48.57 -34.06 15.59
C VAL C 812 48.55 -34.64 17.00
N ILE C 813 49.71 -35.08 17.49
CA ILE C 813 49.76 -35.72 18.82
C ILE C 813 49.36 -34.75 19.92
N PRO C 814 49.91 -33.54 20.03
CA PRO C 814 49.49 -32.66 21.15
C PRO C 814 48.07 -32.17 21.03
N ALA C 815 47.56 -31.95 19.81
CA ALA C 815 46.20 -31.46 19.65
C ALA C 815 45.18 -32.48 20.12
N PHE C 816 45.41 -33.76 19.85
CA PHE C 816 44.48 -34.80 20.26
C PHE C 816 44.70 -35.23 21.71
N SER C 817 45.96 -35.48 22.10
CA SER C 817 46.23 -35.91 23.47
C SER C 817 45.97 -34.79 24.48
N ARG C 818 46.14 -33.54 24.07
CA ARG C 818 45.93 -32.38 24.95
C ARG C 818 46.80 -32.47 26.20
N GLY C 819 48.07 -32.82 26.00
CA GLY C 819 49.01 -32.94 27.09
C GLY C 819 48.72 -34.10 28.03
N SER C 820 48.29 -35.24 27.50
CA SER C 820 48.04 -36.42 28.30
C SER C 820 49.02 -37.56 28.01
N CYS C 821 49.41 -37.74 26.75
CA CYS C 821 50.39 -38.76 26.42
C CYS C 821 51.77 -38.37 26.93
N CYS C 822 52.63 -39.38 27.09
CA CYS C 822 53.96 -39.18 27.63
C CYS C 822 54.99 -39.88 26.75
N THR C 823 56.18 -39.28 26.70
CA THR C 823 57.32 -39.86 26.00
C THR C 823 58.27 -40.49 27.01
N MET C 824 58.80 -41.66 26.68
CA MET C 824 59.61 -42.41 27.62
C MET C 824 60.47 -43.41 26.86
N GLY C 825 61.35 -44.07 27.60
CA GLY C 825 62.25 -45.05 27.03
C GLY C 825 61.73 -46.47 27.13
N VAL C 826 62.59 -47.41 26.79
CA VAL C 826 62.25 -48.82 26.75
C VAL C 826 63.33 -49.62 27.49
N ARG C 827 62.92 -50.77 28.04
CA ARG C 827 63.83 -51.71 28.67
C ARG C 827 63.90 -52.95 27.78
N TYR C 828 64.81 -52.92 26.80
CA TYR C 828 64.96 -54.06 25.91
C TYR C 828 65.52 -55.27 26.65
N ASP C 829 66.31 -55.06 27.70
CA ASP C 829 66.88 -56.17 28.46
C ASP C 829 65.80 -57.05 29.09
N ARG C 830 64.60 -56.52 29.28
CA ARG C 830 63.46 -57.30 29.75
C ARG C 830 62.49 -57.64 28.63
N LEU C 831 62.29 -56.73 27.67
CA LEU C 831 61.36 -56.97 26.58
C LEU C 831 61.82 -58.12 25.68
N TYR C 832 63.10 -58.14 25.32
CA TYR C 832 63.59 -59.14 24.37
C TYR C 832 63.48 -60.57 24.90
N PRO C 833 63.93 -60.90 26.11
CA PRO C 833 63.79 -62.30 26.56
C PRO C 833 62.35 -62.78 26.63
N ALA C 834 61.41 -61.88 26.95
CA ALA C 834 60.00 -62.25 27.02
C ALA C 834 59.33 -62.31 25.65
N LEU C 835 60.05 -61.96 24.58
CA LEU C 835 59.52 -61.94 23.23
C LEU C 835 59.56 -63.31 22.55
N GLN C 836 60.22 -64.29 23.17
CA GLN C 836 60.50 -65.56 22.52
C GLN C 836 59.47 -66.65 22.82
N ALA C 837 58.42 -66.34 23.59
CA ALA C 837 57.48 -67.35 24.08
C ALA C 837 56.21 -67.36 23.23
N VAL C 838 56.29 -67.97 22.06
CA VAL C 838 55.13 -68.19 21.19
C VAL C 838 54.85 -69.69 21.16
N ILE C 839 53.57 -70.05 21.23
CA ILE C 839 53.17 -71.43 21.49
C ILE C 839 52.41 -71.95 20.27
N VAL C 840 52.82 -71.51 19.08
CA VAL C 840 52.20 -72.06 17.87
C VAL C 840 52.47 -73.56 17.81
N PRO C 841 51.50 -74.38 17.46
CA PRO C 841 51.68 -75.83 17.48
C PRO C 841 52.25 -76.34 16.15
N GLU C 842 52.58 -77.63 16.13
CA GLU C 842 53.09 -78.30 14.94
C GLU C 842 51.89 -78.78 14.13
N ILE C 843 51.57 -78.04 13.07
CA ILE C 843 50.44 -78.43 12.21
C ILE C 843 50.78 -79.73 11.49
N PRO C 844 49.88 -80.70 11.44
CA PRO C 844 50.15 -81.92 10.68
C PRO C 844 50.24 -81.62 9.18
N ALA C 845 51.00 -82.47 8.49
CA ALA C 845 51.17 -82.31 7.05
C ALA C 845 49.85 -82.49 6.32
N ASP C 846 49.67 -81.71 5.25
CA ASP C 846 48.47 -81.73 4.43
C ASP C 846 47.22 -81.43 5.27
N GLU C 847 47.29 -80.39 6.08
CA GLU C 847 46.18 -79.97 6.92
C GLU C 847 45.94 -78.48 6.74
N GLU C 848 44.65 -78.10 6.76
CA GLU C 848 44.27 -76.71 6.60
C GLU C 848 44.68 -75.89 7.82
N ALA C 849 45.06 -74.64 7.58
CA ALA C 849 45.51 -73.76 8.66
C ALA C 849 44.31 -73.27 9.46
N PRO C 850 44.26 -73.53 10.76
CA PRO C 850 43.11 -73.07 11.56
C PRO C 850 43.05 -71.55 11.66
N THR C 851 41.83 -71.04 11.76
CA THR C 851 41.59 -69.61 11.93
C THR C 851 40.87 -69.28 13.23
N THR C 852 39.81 -70.02 13.55
CA THR C 852 39.04 -69.76 14.76
C THR C 852 39.86 -70.13 16.00
N PRO C 853 39.71 -69.38 17.09
CA PRO C 853 40.42 -69.70 18.33
C PRO C 853 39.76 -70.79 19.18
N GLU C 854 38.68 -71.42 18.70
CA GLU C 854 38.00 -72.42 19.49
C GLU C 854 38.68 -73.78 19.45
N ASP C 855 39.41 -74.08 18.36
CA ASP C 855 40.02 -75.39 18.29
C ASP C 855 41.40 -75.40 18.94
N PRO C 856 41.85 -76.55 19.45
CA PRO C 856 43.20 -76.62 20.05
C PRO C 856 44.32 -76.34 19.05
N ARG C 857 44.07 -76.53 17.75
CA ARG C 857 45.10 -76.29 16.76
C ARG C 857 45.47 -74.82 16.65
N HIS C 858 44.65 -73.92 17.18
CA HIS C 858 44.99 -72.50 17.17
C HIS C 858 45.84 -72.16 18.37
N PRO C 859 46.86 -71.31 18.21
CA PRO C 859 47.73 -70.98 19.34
C PRO C 859 47.02 -70.24 20.46
N LEU C 860 45.87 -69.61 20.19
CA LEU C 860 45.14 -68.86 21.20
C LEU C 860 44.17 -69.72 21.98
N HIS C 861 44.16 -71.03 21.75
CA HIS C 861 43.31 -71.93 22.51
C HIS C 861 43.74 -71.98 23.97
N ALA C 862 42.78 -72.27 24.85
CA ALA C 862 43.06 -72.27 26.28
C ALA C 862 44.04 -73.37 26.66
N HIS C 863 43.94 -74.55 26.03
CA HIS C 863 44.83 -75.66 26.38
C HIS C 863 46.27 -75.37 25.97
N GLN C 864 46.46 -74.67 24.85
CA GLN C 864 47.78 -74.36 24.32
C GLN C 864 48.23 -72.95 24.69
N LEU C 865 47.66 -72.37 25.74
CA LEU C 865 48.02 -71.04 26.21
C LEU C 865 48.74 -71.20 27.55
N VAL C 866 50.06 -71.30 27.50
CA VAL C 866 50.87 -71.44 28.70
C VAL C 866 50.94 -70.07 29.38
N PRO C 867 50.89 -70.01 30.72
CA PRO C 867 51.02 -68.72 31.40
C PRO C 867 52.37 -68.06 31.13
N ASN C 868 52.36 -66.73 31.11
CA ASN C 868 53.56 -65.92 30.95
C ASN C 868 54.25 -66.18 29.62
N SER C 869 53.48 -65.99 28.54
CA SER C 869 53.99 -66.14 27.19
C SER C 869 53.31 -65.11 26.30
N LEU C 870 53.73 -65.07 25.03
CA LEU C 870 53.08 -64.17 24.09
C LEU C 870 51.59 -64.49 23.94
N ASN C 871 51.20 -65.74 24.16
CA ASN C 871 49.81 -66.13 23.97
C ASN C 871 48.90 -65.48 25.00
N VAL C 872 49.32 -65.45 26.27
CA VAL C 872 48.50 -64.78 27.29
C VAL C 872 48.50 -63.28 27.05
N TYR C 873 49.61 -62.72 26.58
CA TYR C 873 49.63 -61.30 26.21
C TYR C 873 48.62 -61.00 25.12
N PHE C 874 48.51 -61.88 24.12
CA PHE C 874 47.58 -61.65 23.01
C PHE C 874 46.14 -61.87 23.44
N HIS C 875 45.90 -62.87 24.30
CA HIS C 875 44.53 -63.17 24.69
C HIS C 875 44.02 -62.21 25.75
N ASN C 876 44.93 -61.48 26.42
CA ASN C 876 44.50 -60.43 27.33
C ASN C 876 43.70 -59.36 26.59
N ALA C 877 44.07 -59.08 25.34
CA ALA C 877 43.40 -58.08 24.53
C ALA C 877 42.26 -58.63 23.69
N HIS C 878 42.05 -59.95 23.71
CA HIS C 878 41.05 -60.61 22.86
C HIS C 878 41.30 -60.30 21.39
N LEU C 879 42.44 -60.76 20.89
CA LEU C 879 42.83 -60.60 19.50
C LEU C 879 42.90 -61.97 18.84
N THR C 880 42.94 -61.96 17.50
CA THR C 880 43.02 -63.18 16.71
C THR C 880 44.23 -63.12 15.79
N VAL C 881 45.16 -64.06 15.97
CA VAL C 881 46.36 -64.16 15.16
C VAL C 881 46.67 -65.63 14.91
N ASP C 882 47.11 -65.93 13.69
CA ASP C 882 47.33 -67.30 13.24
C ASP C 882 48.76 -67.74 13.52
N GLY C 883 49.04 -68.99 13.16
CA GLY C 883 50.32 -69.59 13.50
C GLY C 883 51.49 -68.94 12.78
N ASP C 884 51.34 -68.70 11.48
CA ASP C 884 52.42 -68.08 10.72
C ASP C 884 52.64 -66.63 11.13
N ALA C 885 51.56 -65.93 11.51
CA ALA C 885 51.71 -64.56 11.98
C ALA C 885 52.61 -64.49 13.22
N LEU C 886 52.60 -65.54 14.03
CA LEU C 886 53.46 -65.57 15.21
C LEU C 886 54.82 -66.17 14.89
N LEU C 887 54.89 -67.08 13.92
CA LEU C 887 56.17 -67.60 13.48
C LEU C 887 57.00 -66.56 12.75
N THR C 888 56.38 -65.47 12.30
CA THR C 888 57.13 -64.38 11.67
C THR C 888 58.07 -63.68 12.65
N LEU C 889 57.92 -63.94 13.95
CA LEU C 889 58.80 -63.33 14.95
C LEU C 889 60.26 -63.75 14.75
N GLN C 890 60.50 -64.97 14.27
CA GLN C 890 61.87 -65.44 14.15
C GLN C 890 62.64 -64.67 13.08
N GLU C 891 61.97 -64.28 11.99
CA GLU C 891 62.61 -63.43 10.99
C GLU C 891 62.47 -61.94 11.30
N LEU C 892 61.55 -61.57 12.21
CA LEU C 892 61.54 -60.20 12.73
C LEU C 892 62.72 -59.98 13.67
N MET C 893 63.21 -61.05 14.28
CA MET C 893 64.35 -60.98 15.18
C MET C 893 65.62 -60.49 14.47
N GLY C 894 65.68 -60.58 13.15
CA GLY C 894 66.92 -60.25 12.45
C GLY C 894 67.39 -58.83 12.72
N ASP C 895 66.48 -57.86 12.62
CA ASP C 895 66.83 -56.48 12.95
C ASP C 895 66.47 -56.19 14.41
N MET C 896 67.38 -55.53 15.10
CA MET C 896 67.32 -55.39 16.55
C MET C 896 67.67 -53.96 16.96
N ALA C 897 67.17 -53.56 18.13
CA ALA C 897 67.43 -52.26 18.71
C ALA C 897 67.98 -52.46 20.12
N GLU C 898 69.15 -51.88 20.40
CA GLU C 898 69.89 -52.26 21.60
C GLU C 898 69.23 -51.71 22.86
N ARG C 899 69.18 -50.39 22.99
CA ARG C 899 68.51 -49.74 24.11
C ARG C 899 68.34 -48.27 23.80
N THR C 900 67.33 -47.67 24.43
CA THR C 900 67.07 -46.24 24.23
C THR C 900 68.15 -45.42 24.91
N THR C 901 68.42 -44.24 24.34
CA THR C 901 69.46 -43.36 24.85
C THR C 901 68.92 -41.92 24.89
N ALA C 902 69.56 -41.11 25.73
CA ALA C 902 69.23 -39.70 25.86
C ALA C 902 70.23 -38.88 25.05
N ILE C 903 69.72 -38.17 24.04
CA ILE C 903 70.56 -37.40 23.12
C ILE C 903 70.23 -35.93 23.32
N LEU C 904 71.25 -35.13 23.63
CA LEU C 904 71.12 -33.69 23.78
C LEU C 904 71.88 -33.03 22.64
N VAL C 905 71.19 -32.16 21.90
CA VAL C 905 71.78 -31.44 20.78
C VAL C 905 71.63 -29.95 21.04
N SER C 906 72.58 -29.17 20.56
CA SER C 906 72.58 -27.73 20.72
C SER C 906 73.19 -27.07 19.49
N SER C 907 72.80 -25.82 19.25
CA SER C 907 73.32 -25.07 18.12
C SER C 907 73.21 -23.58 18.40
N ALA C 908 73.97 -22.80 17.64
CA ALA C 908 73.95 -21.35 17.72
C ALA C 908 72.65 -20.82 17.11
N PRO C 909 72.28 -19.58 17.43
CA PRO C 909 71.10 -18.98 16.79
C PRO C 909 71.30 -18.85 15.28
N ASP C 910 70.19 -18.87 14.56
CA ASP C 910 70.21 -18.91 13.11
C ASP C 910 70.85 -17.65 12.54
N ALA C 911 71.30 -17.75 11.28
CA ALA C 911 72.00 -16.65 10.63
C ALA C 911 71.14 -15.39 10.53
N GLY C 912 69.81 -15.53 10.56
CA GLY C 912 68.96 -14.36 10.58
C GLY C 912 69.12 -13.54 11.84
N ALA C 913 69.41 -14.19 12.97
CA ALA C 913 69.53 -13.51 14.24
C ALA C 913 70.80 -13.91 14.98
N ALA C 914 71.89 -14.12 14.25
CA ALA C 914 73.18 -14.45 14.86
C ALA C 914 74.08 -13.23 14.77
N THR C 915 74.29 -12.57 15.91
CA THR C 915 75.17 -11.42 15.97
C THR C 915 76.32 -11.69 16.94
N ALA C 916 77.13 -10.67 17.23
CA ALA C 916 78.30 -10.86 18.07
C ALA C 916 77.95 -11.38 19.46
N THR C 917 76.83 -10.91 20.02
CA THR C 917 76.45 -11.30 21.38
C THR C 917 75.44 -12.45 21.43
N THR C 918 74.68 -12.67 20.36
CA THR C 918 73.71 -13.77 20.35
C THR C 918 74.38 -15.13 20.17
N ARG C 919 75.53 -15.17 19.48
CA ARG C 919 76.20 -16.45 19.26
C ARG C 919 76.71 -17.05 20.58
N ASN C 920 76.88 -16.22 21.60
CA ASN C 920 77.31 -16.73 22.90
C ASN C 920 76.26 -17.66 23.50
N MET C 921 74.98 -17.28 23.42
CA MET C 921 73.91 -18.09 23.99
C MET C 921 73.42 -19.09 22.95
N ARG C 922 73.30 -20.35 23.36
CA ARG C 922 72.86 -21.44 22.51
C ARG C 922 71.58 -22.05 23.05
N ILE C 923 70.86 -22.76 22.17
CA ILE C 923 69.60 -23.40 22.51
C ILE C 923 69.89 -24.84 22.89
N TYR C 924 69.27 -25.30 23.97
CA TYR C 924 69.49 -26.65 24.50
C TYR C 924 68.19 -27.42 24.47
N ASP C 925 68.10 -28.37 23.54
CA ASP C 925 66.94 -29.24 23.44
C ASP C 925 67.41 -30.68 23.29
N GLY C 926 66.61 -31.61 23.83
CA GLY C 926 66.95 -33.01 23.82
C GLY C 926 65.82 -33.87 23.27
N ALA C 927 66.17 -35.13 22.98
CA ALA C 927 65.21 -36.09 22.46
C ALA C 927 65.63 -37.48 22.92
N LEU C 928 64.79 -38.46 22.61
CA LEU C 928 65.03 -39.85 23.00
C LEU C 928 65.11 -40.70 21.73
N TYR C 929 66.23 -41.39 21.57
CA TYR C 929 66.37 -42.38 20.50
C TYR C 929 65.85 -43.72 20.98
N HIS C 930 65.08 -44.39 20.14
CA HIS C 930 64.48 -45.70 20.45
C HIS C 930 63.53 -45.62 21.66
N GLY C 931 62.95 -44.44 21.90
CA GLY C 931 61.93 -44.30 22.92
C GLY C 931 60.54 -44.58 22.38
N LEU C 932 59.57 -44.61 23.29
CA LEU C 932 58.19 -44.92 22.92
C LEU C 932 57.23 -44.03 23.69
N ILE C 933 56.06 -43.82 23.10
CA ILE C 933 55.00 -42.98 23.66
C ILE C 933 53.76 -43.84 23.83
N MET C 934 53.15 -43.80 25.01
CA MET C 934 51.85 -44.40 25.25
C MET C 934 50.81 -43.31 25.45
N MET C 935 49.63 -43.51 24.87
CA MET C 935 48.59 -42.49 24.89
C MET C 935 48.01 -42.31 26.29
N ALA C 936 47.43 -43.36 26.86
CA ALA C 936 46.78 -43.28 28.17
C ALA C 936 47.56 -44.11 29.16
N TYR C 937 47.88 -43.51 30.30
CA TYR C 937 48.59 -44.20 31.38
C TYR C 937 47.65 -45.16 32.08
N GLN C 938 48.13 -46.37 32.36
CA GLN C 938 47.38 -47.38 33.09
C GLN C 938 48.14 -47.78 34.35
N ALA C 939 47.45 -47.74 35.49
CA ALA C 939 48.01 -48.18 36.75
C ALA C 939 47.18 -49.25 37.44
N TYR C 940 45.92 -49.42 37.04
CA TYR C 940 45.01 -50.38 37.64
C TYR C 940 44.94 -51.67 36.82
N ASP C 941 45.77 -51.80 35.79
CA ASP C 941 45.84 -53.03 35.00
C ASP C 941 46.87 -53.92 35.66
N GLU C 942 46.40 -54.88 36.45
CA GLU C 942 47.26 -55.69 37.31
C GLU C 942 47.79 -56.95 36.63
N THR C 943 47.39 -57.20 35.38
CA THR C 943 47.91 -58.37 34.67
C THR C 943 49.39 -58.21 34.33
N ILE C 944 49.84 -56.98 34.11
CA ILE C 944 51.23 -56.67 33.82
C ILE C 944 51.75 -55.75 34.92
N ALA C 945 52.90 -56.08 35.49
CA ALA C 945 53.44 -55.30 36.60
C ALA C 945 53.80 -53.90 36.14
N THR C 946 53.67 -52.95 37.06
CA THR C 946 53.99 -51.56 36.75
C THR C 946 55.48 -51.40 36.47
N GLY C 947 55.80 -50.74 35.37
CA GLY C 947 57.19 -50.51 34.99
C GLY C 947 57.95 -51.78 34.67
N THR C 948 57.34 -52.70 33.91
CA THR C 948 58.03 -53.94 33.57
C THR C 948 58.90 -53.76 32.33
N PHE C 949 58.40 -53.03 31.33
CA PHE C 949 59.09 -52.88 30.06
C PHE C 949 59.48 -51.44 29.74
N PHE C 950 58.80 -50.46 30.31
CA PHE C 950 59.00 -49.05 29.97
C PHE C 950 59.16 -48.23 31.24
N TYR C 951 60.01 -47.20 31.18
CA TYR C 951 60.21 -46.32 32.31
C TYR C 951 60.00 -44.88 31.86
N PRO C 952 59.22 -44.09 32.59
CA PRO C 952 58.96 -42.70 32.17
C PRO C 952 60.20 -41.83 32.31
N VAL C 953 60.73 -41.40 31.17
CA VAL C 953 61.83 -40.43 31.14
C VAL C 953 61.45 -39.32 30.16
N PRO C 954 60.51 -38.45 30.53
CA PRO C 954 59.99 -37.44 29.58
C PRO C 954 60.85 -36.18 29.60
N VAL C 955 61.31 -35.77 28.43
CA VAL C 955 61.94 -34.45 28.25
C VAL C 955 61.25 -33.76 27.08
N ASN C 956 60.16 -33.05 27.38
CA ASN C 956 59.38 -32.16 26.52
C ASN C 956 58.44 -31.35 27.41
N PRO C 957 58.43 -30.02 27.29
CA PRO C 957 57.40 -29.26 28.00
C PRO C 957 55.99 -29.65 27.58
N LEU C 958 55.81 -29.98 26.29
CA LEU C 958 54.49 -30.41 25.81
C LEU C 958 54.13 -31.79 26.32
N PHE C 959 55.11 -32.69 26.44
CA PHE C 959 54.87 -34.08 26.77
C PHE C 959 55.08 -34.37 28.26
N ALA C 960 54.78 -33.40 29.12
CA ALA C 960 54.85 -33.63 30.56
C ALA C 960 53.78 -34.63 30.98
N CYS C 961 54.19 -35.64 31.74
CA CYS C 961 53.30 -36.74 32.15
C CYS C 961 53.40 -36.92 33.65
N PRO C 962 52.73 -36.08 34.43
CA PRO C 962 52.75 -36.27 35.89
C PRO C 962 52.17 -37.60 36.33
N GLU C 963 51.15 -38.09 35.61
CA GLU C 963 50.54 -39.37 35.96
C GLU C 963 51.38 -40.55 35.53
N HIS C 964 52.08 -40.45 34.40
CA HIS C 964 52.93 -41.54 33.95
C HIS C 964 54.15 -41.73 34.83
N LEU C 965 54.49 -40.74 35.67
CA LEU C 965 55.61 -40.91 36.60
C LEU C 965 55.35 -42.00 37.62
N ALA C 966 54.09 -42.33 37.87
CA ALA C 966 53.77 -43.43 38.78
C ALA C 966 54.23 -44.78 38.22
N SER C 967 54.54 -44.85 36.93
CA SER C 967 55.13 -46.06 36.37
C SER C 967 56.48 -46.38 36.99
N LEU C 968 57.30 -45.35 37.25
CA LEU C 968 58.62 -45.53 37.82
C LEU C 968 58.53 -45.98 39.26
N ARG C 969 59.41 -46.91 39.65
CA ARG C 969 59.49 -47.35 41.03
C ARG C 969 59.99 -46.22 41.93
N GLY C 970 59.80 -46.40 43.23
CA GLY C 970 60.13 -45.35 44.17
C GLY C 970 59.24 -44.13 44.04
N MET C 971 57.95 -44.33 43.77
CA MET C 971 57.01 -43.24 43.60
C MET C 971 56.41 -42.86 44.95
N THR C 972 56.62 -41.61 45.35
CA THR C 972 56.21 -41.11 46.65
C THR C 972 55.14 -40.03 46.45
N ASN C 973 54.56 -39.55 47.55
CA ASN C 973 53.57 -38.49 47.47
C ASN C 973 54.21 -37.13 47.21
N ALA C 974 55.41 -36.90 47.73
CA ALA C 974 56.07 -35.61 47.55
C ALA C 974 56.38 -35.35 46.08
N ARG C 975 56.89 -36.35 45.36
CA ARG C 975 57.17 -36.18 43.95
C ARG C 975 55.89 -35.88 43.17
N ARG C 976 54.78 -36.52 43.55
CA ARG C 976 53.52 -36.31 42.85
C ARG C 976 52.99 -34.90 43.10
N VAL C 977 53.03 -34.44 44.36
CA VAL C 977 52.54 -33.11 44.66
C VAL C 977 53.44 -32.05 44.03
N LEU C 978 54.73 -32.34 43.87
CA LEU C 978 55.61 -31.42 43.16
C LEU C 978 55.31 -31.41 41.66
N ALA C 979 55.04 -32.58 41.08
CA ALA C 979 54.82 -32.69 39.65
C ALA C 979 53.47 -32.16 39.21
N LYS C 980 52.46 -32.17 40.10
CA LYS C 980 51.15 -31.67 39.72
C LYS C 980 51.16 -30.18 39.38
N MET C 981 52.20 -29.45 39.80
CA MET C 981 52.33 -28.04 39.44
C MET C 981 53.56 -27.74 38.59
N VAL C 982 54.60 -28.57 38.64
CA VAL C 982 55.83 -28.35 37.91
C VAL C 982 56.09 -29.58 37.04
N PRO C 983 56.24 -29.43 35.73
CA PRO C 983 56.56 -30.58 34.88
C PRO C 983 57.96 -31.09 35.14
N PRO C 984 58.12 -32.38 35.47
CA PRO C 984 59.46 -32.94 35.70
C PRO C 984 60.19 -33.15 34.38
N ILE C 985 61.23 -32.35 34.14
CA ILE C 985 62.00 -32.39 32.91
C ILE C 985 63.48 -32.45 33.28
N PRO C 986 64.26 -33.38 32.72
CA PRO C 986 65.67 -33.45 33.07
C PRO C 986 66.44 -32.25 32.55
N PRO C 987 67.48 -31.81 33.28
CA PRO C 987 68.29 -30.70 32.76
C PRO C 987 69.32 -31.14 31.75
N PHE C 988 69.83 -32.38 31.86
CA PHE C 988 70.82 -32.90 30.93
C PHE C 988 70.26 -33.16 29.55
N LEU C 989 68.97 -32.86 29.33
CA LEU C 989 68.34 -33.01 28.03
C LEU C 989 67.62 -31.73 27.61
N GLY C 990 67.94 -30.61 28.26
CA GLY C 990 67.35 -29.33 27.90
C GLY C 990 66.46 -28.74 28.98
N ALA C 991 66.73 -27.48 29.34
CA ALA C 991 65.90 -26.77 30.30
C ALA C 991 64.77 -26.04 29.57
N ASN C 992 63.72 -25.72 30.34
CA ASN C 992 62.55 -25.08 29.75
C ASN C 992 62.90 -23.72 29.16
N HIS C 993 63.72 -22.94 29.88
CA HIS C 993 64.17 -21.66 29.36
C HIS C 993 65.06 -21.81 28.13
N HIS C 994 65.83 -22.89 28.04
CA HIS C 994 66.80 -23.07 26.98
C HIS C 994 66.30 -23.98 25.85
N ALA C 995 65.15 -24.63 26.02
CA ALA C 995 64.57 -25.42 24.95
C ALA C 995 63.71 -24.54 24.05
N THR C 996 63.66 -24.92 22.77
CA THR C 996 62.84 -24.17 21.82
C THR C 996 61.37 -24.21 22.23
N ILE C 997 60.85 -25.40 22.51
CA ILE C 997 59.51 -25.53 23.08
C ILE C 997 59.55 -25.11 24.54
N ARG C 998 58.64 -24.22 24.92
CA ARG C 998 58.65 -23.61 26.24
C ARG C 998 57.33 -23.92 26.95
N GLN C 999 57.19 -23.38 28.16
CA GLN C 999 55.96 -23.57 28.92
C GLN C 999 54.70 -23.04 28.24
N PRO C 1000 54.67 -21.83 27.67
CA PRO C 1000 53.39 -21.30 27.16
C PRO C 1000 52.72 -22.16 26.10
N VAL C 1001 53.47 -22.82 25.23
CA VAL C 1001 52.82 -23.66 24.22
C VAL C 1001 52.18 -24.88 24.88
N ALA C 1002 52.84 -25.44 25.90
CA ALA C 1002 52.25 -26.53 26.66
C ALA C 1002 50.97 -26.08 27.37
N TYR C 1003 51.00 -24.90 27.98
CA TYR C 1003 49.81 -24.37 28.64
C TYR C 1003 48.69 -24.13 27.64
N HIS C 1004 49.03 -23.63 26.45
CA HIS C 1004 48.03 -23.42 25.41
C HIS C 1004 47.40 -24.73 24.97
N VAL C 1005 48.22 -25.77 24.79
CA VAL C 1005 47.69 -27.02 24.27
C VAL C 1005 46.94 -27.80 25.36
N THR C 1006 47.24 -27.55 26.63
CA THR C 1006 46.60 -28.30 27.70
C THR C 1006 45.39 -27.60 28.30
N HIS C 1007 45.12 -26.35 27.91
CA HIS C 1007 44.03 -25.59 28.54
C HIS C 1007 43.08 -24.98 27.51
N SER C 1008 43.11 -25.44 26.27
CA SER C 1008 42.26 -24.92 25.21
C SER C 1008 41.26 -25.99 24.80
N LYS C 1009 39.96 -25.65 24.85
CA LYS C 1009 38.89 -26.52 24.38
C LYS C 1009 37.99 -25.73 23.44
N SER C 1010 38.40 -25.64 22.18
CA SER C 1010 37.58 -25.02 21.13
C SER C 1010 37.27 -25.98 20.00
N ASP C 1011 38.29 -26.60 19.42
CA ASP C 1011 38.14 -27.52 18.29
C ASP C 1011 39.48 -28.24 18.14
N PHE C 1012 39.60 -29.05 17.08
CA PHE C 1012 40.83 -29.77 16.79
C PHE C 1012 41.50 -29.30 15.50
N ASN C 1013 40.72 -29.08 14.44
CA ASN C 1013 41.28 -28.46 13.24
C ASN C 1013 41.82 -27.07 13.56
N THR C 1014 41.03 -26.26 14.26
CA THR C 1014 41.49 -24.94 14.66
C THR C 1014 42.68 -25.04 15.61
N LEU C 1015 42.67 -26.03 16.50
CA LEU C 1015 43.80 -26.23 17.39
C LEU C 1015 45.07 -26.59 16.61
N THR C 1016 44.93 -27.47 15.61
CA THR C 1016 46.09 -27.84 14.79
C THR C 1016 46.64 -26.63 14.03
N TYR C 1017 45.74 -25.82 13.46
CA TYR C 1017 46.20 -24.66 12.71
C TYR C 1017 46.81 -23.60 13.64
N SER C 1018 46.27 -23.46 14.85
CA SER C 1018 46.87 -22.55 15.82
C SER C 1018 48.26 -23.02 16.23
N LEU C 1019 48.42 -24.32 16.43
CA LEU C 1019 49.74 -24.86 16.74
C LEU C 1019 50.71 -24.62 15.58
N LEU C 1020 50.24 -24.81 14.35
CA LEU C 1020 51.08 -24.56 13.19
C LEU C 1020 51.51 -23.09 13.12
N GLY C 1021 50.55 -22.18 13.32
CA GLY C 1021 50.89 -20.77 13.31
C GLY C 1021 51.82 -20.36 14.43
N GLY C 1022 51.74 -21.07 15.57
CA GLY C 1022 52.71 -20.85 16.62
C GLY C 1022 54.10 -21.29 16.22
N TYR C 1023 54.20 -22.30 15.35
CA TYR C 1023 55.49 -22.82 14.90
C TYR C 1023 56.03 -21.95 13.76
N PHE C 1024 56.41 -20.74 14.14
CA PHE C 1024 57.01 -19.78 13.21
C PHE C 1024 58.10 -19.02 13.96
N LYS C 1025 59.26 -18.85 13.33
CA LYS C 1025 60.35 -18.16 14.00
C LYS C 1025 60.03 -16.68 14.21
N PHE C 1026 60.62 -16.13 15.26
CA PHE C 1026 60.45 -14.72 15.61
C PHE C 1026 61.61 -13.87 15.08
N THR C 1027 62.48 -14.46 14.27
CA THR C 1027 63.63 -13.73 13.74
C THR C 1027 63.18 -12.65 12.75
N PRO C 1028 63.98 -11.60 12.57
CA PRO C 1028 63.57 -10.53 11.64
C PRO C 1028 63.33 -11.03 10.22
N ILE C 1029 64.09 -12.02 9.76
CA ILE C 1029 63.85 -12.58 8.44
C ILE C 1029 62.48 -13.24 8.39
N SER C 1030 62.17 -14.06 9.39
CA SER C 1030 60.85 -14.70 9.46
C SER C 1030 59.75 -13.66 9.60
N LEU C 1031 59.99 -12.63 10.42
CA LEU C 1031 58.99 -11.57 10.59
C LEU C 1031 58.69 -10.88 9.27
N THR C 1032 59.74 -10.57 8.50
CA THR C 1032 59.54 -10.01 7.17
C THR C 1032 58.77 -10.98 6.29
N HIS C 1033 59.07 -12.27 6.39
CA HIS C 1033 58.35 -13.27 5.62
C HIS C 1033 56.85 -13.21 5.89
N GLN C 1034 56.46 -13.26 7.17
CA GLN C 1034 55.03 -13.25 7.46
C GLN C 1034 54.39 -11.92 7.10
N LEU C 1035 55.08 -10.81 7.36
CA LEU C 1035 54.51 -9.50 7.09
C LEU C 1035 54.30 -9.27 5.60
N ARG C 1036 55.22 -9.73 4.76
CA ARG C 1036 55.01 -9.67 3.32
C ARG C 1036 54.00 -10.71 2.87
N THR C 1037 53.84 -11.79 3.64
CA THR C 1037 52.85 -12.81 3.30
C THR C 1037 51.44 -12.34 3.66
N GLY C 1038 51.22 -11.96 4.91
CA GLY C 1038 49.91 -11.53 5.35
C GLY C 1038 49.52 -12.10 6.70
N PHE C 1039 50.33 -13.02 7.21
CA PHE C 1039 50.07 -13.60 8.53
C PHE C 1039 50.25 -12.56 9.62
N HIS C 1040 49.51 -12.74 10.72
CA HIS C 1040 49.55 -11.82 11.85
C HIS C 1040 50.40 -12.42 12.96
N PRO C 1041 51.60 -11.90 13.21
CA PRO C 1041 52.38 -12.36 14.36
C PRO C 1041 51.74 -11.92 15.67
N GLY C 1042 52.09 -12.65 16.74
CA GLY C 1042 51.51 -12.40 18.05
C GLY C 1042 52.07 -11.16 18.73
N ILE C 1043 52.13 -10.05 18.00
CA ILE C 1043 52.59 -8.78 18.57
C ILE C 1043 51.85 -7.66 17.84
N ALA C 1044 51.69 -6.53 18.52
CA ALA C 1044 51.03 -5.36 17.97
C ALA C 1044 52.03 -4.22 17.90
N PHE C 1045 51.57 -3.08 17.36
CA PHE C 1045 52.40 -1.90 17.21
C PHE C 1045 51.56 -0.65 17.44
N THR C 1046 52.24 0.48 17.57
CA THR C 1046 51.60 1.79 17.60
C THR C 1046 52.35 2.74 16.69
N VAL C 1047 51.63 3.73 16.17
CA VAL C 1047 52.16 4.66 15.19
C VAL C 1047 52.19 6.05 15.79
N VAL C 1048 53.32 6.74 15.62
CA VAL C 1048 53.55 8.08 16.15
C VAL C 1048 53.96 9.00 15.01
N ARG C 1049 53.31 10.16 14.92
CA ARG C 1049 53.46 11.06 13.77
C ARG C 1049 53.50 12.51 14.24
N GLN C 1050 54.46 13.27 13.74
CA GLN C 1050 54.50 14.72 13.95
C GLN C 1050 53.75 15.42 12.82
N ASP C 1051 53.06 16.51 13.18
CA ASP C 1051 52.42 17.40 12.22
C ASP C 1051 52.73 18.85 12.57
N ARG C 1052 52.86 19.69 11.55
CA ARG C 1052 53.07 21.12 11.72
C ARG C 1052 51.87 21.88 11.15
N PHE C 1053 51.21 22.65 12.01
CA PHE C 1053 50.01 23.39 11.65
C PHE C 1053 50.26 24.88 11.81
N ALA C 1054 49.80 25.66 10.83
CA ALA C 1054 49.81 27.10 10.97
C ALA C 1054 48.96 27.51 12.17
N THR C 1055 49.57 28.23 13.10
CA THR C 1055 48.92 28.59 14.35
C THR C 1055 48.67 30.09 14.39
N GLU C 1056 47.40 30.48 14.49
CA GLU C 1056 47.05 31.87 14.70
C GLU C 1056 46.97 32.16 16.19
N GLN C 1057 47.56 33.29 16.59
CA GLN C 1057 47.67 33.64 18.00
C GLN C 1057 46.72 34.77 18.34
N LEU C 1058 46.03 34.60 19.46
CA LEU C 1058 45.07 35.59 19.96
C LEU C 1058 45.67 36.21 21.20
N LEU C 1059 45.74 37.54 21.25
CA LEU C 1059 46.47 38.22 22.30
C LEU C 1059 45.74 39.49 22.74
N TYR C 1060 45.45 39.56 24.03
CA TYR C 1060 44.99 40.76 24.72
C TYR C 1060 45.85 41.00 25.95
N ALA C 1061 46.25 42.25 26.18
CA ALA C 1061 47.03 42.58 27.37
C ALA C 1061 46.31 43.52 28.32
N GLU C 1062 46.18 44.81 27.96
CA GLU C 1062 45.81 45.87 28.89
C GLU C 1062 45.70 47.23 28.22
N ARG C 1063 45.27 48.23 28.98
CA ARG C 1063 45.45 49.63 28.59
C ARG C 1063 46.82 50.15 28.98
N ALA C 1064 47.13 50.16 30.28
CA ALA C 1064 48.41 50.68 30.78
C ALA C 1064 49.33 49.50 31.13
N SER C 1065 49.90 48.90 30.09
CA SER C 1065 50.71 47.71 30.28
C SER C 1065 52.20 47.96 30.22
N GLU C 1066 52.65 48.91 29.40
CA GLU C 1066 54.07 49.15 29.22
C GLU C 1066 54.35 50.64 29.28
N SER C 1067 55.32 51.02 30.10
CA SER C 1067 55.82 52.39 30.12
C SER C 1067 57.03 52.47 29.20
N TYR C 1068 56.99 53.41 28.26
CA TYR C 1068 57.89 53.42 27.10
C TYR C 1068 58.59 54.78 27.04
N PHE C 1069 59.92 54.75 27.10
CA PHE C 1069 60.72 55.97 27.05
C PHE C 1069 61.34 56.12 25.67
N VAL C 1070 61.55 57.36 25.24
CA VAL C 1070 62.13 57.67 23.94
C VAL C 1070 63.32 58.58 24.15
N GLY C 1071 64.41 58.31 23.43
CA GLY C 1071 65.58 59.16 23.42
C GLY C 1071 65.53 60.19 22.31
N GLN C 1072 66.66 60.87 22.12
CA GLN C 1072 66.80 61.88 21.07
C GLN C 1072 67.59 61.30 19.90
N ILE C 1073 67.09 61.55 18.69
CA ILE C 1073 67.72 61.02 17.50
C ILE C 1073 69.09 61.64 17.29
N GLN C 1074 70.09 60.79 17.06
CA GLN C 1074 71.44 61.23 16.77
C GLN C 1074 71.95 60.48 15.54
N VAL C 1075 72.88 61.11 14.83
CA VAL C 1075 73.29 60.67 13.50
C VAL C 1075 74.79 60.36 13.51
N HIS C 1076 75.22 59.54 12.56
CA HIS C 1076 76.63 59.23 12.34
C HIS C 1076 76.91 59.37 10.85
N HIS C 1077 77.82 60.26 10.49
CA HIS C 1077 78.26 60.37 9.10
C HIS C 1077 79.41 59.41 8.84
N HIS C 1078 79.19 58.46 7.93
CA HIS C 1078 80.17 57.44 7.62
C HIS C 1078 80.46 57.46 6.14
N ASP C 1079 81.75 57.47 5.79
CA ASP C 1079 82.15 57.38 4.40
C ASP C 1079 81.72 56.04 3.81
N ALA C 1080 81.24 56.09 2.58
CA ALA C 1080 80.70 54.92 1.90
C ALA C 1080 81.42 54.75 0.57
N ILE C 1081 80.94 53.82 -0.26
CA ILE C 1081 81.61 53.53 -1.52
C ILE C 1081 81.38 54.65 -2.53
N GLY C 1082 80.13 54.88 -2.90
CA GLY C 1082 79.82 55.91 -3.88
C GLY C 1082 79.69 57.29 -3.25
N GLY C 1083 79.19 57.33 -2.02
CA GLY C 1083 79.05 58.57 -1.29
C GLY C 1083 79.38 58.40 0.18
N VAL C 1084 78.48 58.86 1.04
CA VAL C 1084 78.62 58.68 2.48
C VAL C 1084 77.32 58.09 3.01
N ASN C 1085 77.41 57.47 4.18
CA ASN C 1085 76.26 56.81 4.81
C ASN C 1085 75.84 57.60 6.03
N PHE C 1086 74.59 58.02 6.06
CA PHE C 1086 73.99 58.65 7.23
C PHE C 1086 73.16 57.62 7.96
N THR C 1087 73.53 57.32 9.20
CA THR C 1087 72.82 56.36 10.03
C THR C 1087 72.14 57.11 11.16
N LEU C 1088 70.83 56.89 11.32
CA LEU C 1088 70.04 57.58 12.32
C LEU C 1088 69.88 56.66 13.53
N THR C 1089 70.22 57.17 14.71
CA THR C 1089 70.23 56.37 15.93
C THR C 1089 69.46 57.10 17.03
N GLN C 1090 68.63 56.36 17.76
CA GLN C 1090 67.86 56.91 18.86
C GLN C 1090 67.64 55.80 19.89
N PRO C 1091 67.94 56.03 21.16
CA PRO C 1091 67.75 54.99 22.19
C PRO C 1091 66.35 55.04 22.79
N ARG C 1092 65.99 53.94 23.44
CA ARG C 1092 64.68 53.82 24.05
C ARG C 1092 64.69 52.66 25.03
N ALA C 1093 63.66 52.62 25.88
CA ALA C 1093 63.55 51.60 26.92
C ALA C 1093 62.08 51.26 27.15
N HIS C 1094 61.85 50.05 27.68
CA HIS C 1094 60.51 49.57 27.98
C HIS C 1094 60.50 49.02 29.40
N VAL C 1095 59.40 49.29 30.13
CA VAL C 1095 59.23 48.82 31.50
C VAL C 1095 57.81 48.30 31.65
N ASP C 1096 57.66 47.16 32.30
CA ASP C 1096 56.35 46.56 32.56
C ASP C 1096 55.86 47.02 33.92
N LEU C 1097 55.04 48.07 33.94
CA LEU C 1097 54.50 48.62 35.18
C LEU C 1097 53.18 47.93 35.53
N GLY C 1098 53.19 46.61 35.45
CA GLY C 1098 52.02 45.80 35.72
C GLY C 1098 52.20 45.00 37.00
N VAL C 1099 51.12 44.83 37.75
CA VAL C 1099 51.17 44.11 39.01
C VAL C 1099 51.48 42.63 38.76
N GLY C 1100 50.67 41.97 37.94
CA GLY C 1100 50.89 40.57 37.63
C GLY C 1100 51.07 40.33 36.15
N TYR C 1101 50.45 39.27 35.64
CA TYR C 1101 50.55 38.92 34.22
C TYR C 1101 49.70 39.90 33.43
N THR C 1102 50.36 40.82 32.73
CA THR C 1102 49.65 41.86 32.01
C THR C 1102 49.01 41.36 30.71
N ALA C 1103 49.56 40.33 30.08
CA ALA C 1103 49.14 39.91 28.76
C ALA C 1103 48.84 38.43 28.73
N VAL C 1104 47.93 38.02 27.85
CA VAL C 1104 47.62 36.62 27.61
C VAL C 1104 47.58 36.38 26.11
N CYS C 1105 48.30 35.35 25.64
CA CYS C 1105 48.31 34.97 24.24
C CYS C 1105 48.14 33.45 24.12
N ALA C 1106 47.24 33.03 23.24
CA ALA C 1106 46.94 31.62 23.07
C ALA C 1106 46.69 31.31 21.60
N THR C 1107 46.95 30.07 21.20
CA THR C 1107 46.68 29.64 19.83
C THR C 1107 45.18 29.68 19.55
N ALA C 1108 44.80 30.25 18.41
CA ALA C 1108 43.40 30.46 18.10
C ALA C 1108 42.93 29.66 16.90
N ALA C 1109 43.57 29.81 15.74
CA ALA C 1109 43.06 29.26 14.49
C ALA C 1109 44.08 28.35 13.82
N LEU C 1110 43.59 27.59 12.84
CA LEU C 1110 44.36 26.55 12.16
C LEU C 1110 44.74 26.91 10.73
N ARG C 1111 43.83 27.53 9.97
CA ARG C 1111 43.94 27.77 8.54
C ARG C 1111 44.59 26.61 7.80
N CYS C 1112 45.32 26.89 6.73
CA CYS C 1112 45.87 25.85 5.90
C CYS C 1112 46.90 25.03 6.67
N PRO C 1113 46.89 23.70 6.54
CA PRO C 1113 47.93 22.87 7.17
C PRO C 1113 49.19 22.84 6.33
N LEU C 1114 50.30 23.30 6.91
CA LEU C 1114 51.56 23.34 6.18
C LEU C 1114 52.17 21.96 6.02
N THR C 1115 51.74 20.99 6.82
CA THR C 1115 52.27 19.64 6.76
C THR C 1115 51.27 18.72 6.06
N ASP C 1116 51.66 17.47 5.88
CA ASP C 1116 50.80 16.43 5.35
C ASP C 1116 50.59 15.36 6.40
N MET C 1117 49.32 15.04 6.68
CA MET C 1117 48.98 13.94 7.57
C MET C 1117 48.77 12.65 6.78
N GLY C 1118 49.76 12.32 5.95
CA GLY C 1118 49.69 11.16 5.09
C GLY C 1118 50.18 9.91 5.78
N ASN C 1119 50.75 9.01 4.97
CA ASN C 1119 51.22 7.71 5.43
C ASN C 1119 52.65 7.49 4.94
N THR C 1120 53.63 7.86 5.76
CA THR C 1120 55.03 7.60 5.47
C THR C 1120 55.68 7.01 6.71
N ALA C 1121 55.97 5.70 6.67
CA ALA C 1121 56.60 5.04 7.80
C ALA C 1121 58.05 5.51 7.96
N GLN C 1122 58.50 5.62 9.20
CA GLN C 1122 59.87 6.05 9.49
C GLN C 1122 60.78 4.84 9.51
N ASN C 1123 61.72 4.78 8.57
CA ASN C 1123 62.67 3.68 8.55
C ASN C 1123 63.68 3.84 9.68
N LEU C 1124 64.26 2.72 10.11
CA LEU C 1124 65.31 2.72 11.12
C LEU C 1124 66.69 2.45 10.52
N PHE C 1125 66.75 2.03 9.26
CA PHE C 1125 68.02 1.70 8.63
C PHE C 1125 68.89 2.93 8.39
N PHE C 1126 68.32 4.13 8.44
CA PHE C 1126 69.11 5.35 8.37
C PHE C 1126 70.06 5.51 9.54
N SER C 1127 69.62 5.18 10.75
CA SER C 1127 70.39 5.40 11.97
C SER C 1127 71.53 4.41 12.08
N ARG C 1128 72.60 4.82 12.75
CA ARG C 1128 73.79 4.01 12.92
C ARG C 1128 74.21 4.01 14.39
N GLY C 1129 74.74 2.88 14.84
CA GLY C 1129 75.19 2.76 16.21
C GLY C 1129 74.85 1.42 16.85
N GLY C 1130 73.80 0.77 16.34
CA GLY C 1130 73.40 -0.51 16.86
C GLY C 1130 74.35 -1.62 16.42
N VAL C 1131 74.28 -2.74 17.14
CA VAL C 1131 75.12 -3.89 16.86
C VAL C 1131 74.69 -4.50 15.53
N PRO C 1132 75.61 -4.70 14.59
CA PRO C 1132 75.23 -5.26 13.29
C PRO C 1132 75.11 -6.77 13.33
N MET C 1133 74.40 -7.30 12.34
CA MET C 1133 74.36 -8.74 12.13
C MET C 1133 75.73 -9.24 11.67
N LEU C 1134 76.07 -10.46 12.10
CA LEU C 1134 77.35 -11.04 11.71
C LEU C 1134 77.38 -11.37 10.23
N HIS C 1135 76.20 -11.45 9.60
CA HIS C 1135 76.08 -11.73 8.17
C HIS C 1135 75.68 -10.46 7.44
N ASP C 1136 76.55 -10.00 6.54
CA ASP C 1136 76.27 -8.77 5.80
C ASP C 1136 75.12 -8.94 4.83
N ASN C 1137 75.01 -10.11 4.20
CA ASN C 1137 73.95 -10.32 3.22
C ASN C 1137 72.57 -10.23 3.85
N VAL C 1138 72.42 -10.66 5.10
CA VAL C 1138 71.13 -10.55 5.78
C VAL C 1138 70.73 -9.09 5.93
N THR C 1139 71.66 -8.25 6.39
CA THR C 1139 71.36 -6.83 6.55
C THR C 1139 71.10 -6.17 5.21
N GLU C 1140 71.85 -6.55 4.18
CA GLU C 1140 71.64 -5.98 2.85
C GLU C 1140 70.26 -6.34 2.30
N SER C 1141 69.86 -7.59 2.47
CA SER C 1141 68.52 -8.01 2.02
C SER C 1141 67.43 -7.29 2.81
N LEU C 1142 67.64 -7.12 4.11
CA LEU C 1142 66.66 -6.39 4.90
C LEU C 1142 66.57 -4.93 4.45
N ARG C 1143 67.71 -4.32 4.12
CA ARG C 1143 67.70 -2.96 3.62
C ARG C 1143 66.97 -2.85 2.28
N ARG C 1144 67.19 -3.81 1.38
CA ARG C 1144 66.54 -3.75 0.07
C ARG C 1144 65.04 -4.02 0.21
N ILE C 1145 64.65 -4.83 1.19
CA ILE C 1145 63.22 -5.04 1.45
C ILE C 1145 62.59 -3.78 2.02
N THR C 1146 63.30 -3.11 2.94
CA THR C 1146 62.79 -1.88 3.53
C THR C 1146 62.68 -0.77 2.50
N ALA C 1147 63.63 -0.71 1.55
CA ALA C 1147 63.55 0.29 0.48
C ALA C 1147 62.30 0.10 -0.35
N SER C 1148 61.97 -1.15 -0.70
CA SER C 1148 60.73 -1.43 -1.38
C SER C 1148 59.54 -1.21 -0.45
N GLY C 1149 58.49 -0.59 -0.98
CA GLY C 1149 57.33 -0.28 -0.18
C GLY C 1149 57.51 0.85 0.80
N GLY C 1150 58.53 1.68 0.61
CA GLY C 1150 58.75 2.84 1.47
C GLY C 1150 58.89 4.09 0.64
N ARG C 1151 58.12 5.10 1.01
CA ARG C 1151 58.07 6.34 0.24
C ARG C 1151 59.35 7.16 0.38
N LEU C 1152 60.06 7.02 1.50
CA LEU C 1152 61.36 7.65 1.69
C LEU C 1152 62.37 6.56 2.07
N ASN C 1153 63.44 6.47 1.31
CA ASN C 1153 64.42 5.39 1.47
C ASN C 1153 65.81 5.96 1.25
N PRO C 1154 66.83 5.32 1.82
CA PRO C 1154 68.21 5.80 1.59
C PRO C 1154 68.65 5.59 0.16
N THR C 1155 69.58 6.44 -0.27
CA THR C 1155 70.12 6.33 -1.62
C THR C 1155 70.93 5.05 -1.78
N GLU C 1156 70.90 4.49 -2.99
CA GLU C 1156 71.67 3.27 -3.26
C GLU C 1156 73.19 3.43 -3.10
N PRO C 1157 73.84 4.52 -3.55
CA PRO C 1157 75.31 4.55 -3.43
C PRO C 1157 75.82 4.55 -2.01
N LEU C 1158 74.99 4.94 -1.03
CA LEU C 1158 75.35 4.98 0.39
C LEU C 1158 76.63 5.79 0.59
N PRO C 1159 76.58 7.12 0.42
CA PRO C 1159 77.79 7.94 0.56
C PRO C 1159 78.34 7.88 1.97
N ILE C 1160 79.65 7.62 2.07
CA ILE C 1160 80.30 7.60 3.38
C ILE C 1160 80.64 9.02 3.82
N PHE C 1161 80.89 9.17 5.13
CA PHE C 1161 81.15 10.46 5.76
C PHE C 1161 80.03 11.46 5.43
N GLY C 1162 78.81 11.06 5.76
CA GLY C 1162 77.64 11.87 5.50
C GLY C 1162 76.43 11.29 6.18
N GLY C 1163 75.36 12.06 6.18
CA GLY C 1163 74.13 11.67 6.85
C GLY C 1163 73.22 10.75 6.06
N LEU C 1164 73.62 10.34 4.85
CA LEU C 1164 72.81 9.47 4.00
C LEU C 1164 71.45 10.11 3.70
N ARG C 1165 71.50 11.23 2.98
CA ARG C 1165 70.29 11.95 2.66
C ARG C 1165 69.37 11.10 1.79
N PRO C 1166 68.05 11.24 1.97
CA PRO C 1166 67.11 10.51 1.11
C PRO C 1166 67.20 10.96 -0.34
N ALA C 1167 66.86 10.05 -1.25
CA ALA C 1167 66.99 10.33 -2.66
C ALA C 1167 66.05 11.45 -3.09
N THR C 1168 66.45 12.19 -4.12
CA THR C 1168 65.60 13.24 -4.66
C THR C 1168 64.36 12.64 -5.31
N SER C 1169 63.31 13.45 -5.42
CA SER C 1169 62.04 12.96 -5.93
C SER C 1169 61.26 14.06 -6.63
N ALA C 1170 60.15 13.69 -7.25
CA ALA C 1170 59.26 14.65 -7.89
C ALA C 1170 58.38 15.31 -6.84
N GLY C 1171 57.36 16.04 -7.28
CA GLY C 1171 56.54 16.77 -6.32
C GLY C 1171 55.85 15.84 -5.34
N ILE C 1172 56.12 16.06 -4.06
CA ILE C 1172 55.38 15.35 -3.01
C ILE C 1172 53.97 15.91 -2.98
N ALA C 1173 52.99 15.01 -2.87
CA ALA C 1173 51.62 15.31 -3.29
C ALA C 1173 51.09 16.60 -2.66
N ARG C 1174 51.16 16.72 -1.34
CA ARG C 1174 50.51 17.84 -0.68
C ARG C 1174 51.31 18.43 0.48
N GLY C 1175 52.64 18.41 0.42
CA GLY C 1175 53.47 19.03 1.42
C GLY C 1175 54.52 18.07 1.97
N GLN C 1176 55.26 18.57 2.96
CA GLN C 1176 56.31 17.79 3.58
C GLN C 1176 55.74 16.57 4.28
N ALA C 1177 56.39 15.43 4.09
CA ALA C 1177 55.89 14.17 4.63
C ALA C 1177 56.07 14.13 6.15
N SER C 1178 55.22 13.32 6.79
CA SER C 1178 55.27 13.11 8.23
C SER C 1178 55.66 11.67 8.52
N VAL C 1179 56.71 11.49 9.33
CA VAL C 1179 57.26 10.16 9.58
C VAL C 1179 56.33 9.38 10.49
N CYS C 1180 56.44 8.05 10.43
CA CYS C 1180 55.64 7.14 11.24
C CYS C 1180 56.56 6.10 11.84
N GLU C 1181 56.78 6.18 13.15
CA GLU C 1181 57.61 5.24 13.88
C GLU C 1181 56.74 4.19 14.56
N PHE C 1182 57.30 2.99 14.76
CA PHE C 1182 56.55 1.86 15.27
C PHE C 1182 57.09 1.44 16.64
N VAL C 1183 56.19 1.31 17.61
CA VAL C 1183 56.50 0.82 18.94
C VAL C 1183 55.59 -0.34 19.26
N ALA C 1184 56.18 -1.44 19.73
CA ALA C 1184 55.48 -2.71 19.82
C ALA C 1184 54.87 -2.94 21.20
N MET C 1185 53.83 -3.77 21.22
CA MET C 1185 53.15 -4.20 22.44
C MET C 1185 52.38 -5.47 22.13
N PRO C 1186 51.94 -6.21 23.15
CA PRO C 1186 51.17 -7.43 22.89
C PRO C 1186 49.85 -7.13 22.19
N VAL C 1187 49.38 -8.13 21.43
CA VAL C 1187 48.16 -7.97 20.64
C VAL C 1187 46.97 -7.63 21.54
N SER C 1188 46.93 -8.18 22.75
CA SER C 1188 45.85 -7.88 23.69
C SER C 1188 46.38 -6.88 24.70
N THR C 1189 46.28 -5.60 24.36
CA THR C 1189 46.58 -4.50 25.25
C THR C 1189 45.27 -3.78 25.51
N ASP C 1190 45.14 -3.17 26.70
CA ASP C 1190 43.89 -2.53 27.06
C ASP C 1190 43.54 -1.46 26.04
N LEU C 1191 42.52 -1.74 25.22
CA LEU C 1191 42.25 -0.90 24.05
C LEU C 1191 41.60 0.41 24.43
N GLN C 1192 40.83 0.44 25.52
CA GLN C 1192 40.20 1.70 25.94
C GLN C 1192 41.22 2.72 26.41
N TYR C 1193 42.46 2.30 26.67
CA TYR C 1193 43.53 3.24 26.98
C TYR C 1193 43.77 4.20 25.82
N PHE C 1194 43.64 3.72 24.59
CA PHE C 1194 43.89 4.56 23.42
C PHE C 1194 42.68 5.38 23.01
N ARG C 1195 41.54 5.24 23.69
CA ARG C 1195 40.36 6.04 23.37
C ARG C 1195 40.57 7.52 23.64
N THR C 1196 41.22 7.89 24.73
CA THR C 1196 41.41 9.28 25.10
C THR C 1196 42.87 9.68 24.89
N ALA C 1197 43.20 10.92 25.24
CA ALA C 1197 44.58 11.41 25.12
C ALA C 1197 45.44 10.63 26.11
N CYS C 1198 46.26 9.73 25.58
CA CYS C 1198 47.09 8.84 26.37
C CYS C 1198 48.56 9.23 26.23
N ASN C 1199 49.42 8.47 26.89
CA ASN C 1199 50.85 8.71 26.86
C ASN C 1199 51.51 7.83 25.81
N PRO C 1200 52.46 8.37 25.04
CA PRO C 1200 53.17 7.53 24.06
C PRO C 1200 53.88 6.35 24.68
N ARG C 1201 54.45 6.53 25.87
CA ARG C 1201 55.08 5.41 26.57
C ARG C 1201 54.04 4.46 27.13
N GLY C 1202 52.93 5.00 27.64
CA GLY C 1202 51.89 4.21 28.27
C GLY C 1202 51.76 4.40 29.76
N ARG C 1203 52.46 5.37 30.34
CA ARG C 1203 52.44 5.59 31.78
C ARG C 1203 52.37 7.08 32.07
N ALA C 1204 51.43 7.50 32.91
CA ALA C 1204 51.41 8.87 33.40
C ALA C 1204 52.47 9.04 34.47
N SER C 1205 53.38 9.98 34.26
CA SER C 1205 54.57 10.06 35.12
C SER C 1205 55.22 11.43 34.93
N GLU C 1325 51.85 13.58 26.55
CA GLU C 1325 50.71 12.85 26.02
C GLU C 1325 50.56 13.12 24.53
N ALA C 1326 50.24 12.07 23.78
CA ALA C 1326 50.02 12.16 22.34
C ALA C 1326 48.52 12.05 22.08
N TYR C 1327 47.97 13.03 21.39
CA TYR C 1327 46.54 13.05 21.09
C TYR C 1327 46.23 12.06 19.97
N PRO C 1328 45.33 11.10 20.19
CA PRO C 1328 44.95 10.20 19.11
C PRO C 1328 43.78 10.77 18.32
N PRO C 1329 43.94 10.96 17.02
CA PRO C 1329 42.81 11.32 16.17
C PRO C 1329 41.98 10.10 15.78
N LEU C 1330 40.91 10.37 15.06
CA LEU C 1330 39.94 9.33 14.73
C LEU C 1330 40.54 8.31 13.76
N CYS C 1331 40.30 7.03 14.02
CA CYS C 1331 40.91 5.97 13.23
C CYS C 1331 40.08 4.70 13.32
N SER C 1332 40.35 3.77 12.40
CA SER C 1332 39.69 2.47 12.36
C SER C 1332 40.67 1.43 11.85
N SER C 1333 40.44 0.17 12.25
CA SER C 1333 41.29 -0.94 11.86
C SER C 1333 40.76 -1.70 10.64
N ASP C 1334 39.56 -1.39 10.18
CA ASP C 1334 39.06 -1.91 8.91
C ASP C 1334 38.45 -0.74 8.12
N ALA C 1335 38.33 -0.93 6.81
CA ALA C 1335 37.72 0.09 5.97
C ALA C 1335 36.25 0.28 6.31
N ALA C 1336 35.60 -0.75 6.87
CA ALA C 1336 34.18 -0.69 7.12
C ALA C 1336 33.84 0.33 8.21
N MET C 1337 34.52 0.23 9.37
CA MET C 1337 34.15 1.08 10.49
C MET C 1337 34.56 2.53 10.25
N LEU C 1338 35.67 2.76 9.57
CA LEU C 1338 36.02 4.15 9.22
C LEU C 1338 35.00 4.72 8.27
N ARG C 1339 34.53 3.92 7.32
CA ARG C 1339 33.50 4.38 6.39
C ARG C 1339 32.21 4.70 7.13
N THR C 1340 31.84 3.89 8.12
CA THR C 1340 30.62 4.15 8.87
C THR C 1340 30.82 5.18 9.98
N ALA C 1341 32.06 5.63 10.20
CA ALA C 1341 32.36 6.61 11.23
C ALA C 1341 31.91 8.01 10.85
N HIS C 1342 31.42 8.20 9.63
CA HIS C 1342 30.94 9.52 9.22
C HIS C 1342 29.59 9.85 9.84
N ALA C 1343 29.16 9.05 10.82
CA ALA C 1343 27.84 9.19 11.44
C ALA C 1343 26.73 8.97 10.42
N GLY C 1344 26.68 7.77 9.84
CA GLY C 1344 25.69 7.43 8.83
C GLY C 1344 24.26 7.58 9.32
N GLU C 1345 23.99 7.07 10.52
CA GLU C 1345 22.70 7.32 11.18
C GLU C 1345 22.96 8.03 12.51
N THR C 1346 23.83 9.04 12.43
CA THR C 1346 24.55 9.61 13.56
C THR C 1346 25.36 8.52 14.26
N GLY C 1347 25.58 7.42 13.54
CA GLY C 1347 26.10 6.20 14.11
C GLY C 1347 27.60 6.16 14.30
N ALA C 1348 28.04 6.23 15.54
CA ALA C 1348 29.44 6.03 15.90
C ALA C 1348 29.57 4.70 16.61
N ASP C 1349 30.31 3.77 16.00
CA ASP C 1349 30.52 2.45 16.56
C ASP C 1349 31.94 2.38 17.10
N GLU C 1350 32.22 1.35 17.90
CA GLU C 1350 33.56 1.14 18.43
C GLU C 1350 34.19 -0.16 17.96
N VAL C 1351 33.51 -1.29 18.17
CA VAL C 1351 34.02 -2.60 17.80
C VAL C 1351 32.88 -3.42 17.22
N HIS C 1352 33.15 -4.14 16.15
CA HIS C 1352 32.15 -5.05 15.61
C HIS C 1352 32.35 -6.48 16.13
N LEU C 1353 33.46 -7.12 15.75
CA LEU C 1353 33.83 -8.39 16.36
C LEU C 1353 35.18 -8.31 17.06
N ALA C 1354 36.25 -7.97 16.33
CA ALA C 1354 37.58 -7.84 16.93
C ALA C 1354 38.33 -6.60 16.47
N GLN C 1355 38.12 -6.09 15.25
CA GLN C 1355 38.73 -4.86 14.83
C GLN C 1355 38.01 -3.68 15.48
N TYR C 1356 38.66 -2.51 15.47
CA TYR C 1356 38.26 -1.44 16.35
C TYR C 1356 38.13 -0.12 15.59
N LEU C 1357 37.21 0.72 16.08
CA LEU C 1357 36.95 2.05 15.53
C LEU C 1357 37.14 3.06 16.66
N ILE C 1358 38.35 3.62 16.76
CA ILE C 1358 38.67 4.58 17.80
C ILE C 1358 38.32 5.97 17.33
N ARG C 1359 37.48 6.67 18.09
CA ARG C 1359 37.07 8.01 17.72
C ARG C 1359 38.19 9.02 17.98
N ASP C 1360 37.92 10.27 17.65
CA ASP C 1360 38.92 11.33 17.73
C ASP C 1360 39.08 11.83 19.16
N ALA C 1361 40.33 11.89 19.61
CA ALA C 1361 40.71 12.61 20.82
C ALA C 1361 41.73 13.70 20.54
N SER C 1362 42.18 13.81 19.30
CA SER C 1362 43.10 14.87 18.90
C SER C 1362 42.38 16.21 18.89
N PRO C 1363 43.13 17.32 18.94
CA PRO C 1363 42.49 18.65 18.94
C PRO C 1363 41.60 18.91 17.73
N LEU C 1364 41.54 18.00 16.77
CA LEU C 1364 40.80 18.24 15.52
C LEU C 1364 39.39 17.63 15.62
N ARG C 1365 38.61 18.14 16.57
CA ARG C 1365 37.23 17.70 16.70
C ARG C 1365 36.35 18.26 15.59
N GLY C 1366 36.25 19.59 15.51
CA GLY C 1366 35.38 20.23 14.55
C GLY C 1366 36.11 20.87 13.39
N CYS C 1367 37.18 20.25 12.94
CA CYS C 1367 37.98 20.73 11.82
C CYS C 1367 38.06 19.66 10.75
N LEU C 1368 38.76 20.00 9.65
CA LEU C 1368 39.08 19.06 8.58
C LEU C 1368 37.83 18.36 8.06
N PRO C 1369 36.97 19.07 7.32
CA PRO C 1369 35.72 18.45 6.85
C PRO C 1369 35.99 17.22 5.99
N LEU C 1370 35.14 16.21 6.18
CA LEU C 1370 35.32 14.93 5.51
C LEU C 1370 34.81 14.98 4.07
N ILE D 1 47.30 66.29 65.64
CA ILE D 1 47.79 66.75 64.34
C ILE D 1 46.85 67.83 63.78
N PRO D 2 47.35 69.03 63.51
CA PRO D 2 46.56 69.98 62.71
C PRO D 2 46.60 69.60 61.24
N ALA D 3 45.46 69.10 60.74
CA ALA D 3 45.42 68.60 59.37
C ALA D 3 45.47 69.75 58.37
N GLY D 4 44.41 70.56 58.32
CA GLY D 4 44.37 71.71 57.44
C GLY D 4 44.58 71.40 55.97
N ILE D 5 44.26 70.17 55.55
CA ILE D 5 44.47 69.71 54.18
C ILE D 5 43.19 69.04 53.73
N ILE D 6 43.07 68.85 52.42
CA ILE D 6 41.91 68.10 51.91
C ILE D 6 41.98 66.67 52.44
N PRO D 7 40.85 66.05 52.83
CA PRO D 7 40.91 64.69 53.37
C PRO D 7 41.17 63.66 52.28
N THR D 8 42.39 63.64 51.75
CA THR D 8 42.81 62.71 50.71
C THR D 8 41.89 62.76 49.51
N GLY D 9 40.89 61.88 49.48
CA GLY D 9 39.99 61.82 48.34
C GLY D 9 40.63 61.22 47.11
N ASN D 10 40.91 59.92 47.15
CA ASN D 10 41.53 59.20 46.04
C ASN D 10 42.91 59.78 45.73
N VAL D 11 43.81 59.61 46.70
CA VAL D 11 45.19 60.08 46.60
C VAL D 11 45.85 59.56 45.33
N LEU D 12 46.43 60.47 44.55
CA LEU D 12 47.22 60.11 43.38
C LEU D 12 48.69 60.19 43.76
N SER D 13 49.28 59.06 44.12
CA SER D 13 50.70 59.03 44.44
C SER D 13 51.52 59.20 43.17
N THR D 14 52.77 59.58 43.35
CA THR D 14 53.68 59.84 42.24
C THR D 14 54.74 58.76 42.13
N ILE D 15 54.93 58.25 40.92
CA ILE D 15 56.02 57.32 40.66
C ILE D 15 57.31 58.13 40.56
N GLU D 16 58.40 57.55 41.06
CA GLU D 16 59.70 58.21 41.04
C GLU D 16 60.67 57.38 40.20
N VAL D 17 61.24 58.00 39.17
CA VAL D 17 62.31 57.41 38.39
C VAL D 17 63.64 57.85 38.98
N CYS D 18 64.46 56.88 39.36
CA CYS D 18 65.72 57.13 40.06
C CYS D 18 66.88 56.96 39.09
N ILE D 19 67.70 58.01 38.97
CA ILE D 19 68.85 58.01 38.08
C ILE D 19 70.10 57.83 38.94
N PHE D 20 70.99 56.93 38.52
CA PHE D 20 72.18 56.58 39.31
C PHE D 20 73.42 57.25 38.72
N PHE D 21 74.17 57.91 39.58
CA PHE D 21 75.46 58.50 39.22
C PHE D 21 76.30 58.64 40.48
N ARG D 57 33.05 53.60 47.79
CA ARG D 57 32.06 54.10 48.74
C ARG D 57 30.85 53.17 48.72
N PHE D 58 30.01 53.30 49.75
CA PHE D 58 28.86 52.43 49.91
C PHE D 58 27.65 52.88 49.11
N LEU D 59 27.26 54.15 49.20
CA LEU D 59 26.05 54.61 48.52
C LEU D 59 26.19 54.53 47.01
N GLU D 60 27.35 54.94 46.47
CA GLU D 60 27.56 54.84 45.04
C GLU D 60 27.60 53.39 44.57
N LEU D 61 27.96 52.48 45.46
CA LEU D 61 27.94 51.06 45.14
C LEU D 61 26.50 50.62 44.86
N GLY D 62 26.36 49.76 43.84
CA GLY D 62 25.03 49.36 43.39
C GLY D 62 24.23 48.59 44.42
N LEU D 63 24.89 47.81 45.28
CA LEU D 63 24.18 47.02 46.27
C LEU D 63 23.45 47.88 47.30
N SER D 64 23.85 49.14 47.47
CA SER D 64 23.24 49.97 48.51
C SER D 64 21.77 50.26 48.23
N VAL D 65 21.30 49.97 47.01
CA VAL D 65 19.90 50.20 46.68
C VAL D 65 18.97 49.23 47.40
N ALA D 66 19.52 48.30 48.18
CA ALA D 66 18.72 47.38 48.98
C ALA D 66 18.54 47.84 50.41
N CYS D 67 19.04 49.03 50.77
CA CYS D 67 18.94 49.51 52.14
C CYS D 67 18.69 51.01 52.13
N ILE D 68 18.15 51.50 53.25
CA ILE D 68 17.89 52.91 53.47
C ILE D 68 18.83 53.35 54.58
N CYS D 69 19.90 54.05 54.20
CA CYS D 69 20.85 54.53 55.19
C CYS D 69 20.34 55.84 55.79
N THR D 70 20.22 55.85 57.11
CA THR D 70 19.76 57.03 57.82
C THR D 70 20.64 57.25 59.04
N LYS D 71 20.96 58.52 59.30
CA LYS D 71 21.85 58.87 60.40
C LYS D 71 21.12 58.76 61.73
N PHE D 72 21.81 58.15 62.69
CA PHE D 72 21.28 58.01 64.06
C PHE D 72 22.42 58.26 65.02
N PRO D 73 22.82 59.53 65.20
CA PRO D 73 24.00 59.82 66.03
C PRO D 73 23.88 59.34 67.47
N GLU D 74 22.69 59.39 68.05
CA GLU D 74 22.49 58.97 69.43
C GLU D 74 22.06 57.50 69.50
N LEU D 75 22.96 56.61 69.08
CA LEU D 75 22.65 55.19 69.03
C LEU D 75 23.47 54.36 69.99
N ALA D 76 24.68 54.80 70.34
CA ALA D 76 25.51 54.06 71.28
C ALA D 76 24.87 53.95 72.66
N TYR D 77 23.97 54.87 73.00
CA TYR D 77 23.29 54.88 74.29
C TYR D 77 21.96 54.13 74.25
N VAL D 78 21.64 53.47 73.14
CA VAL D 78 20.37 52.77 73.00
C VAL D 78 20.34 51.59 73.97
N ARG D 79 19.30 51.51 74.77
CA ARG D 79 19.12 50.45 75.77
C ARG D 79 18.59 49.17 75.15
N ASP D 80 15.79 51.00 74.43
CA ASP D 80 15.83 50.08 73.30
C ASP D 80 14.98 50.63 72.16
N GLY D 81 14.94 49.94 71.04
CA GLY D 81 14.31 50.45 69.83
C GLY D 81 13.32 49.47 69.23
N VAL D 82 12.12 49.97 68.93
CA VAL D 82 11.11 49.23 68.18
C VAL D 82 10.38 50.21 67.28
N ILE D 83 9.98 49.71 66.11
CA ILE D 83 9.18 50.46 65.15
C ILE D 83 7.93 49.66 64.82
N GLN D 84 6.87 50.36 64.45
CA GLN D 84 5.58 49.74 64.22
C GLN D 84 5.06 50.11 62.83
N PHE D 85 4.34 49.16 62.24
CA PHE D 85 3.67 49.38 60.96
C PHE D 85 2.19 49.13 61.13
N GLU D 86 1.39 49.77 60.28
CA GLU D 86 -0.07 49.76 60.37
C GLU D 86 -0.69 49.36 59.03
N VAL D 87 -0.17 48.29 58.45
CA VAL D 87 -0.74 47.79 57.19
C VAL D 87 -2.15 47.29 57.44
N GLN D 88 -3.05 47.57 56.49
CA GLN D 88 -4.44 47.14 56.58
C GLN D 88 -4.79 46.32 55.35
N GLN D 89 -5.79 45.46 55.50
CA GLN D 89 -6.12 44.50 54.45
C GLN D 89 -7.12 45.15 53.49
N PRO D 90 -6.75 45.38 52.23
CA PRO D 90 -7.73 45.92 51.28
C PRO D 90 -8.88 44.96 51.05
N MET D 91 -10.08 45.53 50.91
CA MET D 91 -11.30 44.75 50.77
C MET D 91 -11.97 45.05 49.44
N ILE D 92 -12.52 44.02 48.82
CA ILE D 92 -13.26 44.18 47.58
C ILE D 92 -14.67 44.62 47.93
N ALA D 93 -15.29 45.40 47.04
CA ALA D 93 -16.63 45.93 47.30
C ALA D 93 -17.67 45.04 46.62
N ARG D 94 -18.10 44.01 47.35
CA ARG D 94 -19.24 43.22 46.92
C ARG D 94 -20.46 44.13 46.90
N ASP D 95 -21.20 44.11 45.80
CA ASP D 95 -22.18 45.16 45.54
C ASP D 95 -23.46 44.96 46.35
N GLY D 96 -23.92 43.72 46.51
CA GLY D 96 -25.12 43.46 47.25
C GLY D 96 -24.92 43.62 48.74
N PRO D 97 -25.96 44.09 49.44
CA PRO D 97 -25.83 44.30 50.88
C PRO D 97 -25.94 43.03 51.71
N HIS D 98 -24.81 42.58 52.26
CA HIS D 98 -24.78 41.46 53.22
C HIS D 98 -23.98 41.93 54.42
N PRO D 99 -24.54 41.87 55.63
CA PRO D 99 -23.83 42.41 56.80
C PRO D 99 -22.87 41.44 57.44
N VAL D 100 -21.73 41.18 56.80
CA VAL D 100 -20.71 40.29 57.35
C VAL D 100 -19.34 40.94 57.28
N ASP D 101 -19.22 42.02 56.50
CA ASP D 101 -17.92 42.63 56.25
C ASP D 101 -17.54 43.58 57.37
N GLN D 102 -16.24 43.62 57.66
CA GLN D 102 -15.66 44.58 58.59
C GLN D 102 -14.18 44.77 58.29
N PRO D 103 -13.70 46.01 58.25
CA PRO D 103 -12.26 46.24 58.08
C PRO D 103 -11.45 45.59 59.19
N VAL D 104 -10.24 45.16 58.83
CA VAL D 104 -9.31 44.54 59.76
C VAL D 104 -7.96 45.23 59.61
N HIS D 105 -7.22 45.33 60.72
CA HIS D 105 -5.95 46.04 60.74
C HIS D 105 -4.85 45.12 61.27
N ASN D 106 -3.63 45.36 60.83
CA ASN D 106 -2.47 44.62 61.30
C ASN D 106 -1.39 45.58 61.77
N TYR D 107 -0.91 45.34 63.00
CA TYR D 107 0.12 46.18 63.62
C TYR D 107 1.33 45.30 63.90
N MET D 108 2.32 45.35 63.00
CA MET D 108 3.54 44.59 63.12
C MET D 108 4.65 45.47 63.69
N VAL D 109 5.42 44.93 64.61
CA VAL D 109 6.48 45.65 65.31
C VAL D 109 7.78 44.87 65.18
N LYS D 110 8.89 45.59 65.12
CA LYS D 110 10.18 45.01 64.76
C LYS D 110 11.20 45.18 65.88
N ARG D 111 12.11 44.21 65.98
CA ARG D 111 13.25 44.31 66.88
C ARG D 111 14.38 45.09 66.19
N ILE D 112 15.07 45.93 66.95
CA ILE D 112 16.00 46.89 66.38
C ILE D 112 17.32 46.25 65.99
N HIS D 113 17.70 45.17 66.69
CA HIS D 113 18.99 44.50 66.49
C HIS D 113 20.14 45.46 66.77
N LYS D 114 21.38 44.99 66.64
CA LYS D 114 22.55 45.84 66.93
C LYS D 114 23.85 45.27 66.38
N ARG D 115 24.64 46.12 65.72
CA ARG D 115 25.95 45.77 65.19
C ARG D 115 26.96 46.80 65.68
N SER D 116 28.17 46.76 65.13
CA SER D 116 29.23 47.68 65.53
C SER D 116 30.27 47.78 64.42
N LEU D 117 31.39 48.43 64.73
CA LEU D 117 32.51 48.58 63.81
C LEU D 117 33.79 48.62 64.61
N SER D 118 34.89 48.15 64.01
CA SER D 118 36.21 48.21 64.64
C SER D 118 37.29 47.97 63.60
N ALA D 119 38.44 48.60 63.81
CA ALA D 119 39.60 48.43 62.93
C ALA D 119 40.86 48.76 63.69
N ALA D 120 42.00 48.35 63.11
CA ALA D 120 43.31 48.55 63.72
C ALA D 120 44.06 49.67 63.01
N PHE D 121 44.73 50.50 63.81
CA PHE D 121 45.45 51.65 63.28
C PHE D 121 46.55 52.02 64.28
N ALA D 122 47.80 51.69 63.94
CA ALA D 122 48.92 51.87 64.85
C ALA D 122 49.84 53.00 64.39
N ILE D 123 50.44 53.68 65.37
CA ILE D 123 51.32 54.82 65.14
C ILE D 123 52.68 54.53 65.75
N ALA D 124 53.74 54.96 65.07
CA ALA D 124 55.09 54.85 65.60
C ALA D 124 55.39 56.02 66.53
N SER D 125 56.36 55.81 67.42
CA SER D 125 56.69 56.82 68.43
C SER D 125 57.35 58.04 67.79
N GLU D 126 58.21 57.82 66.79
CA GLU D 126 58.85 58.93 66.11
C GLU D 126 57.83 59.80 65.39
N ALA D 127 56.80 59.17 64.82
CA ALA D 127 55.71 59.94 64.23
C ALA D 127 55.04 60.83 65.27
N LEU D 128 54.86 60.31 66.49
CA LEU D 128 54.26 61.12 67.55
C LEU D 128 55.20 62.25 67.98
N SER D 129 56.50 61.99 67.98
CA SER D 129 57.45 63.03 68.35
C SER D 129 57.44 64.18 67.34
N LEU D 130 57.44 63.85 66.05
CA LEU D 130 57.33 64.88 65.03
C LEU D 130 55.94 65.53 65.06
N LEU D 131 54.93 64.78 65.46
CA LEU D 131 53.60 65.31 65.72
C LEU D 131 53.65 66.43 66.75
N SER D 132 54.41 66.22 67.83
CA SER D 132 54.40 67.17 68.95
C SER D 132 54.89 68.55 68.52
N ASN D 133 55.94 68.62 67.72
CA ASN D 133 56.45 69.91 67.27
C ASN D 133 55.51 70.56 66.25
N THR D 134 54.88 69.75 65.40
CA THR D 134 53.98 70.29 64.39
C THR D 134 52.70 70.84 65.02
N TYR D 135 52.25 70.24 66.12
CA TYR D 135 51.08 70.77 66.84
C TYR D 135 51.35 72.17 67.38
N VAL D 136 52.61 72.52 67.61
CA VAL D 136 53.00 73.85 68.08
C VAL D 136 53.85 74.50 67.01
N ALA D 137 53.51 74.23 65.74
CA ALA D 137 54.29 74.68 64.59
C ALA D 137 54.70 76.15 64.73
N ALA D 138 56.00 76.39 64.56
CA ALA D 138 56.58 77.71 64.74
C ALA D 138 57.76 77.83 63.78
N THR D 139 58.65 78.80 64.04
CA THR D 139 59.83 78.95 63.21
C THR D 139 60.66 77.68 63.15
N GLU D 140 60.70 76.93 64.25
CA GLU D 140 61.39 75.64 64.28
C GLU D 140 60.50 74.57 63.65
N ILE D 141 60.89 73.30 63.83
CA ILE D 141 60.14 72.14 63.33
C ILE D 141 60.12 72.14 61.81
N ASP D 142 60.97 71.31 61.21
CA ASP D 142 61.13 71.22 59.76
C ASP D 142 59.79 71.01 59.06
N SER D 143 59.42 71.96 58.20
CA SER D 143 58.13 71.90 57.52
C SER D 143 58.06 70.71 56.56
N SER D 144 59.17 70.40 55.89
CA SER D 144 59.18 69.28 54.96
C SER D 144 58.89 67.96 55.67
N LEU D 145 59.58 67.71 56.79
CA LEU D 145 59.34 66.47 57.53
C LEU D 145 57.95 66.49 58.16
N ARG D 146 57.49 67.66 58.61
CA ARG D 146 56.15 67.75 59.17
C ARG D 146 55.10 67.37 58.14
N ILE D 147 55.23 67.88 56.91
CA ILE D 147 54.25 67.56 55.88
C ILE D 147 54.40 66.11 55.44
N ARG D 148 55.61 65.57 55.45
CA ARG D 148 55.79 64.14 55.18
C ARG D 148 55.02 63.30 56.19
N ALA D 149 55.17 63.62 57.48
CA ALA D 149 54.48 62.86 58.53
C ALA D 149 52.97 63.02 58.42
N ILE D 150 52.50 64.25 58.16
CA ILE D 150 51.06 64.46 58.09
C ILE D 150 50.47 63.72 56.90
N GLN D 151 51.17 63.71 55.76
CA GLN D 151 50.69 62.95 54.61
C GLN D 151 50.67 61.46 54.90
N GLN D 152 51.72 60.96 55.56
CA GLN D 152 51.78 59.54 55.91
C GLN D 152 50.61 59.14 56.79
N MET D 153 50.41 59.87 57.89
CA MET D 153 49.34 59.54 58.82
C MET D 153 47.97 59.73 58.18
N ALA D 154 47.81 60.77 57.35
CA ALA D 154 46.53 61.02 56.71
C ALA D 154 46.17 59.91 55.74
N ARG D 155 47.12 59.46 54.92
CA ARG D 155 46.80 58.40 53.98
C ARG D 155 46.46 57.12 54.72
N ASN D 156 47.22 56.79 55.78
CA ASN D 156 46.91 55.57 56.52
C ASN D 156 45.54 55.66 57.20
N LEU D 157 45.24 56.81 57.81
CA LEU D 157 43.96 56.99 58.48
C LEU D 157 42.80 56.90 57.48
N ARG D 158 42.97 57.48 56.30
CA ARG D 158 41.88 57.44 55.34
C ARG D 158 41.70 56.05 54.74
N THR D 159 42.78 55.30 54.55
CA THR D 159 42.63 53.90 54.13
C THR D 159 41.86 53.09 55.17
N VAL D 160 42.26 53.20 56.44
CA VAL D 160 41.57 52.40 57.45
C VAL D 160 40.15 52.91 57.67
N SER D 161 39.88 54.18 57.36
CA SER D 161 38.52 54.70 57.46
C SER D 161 37.65 54.16 56.32
N ASP D 162 38.15 54.20 55.09
CA ASP D 162 37.43 53.63 53.96
C ASP D 162 37.26 52.13 54.10
N SER D 163 38.08 51.49 54.93
CA SER D 163 37.85 50.08 55.24
C SER D 163 36.44 49.85 55.79
N PHE D 164 35.95 50.78 56.62
CA PHE D 164 34.60 50.65 57.17
C PHE D 164 33.54 50.70 56.08
N GLU D 165 33.66 51.66 55.15
CA GLU D 165 32.72 51.73 54.04
C GLU D 165 32.80 50.50 53.16
N ARG D 166 34.00 49.93 53.04
CA ARG D 166 34.17 48.71 52.25
C ARG D 166 33.51 47.51 52.93
N GLY D 167 33.60 47.42 54.25
CA GLY D 167 33.07 46.28 54.98
C GLY D 167 31.59 46.37 55.30
N THR D 168 31.02 47.58 55.23
CA THR D 168 29.59 47.74 55.44
C THR D 168 28.80 46.96 54.39
N ALA D 169 29.22 47.05 53.13
CA ALA D 169 28.57 46.27 52.08
C ALA D 169 28.72 44.78 52.31
N ASP D 170 29.89 44.34 52.78
CA ASP D 170 30.10 42.94 53.11
C ASP D 170 29.10 42.48 54.17
N GLN D 171 28.97 43.23 55.26
CA GLN D 171 28.03 42.85 56.31
C GLN D 171 26.60 42.83 55.80
N LEU D 172 26.24 43.82 54.99
CA LEU D 172 24.87 43.89 54.49
C LEU D 172 24.56 42.71 53.57
N LEU D 173 25.45 42.40 52.62
CA LEU D 173 25.20 41.26 51.75
C LEU D 173 25.17 39.97 52.54
N GLY D 174 25.99 39.87 53.60
CA GLY D 174 25.93 38.70 54.45
C GLY D 174 24.58 38.56 55.13
N VAL D 175 24.04 39.65 55.66
CA VAL D 175 22.77 39.54 56.38
C VAL D 175 21.63 39.25 55.41
N LEU D 176 21.63 39.83 54.22
CA LEU D 176 20.61 39.47 53.23
C LEU D 176 20.74 38.01 52.80
N LEU D 177 21.98 37.53 52.63
CA LEU D 177 22.15 36.11 52.31
C LEU D 177 21.64 35.23 53.43
N GLU D 178 21.79 35.65 54.68
CA GLU D 178 21.25 34.93 55.81
C GLU D 178 19.75 35.18 56.01
N LYS D 179 19.16 36.05 55.21
CA LYS D 179 17.75 36.41 55.34
C LYS D 179 17.01 36.05 54.04
N ALA D 180 17.25 34.84 53.53
CA ALA D 180 16.57 34.43 52.30
C ALA D 180 16.36 32.91 52.25
N PRO D 181 15.18 32.46 51.84
CA PRO D 181 14.94 31.03 51.66
C PRO D 181 15.21 30.62 50.23
N PRO D 182 15.24 29.31 49.95
CA PRO D 182 15.46 28.86 48.56
C PRO D 182 14.23 29.09 47.70
N LEU D 183 14.49 29.28 46.40
CA LEU D 183 13.40 29.39 45.44
C LEU D 183 12.58 28.11 45.37
N SER D 184 13.26 26.96 45.34
CA SER D 184 12.57 25.68 45.19
C SER D 184 11.69 25.35 46.38
N LEU D 185 11.86 26.06 47.50
CA LEU D 185 11.07 25.82 48.70
C LEU D 185 10.04 26.90 48.97
N LEU D 186 10.02 27.97 48.17
CA LEU D 186 9.03 29.02 48.37
C LEU D 186 8.09 29.13 47.18
N SER D 187 8.63 29.00 45.96
CA SER D 187 7.80 29.13 44.76
C SER D 187 6.66 28.12 44.70
N PRO D 188 6.87 26.82 44.97
CA PRO D 188 5.72 25.90 44.95
C PRO D 188 4.63 26.25 45.95
N ILE D 189 5.01 26.68 47.16
CA ILE D 189 4.01 27.13 48.13
C ILE D 189 3.39 28.44 47.67
N ASN D 190 4.18 29.31 47.05
CA ASN D 190 3.65 30.57 46.53
C ASN D 190 2.57 30.33 45.49
N LYS D 191 2.75 29.33 44.62
CA LYS D 191 1.79 29.06 43.56
C LYS D 191 0.69 28.08 44.01
N PHE D 192 1.08 27.01 44.69
CA PHE D 192 0.12 25.96 45.04
C PHE D 192 -0.44 26.24 46.44
N GLN D 193 -1.14 27.36 46.54
CA GLN D 193 -1.90 27.69 47.75
C GLN D 193 -2.91 28.78 47.43
N PRO D 194 -4.07 28.42 46.86
CA PRO D 194 -5.05 29.47 46.52
C PRO D 194 -5.57 30.22 47.74
N GLU D 195 -6.01 29.52 48.77
CA GLU D 195 -6.51 30.19 49.97
C GLU D 195 -5.81 29.74 51.24
N GLY D 196 -5.41 28.47 51.33
CA GLY D 196 -4.71 27.95 52.49
C GLY D 196 -5.55 26.93 53.23
N HIS D 197 -4.87 26.20 54.11
CA HIS D 197 -5.48 25.15 54.93
C HIS D 197 -6.26 24.16 54.06
N LEU D 198 -5.59 23.67 53.01
CA LEU D 198 -6.17 22.71 52.08
C LEU D 198 -6.02 21.27 52.55
N ASN D 199 -5.88 21.07 53.86
CA ASN D 199 -5.82 19.77 54.55
C ASN D 199 -4.77 18.83 53.99
N ARG D 200 -4.89 17.54 54.35
CA ARG D 200 -3.80 16.59 54.17
C ARG D 200 -3.53 16.28 52.70
N VAL D 201 -4.57 16.06 51.90
CA VAL D 201 -4.37 15.60 50.53
C VAL D 201 -3.67 16.67 49.69
N ALA D 202 -4.13 17.93 49.78
CA ALA D 202 -3.46 18.99 49.05
C ALA D 202 -2.15 19.39 49.69
N ARG D 203 -1.99 19.17 50.99
CA ARG D 203 -0.66 19.33 51.59
C ARG D 203 0.33 18.36 50.95
N ALA D 204 -0.06 17.11 50.77
CA ALA D 204 0.84 16.13 50.15
C ALA D 204 1.02 16.40 48.66
N ALA D 205 0.01 17.00 48.01
CA ALA D 205 0.22 17.47 46.65
C ALA D 205 1.28 18.56 46.60
N LEU D 206 1.25 19.47 47.57
CA LEU D 206 2.32 20.46 47.70
C LEU D 206 3.66 19.78 47.93
N LEU D 207 3.68 18.78 48.81
CA LEU D 207 4.86 17.94 49.03
C LEU D 207 5.44 17.38 47.73
N SER D 208 4.58 16.81 46.90
CA SER D 208 5.02 16.27 45.61
C SER D 208 5.57 17.36 44.71
N ASP D 209 4.92 18.54 44.72
CA ASP D 209 5.48 19.68 43.99
C ASP D 209 6.87 20.02 44.49
N LEU D 210 7.07 19.93 45.81
CA LEU D 210 8.41 20.16 46.36
C LEU D 210 9.41 19.11 45.89
N LYS D 211 9.05 17.83 45.91
CA LYS D 211 9.97 16.84 45.37
C LYS D 211 10.36 17.19 43.93
N ARG D 212 9.37 17.54 43.11
CA ARG D 212 9.66 17.78 41.69
C ARG D 212 10.51 19.03 41.49
N ARG D 213 10.21 20.10 42.21
CA ARG D 213 10.98 21.34 42.05
C ARG D 213 12.40 21.16 42.56
N VAL D 214 12.57 20.44 43.67
CA VAL D 214 13.91 20.15 44.18
C VAL D 214 14.69 19.30 43.19
N CYS D 215 14.07 18.26 42.65
CA CYS D 215 14.77 17.41 41.70
C CYS D 215 15.05 18.13 40.39
N ALA D 216 14.30 19.17 40.07
CA ALA D 216 14.44 19.84 38.78
C ALA D 216 15.57 20.85 38.75
N ASP D 217 15.77 21.65 39.80
CA ASP D 217 16.65 22.81 39.70
C ASP D 217 17.55 22.88 40.94
N MET D 218 18.78 22.37 40.80
CA MET D 218 19.93 22.76 41.62
C MET D 218 21.06 23.33 40.80
N PHE D 219 21.25 22.85 39.59
CA PHE D 219 22.32 23.32 38.71
C PHE D 219 21.75 23.70 37.35
N PHE D 220 20.61 24.41 37.37
CA PHE D 220 19.87 24.70 36.15
C PHE D 220 20.65 25.57 35.17
N MET D 221 21.58 26.40 35.63
CA MET D 221 22.33 27.24 34.70
C MET D 221 23.27 26.39 33.85
N THR D 222 24.01 25.47 34.47
CA THR D 222 24.90 24.60 33.74
C THR D 222 24.16 23.43 33.11
N ARG D 223 22.90 23.20 33.50
CA ARG D 223 22.10 22.14 32.91
C ARG D 223 21.60 22.53 31.53
N HIS D 224 20.71 23.52 31.47
CA HIS D 224 20.21 24.05 30.22
C HIS D 224 21.01 25.29 29.80
N ALA D 225 22.33 25.09 29.69
CA ALA D 225 23.20 26.19 29.27
C ALA D 225 23.02 26.52 27.79
N ARG D 226 22.50 25.59 27.00
CA ARG D 226 22.26 25.81 25.58
C ARG D 226 20.85 26.29 25.28
N GLU D 227 20.03 26.52 26.30
CA GLU D 227 18.65 26.97 26.13
C GLU D 227 18.51 28.31 26.83
N PRO D 228 18.73 29.42 26.12
CA PRO D 228 18.60 30.75 26.74
C PRO D 228 17.19 31.06 27.21
N ARG D 229 16.17 30.39 26.66
CA ARG D 229 14.80 30.69 27.04
C ARG D 229 14.51 30.26 28.48
N LEU D 230 15.01 29.08 28.87
CA LEU D 230 14.72 28.55 30.20
C LEU D 230 15.31 29.41 31.30
N ILE D 231 16.52 29.95 31.10
CA ILE D 231 17.14 30.80 32.11
C ILE D 231 16.29 32.06 32.32
N SER D 232 15.81 32.65 31.23
CA SER D 232 14.94 33.81 31.35
C SER D 232 13.65 33.48 32.10
N ALA D 233 13.07 32.31 31.82
CA ALA D 233 11.87 31.90 32.54
C ALA D 233 12.13 31.74 34.03
N TYR D 234 13.24 31.10 34.38
CA TYR D 234 13.58 30.94 35.80
C TYR D 234 13.82 32.28 36.49
N LEU D 235 14.53 33.21 35.83
CA LEU D 235 14.74 34.52 36.42
C LEU D 235 13.42 35.27 36.58
N SER D 236 12.54 35.17 35.58
CA SER D 236 11.23 35.82 35.68
C SER D 236 10.41 35.24 36.84
N ASP D 237 10.46 33.92 37.01
CA ASP D 237 9.77 33.30 38.14
C ASP D 237 10.38 33.76 39.47
N MET D 238 11.71 33.85 39.51
CA MET D 238 12.38 34.29 40.74
C MET D 238 12.00 35.71 41.11
N VAL D 239 12.05 36.63 40.14
CA VAL D 239 11.76 38.03 40.44
C VAL D 239 10.29 38.23 40.78
N SER D 240 9.40 37.50 40.10
CA SER D 240 7.97 37.55 40.39
C SER D 240 7.55 36.45 41.35
N CYS D 241 8.24 36.36 42.49
CA CYS D 241 7.90 35.38 43.51
C CYS D 241 7.90 35.96 44.91
N THR D 242 8.45 37.16 45.11
CA THR D 242 8.47 37.82 46.40
C THR D 242 7.58 39.05 46.37
N GLN D 243 6.82 39.24 47.44
CA GLN D 243 5.97 40.42 47.53
C GLN D 243 6.82 41.65 47.83
N PRO D 244 6.46 42.82 47.28
CA PRO D 244 7.27 44.03 47.52
C PRO D 244 7.16 44.52 48.95
N SER D 245 7.84 45.62 49.27
CA SER D 245 7.81 46.19 50.60
C SER D 245 7.21 47.59 50.55
N VAL D 246 7.31 48.31 51.66
CA VAL D 246 6.81 49.67 51.73
C VAL D 246 7.52 50.53 50.68
N MET D 247 6.74 51.32 49.95
CA MET D 247 7.25 52.15 48.86
C MET D 247 7.84 53.47 49.37
N VAL D 248 8.18 53.52 50.65
CA VAL D 248 8.71 54.75 51.27
C VAL D 248 10.01 55.15 50.60
N SER D 249 10.13 56.44 50.30
CA SER D 249 11.36 57.03 49.79
C SER D 249 11.19 58.54 49.81
N ARG D 250 12.32 59.25 49.88
CA ARG D 250 12.36 60.69 49.70
C ARG D 250 13.06 61.07 48.40
N ILE D 251 14.29 60.61 48.21
CA ILE D 251 14.96 60.58 46.92
C ILE D 251 15.49 59.17 46.72
N THR D 252 15.17 58.57 45.58
CA THR D 252 15.41 57.16 45.35
C THR D 252 16.41 56.98 44.22
N HIS D 253 16.72 55.73 43.93
CA HIS D 253 17.65 55.38 42.86
C HIS D 253 16.87 55.21 41.56
N THR D 254 17.28 55.93 40.53
CA THR D 254 16.63 55.87 39.22
C THR D 254 17.69 55.73 38.14
N ASN D 255 17.23 55.32 36.95
CA ASN D 255 18.12 55.20 35.80
C ASN D 255 18.44 56.58 35.24
N THR D 256 19.12 56.59 34.08
CA THR D 256 19.44 57.84 33.42
C THR D 256 18.17 58.56 32.96
N ARG D 257 17.20 57.80 32.45
CA ARG D 257 15.96 58.42 31.99
C ARG D 257 15.18 59.04 33.15
N GLY D 258 15.05 58.30 34.25
CA GLY D 258 14.31 58.79 35.39
C GLY D 258 13.41 57.74 36.00
N ARG D 259 13.18 56.65 35.28
CA ARG D 259 12.37 55.56 35.80
C ARG D 259 13.05 54.94 37.03
N GLN D 260 12.28 54.72 38.07
CA GLN D 260 12.82 54.21 39.32
C GLN D 260 13.18 52.74 39.20
N VAL D 261 14.35 52.38 39.75
CA VAL D 261 14.80 51.00 39.80
C VAL D 261 13.96 50.27 40.84
N ASP D 262 13.98 48.94 40.82
CA ASP D 262 13.09 48.17 41.66
C ASP D 262 13.77 47.09 42.51
N GLY D 263 15.07 46.85 42.31
CA GLY D 263 15.73 45.86 43.15
C GLY D 263 17.17 45.66 42.73
N VAL D 264 17.83 44.76 43.45
CA VAL D 264 19.24 44.44 43.22
C VAL D 264 19.41 42.93 43.21
N LEU D 265 20.28 42.44 42.33
CA LEU D 265 20.63 41.03 42.25
C LEU D 265 22.13 40.91 42.45
N VAL D 266 22.54 39.98 43.31
CA VAL D 266 23.95 39.82 43.68
C VAL D 266 24.43 38.42 43.31
N THR D 267 25.61 38.35 42.71
CA THR D 267 26.19 37.10 42.25
C THR D 267 27.71 37.33 42.12
N THR D 268 28.41 36.45 41.41
CA THR D 268 29.80 36.61 41.06
C THR D 268 29.91 36.93 39.56
N ALA D 269 31.05 37.53 39.18
CA ALA D 269 31.20 38.08 37.83
C ALA D 269 31.04 37.02 36.74
N THR D 270 31.25 35.74 37.08
CA THR D 270 31.02 34.67 36.10
C THR D 270 29.61 34.73 35.54
N LEU D 271 28.62 34.76 36.43
CA LEU D 271 27.25 34.90 35.94
C LEU D 271 26.94 36.30 35.44
N LYS D 272 27.64 37.34 35.89
CA LYS D 272 27.49 38.63 35.25
C LYS D 272 27.76 38.52 33.75
N ARG D 273 28.92 37.99 33.37
CA ARG D 273 29.25 37.92 31.95
C ARG D 273 28.38 36.90 31.22
N GLN D 274 28.07 35.77 31.88
CA GLN D 274 27.32 34.72 31.20
C GLN D 274 25.88 35.14 30.95
N LEU D 275 25.29 35.94 31.85
CA LEU D 275 23.95 36.45 31.61
C LEU D 275 23.97 37.66 30.69
N LEU D 276 25.03 38.47 30.75
CA LEU D 276 25.07 39.69 29.97
C LEU D 276 25.39 39.41 28.50
N GLN D 277 26.05 38.29 28.19
CA GLN D 277 26.51 38.07 26.83
C GLN D 277 25.35 38.02 25.84
N GLY D 278 24.35 37.18 26.10
CA GLY D 278 23.24 37.07 25.17
C GLY D 278 21.87 36.84 25.78
N ILE D 279 21.77 36.80 27.10
CA ILE D 279 20.52 36.39 27.74
C ILE D 279 19.71 37.61 28.15
N LEU D 280 20.33 38.55 28.85
CA LEU D 280 19.65 39.74 29.33
C LEU D 280 20.10 40.98 28.55
N GLN D 281 19.29 42.02 28.64
CA GLN D 281 19.47 43.24 27.85
C GLN D 281 19.91 44.39 28.76
N ILE D 282 20.97 45.08 28.36
CA ILE D 282 21.48 46.22 29.12
C ILE D 282 20.48 47.36 29.05
N ASP D 283 20.30 48.06 30.16
CA ASP D 283 19.46 49.25 30.19
C ASP D 283 20.27 50.53 30.02
N ASP D 284 21.38 50.65 30.76
CA ASP D 284 22.28 51.79 30.66
C ASP D 284 23.57 51.44 31.39
N THR D 285 24.51 52.38 31.42
CA THR D 285 25.79 52.20 32.07
C THR D 285 25.87 52.86 33.44
N ALA D 286 25.12 53.93 33.66
CA ALA D 286 25.12 54.65 34.93
C ALA D 286 23.68 54.85 35.40
N ALA D 287 23.54 55.32 36.64
CA ALA D 287 22.23 55.53 37.24
C ALA D 287 22.29 56.69 38.23
N ASP D 288 21.12 57.19 38.59
CA ASP D 288 21.00 58.29 39.54
C ASP D 288 20.90 57.71 40.95
N VAL D 289 21.80 58.15 41.83
CA VAL D 289 21.89 57.61 43.19
C VAL D 289 21.94 58.75 44.19
N PRO D 290 21.19 58.68 45.29
CA PRO D 290 21.29 59.72 46.32
C PRO D 290 22.63 59.67 47.04
N VAL D 291 22.96 60.78 47.69
CA VAL D 291 24.25 60.95 48.37
C VAL D 291 24.12 60.94 49.88
N THR D 292 22.92 60.76 50.42
CA THR D 292 22.73 60.74 51.87
C THR D 292 22.12 59.43 52.34
N ALA D 354 23.14 61.63 42.68
CA ALA D 354 24.40 61.66 41.95
C ALA D 354 24.41 60.65 40.82
N ARG D 355 25.29 60.87 39.84
CA ARG D 355 25.40 60.02 38.67
C ARG D 355 26.62 59.12 38.84
N VAL D 356 26.40 57.80 38.94
CA VAL D 356 27.44 56.83 39.25
C VAL D 356 27.36 55.71 38.23
N PRO D 357 28.48 55.29 37.64
CA PRO D 357 28.43 54.15 36.70
C PRO D 357 27.98 52.87 37.39
N ALA D 358 26.92 52.27 36.86
CA ALA D 358 26.41 51.00 37.36
C ALA D 358 25.49 50.41 36.30
N ASP D 359 25.73 49.15 35.95
CA ASP D 359 24.89 48.49 34.96
C ASP D 359 23.49 48.24 35.52
N LEU D 360 22.52 48.19 34.62
CA LEU D 360 21.13 47.89 34.97
C LEU D 360 20.56 46.92 33.95
N VAL D 361 19.68 46.04 34.41
CA VAL D 361 19.13 44.96 33.60
C VAL D 361 17.64 44.85 33.86
N ILE D 362 16.88 44.63 32.78
CA ILE D 362 15.44 44.45 32.84
C ILE D 362 15.12 42.96 32.81
N VAL D 363 14.26 42.52 33.74
CA VAL D 363 13.76 41.15 33.77
C VAL D 363 12.30 41.21 34.21
N GLY D 364 11.48 40.33 33.65
CA GLY D 364 10.06 40.33 33.96
C GLY D 364 9.39 41.61 33.54
N ASP D 365 9.01 42.44 34.51
CA ASP D 365 8.42 43.74 34.23
C ASP D 365 8.98 44.83 35.14
N LYS D 366 10.07 44.54 35.86
CA LYS D 366 10.68 45.51 36.77
C LYS D 366 12.18 45.55 36.55
N LEU D 367 12.74 46.74 36.73
CA LEU D 367 14.15 47.01 36.50
C LEU D 367 14.95 46.64 37.74
N VAL D 368 16.02 45.87 37.54
CA VAL D 368 16.80 45.33 38.66
C VAL D 368 18.29 45.58 38.41
N PHE D 369 18.98 45.97 39.48
CA PHE D 369 20.44 46.00 39.47
C PHE D 369 20.97 44.57 39.35
N LEU D 370 21.94 44.39 38.47
CA LEU D 370 22.61 43.11 38.30
C LEU D 370 24.03 43.30 38.86
N GLU D 371 24.18 43.02 40.14
CA GLU D 371 25.46 43.20 40.83
C GLU D 371 26.16 41.86 40.94
N ALA D 372 27.46 41.85 40.64
CA ALA D 372 28.33 40.71 40.81
C ALA D 372 29.55 41.12 41.62
N LEU D 373 29.28 41.73 42.78
CA LEU D 373 30.29 42.50 43.49
C LEU D 373 31.44 41.61 43.94
N GLU D 374 32.49 41.60 43.15
CA GLU D 374 33.65 40.73 43.34
C GLU D 374 34.93 41.52 43.12
N ARG D 375 34.82 42.67 42.45
CA ARG D 375 35.99 43.44 42.06
C ARG D 375 36.18 44.69 42.92
N ARG D 376 35.10 45.37 43.30
CA ARG D 376 35.24 46.53 44.17
C ARG D 376 35.60 46.12 45.59
N VAL D 377 35.38 44.85 45.93
CA VAL D 377 35.67 44.33 47.26
C VAL D 377 36.08 42.87 47.10
N TYR D 378 36.77 42.35 48.13
CA TYR D 378 37.30 41.00 48.19
C TYR D 378 38.54 40.80 47.33
N GLN D 379 39.36 41.83 47.16
CA GLN D 379 40.68 41.71 46.54
C GLN D 379 41.75 42.05 47.56
N ALA D 380 42.79 41.24 47.61
CA ALA D 380 43.94 41.46 48.48
C ALA D 380 43.51 41.55 49.94
N THR D 381 42.41 40.88 50.28
CA THR D 381 41.94 40.80 51.65
C THR D 381 41.69 39.34 52.00
N ARG D 382 41.83 39.02 53.28
CA ARG D 382 41.86 37.64 53.73
C ARG D 382 40.50 37.17 54.25
N VAL D 383 39.42 37.67 53.65
CA VAL D 383 38.07 37.19 53.92
C VAL D 383 37.57 36.47 52.67
N ALA D 384 37.03 35.26 52.87
CA ALA D 384 36.57 34.47 51.74
C ALA D 384 35.27 35.05 51.18
N TYR D 385 35.11 34.95 49.87
CA TYR D 385 33.90 35.45 49.23
C TYR D 385 32.73 34.54 49.54
N PRO D 386 31.60 35.08 49.98
CA PRO D 386 30.38 34.26 50.14
C PRO D 386 29.77 33.90 48.80
N LEU D 387 28.61 33.27 48.82
CA LEU D 387 27.91 32.74 47.65
C LEU D 387 28.65 31.59 47.01
N ILE D 388 29.69 31.07 47.67
CA ILE D 388 30.49 29.96 47.15
C ILE D 388 30.33 28.80 48.13
N GLY D 389 29.16 28.70 48.74
CA GLY D 389 28.87 27.78 49.83
C GLY D 389 29.42 26.38 49.69
N ASN D 390 28.95 25.63 48.68
CA ASN D 390 29.34 24.29 48.23
C ASN D 390 28.07 23.45 48.26
N ILE D 391 28.19 22.12 48.16
CA ILE D 391 27.04 21.22 48.18
C ILE D 391 27.51 19.83 48.58
N ASP D 392 26.61 19.03 49.16
CA ASP D 392 26.92 17.66 49.58
C ASP D 392 25.74 16.82 49.10
N ILE D 393 25.87 16.26 47.90
CA ILE D 393 24.84 15.42 47.30
C ILE D 393 25.24 13.96 47.46
N THR D 394 24.27 13.13 47.83
CA THR D 394 24.49 11.70 48.01
C THR D 394 23.96 10.96 46.80
N PHE D 395 24.80 10.10 46.23
CA PHE D 395 24.49 9.40 44.99
C PHE D 395 24.14 7.96 45.27
N ILE D 396 23.13 7.44 44.59
CA ILE D 396 22.70 6.06 44.76
C ILE D 396 23.07 5.29 43.50
N MET D 397 23.49 4.04 43.69
CA MET D 397 23.97 3.24 42.58
C MET D 397 23.80 1.75 42.83
N PRO D 398 22.85 1.10 42.15
CA PRO D 398 22.71 -0.35 42.30
C PRO D 398 23.90 -1.11 41.71
N MET D 399 24.15 -2.29 42.26
CA MET D 399 25.33 -3.09 41.90
C MET D 399 24.96 -4.38 41.18
N GLY D 400 24.12 -5.22 41.78
CA GLY D 400 23.87 -6.54 41.23
C GLY D 400 22.40 -6.90 41.07
N VAL D 401 21.57 -5.92 40.72
CA VAL D 401 20.15 -6.19 40.53
C VAL D 401 19.94 -6.96 39.23
N PHE D 402 19.12 -8.00 39.31
CA PHE D 402 18.94 -8.96 38.23
C PHE D 402 17.48 -9.00 37.79
N GLN D 403 17.27 -9.24 36.49
CA GLN D 403 15.93 -9.33 35.92
C GLN D 403 15.51 -10.80 35.90
N ALA D 404 14.72 -11.21 36.90
CA ALA D 404 14.32 -12.60 37.01
C ALA D 404 13.23 -12.97 36.01
N ASN D 405 12.35 -12.01 35.69
CA ASN D 405 11.21 -12.30 34.85
C ASN D 405 11.63 -12.68 33.44
N SER D 406 10.99 -13.73 32.90
CA SER D 406 11.24 -14.11 31.52
C SER D 406 10.70 -13.05 30.55
N MET D 407 9.64 -12.35 30.94
CA MET D 407 9.13 -11.23 30.16
C MET D 407 10.12 -10.08 30.10
N ASP D 408 10.88 -9.85 31.19
CA ASP D 408 11.78 -8.72 31.26
C ASP D 408 13.11 -8.98 30.57
N ARG D 409 13.41 -10.22 30.19
CA ARG D 409 14.67 -10.55 29.53
C ARG D 409 14.55 -10.29 28.03
N TYR D 410 14.13 -9.07 27.70
CA TYR D 410 13.89 -8.66 26.33
C TYR D 410 14.90 -7.59 25.94
N THR D 411 15.13 -7.48 24.63
CA THR D 411 16.15 -6.60 24.07
C THR D 411 15.53 -5.57 23.14
N ARG D 412 16.36 -4.63 22.68
CA ARG D 412 15.93 -3.71 21.64
C ARG D 412 15.85 -4.39 20.28
N HIS D 413 16.89 -5.14 19.93
CA HIS D 413 16.90 -6.00 18.75
C HIS D 413 17.54 -7.33 19.12
N ALA D 414 16.99 -8.42 18.58
CA ALA D 414 17.37 -9.76 19.03
C ALA D 414 18.87 -9.97 18.96
N GLY D 415 19.48 -9.63 17.83
CA GLY D 415 20.91 -9.74 17.70
C GLY D 415 21.67 -8.46 17.98
N ASP D 416 21.34 -7.77 19.07
CA ASP D 416 22.08 -6.56 19.42
C ASP D 416 23.54 -6.88 19.75
N PHE D 417 23.76 -7.82 20.67
CA PHE D 417 25.11 -8.20 21.09
C PHE D 417 25.25 -9.72 20.95
N SER D 418 25.76 -10.15 19.81
CA SER D 418 26.10 -11.56 19.59
C SER D 418 27.61 -11.72 19.52
N THR D 419 28.05 -12.97 19.58
CA THR D 419 29.48 -13.27 19.58
C THR D 419 29.78 -14.46 18.66
N VAL D 420 31.02 -14.93 18.71
CA VAL D 420 31.41 -16.14 17.98
C VAL D 420 31.10 -17.41 18.77
N SER D 421 31.08 -17.34 20.11
CA SER D 421 30.76 -18.49 20.93
C SER D 421 29.31 -18.92 20.72
N GLU D 422 29.06 -20.22 20.90
CA GLU D 422 27.72 -20.76 20.70
C GLU D 422 26.74 -20.16 21.70
N GLN D 423 27.15 -20.03 22.96
CA GLN D 423 26.30 -19.47 24.00
C GLN D 423 26.58 -17.98 24.14
N ASP D 424 25.52 -17.19 24.17
CA ASP D 424 25.67 -15.74 24.31
C ASP D 424 26.30 -15.42 25.67
N PRO D 425 27.40 -14.67 25.70
CA PRO D 425 27.94 -14.21 26.98
C PRO D 425 27.13 -13.05 27.54
N ARG D 426 25.81 -13.21 27.52
CA ARG D 426 24.86 -12.19 27.92
C ARG D 426 23.80 -12.71 28.87
N GLN D 427 23.55 -14.02 28.92
CA GLN D 427 22.61 -14.59 29.86
C GLN D 427 23.08 -14.40 31.29
N PHE D 428 24.37 -14.14 31.49
CA PHE D 428 24.94 -14.13 32.82
C PHE D 428 24.41 -12.96 33.64
N PRO D 429 24.22 -13.16 34.95
CA PRO D 429 23.73 -12.07 35.79
C PRO D 429 24.75 -10.97 35.91
N PRO D 430 24.33 -9.73 36.14
CA PRO D 430 25.28 -8.63 36.27
C PRO D 430 26.16 -8.76 37.51
N GLN D 431 27.41 -8.37 37.36
CA GLN D 431 28.37 -8.35 38.46
C GLN D 431 29.22 -7.10 38.52
N GLY D 432 28.97 -6.10 37.67
CA GLY D 432 29.72 -4.87 37.70
C GLY D 432 28.85 -3.69 37.31
N ILE D 433 29.33 -2.50 37.65
CA ILE D 433 28.65 -1.26 37.31
C ILE D 433 29.65 -0.33 36.62
N PHE D 434 29.20 0.34 35.58
CA PHE D 434 30.01 1.23 34.77
C PHE D 434 29.44 2.63 34.82
N PHE D 435 30.29 3.63 35.03
CA PHE D 435 29.86 5.03 34.96
C PHE D 435 31.06 5.88 34.58
N TYR D 436 30.81 7.17 34.36
CA TYR D 436 31.82 8.12 33.91
C TYR D 436 32.48 8.80 35.10
N ASN D 437 33.77 9.09 34.96
CA ASN D 437 34.46 9.95 35.91
C ASN D 437 34.05 11.40 35.67
N LYS D 438 34.57 12.31 36.50
CA LYS D 438 34.20 13.71 36.36
C LYS D 438 34.82 14.35 35.12
N ASP D 439 35.80 13.69 34.50
CA ASP D 439 36.37 14.15 33.25
C ASP D 439 35.89 13.34 32.05
N GLY D 440 35.04 12.34 32.26
CA GLY D 440 34.52 11.54 31.17
C GLY D 440 35.17 10.19 30.98
N ILE D 441 36.11 9.80 31.85
CA ILE D 441 36.77 8.50 31.73
C ILE D 441 35.90 7.43 32.35
N LEU D 442 35.72 6.33 31.62
CA LEU D 442 34.93 5.21 32.13
C LEU D 442 35.54 4.67 33.41
N THR D 443 34.69 4.39 34.40
CA THR D 443 35.11 3.84 35.68
C THR D 443 34.35 2.56 35.95
N GLN D 444 34.98 1.64 36.66
CA GLN D 444 34.44 0.31 36.88
C GLN D 444 34.50 -0.09 38.35
N LEU D 445 33.42 -0.69 38.83
CA LEU D 445 33.35 -1.31 40.14
C LEU D 445 33.06 -2.80 39.95
N THR D 446 33.87 -3.64 40.57
CA THR D 446 33.71 -5.08 40.48
C THR D 446 33.15 -5.60 41.81
N LEU D 447 32.59 -6.81 41.78
CA LEU D 447 32.03 -7.39 42.99
C LEU D 447 33.07 -7.53 44.10
N ARG D 448 34.35 -7.62 43.75
CA ARG D 448 35.39 -7.67 44.77
C ARG D 448 35.46 -6.39 45.58
N ASP D 449 35.05 -5.26 45.00
CA ASP D 449 35.09 -3.98 45.69
C ASP D 449 34.17 -3.94 46.92
N ALA D 450 33.18 -4.83 47.01
CA ALA D 450 32.31 -4.88 48.17
C ALA D 450 33.02 -5.42 49.42
N MET D 451 34.21 -5.98 49.26
CA MET D 451 34.94 -6.59 50.37
C MET D 451 35.18 -5.64 51.53
N GLY D 452 35.23 -4.32 51.28
CA GLY D 452 35.46 -3.38 52.34
C GLY D 452 34.28 -3.18 53.26
N THR D 453 33.10 -3.68 52.89
CA THR D 453 31.88 -3.52 53.69
C THR D 453 31.24 -4.85 54.05
N ILE D 454 31.14 -5.78 53.10
CA ILE D 454 30.38 -7.01 53.35
C ILE D 454 31.18 -8.04 54.15
N CYS D 455 32.51 -8.05 54.02
CA CYS D 455 33.32 -9.16 54.52
C CYS D 455 34.02 -8.82 55.83
N HIS D 456 33.37 -8.07 56.72
CA HIS D 456 33.90 -7.75 58.03
C HIS D 456 33.29 -8.65 59.09
N SER D 457 33.89 -8.64 60.28
CA SER D 457 33.39 -9.46 61.38
C SER D 457 32.06 -8.96 61.92
N SER D 458 31.59 -7.79 61.49
CA SER D 458 30.34 -7.24 61.98
C SER D 458 29.12 -8.03 61.49
N LEU D 459 29.33 -9.02 60.62
CA LEU D 459 28.23 -9.83 60.10
C LEU D 459 27.51 -10.64 61.18
N LEU D 460 28.14 -10.88 62.32
CA LEU D 460 27.56 -11.76 63.32
C LEU D 460 27.29 -11.04 64.64
N ASP D 461 26.74 -9.83 64.56
CA ASP D 461 26.39 -9.08 65.76
C ASP D 461 24.87 -9.07 65.96
N VAL D 462 24.22 -10.19 65.64
CA VAL D 462 22.77 -10.28 65.72
C VAL D 462 22.24 -10.33 67.14
N GLU D 463 23.14 -10.34 68.15
CA GLU D 463 22.69 -10.42 69.53
C GLU D 463 21.75 -9.27 69.89
N ALA D 464 22.09 -8.06 69.43
CA ALA D 464 21.24 -6.91 69.71
C ALA D 464 19.85 -7.06 69.10
N THR D 465 19.78 -7.54 67.85
CA THR D 465 18.48 -7.72 67.21
C THR D 465 17.68 -8.83 67.89
N LEU D 466 18.34 -9.92 68.29
CA LEU D 466 17.64 -10.97 69.02
C LEU D 466 17.07 -10.45 70.33
N VAL D 467 17.86 -9.67 71.08
CA VAL D 467 17.37 -9.12 72.34
C VAL D 467 16.21 -8.16 72.08
N ALA D 468 16.33 -7.31 71.06
CA ALA D 468 15.27 -6.34 70.78
C ALA D 468 13.98 -7.00 70.34
N LEU D 469 14.08 -7.98 69.43
CA LEU D 469 12.90 -8.65 68.92
C LEU D 469 12.32 -9.64 69.93
N ARG D 470 13.10 -10.04 70.93
CA ARG D 470 12.58 -10.87 72.01
C ARG D 470 11.47 -10.19 72.80
N GLN D 471 11.36 -8.87 72.71
CA GLN D 471 10.40 -8.12 73.52
C GLN D 471 9.18 -7.65 72.72
N GLN D 472 8.71 -8.48 71.79
CA GLN D 472 7.51 -8.19 71.02
C GLN D 472 6.41 -9.20 71.36
N HIS D 473 5.31 -9.11 70.63
CA HIS D 473 4.19 -10.02 70.84
C HIS D 473 4.44 -11.32 70.08
N LEU D 474 4.87 -12.36 70.80
CA LEU D 474 5.15 -13.67 70.22
C LEU D 474 4.12 -14.67 70.72
N ASP D 475 3.28 -15.16 69.81
CA ASP D 475 2.25 -16.13 70.15
C ASP D 475 2.76 -17.54 69.92
N ARG D 476 2.04 -18.51 70.48
CA ARG D 476 2.39 -19.92 70.33
C ARG D 476 2.12 -20.35 68.90
N GLN D 477 3.14 -20.91 68.24
CA GLN D 477 3.04 -21.38 66.87
C GLN D 477 3.54 -22.82 66.77
N CYS D 478 3.67 -23.28 65.53
CA CYS D 478 4.03 -24.67 65.28
C CYS D 478 5.44 -24.96 65.78
N TYR D 479 5.59 -26.15 66.38
CA TYR D 479 6.88 -26.59 66.92
C TYR D 479 7.46 -27.76 66.13
N PHE D 480 7.18 -27.82 64.83
CA PHE D 480 7.67 -28.94 64.02
C PHE D 480 9.03 -28.63 63.40
N GLY D 481 9.16 -27.47 62.76
CA GLY D 481 10.38 -27.10 62.09
C GLY D 481 11.40 -26.37 62.93
N VAL D 482 11.16 -26.20 64.24
CA VAL D 482 12.06 -25.44 65.09
C VAL D 482 12.45 -26.28 66.30
N TYR D 483 12.23 -27.59 66.23
CA TYR D 483 12.50 -28.48 67.36
C TYR D 483 13.35 -29.66 66.92
N VAL D 484 14.29 -30.05 67.78
CA VAL D 484 15.16 -31.19 67.56
C VAL D 484 15.04 -32.11 68.77
N ALA D 485 14.89 -33.41 68.51
CA ALA D 485 14.75 -34.42 69.55
C ALA D 485 15.97 -35.34 69.57
N GLU D 486 15.90 -36.39 70.38
CA GLU D 486 16.93 -37.42 70.42
C GLU D 486 16.32 -38.78 70.12
N GLY D 487 17.16 -39.70 69.68
CA GLY D 487 16.69 -41.05 69.44
C GLY D 487 16.25 -41.72 70.73
N THR D 488 15.26 -42.60 70.62
CA THR D 488 14.68 -43.27 71.78
C THR D 488 15.14 -44.71 71.93
N GLU D 489 16.30 -45.06 71.36
CA GLU D 489 16.90 -46.38 71.50
C GLU D 489 15.95 -47.47 71.01
N ASP D 490 15.64 -47.42 69.71
CA ASP D 490 14.70 -48.37 69.13
C ASP D 490 15.16 -48.79 67.73
N THR D 491 14.42 -49.70 67.10
CA THR D 491 14.74 -50.20 65.76
C THR D 491 14.09 -49.39 64.66
N LEU D 492 13.75 -48.12 64.94
CA LEU D 492 13.26 -47.14 63.98
C LEU D 492 11.89 -47.47 63.42
N ASP D 493 11.11 -48.33 64.06
CA ASP D 493 9.76 -48.65 63.60
C ASP D 493 8.71 -47.88 64.41
N VAL D 494 8.63 -48.15 65.71
CA VAL D 494 7.63 -47.48 66.54
C VAL D 494 8.00 -46.01 66.75
N GLN D 495 9.27 -45.66 66.58
CA GLN D 495 9.69 -44.26 66.67
C GLN D 495 8.95 -43.42 65.65
N MET D 496 9.17 -43.70 64.37
CA MET D 496 8.43 -43.03 63.30
C MET D 496 6.93 -43.33 63.38
N GLY D 497 6.56 -44.45 64.00
CA GLY D 497 5.16 -44.69 64.27
C GLY D 497 4.48 -43.63 65.12
N ARG D 498 4.92 -43.47 66.37
CA ARG D 498 4.29 -42.44 67.20
C ARG D 498 4.67 -41.05 66.71
N PHE D 499 5.75 -40.94 65.92
CA PHE D 499 6.00 -39.69 65.23
C PHE D 499 4.84 -39.28 64.35
N MET D 500 4.40 -40.15 63.46
CA MET D 500 3.30 -39.76 62.58
C MET D 500 1.99 -39.66 63.34
N GLU D 501 1.82 -40.48 64.39
CA GLU D 501 0.62 -40.36 65.21
C GLU D 501 0.51 -38.99 65.87
N THR D 502 1.62 -38.46 66.40
CA THR D 502 1.59 -37.10 66.94
C THR D 502 1.58 -36.06 65.83
N TRP D 503 2.24 -36.36 64.71
CA TRP D 503 2.39 -35.43 63.60
C TRP D 503 1.07 -35.09 62.93
N ALA D 504 0.16 -36.05 62.82
CA ALA D 504 -1.10 -35.78 62.15
C ALA D 504 -1.89 -34.66 62.83
N ASP D 505 -1.61 -34.38 64.10
CA ASP D 505 -2.41 -33.42 64.83
C ASP D 505 -1.62 -32.38 65.62
N MET D 506 -0.30 -32.27 65.42
CA MET D 506 0.40 -31.17 66.10
C MET D 506 0.33 -29.87 65.33
N MET D 507 -0.23 -29.87 64.12
CA MET D 507 -0.20 -28.69 63.27
C MET D 507 -1.26 -27.70 63.73
N PRO D 508 -0.88 -26.49 64.15
CA PRO D 508 -1.88 -25.46 64.46
C PRO D 508 -2.30 -24.63 63.25
N HIS D 509 -1.46 -24.53 62.23
CA HIS D 509 -1.73 -23.79 61.02
C HIS D 509 -0.67 -24.16 59.99
N HIS D 510 -0.76 -23.57 58.81
CA HIS D 510 0.23 -23.84 57.77
C HIS D 510 1.58 -23.26 58.17
N PRO D 511 2.68 -23.99 58.02
CA PRO D 511 3.97 -23.49 58.46
C PRO D 511 4.38 -22.23 57.70
N HIS D 512 5.12 -21.36 58.39
CA HIS D 512 5.59 -20.13 57.79
C HIS D 512 6.79 -20.34 56.86
N TRP D 513 7.41 -21.52 56.91
CA TRP D 513 8.60 -21.81 56.12
C TRP D 513 8.31 -22.73 54.94
N VAL D 514 7.03 -23.00 54.65
CA VAL D 514 6.64 -23.85 53.54
C VAL D 514 6.14 -23.04 52.36
N ASN D 515 5.42 -21.94 52.62
CA ASN D 515 4.74 -21.17 51.57
C ASN D 515 5.77 -20.42 50.73
N GLU D 516 6.60 -21.19 50.03
CA GLU D 516 7.59 -20.66 49.11
C GLU D 516 6.97 -20.21 47.79
N HIS D 517 5.69 -20.52 47.56
CA HIS D 517 5.04 -20.20 46.29
C HIS D 517 4.81 -18.71 46.10
N LEU D 518 4.91 -17.91 47.14
CA LEU D 518 4.75 -16.46 47.00
C LEU D 518 5.85 -15.90 46.12
N THR D 519 5.52 -14.89 45.33
CA THR D 519 6.50 -14.19 44.52
C THR D 519 7.20 -13.13 45.38
N ILE D 520 7.99 -12.27 44.75
CA ILE D 520 8.63 -11.18 45.49
C ILE D 520 7.57 -10.25 46.07
N LEU D 521 6.61 -9.84 45.25
CA LEU D 521 5.58 -8.91 45.72
C LEU D 521 4.70 -9.54 46.79
N GLN D 522 4.32 -10.81 46.61
CA GLN D 522 3.46 -11.47 47.59
C GLN D 522 4.18 -11.65 48.93
N PHE D 523 5.46 -12.02 48.89
CA PHE D 523 6.23 -12.14 50.13
C PHE D 523 6.42 -10.78 50.79
N ILE D 524 6.63 -9.73 49.99
CA ILE D 524 6.83 -8.40 50.51
C ILE D 524 5.50 -7.76 50.94
N ALA D 525 4.38 -8.35 50.55
CA ALA D 525 3.08 -7.77 50.88
C ALA D 525 2.96 -7.58 52.40
N PRO D 526 2.46 -6.44 52.85
CA PRO D 526 2.51 -6.12 54.29
C PRO D 526 1.76 -7.11 55.16
N SER D 527 0.75 -7.79 54.62
CA SER D 527 0.01 -8.77 55.40
C SER D 527 0.81 -10.03 55.68
N ASN D 528 1.96 -10.22 55.03
CA ASN D 528 2.76 -11.42 55.23
C ASN D 528 3.37 -11.42 56.62
N PRO D 529 3.08 -12.43 57.45
CA PRO D 529 3.73 -12.48 58.77
C PRO D 529 5.23 -12.73 58.70
N ARG D 530 5.73 -13.32 57.63
CA ARG D 530 7.16 -13.62 57.52
C ARG D 530 7.97 -12.42 57.06
N LEU D 531 7.31 -11.29 56.81
CA LEU D 531 8.03 -10.12 56.33
C LEU D 531 8.94 -9.55 57.41
N ARG D 532 8.57 -9.71 58.68
CA ARG D 532 9.46 -9.37 59.80
C ARG D 532 10.40 -10.49 60.23
N PHE D 533 10.18 -11.72 59.80
CA PHE D 533 11.04 -12.81 60.24
C PHE D 533 12.29 -12.95 59.38
N GLU D 534 12.65 -11.90 58.65
CA GLU D 534 13.88 -11.82 57.86
C GLU D 534 14.60 -10.53 58.23
N LEU D 535 15.70 -10.65 58.97
CA LEU D 535 16.50 -9.50 59.38
C LEU D 535 17.85 -9.47 58.68
N ASN D 536 18.61 -10.56 58.78
CA ASN D 536 19.94 -10.63 58.17
C ASN D 536 19.96 -11.65 57.05
N PRO D 537 20.59 -11.32 55.92
CA PRO D 537 20.66 -12.28 54.80
C PRO D 537 21.32 -13.59 55.19
N ALA D 538 22.24 -13.60 56.14
CA ALA D 538 22.95 -14.80 56.56
C ALA D 538 22.28 -15.52 57.72
N PHE D 539 21.15 -15.00 58.22
CA PHE D 539 20.52 -15.53 59.41
C PHE D 539 19.06 -15.87 59.14
N ASP D 540 18.63 -17.01 59.67
CA ASP D 540 17.24 -17.47 59.61
C ASP D 540 16.59 -17.28 60.96
N PHE D 541 15.61 -16.39 61.04
CA PHE D 541 14.93 -16.06 62.29
C PHE D 541 13.62 -16.82 62.39
N PHE D 542 13.46 -17.58 63.47
CA PHE D 542 12.29 -18.41 63.67
C PHE D 542 11.90 -18.36 65.14
N VAL D 543 10.70 -18.84 65.44
CA VAL D 543 10.14 -18.82 66.79
C VAL D 543 10.50 -20.14 67.47
N ALA D 544 11.06 -20.06 68.67
CA ALA D 544 11.48 -21.20 69.45
C ALA D 544 10.95 -21.10 70.86
N PRO D 545 10.71 -22.25 71.52
CA PRO D 545 10.20 -22.21 72.90
C PRO D 545 11.20 -21.59 73.86
N GLY D 546 10.70 -21.27 75.05
CA GLY D 546 11.53 -20.65 76.07
C GLY D 546 12.14 -21.67 77.01
N ASP D 547 13.44 -21.49 77.30
CA ASP D 547 14.18 -22.38 78.19
C ASP D 547 14.10 -23.83 77.74
N VAL D 548 14.47 -24.07 76.48
CA VAL D 548 14.52 -25.42 75.92
C VAL D 548 15.91 -25.64 75.33
N ASP D 549 16.59 -26.67 75.81
CA ASP D 549 17.92 -26.99 75.31
C ASP D 549 17.80 -27.89 74.07
N LEU D 550 18.47 -27.48 72.99
CA LEU D 550 18.42 -28.23 71.74
C LEU D 550 19.59 -29.20 71.68
N PRO D 551 19.36 -30.50 71.40
CA PRO D 551 18.03 -31.08 71.17
C PRO D 551 17.28 -31.35 72.47
N GLY D 552 15.95 -31.26 72.42
CA GLY D 552 15.12 -31.51 73.59
C GLY D 552 14.53 -32.90 73.58
N PRO D 553 13.73 -33.21 74.59
CA PRO D 553 13.09 -34.54 74.66
C PRO D 553 12.10 -34.72 73.51
N GLN D 554 11.50 -35.92 73.48
CA GLN D 554 10.56 -36.24 72.41
C GLN D 554 9.35 -35.32 72.46
N ARG D 555 8.83 -35.04 73.65
CA ARG D 555 7.71 -34.11 73.81
C ARG D 555 8.25 -32.73 74.11
N PRO D 556 8.04 -31.74 73.26
CA PRO D 556 8.54 -30.39 73.52
C PRO D 556 7.84 -29.78 74.72
N PRO D 557 8.59 -29.33 75.73
CA PRO D 557 7.96 -28.63 76.86
C PRO D 557 7.31 -27.33 76.42
N GLU D 558 6.18 -27.02 77.04
CA GLU D 558 5.39 -25.86 76.66
C GLU D 558 5.78 -24.65 77.50
N ALA D 559 6.14 -23.56 76.83
CA ALA D 559 6.54 -22.33 77.49
C ALA D 559 6.33 -21.17 76.54
N MET D 560 6.65 -19.97 77.00
CA MET D 560 6.49 -18.78 76.19
C MET D 560 7.45 -18.84 75.02
N PRO D 561 6.97 -18.79 73.77
CA PRO D 561 7.87 -18.99 72.62
C PRO D 561 8.70 -17.73 72.35
N THR D 562 10.02 -17.92 72.28
CA THR D 562 10.96 -16.84 72.03
C THR D 562 11.43 -16.90 70.57
N VAL D 563 12.40 -16.04 70.25
CA VAL D 563 12.96 -15.96 68.90
C VAL D 563 14.36 -16.54 68.92
N ASN D 564 14.65 -17.41 67.94
CA ASN D 564 15.98 -17.98 67.77
C ASN D 564 16.39 -17.85 66.31
N ALA D 565 17.66 -17.56 66.10
CA ALA D 565 18.21 -17.31 64.77
C ALA D 565 19.38 -18.24 64.50
N THR D 566 19.41 -18.79 63.29
CA THR D 566 20.47 -19.68 62.86
C THR D 566 21.15 -19.11 61.62
N LEU D 567 22.41 -19.51 61.42
CA LEU D 567 23.18 -19.02 60.30
C LEU D 567 22.77 -19.72 59.01
N ARG D 568 22.76 -18.96 57.91
CA ARG D 568 22.49 -19.51 56.59
C ARG D 568 23.79 -20.00 55.99
N ILE D 569 24.05 -21.29 56.15
CA ILE D 569 25.28 -21.88 55.60
C ILE D 569 25.23 -21.92 54.08
N ILE D 570 24.07 -22.29 53.53
CA ILE D 570 23.86 -22.32 52.09
C ILE D 570 23.28 -20.99 51.65
N ASN D 571 23.87 -20.40 50.62
CA ASN D 571 23.34 -19.15 50.07
C ASN D 571 21.96 -19.34 49.47
N GLY D 572 21.59 -20.57 49.10
CA GLY D 572 20.25 -20.87 48.63
C GLY D 572 19.22 -21.08 49.71
N ASN D 573 19.62 -20.99 50.98
CA ASN D 573 18.66 -21.14 52.07
C ASN D 573 17.69 -19.97 52.15
N ILE D 574 17.96 -18.88 51.45
CA ILE D 574 17.00 -17.78 51.33
C ILE D 574 15.79 -18.30 50.55
N PRO D 575 14.59 -17.82 50.85
CA PRO D 575 13.41 -18.31 50.13
C PRO D 575 13.50 -18.07 48.64
N VAL D 576 12.93 -18.98 47.86
CA VAL D 576 13.00 -18.92 46.41
C VAL D 576 12.30 -17.70 45.82
N PRO D 577 11.31 -17.07 46.48
CA PRO D 577 10.92 -15.73 46.01
C PRO D 577 12.08 -14.74 46.04
N LEU D 578 12.92 -14.79 47.06
CA LEU D 578 14.07 -13.91 47.14
C LEU D 578 15.25 -14.40 46.30
N CYS D 579 15.27 -15.69 45.97
CA CYS D 579 16.29 -16.26 45.09
C CYS D 579 15.56 -16.99 43.97
N PRO D 580 15.23 -16.28 42.89
CA PRO D 580 14.41 -16.88 41.83
C PRO D 580 15.11 -18.03 41.14
N ILE D 581 14.29 -18.98 40.69
CA ILE D 581 14.80 -20.16 40.01
C ILE D 581 15.43 -19.78 38.68
N SER D 582 14.86 -18.77 37.99
CA SER D 582 15.41 -18.34 36.72
C SER D 582 16.83 -17.81 36.88
N PHE D 583 17.08 -17.02 37.92
CA PHE D 583 18.43 -16.55 38.18
C PHE D 583 19.38 -17.70 38.48
N ARG D 584 18.91 -18.69 39.26
CA ARG D 584 19.74 -19.84 39.56
C ARG D 584 20.11 -20.61 38.31
N ASP D 585 19.14 -20.82 37.41
CA ASP D 585 19.43 -21.49 36.15
C ASP D 585 20.40 -20.68 35.29
N CYS D 586 20.23 -19.36 35.28
CA CYS D 586 21.13 -18.51 34.51
C CYS D 586 22.57 -18.63 35.00
N ARG D 587 22.78 -18.54 36.32
CA ARG D 587 24.15 -18.62 36.83
C ARG D 587 24.69 -20.04 36.73
N GLY D 588 23.82 -21.05 36.81
CA GLY D 588 24.28 -22.42 36.59
C GLY D 588 24.75 -22.64 35.18
N THR D 589 24.03 -22.09 34.19
CA THR D 589 24.51 -22.12 32.82
C THR D 589 25.83 -21.35 32.70
N GLN D 590 25.94 -20.22 33.41
CA GLN D 590 27.19 -19.47 33.44
C GLN D 590 28.35 -20.30 33.98
N LEU D 591 28.06 -21.23 34.89
CA LEU D 591 29.14 -21.98 35.53
C LEU D 591 29.82 -22.93 34.56
N GLY D 592 29.06 -23.87 34.00
CA GLY D 592 29.63 -24.86 33.11
C GLY D 592 29.52 -24.51 31.64
N LEU D 593 30.12 -23.38 31.25
CA LEU D 593 30.10 -22.97 29.85
C LEU D 593 30.82 -23.98 28.96
N GLY D 594 32.02 -24.39 29.38
CA GLY D 594 32.81 -25.35 28.63
C GLY D 594 32.98 -26.71 29.29
N ARG D 595 32.35 -26.95 30.43
CA ARG D 595 32.52 -28.21 31.14
C ARG D 595 31.82 -29.34 30.39
N HIS D 596 32.08 -30.56 30.85
CA HIS D 596 31.54 -31.75 30.20
C HIS D 596 30.02 -31.79 30.31
N THR D 597 29.37 -32.20 29.22
CA THR D 597 27.92 -32.35 29.19
C THR D 597 27.54 -33.80 29.00
N MET D 598 26.28 -34.15 29.27
CA MET D 598 25.83 -35.53 29.22
C MET D 598 25.28 -35.87 27.84
N THR D 599 25.70 -37.01 27.32
CA THR D 599 25.22 -37.48 26.03
C THR D 599 23.71 -37.74 26.11
N PRO D 600 22.97 -37.48 25.02
CA PRO D 600 21.53 -37.77 25.04
C PRO D 600 21.21 -39.21 25.39
N ALA D 601 22.02 -40.17 24.96
CA ALA D 601 21.76 -41.57 25.26
C ALA D 601 21.79 -41.82 26.77
N THR D 602 22.86 -41.40 27.44
CA THR D 602 22.97 -41.67 28.86
C THR D 602 21.93 -40.90 29.67
N ILE D 603 21.63 -39.66 29.27
CA ILE D 603 20.68 -38.85 30.02
C ILE D 603 19.27 -39.45 29.88
N LYS D 604 18.90 -39.89 28.67
CA LYS D 604 17.58 -40.49 28.50
C LYS D 604 17.49 -41.83 29.23
N ALA D 605 18.58 -42.62 29.22
CA ALA D 605 18.56 -43.89 29.94
C ALA D 605 18.42 -43.67 31.44
N VAL D 606 19.14 -42.71 32.00
CA VAL D 606 19.05 -42.43 33.43
C VAL D 606 17.67 -41.94 33.80
N LYS D 607 17.09 -41.05 32.98
CA LYS D 607 15.74 -40.57 33.27
C LYS D 607 14.72 -41.69 33.18
N ASP D 608 14.85 -42.57 32.17
CA ASP D 608 13.91 -43.68 32.03
C ASP D 608 14.00 -44.62 33.21
N THR D 609 15.22 -44.90 33.70
CA THR D 609 15.35 -45.81 34.83
C THR D 609 14.93 -45.18 36.15
N PHE D 610 15.11 -43.87 36.31
CA PHE D 610 14.63 -43.21 37.53
C PHE D 610 13.11 -43.13 37.55
N GLU D 611 12.50 -42.78 36.43
CA GLU D 611 11.05 -42.72 36.33
C GLU D 611 10.44 -44.07 35.94
N ASP D 612 11.15 -45.15 36.17
CA ASP D 612 10.60 -46.49 35.95
C ASP D 612 9.86 -46.93 37.21
N ARG D 613 8.53 -47.04 37.10
CA ARG D 613 7.71 -47.45 38.23
C ARG D 613 7.77 -48.95 38.50
N ALA D 614 7.96 -49.76 37.46
CA ALA D 614 7.98 -51.22 37.59
C ALA D 614 9.35 -51.76 37.97
N TYR D 615 10.19 -50.94 38.59
CA TYR D 615 11.55 -51.34 38.93
C TYR D 615 11.54 -52.53 39.89
N PRO D 616 12.23 -53.62 39.58
CA PRO D 616 12.18 -54.81 40.42
C PRO D 616 12.86 -54.59 41.76
N THR D 617 12.45 -55.38 42.76
CA THR D 617 13.05 -55.33 44.08
C THR D 617 14.32 -56.15 44.18
N ILE D 618 14.71 -56.85 43.11
CA ILE D 618 15.92 -57.67 43.15
C ILE D 618 17.16 -56.79 43.29
N PHE D 619 17.22 -55.72 42.50
CA PHE D 619 18.37 -54.82 42.56
C PHE D 619 18.47 -54.14 43.93
N TYR D 620 17.33 -53.73 44.46
CA TYR D 620 17.26 -53.21 45.83
C TYR D 620 17.76 -54.24 46.84
N MET D 621 17.36 -55.51 46.67
CA MET D 621 17.75 -56.55 47.62
C MET D 621 19.25 -56.78 47.61
N LEU D 622 19.84 -56.90 46.41
CA LEU D 622 21.29 -57.05 46.32
C LEU D 622 22.02 -55.84 46.85
N GLU D 623 21.51 -54.63 46.58
CA GLU D 623 22.14 -53.43 47.10
C GLU D 623 22.12 -53.41 48.62
N ALA D 624 21.01 -53.82 49.23
CA ALA D 624 20.93 -53.84 50.69
C ALA D 624 21.84 -54.92 51.28
N VAL D 625 21.90 -56.09 50.65
CA VAL D 625 22.69 -57.18 51.20
C VAL D 625 24.18 -56.88 51.10
N ILE D 626 24.62 -56.38 49.93
CA ILE D 626 26.02 -56.05 49.74
C ILE D 626 26.43 -54.91 50.67
N HIS D 627 25.49 -53.98 50.91
CA HIS D 627 25.68 -52.83 51.81
C HIS D 627 26.99 -52.08 51.53
N GLY D 628 27.32 -51.95 50.26
CA GLY D 628 28.45 -51.12 49.85
C GLY D 628 29.78 -51.55 50.41
N ASN D 629 30.05 -52.86 50.44
CA ASN D 629 31.30 -53.40 50.95
C ASN D 629 32.07 -54.07 49.82
N GLU D 630 33.39 -53.87 49.81
CA GLU D 630 34.21 -54.45 48.77
C GLU D 630 34.26 -55.97 48.86
N ARG D 631 34.23 -56.50 50.09
CA ARG D 631 34.28 -57.95 50.27
C ARG D 631 33.08 -58.63 49.63
N ASN D 632 31.89 -58.03 49.76
CA ASN D 632 30.71 -58.59 49.12
C ASN D 632 30.81 -58.51 47.60
N PHE D 633 31.21 -57.35 47.07
CA PHE D 633 31.23 -57.18 45.62
C PHE D 633 32.30 -58.04 44.97
N CYS D 634 33.34 -58.40 45.71
CA CYS D 634 34.45 -59.16 45.14
C CYS D 634 34.05 -60.58 44.75
N ALA D 635 32.88 -61.07 45.16
CA ALA D 635 32.48 -62.44 44.90
C ALA D 635 31.18 -62.56 44.12
N LEU D 636 30.60 -61.46 43.67
CA LEU D 636 29.34 -61.47 42.93
C LEU D 636 29.52 -60.86 41.55
N LEU D 637 30.63 -61.15 40.89
CA LEU D 637 30.87 -60.59 39.56
C LEU D 637 29.90 -61.20 38.54
N ARG D 638 29.79 -62.53 38.52
CA ARG D 638 28.97 -63.20 37.52
C ARG D 638 27.48 -62.90 37.72
N LEU D 639 27.02 -62.94 38.97
CA LEU D 639 25.61 -62.68 39.24
C LEU D 639 25.22 -61.26 38.87
N LEU D 640 26.06 -60.29 39.26
CA LEU D 640 25.80 -58.89 38.91
C LEU D 640 25.81 -58.70 37.40
N THR D 641 26.78 -59.30 36.71
CA THR D 641 26.86 -59.17 35.26
C THR D 641 25.61 -59.72 34.59
N GLN D 642 25.19 -60.93 34.98
CA GLN D 642 24.00 -61.53 34.39
C GLN D 642 22.75 -60.70 34.68
N CYS D 643 22.60 -60.21 35.91
CA CYS D 643 21.42 -59.44 36.25
C CYS D 643 21.37 -58.13 35.47
N ILE D 644 22.49 -57.40 35.40
CA ILE D 644 22.48 -56.12 34.69
C ILE D 644 22.27 -56.34 33.20
N ARG D 645 22.87 -57.39 32.63
CA ARG D 645 22.66 -57.67 31.21
C ARG D 645 21.20 -58.00 30.93
N GLY D 646 20.60 -58.84 31.77
CA GLY D 646 19.21 -59.21 31.57
C GLY D 646 18.27 -58.02 31.70
N TYR D 647 18.54 -57.14 32.67
CA TYR D 647 17.68 -55.96 32.81
C TYR D 647 17.92 -54.96 31.70
N TRP D 648 19.13 -54.91 31.14
CA TRP D 648 19.45 -53.89 30.14
C TRP D 648 18.96 -54.30 28.76
N GLU D 649 19.41 -55.45 28.25
CA GLU D 649 19.02 -55.81 26.89
C GLU D 649 17.64 -56.46 26.88
N GLN D 650 16.69 -55.84 27.56
CA GLN D 650 15.28 -56.14 27.43
C GLN D 650 14.41 -54.90 27.28
N SER D 651 14.85 -53.75 27.79
CA SER D 651 14.16 -52.49 27.58
C SER D 651 15.11 -51.32 27.39
N HIS D 652 16.43 -51.57 27.28
CA HIS D 652 17.45 -50.52 27.16
C HIS D 652 17.39 -49.55 28.32
N ARG D 653 17.35 -50.11 29.54
CA ARG D 653 17.31 -49.33 30.77
C ARG D 653 18.44 -49.77 31.68
N VAL D 654 19.23 -48.80 32.16
CA VAL D 654 20.37 -49.11 33.03
C VAL D 654 19.89 -49.23 34.48
N ALA D 655 20.42 -50.23 35.18
CA ALA D 655 20.06 -50.47 36.57
C ALA D 655 21.27 -50.27 37.47
N PHE D 656 21.08 -50.60 38.75
CA PHE D 656 22.13 -50.53 39.77
C PHE D 656 22.73 -49.14 39.92
N VAL D 657 21.94 -48.11 39.61
CA VAL D 657 22.45 -46.75 39.59
C VAL D 657 22.25 -46.03 40.93
N ASN D 658 21.27 -46.47 41.73
CA ASN D 658 20.89 -45.73 42.93
C ASN D 658 22.06 -45.62 43.91
N ASN D 659 22.50 -46.75 44.43
CA ASN D 659 23.58 -46.75 45.42
C ASN D 659 24.89 -46.39 44.77
N PHE D 660 25.64 -45.49 45.42
CA PHE D 660 26.89 -45.02 44.84
C PHE D 660 27.99 -46.07 44.92
N HIS D 661 27.93 -46.97 45.90
CA HIS D 661 29.01 -47.95 46.07
C HIS D 661 28.82 -49.21 45.23
N MET D 662 28.44 -49.09 43.96
CA MET D 662 28.76 -50.11 42.96
C MET D 662 29.17 -49.51 41.63
N LEU D 663 28.77 -48.27 41.34
CA LEU D 663 29.08 -47.64 40.06
C LEU D 663 30.58 -47.58 39.81
N MET D 664 31.37 -47.12 40.78
CA MET D 664 32.81 -47.19 40.64
C MET D 664 33.28 -48.64 40.68
N TYR D 665 32.63 -49.48 41.50
CA TYR D 665 32.96 -50.90 41.48
C TYR D 665 32.73 -51.49 40.10
N ILE D 666 31.62 -51.13 39.47
CA ILE D 666 31.33 -51.63 38.12
C ILE D 666 32.38 -51.14 37.14
N THR D 667 32.67 -49.84 37.14
CA THR D 667 33.57 -49.29 36.13
C THR D 667 35.01 -49.73 36.36
N THR D 668 35.33 -50.21 37.56
CA THR D 668 36.68 -50.73 37.79
C THR D 668 36.76 -52.22 37.49
N TYR D 669 35.98 -53.05 38.19
CA TYR D 669 36.04 -54.49 38.02
C TYR D 669 35.35 -54.94 36.74
N LEU D 670 34.07 -54.59 36.60
CA LEU D 670 33.29 -54.94 35.41
C LEU D 670 33.48 -53.87 34.33
N GLY D 671 34.75 -53.63 33.99
CA GLY D 671 35.09 -52.62 33.02
C GLY D 671 36.04 -53.12 31.95
N ASN D 672 36.38 -54.40 32.02
CA ASN D 672 37.28 -55.01 31.03
C ASN D 672 36.54 -55.48 29.78
N GLY D 673 35.21 -55.44 29.78
CA GLY D 673 34.43 -55.89 28.65
C GLY D 673 33.38 -56.91 29.03
N GLU D 674 33.17 -57.08 30.33
CA GLU D 674 32.17 -58.04 30.80
C GLU D 674 30.77 -57.60 30.41
N LEU D 675 30.49 -56.31 30.50
CA LEU D 675 29.18 -55.73 30.21
C LEU D 675 29.16 -55.15 28.80
N PRO D 676 27.97 -54.89 28.26
CA PRO D 676 27.89 -54.22 26.96
C PRO D 676 28.57 -52.85 27.00
N GLU D 677 29.12 -52.46 25.85
CA GLU D 677 29.92 -51.24 25.76
C GLU D 677 29.12 -50.00 26.13
N VAL D 678 27.81 -50.01 25.90
CA VAL D 678 26.99 -48.83 26.16
C VAL D 678 26.85 -48.60 27.66
N CYS D 679 26.62 -49.66 28.44
CA CYS D 679 26.41 -49.50 29.88
C CYS D 679 27.63 -48.89 30.56
N ILE D 680 28.81 -49.47 30.31
CA ILE D 680 30.03 -48.95 30.91
C ILE D 680 30.30 -47.53 30.41
N ASN D 681 29.94 -47.26 29.16
CA ASN D 681 30.03 -45.89 28.66
C ASN D 681 29.15 -44.94 29.47
N ILE D 682 27.93 -45.38 29.80
CA ILE D 682 27.03 -44.54 30.59
C ILE D 682 27.60 -44.30 31.98
N TYR D 683 28.10 -45.36 32.63
CA TYR D 683 28.69 -45.20 33.96
C TYR D 683 29.89 -44.26 33.92
N ARG D 684 30.75 -44.43 32.92
CA ARG D 684 31.92 -43.57 32.79
C ARG D 684 31.53 -42.14 32.50
N ASP D 685 30.45 -41.93 31.73
CA ASP D 685 30.00 -40.57 31.44
C ASP D 685 29.46 -39.90 32.70
N LEU D 686 28.71 -40.63 33.52
CA LEU D 686 28.26 -40.06 34.79
C LEU D 686 29.44 -39.74 35.69
N LEU D 687 30.43 -40.63 35.75
CA LEU D 687 31.63 -40.36 36.55
C LEU D 687 32.38 -39.15 36.01
N GLN D 688 32.44 -39.01 34.69
CA GLN D 688 33.09 -37.84 34.08
C GLN D 688 32.36 -36.56 34.44
N HIS D 689 31.02 -36.60 34.44
CA HIS D 689 30.25 -35.44 34.86
C HIS D 689 30.52 -35.10 36.32
N VAL D 690 30.62 -36.11 37.18
CA VAL D 690 30.90 -35.88 38.59
C VAL D 690 32.28 -35.25 38.77
N ARG D 691 33.29 -35.79 38.09
CA ARG D 691 34.64 -35.25 38.23
C ARG D 691 34.76 -33.89 37.57
N ALA D 692 33.98 -33.62 36.52
CA ALA D 692 33.94 -32.28 35.95
C ALA D 692 33.35 -31.28 36.94
N LEU D 693 32.30 -31.69 37.65
CA LEU D 693 31.75 -30.84 38.70
C LEU D 693 32.80 -30.57 39.79
N ARG D 694 33.54 -31.61 40.18
CA ARG D 694 34.57 -31.44 41.19
C ARG D 694 35.69 -30.51 40.71
N GLN D 695 36.08 -30.65 39.45
CA GLN D 695 37.09 -29.77 38.88
C GLN D 695 36.60 -28.33 38.83
N THR D 696 35.33 -28.13 38.50
CA THR D 696 34.75 -26.80 38.51
C THR D 696 34.75 -26.22 39.93
N ILE D 697 34.46 -27.05 40.92
CA ILE D 697 34.55 -26.61 42.32
C ILE D 697 35.96 -26.16 42.64
N THR D 698 36.96 -26.96 42.24
CA THR D 698 38.35 -26.63 42.51
C THR D 698 38.76 -25.34 41.81
N ASP D 699 38.23 -25.10 40.61
CA ASP D 699 38.56 -23.89 39.87
C ASP D 699 38.06 -22.66 40.61
N PHE D 700 36.85 -22.74 41.17
CA PHE D 700 36.21 -21.58 41.79
C PHE D 700 36.71 -21.29 43.19
N THR D 701 37.54 -22.15 43.77
CA THR D 701 38.12 -21.92 45.08
C THR D 701 39.57 -21.48 44.93
N ILE D 702 40.08 -20.83 45.97
CA ILE D 702 41.44 -20.31 45.99
C ILE D 702 42.26 -21.17 46.94
N GLN D 703 43.35 -21.72 46.45
CA GLN D 703 44.22 -22.57 47.25
C GLN D 703 45.29 -21.73 47.95
N GLY D 704 45.92 -22.34 48.95
CA GLY D 704 46.96 -21.68 49.72
C GLY D 704 46.49 -20.91 50.93
N GLU D 705 45.18 -20.89 51.20
CA GLU D 705 44.63 -20.18 52.36
C GLU D 705 43.83 -21.17 53.19
N GLY D 706 44.35 -21.50 54.37
CA GLY D 706 43.67 -22.36 55.33
C GLY D 706 43.80 -21.77 56.72
N HIS D 707 42.70 -21.80 57.47
CA HIS D 707 42.64 -21.23 58.80
C HIS D 707 42.21 -22.28 59.81
N ASN D 708 42.91 -22.31 60.95
CA ASN D 708 42.63 -23.24 62.04
C ASN D 708 42.67 -24.70 61.59
N GLY D 709 43.52 -25.00 60.61
CA GLY D 709 43.65 -26.36 60.14
C GLY D 709 42.57 -26.83 59.20
N GLU D 710 41.82 -25.92 58.60
CA GLU D 710 40.77 -26.25 57.64
C GLU D 710 41.25 -25.94 56.23
N THR D 711 41.15 -26.92 55.34
CA THR D 711 41.60 -26.75 53.97
C THR D 711 40.68 -25.79 53.23
N SER D 712 41.20 -25.25 52.13
CA SER D 712 40.46 -24.26 51.34
C SER D 712 39.20 -24.86 50.73
N GLU D 713 39.27 -26.11 50.26
CA GLU D 713 38.12 -26.74 49.62
C GLU D 713 36.96 -26.88 50.60
N ALA D 714 37.23 -27.42 51.80
CA ALA D 714 36.19 -27.56 52.80
C ALA D 714 35.70 -26.22 53.30
N LEU D 715 36.57 -25.22 53.33
CA LEU D 715 36.20 -23.91 53.85
C LEU D 715 35.35 -23.12 52.88
N ASN D 716 35.54 -23.31 51.57
CA ASN D 716 34.77 -22.58 50.57
C ASN D 716 33.46 -23.28 50.21
N ASN D 717 33.54 -24.52 49.73
CA ASN D 717 32.37 -25.28 49.33
C ASN D 717 31.88 -26.14 50.49
N ILE D 718 30.67 -26.68 50.32
CA ILE D 718 29.99 -27.42 51.38
C ILE D 718 30.10 -28.92 51.17
N LEU D 719 29.93 -29.39 49.94
CA LEU D 719 30.14 -30.81 49.66
C LEU D 719 31.59 -31.22 49.84
N THR D 720 32.51 -30.26 49.88
CA THR D 720 33.91 -30.53 50.20
C THR D 720 34.19 -30.39 51.69
N ASP D 721 33.20 -29.99 52.48
CA ASP D 721 33.35 -29.85 53.92
C ASP D 721 33.18 -31.20 54.59
N ASP D 722 34.11 -31.53 55.49
CA ASP D 722 34.08 -32.83 56.15
C ASP D 722 32.96 -32.95 57.17
N THR D 723 32.54 -31.83 57.78
CA THR D 723 31.51 -31.89 58.81
C THR D 723 30.17 -32.35 58.24
N PHE D 724 29.80 -31.83 57.07
CA PHE D 724 28.54 -32.23 56.44
C PHE D 724 28.69 -33.62 55.86
N ILE D 725 27.61 -34.42 55.94
CA ILE D 725 27.67 -35.82 55.59
C ILE D 725 26.63 -36.14 54.52
N ALA D 726 26.83 -37.27 53.85
CA ALA D 726 25.92 -37.71 52.81
C ALA D 726 24.60 -38.18 53.44
N PRO D 727 23.51 -38.18 52.65
CA PRO D 727 22.23 -38.63 53.20
C PRO D 727 22.23 -40.07 53.71
N ILE D 728 22.99 -40.96 53.08
CA ILE D 728 23.08 -42.35 53.50
C ILE D 728 24.55 -42.73 53.61
N LEU D 729 24.91 -43.38 54.70
CA LEU D 729 26.27 -43.82 54.97
C LEU D 729 26.27 -45.33 55.18
N TRP D 730 27.21 -46.02 54.55
CA TRP D 730 27.32 -47.47 54.66
C TRP D 730 28.50 -47.93 55.51
N ASP D 731 29.58 -47.15 55.54
CA ASP D 731 30.77 -47.49 56.31
C ASP D 731 31.06 -46.38 57.30
N CYS D 732 31.93 -46.69 58.28
CA CYS D 732 32.28 -45.71 59.30
C CYS D 732 33.40 -44.78 58.86
N ASP D 733 33.90 -44.91 57.63
CA ASP D 733 34.99 -44.07 57.16
C ASP D 733 34.61 -42.60 57.17
N ALA D 734 33.43 -42.26 56.63
CA ALA D 734 33.01 -40.87 56.56
C ALA D 734 32.80 -40.30 57.96
N LEU D 735 32.27 -41.12 58.89
CA LEU D 735 32.10 -40.66 60.26
C LEU D 735 33.44 -40.37 60.92
N ILE D 736 34.44 -41.23 60.68
CA ILE D 736 35.78 -41.00 61.23
C ILE D 736 36.37 -39.72 60.67
N TYR D 737 36.23 -39.51 59.36
CA TYR D 737 36.72 -38.28 58.75
C TYR D 737 36.02 -37.06 59.36
N ARG D 738 34.71 -37.14 59.56
CA ARG D 738 33.96 -36.02 60.11
C ARG D 738 34.43 -35.69 61.53
N ASP D 739 34.48 -36.69 62.41
CA ASP D 739 34.81 -36.40 63.80
C ASP D 739 36.32 -36.37 64.04
N GLU D 740 37.14 -36.45 63.00
CA GLU D 740 38.56 -36.18 63.15
C GLU D 740 38.98 -34.86 62.52
N ALA D 741 38.28 -34.41 61.48
CA ALA D 741 38.78 -33.30 60.67
C ALA D 741 38.76 -31.97 61.44
N ALA D 742 37.66 -31.66 62.13
CA ALA D 742 37.45 -30.29 62.60
C ALA D 742 38.35 -29.94 63.78
N ARG D 743 38.15 -30.61 64.92
CA ARG D 743 38.95 -30.42 66.13
C ARG D 743 38.86 -29.01 66.70
N ASP D 744 37.99 -28.16 66.11
CA ASP D 744 37.67 -26.87 66.69
C ASP D 744 36.16 -26.71 66.76
N ARG D 745 35.46 -27.36 65.83
CA ARG D 745 34.00 -27.41 65.86
C ARG D 745 33.57 -28.38 66.95
N LEU D 746 32.83 -27.88 67.95
CA LEU D 746 32.35 -28.70 69.05
C LEU D 746 31.47 -29.82 68.52
N PRO D 747 31.92 -31.07 68.60
CA PRO D 747 31.16 -32.17 67.99
C PRO D 747 30.17 -32.82 68.95
N ALA D 748 29.06 -33.33 68.42
CA ALA D 748 28.10 -34.09 69.21
C ALA D 748 27.42 -35.10 68.29
N ILE D 749 27.90 -36.33 68.33
CA ILE D 749 27.38 -37.42 67.51
C ILE D 749 26.32 -38.16 68.33
N ARG D 750 25.15 -38.35 67.74
CA ARG D 750 24.03 -39.01 68.40
C ARG D 750 23.51 -40.10 67.47
N VAL D 751 23.59 -41.35 67.93
CA VAL D 751 23.10 -42.48 67.14
C VAL D 751 21.91 -43.09 67.86
N SER D 752 20.71 -42.61 67.55
CA SER D 752 19.46 -43.09 68.12
C SER D 752 19.57 -43.22 69.65
N GLY D 753 19.81 -42.08 70.28
CA GLY D 753 20.02 -42.07 71.72
C GLY D 753 21.47 -41.91 72.14
N ARG D 754 22.13 -43.02 72.48
CA ARG D 754 23.48 -43.01 73.01
C ARG D 754 24.41 -42.18 72.14
N ASN D 755 25.40 -41.57 72.79
CA ASN D 755 26.39 -40.73 72.13
C ASN D 755 27.68 -41.52 71.91
N GLY D 756 28.20 -41.46 70.69
CA GLY D 756 29.41 -42.18 70.37
C GLY D 756 29.13 -43.53 69.74
N TYR D 757 30.08 -44.01 68.95
CA TYR D 757 29.96 -45.28 68.25
C TYR D 757 31.05 -46.24 68.70
N GLN D 758 30.92 -47.50 68.31
CA GLN D 758 31.88 -48.54 68.62
C GLN D 758 32.59 -49.10 67.40
N ALA D 759 31.91 -49.15 66.26
CA ALA D 759 32.51 -49.57 64.98
C ALA D 759 33.10 -50.97 65.06
N LEU D 760 32.23 -51.95 65.30
CA LEU D 760 32.60 -53.35 65.31
C LEU D 760 32.32 -53.96 63.95
N HIS D 761 33.35 -54.49 63.31
CA HIS D 761 33.25 -55.03 61.96
C HIS D 761 33.35 -56.56 62.00
N PHE D 762 33.17 -57.16 60.82
CA PHE D 762 33.24 -58.61 60.62
C PHE D 762 32.24 -59.34 61.51
N VAL D 763 30.97 -59.09 61.21
CA VAL D 763 29.87 -59.80 61.85
C VAL D 763 29.47 -60.98 60.99
N ASP D 764 29.25 -62.13 61.62
CA ASP D 764 28.96 -63.37 60.93
C ASP D 764 27.60 -63.92 61.36
N MET D 765 27.28 -65.14 60.91
CA MET D 765 26.01 -65.77 61.24
C MET D 765 25.90 -66.03 62.74
N ALA D 766 26.99 -66.46 63.36
CA ALA D 766 26.94 -66.82 64.79
C ALA D 766 26.59 -65.61 65.65
N GLY D 767 26.93 -64.41 65.20
CA GLY D 767 26.65 -63.21 65.96
C GLY D 767 25.77 -62.20 65.23
N HIS D 768 24.73 -62.68 64.55
CA HIS D 768 23.87 -61.76 63.80
C HIS D 768 23.19 -60.77 64.72
N ASN D 769 22.51 -61.27 65.75
CA ASN D 769 21.88 -60.46 66.80
C ASN D 769 21.09 -59.29 66.21
N PHE D 770 20.03 -59.66 65.48
CA PHE D 770 19.27 -58.67 64.73
C PHE D 770 18.59 -57.66 65.64
N GLN D 771 18.40 -58.00 66.92
CA GLN D 771 17.81 -57.09 67.88
C GLN D 771 18.90 -56.37 68.69
N ARG D 772 19.65 -55.53 67.98
CA ARG D 772 20.70 -54.72 68.60
C ARG D 772 20.24 -53.27 68.71
N ARG D 773 20.38 -52.71 69.91
CA ARG D 773 19.94 -51.35 70.18
C ARG D 773 21.09 -50.43 70.60
N ASP D 774 22.29 -50.97 70.78
CA ASP D 774 23.45 -50.19 71.23
C ASP D 774 24.18 -49.62 70.01
N ASN D 775 25.36 -49.06 70.25
CA ASN D 775 26.11 -48.31 69.24
C ASN D 775 27.16 -49.15 68.54
N VAL D 776 26.91 -50.44 68.35
CA VAL D 776 27.79 -51.27 67.54
C VAL D 776 27.49 -51.00 66.07
N LEU D 777 28.46 -50.42 65.36
CA LEU D 777 28.32 -50.08 63.96
C LEU D 777 29.12 -51.06 63.12
N ILE D 778 28.48 -51.64 62.11
CA ILE D 778 29.09 -52.67 61.28
C ILE D 778 29.95 -51.96 60.23
N HIS D 779 31.24 -51.81 60.53
CA HIS D 779 32.14 -51.19 59.57
C HIS D 779 32.38 -52.08 58.36
N GLY D 780 32.25 -53.39 58.52
CA GLY D 780 32.41 -54.33 57.43
C GLY D 780 33.81 -54.89 57.35
N ARG D 781 33.93 -56.02 56.67
CA ARG D 781 35.21 -56.70 56.54
C ARG D 781 36.06 -56.03 55.46
N PRO D 782 37.25 -55.54 55.80
CA PRO D 782 38.18 -55.08 54.75
C PRO D 782 38.66 -56.24 53.91
N VAL D 783 38.98 -55.95 52.66
CA VAL D 783 39.46 -56.97 51.74
C VAL D 783 40.96 -57.16 51.91
N ARG D 784 41.73 -56.10 51.67
CA ARG D 784 43.18 -56.17 51.74
C ARG D 784 43.66 -55.85 53.14
N GLY D 785 43.18 -56.65 54.08
CA GLY D 785 43.54 -56.47 55.48
C GLY D 785 43.00 -57.61 56.32
N ASP D 786 43.22 -57.49 57.62
CA ASP D 786 42.79 -58.48 58.60
C ASP D 786 41.71 -57.89 59.49
N THR D 787 40.73 -58.71 59.85
CA THR D 787 39.62 -58.22 60.67
C THR D 787 40.05 -58.03 62.11
N GLY D 788 40.42 -59.12 62.79
CA GLY D 788 40.82 -59.05 64.17
C GLY D 788 39.68 -58.63 65.09
N GLN D 789 40.05 -58.28 66.31
CA GLN D 789 39.09 -57.76 67.28
C GLN D 789 39.49 -56.41 67.85
N ALA D 790 40.78 -56.20 68.12
CA ALA D 790 41.27 -54.96 68.69
C ALA D 790 41.94 -54.05 67.66
N ILE D 791 41.93 -54.43 66.39
CA ILE D 791 42.54 -53.62 65.33
C ILE D 791 41.75 -52.33 65.19
N PRO D 792 42.38 -51.16 65.22
CA PRO D 792 41.64 -49.91 65.08
C PRO D 792 40.98 -49.81 63.72
N ILE D 793 39.80 -49.16 63.71
CA ILE D 793 39.03 -49.04 62.49
C ILE D 793 39.68 -48.01 61.57
N THR D 794 39.89 -48.40 60.31
CA THR D 794 40.48 -47.53 59.31
C THR D 794 39.49 -47.27 58.18
N PRO D 795 39.55 -46.10 57.56
CA PRO D 795 38.68 -45.83 56.41
C PRO D 795 38.94 -46.80 55.27
N HIS D 796 37.86 -47.20 54.59
CA HIS D 796 37.99 -48.13 53.47
C HIS D 796 38.58 -47.45 52.25
N HIS D 797 38.32 -46.16 52.08
CA HIS D 797 38.75 -45.41 50.91
C HIS D 797 39.31 -44.06 51.34
N ASP D 798 39.91 -43.35 50.39
CA ASP D 798 40.47 -42.04 50.64
C ASP D 798 39.35 -41.03 50.88
N ARG D 799 39.74 -39.81 51.28
CA ARG D 799 38.74 -38.77 51.56
C ARG D 799 37.97 -38.40 50.30
N GLU D 800 38.62 -38.45 49.14
CA GLU D 800 37.94 -38.11 47.88
C GLU D 800 36.73 -39.00 47.62
N TRP D 801 36.70 -40.20 48.21
CA TRP D 801 35.52 -41.06 48.09
C TRP D 801 34.29 -40.40 48.69
N GLY D 802 34.45 -39.81 49.88
CA GLY D 802 33.34 -39.08 50.48
C GLY D 802 32.92 -37.89 49.64
N ILE D 803 33.90 -37.19 49.05
CA ILE D 803 33.60 -36.07 48.16
C ILE D 803 32.74 -36.54 46.99
N LEU D 804 33.15 -37.64 46.34
CA LEU D 804 32.41 -38.14 45.20
C LEU D 804 31.01 -38.60 45.59
N SER D 805 30.89 -39.29 46.73
CA SER D 805 29.59 -39.77 47.17
C SER D 805 28.64 -38.61 47.46
N LYS D 806 29.13 -37.61 48.18
CA LYS D 806 28.28 -36.45 48.49
C LYS D 806 27.92 -35.69 47.21
N ILE D 807 28.87 -35.56 46.29
CA ILE D 807 28.60 -34.90 45.01
C ILE D 807 27.46 -35.62 44.30
N TYR D 808 27.56 -36.94 44.19
CA TYR D 808 26.54 -37.69 43.48
C TYR D 808 25.19 -37.55 44.16
N TYR D 809 25.15 -37.80 45.48
CA TYR D 809 23.88 -37.80 46.20
C TYR D 809 23.22 -36.43 46.21
N TYR D 810 24.00 -35.35 46.22
CA TYR D 810 23.43 -34.01 46.30
C TYR D 810 23.32 -33.32 44.94
N ILE D 811 23.78 -33.95 43.87
CA ILE D 811 23.67 -33.33 42.55
C ILE D 811 22.90 -34.22 41.59
N VAL D 812 23.41 -35.43 41.33
CA VAL D 812 22.85 -36.26 40.29
C VAL D 812 21.48 -36.79 40.70
N ILE D 813 21.37 -37.28 41.93
CA ILE D 813 20.10 -37.86 42.39
C ILE D 813 18.98 -36.82 42.42
N PRO D 814 19.14 -35.64 43.04
CA PRO D 814 18.00 -34.72 43.10
C PRO D 814 17.68 -34.06 41.76
N ALA D 815 18.68 -33.72 40.96
CA ALA D 815 18.42 -33.04 39.70
C ALA D 815 17.66 -33.94 38.72
N PHE D 816 17.91 -35.24 38.75
CA PHE D 816 17.17 -36.18 37.92
C PHE D 816 15.85 -36.61 38.53
N SER D 817 15.86 -36.99 39.82
CA SER D 817 14.64 -37.48 40.45
C SER D 817 13.60 -36.39 40.62
N ARG D 818 14.02 -35.13 40.78
CA ARG D 818 13.11 -34.01 40.95
C ARG D 818 12.18 -34.21 42.14
N GLY D 819 12.76 -34.61 43.27
CA GLY D 819 11.99 -34.81 44.48
C GLY D 819 10.98 -35.94 44.42
N SER D 820 11.34 -37.05 43.77
CA SER D 820 10.49 -38.21 43.67
C SER D 820 11.03 -39.41 44.44
N CYS D 821 12.33 -39.64 44.40
CA CYS D 821 12.93 -40.72 45.17
C CYS D 821 12.95 -40.36 46.65
N CYS D 822 12.92 -41.38 47.49
CA CYS D 822 12.88 -41.21 48.93
C CYS D 822 13.89 -42.15 49.58
N THR D 823 14.46 -41.69 50.70
CA THR D 823 15.37 -42.50 51.51
C THR D 823 14.58 -43.16 52.63
N MET D 824 14.96 -44.40 52.94
CA MET D 824 14.23 -45.17 53.95
C MET D 824 15.19 -46.17 54.58
N GLY D 825 14.70 -46.82 55.64
CA GLY D 825 15.46 -47.86 56.32
C GLY D 825 15.20 -49.22 55.72
N VAL D 826 15.76 -50.23 56.37
CA VAL D 826 15.66 -51.62 55.92
C VAL D 826 15.26 -52.49 57.11
N ARG D 827 14.54 -53.57 56.81
CA ARG D 827 14.15 -54.56 57.82
C ARG D 827 14.95 -55.83 57.52
N TYR D 828 16.15 -55.92 58.10
CA TYR D 828 16.97 -57.11 57.90
C TYR D 828 16.34 -58.34 58.58
N ASP D 829 15.59 -58.12 59.67
CA ASP D 829 14.97 -59.24 60.37
C ASP D 829 14.00 -60.01 59.49
N ARG D 830 13.48 -59.39 58.44
CA ARG D 830 12.65 -60.06 57.45
C ARG D 830 13.40 -60.36 56.16
N LEU D 831 14.31 -59.46 55.75
CA LEU D 831 15.04 -59.64 54.51
C LEU D 831 15.97 -60.85 54.58
N TYR D 832 16.74 -60.98 55.66
CA TYR D 832 17.73 -62.05 55.76
C TYR D 832 17.11 -63.45 55.76
N PRO D 833 16.08 -63.75 56.55
CA PRO D 833 15.50 -65.10 56.49
C PRO D 833 14.97 -65.49 55.12
N ALA D 834 14.46 -64.51 54.36
CA ALA D 834 13.95 -64.79 53.02
C ALA D 834 15.05 -64.83 51.96
N LEU D 835 16.30 -64.59 52.35
CA LEU D 835 17.42 -64.55 51.41
C LEU D 835 17.99 -65.94 51.10
N GLN D 836 17.60 -66.97 51.84
CA GLN D 836 18.25 -68.27 51.76
C GLN D 836 17.54 -69.26 50.86
N ALA D 837 16.46 -68.85 50.19
CA ALA D 837 15.62 -69.76 49.41
C ALA D 837 16.02 -69.71 47.94
N VAL D 838 17.13 -70.37 47.62
CA VAL D 838 17.60 -70.53 46.24
C VAL D 838 17.43 -71.99 45.86
N ILE D 839 16.95 -72.23 44.63
CA ILE D 839 16.49 -73.57 44.24
C ILE D 839 17.40 -74.07 43.11
N VAL D 840 18.68 -73.73 43.17
CA VAL D 840 19.60 -74.28 42.17
C VAL D 840 19.64 -75.79 42.30
N PRO D 841 19.64 -76.54 41.20
CA PRO D 841 19.60 -78.00 41.29
C PRO D 841 21.01 -78.59 41.39
N GLU D 842 21.06 -79.90 41.62
CA GLU D 842 22.31 -80.65 41.69
C GLU D 842 22.67 -81.08 40.27
N ILE D 843 23.61 -80.38 39.67
CA ILE D 843 24.06 -80.72 38.31
C ILE D 843 24.76 -82.07 38.34
N PRO D 844 24.48 -82.98 37.42
CA PRO D 844 25.21 -84.24 37.38
C PRO D 844 26.67 -84.02 37.03
N ALA D 845 27.51 -84.95 37.48
CA ALA D 845 28.94 -84.85 37.23
C ALA D 845 29.23 -84.93 35.73
N ASP D 846 30.24 -84.16 35.30
CA ASP D 846 30.65 -84.09 33.90
C ASP D 846 29.49 -83.68 32.99
N GLU D 847 28.82 -82.59 33.36
CA GLU D 847 27.71 -82.06 32.59
C GLU D 847 27.90 -80.56 32.36
N GLU D 848 27.49 -80.10 31.19
CA GLU D 848 27.59 -78.69 30.84
C GLU D 848 26.61 -77.85 31.66
N ALA D 849 27.03 -76.64 32.00
CA ALA D 849 26.19 -75.76 32.81
C ALA D 849 25.09 -75.16 31.95
N PRO D 850 23.82 -75.37 32.28
CA PRO D 850 22.74 -74.81 31.46
C PRO D 850 22.70 -73.29 31.54
N THR D 851 22.25 -72.67 30.45
CA THR D 851 22.09 -71.22 30.37
C THR D 851 20.65 -70.80 30.12
N THR D 852 19.97 -71.44 29.17
CA THR D 852 18.59 -71.08 28.86
C THR D 852 17.67 -71.48 30.02
N PRO D 853 16.61 -70.71 30.26
CA PRO D 853 15.64 -71.07 31.29
C PRO D 853 14.59 -72.09 30.87
N GLU D 854 14.65 -72.59 29.63
CA GLU D 854 13.64 -73.53 29.15
C GLU D 854 13.82 -74.93 29.73
N ASP D 855 15.06 -75.34 30.00
CA ASP D 855 15.25 -76.69 30.52
C ASP D 855 15.05 -76.75 32.03
N PRO D 856 14.65 -77.90 32.56
CA PRO D 856 14.51 -78.03 34.02
C PRO D 856 15.84 -77.91 34.77
N ARG D 857 16.96 -78.12 34.09
CA ARG D 857 18.26 -78.01 34.75
C ARG D 857 18.58 -76.58 35.16
N HIS D 858 17.88 -75.60 34.62
CA HIS D 858 18.10 -74.22 35.02
C HIS D 858 17.23 -73.90 36.24
N PRO D 859 17.76 -73.14 37.21
CA PRO D 859 16.97 -72.86 38.42
C PRO D 859 15.72 -72.03 38.16
N LEU D 860 15.63 -71.33 37.02
CA LEU D 860 14.51 -70.48 36.71
C LEU D 860 13.39 -71.24 35.99
N HIS D 861 13.52 -72.55 35.83
CA HIS D 861 12.47 -73.34 35.21
C HIS D 861 11.23 -73.36 36.09
N ALA D 862 10.07 -73.52 35.44
CA ALA D 862 8.80 -73.50 36.16
C ALA D 862 8.67 -74.66 37.13
N HIS D 863 9.16 -75.85 36.76
CA HIS D 863 9.05 -77.00 37.63
C HIS D 863 9.91 -76.85 38.87
N GLN D 864 11.09 -76.21 38.73
CA GLN D 864 12.01 -76.02 39.83
C GLN D 864 11.89 -74.63 40.45
N LEU D 865 10.74 -73.98 40.29
CA LEU D 865 10.49 -72.66 40.86
C LEU D 865 9.41 -72.84 41.93
N VAL D 866 9.86 -73.00 43.18
CA VAL D 866 8.95 -73.13 44.31
C VAL D 866 8.41 -71.74 44.66
N PRO D 867 7.13 -71.63 45.04
CA PRO D 867 6.62 -70.32 45.44
C PRO D 867 7.32 -69.79 46.68
N ASN D 868 7.41 -68.46 46.76
CA ASN D 868 7.97 -67.74 47.91
C ASN D 868 9.44 -68.12 48.13
N SER D 869 10.23 -67.90 47.08
CA SER D 869 11.66 -68.14 47.13
C SER D 869 12.36 -67.10 46.26
N LEU D 870 13.69 -67.09 46.30
CA LEU D 870 14.44 -66.18 45.45
C LEU D 870 14.13 -66.40 43.97
N ASN D 871 13.80 -67.63 43.58
CA ASN D 871 13.54 -67.91 42.17
C ASN D 871 12.30 -67.18 41.67
N VAL D 872 11.22 -67.17 42.45
CA VAL D 872 10.03 -66.44 42.01
C VAL D 872 10.29 -64.93 42.06
N TYR D 873 11.09 -64.47 43.02
CA TYR D 873 11.48 -63.06 43.04
C TYR D 873 12.20 -62.67 41.76
N PHE D 874 13.11 -63.52 41.28
CA PHE D 874 13.88 -63.21 40.08
C PHE D 874 13.02 -63.36 38.82
N HIS D 875 12.11 -64.33 38.81
CA HIS D 875 11.29 -64.56 37.62
C HIS D 875 10.14 -63.58 37.54
N ASN D 876 9.85 -62.86 38.62
CA ASN D 876 8.83 -61.81 38.56
C ASN D 876 9.21 -60.75 37.53
N ALA D 877 10.50 -60.41 37.46
CA ALA D 877 10.99 -59.41 36.52
C ALA D 877 11.53 -60.00 35.24
N HIS D 878 11.48 -61.34 35.08
CA HIS D 878 12.05 -62.02 33.91
C HIS D 878 13.54 -61.69 33.76
N LEU D 879 14.33 -62.11 34.75
CA LEU D 879 15.77 -61.99 34.72
C LEU D 879 16.39 -63.38 34.57
N THR D 880 17.62 -63.41 34.07
CA THR D 880 18.33 -64.66 33.80
C THR D 880 19.59 -64.73 34.65
N VAL D 881 19.66 -65.74 35.51
CA VAL D 881 20.81 -65.98 36.38
C VAL D 881 21.05 -67.49 36.46
N ASP D 882 22.32 -67.86 36.47
CA ASP D 882 22.73 -69.26 36.43
C ASP D 882 22.89 -69.83 37.84
N GLY D 883 23.26 -71.11 37.89
CA GLY D 883 23.31 -71.80 39.17
C GLY D 883 24.40 -71.28 40.08
N ASP D 884 25.60 -71.05 39.54
CA ASP D 884 26.70 -70.57 40.37
C ASP D 884 26.46 -69.13 40.82
N ALA D 885 25.80 -68.33 39.99
CA ALA D 885 25.47 -66.96 40.38
C ALA D 885 24.58 -66.95 41.62
N LEU D 886 23.63 -67.88 41.70
CA LEU D 886 22.78 -67.98 42.89
C LEU D 886 23.51 -68.65 44.05
N LEU D 887 24.40 -69.59 43.75
CA LEU D 887 25.18 -70.24 44.80
C LEU D 887 26.20 -69.29 45.43
N THR D 888 26.51 -68.18 44.77
CA THR D 888 27.41 -67.20 45.36
C THR D 888 26.82 -66.56 46.63
N LEU D 889 25.52 -66.75 46.88
CA LEU D 889 24.91 -66.20 48.08
C LEU D 889 25.53 -66.77 49.36
N GLN D 890 25.95 -68.03 49.33
CA GLN D 890 26.43 -68.66 50.57
C GLN D 890 27.76 -68.04 51.00
N GLU D 891 28.56 -67.54 50.06
CA GLU D 891 29.77 -66.81 50.42
C GLU D 891 29.54 -65.30 50.52
N LEU D 892 28.47 -64.79 49.91
CA LEU D 892 28.05 -63.41 50.19
C LEU D 892 27.54 -63.30 51.62
N MET D 893 27.15 -64.43 52.21
CA MET D 893 26.72 -64.49 53.60
C MET D 893 27.79 -64.02 54.58
N GLY D 894 29.06 -64.05 54.18
CA GLY D 894 30.13 -63.77 55.13
C GLY D 894 30.01 -62.42 55.79
N ASP D 895 29.72 -61.38 55.01
CA ASP D 895 29.57 -60.05 55.58
C ASP D 895 28.09 -59.70 55.72
N MET D 896 27.74 -59.18 56.89
CA MET D 896 26.36 -58.90 57.25
C MET D 896 26.22 -57.46 57.71
N ALA D 897 25.00 -56.94 57.59
CA ALA D 897 24.61 -55.68 58.21
C ALA D 897 23.48 -55.97 59.19
N GLU D 898 23.61 -55.46 60.41
CA GLU D 898 22.69 -55.85 61.48
C GLU D 898 21.32 -55.21 61.28
N ARG D 899 21.25 -53.88 61.34
CA ARG D 899 20.01 -53.16 61.08
C ARG D 899 20.36 -51.70 60.88
N THR D 900 19.50 -51.00 60.12
CA THR D 900 19.69 -49.59 59.89
C THR D 900 19.41 -48.78 61.16
N THR D 901 20.11 -47.66 61.29
CA THR D 901 19.99 -46.81 62.47
C THR D 901 19.90 -45.36 62.03
N ALA D 902 19.34 -44.54 62.92
CA ALA D 902 19.23 -43.10 62.70
C ALA D 902 20.33 -42.39 63.46
N ILE D 903 21.19 -41.68 62.74
CA ILE D 903 22.35 -40.99 63.30
C ILE D 903 22.13 -39.50 63.17
N LEU D 904 22.16 -38.79 64.29
CA LEU D 904 22.04 -37.34 64.33
C LEU D 904 23.40 -36.77 64.73
N VAL D 905 23.95 -35.89 63.90
CA VAL D 905 25.23 -35.26 64.15
C VAL D 905 25.04 -33.76 64.18
N SER D 906 25.89 -33.07 64.95
CA SER D 906 25.82 -31.63 65.08
C SER D 906 27.21 -31.06 65.30
N SER D 907 27.37 -29.78 64.97
CA SER D 907 28.64 -29.10 65.18
C SER D 907 28.38 -27.61 65.28
N ALA D 908 29.38 -26.90 65.80
CA ALA D 908 29.36 -25.45 65.88
C ALA D 908 29.57 -24.85 64.50
N PRO D 909 29.21 -23.57 64.32
CA PRO D 909 29.51 -22.92 63.03
C PRO D 909 31.00 -22.84 62.77
N ASP D 910 31.35 -22.81 61.49
CA ASP D 910 32.74 -22.91 61.07
C ASP D 910 33.56 -21.73 61.59
N ALA D 911 34.88 -21.94 61.65
CA ALA D 911 35.78 -20.93 62.19
C ALA D 911 35.74 -19.62 61.40
N GLY D 912 35.33 -19.67 60.14
CA GLY D 912 35.17 -18.44 59.38
C GLY D 912 34.07 -17.56 59.92
N ALA D 913 33.03 -18.17 60.52
CA ALA D 913 31.89 -17.43 61.05
C ALA D 913 31.53 -17.88 62.46
N ALA D 914 32.53 -18.21 63.27
CA ALA D 914 32.31 -18.59 64.66
C ALA D 914 32.74 -17.44 65.56
N THR D 915 31.77 -16.84 66.26
CA THR D 915 32.06 -15.76 67.19
C THR D 915 31.49 -16.08 68.57
N ALA D 916 31.49 -15.09 69.47
CA ALA D 916 31.04 -15.33 70.84
C ALA D 916 29.59 -15.78 70.88
N THR D 917 28.72 -15.19 70.05
CA THR D 917 27.30 -15.52 70.08
C THR D 917 26.90 -16.60 69.08
N THR D 918 27.67 -16.80 68.00
CA THR D 918 27.34 -17.84 67.04
C THR D 918 27.68 -19.24 67.54
N ARG D 919 28.74 -19.37 68.35
CA ARG D 919 29.12 -20.68 68.87
C ARG D 919 28.07 -21.22 69.83
N ASN D 920 27.16 -20.36 70.31
CA ASN D 920 26.10 -20.82 71.21
C ASN D 920 25.16 -21.78 70.53
N MET D 921 24.67 -21.43 69.33
CA MET D 921 23.72 -22.28 68.62
C MET D 921 24.45 -23.16 67.62
N ARG D 922 23.98 -24.38 67.45
CA ARG D 922 24.61 -25.39 66.60
C ARG D 922 23.67 -25.78 65.47
N ILE D 923 24.22 -26.46 64.47
CA ILE D 923 23.47 -26.93 63.32
C ILE D 923 23.12 -28.40 63.53
N TYR D 924 21.87 -28.75 63.23
CA TYR D 924 21.37 -30.09 63.49
C TYR D 924 20.95 -30.76 62.18
N ASP D 925 21.71 -31.77 61.77
CA ASP D 925 21.40 -32.54 60.58
C ASP D 925 21.59 -34.02 60.89
N GLY D 926 20.78 -34.86 60.24
CA GLY D 926 20.81 -36.29 60.46
C GLY D 926 20.88 -37.07 59.14
N ALA D 927 21.18 -38.34 59.28
CA ALA D 927 21.29 -39.24 58.14
C ALA D 927 20.94 -40.64 58.59
N LEU D 928 20.90 -41.57 57.63
CA LEU D 928 20.53 -42.96 57.88
C LEU D 928 21.73 -43.85 57.55
N TYR D 929 22.14 -44.66 58.52
CA TYR D 929 23.15 -45.69 58.28
C TYR D 929 22.47 -46.98 57.87
N HIS D 930 23.02 -47.63 56.84
CA HIS D 930 22.46 -48.86 56.29
C HIS D 930 21.04 -48.67 55.75
N GLY D 931 20.68 -47.44 55.37
CA GLY D 931 19.41 -47.19 54.72
C GLY D 931 19.51 -47.32 53.21
N LEU D 932 18.36 -47.16 52.56
CA LEU D 932 18.30 -47.32 51.11
C LEU D 932 17.34 -46.30 50.52
N ILE D 933 17.56 -45.99 49.24
CA ILE D 933 16.78 -44.98 48.53
C ILE D 933 16.01 -45.66 47.41
N MET D 934 14.72 -45.36 47.29
CA MET D 934 13.87 -45.94 46.27
C MET D 934 13.56 -44.91 45.20
N MET D 935 13.79 -45.26 43.93
CA MET D 935 13.56 -44.30 42.85
C MET D 935 12.08 -44.01 42.66
N ALA D 936 11.26 -45.05 42.52
CA ALA D 936 9.84 -44.88 42.30
C ALA D 936 9.07 -45.70 43.32
N TYR D 937 8.14 -45.06 44.01
CA TYR D 937 7.27 -45.75 44.94
C TYR D 937 6.25 -46.59 44.19
N GLN D 938 6.09 -47.84 44.60
CA GLN D 938 5.11 -48.74 44.01
C GLN D 938 4.12 -49.19 45.09
N ALA D 939 2.83 -49.04 44.80
CA ALA D 939 1.77 -49.54 45.66
C ALA D 939 0.82 -50.47 44.94
N TYR D 940 0.90 -50.55 43.61
CA TYR D 940 0.04 -51.39 42.80
C TYR D 940 0.72 -52.69 42.39
N ASP D 941 1.91 -52.96 42.92
CA ASP D 941 2.62 -54.21 42.69
C ASP D 941 2.21 -55.16 43.80
N GLU D 942 1.23 -56.02 43.52
CA GLU D 942 0.60 -56.84 44.54
C GLU D 942 1.33 -58.16 44.78
N THR D 943 2.40 -58.45 44.04
CA THR D 943 3.13 -59.69 44.26
C THR D 943 3.92 -59.66 45.56
N ILE D 944 4.31 -58.47 46.02
CA ILE D 944 5.04 -58.30 47.27
C ILE D 944 4.21 -57.41 48.18
N ALA D 945 4.04 -57.85 49.43
CA ALA D 945 3.22 -57.10 50.37
C ALA D 945 3.85 -55.73 50.66
N THR D 946 2.98 -54.75 50.89
CA THR D 946 3.43 -53.39 51.13
C THR D 946 4.18 -53.31 52.47
N GLY D 947 5.37 -52.72 52.44
CA GLY D 947 6.19 -52.63 53.63
C GLY D 947 6.69 -53.96 54.16
N THR D 948 7.18 -54.83 53.28
CA THR D 948 7.67 -56.13 53.73
C THR D 948 9.13 -56.07 54.14
N PHE D 949 9.95 -55.36 53.37
CA PHE D 949 11.39 -55.29 53.61
C PHE D 949 11.87 -53.91 54.05
N PHE D 950 11.17 -52.84 53.67
CA PHE D 950 11.64 -51.48 53.87
C PHE D 950 10.53 -50.64 54.49
N TYR D 951 10.91 -49.67 55.32
CA TYR D 951 9.95 -48.77 55.92
C TYR D 951 10.38 -47.33 55.68
N PRO D 952 9.46 -46.46 55.23
CA PRO D 952 9.86 -45.07 54.92
C PRO D 952 10.16 -44.27 56.17
N VAL D 953 11.42 -43.90 56.34
CA VAL D 953 11.86 -43.03 57.43
C VAL D 953 12.71 -41.91 56.84
N PRO D 954 12.10 -40.97 56.11
CA PRO D 954 12.88 -39.96 55.38
C PRO D 954 13.26 -38.79 56.26
N VAL D 955 14.55 -38.47 56.32
CA VAL D 955 15.04 -37.24 56.93
C VAL D 955 15.96 -36.54 55.93
N ASN D 956 15.38 -35.70 55.08
CA ASN D 956 16.00 -34.72 54.18
C ASN D 956 14.88 -33.84 53.62
N PRO D 957 15.06 -32.52 53.61
CA PRO D 957 14.09 -31.68 52.88
C PRO D 957 14.05 -32.00 51.39
N LEU D 958 15.20 -32.35 50.80
CA LEU D 958 15.24 -32.68 49.38
C LEU D 958 14.55 -34.01 49.10
N PHE D 959 14.68 -34.97 50.01
CA PHE D 959 14.18 -36.33 49.81
C PHE D 959 12.81 -36.54 50.46
N ALA D 960 11.97 -35.52 50.51
CA ALA D 960 10.62 -35.67 51.02
C ALA D 960 9.82 -36.57 50.08
N CYS D 961 9.12 -37.55 50.66
CA CYS D 961 8.37 -38.55 49.91
C CYS D 961 6.96 -38.68 50.46
N PRO D 962 6.06 -37.78 50.06
CA PRO D 962 4.66 -37.93 50.50
C PRO D 962 4.04 -39.24 50.04
N GLU D 963 4.39 -39.72 48.85
CA GLU D 963 3.81 -40.96 48.34
C GLU D 963 4.44 -42.20 48.98
N HIS D 964 5.75 -42.16 49.28
CA HIS D 964 6.39 -43.34 49.88
C HIS D 964 5.92 -43.59 51.31
N LEU D 965 5.28 -42.61 51.95
CA LEU D 965 4.73 -42.83 53.28
C LEU D 965 3.62 -43.87 53.27
N ALA D 966 2.97 -44.08 52.13
CA ALA D 966 1.95 -45.12 52.03
C ALA D 966 2.54 -46.53 52.11
N SER D 967 3.87 -46.67 52.01
CA SER D 967 4.51 -47.97 52.21
C SER D 967 4.24 -48.52 53.60
N LEU D 968 4.04 -47.65 54.58
CA LEU D 968 3.96 -48.05 55.97
C LEU D 968 2.51 -48.26 56.39
N ARG D 969 2.29 -49.28 57.22
CA ARG D 969 0.95 -49.59 57.70
C ARG D 969 0.39 -48.47 58.58
N GLY D 970 -0.92 -48.52 58.80
CA GLY D 970 -1.61 -47.48 59.53
C GLY D 970 -1.67 -46.15 58.80
N MET D 971 -1.79 -46.19 57.48
CA MET D 971 -1.83 -44.98 56.67
C MET D 971 -3.27 -44.48 56.54
N THR D 972 -3.51 -43.24 56.96
CA THR D 972 -4.83 -42.64 56.98
C THR D 972 -4.86 -41.50 55.97
N ASN D 973 -6.07 -40.97 55.70
CA ASN D 973 -6.19 -39.83 54.80
C ASN D 973 -5.65 -38.55 55.44
N ALA D 974 -5.72 -38.44 56.78
CA ALA D 974 -5.25 -37.24 57.45
C ALA D 974 -3.75 -37.03 57.26
N ARG D 975 -2.96 -38.11 57.42
CA ARG D 975 -1.52 -37.97 57.23
C ARG D 975 -1.19 -37.58 55.80
N ARG D 976 -1.94 -38.13 54.83
CA ARG D 976 -1.69 -37.81 53.43
C ARG D 976 -2.02 -36.36 53.11
N VAL D 977 -3.16 -35.88 53.60
CA VAL D 977 -3.55 -34.49 53.33
C VAL D 977 -2.62 -33.53 54.06
N LEU D 978 -2.05 -33.96 55.19
CA LEU D 978 -1.06 -33.13 55.87
C LEU D 978 0.27 -33.11 55.12
N ALA D 979 0.71 -34.27 54.64
CA ALA D 979 1.99 -34.39 53.96
C ALA D 979 1.98 -33.84 52.55
N LYS D 980 0.80 -33.66 51.94
CA LYS D 980 0.75 -33.08 50.60
C LYS D 980 1.31 -31.67 50.56
N MET D 981 1.37 -30.99 51.71
CA MET D 981 1.94 -29.65 51.77
C MET D 981 3.15 -29.53 52.68
N VAL D 982 3.31 -30.43 53.65
CA VAL D 982 4.39 -30.35 54.63
C VAL D 982 5.22 -31.63 54.52
N PRO D 983 6.52 -31.52 54.31
CA PRO D 983 7.37 -32.73 54.28
C PRO D 983 7.51 -33.33 55.66
N PRO D 984 7.16 -34.61 55.83
CA PRO D 984 7.30 -35.27 57.14
C PRO D 984 8.74 -35.61 57.44
N ILE D 985 9.35 -34.86 58.37
CA ILE D 985 10.73 -35.04 58.76
C ILE D 985 10.82 -35.16 60.27
N PRO D 986 11.48 -36.18 60.82
CA PRO D 986 11.53 -36.31 62.27
C PRO D 986 12.41 -35.23 62.89
N PRO D 987 12.14 -34.84 64.14
CA PRO D 987 13.01 -33.83 64.77
C PRO D 987 14.28 -34.42 65.35
N PHE D 988 14.27 -35.68 65.78
CA PHE D 988 15.44 -36.32 66.35
C PHE D 988 16.53 -36.58 65.32
N LEU D 989 16.33 -36.14 64.07
CA LEU D 989 17.31 -36.29 63.01
C LEU D 989 17.54 -34.96 62.29
N GLY D 990 17.11 -33.85 62.89
CA GLY D 990 17.31 -32.55 62.30
C GLY D 990 16.04 -31.87 61.84
N ALA D 991 15.84 -30.62 62.26
CA ALA D 991 14.70 -29.83 61.81
C ALA D 991 15.06 -29.04 60.56
N ASN D 992 14.02 -28.60 59.85
CA ASN D 992 14.24 -27.87 58.60
C ASN D 992 14.99 -26.57 58.84
N HIS D 993 14.61 -25.84 59.89
CA HIS D 993 15.35 -24.64 60.26
C HIS D 993 16.75 -24.95 60.75
N HIS D 994 16.96 -26.14 61.32
CA HIS D 994 18.24 -26.49 61.93
C HIS D 994 19.15 -27.29 61.00
N ALA D 995 18.64 -27.81 59.88
CA ALA D 995 19.47 -28.55 58.95
C ALA D 995 20.11 -27.60 57.94
N THR D 996 21.29 -28.01 57.45
CA THR D 996 21.98 -27.24 56.43
C THR D 996 21.13 -27.14 55.17
N ILE D 997 20.65 -28.28 54.68
CA ILE D 997 19.70 -28.29 53.57
C ILE D 997 18.33 -27.87 54.10
N ARG D 998 17.71 -26.91 53.43
CA ARG D 998 16.49 -26.29 53.91
C ARG D 998 15.38 -26.48 52.87
N GLN D 999 14.21 -25.91 53.15
CA GLN D 999 13.09 -25.99 52.22
C GLN D 999 13.36 -25.35 50.85
N PRO D 1000 13.95 -24.15 50.73
CA PRO D 1000 14.02 -23.53 49.40
C PRO D 1000 14.80 -24.32 48.36
N VAL D 1001 15.84 -25.06 48.76
CA VAL D 1001 16.57 -25.86 47.77
C VAL D 1001 15.68 -27.01 47.28
N ALA D 1002 14.89 -27.60 48.18
CA ALA D 1002 13.94 -28.62 47.76
C ALA D 1002 12.89 -28.05 46.82
N TYR D 1003 12.39 -26.85 47.12
CA TYR D 1003 11.42 -26.21 46.23
C TYR D 1003 12.04 -25.92 44.88
N HIS D 1004 13.30 -25.49 44.87
CA HIS D 1004 14.00 -25.22 43.62
C HIS D 1004 14.15 -26.49 42.79
N VAL D 1005 14.49 -27.60 43.44
CA VAL D 1005 14.76 -28.83 42.69
C VAL D 1005 13.46 -29.50 42.27
N THR D 1006 12.35 -29.21 42.94
CA THR D 1006 11.09 -29.87 42.64
C THR D 1006 10.19 -29.06 41.70
N HIS D 1007 10.55 -27.82 41.38
CA HIS D 1007 9.66 -26.96 40.59
C HIS D 1007 10.40 -26.24 39.46
N SER D 1008 11.57 -26.74 39.05
CA SER D 1008 12.34 -26.13 37.98
C SER D 1008 12.40 -27.08 36.80
N LYS D 1009 11.96 -26.62 35.62
CA LYS D 1009 12.00 -27.43 34.40
C LYS D 1009 12.66 -26.61 33.30
N SER D 1010 14.00 -26.64 33.27
CA SER D 1010 14.78 -26.04 32.19
C SER D 1010 15.67 -27.04 31.49
N ASP D 1011 16.49 -27.76 32.24
CA ASP D 1011 17.46 -28.71 31.70
C ASP D 1011 18.00 -29.54 32.86
N PHE D 1012 19.00 -30.38 32.58
CA PHE D 1012 19.61 -31.22 33.58
C PHE D 1012 21.05 -30.84 33.87
N ASN D 1013 21.86 -30.62 32.83
CA ASN D 1013 23.20 -30.07 33.04
C ASN D 1013 23.12 -28.71 33.73
N THR D 1014 22.26 -27.82 33.22
CA THR D 1014 22.06 -26.53 33.86
C THR D 1014 21.53 -26.69 35.27
N LEU D 1015 20.61 -27.65 35.47
CA LEU D 1015 20.10 -27.91 36.81
C LEU D 1015 21.21 -28.38 37.74
N THR D 1016 22.07 -29.29 37.27
CA THR D 1016 23.15 -29.78 38.11
C THR D 1016 24.12 -28.66 38.47
N TYR D 1017 24.47 -27.81 37.51
CA TYR D 1017 25.40 -26.72 37.79
C TYR D 1017 24.77 -25.67 38.69
N SER D 1018 23.47 -25.41 38.53
CA SER D 1018 22.79 -24.49 39.41
C SER D 1018 22.74 -25.02 40.84
N LEU D 1019 22.47 -26.32 41.00
CA LEU D 1019 22.52 -26.93 42.32
C LEU D 1019 23.91 -26.83 42.92
N LEU D 1020 24.94 -27.09 42.10
CA LEU D 1020 26.32 -26.99 42.58
C LEU D 1020 26.64 -25.59 43.05
N GLY D 1021 26.25 -24.58 42.28
CA GLY D 1021 26.43 -23.20 42.72
C GLY D 1021 25.61 -22.89 43.96
N GLY D 1022 24.53 -23.63 44.17
CA GLY D 1022 23.78 -23.48 45.42
C GLY D 1022 24.58 -23.93 46.63
N TYR D 1023 25.28 -25.06 46.51
CA TYR D 1023 26.08 -25.58 47.63
C TYR D 1023 27.40 -24.83 47.71
N PHE D 1024 27.32 -23.62 48.26
CA PHE D 1024 28.49 -22.80 48.55
C PHE D 1024 28.30 -22.15 49.90
N LYS D 1025 29.35 -22.14 50.72
CA LYS D 1025 29.27 -21.55 52.05
C LYS D 1025 29.03 -20.05 51.94
N PHE D 1026 28.26 -19.53 52.90
CA PHE D 1026 27.92 -18.11 52.95
C PHE D 1026 28.75 -17.35 53.97
N THR D 1027 29.79 -17.98 54.52
CA THR D 1027 30.65 -17.32 55.50
C THR D 1027 31.47 -16.22 54.82
N PRO D 1028 31.94 -15.23 55.58
CA PRO D 1028 32.73 -14.15 54.97
C PRO D 1028 33.96 -14.63 54.22
N ILE D 1029 34.63 -15.69 54.72
CA ILE D 1029 35.77 -16.22 54.01
C ILE D 1029 35.34 -16.80 52.66
N SER D 1030 34.25 -17.56 52.64
CA SER D 1030 33.74 -18.10 51.40
C SER D 1030 33.28 -16.99 50.46
N LEU D 1031 32.64 -15.95 51.02
CA LEU D 1031 32.22 -14.82 50.20
C LEU D 1031 33.43 -14.14 49.56
N THR D 1032 34.52 -13.98 50.31
CA THR D 1032 35.76 -13.47 49.75
C THR D 1032 36.24 -14.39 48.63
N HIS D 1033 36.12 -15.71 48.83
CA HIS D 1033 36.55 -16.65 47.80
C HIS D 1033 35.77 -16.44 46.50
N GLN D 1034 34.44 -16.34 46.58
CA GLN D 1034 33.66 -16.14 45.36
C GLN D 1034 33.95 -14.78 44.74
N LEU D 1035 34.10 -13.75 45.56
CA LEU D 1035 34.37 -12.42 45.03
C LEU D 1035 35.71 -12.37 44.30
N ARG D 1036 36.73 -13.03 44.84
CA ARG D 1036 38.03 -13.07 44.16
C ARG D 1036 37.99 -14.02 42.97
N THR D 1037 37.05 -14.96 42.98
CA THR D 1037 36.93 -15.90 41.86
C THR D 1037 36.20 -15.25 40.68
N GLY D 1038 34.96 -14.82 40.90
CA GLY D 1038 34.16 -14.25 39.85
C GLY D 1038 32.72 -14.73 39.86
N PHE D 1039 32.43 -15.71 40.72
CA PHE D 1039 31.08 -16.22 40.85
C PHE D 1039 30.17 -15.16 41.47
N HIS D 1040 28.88 -15.22 41.12
CA HIS D 1040 27.90 -14.27 41.62
C HIS D 1040 27.07 -14.90 42.73
N PRO D 1041 27.26 -14.50 43.98
CA PRO D 1041 26.39 -14.99 45.05
C PRO D 1041 24.98 -14.45 44.90
N GLY D 1042 24.03 -15.16 45.51
CA GLY D 1042 22.63 -14.79 45.41
C GLY D 1042 22.24 -13.57 46.21
N ILE D 1043 23.03 -12.50 46.11
CA ILE D 1043 22.74 -11.24 46.79
C ILE D 1043 23.24 -10.11 45.91
N ALA D 1044 22.62 -8.94 46.06
CA ALA D 1044 22.99 -7.75 45.29
C ALA D 1044 23.48 -6.68 46.25
N PHE D 1045 23.82 -5.52 45.70
CA PHE D 1045 24.31 -4.39 46.49
C PHE D 1045 23.87 -3.09 45.84
N THR D 1046 23.99 -2.01 46.62
CA THR D 1046 23.84 -0.66 46.10
C THR D 1046 25.01 0.18 46.59
N VAL D 1047 25.34 1.21 45.81
CA VAL D 1047 26.50 2.06 46.06
C VAL D 1047 26.03 3.46 46.39
N VAL D 1048 26.55 4.01 47.48
CA VAL D 1048 26.20 5.34 47.96
C VAL D 1048 27.47 6.18 48.07
N ARG D 1049 27.42 7.41 47.54
CA ARG D 1049 28.59 8.25 47.39
C ARG D 1049 28.23 9.71 47.54
N GLN D 1050 29.04 10.45 48.28
CA GLN D 1050 28.90 11.91 48.41
C GLN D 1050 29.88 12.61 47.47
N ASP D 1051 29.48 13.78 47.00
CA ASP D 1051 30.33 14.66 46.21
C ASP D 1051 30.24 16.08 46.76
N ARG D 1052 31.28 16.87 46.54
CA ARG D 1052 31.29 18.29 46.90
C ARG D 1052 31.56 19.12 45.66
N PHE D 1053 30.59 19.97 45.31
CA PHE D 1053 30.66 20.83 44.14
C PHE D 1053 30.55 22.28 44.56
N ALA D 1054 31.36 23.14 43.95
CA ALA D 1054 31.24 24.57 44.21
C ALA D 1054 29.94 25.10 43.64
N THR D 1055 29.20 25.84 44.46
CA THR D 1055 27.88 26.33 44.09
C THR D 1055 27.84 27.85 44.15
N GLU D 1056 27.40 28.46 43.06
CA GLU D 1056 27.13 29.90 43.03
C GLU D 1056 25.65 30.14 43.22
N GLN D 1057 25.33 31.20 43.96
CA GLN D 1057 23.95 31.47 44.34
C GLN D 1057 23.47 32.76 43.70
N LEU D 1058 22.16 32.82 43.45
CA LEU D 1058 21.50 34.00 42.90
C LEU D 1058 20.63 34.61 43.98
N LEU D 1059 20.75 35.91 44.19
CA LEU D 1059 19.95 36.59 45.20
C LEU D 1059 19.35 37.87 44.64
N TYR D 1060 18.02 37.93 44.64
CA TYR D 1060 17.25 39.13 44.42
C TYR D 1060 16.39 39.42 45.64
N ALA D 1061 16.42 40.64 46.15
CA ALA D 1061 15.61 40.95 47.32
C ALA D 1061 14.48 41.93 47.04
N GLU D 1062 14.79 43.23 46.92
CA GLU D 1062 13.75 44.27 46.84
C GLU D 1062 14.41 45.64 46.95
N ARG D 1063 13.66 46.72 46.72
CA ARG D 1063 14.22 48.07 46.70
C ARG D 1063 14.41 48.71 48.08
N ALA D 1064 13.49 48.51 49.00
CA ALA D 1064 13.61 49.09 50.34
C ALA D 1064 13.30 48.02 51.39
N SER D 1065 14.33 47.24 51.70
CA SER D 1065 14.17 46.00 52.45
C SER D 1065 14.85 46.01 53.81
N GLU D 1066 15.95 46.73 53.95
CA GLU D 1066 16.67 46.76 55.22
C GLU D 1066 16.89 48.21 55.62
N SER D 1067 16.43 48.56 56.83
CA SER D 1067 16.67 49.86 57.41
C SER D 1067 17.97 49.79 58.20
N TYR D 1068 18.92 50.66 57.86
CA TYR D 1068 20.27 50.56 58.38
C TYR D 1068 20.59 51.89 59.08
N PHE D 1069 20.75 51.84 60.40
CA PHE D 1069 21.09 53.01 61.20
C PHE D 1069 22.60 53.06 61.38
N VAL D 1070 23.15 54.26 61.45
CA VAL D 1070 24.58 54.46 61.64
C VAL D 1070 24.79 55.34 62.87
N GLY D 1071 25.74 54.93 63.71
CA GLY D 1071 26.11 55.69 64.88
C GLY D 1071 27.21 56.69 64.58
N GLN D 1072 27.74 57.29 65.65
CA GLN D 1072 28.83 58.24 65.55
C GLN D 1072 30.14 57.54 65.87
N ILE D 1073 31.17 57.83 65.06
CA ILE D 1073 32.46 57.18 65.21
C ILE D 1073 33.16 57.69 66.48
N GLN D 1074 33.72 56.76 67.24
CA GLN D 1074 34.46 57.11 68.45
C GLN D 1074 35.73 56.27 68.50
N VAL D 1075 36.72 56.77 69.24
CA VAL D 1075 38.08 56.23 69.20
C VAL D 1075 38.44 55.67 70.57
N HIS D 1076 39.55 54.94 70.61
CA HIS D 1076 40.16 54.47 71.85
C HIS D 1076 41.67 54.50 71.66
N HIS D 1077 42.36 55.31 72.46
CA HIS D 1077 43.81 55.34 72.44
C HIS D 1077 44.34 54.26 73.39
N HIS D 1078 45.07 53.30 72.84
CA HIS D 1078 45.59 52.18 73.60
C HIS D 1078 47.10 52.11 73.42
N ASP D 1079 47.82 52.00 74.53
CA ASP D 1079 49.26 51.85 74.47
C ASP D 1079 49.62 50.53 73.80
N ALA D 1080 50.65 50.57 72.96
CA ALA D 1080 51.07 49.41 72.18
C ALA D 1080 52.56 49.18 72.45
N ILE D 1081 53.14 48.24 71.69
CA ILE D 1081 54.54 47.87 71.91
C ILE D 1081 55.46 48.98 71.41
N GLY D 1082 55.41 49.28 70.11
CA GLY D 1082 56.27 50.30 69.55
C GLY D 1082 55.70 51.70 69.73
N GLY D 1083 54.39 51.82 69.59
CA GLY D 1083 53.72 53.09 69.79
C GLY D 1083 52.42 52.95 70.54
N VAL D 1084 51.34 53.47 69.97
CA VAL D 1084 50.00 53.32 70.53
C VAL D 1084 49.07 52.84 69.44
N ASN D 1085 47.94 52.26 69.85
CA ASN D 1085 46.96 51.71 68.94
C ASN D 1085 45.71 52.57 68.97
N PHE D 1086 45.29 53.04 67.79
CA PHE D 1086 44.04 53.77 67.64
C PHE D 1086 43.01 52.85 67.02
N THR D 1087 41.88 52.67 67.71
CA THR D 1087 40.80 51.82 67.24
C THR D 1087 39.58 52.68 66.96
N LEU D 1088 39.00 52.52 65.78
CA LEU D 1088 37.83 53.30 65.37
C LEU D 1088 36.58 52.46 65.58
N THR D 1089 35.64 52.97 66.38
CA THR D 1089 34.44 52.24 66.75
C THR D 1089 33.21 53.07 66.45
N GLN D 1090 32.23 52.47 65.79
CA GLN D 1090 30.99 53.15 65.42
C GLN D 1090 29.87 52.10 65.38
N PRO D 1091 28.83 52.23 66.18
CA PRO D 1091 27.76 51.23 66.18
C PRO D 1091 26.78 51.43 65.03
N ARG D 1092 26.02 50.38 64.75
CA ARG D 1092 25.00 50.40 63.71
C ARG D 1092 23.98 49.30 63.99
N ALA D 1093 22.82 49.41 63.34
CA ALA D 1093 21.73 48.47 63.55
C ALA D 1093 21.00 48.24 62.24
N HIS D 1094 20.45 47.03 62.10
CA HIS D 1094 19.72 46.64 60.90
C HIS D 1094 18.36 46.10 61.29
N VAL D 1095 17.33 46.46 60.52
CA VAL D 1095 15.96 45.99 60.73
C VAL D 1095 15.36 45.66 59.38
N ASP D 1096 14.64 44.54 59.31
CA ASP D 1096 13.96 44.12 58.09
C ASP D 1096 12.54 44.68 58.10
N LEU D 1097 12.33 45.77 57.37
CA LEU D 1097 11.02 46.40 57.26
C LEU D 1097 10.25 45.83 56.06
N GLY D 1098 10.22 44.51 56.00
CA GLY D 1098 9.55 43.80 54.92
C GLY D 1098 8.36 43.01 55.46
N VAL D 1099 7.32 42.90 54.64
CA VAL D 1099 6.11 42.19 55.06
C VAL D 1099 6.38 40.70 55.12
N GLY D 1100 6.84 40.11 54.03
CA GLY D 1100 7.14 38.70 53.97
C GLY D 1100 8.59 38.41 53.70
N TYR D 1101 8.87 37.40 52.87
CA TYR D 1101 10.23 37.04 52.50
C TYR D 1101 10.75 38.08 51.51
N THR D 1102 11.71 38.88 51.96
CA THR D 1102 12.23 39.95 51.10
C THR D 1102 13.15 39.43 50.01
N ALA D 1103 13.95 38.40 50.27
CA ALA D 1103 14.97 37.95 49.34
C ALA D 1103 14.83 36.45 49.07
N VAL D 1104 15.34 36.01 47.92
CA VAL D 1104 15.36 34.60 47.56
C VAL D 1104 16.77 34.24 47.09
N CYS D 1105 17.33 33.18 47.67
CA CYS D 1105 18.64 32.68 47.30
C CYS D 1105 18.52 31.25 46.79
N ALA D 1106 19.21 30.94 45.69
CA ALA D 1106 19.09 29.64 45.05
C ALA D 1106 20.40 29.24 44.38
N THR D 1107 20.73 27.95 44.46
CA THR D 1107 21.93 27.44 43.82
C THR D 1107 21.70 27.28 42.33
N ALA D 1108 22.60 27.84 41.51
CA ALA D 1108 22.49 27.73 40.06
C ALA D 1108 23.72 27.13 39.40
N ALA D 1109 24.92 27.58 39.77
CA ALA D 1109 26.11 27.29 39.00
C ALA D 1109 26.90 26.15 39.61
N LEU D 1110 27.66 25.47 38.75
CA LEU D 1110 28.44 24.29 39.12
C LEU D 1110 29.93 24.51 39.07
N ARG D 1111 30.42 25.26 38.07
CA ARG D 1111 31.84 25.46 37.77
C ARG D 1111 32.66 24.18 37.95
N CYS D 1112 33.95 24.33 38.24
CA CYS D 1112 34.81 23.17 38.39
C CYS D 1112 34.43 22.36 39.62
N PRO D 1113 34.42 21.03 39.55
CA PRO D 1113 34.11 20.21 40.72
C PRO D 1113 35.31 20.08 41.64
N LEU D 1114 35.13 20.48 42.90
CA LEU D 1114 36.22 20.41 43.87
C LEU D 1114 36.48 18.97 44.31
N THR D 1115 35.53 18.08 44.12
CA THR D 1115 35.68 16.68 44.49
C THR D 1115 36.00 15.86 43.25
N ASP D 1116 36.08 14.54 43.43
CA ASP D 1116 36.31 13.60 42.35
C ASP D 1116 35.09 12.70 42.20
N MET D 1117 34.68 12.49 40.95
CA MET D 1117 33.66 11.50 40.64
C MET D 1117 34.31 10.14 40.38
N GLY D 1118 35.03 9.67 41.39
CA GLY D 1118 35.85 8.48 41.27
C GLY D 1118 35.16 7.23 41.81
N ASN D 1119 35.99 6.25 42.16
CA ASN D 1119 35.53 4.94 42.63
C ASN D 1119 36.43 4.48 43.77
N THR D 1120 36.01 4.78 45.01
CA THR D 1120 36.72 4.34 46.20
C THR D 1120 35.72 3.69 47.14
N ALA D 1121 36.00 2.45 47.53
CA ALA D 1121 35.09 1.71 48.39
C ALA D 1121 35.14 2.25 49.81
N GLN D 1122 34.04 2.07 50.55
CA GLN D 1122 33.97 2.43 51.97
C GLN D 1122 34.44 1.24 52.80
N ASN D 1123 35.67 1.30 53.28
CA ASN D 1123 36.17 0.25 54.16
C ASN D 1123 35.44 0.30 55.49
N LEU D 1124 35.11 -0.89 56.00
CA LEU D 1124 34.46 -1.02 57.30
C LEU D 1124 35.42 -1.48 58.38
N PHE D 1125 36.62 -1.92 58.01
CA PHE D 1125 37.60 -2.38 58.99
C PHE D 1125 38.15 -1.24 59.83
N PHE D 1126 37.98 0.01 59.40
CA PHE D 1126 38.34 1.16 60.23
C PHE D 1126 37.51 1.25 61.50
N SER D 1127 36.20 1.01 61.41
CA SER D 1127 35.29 1.20 62.53
C SER D 1127 35.49 0.13 63.59
N ARG D 1128 35.27 0.51 64.84
CA ARG D 1128 35.43 -0.39 65.98
C ARG D 1128 34.19 -0.35 66.85
N GLY D 1129 33.83 -1.50 67.41
CA GLY D 1129 32.65 -1.60 68.25
C GLY D 1129 31.87 -2.88 68.03
N GLY D 1130 31.97 -3.44 66.83
CA GLY D 1130 31.29 -4.68 66.54
C GLY D 1130 31.96 -5.87 67.21
N VAL D 1131 31.20 -6.96 67.30
CA VAL D 1131 31.69 -8.18 67.92
C VAL D 1131 32.76 -8.79 67.03
N PRO D 1132 33.94 -9.08 67.58
CA PRO D 1132 35.01 -9.65 66.75
C PRO D 1132 34.83 -11.15 66.53
N MET D 1133 35.51 -11.64 65.49
CA MET D 1133 35.59 -13.08 65.29
C MET D 1133 36.38 -13.73 66.42
N LEU D 1134 35.98 -14.95 66.76
CA LEU D 1134 36.65 -15.65 67.86
C LEU D 1134 38.08 -16.03 67.47
N HIS D 1135 38.40 -16.00 66.18
CA HIS D 1135 39.74 -16.31 65.69
C HIS D 1135 40.39 -15.03 65.18
N ASP D 1136 41.59 -14.74 65.68
CA ASP D 1136 42.30 -13.54 65.23
C ASP D 1136 42.81 -13.68 63.82
N ASN D 1137 43.24 -14.88 63.42
CA ASN D 1137 43.86 -15.07 62.12
C ASN D 1137 42.89 -14.81 60.98
N VAL D 1138 41.63 -15.23 61.12
CA VAL D 1138 40.65 -14.99 60.05
C VAL D 1138 40.42 -13.49 59.86
N THR D 1139 40.29 -12.75 60.97
CA THR D 1139 40.08 -11.31 60.86
C THR D 1139 41.31 -10.61 60.28
N GLU D 1140 42.51 -11.06 60.68
CA GLU D 1140 43.73 -10.47 60.14
C GLU D 1140 43.84 -10.71 58.64
N SER D 1141 43.55 -11.93 58.19
CA SER D 1141 43.59 -12.23 56.76
C SER D 1141 42.55 -11.43 56.00
N LEU D 1142 41.35 -11.28 56.58
CA LEU D 1142 40.32 -10.49 55.93
C LEU D 1142 40.72 -9.03 55.82
N ARG D 1143 41.35 -8.48 56.86
CA ARG D 1143 41.84 -7.12 56.79
C ARG D 1143 42.93 -6.98 55.73
N ARG D 1144 43.83 -7.97 55.64
CA ARG D 1144 44.89 -7.93 54.64
C ARG D 1144 44.33 -7.95 53.23
N ILE D 1145 43.35 -8.83 52.98
CA ILE D 1145 42.80 -8.93 51.63
C ILE D 1145 41.90 -7.72 51.33
N THR D 1146 41.35 -7.08 52.37
CA THR D 1146 40.64 -5.83 52.18
C THR D 1146 41.60 -4.70 51.81
N ALA D 1147 42.80 -4.70 52.38
CA ALA D 1147 43.80 -3.71 52.02
C ALA D 1147 44.19 -3.83 50.56
N SER D 1148 44.36 -5.05 50.08
CA SER D 1148 44.59 -5.28 48.66
C SER D 1148 43.33 -4.94 47.86
N GLY D 1149 43.52 -4.26 46.73
CA GLY D 1149 42.41 -3.84 45.92
C GLY D 1149 41.60 -2.69 46.47
N GLY D 1150 42.17 -1.91 47.39
CA GLY D 1150 41.49 -0.75 47.92
C GLY D 1150 42.38 0.46 47.85
N ARG D 1151 41.81 1.56 47.34
CA ARG D 1151 42.57 2.78 47.13
C ARG D 1151 42.90 3.49 48.44
N LEU D 1152 42.09 3.30 49.47
CA LEU D 1152 42.37 3.80 50.81
C LEU D 1152 42.32 2.63 51.78
N ASN D 1153 43.41 2.44 52.52
CA ASN D 1153 43.58 1.26 53.35
C ASN D 1153 44.23 1.65 54.65
N PRO D 1154 44.03 0.89 55.73
CA PRO D 1154 44.67 1.22 57.01
C PRO D 1154 46.17 1.04 56.96
N THR D 1155 46.86 1.80 57.81
CA THR D 1155 48.31 1.65 57.95
C THR D 1155 48.64 0.33 58.61
N GLU D 1156 49.75 -0.27 58.18
CA GLU D 1156 50.17 -1.55 58.77
C GLU D 1156 50.46 -1.49 60.27
N PRO D 1157 51.13 -0.46 60.83
CA PRO D 1157 51.45 -0.52 62.26
C PRO D 1157 50.23 -0.52 63.17
N LEU D 1158 49.08 -0.03 62.69
CA LEU D 1158 47.84 0.04 63.47
C LEU D 1158 48.06 0.79 64.77
N PRO D 1159 48.28 2.11 64.72
CA PRO D 1159 48.56 2.86 65.96
C PRO D 1159 47.39 2.82 66.93
N ILE D 1160 47.68 2.39 68.17
CA ILE D 1160 46.64 2.37 69.19
C ILE D 1160 46.43 3.77 69.76
N PHE D 1161 45.28 3.94 70.42
CA PHE D 1161 44.86 5.23 70.97
C PHE D 1161 44.89 6.31 69.87
N GLY D 1162 44.17 6.02 68.80
CA GLY D 1162 44.10 6.92 67.65
C GLY D 1162 43.05 6.47 66.68
N GLY D 1163 42.77 7.33 65.71
CA GLY D 1163 41.74 7.06 64.73
C GLY D 1163 42.15 6.20 63.56
N LEU D 1164 43.39 5.71 63.54
CA LEU D 1164 43.90 4.87 62.45
C LEU D 1164 43.80 5.60 61.11
N ARG D 1165 44.55 6.69 61.01
CA ARG D 1165 44.55 7.49 59.80
C ARG D 1165 45.05 6.68 58.60
N PRO D 1166 44.49 6.89 57.42
CA PRO D 1166 44.98 6.20 56.23
C PRO D 1166 46.39 6.62 55.89
N ALA D 1167 47.12 5.71 55.24
CA ALA D 1167 48.52 5.95 54.92
C ALA D 1167 48.68 7.11 53.96
N THR D 1168 49.82 7.80 54.06
CA THR D 1168 50.11 8.89 53.14
C THR D 1168 50.30 8.37 51.73
N SER D 1169 50.14 9.25 50.75
CA SER D 1169 50.21 8.84 49.36
C SER D 1169 50.72 9.96 48.46
N ALA D 1170 50.91 9.66 47.18
CA ALA D 1170 51.30 10.67 46.21
C ALA D 1170 50.07 11.45 45.77
N GLY D 1171 50.21 12.26 44.71
CA GLY D 1171 49.10 13.10 44.30
C GLY D 1171 47.90 12.27 43.88
N ILE D 1172 46.77 12.51 44.57
CA ILE D 1172 45.51 11.92 44.13
C ILE D 1172 45.09 12.58 42.83
N ALA D 1173 44.62 11.76 41.88
CA ALA D 1173 44.62 12.16 40.47
C ALA D 1173 43.94 13.51 40.24
N ARG D 1174 42.71 13.67 40.73
CA ARG D 1174 41.97 14.87 40.37
C ARG D 1174 41.15 15.46 41.53
N GLY D 1175 41.62 15.34 42.76
CA GLY D 1175 40.95 15.94 43.90
C GLY D 1175 40.73 14.94 45.02
N GLN D 1176 40.05 15.42 46.06
CA GLN D 1176 39.74 14.58 47.21
C GLN D 1176 38.87 13.42 46.79
N ALA D 1177 39.22 12.22 47.27
CA ALA D 1177 38.51 11.01 46.90
C ALA D 1177 37.09 11.01 47.45
N SER D 1178 36.19 10.38 46.70
CA SER D 1178 34.80 10.22 47.09
C SER D 1178 34.52 8.76 47.44
N VAL D 1179 34.00 8.53 48.63
CA VAL D 1179 33.83 7.18 49.16
C VAL D 1179 32.56 6.56 48.62
N CYS D 1180 32.51 5.22 48.63
CA CYS D 1180 31.37 4.46 48.14
C CYS D 1180 31.12 3.30 49.08
N GLU D 1181 29.93 3.28 49.70
CA GLU D 1181 29.55 2.22 50.63
C GLU D 1181 28.59 1.25 49.96
N PHE D 1182 28.51 0.04 50.49
CA PHE D 1182 27.70 -1.02 49.92
C PHE D 1182 26.58 -1.43 50.87
N VAL D 1183 25.36 -1.47 50.35
CA VAL D 1183 24.19 -1.94 51.08
C VAL D 1183 23.53 -3.02 50.24
N ALA D 1184 23.25 -4.16 50.87
CA ALA D 1184 22.86 -5.36 50.14
C ALA D 1184 21.34 -5.50 50.03
N MET D 1185 20.92 -6.26 49.02
CA MET D 1185 19.53 -6.59 48.78
C MET D 1185 19.49 -7.82 47.87
N PRO D 1186 18.33 -8.47 47.73
CA PRO D 1186 18.26 -9.64 46.83
C PRO D 1186 18.56 -9.25 45.39
N VAL D 1187 19.06 -10.23 44.64
CA VAL D 1187 19.47 -9.98 43.25
C VAL D 1187 18.29 -9.51 42.41
N SER D 1188 17.09 -10.02 42.68
CA SER D 1188 15.90 -9.59 41.96
C SER D 1188 15.14 -8.61 42.84
N THR D 1189 15.50 -7.33 42.69
CA THR D 1189 14.83 -6.22 43.36
C THR D 1189 14.16 -5.39 42.27
N ASP D 1190 13.08 -4.70 42.63
CA ASP D 1190 12.36 -3.93 41.62
C ASP D 1190 13.30 -2.91 40.99
N LEU D 1191 13.68 -3.15 39.74
CA LEU D 1191 14.73 -2.36 39.11
C LEU D 1191 14.23 -0.98 38.72
N GLN D 1192 12.94 -0.86 38.37
CA GLN D 1192 12.42 0.43 37.99
C GLN D 1192 12.36 1.40 39.16
N TYR D 1193 12.52 0.89 40.39
CA TYR D 1193 12.63 1.78 41.56
C TYR D 1193 13.87 2.67 41.46
N PHE D 1194 14.99 2.11 41.00
CA PHE D 1194 16.24 2.86 40.91
C PHE D 1194 16.29 3.77 39.69
N ARG D 1195 15.28 3.70 38.82
CA ARG D 1195 15.24 4.53 37.62
C ARG D 1195 15.18 6.02 37.93
N THR D 1196 14.41 6.41 38.95
CA THR D 1196 14.21 7.80 39.31
C THR D 1196 14.85 8.11 40.65
N ALA D 1197 14.70 9.33 41.13
CA ALA D 1197 15.23 9.73 42.43
C ALA D 1197 14.52 8.92 43.51
N CYS D 1198 15.23 7.96 44.08
CA CYS D 1198 14.68 7.04 45.06
C CYS D 1198 15.32 7.30 46.43
N ASN D 1199 14.91 6.50 47.40
CA ASN D 1199 15.39 6.63 48.77
C ASN D 1199 16.56 5.68 49.00
N PRO D 1200 17.61 6.11 49.69
CA PRO D 1200 18.72 5.19 49.98
C PRO D 1200 18.30 3.98 50.77
N ARG D 1201 17.34 4.13 51.69
CA ARG D 1201 16.84 2.97 52.42
C ARG D 1201 15.93 2.12 51.54
N GLY D 1202 15.06 2.75 50.77
CA GLY D 1202 14.10 2.05 49.93
C GLY D 1202 12.65 2.30 50.27
N ARG D 1203 12.35 3.27 51.13
CA ARG D 1203 10.97 3.57 51.52
C ARG D 1203 10.79 5.08 51.59
N ALA D 1204 9.66 5.57 51.09
CA ALA D 1204 9.27 6.95 51.34
C ALA D 1204 8.95 7.10 52.83
N SER D 1205 9.46 8.16 53.44
CA SER D 1205 9.43 8.23 54.90
C SER D 1205 9.59 9.67 55.34
N GLU D 1325 16.34 11.39 49.85
CA GLU D 1325 16.44 10.73 48.55
C GLU D 1325 17.84 10.94 47.99
N ALA D 1326 18.40 9.89 47.41
CA ALA D 1326 19.70 9.93 46.75
C ALA D 1326 19.48 9.90 45.25
N TYR D 1327 20.05 10.86 44.55
CA TYR D 1327 19.87 10.96 43.11
C TYR D 1327 20.69 9.90 42.38
N PRO D 1328 20.07 9.07 41.55
CA PRO D 1328 20.84 8.10 40.75
C PRO D 1328 21.38 8.74 39.48
N PRO D 1329 22.70 8.74 39.30
CA PRO D 1329 23.27 9.24 38.05
C PRO D 1329 23.20 8.20 36.95
N LEU D 1330 23.64 8.62 35.76
CA LEU D 1330 23.67 7.72 34.62
C LEU D 1330 24.66 6.60 34.85
N CYS D 1331 24.26 5.37 34.50
CA CYS D 1331 25.11 4.21 34.75
C CYS D 1331 24.73 3.08 33.80
N SER D 1332 25.66 2.14 33.65
CA SER D 1332 25.43 0.91 32.91
C SER D 1332 26.12 -0.23 33.66
N SER D 1333 25.57 -1.43 33.51
CA SER D 1333 26.10 -2.60 34.19
C SER D 1333 27.09 -3.38 33.35
N ASP D 1334 27.19 -3.09 32.06
CA ASP D 1334 28.22 -3.66 31.19
C ASP D 1334 28.86 -2.52 30.40
N ALA D 1335 30.07 -2.77 29.91
CA ALA D 1335 30.79 -1.75 29.14
C ALA D 1335 30.05 -1.41 27.85
N ALA D 1336 29.33 -2.37 27.28
CA ALA D 1336 28.64 -2.15 26.02
C ALA D 1336 27.57 -1.07 26.14
N MET D 1337 26.67 -1.21 27.12
CA MET D 1337 25.55 -0.30 27.19
C MET D 1337 25.99 1.11 27.56
N LEU D 1338 27.07 1.24 28.33
CA LEU D 1338 27.57 2.58 28.62
C LEU D 1338 28.02 3.29 27.35
N ARG D 1339 28.75 2.59 26.48
CA ARG D 1339 29.24 3.24 25.27
C ARG D 1339 28.11 3.42 24.26
N THR D 1340 27.02 2.63 24.38
CA THR D 1340 25.87 2.88 23.53
C THR D 1340 24.93 3.91 24.11
N ALA D 1341 25.13 4.31 25.36
CA ALA D 1341 24.27 5.29 26.01
C ALA D 1341 24.63 6.73 25.65
N HIS D 1342 25.66 6.92 24.81
CA HIS D 1342 26.03 8.27 24.40
C HIS D 1342 25.06 8.82 23.36
N ALA D 1343 23.92 8.15 23.17
CA ALA D 1343 22.94 8.50 22.14
C ALA D 1343 23.56 8.40 20.74
N GLY D 1344 24.03 7.20 20.39
CA GLY D 1344 24.59 6.96 19.08
C GLY D 1344 23.59 7.17 17.96
N GLU D 1345 22.39 6.62 18.13
CA GLU D 1345 21.26 6.91 17.25
C GLU D 1345 20.14 7.56 18.05
N THR D 1346 20.56 8.50 18.91
CA THR D 1346 19.77 8.98 20.04
C THR D 1346 19.36 7.79 20.92
N GLY D 1347 20.13 6.72 20.82
CA GLY D 1347 19.73 5.43 21.35
C GLY D 1347 19.95 5.25 22.82
N ALA D 1348 18.86 5.24 23.58
CA ALA D 1348 18.89 4.91 24.99
C ALA D 1348 18.19 3.56 25.17
N ASP D 1349 18.93 2.58 25.69
CA ASP D 1349 18.40 1.26 25.92
C ASP D 1349 18.45 0.98 27.41
N GLU D 1350 17.60 0.07 27.89
CA GLU D 1350 17.47 -0.18 29.31
C GLU D 1350 18.02 -1.54 29.72
N VAL D 1351 17.52 -2.60 29.09
CA VAL D 1351 17.97 -3.96 29.35
C VAL D 1351 18.13 -4.68 28.02
N HIS D 1352 19.23 -5.42 27.87
CA HIS D 1352 19.41 -6.22 26.66
C HIS D 1352 18.94 -7.65 26.89
N LEU D 1353 19.59 -8.38 27.80
CA LEU D 1353 19.04 -9.64 28.29
C LEU D 1353 18.83 -9.62 29.80
N ALA D 1354 19.89 -9.35 30.57
CA ALA D 1354 19.79 -9.29 32.02
C ALA D 1354 20.52 -8.11 32.66
N GLN D 1355 21.60 -7.61 32.07
CA GLN D 1355 22.25 -6.43 32.57
C GLN D 1355 21.44 -5.19 32.20
N TYR D 1356 21.79 -4.06 32.80
CA TYR D 1356 20.87 -2.92 32.82
C TYR D 1356 21.63 -1.63 32.50
N LEU D 1357 20.87 -0.65 32.01
CA LEU D 1357 21.37 0.69 31.71
C LEU D 1357 20.41 1.66 32.37
N ILE D 1358 20.87 2.36 33.41
CA ILE D 1358 20.03 3.33 34.10
C ILE D 1358 20.50 4.73 33.73
N ARG D 1359 19.58 5.55 33.22
CA ARG D 1359 19.90 6.92 32.84
C ARG D 1359 20.14 7.77 34.08
N ASP D 1360 20.43 9.05 33.83
CA ASP D 1360 20.69 9.99 34.91
C ASP D 1360 19.39 10.55 35.45
N ALA D 1361 19.25 10.54 36.78
CA ALA D 1361 18.20 11.28 37.47
C ALA D 1361 18.76 12.31 38.42
N SER D 1362 20.08 12.41 38.53
CA SER D 1362 20.73 13.41 39.35
C SER D 1362 20.62 14.79 38.69
N PRO D 1363 20.83 15.86 39.46
CA PRO D 1363 20.79 17.20 38.86
C PRO D 1363 21.77 17.40 37.70
N LEU D 1364 22.64 16.43 37.42
CA LEU D 1364 23.67 16.57 36.39
C LEU D 1364 23.15 16.02 35.06
N ARG D 1365 21.99 16.53 34.64
CA ARG D 1365 21.44 16.14 33.35
C ARG D 1365 22.19 16.80 32.19
N GLY D 1366 22.18 18.14 32.15
CA GLY D 1366 22.78 18.86 31.04
C GLY D 1366 24.16 19.41 31.34
N CYS D 1367 24.90 18.71 32.20
CA CYS D 1367 26.24 19.11 32.59
C CYS D 1367 27.22 17.99 32.26
N LEU D 1368 28.49 18.19 32.65
CA LEU D 1368 29.53 17.18 32.58
C LEU D 1368 29.64 16.59 31.18
N PRO D 1369 30.17 17.33 30.21
CA PRO D 1369 30.25 16.82 28.84
C PRO D 1369 31.06 15.54 28.76
N LEU D 1370 30.59 14.61 27.95
CA LEU D 1370 31.19 13.29 27.83
C LEU D 1370 32.39 13.30 26.89
N ILE E 1 -19.20 65.98 61.10
CA ILE E 1 -17.81 66.44 61.19
C ILE E 1 -17.53 67.49 60.13
N PRO E 2 -17.21 68.72 60.50
CA PRO E 2 -16.64 69.66 59.51
C PRO E 2 -15.23 69.24 59.13
N ALA E 3 -15.08 68.75 57.90
CA ALA E 3 -13.80 68.17 57.49
C ALA E 3 -12.74 69.26 57.32
N GLY E 4 -12.93 70.15 56.35
CA GLY E 4 -11.99 71.24 56.13
C GLY E 4 -10.57 70.80 55.88
N ILE E 5 -10.37 69.59 55.38
CA ILE E 5 -9.05 69.01 55.15
C ILE E 5 -9.02 68.43 53.75
N ILE E 6 -7.82 68.17 53.24
CA ILE E 6 -7.71 67.51 51.93
C ILE E 6 -8.31 66.11 52.03
N PRO E 7 -9.10 65.67 51.07
CA PRO E 7 -9.67 64.31 51.14
C PRO E 7 -8.60 63.26 51.00
N THR E 8 -7.77 63.10 52.03
CA THR E 8 -6.66 62.15 52.02
C THR E 8 -5.75 62.39 50.82
N GLY E 9 -6.00 61.65 49.74
CA GLY E 9 -5.17 61.76 48.56
C GLY E 9 -3.80 61.12 48.74
N ASN E 10 -3.77 59.79 48.81
CA ASN E 10 -2.55 59.02 48.99
C ASN E 10 -1.85 59.40 50.31
N VAL E 11 -2.52 59.03 51.40
CA VAL E 11 -2.01 59.25 52.74
C VAL E 11 -0.65 58.58 52.91
N LEU E 12 0.38 59.36 53.24
CA LEU E 12 1.67 58.82 53.66
C LEU E 12 1.73 58.91 55.17
N SER E 13 1.43 57.80 55.85
CA SER E 13 1.56 57.76 57.30
C SER E 13 3.04 57.69 57.69
N THR E 14 3.30 57.93 58.97
CA THR E 14 4.66 58.01 59.48
C THR E 14 4.99 56.82 60.36
N ILE E 15 6.18 56.25 60.15
CA ILE E 15 6.73 55.27 61.07
C ILE E 15 7.38 56.01 62.23
N GLU E 16 7.22 55.47 63.44
CA GLU E 16 7.80 56.06 64.64
C GLU E 16 8.81 55.09 65.24
N VAL E 17 9.99 55.59 65.57
CA VAL E 17 11.00 54.82 66.28
C VAL E 17 10.82 55.05 67.78
N CYS E 18 10.71 53.96 68.54
CA CYS E 18 10.43 54.02 69.96
C CYS E 18 11.71 53.80 70.75
N ILE E 19 12.05 54.76 71.61
CA ILE E 19 13.24 54.71 72.44
C ILE E 19 12.81 54.47 73.89
N PHE E 20 13.46 53.52 74.55
CA PHE E 20 13.09 53.11 75.91
C PHE E 20 14.11 53.66 76.89
N PHE E 21 13.61 54.32 77.93
CA PHE E 21 14.44 54.76 79.05
C PHE E 21 13.63 54.84 80.34
N ARG E 57 -7.47 53.48 41.27
CA ARG E 57 -8.67 54.05 40.68
C ARG E 57 -9.09 53.20 39.48
N PHE E 58 -10.23 53.54 38.90
CA PHE E 58 -10.78 52.78 37.79
C PHE E 58 -10.33 53.28 36.43
N LEU E 59 -10.47 54.58 36.17
CA LEU E 59 -10.12 55.10 34.84
C LEU E 59 -8.63 54.94 34.55
N GLU E 60 -7.77 55.25 35.54
CA GLU E 60 -6.33 55.07 35.33
C GLU E 60 -5.97 53.61 35.10
N LEU E 61 -6.78 52.70 35.64
CA LEU E 61 -6.58 51.27 35.37
C LEU E 61 -6.77 50.99 33.89
N GLY E 62 -5.90 50.14 33.35
CA GLY E 62 -5.91 49.86 31.92
C GLY E 62 -7.15 49.15 31.43
N LEU E 63 -7.75 48.28 32.25
CA LEU E 63 -8.95 47.55 31.84
C LEU E 63 -10.13 48.46 31.55
N SER E 64 -10.15 49.68 32.10
CA SER E 64 -11.30 50.56 31.94
C SER E 64 -11.48 51.02 30.50
N VAL E 65 -10.47 50.80 29.64
CA VAL E 65 -10.57 51.22 28.25
C VAL E 65 -11.67 50.50 27.50
N ALA E 66 -12.18 49.39 28.04
CA ALA E 66 -13.24 48.62 27.41
C ALA E 66 -14.62 49.09 27.81
N CYS E 67 -14.72 50.15 28.61
CA CYS E 67 -16.01 50.69 29.01
C CYS E 67 -16.00 52.19 28.86
N ILE E 68 -17.17 52.75 28.64
CA ILE E 68 -17.36 54.19 28.52
C ILE E 68 -18.17 54.64 29.73
N CYS E 69 -17.49 55.16 30.74
CA CYS E 69 -18.16 55.61 31.95
C CYS E 69 -18.84 56.95 31.72
N THR E 70 -20.13 57.02 32.05
CA THR E 70 -20.89 58.24 31.90
C THR E 70 -21.69 58.49 33.17
N LYS E 71 -21.75 59.76 33.56
CA LYS E 71 -22.45 60.15 34.78
C LYS E 71 -23.96 60.09 34.57
N PHE E 72 -24.64 59.48 35.53
CA PHE E 72 -26.10 59.41 35.53
C PHE E 72 -26.61 59.51 36.96
N PRO E 73 -26.55 60.72 37.54
CA PRO E 73 -26.95 60.86 38.95
C PRO E 73 -28.38 60.45 39.22
N GLU E 74 -29.28 60.63 38.27
CA GLU E 74 -30.70 60.30 38.45
C GLU E 74 -30.99 58.86 38.02
N LEU E 75 -30.23 57.92 38.58
CA LEU E 75 -30.35 56.52 38.19
C LEU E 75 -31.16 55.70 39.19
N ALA E 76 -31.19 56.11 40.46
CA ALA E 76 -31.93 55.37 41.47
C ALA E 76 -33.43 55.40 41.23
N TYR E 77 -33.95 56.48 40.65
CA TYR E 77 -35.37 56.63 40.41
C TYR E 77 -35.82 56.00 39.10
N VAL E 78 -34.91 55.38 38.36
CA VAL E 78 -35.24 54.77 37.07
C VAL E 78 -36.14 53.56 37.32
N ARG E 79 -37.25 53.50 36.59
CA ARG E 79 -38.25 52.45 36.75
C ARG E 79 -37.84 51.17 36.00
N ASP E 80 -38.27 53.17 33.16
CA ASP E 80 -37.20 52.26 32.77
C ASP E 80 -36.40 52.87 31.61
N GLY E 81 -35.32 52.22 31.21
CA GLY E 81 -34.39 52.78 30.24
C GLY E 81 -34.15 51.84 29.07
N VAL E 82 -34.20 52.40 27.85
CA VAL E 82 -33.83 51.70 26.65
C VAL E 82 -33.07 52.66 25.74
N ILE E 83 -32.19 52.10 24.91
CA ILE E 83 -31.41 52.86 23.96
C ILE E 83 -31.61 52.24 22.57
N GLN E 84 -31.40 53.06 21.54
CA GLN E 84 -31.69 52.66 20.17
C GLN E 84 -30.52 53.00 19.25
N PHE E 85 -30.36 52.17 18.22
CA PHE E 85 -29.32 52.32 17.22
C PHE E 85 -29.95 52.25 15.83
N GLU E 86 -29.27 52.84 14.85
CA GLU E 86 -29.74 52.88 13.46
C GLU E 86 -28.66 52.34 12.52
N VAL E 87 -28.12 51.16 12.85
CA VAL E 87 -27.19 50.52 11.93
C VAL E 87 -27.89 50.23 10.61
N GLN E 88 -27.19 50.48 9.51
CA GLN E 88 -27.72 50.28 8.17
C GLN E 88 -26.76 49.41 7.38
N GLN E 89 -27.26 48.77 6.33
CA GLN E 89 -26.46 47.85 5.56
C GLN E 89 -25.79 48.57 4.39
N PRO E 90 -24.46 48.71 4.40
CA PRO E 90 -23.79 49.27 3.22
C PRO E 90 -23.96 48.36 2.01
N MET E 91 -24.10 48.98 0.85
CA MET E 91 -24.35 48.24 -0.39
C MET E 91 -23.31 48.62 -1.44
N ILE E 92 -22.84 47.62 -2.17
CA ILE E 92 -21.93 47.86 -3.28
C ILE E 92 -22.73 48.39 -4.46
N ALA E 93 -22.09 49.19 -5.31
CA ALA E 93 -22.77 49.80 -6.45
C ALA E 93 -22.48 48.96 -7.70
N ARG E 94 -23.34 47.96 -7.92
CA ARG E 94 -23.30 47.22 -9.17
C ARG E 94 -23.61 48.20 -10.30
N ASP E 95 -22.76 48.19 -11.33
CA ASP E 95 -22.77 49.29 -12.29
C ASP E 95 -23.94 49.21 -13.26
N GLY E 96 -24.30 48.00 -13.69
CA GLY E 96 -25.40 47.83 -14.62
C GLY E 96 -26.74 48.02 -13.96
N PRO E 97 -27.69 48.61 -14.69
CA PRO E 97 -29.00 48.90 -14.12
C PRO E 97 -29.91 47.68 -14.05
N HIS E 98 -30.15 47.16 -12.84
CA HIS E 98 -31.15 46.11 -12.59
C HIS E 98 -32.01 46.56 -11.43
N PRO E 99 -33.33 46.60 -11.60
CA PRO E 99 -34.20 47.12 -10.54
C PRO E 99 -34.56 46.10 -9.47
N VAL E 100 -33.61 45.73 -8.63
CA VAL E 100 -33.87 44.78 -7.56
C VAL E 100 -33.33 45.31 -6.23
N ASP E 101 -32.51 46.35 -6.29
CA ASP E 101 -31.84 46.84 -5.10
C ASP E 101 -32.73 47.80 -4.32
N GLN E 102 -32.58 47.77 -2.99
CA GLN E 102 -33.23 48.72 -2.09
C GLN E 102 -32.48 48.77 -0.76
N PRO E 103 -32.13 49.96 -0.30
CA PRO E 103 -31.51 50.09 1.02
C PRO E 103 -32.38 49.49 2.12
N VAL E 104 -31.71 48.89 3.11
CA VAL E 104 -32.37 48.30 4.27
C VAL E 104 -31.64 48.76 5.52
N HIS E 105 -32.41 49.09 6.57
CA HIS E 105 -31.86 49.57 7.83
C HIS E 105 -32.27 48.64 8.96
N ASN E 106 -31.47 48.62 10.02
CA ASN E 106 -31.76 47.80 11.19
C ASN E 106 -31.76 48.66 12.44
N TYR E 107 -32.82 48.50 13.24
CA TYR E 107 -32.99 49.27 14.47
C TYR E 107 -32.95 48.29 15.65
N MET E 108 -31.81 48.22 16.31
CA MET E 108 -31.63 47.40 17.50
C MET E 108 -31.78 48.26 18.76
N VAL E 109 -32.45 47.70 19.76
CA VAL E 109 -32.64 48.37 21.05
C VAL E 109 -32.16 47.44 22.15
N LYS E 110 -31.68 48.02 23.24
CA LYS E 110 -31.01 47.28 24.30
C LYS E 110 -31.74 47.45 25.63
N ARG E 111 -31.59 46.45 26.50
CA ARG E 111 -32.10 46.54 27.86
C ARG E 111 -31.08 47.23 28.75
N ILE E 112 -31.57 48.03 29.69
CA ILE E 112 -30.71 48.90 30.49
C ILE E 112 -29.95 48.11 31.54
N HIS E 113 -30.54 47.02 32.04
CA HIS E 113 -30.00 46.24 33.16
C HIS E 113 -29.88 47.11 34.41
N LYS E 114 -29.41 46.53 35.52
CA LYS E 114 -29.33 47.29 36.77
C LYS E 114 -28.43 46.60 37.79
N ARG E 115 -27.49 47.37 38.36
CA ARG E 115 -26.61 46.91 39.42
C ARG E 115 -26.71 47.88 40.60
N SER E 116 -25.82 47.72 41.58
CA SER E 116 -25.81 48.57 42.75
C SER E 116 -24.42 48.55 43.39
N LEU E 117 -24.33 49.12 44.59
CA LEU E 117 -23.09 49.13 45.36
C LEU E 117 -23.46 49.11 46.84
N SER E 118 -22.58 48.55 47.67
CA SER E 118 -22.75 48.55 49.12
C SER E 118 -21.44 48.16 49.80
N ALA E 119 -21.25 48.68 51.01
CA ALA E 119 -20.05 48.38 51.79
C ALA E 119 -20.36 48.62 53.26
N ALA E 120 -19.48 48.09 54.11
CA ALA E 120 -19.62 48.21 55.56
C ALA E 120 -18.64 49.23 56.11
N PHE E 121 -19.10 50.00 57.09
CA PHE E 121 -18.30 51.06 57.68
C PHE E 121 -18.84 51.34 59.08
N ALA E 122 -18.14 50.86 60.10
CA ALA E 122 -18.61 50.95 61.48
C ALA E 122 -17.92 52.10 62.21
N ILE E 123 -18.63 52.66 63.19
CA ILE E 123 -18.16 53.80 63.99
C ILE E 123 -18.29 53.45 65.46
N ALA E 124 -17.30 53.85 66.26
CA ALA E 124 -17.36 53.66 67.71
C ALA E 124 -18.06 54.84 68.37
N SER E 125 -18.57 54.59 69.57
CA SER E 125 -19.34 55.61 70.28
C SER E 125 -18.44 56.76 70.76
N GLU E 126 -17.21 56.43 71.16
CA GLU E 126 -16.28 57.48 71.59
C GLU E 126 -15.94 58.42 70.43
N ALA E 127 -15.80 57.86 69.23
CA ALA E 127 -15.57 58.70 68.06
C ALA E 127 -16.74 59.66 67.85
N LEU E 128 -17.97 59.16 68.02
CA LEU E 128 -19.14 60.03 67.89
C LEU E 128 -19.16 61.10 68.98
N SER E 129 -18.75 60.75 70.20
CA SER E 129 -18.77 61.72 71.29
C SER E 129 -17.76 62.83 71.04
N LEU E 130 -16.52 62.47 70.67
CA LEU E 130 -15.54 63.49 70.32
C LEU E 130 -15.95 64.27 69.08
N LEU E 131 -16.70 63.61 68.18
CA LEU E 131 -17.30 64.29 67.05
C LEU E 131 -18.24 65.41 67.50
N SER E 132 -19.08 65.11 68.48
CA SER E 132 -20.12 66.07 68.88
C SER E 132 -19.53 67.38 69.38
N ASN E 133 -18.46 67.31 70.18
CA ASN E 133 -17.82 68.53 70.65
C ASN E 133 -17.09 69.25 69.53
N THR E 134 -16.48 68.49 68.61
CA THR E 134 -15.76 69.11 67.50
C THR E 134 -16.72 69.76 66.51
N TYR E 135 -17.94 69.24 66.39
CA TYR E 135 -18.95 69.88 65.55
C TYR E 135 -19.29 71.28 66.04
N VAL E 136 -19.07 71.55 67.31
CA VAL E 136 -19.31 72.87 67.90
C VAL E 136 -17.97 73.43 68.37
N ALA E 137 -16.92 73.14 67.60
CA ALA E 137 -15.55 73.50 67.97
C ALA E 137 -15.45 74.93 68.48
N ALA E 138 -14.86 75.07 69.66
CA ALA E 138 -14.78 76.35 70.37
C ALA E 138 -13.48 76.35 71.16
N THR E 139 -13.39 77.24 72.16
CA THR E 139 -12.22 77.28 73.03
C THR E 139 -11.99 75.93 73.70
N GLU E 140 -13.07 75.21 73.99
CA GLU E 140 -12.96 73.87 74.58
C GLU E 140 -12.65 72.86 73.47
N ILE E 141 -12.78 71.57 73.78
CA ILE E 141 -12.59 70.47 72.83
C ILE E 141 -11.13 70.41 72.39
N ASP E 142 -10.37 69.48 72.98
CA ASP E 142 -8.96 69.30 72.68
C ASP E 142 -8.71 69.15 71.18
N SER E 143 -7.95 70.11 70.62
CA SER E 143 -7.71 70.11 69.19
C SER E 143 -6.90 68.89 68.74
N SER E 144 -5.92 68.48 69.55
CA SER E 144 -5.11 67.33 69.18
C SER E 144 -5.94 66.06 69.07
N LEU E 145 -6.79 65.81 70.08
CA LEU E 145 -7.63 64.62 70.04
C LEU E 145 -8.67 64.72 68.94
N ARG E 146 -9.21 65.93 68.71
CA ARG E 146 -10.18 66.10 67.64
C ARG E 146 -9.56 65.77 66.28
N ILE E 147 -8.35 66.28 66.03
CA ILE E 147 -7.71 66.01 64.75
C ILE E 147 -7.30 64.55 64.65
N ARG E 148 -6.92 63.92 65.76
CA ARG E 148 -6.61 62.49 65.74
C ARG E 148 -7.83 61.69 65.32
N ALA E 149 -8.97 61.97 65.93
CA ALA E 149 -10.19 61.23 65.62
C ALA E 149 -10.65 61.49 64.19
N ILE E 150 -10.56 62.74 63.74
CA ILE E 150 -11.00 63.05 62.38
C ILE E 150 -10.07 62.39 61.37
N GLN E 151 -8.77 62.31 61.69
CA GLN E 151 -7.85 61.61 60.80
C GLN E 151 -8.19 60.13 60.70
N GLN E 152 -8.48 59.50 61.85
CA GLN E 152 -8.87 58.09 61.83
C GLN E 152 -10.14 57.88 61.00
N MET E 153 -11.17 58.70 61.25
CA MET E 153 -12.41 58.54 60.52
C MET E 153 -12.22 58.79 59.03
N ALA E 154 -11.44 59.81 58.67
CA ALA E 154 -11.21 60.12 57.27
C ALA E 154 -10.46 59.01 56.56
N ARG E 155 -9.42 58.46 57.19
CA ARG E 155 -8.68 57.37 56.55
C ARG E 155 -9.57 56.15 56.37
N ASN E 156 -10.37 55.81 57.39
CA ASN E 156 -11.24 54.65 57.24
C ASN E 156 -12.30 54.88 56.16
N LEU E 157 -12.88 56.09 56.12
CA LEU E 157 -13.89 56.41 55.12
C LEU E 157 -13.29 56.36 53.72
N ARG E 158 -12.06 56.84 53.56
CA ARG E 158 -11.44 56.79 52.24
C ARG E 158 -11.08 55.36 51.83
N THR E 159 -10.66 54.52 52.77
CA THR E 159 -10.44 53.12 52.44
C THR E 159 -11.72 52.47 51.94
N VAL E 160 -12.82 52.64 52.69
CA VAL E 160 -14.06 51.99 52.27
C VAL E 160 -14.60 52.62 50.99
N SER E 161 -14.31 53.89 50.74
CA SER E 161 -14.75 54.54 49.50
C SER E 161 -13.97 54.03 48.30
N ASP E 162 -12.64 53.96 48.42
CA ASP E 162 -11.82 53.43 47.33
C ASP E 162 -12.10 51.95 47.11
N SER E 163 -12.64 51.26 48.11
CA SER E 163 -13.11 49.89 47.88
C SER E 163 -14.14 49.84 46.75
N PHE E 164 -14.95 50.88 46.60
CA PHE E 164 -15.97 50.88 45.54
C PHE E 164 -15.32 50.90 44.15
N GLU E 165 -14.36 51.80 43.95
CA GLU E 165 -13.63 51.83 42.69
C GLU E 165 -12.85 50.54 42.48
N ARG E 166 -12.39 49.93 43.58
CA ARG E 166 -11.70 48.64 43.48
C ARG E 166 -12.63 47.54 42.99
N GLY E 167 -13.87 47.53 43.47
CA GLY E 167 -14.84 46.51 43.10
C GLY E 167 -15.52 46.74 41.78
N THR E 168 -15.50 47.98 41.28
CA THR E 168 -16.07 48.24 39.96
C THR E 168 -15.33 47.45 38.90
N ALA E 169 -14.00 47.41 38.98
CA ALA E 169 -13.23 46.63 38.03
C ALA E 169 -13.55 45.15 38.15
N ASP E 170 -13.70 44.65 39.38
CA ASP E 170 -14.06 43.25 39.57
C ASP E 170 -15.39 42.93 38.90
N GLN E 171 -16.41 43.76 39.12
CA GLN E 171 -17.71 43.51 38.53
C GLN E 171 -17.65 43.56 37.00
N LEU E 172 -16.91 44.54 36.46
CA LEU E 172 -16.82 44.67 35.01
C LEU E 172 -16.10 43.48 34.40
N LEU E 173 -14.97 43.07 34.98
CA LEU E 173 -14.26 41.92 34.43
C LEU E 173 -15.12 40.67 34.54
N GLY E 174 -15.91 40.55 35.61
CA GLY E 174 -16.80 39.41 35.74
C GLY E 174 -17.86 39.40 34.65
N VAL E 175 -18.45 40.55 34.36
CA VAL E 175 -19.52 40.57 33.36
C VAL E 175 -18.97 40.32 31.97
N LEU E 176 -17.79 40.86 31.64
CA LEU E 176 -17.17 40.53 30.36
C LEU E 176 -16.78 39.05 30.29
N LEU E 177 -16.29 38.49 31.39
CA LEU E 177 -15.97 37.07 31.40
C LEU E 177 -17.20 36.22 31.16
N GLU E 178 -18.33 36.58 31.77
CA GLU E 178 -19.60 35.90 31.50
C GLU E 178 -20.15 36.24 30.13
N LYS E 179 -19.61 37.25 29.45
CA LYS E 179 -20.12 37.74 28.17
C LYS E 179 -19.14 37.35 27.05
N ALA E 180 -18.62 36.13 27.11
CA ALA E 180 -17.67 35.70 26.08
C ALA E 180 -17.85 34.23 25.71
N PRO E 181 -17.96 33.93 24.42
CA PRO E 181 -17.96 32.54 23.98
C PRO E 181 -16.55 32.08 23.66
N PRO E 182 -16.32 30.77 23.56
CA PRO E 182 -14.95 30.29 23.32
C PRO E 182 -14.47 30.58 21.90
N LEU E 183 -13.16 30.72 21.78
CA LEU E 183 -12.52 30.89 20.48
C LEU E 183 -12.80 29.68 19.58
N SER E 184 -12.64 28.48 20.13
CA SER E 184 -12.75 27.27 19.32
C SER E 184 -14.17 27.02 18.85
N LEU E 185 -15.15 27.74 19.38
CA LEU E 185 -16.54 27.60 18.96
C LEU E 185 -17.02 28.78 18.11
N LEU E 186 -16.24 29.85 18.03
CA LEU E 186 -16.67 31.00 17.25
C LEU E 186 -15.82 31.17 15.99
N SER E 187 -14.51 30.97 16.11
CA SER E 187 -13.63 31.16 14.95
C SER E 187 -13.92 30.20 13.81
N PRO E 188 -14.08 28.89 14.02
CA PRO E 188 -14.35 28.01 12.87
C PRO E 188 -15.64 28.35 12.13
N ILE E 189 -16.71 28.72 12.83
CA ILE E 189 -17.91 29.16 12.13
C ILE E 189 -17.68 30.55 11.51
N ASN E 190 -16.86 31.37 12.18
CA ASN E 190 -16.55 32.70 11.64
C ASN E 190 -15.87 32.61 10.29
N LYS E 191 -15.02 31.61 10.08
CA LYS E 191 -14.34 31.46 8.81
C LYS E 191 -15.20 30.72 7.77
N PHE E 192 -15.81 29.60 8.17
CA PHE E 192 -16.53 28.74 7.23
C PHE E 192 -18.01 29.11 7.24
N GLN E 193 -18.32 30.27 6.64
CA GLN E 193 -19.69 30.62 6.28
C GLN E 193 -19.64 31.72 5.22
N PRO E 194 -19.55 31.37 3.93
CA PRO E 194 -19.52 32.41 2.90
C PRO E 194 -20.79 33.26 2.88
N GLU E 195 -21.95 32.63 2.86
CA GLU E 195 -23.20 33.39 2.88
C GLU E 195 -24.15 32.94 3.99
N GLY E 196 -24.14 31.67 4.36
CA GLY E 196 -25.02 31.15 5.38
C GLY E 196 -26.07 30.22 4.79
N HIS E 197 -26.74 29.49 5.70
CA HIS E 197 -27.76 28.51 5.33
C HIS E 197 -27.21 27.51 4.30
N LEU E 198 -26.06 26.94 4.60
CA LEU E 198 -25.39 25.97 3.73
C LEU E 198 -25.90 24.55 3.93
N ASN E 199 -27.11 24.40 4.46
CA ASN E 199 -27.83 23.14 4.64
C ASN E 199 -27.04 22.08 5.41
N ARG E 200 -27.49 20.83 5.33
CA ARG E 200 -27.04 19.79 6.25
C ARG E 200 -25.58 19.41 6.04
N VAL E 201 -25.17 19.15 4.79
CA VAL E 201 -23.84 18.59 4.54
C VAL E 201 -22.75 19.58 4.95
N ALA E 202 -22.91 20.86 4.57
CA ALA E 202 -21.93 21.84 4.96
C ALA E 202 -22.01 22.20 6.44
N ARG E 203 -23.19 22.09 7.06
CA ARG E 203 -23.27 22.24 8.51
C ARG E 203 -22.48 21.14 9.21
N ALA E 204 -22.52 19.92 8.67
CA ALA E 204 -21.74 18.84 9.25
C ALA E 204 -20.25 19.00 8.97
N ALA E 205 -19.90 19.56 7.81
CA ALA E 205 -18.49 19.91 7.57
C ALA E 205 -18.00 20.94 8.59
N LEU E 206 -18.81 21.96 8.84
CA LEU E 206 -18.50 22.92 9.89
C LEU E 206 -18.42 22.24 11.25
N LEU E 207 -19.29 21.27 11.49
CA LEU E 207 -19.28 20.51 12.74
C LEU E 207 -17.97 19.78 12.94
N SER E 208 -17.47 19.15 11.87
CA SER E 208 -16.16 18.50 11.93
C SER E 208 -15.04 19.51 12.11
N ASP E 209 -15.18 20.70 11.52
CA ASP E 209 -14.21 21.77 11.76
C ASP E 209 -14.18 22.15 13.24
N LEU E 210 -15.36 22.27 13.86
CA LEU E 210 -15.44 22.45 15.30
C LEU E 210 -14.79 21.31 16.06
N LYS E 211 -15.02 20.08 15.62
CA LYS E 211 -14.40 18.91 16.25
C LYS E 211 -12.88 19.06 16.29
N ARG E 212 -12.30 19.34 15.13
CA ARG E 212 -10.85 19.41 15.03
C ARG E 212 -10.28 20.63 15.76
N ARG E 213 -10.98 21.77 15.70
CA ARG E 213 -10.50 22.94 16.40
C ARG E 213 -10.55 22.75 17.91
N VAL E 214 -11.59 22.05 18.39
CA VAL E 214 -11.67 21.75 19.83
C VAL E 214 -10.56 20.79 20.23
N CYS E 215 -10.38 19.71 19.48
CA CYS E 215 -9.36 18.73 19.86
C CYS E 215 -7.95 19.29 19.74
N ALA E 216 -7.75 20.29 18.88
CA ALA E 216 -6.42 20.84 18.66
C ALA E 216 -5.96 21.79 19.76
N ASP E 217 -6.85 22.63 20.30
CA ASP E 217 -6.40 23.73 21.15
C ASP E 217 -7.31 23.82 22.39
N MET E 218 -6.85 23.21 23.47
CA MET E 218 -7.36 23.47 24.82
C MET E 218 -6.27 23.92 25.78
N PHE E 219 -5.04 23.49 25.57
CA PHE E 219 -3.90 23.89 26.38
C PHE E 219 -2.71 24.26 25.51
N PHE E 220 -2.96 25.07 24.47
CA PHE E 220 -1.91 25.37 23.50
C PHE E 220 -0.75 26.15 24.11
N MET E 221 -1.00 26.94 25.15
CA MET E 221 0.08 27.72 25.75
C MET E 221 1.15 26.81 26.34
N THR E 222 0.74 25.77 27.07
CA THR E 222 1.66 24.79 27.60
C THR E 222 1.95 23.66 26.60
N ARG E 223 1.22 23.60 25.49
CA ARG E 223 1.48 22.57 24.49
C ARG E 223 2.66 22.96 23.60
N HIS E 224 2.48 23.98 22.77
CA HIS E 224 3.56 24.49 21.92
C HIS E 224 4.28 25.64 22.61
N ALA E 225 4.80 25.34 23.81
CA ALA E 225 5.54 26.33 24.57
C ALA E 225 6.91 26.61 23.95
N ARG E 226 7.45 25.65 23.19
CA ARG E 226 8.73 25.82 22.52
C ARG E 226 8.59 26.34 21.09
N GLU E 227 7.38 26.71 20.66
CA GLU E 227 7.13 27.18 19.30
C GLU E 227 6.51 28.57 19.41
N PRO E 228 7.34 29.62 19.51
CA PRO E 228 6.78 30.98 19.65
C PRO E 228 5.95 31.43 18.45
N ARG E 229 6.17 30.86 17.27
CA ARG E 229 5.43 31.30 16.09
C ARG E 229 3.95 30.96 16.18
N LEU E 230 3.63 29.77 16.69
CA LEU E 230 2.24 29.34 16.77
C LEU E 230 1.42 30.22 17.70
N ILE E 231 2.01 30.64 18.81
CA ILE E 231 1.27 31.43 19.80
C ILE E 231 0.86 32.77 19.20
N SER E 232 1.78 33.41 18.49
CA SER E 232 1.43 34.67 17.82
C SER E 232 0.34 34.46 16.79
N ALA E 233 0.36 33.33 16.08
CA ALA E 233 -0.71 33.04 15.13
C ALA E 233 -2.05 32.90 15.83
N TYR E 234 -2.09 32.19 16.96
CA TYR E 234 -3.33 32.07 17.70
C TYR E 234 -3.84 33.40 18.22
N LEU E 235 -2.96 34.25 18.76
CA LEU E 235 -3.40 35.56 19.22
C LEU E 235 -3.88 36.42 18.05
N SER E 236 -3.20 36.36 16.91
CA SER E 236 -3.65 37.11 15.74
C SER E 236 -5.03 36.65 15.28
N ASP E 237 -5.25 35.33 15.27
CA ASP E 237 -6.57 34.82 14.91
C ASP E 237 -7.62 35.24 15.93
N MET E 238 -7.26 35.25 17.22
CA MET E 238 -8.20 35.67 18.26
C MET E 238 -8.61 37.12 18.09
N VAL E 239 -7.63 38.01 17.96
CA VAL E 239 -7.95 39.44 17.90
C VAL E 239 -8.67 39.77 16.59
N SER E 240 -8.30 39.11 15.50
CA SER E 240 -8.98 39.30 14.22
C SER E 240 -10.07 38.25 14.01
N CYS E 241 -10.95 38.11 15.01
CA CYS E 241 -12.09 37.21 14.89
C CYS E 241 -13.39 37.85 15.37
N THR E 242 -13.33 38.93 16.14
CA THR E 242 -14.51 39.66 16.57
C THR E 242 -14.58 40.98 15.81
N GLN E 243 -15.75 41.28 15.30
CA GLN E 243 -15.94 42.51 14.57
C GLN E 243 -16.02 43.70 15.54
N PRO E 244 -15.63 44.89 15.10
CA PRO E 244 -15.60 46.03 16.04
C PRO E 244 -16.98 46.50 16.44
N SER E 245 -17.04 47.59 17.19
CA SER E 245 -18.28 48.15 17.71
C SER E 245 -18.37 49.62 17.29
N VAL E 246 -19.36 50.32 17.86
CA VAL E 246 -19.57 51.73 17.54
C VAL E 246 -18.29 52.52 17.80
N MET E 247 -17.96 53.43 16.89
CA MET E 247 -16.73 54.19 16.90
C MET E 247 -16.82 55.42 17.81
N VAL E 248 -17.87 55.48 18.62
CA VAL E 248 -18.18 56.66 19.42
C VAL E 248 -17.07 56.93 20.43
N SER E 249 -16.66 58.19 20.52
CA SER E 249 -15.72 58.67 21.52
C SER E 249 -15.63 60.18 21.40
N ARG E 250 -15.51 60.85 22.54
CA ARG E 250 -15.22 62.27 22.59
C ARG E 250 -13.73 62.53 22.83
N ILE E 251 -13.20 62.00 23.94
CA ILE E 251 -11.76 61.86 24.15
C ILE E 251 -11.52 60.41 24.55
N THR E 252 -10.57 59.76 23.88
CA THR E 252 -10.37 58.32 24.01
C THR E 252 -8.98 58.03 24.57
N HIS E 253 -8.69 56.75 24.73
CA HIS E 253 -7.39 56.31 25.22
C HIS E 253 -6.43 56.15 24.05
N THR E 254 -5.27 56.79 24.14
CA THR E 254 -4.25 56.73 23.11
C THR E 254 -2.89 56.50 23.76
N ASN E 255 -1.92 56.12 22.95
CA ASN E 255 -0.55 56.00 23.42
C ASN E 255 0.08 57.39 23.55
N THR E 256 1.31 57.43 24.04
CA THR E 256 2.00 58.72 24.18
C THR E 256 2.24 59.36 22.82
N ARG E 257 2.45 58.54 21.78
CA ARG E 257 2.59 59.08 20.43
C ARG E 257 1.32 59.77 19.98
N GLY E 258 0.16 59.16 20.24
CA GLY E 258 -1.11 59.75 19.85
C GLY E 258 -2.04 58.77 19.17
N ARG E 259 -1.49 57.65 18.70
CA ARG E 259 -2.31 56.64 18.04
C ARG E 259 -3.29 56.03 19.02
N GLN E 260 -4.53 55.89 18.60
CA GLN E 260 -5.58 55.38 19.49
C GLN E 260 -5.40 53.89 19.73
N VAL E 261 -5.54 53.51 21.00
CA VAL E 261 -5.53 52.09 21.38
C VAL E 261 -6.83 51.47 20.90
N ASP E 262 -6.85 50.15 20.76
CA ASP E 262 -7.99 49.48 20.14
C ASP E 262 -8.65 48.41 21.00
N GLY E 263 -8.07 48.04 22.13
CA GLY E 263 -8.72 47.05 22.97
C GLY E 263 -7.89 46.70 24.18
N VAL E 264 -8.42 45.76 24.97
CA VAL E 264 -7.80 45.32 26.21
C VAL E 264 -7.83 43.80 26.27
N LEU E 265 -6.75 43.21 26.81
CA LEU E 265 -6.64 41.78 26.99
C LEU E 265 -6.34 41.51 28.46
N VAL E 266 -7.07 40.57 29.07
CA VAL E 266 -6.99 40.32 30.50
C VAL E 266 -6.59 38.86 30.74
N THR E 267 -5.64 38.66 31.64
CA THR E 267 -5.12 37.33 31.97
C THR E 267 -4.50 37.43 33.37
N THR E 268 -3.67 36.45 33.73
CA THR E 268 -2.90 36.46 34.97
C THR E 268 -1.44 36.78 34.65
N ALA E 269 -0.69 37.22 35.68
CA ALA E 269 0.66 37.71 35.47
C ALA E 269 1.59 36.66 34.88
N THR E 270 1.32 35.38 35.12
CA THR E 270 2.15 34.32 34.56
C THR E 270 2.15 34.41 33.04
N LEU E 271 0.96 34.52 32.44
CA LEU E 271 0.89 34.66 30.99
C LEU E 271 1.37 36.00 30.49
N LYS E 272 1.20 37.08 31.28
CA LYS E 272 1.83 38.34 30.93
C LYS E 272 3.33 38.16 30.74
N ARG E 273 3.99 37.55 31.74
CA ARG E 273 5.44 37.37 31.64
C ARG E 273 5.81 36.44 30.50
N GLN E 274 5.06 35.34 30.34
CA GLN E 274 5.39 34.37 29.30
C GLN E 274 5.27 34.97 27.90
N LEU E 275 4.27 35.82 27.68
CA LEU E 275 4.14 36.47 26.38
C LEU E 275 5.14 37.62 26.23
N LEU E 276 5.43 38.33 27.32
CA LEU E 276 6.25 39.54 27.21
C LEU E 276 7.72 39.21 27.06
N GLN E 277 8.17 38.06 27.58
CA GLN E 277 9.60 37.78 27.60
C GLN E 277 10.19 37.76 26.19
N GLY E 278 9.59 37.01 25.28
CA GLY E 278 10.13 36.94 23.94
C GLY E 278 9.12 36.85 22.80
N ILE E 279 7.83 36.88 23.12
CA ILE E 279 6.82 36.61 22.10
C ILE E 279 6.26 37.92 21.54
N LEU E 280 5.87 38.83 22.42
CA LEU E 280 5.28 40.10 22.00
C LEU E 280 6.24 41.25 22.28
N GLN E 281 5.99 42.36 21.59
CA GLN E 281 6.90 43.50 21.57
C GLN E 281 6.33 44.67 22.37
N ILE E 282 7.20 45.31 23.16
CA ILE E 282 6.82 46.48 23.94
C ILE E 282 6.51 47.63 22.99
N ASP E 283 5.39 48.30 23.22
CA ASP E 283 5.06 49.53 22.49
C ASP E 283 5.47 50.77 23.27
N ASP E 284 5.12 50.84 24.55
CA ASP E 284 5.45 51.97 25.42
C ASP E 284 5.13 51.54 26.84
N THR E 285 5.36 52.45 27.79
CA THR E 285 5.08 52.20 29.20
C THR E 285 3.85 52.95 29.71
N ALA E 286 3.58 54.14 29.19
CA ALA E 286 2.44 54.93 29.61
C ALA E 286 1.48 55.14 28.44
N ALA E 287 0.32 55.72 28.75
CA ALA E 287 -0.70 55.98 27.74
C ALA E 287 -1.58 57.14 28.18
N ASP E 288 -2.30 57.71 27.22
CA ASP E 288 -3.22 58.81 27.49
C ASP E 288 -4.58 58.26 27.89
N VAL E 289 -5.09 58.70 29.04
CA VAL E 289 -6.36 58.20 29.55
C VAL E 289 -7.24 59.37 29.96
N PRO E 290 -8.52 59.37 29.58
CA PRO E 290 -9.43 60.43 30.05
C PRO E 290 -9.66 60.34 31.56
N VAL E 291 -10.02 61.47 32.15
CA VAL E 291 -10.22 61.58 33.58
C VAL E 291 -11.69 61.68 33.98
N THR E 292 -12.60 61.55 33.02
CA THR E 292 -14.04 61.63 33.32
C THR E 292 -14.76 60.35 32.89
N ALA E 354 -4.80 61.90 30.40
CA ALA E 354 -3.85 61.89 31.51
C ALA E 354 -2.74 60.88 31.26
N ARG E 355 -1.59 61.10 31.89
CA ARG E 355 -0.43 60.23 31.74
C ARG E 355 -0.42 59.22 32.88
N VAL E 356 -0.67 57.96 32.55
CA VAL E 356 -0.73 56.87 33.53
C VAL E 356 0.13 55.73 33.01
N PRO E 357 1.04 55.18 33.81
CA PRO E 357 1.82 54.02 33.36
C PRO E 357 0.91 52.82 33.11
N ALA E 358 0.97 52.30 31.89
CA ALA E 358 0.18 51.14 31.51
C ALA E 358 0.80 50.52 30.26
N ASP E 359 1.17 49.26 30.36
CA ASP E 359 1.79 48.58 29.23
C ASP E 359 0.79 48.39 28.10
N LEU E 360 1.31 48.25 26.89
CA LEU E 360 0.49 48.12 25.69
C LEU E 360 1.29 47.41 24.63
N VAL E 361 0.61 46.56 23.86
CA VAL E 361 1.27 45.60 22.98
C VAL E 361 0.56 45.56 21.64
N ILE E 362 1.35 45.44 20.57
CA ILE E 362 0.85 45.33 19.21
C ILE E 362 0.73 43.85 18.85
N VAL E 363 -0.42 43.47 18.28
CA VAL E 363 -0.65 42.14 17.76
C VAL E 363 -1.47 42.28 16.48
N GLY E 364 -1.16 41.45 15.48
CA GLY E 364 -1.84 41.55 14.20
C GLY E 364 -1.58 42.88 13.52
N ASP E 365 -2.60 43.73 13.46
CA ASP E 365 -2.46 45.07 12.90
C ASP E 365 -3.08 46.14 13.78
N LYS E 366 -3.43 45.79 15.01
CA LYS E 366 -4.14 46.69 15.91
C LYS E 366 -3.56 46.61 17.31
N LEU E 367 -3.49 47.76 17.98
CA LEU E 367 -2.87 47.88 19.29
C LEU E 367 -3.86 47.48 20.38
N VAL E 368 -3.40 46.66 21.32
CA VAL E 368 -4.26 46.13 22.38
C VAL E 368 -3.52 46.23 23.71
N PHE E 369 -4.26 46.59 24.76
CA PHE E 369 -3.73 46.53 26.10
C PHE E 369 -3.47 45.09 26.51
N LEU E 370 -2.50 44.90 27.40
CA LEU E 370 -2.19 43.59 27.97
C LEU E 370 -2.34 43.72 29.48
N GLU E 371 -3.50 43.31 29.99
CA GLU E 371 -3.78 43.39 31.41
C GLU E 371 -3.67 42.00 32.04
N ALA E 372 -2.98 41.93 33.16
CA ALA E 372 -2.93 40.74 34.01
C ALA E 372 -3.32 41.13 35.41
N LEU E 373 -4.50 41.75 35.54
CA LEU E 373 -4.82 42.52 36.73
C LEU E 373 -4.90 41.58 37.93
N GLU E 374 -3.75 41.41 38.57
CA GLU E 374 -3.59 40.50 39.70
C GLU E 374 -2.79 41.22 40.77
N ARG E 375 -2.15 42.32 40.39
CA ARG E 375 -1.34 43.15 41.28
C ARG E 375 -2.12 44.31 41.89
N ARG E 376 -2.78 45.12 41.07
CA ARG E 376 -3.51 46.25 41.63
C ARG E 376 -4.73 45.79 42.44
N VAL E 377 -5.21 44.56 42.22
CA VAL E 377 -6.39 44.07 42.92
C VAL E 377 -6.26 42.57 43.16
N TYR E 378 -7.06 42.07 44.10
CA TYR E 378 -7.05 40.70 44.63
C TYR E 378 -5.85 40.41 45.53
N GLN E 379 -5.55 41.31 46.46
CA GLN E 379 -4.55 41.08 47.49
C GLN E 379 -5.18 41.31 48.85
N ALA E 380 -4.93 40.39 49.78
CA ALA E 380 -5.37 40.55 51.16
C ALA E 380 -6.88 40.73 51.23
N THR E 381 -7.58 40.17 50.25
CA THR E 381 -9.03 40.24 50.19
C THR E 381 -9.55 38.84 49.92
N ARG E 382 -10.73 38.54 50.46
CA ARG E 382 -11.21 37.17 50.55
C ARG E 382 -12.15 36.81 49.41
N VAL E 383 -11.90 37.34 48.22
CA VAL E 383 -12.61 36.97 47.00
C VAL E 383 -11.63 36.24 46.09
N ALA E 384 -12.05 35.09 45.57
CA ALA E 384 -11.17 34.32 44.70
C ALA E 384 -11.04 34.98 43.34
N TYR E 385 -9.86 34.87 42.75
CA TYR E 385 -9.64 35.42 41.42
C TYR E 385 -10.36 34.57 40.38
N PRO E 386 -11.13 35.18 39.47
CA PRO E 386 -11.68 34.41 38.35
C PRO E 386 -10.60 34.08 37.33
N LEU E 387 -10.97 33.39 36.26
CA LEU E 387 -10.08 32.88 35.22
C LEU E 387 -9.28 31.67 35.68
N ILE E 388 -9.64 31.08 36.83
CA ILE E 388 -9.06 29.82 37.29
C ILE E 388 -10.23 28.84 37.33
N GLY E 389 -11.07 28.90 36.30
CA GLY E 389 -12.30 28.11 36.20
C GLY E 389 -12.18 26.64 36.58
N ASN E 390 -11.23 25.94 35.94
CA ASN E 390 -10.83 24.54 36.11
C ASN E 390 -11.23 23.80 34.84
N ILE E 391 -11.29 22.48 34.88
CA ILE E 391 -11.68 21.66 33.74
C ILE E 391 -11.95 20.24 34.22
N ASP E 392 -12.74 19.49 33.46
CA ASP E 392 -13.06 18.09 33.78
C ASP E 392 -13.01 17.33 32.45
N ILE E 393 -11.85 16.77 32.14
CA ILE E 393 -11.67 15.90 30.97
C ILE E 393 -11.79 14.46 31.39
N THR E 394 -12.43 13.65 30.56
CA THR E 394 -12.53 12.21 30.74
C THR E 394 -11.63 11.53 29.72
N PHE E 395 -10.71 10.70 30.21
CA PHE E 395 -9.70 10.05 29.38
C PHE E 395 -10.14 8.62 29.08
N ILE E 396 -9.92 8.20 27.85
CA ILE E 396 -10.30 6.87 27.40
C ILE E 396 -9.03 6.06 27.09
N MET E 397 -9.00 4.82 27.57
CA MET E 397 -7.97 3.77 27.64
C MET E 397 -8.53 2.37 27.58
N PRO E 398 -8.28 1.62 26.50
CA PRO E 398 -8.65 0.21 26.48
C PRO E 398 -7.75 -0.61 27.40
N MET E 399 -8.20 -1.81 27.74
CA MET E 399 -7.48 -2.68 28.67
C MET E 399 -6.91 -3.91 27.97
N GLY E 400 -7.75 -4.70 27.31
CA GLY E 400 -7.30 -5.97 26.78
C GLY E 400 -7.66 -6.26 25.34
N VAL E 401 -7.63 -5.22 24.49
CA VAL E 401 -8.00 -5.41 23.09
C VAL E 401 -6.91 -6.17 22.36
N PHE E 402 -7.33 -7.15 21.57
CA PHE E 402 -6.44 -8.04 20.84
C PHE E 402 -6.85 -8.10 19.38
N GLN E 403 -5.86 -8.23 18.49
CA GLN E 403 -6.14 -8.24 17.05
C GLN E 403 -6.31 -9.69 16.58
N ALA E 404 -7.42 -9.96 15.89
CA ALA E 404 -7.70 -11.32 15.43
C ALA E 404 -6.96 -11.62 14.13
N ASN E 405 -6.74 -10.60 13.32
CA ASN E 405 -6.16 -10.81 11.99
C ASN E 405 -4.75 -11.38 12.09
N SER E 406 -4.50 -12.43 11.30
CA SER E 406 -3.14 -12.93 11.17
C SER E 406 -2.28 -11.97 10.36
N MET E 407 -2.92 -11.06 9.61
CA MET E 407 -2.18 -10.06 8.86
C MET E 407 -1.50 -9.04 9.75
N ASP E 408 -2.03 -8.84 10.97
CA ASP E 408 -1.62 -7.70 11.80
C ASP E 408 -0.65 -8.08 12.92
N ARG E 409 -0.25 -9.35 13.02
CA ARG E 409 0.69 -9.76 14.06
C ARG E 409 2.12 -9.47 13.62
N TYR E 410 2.32 -8.24 13.15
CA TYR E 410 3.57 -7.82 12.55
C TYR E 410 4.29 -6.84 13.46
N THR E 411 5.61 -6.91 13.44
CA THR E 411 6.47 -6.08 14.27
C THR E 411 7.29 -5.12 13.42
N ARG E 412 7.95 -4.15 14.08
CA ARG E 412 8.82 -3.24 13.35
C ARG E 412 10.04 -3.96 12.80
N HIS E 413 10.69 -4.78 13.64
CA HIS E 413 11.76 -5.65 13.21
C HIS E 413 11.54 -7.03 13.84
N ALA E 414 11.80 -8.08 13.05
CA ALA E 414 11.39 -9.43 13.44
C ALA E 414 11.87 -9.78 14.85
N GLY E 415 13.14 -9.53 15.13
CA GLY E 415 13.66 -9.76 16.46
C GLY E 415 13.70 -8.53 17.33
N ASP E 416 12.58 -7.80 17.43
CA ASP E 416 12.55 -6.63 18.31
C ASP E 416 12.70 -7.03 19.77
N PHE E 417 11.87 -7.96 20.24
CA PHE E 417 11.89 -8.41 21.64
C PHE E 417 11.98 -9.94 21.64
N SER E 418 13.20 -10.45 21.77
CA SER E 418 13.44 -11.89 21.87
C SER E 418 14.01 -12.23 23.24
N THR E 419 13.96 -13.52 23.58
CA THR E 419 14.44 -14.00 24.87
C THR E 419 15.28 -15.25 24.69
N VAL E 420 15.68 -15.88 25.80
CA VAL E 420 16.34 -17.18 25.74
C VAL E 420 15.35 -18.33 25.77
N SER E 421 14.08 -18.07 26.05
CA SER E 421 13.05 -19.10 25.99
C SER E 421 12.81 -19.51 24.54
N GLU E 422 12.49 -20.78 24.35
CA GLU E 422 12.24 -21.29 23.00
C GLU E 422 11.03 -20.60 22.38
N GLN E 423 9.97 -20.39 23.17
CA GLN E 423 8.78 -19.69 22.72
C GLN E 423 8.86 -18.23 23.14
N ASP E 424 8.56 -17.34 22.22
CA ASP E 424 8.58 -15.91 22.52
C ASP E 424 7.51 -15.59 23.55
N PRO E 425 7.86 -14.92 24.66
CA PRO E 425 6.82 -14.45 25.59
C PRO E 425 6.14 -13.21 25.06
N ARG E 426 5.74 -13.28 23.79
CA ARG E 426 5.12 -12.16 23.09
C ARG E 426 3.87 -12.55 22.33
N GLN E 427 3.67 -13.84 22.03
CA GLN E 427 2.43 -14.29 21.41
C GLN E 427 1.22 -14.02 22.30
N PHE E 428 1.46 -13.84 23.60
CA PHE E 428 0.39 -13.73 24.57
C PHE E 428 -0.41 -12.45 24.33
N PRO E 429 -1.74 -12.51 24.44
CA PRO E 429 -2.56 -11.31 24.25
C PRO E 429 -2.36 -10.36 25.42
N PRO E 430 -2.63 -9.06 25.22
CA PRO E 430 -2.41 -8.10 26.30
C PRO E 430 -3.34 -8.32 27.49
N GLN E 431 -2.80 -8.06 28.68
CA GLN E 431 -3.56 -8.13 29.91
C GLN E 431 -3.33 -6.95 30.84
N GLY E 432 -2.48 -5.99 30.45
CA GLY E 432 -2.23 -4.83 31.27
C GLY E 432 -2.02 -3.60 30.42
N ILE E 433 -2.14 -2.44 31.06
CA ILE E 433 -1.95 -1.16 30.38
C ILE E 433 -0.96 -0.34 31.19
N PHE E 434 -0.05 0.33 30.49
CA PHE E 434 0.99 1.14 31.08
C PHE E 434 0.84 2.59 30.62
N PHE E 435 0.96 3.52 31.56
CA PHE E 435 1.00 4.94 31.22
C PHE E 435 1.79 5.67 32.31
N TYR E 436 1.93 6.99 32.14
CA TYR E 436 2.74 7.82 33.02
C TYR E 436 1.87 8.45 34.10
N ASN E 437 2.45 8.62 35.28
CA ASN E 437 1.85 9.46 36.30
C ASN E 437 2.06 10.93 35.94
N LYS E 438 1.45 11.83 36.71
CA LYS E 438 1.55 13.24 36.37
C LYS E 438 2.96 13.79 36.59
N ASP E 439 3.80 13.06 37.32
CA ASP E 439 5.20 13.42 37.48
C ASP E 439 6.13 12.61 36.60
N GLY E 440 5.61 11.69 35.80
CA GLY E 440 6.42 10.89 34.90
C GLY E 440 6.76 9.50 35.37
N ILE E 441 6.20 9.05 36.49
CA ILE E 441 6.47 7.71 37.00
C ILE E 441 5.56 6.71 36.32
N LEU E 442 6.12 5.55 35.97
CA LEU E 442 5.35 4.47 35.37
C LEU E 442 4.19 4.05 36.26
N THR E 443 3.04 3.80 35.65
CA THR E 443 1.85 3.34 36.35
C THR E 443 1.29 2.12 35.63
N GLN E 444 0.73 1.20 36.40
CA GLN E 444 0.28 -0.08 35.87
C GLN E 444 -1.12 -0.43 36.36
N LEU E 445 -1.94 -0.92 35.43
CA LEU E 445 -3.24 -1.48 35.73
C LEU E 445 -3.24 -2.94 35.31
N THR E 446 -3.68 -3.82 36.19
CA THR E 446 -3.74 -5.25 35.92
C THR E 446 -5.19 -5.68 35.78
N LEU E 447 -5.40 -6.84 35.17
CA LEU E 447 -6.75 -7.35 34.97
C LEU E 447 -7.49 -7.54 36.28
N ARG E 448 -6.78 -7.74 37.38
CA ARG E 448 -7.44 -7.86 38.68
C ARG E 448 -8.15 -6.58 39.08
N ASP E 449 -7.71 -5.43 38.55
CA ASP E 449 -8.32 -4.15 38.87
C ASP E 449 -9.77 -4.05 38.41
N ALA E 450 -10.19 -4.87 37.44
CA ALA E 450 -11.57 -4.86 37.00
C ALA E 450 -12.53 -5.40 38.06
N MET E 451 -12.00 -6.01 39.11
CA MET E 451 -12.84 -6.62 40.15
C MET E 451 -13.80 -5.64 40.79
N GLY E 452 -13.48 -4.35 40.78
CA GLY E 452 -14.36 -3.35 41.35
C GLY E 452 -15.57 -3.02 40.50
N THR E 453 -15.58 -3.43 39.23
CA THR E 453 -16.68 -3.14 38.31
C THR E 453 -17.34 -4.40 37.76
N ILE E 454 -16.56 -5.33 37.21
CA ILE E 454 -17.15 -6.50 36.57
C ILE E 454 -17.61 -7.54 37.60
N CYS E 455 -17.05 -7.53 38.80
CA CYS E 455 -17.23 -8.63 39.75
C CYS E 455 -18.31 -8.35 40.79
N HIS E 456 -19.35 -7.59 40.44
CA HIS E 456 -20.44 -7.29 41.35
C HIS E 456 -21.65 -8.18 41.06
N SER E 457 -22.64 -8.11 41.95
CA SER E 457 -23.89 -8.84 41.78
C SER E 457 -24.79 -8.17 40.74
N SER E 458 -24.42 -7.00 40.25
CA SER E 458 -25.23 -6.32 39.25
C SER E 458 -25.24 -7.03 37.90
N LEU E 459 -24.39 -8.05 37.74
CA LEU E 459 -24.30 -8.79 36.48
C LEU E 459 -25.60 -9.50 36.10
N LEU E 460 -26.49 -9.77 37.05
CA LEU E 460 -27.67 -10.56 36.76
C LEU E 460 -28.96 -9.77 36.96
N ASP E 461 -28.98 -8.52 36.52
CA ASP E 461 -30.17 -7.69 36.61
C ASP E 461 -30.85 -7.58 35.27
N VAL E 462 -30.82 -8.67 34.49
CA VAL E 462 -31.35 -8.65 33.12
C VAL E 462 -32.86 -8.65 33.07
N GLU E 463 -33.53 -8.67 34.23
CA GLU E 463 -35.00 -8.69 34.23
C GLU E 463 -35.55 -7.45 33.54
N ALA E 464 -34.95 -6.29 33.78
CA ALA E 464 -35.39 -5.07 33.12
C ALA E 464 -35.24 -5.16 31.61
N THR E 465 -34.11 -5.68 31.13
CA THR E 465 -33.92 -5.78 29.68
C THR E 465 -34.87 -6.79 29.06
N LEU E 466 -35.12 -7.93 29.72
CA LEU E 466 -36.10 -8.88 29.22
C LEU E 466 -37.49 -8.25 29.14
N VAL E 467 -37.90 -7.52 30.18
CA VAL E 467 -39.20 -6.85 30.15
C VAL E 467 -39.26 -5.82 29.02
N ALA E 468 -38.20 -5.02 28.87
CA ALA E 468 -38.19 -3.98 27.84
C ALA E 468 -38.22 -4.57 26.43
N LEU E 469 -37.40 -5.60 26.19
CA LEU E 469 -37.31 -6.20 24.86
C LEU E 469 -38.52 -7.10 24.57
N ARG E 470 -39.26 -7.52 25.60
CA ARG E 470 -40.49 -8.27 25.39
C ARG E 470 -41.53 -7.48 24.62
N GLN E 471 -41.42 -6.15 24.57
CA GLN E 471 -42.42 -5.29 23.96
C GLN E 471 -42.01 -4.77 22.58
N GLN E 472 -41.32 -5.59 21.79
CA GLN E 472 -40.94 -5.23 20.43
C GLN E 472 -41.66 -6.14 19.45
N HIS E 473 -41.31 -6.01 18.17
CA HIS E 473 -41.92 -6.81 17.13
C HIS E 473 -41.18 -8.15 17.03
N LEU E 474 -41.79 -9.19 17.60
CA LEU E 474 -41.22 -10.54 17.59
C LEU E 474 -42.07 -11.44 16.71
N ASP E 475 -41.50 -11.92 15.62
CA ASP E 475 -42.20 -12.79 14.68
C ASP E 475 -41.92 -14.25 15.00
N ARG E 476 -42.71 -15.13 14.41
CA ARG E 476 -42.57 -16.57 14.62
C ARG E 476 -41.31 -17.04 13.90
N GLN E 477 -40.40 -17.66 14.65
CA GLN E 477 -39.16 -18.18 14.11
C GLN E 477 -39.00 -19.66 14.46
N CYS E 478 -37.81 -20.19 14.16
CA CYS E 478 -37.56 -21.61 14.33
C CYS E 478 -37.59 -22.01 15.80
N TYR E 479 -38.19 -23.17 16.06
CA TYR E 479 -38.29 -23.70 17.41
C TYR E 479 -37.42 -24.94 17.62
N PHE E 480 -36.25 -24.97 17.00
CA PHE E 480 -35.39 -26.15 17.11
C PHE E 480 -34.37 -26.00 18.23
N GLY E 481 -33.64 -24.89 18.24
CA GLY E 481 -32.62 -24.64 19.24
C GLY E 481 -33.08 -23.92 20.49
N VAL E 482 -34.37 -23.67 20.63
CA VAL E 482 -34.89 -22.93 21.77
C VAL E 482 -35.97 -23.75 22.48
N TYR E 483 -36.09 -25.03 22.11
CA TYR E 483 -37.12 -25.89 22.65
C TYR E 483 -36.50 -27.19 23.19
N VAL E 484 -37.00 -27.64 24.33
CA VAL E 484 -36.58 -28.89 24.95
C VAL E 484 -37.83 -29.72 25.22
N ALA E 485 -37.78 -31.01 24.90
CA ALA E 485 -38.89 -31.92 25.11
C ALA E 485 -38.49 -32.98 26.14
N GLU E 486 -39.38 -33.95 26.36
CA GLU E 486 -39.12 -35.07 27.26
C GLU E 486 -39.12 -36.38 26.49
N GLY E 487 -38.44 -37.37 27.04
CA GLY E 487 -38.43 -38.69 26.42
C GLY E 487 -39.83 -39.30 26.43
N THR E 488 -40.11 -40.08 25.39
CA THR E 488 -41.41 -40.70 25.21
C THR E 488 -41.46 -42.14 25.71
N GLU E 489 -40.46 -42.54 26.51
CA GLU E 489 -40.41 -43.89 27.10
C GLU E 489 -40.44 -44.96 26.02
N ASP E 490 -39.40 -44.95 25.18
CA ASP E 490 -39.30 -45.88 24.06
C ASP E 490 -37.90 -46.47 24.00
N THR E 491 -37.66 -47.39 23.06
CA THR E 491 -36.34 -47.96 22.83
C THR E 491 -35.49 -47.06 21.93
N LEU E 492 -35.84 -45.77 21.83
CA LEU E 492 -35.08 -44.71 21.18
C LEU E 492 -34.97 -44.85 19.68
N ASP E 493 -35.77 -45.71 19.03
CA ASP E 493 -35.70 -45.89 17.59
C ASP E 493 -36.80 -45.12 16.85
N VAL E 494 -38.06 -45.39 17.17
CA VAL E 494 -39.14 -44.60 16.58
C VAL E 494 -39.07 -43.17 17.08
N GLN E 495 -38.45 -42.95 18.25
CA GLN E 495 -38.15 -41.60 18.70
C GLN E 495 -37.32 -40.86 17.66
N MET E 496 -36.21 -41.47 17.23
CA MET E 496 -35.40 -40.87 16.19
C MET E 496 -36.20 -40.74 14.90
N GLY E 497 -37.05 -41.72 14.60
CA GLY E 497 -37.88 -41.68 13.43
C GLY E 497 -38.71 -40.41 13.34
N ARG E 498 -39.62 -40.21 14.31
CA ARG E 498 -40.47 -39.03 14.21
C ARG E 498 -39.70 -37.75 14.50
N PHE E 499 -38.60 -37.83 15.25
CA PHE E 499 -37.73 -36.66 15.40
C PHE E 499 -37.21 -36.20 14.06
N MET E 500 -36.68 -37.11 13.26
CA MET E 500 -36.18 -36.75 11.93
C MET E 500 -37.32 -36.27 11.04
N GLU E 501 -38.47 -36.94 11.10
CA GLU E 501 -39.58 -36.56 10.24
C GLU E 501 -40.06 -35.14 10.54
N THR E 502 -40.14 -34.77 11.83
CA THR E 502 -40.50 -33.41 12.18
C THR E 502 -39.38 -32.43 11.84
N TRP E 503 -38.13 -32.82 12.09
CA TRP E 503 -36.98 -31.95 11.86
C TRP E 503 -36.79 -31.59 10.40
N ALA E 504 -37.03 -32.52 9.47
CA ALA E 504 -36.73 -32.29 8.07
C ALA E 504 -37.53 -31.14 7.48
N ASP E 505 -38.68 -30.79 8.06
CA ASP E 505 -39.52 -29.75 7.47
C ASP E 505 -39.97 -28.69 8.47
N MET E 506 -39.41 -28.66 9.69
CA MET E 506 -39.80 -27.63 10.64
C MET E 506 -38.93 -26.38 10.54
N MET E 507 -37.95 -26.37 9.64
CA MET E 507 -37.08 -25.22 9.45
C MET E 507 -37.82 -24.16 8.65
N PRO E 508 -38.03 -22.94 9.19
CA PRO E 508 -38.56 -21.85 8.38
C PRO E 508 -37.50 -21.04 7.66
N HIS E 509 -36.25 -21.10 8.13
CA HIS E 509 -35.13 -20.38 7.52
C HIS E 509 -33.84 -20.89 8.15
N HIS E 510 -32.71 -20.36 7.70
CA HIS E 510 -31.41 -20.71 8.27
C HIS E 510 -31.32 -20.13 9.68
N PRO E 511 -30.90 -20.91 10.68
CA PRO E 511 -30.96 -20.43 12.05
C PRO E 511 -29.94 -19.34 12.42
N HIS E 512 -30.29 -18.57 13.44
CA HIS E 512 -29.49 -17.42 13.84
C HIS E 512 -28.27 -17.82 14.67
N TRP E 513 -28.25 -19.03 15.23
CA TRP E 513 -27.16 -19.48 16.08
C TRP E 513 -26.20 -20.43 15.38
N VAL E 514 -26.32 -20.56 14.06
CA VAL E 514 -25.47 -21.45 13.29
C VAL E 514 -24.46 -20.66 12.45
N ASN E 515 -24.88 -19.53 11.88
CA ASN E 515 -24.06 -18.79 10.91
C ASN E 515 -22.92 -18.10 11.66
N GLU E 516 -21.99 -18.92 12.13
CA GLU E 516 -20.78 -18.44 12.80
C GLU E 516 -19.72 -17.97 11.81
N HIS E 517 -19.93 -18.19 10.51
CA HIS E 517 -18.93 -17.86 9.51
C HIS E 517 -18.75 -16.36 9.32
N LEU E 518 -19.65 -15.54 9.85
CA LEU E 518 -19.47 -14.09 9.75
C LEU E 518 -18.25 -13.65 10.54
N THR E 519 -17.56 -12.64 10.03
CA THR E 519 -16.44 -12.05 10.75
C THR E 519 -16.98 -11.02 11.74
N ILE E 520 -16.08 -10.21 12.32
CA ILE E 520 -16.52 -9.15 13.22
C ILE E 520 -17.38 -8.14 12.46
N LEU E 521 -16.88 -7.66 11.32
CA LEU E 521 -17.62 -6.65 10.56
C LEU E 521 -18.93 -7.20 10.04
N GLN E 522 -18.93 -8.43 9.53
CA GLN E 522 -20.16 -9.02 9.01
C GLN E 522 -21.20 -9.21 10.09
N PHE E 523 -20.79 -9.64 11.28
CA PHE E 523 -21.73 -9.78 12.38
C PHE E 523 -22.23 -8.42 12.85
N ILE E 524 -21.36 -7.41 12.85
CA ILE E 524 -21.75 -6.06 13.27
C ILE E 524 -22.48 -5.33 12.15
N ALA E 525 -22.54 -5.90 10.96
CA ALA E 525 -23.24 -5.26 9.86
C ALA E 525 -24.68 -4.98 10.26
N PRO E 526 -25.20 -3.78 9.99
CA PRO E 526 -26.52 -3.40 10.54
C PRO E 526 -27.66 -4.28 10.06
N SER E 527 -27.52 -4.93 8.89
CA SER E 527 -28.57 -5.82 8.41
C SER E 527 -28.63 -7.13 9.19
N ASN E 528 -27.64 -7.43 10.01
CA ASN E 528 -27.62 -8.66 10.78
C ASN E 528 -28.72 -8.63 11.84
N PRO E 529 -29.69 -9.56 11.82
CA PRO E 529 -30.68 -9.59 12.90
C PRO E 529 -30.11 -9.92 14.27
N ARG E 530 -29.04 -10.73 14.34
CA ARG E 530 -28.46 -11.11 15.61
C ARG E 530 -27.62 -10.01 16.24
N LEU E 531 -27.39 -8.90 15.53
CA LEU E 531 -26.65 -7.79 16.11
C LEU E 531 -27.36 -7.23 17.32
N ARG E 532 -28.69 -7.11 17.27
CA ARG E 532 -29.46 -6.54 18.36
C ARG E 532 -29.74 -7.54 19.48
N PHE E 533 -29.69 -8.84 19.21
CA PHE E 533 -30.01 -9.86 20.20
C PHE E 533 -28.82 -10.23 21.07
N GLU E 534 -27.81 -9.36 21.17
CA GLU E 534 -26.67 -9.57 22.05
C GLU E 534 -26.64 -8.40 23.02
N LEU E 535 -27.02 -8.64 24.26
CA LEU E 535 -27.14 -7.61 25.28
C LEU E 535 -26.07 -7.73 26.35
N ASN E 536 -25.98 -8.88 27.01
CA ASN E 536 -24.98 -9.06 28.05
C ASN E 536 -23.98 -10.13 27.64
N PRO E 537 -22.68 -9.91 27.92
CA PRO E 537 -21.68 -10.92 27.57
C PRO E 537 -21.93 -12.28 28.22
N ALA E 538 -22.57 -12.31 29.39
CA ALA E 538 -22.82 -13.56 30.10
C ALA E 538 -24.19 -14.15 29.78
N PHE E 539 -24.96 -13.53 28.88
CA PHE E 539 -26.33 -13.94 28.62
C PHE E 539 -26.56 -14.18 27.13
N ASP E 540 -27.28 -15.25 26.83
CA ASP E 540 -27.65 -15.61 25.47
C ASP E 540 -29.14 -15.34 25.27
N PHE E 541 -29.46 -14.35 24.45
CA PHE E 541 -30.84 -13.94 24.21
C PHE E 541 -31.36 -14.60 22.94
N PHE E 542 -32.47 -15.32 23.07
CA PHE E 542 -33.08 -16.03 21.95
C PHE E 542 -34.59 -15.89 22.06
N VAL E 543 -35.28 -16.27 20.99
CA VAL E 543 -36.72 -16.17 20.90
C VAL E 543 -37.34 -17.48 21.37
N ALA E 544 -38.28 -17.41 22.29
CA ALA E 544 -38.95 -18.57 22.87
C ALA E 544 -40.45 -18.37 22.82
N PRO E 545 -41.21 -19.46 22.74
CA PRO E 545 -42.67 -19.34 22.69
C PRO E 545 -43.24 -18.79 23.98
N GLY E 546 -44.48 -18.33 23.91
CA GLY E 546 -45.15 -17.74 25.06
C GLY E 546 -45.92 -18.77 25.87
N ASP E 547 -45.77 -18.68 27.20
CA ASP E 547 -46.45 -19.59 28.12
C ASP E 547 -46.13 -21.06 27.82
N VAL E 548 -44.85 -21.39 27.78
CA VAL E 548 -44.38 -22.75 27.56
C VAL E 548 -43.41 -23.10 28.68
N ASP E 549 -43.71 -24.18 29.41
CA ASP E 549 -42.84 -24.62 30.48
C ASP E 549 -41.77 -25.55 29.93
N LEU E 550 -40.52 -25.25 30.23
CA LEU E 550 -39.38 -26.04 29.73
C LEU E 550 -39.02 -27.13 30.75
N PRO E 551 -38.92 -28.40 30.34
CA PRO E 551 -39.14 -28.85 28.96
C PRO E 551 -40.62 -29.01 28.63
N GLY E 552 -40.99 -28.79 27.37
CA GLY E 552 -42.36 -28.91 26.95
C GLY E 552 -42.64 -30.27 26.30
N PRO E 553 -43.88 -30.46 25.84
CA PRO E 553 -44.22 -31.72 25.16
C PRO E 553 -43.45 -31.86 23.85
N GLN E 554 -43.64 -33.02 23.21
CA GLN E 554 -42.94 -33.31 21.97
C GLN E 554 -43.31 -32.31 20.89
N ARG E 555 -44.60 -31.97 20.78
CA ARG E 555 -45.05 -30.98 19.82
C ARG E 555 -45.10 -29.61 20.52
N PRO E 556 -44.30 -28.64 20.09
CA PRO E 556 -44.31 -27.33 20.75
C PRO E 556 -45.64 -26.62 20.53
N PRO E 557 -46.28 -26.17 21.59
CA PRO E 557 -47.51 -25.38 21.42
C PRO E 557 -47.24 -24.06 20.72
N GLU E 558 -48.19 -23.64 19.92
CA GLU E 558 -48.02 -22.43 19.11
C GLU E 558 -48.64 -21.23 19.80
N ALA E 559 -47.82 -20.20 20.01
CA ALA E 559 -48.27 -18.97 20.64
C ALA E 559 -47.32 -17.85 20.22
N MET E 560 -47.57 -16.66 20.76
CA MET E 560 -46.75 -15.50 20.43
C MET E 560 -45.34 -15.72 20.97
N PRO E 561 -44.31 -15.69 20.12
CA PRO E 561 -42.95 -15.98 20.61
C PRO E 561 -42.37 -14.81 21.38
N THR E 562 -41.96 -15.08 22.62
CA THR E 562 -41.37 -14.09 23.50
C THR E 562 -39.84 -14.22 23.47
N VAL E 563 -39.18 -13.47 24.35
CA VAL E 563 -37.73 -13.46 24.46
C VAL E 563 -37.32 -14.18 25.74
N ASN E 564 -36.33 -15.05 25.64
CA ASN E 564 -35.77 -15.75 26.79
C ASN E 564 -34.25 -15.69 26.72
N ALA E 565 -33.63 -15.51 27.89
CA ALA E 565 -32.19 -15.36 28.00
C ALA E 565 -31.63 -16.37 28.99
N THR E 566 -30.49 -16.96 28.62
CA THR E 566 -29.82 -17.94 29.46
C THR E 566 -28.40 -17.47 29.75
N LEU E 567 -27.86 -17.92 30.88
CA LEU E 567 -26.53 -17.54 31.30
C LEU E 567 -25.48 -18.30 30.51
N ARG E 568 -24.41 -17.60 30.14
CA ARG E 568 -23.29 -18.20 29.40
C ARG E 568 -22.36 -18.87 30.40
N ILE E 569 -22.54 -20.18 30.56
CA ILE E 569 -21.69 -20.93 31.49
C ILE E 569 -20.26 -20.99 30.98
N ILE E 570 -20.08 -21.24 29.68
CA ILE E 570 -18.76 -21.29 29.06
C ILE E 570 -18.45 -19.94 28.45
N ASN E 571 -17.26 -19.41 28.75
CA ASN E 571 -16.83 -18.15 28.16
C ASN E 571 -16.71 -18.25 26.65
N GLY E 572 -16.52 -19.45 26.11
CA GLY E 572 -16.49 -19.66 24.68
C GLY E 572 -17.85 -19.75 24.01
N ASN E 573 -18.93 -19.66 24.79
CA ASN E 573 -20.27 -19.68 24.20
C ASN E 573 -20.58 -18.43 23.40
N ILE E 574 -19.75 -17.40 23.50
CA ILE E 574 -19.87 -16.22 22.65
C ILE E 574 -19.55 -16.64 21.22
N PRO E 575 -20.17 -16.03 20.21
CA PRO E 575 -19.90 -16.42 18.82
C PRO E 575 -18.42 -16.25 18.47
N VAL E 576 -17.93 -17.14 17.62
CA VAL E 576 -16.52 -17.15 17.23
C VAL E 576 -16.11 -15.89 16.44
N PRO E 577 -17.00 -15.17 15.75
CA PRO E 577 -16.60 -13.83 15.30
C PRO E 577 -16.20 -12.92 16.45
N LEU E 578 -16.87 -13.03 17.60
CA LEU E 578 -16.52 -12.21 18.76
C LEU E 578 -15.42 -12.85 19.61
N CYS E 579 -15.15 -14.13 19.40
CA CYS E 579 -14.06 -14.84 20.09
C CYS E 579 -13.17 -15.45 19.04
N PRO E 580 -12.08 -14.78 18.67
CA PRO E 580 -11.25 -15.25 17.56
C PRO E 580 -10.66 -16.64 17.82
N ILE E 581 -10.65 -17.44 16.76
CA ILE E 581 -9.98 -18.73 16.83
C ILE E 581 -8.48 -18.55 16.97
N SER E 582 -7.93 -17.51 16.33
CA SER E 582 -6.52 -17.18 16.51
C SER E 582 -6.23 -16.78 17.95
N PHE E 583 -7.14 -16.02 18.56
CA PHE E 583 -6.98 -15.67 19.96
C PHE E 583 -7.04 -16.90 20.85
N ARG E 584 -7.94 -17.85 20.53
CA ARG E 584 -8.01 -19.07 21.30
C ARG E 584 -6.74 -19.89 21.17
N ASP E 585 -6.17 -19.96 19.96
CA ASP E 585 -4.89 -20.64 19.78
C ASP E 585 -3.79 -19.94 20.56
N CYS E 586 -3.78 -18.61 20.56
CA CYS E 586 -2.77 -17.86 21.31
C CYS E 586 -2.87 -18.16 22.80
N ARG E 587 -4.09 -18.14 23.34
CA ARG E 587 -4.24 -18.40 24.77
C ARG E 587 -3.92 -19.85 25.11
N GLY E 588 -4.24 -20.78 24.20
CA GLY E 588 -3.86 -22.17 24.43
C GLY E 588 -2.35 -22.36 24.45
N THR E 589 -1.65 -21.67 23.54
CA THR E 589 -0.19 -21.69 23.58
C THR E 589 0.32 -21.08 24.89
N GLN E 590 -0.30 -19.99 25.34
CA GLN E 590 0.11 -19.36 26.59
C GLN E 590 -0.12 -20.27 27.78
N LEU E 591 -1.14 -21.14 27.74
CA LEU E 591 -1.47 -21.96 28.89
C LEU E 591 -0.40 -23.03 29.11
N GLY E 592 -0.18 -23.88 28.11
CA GLY E 592 0.78 -24.97 28.25
C GLY E 592 2.17 -24.63 27.78
N LEU E 593 2.78 -23.60 28.38
CA LEU E 593 4.14 -23.22 28.00
C LEU E 593 5.14 -24.31 28.37
N GLY E 594 5.10 -24.78 29.61
CA GLY E 594 6.01 -25.80 30.09
C GLY E 594 5.39 -27.13 30.41
N ARG E 595 4.10 -27.32 30.19
CA ARG E 595 3.45 -28.57 30.52
C ARG E 595 3.85 -29.67 29.53
N HIS E 596 3.46 -30.90 29.84
CA HIS E 596 3.84 -32.04 29.04
C HIS E 596 3.23 -31.96 27.65
N THR E 597 4.00 -32.36 26.64
CA THR E 597 3.53 -32.38 25.26
C THR E 597 3.55 -33.81 24.73
N MET E 598 2.86 -34.05 23.63
CA MET E 598 2.72 -35.40 23.08
C MET E 598 3.87 -35.69 22.11
N THR E 599 4.50 -36.84 22.31
CA THR E 599 5.57 -37.27 21.42
C THR E 599 5.02 -37.46 20.01
N PRO E 600 5.81 -37.15 18.97
CA PRO E 600 5.31 -37.34 17.59
C PRO E 600 4.82 -38.75 17.30
N ALA E 601 5.44 -39.77 17.90
CA ALA E 601 5.00 -41.14 17.68
C ALA E 601 3.55 -41.35 18.13
N THR E 602 3.25 -40.96 19.38
CA THR E 602 1.90 -41.20 19.90
C THR E 602 0.87 -40.36 19.17
N ILE E 603 1.20 -39.10 18.83
CA ILE E 603 0.22 -38.26 18.15
C ILE E 603 -0.03 -38.77 16.73
N LYS E 604 1.02 -39.20 16.02
CA LYS E 604 0.81 -39.73 14.68
C LYS E 604 0.00 -41.03 14.73
N ALA E 605 0.28 -41.89 15.72
CA ALA E 605 -0.49 -43.13 15.83
C ALA E 605 -1.96 -42.85 16.15
N VAL E 606 -2.22 -41.93 17.09
CA VAL E 606 -3.59 -41.62 17.48
C VAL E 606 -4.34 -40.99 16.30
N LYS E 607 -3.71 -40.07 15.59
CA LYS E 607 -4.38 -39.47 14.45
C LYS E 607 -4.66 -40.50 13.35
N ASP E 608 -3.68 -41.36 13.07
CA ASP E 608 -3.86 -42.36 12.03
C ASP E 608 -4.97 -43.35 12.40
N THR E 609 -5.05 -43.75 13.66
CA THR E 609 -6.11 -44.68 14.06
C THR E 609 -7.47 -43.99 14.16
N PHE E 610 -7.51 -42.69 14.46
CA PHE E 610 -8.78 -41.97 14.46
C PHE E 610 -9.32 -41.82 13.05
N GLU E 611 -8.46 -41.44 12.11
CA GLU E 611 -8.87 -41.29 10.71
C GLU E 611 -8.80 -42.59 9.93
N ASP E 612 -8.83 -43.73 10.62
CA ASP E 612 -8.88 -45.02 9.96
C ASP E 612 -10.32 -45.34 9.57
N ARG E 613 -10.63 -45.24 8.28
CA ARG E 613 -11.98 -45.50 7.79
C ARG E 613 -12.33 -46.98 7.77
N ALA E 614 -11.34 -47.85 7.58
CA ALA E 614 -11.56 -49.30 7.55
C ALA E 614 -11.54 -49.91 8.94
N TYR E 615 -11.80 -49.12 9.98
CA TYR E 615 -11.75 -49.60 11.34
C TYR E 615 -12.78 -50.72 11.54
N PRO E 616 -12.36 -51.90 11.96
CA PRO E 616 -13.31 -53.01 12.13
C PRO E 616 -14.31 -52.71 13.25
N THR E 617 -15.51 -53.26 13.09
CA THR E 617 -16.54 -53.12 14.12
C THR E 617 -16.30 -54.02 15.31
N ILE E 618 -15.32 -54.94 15.23
CA ILE E 618 -15.10 -55.91 16.30
C ILE E 618 -14.76 -55.22 17.61
N PHE E 619 -13.87 -54.22 17.54
CA PHE E 619 -13.52 -53.48 18.74
C PHE E 619 -14.74 -52.79 19.33
N TYR E 620 -15.65 -52.33 18.46
CA TYR E 620 -16.90 -51.74 18.94
C TYR E 620 -17.76 -52.77 19.65
N MET E 621 -17.84 -54.00 19.11
CA MET E 621 -18.59 -55.05 19.79
C MET E 621 -18.01 -55.34 21.17
N LEU E 622 -16.69 -55.48 21.26
CA LEU E 622 -16.08 -55.74 22.57
C LEU E 622 -16.31 -54.57 23.53
N GLU E 623 -16.19 -53.34 23.05
CA GLU E 623 -16.41 -52.19 23.92
C GLU E 623 -17.85 -52.14 24.42
N ALA E 624 -18.81 -52.42 23.54
CA ALA E 624 -20.22 -52.41 23.95
C ALA E 624 -20.52 -53.54 24.93
N VAL E 625 -19.97 -54.73 24.69
CA VAL E 625 -20.27 -55.87 25.55
C VAL E 625 -19.65 -55.68 26.93
N ILE E 626 -18.39 -55.26 26.98
CA ILE E 626 -17.73 -55.03 28.26
C ILE E 626 -18.42 -53.88 29.00
N HIS E 627 -18.88 -52.87 28.25
CA HIS E 627 -19.62 -51.72 28.77
C HIS E 627 -18.95 -51.11 30.00
N GLY E 628 -17.63 -51.00 29.95
CA GLY E 628 -16.87 -50.33 30.99
C GLY E 628 -17.05 -50.90 32.38
N ASN E 629 -17.08 -52.23 32.48
CA ASN E 629 -17.23 -52.91 33.76
C ASN E 629 -15.94 -53.64 34.09
N GLU E 630 -15.48 -53.50 35.34
CA GLU E 630 -14.25 -54.15 35.75
C GLU E 630 -14.39 -55.68 35.74
N ARG E 631 -15.58 -56.17 36.08
CA ARG E 631 -15.80 -57.62 36.10
C ARG E 631 -15.61 -58.22 34.72
N ASN E 632 -16.10 -57.54 33.67
CA ASN E 632 -15.90 -58.02 32.31
C ASN E 632 -14.43 -58.01 31.92
N PHE E 633 -13.71 -56.93 32.27
CA PHE E 633 -12.32 -56.82 31.84
C PHE E 633 -11.43 -57.81 32.61
N CYS E 634 -11.84 -58.20 33.81
CA CYS E 634 -11.02 -59.08 34.63
C CYS E 634 -10.89 -60.49 34.06
N ALA E 635 -11.68 -60.85 33.06
CA ALA E 635 -11.67 -62.21 32.52
C ALA E 635 -11.32 -62.26 31.03
N LEU E 636 -10.96 -61.14 30.42
CA LEU E 636 -10.63 -61.10 29.00
C LEU E 636 -9.25 -60.53 28.78
N LEU E 637 -8.28 -60.94 29.60
CA LEU E 637 -6.93 -60.42 29.44
C LEU E 637 -6.29 -60.97 28.17
N ARG E 638 -6.36 -62.29 27.96
CA ARG E 638 -5.70 -62.91 26.82
C ARG E 638 -6.34 -62.49 25.50
N LEU E 639 -7.68 -62.50 25.44
CA LEU E 639 -8.36 -62.14 24.21
C LEU E 639 -8.07 -60.70 23.82
N LEU E 640 -8.16 -59.78 24.78
CA LEU E 640 -7.87 -58.38 24.50
C LEU E 640 -6.42 -58.19 24.08
N THR E 641 -5.49 -58.87 24.76
CA THR E 641 -4.07 -58.76 24.40
C THR E 641 -3.83 -59.22 22.98
N GLN E 642 -4.37 -60.40 22.62
CA GLN E 642 -4.18 -60.91 21.27
C GLN E 642 -4.80 -59.98 20.23
N CYS E 643 -6.00 -59.47 20.51
CA CYS E 643 -6.66 -58.59 19.55
C CYS E 643 -5.87 -57.31 19.34
N ILE E 644 -5.42 -56.67 20.42
CA ILE E 644 -4.71 -55.40 20.27
C ILE E 644 -3.37 -55.63 19.60
N ARG E 645 -2.68 -56.72 19.93
CA ARG E 645 -1.39 -57.01 19.29
C ARG E 645 -1.58 -57.25 17.80
N GLY E 646 -2.61 -58.04 17.43
CA GLY E 646 -2.84 -58.32 16.03
C GLY E 646 -3.21 -57.07 15.24
N TYR E 647 -4.03 -56.21 15.82
CA TYR E 647 -4.39 -54.98 15.13
C TYR E 647 -3.22 -54.00 15.07
N TRP E 648 -2.32 -54.05 16.05
CA TRP E 648 -1.23 -53.09 16.10
C TRP E 648 -0.10 -53.47 15.15
N GLU E 649 0.46 -54.66 15.30
CA GLU E 649 1.59 -55.02 14.44
C GLU E 649 1.10 -55.53 13.09
N GLN E 650 0.18 -54.77 12.48
CA GLN E 650 -0.19 -54.96 11.09
C GLN E 650 -0.28 -53.65 10.31
N SER E 651 -0.56 -52.53 10.97
CA SER E 651 -0.53 -51.21 10.35
C SER E 651 0.02 -50.14 11.27
N HIS E 652 0.51 -50.51 12.47
CA HIS E 652 1.05 -49.58 13.45
C HIS E 652 0.00 -48.53 13.85
N ARG E 653 -1.17 -49.01 14.26
CA ARG E 653 -2.25 -48.17 14.76
C ARG E 653 -2.67 -48.67 16.13
N VAL E 654 -2.74 -47.76 17.10
CA VAL E 654 -3.19 -48.12 18.43
C VAL E 654 -4.71 -48.09 18.48
N ALA E 655 -5.30 -49.23 18.84
CA ALA E 655 -6.75 -49.36 18.93
C ALA E 655 -7.18 -49.22 20.38
N PHE E 656 -8.47 -49.48 20.61
CA PHE E 656 -9.06 -49.47 21.95
C PHE E 656 -8.92 -48.11 22.63
N VAL E 657 -8.88 -47.04 21.83
CA VAL E 657 -8.71 -45.69 22.37
C VAL E 657 -10.05 -45.03 22.70
N ASN E 658 -11.13 -45.43 22.04
CA ASN E 658 -12.40 -44.70 22.15
C ASN E 658 -12.93 -44.72 23.57
N ASN E 659 -13.26 -45.90 24.08
CA ASN E 659 -13.86 -46.01 25.40
C ASN E 659 -12.84 -45.65 26.48
N PHE E 660 -13.22 -44.76 27.39
CA PHE E 660 -12.30 -44.34 28.43
C PHE E 660 -12.15 -45.39 29.52
N HIS E 661 -13.20 -46.17 29.80
CA HIS E 661 -13.07 -47.23 30.79
C HIS E 661 -12.49 -48.51 30.21
N MET E 662 -11.48 -48.41 29.36
CA MET E 662 -10.65 -49.52 28.94
C MET E 662 -9.17 -49.17 28.82
N LEU E 663 -8.83 -47.90 28.56
CA LEU E 663 -7.43 -47.48 28.53
C LEU E 663 -6.74 -47.66 29.86
N MET E 664 -7.37 -47.20 30.96
CA MET E 664 -6.74 -47.34 32.27
C MET E 664 -6.71 -48.80 32.72
N TYR E 665 -7.73 -49.58 32.36
CA TYR E 665 -7.66 -51.02 32.61
C TYR E 665 -6.44 -51.61 31.93
N ILE E 666 -6.16 -51.20 30.69
CA ILE E 666 -4.99 -51.68 29.97
C ILE E 666 -3.72 -51.27 30.71
N THR E 667 -3.61 -49.98 31.05
CA THR E 667 -2.35 -49.49 31.61
C THR E 667 -2.11 -50.02 33.03
N THR E 668 -3.17 -50.49 33.69
CA THR E 668 -2.99 -51.07 35.02
C THR E 668 -2.73 -52.57 34.94
N TYR E 669 -3.65 -53.34 34.36
CA TYR E 669 -3.51 -54.79 34.32
C TYR E 669 -2.51 -55.22 33.24
N LEU E 670 -2.72 -54.79 32.01
CA LEU E 670 -1.82 -55.10 30.90
C LEU E 670 -0.72 -54.05 30.80
N GLY E 671 0.05 -53.94 31.89
CA GLY E 671 1.07 -52.90 31.97
C GLY E 671 2.44 -53.42 32.34
N ASN E 672 2.53 -54.71 32.69
CA ASN E 672 3.81 -55.31 33.04
C ASN E 672 4.66 -55.62 31.82
N GLY E 673 4.06 -55.69 30.63
CA GLY E 673 4.79 -56.08 29.45
C GLY E 673 4.04 -57.08 28.60
N GLU E 674 2.76 -57.28 28.90
CA GLU E 674 1.93 -58.19 28.10
C GLU E 674 1.83 -57.69 26.66
N LEU E 675 1.66 -56.38 26.49
CA LEU E 675 1.59 -55.72 25.20
C LEU E 675 2.97 -55.22 24.79
N PRO E 676 3.15 -54.89 23.51
CA PRO E 676 4.43 -54.29 23.09
C PRO E 676 4.70 -52.99 23.82
N GLU E 677 5.99 -52.72 24.03
CA GLU E 677 6.40 -51.55 24.82
C GLU E 677 5.90 -50.24 24.22
N VAL E 678 5.71 -50.19 22.90
CA VAL E 678 5.28 -48.95 22.26
C VAL E 678 3.84 -48.62 22.61
N CYS E 679 2.95 -49.63 22.59
CA CYS E 679 1.54 -49.37 22.85
C CYS E 679 1.32 -48.83 24.26
N ILE E 680 1.89 -49.50 25.27
CA ILE E 680 1.73 -49.05 26.64
C ILE E 680 2.39 -47.69 26.82
N ASN E 681 3.48 -47.43 26.09
CA ASN E 681 4.08 -46.10 26.10
C ASN E 681 3.09 -45.05 25.60
N ILE E 682 2.36 -45.36 24.53
CA ILE E 682 1.40 -44.41 23.98
C ILE E 682 0.26 -44.17 24.98
N TYR E 683 -0.26 -45.24 25.58
CA TYR E 683 -1.31 -45.09 26.58
C TYR E 683 -0.82 -44.26 27.76
N ARG E 684 0.38 -44.54 28.26
CA ARG E 684 0.91 -43.79 29.39
C ARG E 684 1.16 -42.33 29.03
N ASP E 685 1.60 -42.06 27.79
CA ASP E 685 1.83 -40.67 27.38
C ASP E 685 0.52 -39.91 27.28
N LEU E 686 -0.52 -40.55 26.75
CA LEU E 686 -1.84 -39.89 26.72
C LEU E 686 -2.35 -39.63 28.13
N LEU E 687 -2.15 -40.59 29.04
CA LEU E 687 -2.54 -40.37 30.43
C LEU E 687 -1.73 -39.25 31.07
N GLN E 688 -0.44 -39.16 30.74
CA GLN E 688 0.39 -38.07 31.23
C GLN E 688 -0.12 -36.73 30.73
N HIS E 689 -0.54 -36.67 29.47
CA HIS E 689 -1.13 -35.44 28.95
C HIS E 689 -2.41 -35.09 29.69
N VAL E 690 -3.24 -36.10 29.99
CA VAL E 690 -4.50 -35.84 30.69
C VAL E 690 -4.24 -35.31 32.10
N ARG E 691 -3.33 -35.95 32.84
CA ARG E 691 -3.05 -35.47 34.19
C ARG E 691 -2.26 -34.17 34.18
N ALA E 692 -1.52 -33.89 33.10
CA ALA E 692 -0.91 -32.58 32.96
C ALA E 692 -1.96 -31.51 32.79
N LEU E 693 -3.00 -31.80 31.99
CA LEU E 693 -4.13 -30.88 31.87
C LEU E 693 -4.82 -30.68 33.22
N ARG E 694 -5.00 -31.77 33.98
CA ARG E 694 -5.64 -31.65 35.29
C ARG E 694 -4.78 -30.82 36.25
N GLN E 695 -3.46 -31.02 36.23
CA GLN E 695 -2.57 -30.22 37.05
C GLN E 695 -2.60 -28.76 36.64
N THR E 696 -2.70 -28.49 35.34
CA THR E 696 -2.84 -27.13 34.86
C THR E 696 -4.14 -26.50 35.37
N ILE E 697 -5.23 -27.29 35.40
CA ILE E 697 -6.48 -26.83 35.98
C ILE E 697 -6.29 -26.47 37.44
N THR E 698 -5.60 -27.35 38.19
CA THR E 698 -5.40 -27.11 39.61
C THR E 698 -4.55 -25.88 39.86
N ASP E 699 -3.55 -25.65 39.01
CA ASP E 699 -2.68 -24.49 39.16
C ASP E 699 -3.48 -23.20 38.96
N PHE E 700 -4.38 -23.17 37.98
CA PHE E 700 -5.10 -21.96 37.62
C PHE E 700 -6.31 -21.70 38.51
N THR E 701 -6.63 -22.60 39.43
CA THR E 701 -7.66 -22.37 40.42
C THR E 701 -7.05 -22.02 41.75
N ILE E 702 -7.84 -21.38 42.61
CA ILE E 702 -7.39 -20.90 43.91
C ILE E 702 -8.09 -21.72 44.99
N GLN E 703 -7.30 -22.35 45.85
CA GLN E 703 -7.84 -23.20 46.90
C GLN E 703 -8.13 -22.37 48.15
N GLY E 704 -8.88 -22.97 49.08
CA GLY E 704 -9.24 -22.32 50.32
C GLY E 704 -10.52 -21.53 50.30
N GLU E 705 -11.18 -21.41 49.15
CA GLU E 705 -12.44 -20.68 49.03
C GLU E 705 -13.51 -21.62 48.49
N GLY E 706 -14.48 -21.94 49.33
CA GLY E 706 -15.64 -22.74 48.94
C GLY E 706 -16.90 -22.12 49.50
N HIS E 707 -17.94 -22.05 48.68
CA HIS E 707 -19.19 -21.41 49.05
C HIS E 707 -20.34 -22.38 48.90
N ASN E 708 -21.18 -22.45 49.94
CA ASN E 708 -22.37 -23.31 49.96
C ASN E 708 -22.02 -24.78 49.74
N GLY E 709 -20.85 -25.20 50.22
CA GLY E 709 -20.45 -26.59 50.09
C GLY E 709 -19.90 -26.98 48.73
N GLU E 710 -19.54 -26.01 47.90
CA GLU E 710 -18.95 -26.28 46.60
C GLU E 710 -17.45 -26.05 46.67
N THR E 711 -16.68 -27.07 46.29
CA THR E 711 -15.23 -26.97 46.33
C THR E 711 -14.72 -26.02 45.26
N SER E 712 -13.49 -25.55 45.45
CA SER E 712 -12.91 -24.56 44.54
C SER E 712 -12.76 -25.11 43.12
N GLU E 713 -12.37 -26.38 42.99
CA GLU E 713 -12.21 -26.97 41.67
C GLU E 713 -13.53 -27.01 40.91
N ALA E 714 -14.59 -27.48 41.57
CA ALA E 714 -15.90 -27.55 40.93
C ALA E 714 -16.54 -26.17 40.79
N LEU E 715 -15.94 -25.14 41.41
CA LEU E 715 -16.50 -23.80 41.33
C LEU E 715 -15.81 -22.95 40.28
N ASN E 716 -14.53 -23.21 39.99
CA ASN E 716 -13.79 -22.43 39.01
C ASN E 716 -13.87 -23.05 37.61
N ASN E 717 -13.48 -24.31 37.47
CA ASN E 717 -13.49 -24.99 36.18
C ASN E 717 -14.80 -25.76 36.00
N ILE E 718 -15.11 -26.07 34.75
CA ILE E 718 -16.33 -26.76 34.38
C ILE E 718 -16.12 -28.27 34.30
N LEU E 719 -14.98 -28.71 33.76
CA LEU E 719 -14.68 -30.14 33.70
C LEU E 719 -14.47 -30.73 35.08
N THR E 720 -14.27 -29.90 36.10
CA THR E 720 -14.20 -30.35 37.49
C THR E 720 -15.53 -30.23 38.20
N ASP E 721 -16.58 -29.78 37.53
CA ASP E 721 -17.89 -29.62 38.13
C ASP E 721 -18.65 -30.95 38.10
N ASP E 722 -19.28 -31.29 39.22
CA ASP E 722 -20.05 -32.53 39.31
C ASP E 722 -21.39 -32.45 38.59
N THR E 723 -22.01 -31.27 38.54
CA THR E 723 -23.32 -31.14 37.90
C THR E 723 -23.24 -31.47 36.42
N PHE E 724 -22.22 -30.99 35.72
CA PHE E 724 -22.04 -31.31 34.31
C PHE E 724 -21.53 -32.73 34.18
N ILE E 725 -22.03 -33.43 33.16
CA ILE E 725 -21.76 -34.86 33.00
C ILE E 725 -21.09 -35.12 31.66
N ALA E 726 -20.44 -36.28 31.58
CA ALA E 726 -19.77 -36.70 30.36
C ALA E 726 -20.80 -37.04 29.29
N PRO E 727 -20.40 -37.00 28.01
CA PRO E 727 -21.36 -37.33 26.94
C PRO E 727 -21.93 -38.72 27.05
N ILE E 728 -21.16 -39.70 27.51
CA ILE E 728 -21.63 -41.07 27.71
C ILE E 728 -21.23 -41.52 29.11
N LEU E 729 -22.15 -42.16 29.81
CA LEU E 729 -21.89 -42.76 31.12
C LEU E 729 -22.21 -44.25 31.05
N TRP E 730 -21.29 -45.07 31.57
CA TRP E 730 -21.47 -46.51 31.58
C TRP E 730 -21.96 -47.05 32.92
N ASP E 731 -21.65 -46.37 34.01
CA ASP E 731 -22.07 -46.78 35.35
C ASP E 731 -22.88 -45.67 35.99
N CYS E 732 -23.52 -45.99 37.11
CA CYS E 732 -24.35 -45.03 37.83
C CYS E 732 -23.56 -44.20 38.83
N ASP E 733 -22.23 -44.39 38.91
CA ASP E 733 -21.42 -43.65 39.87
C ASP E 733 -21.48 -42.15 39.60
N ALA E 734 -21.29 -41.74 38.35
CA ALA E 734 -21.29 -40.33 38.03
C ALA E 734 -22.64 -39.68 38.30
N LEU E 735 -23.72 -40.41 38.04
CA LEU E 735 -25.05 -39.89 38.35
C LEU E 735 -25.23 -39.68 39.84
N ILE E 736 -24.74 -40.62 40.65
CA ILE E 736 -24.83 -40.49 42.11
C ILE E 736 -24.04 -39.28 42.57
N TYR E 737 -22.83 -39.10 42.04
CA TYR E 737 -22.03 -37.93 42.38
C TYR E 737 -22.76 -36.64 41.99
N ARG E 738 -23.37 -36.62 40.81
CA ARG E 738 -24.07 -35.44 40.34
C ARG E 738 -25.23 -35.09 41.24
N ASP E 739 -26.10 -36.05 41.52
CA ASP E 739 -27.30 -35.74 42.30
C ASP E 739 -27.07 -35.78 43.80
N GLU E 740 -25.84 -36.01 44.26
CA GLU E 740 -25.52 -35.83 45.67
C GLU E 740 -24.70 -34.57 45.93
N ALA E 741 -23.91 -34.12 44.95
CA ALA E 741 -22.92 -33.07 45.21
C ALA E 741 -23.56 -31.72 45.48
N ALA E 742 -24.55 -31.31 44.69
CA ALA E 742 -24.98 -29.92 44.71
C ALA E 742 -25.79 -29.59 45.96
N ARG E 743 -26.98 -30.20 46.10
CA ARG E 743 -27.86 -30.02 47.25
C ARG E 743 -28.35 -28.59 47.40
N ASP E 744 -28.01 -27.71 46.46
CA ASP E 744 -28.58 -26.37 46.41
C ASP E 744 -29.10 -26.10 45.00
N ARG E 745 -28.49 -26.73 44.01
CA ARG E 745 -28.96 -26.67 42.64
C ARG E 745 -30.20 -27.56 42.51
N LEU E 746 -31.33 -26.96 42.15
CA LEU E 746 -32.58 -27.70 42.00
C LEU E 746 -32.41 -28.77 40.93
N PRO E 747 -32.42 -30.05 41.30
CA PRO E 747 -32.16 -31.11 40.32
C PRO E 747 -33.42 -31.63 39.65
N ALA E 748 -33.29 -32.07 38.40
CA ALA E 748 -34.38 -32.71 37.69
C ALA E 748 -33.79 -33.71 36.70
N ILE E 749 -33.75 -34.97 37.11
CA ILE E 749 -33.21 -36.04 36.27
C ILE E 749 -34.35 -36.67 35.50
N ARG E 750 -34.18 -36.79 34.18
CA ARG E 750 -35.20 -37.32 33.30
C ARG E 750 -34.59 -38.44 32.46
N VAL E 751 -35.09 -39.65 32.62
CA VAL E 751 -34.63 -40.78 31.82
C VAL E 751 -35.76 -41.25 30.93
N SER E 752 -35.85 -40.66 29.73
CA SER E 752 -36.87 -41.01 28.73
C SER E 752 -38.26 -41.10 29.36
N GLY E 753 -38.73 -39.95 29.84
CA GLY E 753 -40.03 -39.89 30.48
C GLY E 753 -39.97 -39.82 32.00
N ARG E 754 -40.20 -40.96 32.64
CA ARG E 754 -40.20 -41.05 34.10
C ARG E 754 -38.97 -40.37 34.70
N ASN E 755 -39.14 -39.82 35.90
CA ASN E 755 -38.10 -39.10 36.61
C ASN E 755 -37.54 -39.98 37.72
N GLY E 756 -36.22 -40.06 37.80
CA GLY E 756 -35.56 -40.86 38.80
C GLY E 756 -35.13 -42.21 38.26
N TYR E 757 -34.09 -42.77 38.88
CA TYR E 757 -33.54 -44.06 38.47
C TYR E 757 -33.67 -45.06 39.61
N GLN E 758 -33.44 -46.34 39.28
CA GLN E 758 -33.48 -47.42 40.24
C GLN E 758 -32.12 -48.06 40.48
N ALA E 759 -31.27 -48.12 39.47
CA ALA E 759 -29.89 -48.62 39.58
C ALA E 759 -29.87 -50.06 40.10
N LEU E 760 -30.43 -50.95 39.29
CA LEU E 760 -30.42 -52.39 39.58
C LEU E 760 -29.25 -53.03 38.83
N HIS E 761 -28.36 -53.67 39.56
CA HIS E 761 -27.15 -54.26 39.02
C HIS E 761 -27.24 -55.78 39.02
N PHE E 762 -26.23 -56.42 38.44
CA PHE E 762 -26.10 -57.87 38.36
C PHE E 762 -27.30 -58.49 37.65
N VAL E 763 -27.39 -58.17 36.36
CA VAL E 763 -28.40 -58.73 35.48
C VAL E 763 -27.80 -59.91 34.72
N ASP E 764 -28.56 -61.01 34.62
CA ASP E 764 -28.08 -62.25 34.06
C ASP E 764 -29.00 -62.74 32.94
N MET E 765 -28.75 -63.96 32.47
CA MET E 765 -29.53 -64.55 31.38
C MET E 765 -30.99 -64.71 31.77
N ALA E 766 -31.27 -65.13 33.00
CA ALA E 766 -32.64 -65.38 33.42
C ALA E 766 -33.48 -64.12 33.37
N GLY E 767 -32.87 -62.96 33.63
CA GLY E 767 -33.58 -61.71 33.62
C GLY E 767 -33.06 -60.70 32.61
N HIS E 768 -32.74 -61.15 31.40
CA HIS E 768 -32.19 -60.22 30.40
C HIS E 768 -33.17 -59.12 30.06
N ASN E 769 -34.40 -59.49 29.68
CA ASN E 769 -35.51 -58.57 29.46
C ASN E 769 -35.08 -57.37 28.60
N PHE E 770 -34.74 -57.67 27.35
CA PHE E 770 -34.22 -56.65 26.45
C PHE E 770 -35.26 -55.56 26.17
N GLN E 771 -36.54 -55.87 26.34
CA GLN E 771 -37.61 -54.90 26.11
C GLN E 771 -38.03 -54.22 27.41
N ARG E 772 -37.09 -53.49 28.00
CA ARG E 772 -37.32 -52.75 29.24
C ARG E 772 -37.52 -51.28 28.93
N ARG E 773 -38.61 -50.71 29.43
CA ARG E 773 -38.94 -49.31 29.21
C ARG E 773 -38.96 -48.48 30.48
N ASP E 774 -38.79 -49.10 31.64
CA ASP E 774 -38.80 -48.39 32.91
C ASP E 774 -37.38 -47.90 33.23
N ASN E 775 -37.20 -47.36 34.43
CA ASN E 775 -35.96 -46.67 34.81
C ASN E 775 -34.99 -47.56 35.57
N VAL E 776 -34.96 -48.85 35.26
CA VAL E 776 -33.93 -49.74 35.80
C VAL E 776 -32.62 -49.49 35.06
N LEU E 777 -31.60 -49.07 35.80
CA LEU E 777 -30.28 -48.80 35.25
C LEU E 777 -29.31 -49.90 35.69
N ILE E 778 -28.59 -50.46 34.72
CA ILE E 778 -27.68 -51.57 34.98
C ILE E 778 -26.37 -50.97 35.51
N HIS E 779 -26.23 -50.97 36.84
CA HIS E 779 -25.02 -50.44 37.44
C HIS E 779 -23.83 -51.37 37.23
N GLY E 780 -24.08 -52.66 37.08
CA GLY E 780 -23.04 -53.63 36.83
C GLY E 780 -22.56 -54.30 38.11
N ARG E 781 -21.95 -55.47 37.95
CA ARG E 781 -21.46 -56.25 39.08
C ARG E 781 -20.15 -55.67 39.57
N PRO E 782 -20.04 -55.25 40.83
CA PRO E 782 -18.74 -54.89 41.39
C PRO E 782 -17.86 -56.12 41.52
N VAL E 783 -16.54 -55.90 41.42
CA VAL E 783 -15.57 -56.98 41.52
C VAL E 783 -15.29 -57.28 42.97
N ARG E 784 -14.78 -56.30 43.71
CA ARG E 784 -14.40 -56.47 45.11
C ARG E 784 -15.58 -56.14 46.03
N GLY E 785 -16.68 -56.85 45.81
CA GLY E 785 -17.87 -56.65 46.61
C GLY E 785 -18.91 -57.70 46.29
N ASP E 786 -20.06 -57.58 46.96
CA ASP E 786 -21.17 -58.49 46.79
C ASP E 786 -22.33 -57.77 46.12
N THR E 787 -23.03 -58.49 45.23
CA THR E 787 -24.13 -57.88 44.49
C THR E 787 -25.36 -57.70 45.37
N GLY E 788 -25.92 -58.80 45.84
CA GLY E 788 -27.12 -58.75 46.67
C GLY E 788 -28.32 -58.21 45.90
N GLN E 789 -29.33 -57.84 46.68
CA GLN E 789 -30.53 -57.22 46.12
C GLN E 789 -30.87 -55.90 46.80
N ALA E 790 -30.69 -55.80 48.11
CA ALA E 790 -31.00 -54.59 48.85
C ALA E 790 -29.76 -53.77 49.20
N ILE E 791 -28.58 -54.18 48.74
CA ILE E 791 -27.35 -53.45 49.01
C ILE E 791 -27.39 -52.12 48.28
N PRO E 792 -27.16 -51.00 48.97
CA PRO E 792 -27.20 -49.70 48.30
C PRO E 792 -26.11 -49.59 47.23
N ILE E 793 -26.43 -48.85 46.17
CA ILE E 793 -25.51 -48.71 45.05
C ILE E 793 -24.37 -47.78 45.45
N THR E 794 -23.15 -48.23 45.23
CA THR E 794 -21.95 -47.46 45.55
C THR E 794 -21.18 -47.16 44.28
N PRO E 795 -20.51 -46.01 44.21
CA PRO E 795 -19.69 -45.71 43.03
C PRO E 795 -18.58 -46.73 42.84
N HIS E 796 -18.30 -47.07 41.58
CA HIS E 796 -17.26 -48.03 41.28
C HIS E 796 -15.87 -47.43 41.48
N HIS E 797 -15.74 -46.12 41.24
CA HIS E 797 -14.45 -45.44 41.32
C HIS E 797 -14.63 -44.12 42.07
N ASP E 798 -13.50 -43.48 42.34
CA ASP E 798 -13.46 -42.22 43.08
C ASP E 798 -13.98 -41.08 42.22
N ARG E 799 -14.13 -39.91 42.85
CA ARG E 799 -14.60 -38.71 42.15
C ARG E 799 -13.63 -38.33 41.02
N GLU E 800 -12.32 -38.52 41.25
CA GLU E 800 -11.33 -38.17 40.23
C GLU E 800 -11.53 -38.94 38.94
N TRP E 801 -12.14 -40.13 39.01
CA TRP E 801 -12.38 -40.92 37.80
C TRP E 801 -13.33 -40.20 36.86
N GLY E 802 -14.41 -39.63 37.40
CA GLY E 802 -15.32 -38.85 36.57
C GLY E 802 -14.65 -37.63 35.99
N ILE E 803 -13.77 -36.99 36.77
CA ILE E 803 -13.03 -35.83 36.28
C ILE E 803 -12.17 -36.23 35.09
N LEU E 804 -11.45 -37.35 35.22
CA LEU E 804 -10.61 -37.82 34.12
C LEU E 804 -11.43 -38.16 32.89
N SER E 805 -12.58 -38.83 33.09
CA SER E 805 -13.42 -39.20 31.95
C SER E 805 -13.94 -37.97 31.23
N LYS E 806 -14.44 -36.98 31.98
CA LYS E 806 -14.93 -35.76 31.35
C LYS E 806 -13.81 -35.02 30.64
N ILE E 807 -12.63 -34.95 31.26
CA ILE E 807 -11.50 -34.25 30.65
C ILE E 807 -11.13 -34.93 29.33
N TYR E 808 -11.05 -36.26 29.33
CA TYR E 808 -10.70 -36.97 28.11
C TYR E 808 -11.74 -36.73 27.03
N TYR E 809 -13.03 -36.98 27.36
CA TYR E 809 -14.08 -36.88 26.36
C TYR E 809 -14.23 -35.47 25.80
N TYR E 810 -13.94 -34.45 26.60
CA TYR E 810 -14.10 -33.07 26.14
C TYR E 810 -12.81 -32.45 25.63
N ILE E 811 -11.67 -33.13 25.74
CA ILE E 811 -10.42 -32.56 25.26
C ILE E 811 -9.79 -33.42 24.19
N VAL E 812 -9.47 -34.68 24.53
CA VAL E 812 -8.70 -35.51 23.63
C VAL E 812 -9.54 -35.93 22.42
N ILE E 813 -10.78 -36.35 22.66
CA ILE E 813 -11.63 -36.80 21.57
C ILE E 813 -11.94 -35.70 20.56
N PRO E 814 -12.41 -34.50 20.98
CA PRO E 814 -12.77 -33.50 19.95
C PRO E 814 -11.57 -32.88 19.27
N ALA E 815 -10.45 -32.69 19.98
CA ALA E 815 -9.28 -32.09 19.37
C ALA E 815 -8.69 -32.97 18.28
N PHE E 816 -8.71 -34.29 18.47
CA PHE E 816 -8.22 -35.22 17.47
C PHE E 816 -9.24 -35.48 16.36
N SER E 817 -10.49 -35.75 16.74
CA SER E 817 -11.50 -36.09 15.74
C SER E 817 -11.88 -34.90 14.87
N ARG E 818 -11.78 -33.68 15.42
CA ARG E 818 -12.11 -32.45 14.70
C ARG E 818 -13.56 -32.49 14.19
N GLY E 819 -14.46 -32.92 15.06
CA GLY E 819 -15.86 -33.02 14.69
C GLY E 819 -16.18 -34.06 13.65
N SER E 820 -15.49 -35.19 13.67
CA SER E 820 -15.75 -36.29 12.75
C SER E 820 -16.34 -37.52 13.43
N CYS E 821 -15.94 -37.81 14.66
CA CYS E 821 -16.53 -38.91 15.40
C CYS E 821 -17.94 -38.53 15.85
N CYS E 822 -18.77 -39.55 16.06
CA CYS E 822 -20.15 -39.35 16.46
C CYS E 822 -20.51 -40.31 17.59
N THR E 823 -21.44 -39.88 18.43
CA THR E 823 -21.96 -40.69 19.52
C THR E 823 -23.32 -41.25 19.14
N MET E 824 -23.57 -42.50 19.54
CA MET E 824 -24.81 -43.17 19.19
C MET E 824 -25.13 -44.21 20.25
N GLY E 825 -26.27 -44.88 20.06
CA GLY E 825 -26.67 -45.98 20.90
C GLY E 825 -26.31 -47.32 20.30
N VAL E 826 -26.74 -48.38 20.97
CA VAL E 826 -26.46 -49.74 20.53
C VAL E 826 -27.75 -50.55 20.56
N ARG E 827 -27.83 -51.55 19.69
CA ARG E 827 -28.96 -52.46 19.60
C ARG E 827 -28.54 -53.79 20.23
N TYR E 828 -28.73 -53.91 21.54
CA TYR E 828 -28.40 -55.16 22.21
C TYR E 828 -29.33 -56.29 21.78
N ASP E 829 -30.56 -55.97 21.41
CA ASP E 829 -31.51 -57.00 20.97
C ASP E 829 -31.02 -57.74 19.73
N ARG E 830 -30.15 -57.11 18.94
CA ARG E 830 -29.51 -57.78 17.81
C ARG E 830 -28.08 -58.21 18.10
N LEU E 831 -27.34 -57.42 18.89
CA LEU E 831 -25.95 -57.75 19.18
C LEU E 831 -25.84 -59.01 20.03
N TYR E 832 -26.66 -59.13 21.07
CA TYR E 832 -26.54 -60.27 21.98
C TYR E 832 -26.79 -61.62 21.33
N PRO E 833 -27.87 -61.83 20.55
CA PRO E 833 -28.07 -63.17 19.96
C PRO E 833 -26.96 -63.59 19.03
N ALA E 834 -26.30 -62.65 18.35
CA ALA E 834 -25.20 -63.01 17.46
C ALA E 834 -23.86 -63.12 18.18
N LEU E 835 -23.82 -62.86 19.48
CA LEU E 835 -22.58 -62.86 20.25
C LEU E 835 -22.12 -64.26 20.67
N GLN E 836 -23.02 -65.24 20.67
CA GLN E 836 -22.72 -66.55 21.22
C GLN E 836 -22.21 -67.54 20.18
N ALA E 837 -21.96 -67.10 18.95
CA ALA E 837 -21.58 -67.99 17.86
C ALA E 837 -20.05 -68.03 17.76
N VAL E 838 -19.44 -68.87 18.60
CA VAL E 838 -18.01 -69.12 18.58
C VAL E 838 -17.79 -70.56 18.14
N ILE E 839 -16.79 -70.78 17.29
CA ILE E 839 -16.63 -72.05 16.60
C ILE E 839 -15.32 -72.70 17.03
N VAL E 840 -14.96 -72.53 18.30
CA VAL E 840 -13.76 -73.22 18.80
C VAL E 840 -13.96 -74.73 18.68
N PRO E 841 -12.96 -75.47 18.24
CA PRO E 841 -13.11 -76.93 18.12
C PRO E 841 -12.76 -77.61 19.45
N GLU E 842 -13.11 -78.89 19.54
CA GLU E 842 -12.84 -79.71 20.71
C GLU E 842 -11.40 -80.20 20.60
N ILE E 843 -10.51 -79.56 21.35
CA ILE E 843 -9.10 -79.96 21.33
C ILE E 843 -8.96 -81.35 21.95
N PRO E 844 -8.22 -82.27 21.32
CA PRO E 844 -8.01 -83.58 21.93
C PRO E 844 -7.20 -83.47 23.21
N ALA E 845 -7.41 -84.44 24.10
CA ALA E 845 -6.70 -84.45 25.37
C ALA E 845 -5.20 -84.64 25.14
N ASP E 846 -4.42 -83.96 26.00
CA ASP E 846 -2.95 -84.00 25.92
C ASP E 846 -2.44 -83.52 24.57
N GLU E 847 -2.96 -82.39 24.11
CA GLU E 847 -2.55 -81.79 22.86
C GLU E 847 -2.21 -80.31 23.06
N GLU E 848 -1.19 -79.86 22.34
CA GLU E 848 -0.76 -78.46 22.44
C GLU E 848 -1.80 -77.54 21.80
N ALA E 849 -1.94 -76.35 22.38
CA ALA E 849 -2.92 -75.39 21.89
C ALA E 849 -2.42 -74.74 20.61
N PRO E 850 -3.15 -74.83 19.50
CA PRO E 850 -2.68 -74.20 18.25
C PRO E 850 -2.67 -72.68 18.37
N THR E 851 -1.73 -72.07 17.64
CA THR E 851 -1.62 -70.62 17.57
C THR E 851 -1.79 -70.08 16.16
N THR E 852 -1.12 -70.68 15.18
CA THR E 852 -1.23 -70.22 13.81
C THR E 852 -2.62 -70.53 13.23
N PRO E 853 -3.13 -69.68 12.36
CA PRO E 853 -4.43 -69.94 11.72
C PRO E 853 -4.37 -70.88 10.53
N GLU E 854 -3.20 -71.42 10.19
CA GLU E 854 -3.08 -72.29 9.03
C GLU E 854 -3.66 -73.68 9.28
N ASP E 855 -3.57 -74.18 10.52
CA ASP E 855 -4.06 -75.52 10.78
C ASP E 855 -5.57 -75.53 11.04
N PRO E 856 -6.25 -76.64 10.75
CA PRO E 856 -7.69 -76.71 11.04
C PRO E 856 -8.02 -76.63 12.53
N ARG E 857 -7.07 -76.97 13.39
CA ARG E 857 -7.33 -76.93 14.84
C ARG E 857 -7.52 -75.51 15.34
N HIS E 858 -7.14 -74.50 14.57
CA HIS E 858 -7.37 -73.13 14.97
C HIS E 858 -8.79 -72.71 14.57
N PRO E 859 -9.49 -71.96 15.44
CA PRO E 859 -10.87 -71.57 15.09
C PRO E 859 -10.97 -70.64 13.90
N LEU E 860 -9.89 -69.99 13.50
CA LEU E 860 -9.89 -69.05 12.38
C LEU E 860 -9.58 -69.74 11.05
N HIS E 861 -9.47 -71.06 11.05
CA HIS E 861 -9.24 -71.79 9.81
C HIS E 861 -10.45 -71.68 8.89
N ALA E 862 -10.20 -71.79 7.59
CA ALA E 862 -11.25 -71.65 6.60
C ALA E 862 -12.30 -72.75 6.71
N HIS E 863 -11.87 -73.99 6.99
CA HIS E 863 -12.81 -75.10 7.08
C HIS E 863 -13.71 -74.97 8.30
N GLN E 864 -13.20 -74.41 9.40
CA GLN E 864 -13.95 -74.26 10.63
C GLN E 864 -14.55 -72.85 10.78
N LEU E 865 -14.62 -72.10 9.70
CA LEU E 865 -15.17 -70.75 9.71
C LEU E 865 -16.55 -70.81 9.06
N VAL E 866 -17.58 -70.99 9.90
CA VAL E 866 -18.96 -71.01 9.42
C VAL E 866 -19.39 -69.58 9.12
N PRO E 867 -20.16 -69.36 8.06
CA PRO E 867 -20.64 -67.99 7.78
C PRO E 867 -21.52 -67.46 8.89
N ASN E 868 -21.46 -66.14 9.09
CA ASN E 868 -22.32 -65.42 10.02
C ASN E 868 -22.09 -65.88 11.46
N SER E 869 -20.84 -65.76 11.91
CA SER E 869 -20.48 -66.07 13.28
C SER E 869 -19.31 -65.17 13.68
N LEU E 870 -18.92 -65.25 14.95
CA LEU E 870 -17.80 -64.46 15.43
C LEU E 870 -16.52 -64.73 14.65
N ASN E 871 -16.38 -65.93 14.07
CA ASN E 871 -15.16 -66.27 13.36
C ASN E 871 -15.02 -65.45 12.07
N VAL E 872 -16.11 -65.33 11.30
CA VAL E 872 -16.03 -64.49 10.11
C VAL E 872 -15.90 -63.03 10.49
N TYR E 873 -16.50 -62.62 11.61
CA TYR E 873 -16.32 -61.26 12.10
C TYR E 873 -14.85 -60.97 12.37
N PHE E 874 -14.14 -61.92 12.99
CA PHE E 874 -12.72 -61.72 13.25
C PHE E 874 -11.90 -61.77 11.98
N HIS E 875 -12.20 -62.72 11.08
CA HIS E 875 -11.39 -62.90 9.89
C HIS E 875 -11.63 -61.79 8.88
N ASN E 876 -12.71 -61.02 9.02
CA ASN E 876 -12.90 -59.84 8.19
C ASN E 876 -11.76 -58.85 8.39
N ALA E 877 -11.30 -58.71 9.63
CA ALA E 877 -10.22 -57.79 9.97
C ALA E 877 -8.84 -58.44 9.95
N HIS E 878 -8.77 -59.75 9.73
CA HIS E 878 -7.51 -60.49 9.81
C HIS E 878 -6.85 -60.32 11.17
N LEU E 879 -7.54 -60.80 12.21
CA LEU E 879 -7.02 -60.82 13.57
C LEU E 879 -6.79 -62.26 14.00
N THR E 880 -5.97 -62.43 15.04
CA THR E 880 -5.60 -63.75 15.54
C THR E 880 -6.00 -63.89 16.99
N VAL E 881 -6.88 -64.84 17.27
CA VAL E 881 -7.29 -65.18 18.64
C VAL E 881 -7.33 -66.70 18.76
N ASP E 882 -7.08 -67.17 19.97
CA ASP E 882 -7.00 -68.61 20.23
C ASP E 882 -8.32 -69.15 20.80
N GLY E 883 -8.30 -70.43 21.13
CA GLY E 883 -9.52 -71.09 21.57
C GLY E 883 -10.02 -70.58 22.90
N ASP E 884 -9.12 -70.40 23.87
CA ASP E 884 -9.53 -69.91 25.18
C ASP E 884 -9.99 -68.46 25.11
N ALA E 885 -9.44 -67.67 24.20
CA ALA E 885 -9.90 -66.29 24.03
C ALA E 885 -11.37 -66.24 23.63
N LEU E 886 -11.79 -67.14 22.74
CA LEU E 886 -13.20 -67.23 22.38
C LEU E 886 -14.02 -67.88 23.49
N LEU E 887 -13.46 -68.87 24.19
CA LEU E 887 -14.18 -69.52 25.27
C LEU E 887 -14.42 -68.59 26.45
N THR E 888 -13.65 -67.51 26.57
CA THR E 888 -13.90 -66.53 27.62
C THR E 888 -15.21 -65.79 27.39
N LEU E 889 -15.80 -65.89 26.20
CA LEU E 889 -17.07 -65.24 25.93
C LEU E 889 -18.18 -65.79 26.82
N GLN E 890 -18.13 -67.06 27.17
CA GLN E 890 -19.22 -67.67 27.95
C GLN E 890 -19.28 -67.07 29.35
N GLU E 891 -18.15 -66.66 29.91
CA GLU E 891 -18.15 -65.99 31.21
C GLU E 891 -18.19 -64.48 31.09
N LEU E 892 -17.81 -63.92 29.93
CA LEU E 892 -18.06 -62.50 29.68
C LEU E 892 -19.55 -62.22 29.58
N MET E 893 -20.30 -63.18 29.03
CA MET E 893 -21.74 -63.07 28.87
C MET E 893 -22.48 -62.98 30.20
N GLY E 894 -21.82 -63.35 31.31
CA GLY E 894 -22.48 -63.29 32.60
C GLY E 894 -22.99 -61.90 32.96
N ASP E 895 -22.15 -60.90 32.77
CA ASP E 895 -22.57 -59.51 33.01
C ASP E 895 -23.16 -58.92 31.74
N MET E 896 -24.25 -58.19 31.91
CA MET E 896 -25.06 -57.73 30.79
C MET E 896 -25.35 -56.23 30.91
N ALA E 897 -25.63 -55.62 29.76
CA ALA E 897 -26.22 -54.29 29.67
C ALA E 897 -27.50 -54.42 28.86
N GLU E 898 -28.61 -53.94 29.41
CA GLU E 898 -29.92 -54.19 28.81
C GLU E 898 -30.08 -53.45 27.49
N ARG E 899 -30.08 -52.12 27.54
CA ARG E 899 -30.15 -51.30 26.34
C ARG E 899 -29.78 -49.87 26.71
N THR E 900 -29.23 -49.15 25.74
CA THR E 900 -28.87 -47.76 25.97
C THR E 900 -30.12 -46.89 26.10
N THR E 901 -30.00 -45.83 26.90
CA THR E 901 -31.13 -44.96 27.18
C THR E 901 -30.70 -43.51 27.03
N ALA E 902 -31.67 -42.65 26.78
CA ALA E 902 -31.45 -41.22 26.68
C ALA E 902 -31.84 -40.56 28.00
N ILE E 903 -30.87 -39.96 28.67
CA ILE E 903 -31.06 -39.35 29.98
C ILE E 903 -30.90 -37.85 29.84
N LEU E 904 -31.89 -37.10 30.29
CA LEU E 904 -31.87 -35.65 30.30
C LEU E 904 -31.78 -35.18 31.74
N VAL E 905 -30.75 -34.39 32.04
CA VAL E 905 -30.53 -33.84 33.38
C VAL E 905 -30.53 -32.33 33.29
N SER E 906 -31.04 -31.67 34.32
CA SER E 906 -31.11 -30.22 34.37
C SER E 906 -30.83 -29.75 35.79
N SER E 907 -30.37 -28.52 35.91
CA SER E 907 -30.10 -27.93 37.21
C SER E 907 -30.18 -26.42 37.11
N ALA E 908 -30.32 -25.78 38.28
CA ALA E 908 -30.35 -24.34 38.39
C ALA E 908 -28.94 -23.77 38.21
N PRO E 909 -28.83 -22.48 37.92
CA PRO E 909 -27.49 -21.86 37.85
C PRO E 909 -26.78 -21.93 39.19
N ASP E 910 -25.44 -21.97 39.12
CA ASP E 910 -24.62 -22.21 40.29
C ASP E 910 -24.75 -21.07 41.30
N ALA E 911 -24.38 -21.36 42.55
CA ALA E 911 -24.52 -20.40 43.64
C ALA E 911 -23.71 -19.14 43.39
N GLY E 912 -22.64 -19.21 42.61
CA GLY E 912 -21.89 -18.01 42.28
C GLY E 912 -22.69 -17.01 41.46
N ALA E 913 -23.59 -17.49 40.62
CA ALA E 913 -24.38 -16.64 39.74
C ALA E 913 -25.87 -16.98 39.80
N ALA E 914 -26.36 -17.34 40.98
CA ALA E 914 -27.79 -17.60 41.18
C ALA E 914 -28.42 -16.42 41.89
N THR E 915 -29.37 -15.76 41.24
CA THR E 915 -30.08 -14.63 41.84
C THR E 915 -31.58 -14.87 41.77
N ALA E 916 -32.37 -13.84 42.10
CA ALA E 916 -33.82 -14.00 42.14
C ALA E 916 -34.40 -14.42 40.79
N THR E 917 -33.90 -13.84 39.70
CA THR E 917 -34.45 -14.12 38.38
C THR E 917 -33.70 -15.22 37.63
N THR E 918 -32.47 -15.54 38.01
CA THR E 918 -31.72 -16.60 37.32
C THR E 918 -32.21 -17.98 37.70
N ARG E 919 -32.69 -18.17 38.93
CA ARG E 919 -33.16 -19.49 39.35
C ARG E 919 -34.42 -19.91 38.61
N ASN E 920 -35.09 -18.96 37.95
CA ASN E 920 -36.28 -19.29 37.19
C ASN E 920 -35.94 -20.18 35.99
N MET E 921 -34.93 -19.80 35.21
CA MET E 921 -34.56 -20.57 34.04
C MET E 921 -33.39 -21.50 34.38
N ARG E 922 -33.43 -22.72 33.84
CA ARG E 922 -32.46 -23.76 34.12
C ARG E 922 -31.72 -24.16 32.86
N ILE E 923 -30.64 -24.92 33.03
CA ILE E 923 -29.81 -25.39 31.92
C ILE E 923 -30.24 -26.81 31.58
N TYR E 924 -30.29 -27.11 30.29
CA TYR E 924 -30.76 -28.40 29.80
C TYR E 924 -29.69 -29.06 28.94
N ASP E 925 -29.12 -30.14 29.46
CA ASP E 925 -28.14 -30.93 28.72
C ASP E 925 -28.49 -32.41 28.87
N GLY E 926 -28.17 -33.18 27.82
CA GLY E 926 -28.48 -34.59 27.79
C GLY E 926 -27.26 -35.43 27.47
N ALA E 927 -27.40 -36.73 27.72
CA ALA E 927 -26.33 -37.68 27.49
C ALA E 927 -26.93 -39.06 27.22
N LEU E 928 -26.08 -40.00 26.86
CA LEU E 928 -26.49 -41.36 26.53
C LEU E 928 -25.84 -42.33 27.51
N TYR E 929 -26.66 -43.08 28.25
CA TYR E 929 -26.15 -44.17 29.06
C TYR E 929 -26.02 -45.42 28.19
N HIS E 930 -24.91 -46.14 28.34
CA HIS E 930 -24.61 -47.34 27.57
C HIS E 930 -24.49 -47.05 26.07
N GLY E 931 -24.20 -45.79 25.72
CA GLY E 931 -23.96 -45.42 24.34
C GLY E 931 -22.51 -45.67 23.94
N LEU E 932 -22.28 -45.57 22.62
CA LEU E 932 -20.97 -45.88 22.06
C LEU E 932 -20.59 -44.82 21.05
N ILE E 933 -19.28 -44.70 20.81
CA ILE E 933 -18.74 -43.75 19.87
C ILE E 933 -17.95 -44.50 18.80
N MET E 934 -18.23 -44.22 17.55
CA MET E 934 -17.46 -44.74 16.42
C MET E 934 -16.68 -43.59 15.77
N MET E 935 -15.41 -43.85 15.50
CA MET E 935 -14.53 -42.77 15.05
C MET E 935 -14.83 -42.35 13.61
N ALA E 936 -14.62 -43.24 12.66
CA ALA E 936 -14.80 -42.92 11.25
C ALA E 936 -16.02 -43.66 10.72
N TYR E 937 -16.92 -42.93 10.08
CA TYR E 937 -18.14 -43.51 9.53
C TYR E 937 -17.81 -44.30 8.28
N GLN E 938 -18.38 -45.51 8.19
CA GLN E 938 -18.24 -46.34 7.01
C GLN E 938 -19.63 -46.65 6.45
N ALA E 939 -19.80 -46.39 5.15
CA ALA E 939 -20.99 -46.82 4.41
C ALA E 939 -20.66 -47.73 3.25
N TYR E 940 -19.37 -47.88 2.92
CA TYR E 940 -18.92 -48.71 1.80
C TYR E 940 -18.42 -50.07 2.25
N ASP E 941 -18.59 -50.41 3.53
CA ASP E 941 -18.25 -51.73 4.05
C ASP E 941 -19.50 -52.59 3.98
N GLU E 942 -19.61 -53.37 2.89
CA GLU E 942 -20.84 -54.09 2.59
C GLU E 942 -20.90 -55.47 3.25
N THR E 943 -19.87 -55.87 4.00
CA THR E 943 -19.90 -57.15 4.67
C THR E 943 -20.89 -57.15 5.85
N ILE E 944 -21.16 -55.98 6.42
CA ILE E 944 -22.12 -55.83 7.51
C ILE E 944 -23.16 -54.82 7.07
N ALA E 945 -24.44 -55.18 7.26
CA ALA E 945 -25.53 -54.32 6.82
C ALA E 945 -25.52 -53.00 7.59
N THR E 946 -25.95 -51.94 6.91
CA THR E 946 -25.98 -50.62 7.51
C THR E 946 -26.99 -50.58 8.65
N GLY E 947 -26.56 -50.05 9.80
CA GLY E 947 -27.43 -49.94 10.95
C GLY E 947 -27.85 -51.28 11.54
N THR E 948 -26.91 -52.22 11.69
CA THR E 948 -27.26 -53.53 12.22
C THR E 948 -27.18 -53.56 13.74
N PHE E 949 -26.18 -52.91 14.33
CA PHE E 949 -25.95 -52.96 15.76
C PHE E 949 -26.07 -51.62 16.46
N PHE E 950 -25.85 -50.50 15.76
CA PHE E 950 -25.91 -49.18 16.36
C PHE E 950 -26.81 -48.27 15.54
N TYR E 951 -27.47 -47.34 16.22
CA TYR E 951 -28.29 -46.33 15.57
C TYR E 951 -27.79 -44.93 15.94
N PRO E 952 -27.53 -44.08 14.94
CA PRO E 952 -26.99 -42.74 15.25
C PRO E 952 -28.04 -41.88 15.95
N VAL E 953 -27.81 -41.63 17.24
CA VAL E 953 -28.66 -40.76 18.04
C VAL E 953 -27.77 -39.74 18.76
N PRO E 954 -27.17 -38.79 18.04
CA PRO E 954 -26.18 -37.90 18.63
C PRO E 954 -26.85 -36.71 19.30
N VAL E 955 -26.55 -36.50 20.58
CA VAL E 955 -26.96 -35.28 21.29
C VAL E 955 -25.69 -34.64 21.90
N ASN E 956 -25.04 -33.82 21.10
CA ASN E 956 -23.92 -32.95 21.48
C ASN E 956 -23.65 -31.99 20.33
N PRO E 957 -23.51 -30.68 20.59
CA PRO E 957 -23.06 -29.78 19.51
C PRO E 957 -21.69 -30.16 18.97
N LEU E 958 -20.80 -30.64 19.84
CA LEU E 958 -19.46 -31.03 19.40
C LEU E 958 -19.50 -32.32 18.59
N PHE E 959 -20.39 -33.25 18.96
CA PHE E 959 -20.44 -34.57 18.35
C PHE E 959 -21.47 -34.67 17.23
N ALA E 960 -21.70 -33.58 16.50
CA ALA E 960 -22.62 -33.63 15.36
C ALA E 960 -22.01 -34.46 14.24
N CYS E 961 -22.82 -35.38 13.71
CA CYS E 961 -22.37 -36.33 12.69
C CYS E 961 -23.35 -36.33 11.53
N PRO E 962 -23.24 -35.36 10.61
CA PRO E 962 -24.13 -35.38 9.44
C PRO E 962 -23.96 -36.63 8.59
N GLU E 963 -22.74 -37.16 8.50
CA GLU E 963 -22.50 -38.35 7.70
C GLU E 963 -22.96 -39.63 8.39
N HIS E 964 -22.87 -39.71 9.72
CA HIS E 964 -23.28 -40.91 10.41
C HIS E 964 -24.79 -41.10 10.40
N LEU E 965 -25.55 -40.06 10.09
CA LEU E 965 -27.00 -40.19 10.05
C LEU E 965 -27.47 -41.17 8.97
N ALA E 966 -26.64 -41.40 7.94
CA ALA E 966 -27.01 -42.36 6.91
C ALA E 966 -27.02 -43.79 7.44
N SER E 967 -26.44 -44.03 8.63
CA SER E 967 -26.52 -45.35 9.24
C SER E 967 -27.96 -45.73 9.59
N LEU E 968 -28.76 -44.78 10.05
CA LEU E 968 -30.13 -45.04 10.44
C LEU E 968 -31.01 -45.21 9.20
N ARG E 969 -32.09 -45.96 9.35
CA ARG E 969 -33.05 -46.13 8.27
C ARG E 969 -33.77 -44.82 7.98
N GLY E 970 -34.45 -44.78 6.84
CA GLY E 970 -35.12 -43.56 6.41
C GLY E 970 -34.18 -42.45 6.04
N MET E 971 -33.09 -42.76 5.36
CA MET E 971 -32.10 -41.78 4.93
C MET E 971 -32.50 -41.19 3.59
N THR E 972 -32.76 -39.88 3.56
CA THR E 972 -33.26 -39.18 2.38
C THR E 972 -32.30 -38.04 2.05
N ASN E 973 -32.46 -37.44 0.87
CA ASN E 973 -31.65 -36.31 0.48
C ASN E 973 -32.00 -35.04 1.27
N ALA E 974 -33.27 -34.87 1.62
CA ALA E 974 -33.70 -33.67 2.34
C ALA E 974 -33.04 -33.58 3.71
N ARG E 975 -33.02 -34.70 4.45
CA ARG E 975 -32.37 -34.69 5.76
C ARG E 975 -30.88 -34.41 5.62
N ARG E 976 -30.25 -34.92 4.55
CA ARG E 976 -28.82 -34.71 4.36
C ARG E 976 -28.52 -33.25 4.06
N VAL E 977 -29.29 -32.63 3.17
CA VAL E 977 -29.02 -31.23 2.84
C VAL E 977 -29.35 -30.33 4.04
N LEU E 978 -30.36 -30.69 4.84
CA LEU E 978 -30.63 -29.92 6.05
C LEU E 978 -29.51 -30.07 7.06
N ALA E 979 -28.96 -31.29 7.20
CA ALA E 979 -27.92 -31.55 8.19
C ALA E 979 -26.56 -31.00 7.81
N LYS E 980 -26.28 -30.84 6.51
CA LYS E 980 -24.98 -30.31 6.12
C LYS E 980 -24.77 -28.87 6.58
N MET E 981 -25.84 -28.17 6.98
CA MET E 981 -25.70 -26.83 7.54
C MET E 981 -26.17 -26.72 8.98
N VAL E 982 -27.05 -27.62 9.43
CA VAL E 982 -27.61 -27.59 10.78
C VAL E 982 -27.28 -28.91 11.46
N PRO E 983 -26.64 -28.91 12.62
CA PRO E 983 -26.35 -30.18 13.32
C PRO E 983 -27.63 -30.82 13.82
N PRO E 984 -27.89 -32.07 13.43
CA PRO E 984 -29.10 -32.77 13.90
C PRO E 984 -28.96 -33.19 15.35
N ILE E 985 -29.71 -32.51 16.22
CA ILE E 985 -29.67 -32.76 17.66
C ILE E 985 -31.12 -32.93 18.14
N PRO E 986 -31.44 -33.98 18.88
CA PRO E 986 -32.82 -34.15 19.34
C PRO E 986 -33.21 -33.05 20.31
N PRO E 987 -34.46 -32.59 20.28
CA PRO E 987 -34.89 -31.56 21.24
C PRO E 987 -35.17 -32.11 22.62
N PHE E 988 -35.59 -33.37 22.72
CA PHE E 988 -35.95 -33.97 24.02
C PHE E 988 -34.74 -34.27 24.88
N LEU E 989 -33.53 -33.87 24.46
CA LEU E 989 -32.32 -34.11 25.23
C LEU E 989 -31.50 -32.84 25.42
N GLY E 990 -32.10 -31.68 25.22
CA GLY E 990 -31.41 -30.42 25.40
C GLY E 990 -31.19 -29.66 24.12
N ALA E 991 -31.56 -28.38 24.12
CA ALA E 991 -31.38 -27.53 22.95
C ALA E 991 -29.98 -26.89 22.98
N ASN E 992 -29.57 -26.40 21.81
CA ASN E 992 -28.25 -25.79 21.69
C ASN E 992 -28.15 -24.55 22.58
N HIS E 993 -29.19 -23.72 22.59
CA HIS E 993 -29.23 -22.59 23.49
C HIS E 993 -29.27 -23.01 24.96
N HIS E 994 -29.84 -24.18 25.24
CA HIS E 994 -30.03 -24.65 26.61
C HIS E 994 -28.91 -25.55 27.11
N ALA E 995 -28.07 -26.07 26.22
CA ALA E 995 -26.94 -26.90 26.62
C ALA E 995 -25.74 -26.04 26.97
N THR E 996 -24.94 -26.53 27.93
CA THR E 996 -23.73 -25.80 28.32
C THR E 996 -22.78 -25.69 27.14
N ILE E 997 -22.57 -26.78 26.42
CA ILE E 997 -21.81 -26.74 25.17
C ILE E 997 -22.71 -26.19 24.08
N ARG E 998 -22.21 -25.18 23.37
CA ARG E 998 -23.00 -24.48 22.36
C ARG E 998 -22.31 -24.62 21.00
N GLN E 999 -22.93 -24.01 19.99
CA GLN E 999 -22.37 -24.07 18.63
C GLN E 999 -20.99 -23.43 18.52
N PRO E 1000 -20.69 -22.29 19.15
CA PRO E 1000 -19.34 -21.70 19.00
C PRO E 1000 -18.19 -22.66 19.25
N VAL E 1001 -18.25 -23.48 20.30
CA VAL E 1001 -17.12 -24.36 20.58
C VAL E 1001 -16.99 -25.45 19.51
N ALA E 1002 -18.13 -25.95 19.02
CA ALA E 1002 -18.09 -26.90 17.92
C ALA E 1002 -17.49 -26.29 16.67
N TYR E 1003 -17.87 -25.05 16.36
CA TYR E 1003 -17.30 -24.38 15.19
C TYR E 1003 -15.81 -24.15 15.37
N HIS E 1004 -15.38 -23.80 16.59
CA HIS E 1004 -13.96 -23.62 16.88
C HIS E 1004 -13.19 -24.92 16.69
N VAL E 1005 -13.74 -26.04 17.17
CA VAL E 1005 -13.01 -27.30 17.12
C VAL E 1005 -13.05 -27.90 15.72
N THR E 1006 -14.03 -27.52 14.89
CA THR E 1006 -14.14 -28.10 13.56
C THR E 1006 -13.51 -27.24 12.48
N HIS E 1007 -13.05 -26.02 12.80
CA HIS E 1007 -12.54 -25.11 11.78
C HIS E 1007 -11.17 -24.54 12.14
N SER E 1008 -10.47 -25.14 13.11
CA SER E 1008 -9.16 -24.67 13.53
C SER E 1008 -8.11 -25.70 13.15
N LYS E 1009 -7.08 -25.27 12.42
CA LYS E 1009 -5.95 -26.13 12.04
C LYS E 1009 -4.66 -25.39 12.37
N SER E 1010 -4.23 -25.49 13.63
CA SER E 1010 -2.94 -24.97 14.06
C SER E 1010 -2.04 -26.06 14.63
N ASP E 1011 -2.53 -26.82 15.60
CA ASP E 1011 -1.76 -27.86 16.28
C ASP E 1011 -2.76 -28.69 17.09
N PHE E 1012 -2.25 -29.63 17.89
CA PHE E 1012 -3.08 -30.47 18.73
C PHE E 1012 -2.89 -30.20 20.22
N ASN E 1013 -1.64 -30.04 20.67
CA ASN E 1013 -1.41 -29.61 22.04
C ASN E 1013 -2.01 -28.24 22.29
N THR E 1014 -1.75 -27.30 21.38
CA THR E 1014 -2.34 -25.97 21.50
C THR E 1014 -3.86 -26.03 21.42
N LEU E 1015 -4.39 -26.91 20.58
CA LEU E 1015 -5.84 -27.08 20.50
C LEU E 1015 -6.41 -27.60 21.81
N THR E 1016 -5.73 -28.58 22.42
CA THR E 1016 -6.20 -29.11 23.70
C THR E 1016 -6.18 -28.04 24.78
N TYR E 1017 -5.10 -27.26 24.84
CA TYR E 1017 -5.00 -26.23 25.87
C TYR E 1017 -6.01 -25.10 25.61
N SER E 1018 -6.28 -24.78 24.35
CA SER E 1018 -7.31 -23.80 24.03
C SER E 1018 -8.68 -24.29 24.45
N LEU E 1019 -8.98 -25.57 24.19
CA LEU E 1019 -10.24 -26.14 24.63
C LEU E 1019 -10.36 -26.09 26.15
N LEU E 1020 -9.26 -26.40 26.85
CA LEU E 1020 -9.28 -26.31 28.31
C LEU E 1020 -9.54 -24.89 28.78
N GLY E 1021 -8.85 -23.91 28.16
CA GLY E 1021 -9.06 -22.53 28.55
C GLY E 1021 -10.46 -22.03 28.30
N GLY E 1022 -11.08 -22.49 27.21
CA GLY E 1022 -12.50 -22.21 27.01
C GLY E 1022 -13.37 -22.86 28.07
N TYR E 1023 -12.94 -24.04 28.55
CA TYR E 1023 -13.71 -24.80 29.55
C TYR E 1023 -13.49 -24.20 30.93
N PHE E 1024 -14.05 -22.99 31.11
CA PHE E 1024 -14.02 -22.28 32.37
C PHE E 1024 -15.34 -21.55 32.54
N LYS E 1025 -15.86 -21.51 33.77
CA LYS E 1025 -17.10 -20.80 34.02
C LYS E 1025 -16.91 -19.30 33.84
N PHE E 1026 -17.98 -18.64 33.40
CA PHE E 1026 -18.01 -17.19 33.23
C PHE E 1026 -18.63 -16.50 34.43
N THR E 1027 -18.87 -17.23 35.52
CA THR E 1027 -19.49 -16.66 36.71
C THR E 1027 -18.55 -15.66 37.38
N PRO E 1028 -19.10 -14.68 38.11
CA PRO E 1028 -18.23 -13.70 38.77
C PRO E 1028 -17.21 -14.31 39.71
N ILE E 1029 -17.56 -15.39 40.40
CA ILE E 1029 -16.59 -16.06 41.27
C ILE E 1029 -15.45 -16.65 40.44
N SER E 1030 -15.80 -17.33 39.35
CA SER E 1030 -14.77 -17.87 38.46
C SER E 1030 -13.95 -16.75 37.84
N LEU E 1031 -14.60 -15.64 37.47
CA LEU E 1031 -13.87 -14.49 36.92
C LEU E 1031 -12.86 -13.96 37.93
N THR E 1032 -13.26 -13.86 39.20
CA THR E 1032 -12.32 -13.48 40.25
C THR E 1032 -11.17 -14.48 40.32
N HIS E 1033 -11.49 -15.78 40.19
CA HIS E 1033 -10.45 -16.80 40.22
C HIS E 1033 -9.42 -16.59 39.13
N GLN E 1034 -9.86 -16.37 37.89
CA GLN E 1034 -8.90 -16.17 36.81
C GLN E 1034 -8.15 -14.85 36.97
N LEU E 1035 -8.84 -13.80 37.39
CA LEU E 1035 -8.19 -12.50 37.53
C LEU E 1035 -7.09 -12.54 38.58
N ARG E 1036 -7.33 -13.22 39.71
CA ARG E 1036 -6.29 -13.34 40.73
C ARG E 1036 -5.22 -14.34 40.30
N THR E 1037 -5.59 -15.37 39.55
CA THR E 1037 -4.62 -16.35 39.08
C THR E 1037 -3.67 -15.72 38.07
N GLY E 1038 -4.21 -15.03 37.07
CA GLY E 1038 -3.40 -14.46 36.01
C GLY E 1038 -3.95 -14.77 34.63
N PHE E 1039 -4.83 -15.76 34.54
CA PHE E 1039 -5.46 -16.08 33.26
C PHE E 1039 -6.44 -14.98 32.87
N HIS E 1040 -6.58 -14.78 31.56
CA HIS E 1040 -7.41 -13.71 31.02
C HIS E 1040 -8.68 -14.28 30.40
N PRO E 1041 -9.85 -13.83 30.80
CA PRO E 1041 -11.08 -14.24 30.11
C PRO E 1041 -11.14 -13.64 28.71
N GLY E 1042 -11.98 -14.26 27.88
CA GLY E 1042 -12.13 -13.82 26.50
C GLY E 1042 -12.92 -12.55 26.35
N ILE E 1043 -12.62 -11.54 27.18
CA ILE E 1043 -13.29 -10.26 27.13
C ILE E 1043 -12.26 -9.18 27.41
N ALA E 1044 -12.51 -7.99 26.88
CA ALA E 1044 -11.63 -6.85 27.08
C ALA E 1044 -12.35 -5.79 27.91
N PHE E 1045 -11.64 -4.72 28.23
CA PHE E 1045 -12.18 -3.65 29.05
C PHE E 1045 -11.60 -2.31 28.58
N THR E 1046 -12.24 -1.23 29.01
CA THR E 1046 -11.70 0.10 28.85
C THR E 1046 -12.02 0.92 30.10
N VAL E 1047 -11.16 1.88 30.40
CA VAL E 1047 -11.25 2.66 31.63
C VAL E 1047 -11.40 4.13 31.30
N VAL E 1048 -12.21 4.83 32.09
CA VAL E 1048 -12.54 6.23 31.90
C VAL E 1048 -12.26 6.97 33.20
N ARG E 1049 -11.61 8.13 33.10
CA ARG E 1049 -11.05 8.83 34.25
C ARG E 1049 -11.23 10.33 34.13
N GLN E 1050 -11.78 10.96 35.18
CA GLN E 1050 -11.83 12.41 35.26
C GLN E 1050 -10.51 12.97 35.75
N ASP E 1051 -10.08 14.07 35.15
CA ASP E 1051 -8.97 14.87 35.64
C ASP E 1051 -9.43 16.32 35.75
N ARG E 1052 -8.95 17.02 36.78
CA ARG E 1052 -9.19 18.44 36.94
C ARG E 1052 -7.86 19.19 36.81
N PHE E 1053 -7.75 20.02 35.79
CA PHE E 1053 -6.54 20.78 35.53
C PHE E 1053 -6.80 22.26 35.76
N ALA E 1054 -5.84 22.95 36.34
CA ALA E 1054 -5.90 24.40 36.43
C ALA E 1054 -5.90 25.01 35.03
N THR E 1055 -6.79 25.96 34.80
CA THR E 1055 -6.97 26.56 33.48
C THR E 1055 -6.84 28.07 33.56
N GLU E 1056 -5.97 28.63 32.72
CA GLU E 1056 -5.87 30.07 32.55
C GLU E 1056 -6.56 30.48 31.26
N GLN E 1057 -7.23 31.63 31.30
CA GLN E 1057 -8.07 32.08 30.21
C GLN E 1057 -7.54 33.39 29.62
N LEU E 1058 -7.78 33.54 28.32
CA LEU E 1058 -7.39 34.72 27.57
C LEU E 1058 -8.65 35.40 27.06
N LEU E 1059 -8.76 36.70 27.30
CA LEU E 1059 -9.94 37.45 26.88
C LEU E 1059 -9.54 38.72 26.14
N TYR E 1060 -10.13 38.91 24.96
CA TYR E 1060 -10.13 40.17 24.26
C TYR E 1060 -11.56 40.54 23.90
N ALA E 1061 -11.97 41.79 24.18
CA ALA E 1061 -13.30 42.23 23.78
C ALA E 1061 -13.25 43.36 22.77
N GLU E 1062 -12.87 44.57 23.17
CA GLU E 1062 -13.04 45.78 22.37
C GLU E 1062 -12.46 47.02 23.04
N ARG E 1063 -12.58 48.16 22.36
CA ARG E 1063 -12.45 49.45 23.01
C ARG E 1063 -13.81 49.91 23.53
N ALA E 1064 -14.80 50.01 22.64
CA ALA E 1064 -16.15 50.41 23.03
C ALA E 1064 -17.06 49.19 23.11
N SER E 1065 -16.93 48.46 24.22
CA SER E 1065 -17.68 47.24 24.40
C SER E 1065 -18.84 47.35 25.39
N GLU E 1066 -18.68 48.15 26.44
CA GLU E 1066 -19.69 48.23 27.50
C GLU E 1066 -19.95 49.68 27.85
N SER E 1067 -21.22 50.06 27.91
CA SER E 1067 -21.62 51.36 28.44
C SER E 1067 -21.98 51.19 29.90
N TYR E 1068 -21.37 51.99 30.76
CA TYR E 1068 -21.48 51.81 32.22
C TYR E 1068 -21.98 53.13 32.82
N PHE E 1069 -23.20 53.10 33.35
CA PHE E 1069 -23.78 54.27 34.01
C PHE E 1069 -23.42 54.22 35.49
N VAL E 1070 -23.25 55.39 36.11
CA VAL E 1070 -22.97 55.50 37.53
C VAL E 1070 -24.06 56.34 38.18
N GLY E 1071 -24.58 55.86 39.30
CA GLY E 1071 -25.58 56.58 40.06
C GLY E 1071 -24.98 57.54 41.05
N GLN E 1072 -25.82 58.05 41.93
CA GLN E 1072 -25.41 58.99 42.97
C GLN E 1072 -25.35 58.28 44.31
N ILE E 1073 -24.27 58.51 45.05
CA ILE E 1073 -24.04 57.80 46.30
C ILE E 1073 -25.05 58.27 47.36
N GLN E 1074 -25.59 57.30 48.09
CA GLN E 1074 -26.48 57.57 49.21
C GLN E 1074 -26.13 56.65 50.36
N VAL E 1075 -26.48 57.07 51.58
CA VAL E 1075 -26.04 56.42 52.80
C VAL E 1075 -27.25 56.06 53.65
N HIS E 1076 -27.07 55.08 54.52
CA HIS E 1076 -28.09 54.68 55.50
C HIS E 1076 -27.41 54.58 56.86
N HIS E 1077 -27.86 55.38 57.81
CA HIS E 1077 -27.37 55.30 59.17
C HIS E 1077 -28.16 54.25 59.93
N HIS E 1078 -27.49 53.18 60.34
CA HIS E 1078 -28.13 52.05 60.99
C HIS E 1078 -27.48 51.82 62.35
N ASP E 1079 -28.29 51.67 63.38
CA ASP E 1079 -27.78 51.41 64.72
C ASP E 1079 -27.10 50.05 64.77
N ALA E 1080 -25.97 50.00 65.49
CA ALA E 1080 -25.16 48.79 65.58
C ALA E 1080 -24.97 48.45 67.05
N ILE E 1081 -24.12 47.46 67.31
CA ILE E 1081 -23.93 46.97 68.67
C ILE E 1081 -23.16 48.00 69.51
N GLY E 1082 -21.92 48.28 69.11
CA GLY E 1082 -21.11 49.23 69.85
C GLY E 1082 -21.37 50.67 69.46
N GLY E 1083 -21.63 50.89 68.18
CA GLY E 1083 -21.96 52.21 67.68
C GLY E 1083 -23.07 52.17 66.65
N VAL E 1084 -22.83 52.76 65.49
CA VAL E 1084 -23.76 52.73 64.38
C VAL E 1084 -23.02 52.29 63.13
N ASN E 1085 -23.78 51.80 62.16
CA ASN E 1085 -23.22 51.30 60.90
C ASN E 1085 -23.60 52.26 59.78
N PHE E 1086 -22.58 52.76 59.07
CA PHE E 1086 -22.78 53.58 57.89
C PHE E 1086 -22.58 52.71 56.65
N THR E 1087 -23.63 52.58 55.85
CA THR E 1087 -23.57 51.81 54.62
C THR E 1087 -23.70 52.74 53.43
N LEU E 1088 -22.76 52.66 52.50
CA LEU E 1088 -22.75 53.55 51.34
C LEU E 1088 -23.33 52.79 50.15
N THR E 1089 -24.34 53.38 49.51
CA THR E 1089 -25.06 52.73 48.43
C THR E 1089 -25.11 53.67 47.23
N GLN E 1090 -24.79 53.13 46.05
CA GLN E 1090 -24.81 53.88 44.80
C GLN E 1090 -25.17 52.92 43.67
N PRO E 1091 -26.24 53.16 42.92
CA PRO E 1091 -26.61 52.25 41.85
C PRO E 1091 -25.78 52.47 40.59
N ARG E 1092 -25.85 51.49 39.71
CA ARG E 1092 -25.18 51.56 38.41
C ARG E 1092 -25.84 50.57 37.46
N ALA E 1093 -25.60 50.77 36.17
CA ALA E 1093 -26.17 49.93 35.13
C ALA E 1093 -25.14 49.69 34.04
N HIS E 1094 -25.27 48.54 33.37
CA HIS E 1094 -24.38 48.17 32.29
C HIS E 1094 -25.20 47.77 31.08
N VAL E 1095 -24.77 48.21 29.89
CA VAL E 1095 -25.40 47.87 28.63
C VAL E 1095 -24.31 47.50 27.63
N ASP E 1096 -24.51 46.41 26.91
CA ASP E 1096 -23.54 45.94 25.91
C ASP E 1096 -23.96 46.50 24.55
N LEU E 1097 -23.35 47.62 24.16
CA LEU E 1097 -23.67 48.28 22.91
C LEU E 1097 -22.77 47.78 21.78
N GLY E 1098 -22.72 46.47 21.65
CA GLY E 1098 -21.97 45.82 20.59
C GLY E 1098 -22.92 45.08 19.65
N VAL E 1099 -22.75 45.32 18.35
CA VAL E 1099 -23.67 44.74 17.36
C VAL E 1099 -23.50 43.22 17.31
N GLY E 1100 -22.29 42.74 17.49
CA GLY E 1100 -22.04 41.31 17.47
C GLY E 1100 -21.40 40.77 18.73
N TYR E 1101 -20.65 39.68 18.62
CA TYR E 1101 -19.94 39.11 19.75
C TYR E 1101 -18.79 40.04 20.11
N THR E 1102 -18.91 40.71 21.25
CA THR E 1102 -17.90 41.68 21.64
C THR E 1102 -16.63 41.01 22.17
N ALA E 1103 -16.74 39.92 22.92
CA ALA E 1103 -15.61 39.35 23.65
C ALA E 1103 -15.44 37.88 23.31
N VAL E 1104 -14.20 37.40 23.46
CA VAL E 1104 -13.86 35.99 23.26
C VAL E 1104 -12.97 35.54 24.41
N CYS E 1105 -13.33 34.42 25.03
CA CYS E 1105 -12.56 33.82 26.12
C CYS E 1105 -12.20 32.38 25.77
N ALA E 1106 -10.96 31.99 26.06
CA ALA E 1106 -10.47 30.67 25.67
C ALA E 1106 -9.51 30.12 26.71
N THR E 1107 -9.61 28.82 26.96
CA THR E 1107 -8.69 28.14 27.86
C THR E 1107 -7.36 27.90 27.16
N ALA E 1108 -6.28 28.39 27.75
CA ALA E 1108 -4.97 28.33 27.11
C ALA E 1108 -3.91 27.60 27.94
N ALA E 1109 -3.78 27.92 29.23
CA ALA E 1109 -2.66 27.46 30.02
C ALA E 1109 -3.09 26.38 31.01
N LEU E 1110 -2.10 25.62 31.47
CA LEU E 1110 -2.31 24.44 32.31
C LEU E 1110 -1.77 24.58 33.72
N ARG E 1111 -0.57 25.16 33.87
CA ARG E 1111 0.19 25.23 35.12
C ARG E 1111 0.08 23.94 35.94
N CYS E 1112 0.10 24.07 37.26
CA CYS E 1112 0.13 22.89 38.13
C CYS E 1112 -1.16 22.09 37.99
N PRO E 1113 -1.08 20.76 37.88
CA PRO E 1113 -2.29 19.92 37.84
C PRO E 1113 -2.82 19.69 39.26
N LEU E 1114 -4.03 20.21 39.51
CA LEU E 1114 -4.62 20.06 40.84
C LEU E 1114 -5.07 18.64 41.11
N THR E 1115 -5.20 17.82 40.07
CA THR E 1115 -5.60 16.43 40.21
C THR E 1115 -4.39 15.50 40.06
N ASP E 1116 -4.63 14.21 40.20
CA ASP E 1116 -3.62 13.18 39.99
C ASP E 1116 -4.08 12.28 38.85
N MET E 1117 -3.17 12.04 37.90
CA MET E 1117 -3.43 11.11 36.81
C MET E 1117 -2.98 9.69 37.15
N GLY E 1118 -3.36 9.26 38.35
CA GLY E 1118 -2.92 8.00 38.90
C GLY E 1118 -3.77 6.83 38.43
N ASN E 1119 -3.78 5.78 39.26
CA ASN E 1119 -4.43 4.51 38.94
C ASN E 1119 -5.31 4.09 40.12
N THR E 1120 -6.60 4.43 40.04
CA THR E 1120 -7.59 4.00 41.02
C THR E 1120 -8.80 3.45 40.27
N ALA E 1121 -9.25 2.27 40.66
CA ALA E 1121 -10.39 1.64 39.99
C ALA E 1121 -11.70 2.21 40.51
N GLN E 1122 -12.76 2.06 39.73
CA GLN E 1122 -14.10 2.48 40.13
C GLN E 1122 -14.79 1.32 40.85
N ASN E 1123 -14.82 1.38 42.18
CA ASN E 1123 -15.55 0.38 42.94
C ASN E 1123 -17.05 0.52 42.67
N LEU E 1124 -17.72 -0.62 42.46
CA LEU E 1124 -19.15 -0.64 42.24
C LEU E 1124 -19.91 -1.16 43.46
N PHE E 1125 -19.19 -1.63 44.49
CA PHE E 1125 -19.83 -2.12 45.69
C PHE E 1125 -20.40 -1.01 46.56
N PHE E 1126 -19.99 0.24 46.34
CA PHE E 1126 -20.61 1.38 46.98
C PHE E 1126 -22.06 1.57 46.58
N SER E 1127 -22.39 1.39 45.31
CA SER E 1127 -23.71 1.68 44.77
C SER E 1127 -24.72 0.63 45.22
N ARG E 1128 -25.97 1.06 45.38
CA ARG E 1128 -27.05 0.20 45.83
C ARG E 1128 -28.25 0.37 44.90
N GLY E 1129 -28.95 -0.73 44.65
CA GLY E 1129 -30.10 -0.72 43.78
C GLY E 1129 -30.20 -1.93 42.89
N GLY E 1130 -29.06 -2.55 42.59
CA GLY E 1130 -29.05 -3.75 41.78
C GLY E 1130 -29.58 -4.96 42.53
N VAL E 1131 -29.97 -5.97 41.76
CA VAL E 1131 -30.50 -7.20 42.33
C VAL E 1131 -29.37 -7.94 43.04
N PRO E 1132 -29.56 -8.32 44.31
CA PRO E 1132 -28.50 -9.02 45.04
C PRO E 1132 -28.45 -10.50 44.71
N MET E 1133 -27.32 -11.10 45.03
CA MET E 1133 -27.22 -12.55 44.98
C MET E 1133 -28.06 -13.18 46.07
N LEU E 1134 -28.53 -14.41 45.81
CA LEU E 1134 -29.34 -15.11 46.80
C LEU E 1134 -28.52 -15.47 48.03
N HIS E 1135 -27.21 -15.63 47.85
CA HIS E 1135 -26.30 -16.01 48.94
C HIS E 1135 -25.56 -14.78 49.44
N ASP E 1136 -25.65 -14.53 50.75
CA ASP E 1136 -24.89 -13.42 51.33
C ASP E 1136 -23.40 -13.67 51.29
N ASN E 1137 -22.97 -14.92 51.47
CA ASN E 1137 -21.54 -15.22 51.61
C ASN E 1137 -20.77 -14.91 50.33
N VAL E 1138 -21.35 -15.22 49.17
CA VAL E 1138 -20.66 -14.93 47.91
C VAL E 1138 -20.46 -13.43 47.73
N THR E 1139 -21.50 -12.64 48.02
CA THR E 1139 -21.39 -11.19 47.91
C THR E 1139 -20.38 -10.64 48.91
N GLU E 1140 -20.37 -11.18 50.13
CA GLU E 1140 -19.41 -10.74 51.14
C GLU E 1140 -17.97 -11.05 50.71
N SER E 1141 -17.75 -12.24 50.17
CA SER E 1141 -16.42 -12.59 49.69
C SER E 1141 -16.00 -11.69 48.54
N LEU E 1142 -16.92 -11.39 47.63
CA LEU E 1142 -16.59 -10.50 46.52
C LEU E 1142 -16.26 -9.10 47.04
N ARG E 1143 -17.01 -8.62 48.03
CA ARG E 1143 -16.71 -7.32 48.62
C ARG E 1143 -15.34 -7.31 49.29
N ARG E 1144 -15.00 -8.36 50.03
CA ARG E 1144 -13.73 -8.37 50.74
C ARG E 1144 -12.56 -8.49 49.79
N ILE E 1145 -12.75 -9.22 48.68
CA ILE E 1145 -11.66 -9.34 47.71
C ILE E 1145 -11.55 -8.07 46.87
N THR E 1146 -12.66 -7.35 46.70
CA THR E 1146 -12.59 -6.03 46.07
C THR E 1146 -11.87 -5.03 46.98
N ALA E 1147 -12.07 -5.14 48.29
CA ALA E 1147 -11.37 -4.26 49.22
C ALA E 1147 -9.86 -4.47 49.13
N SER E 1148 -9.41 -5.71 49.05
CA SER E 1148 -8.00 -5.98 48.82
C SER E 1148 -7.62 -5.60 47.40
N GLY E 1149 -6.46 -4.94 47.27
CA GLY E 1149 -6.01 -4.47 45.98
C GLY E 1149 -6.74 -3.25 45.45
N GLY E 1150 -7.44 -2.52 46.31
CA GLY E 1150 -8.10 -1.30 45.89
C GLY E 1150 -7.71 -0.15 46.79
N ARG E 1151 -7.33 0.96 46.15
CA ARG E 1151 -6.82 2.11 46.88
C ARG E 1151 -7.93 2.85 47.64
N LEU E 1152 -9.17 2.76 47.18
CA LEU E 1152 -10.32 3.29 47.89
C LEU E 1152 -11.32 2.16 48.11
N ASN E 1153 -11.69 1.92 49.36
CA ASN E 1153 -12.50 0.77 49.72
C ASN E 1153 -13.50 1.19 50.77
N PRO E 1154 -14.64 0.50 50.87
CA PRO E 1154 -15.64 0.87 51.88
C PRO E 1154 -15.15 0.56 53.29
N THR E 1155 -15.70 1.30 54.26
CA THR E 1155 -15.40 1.03 55.66
C THR E 1155 -16.01 -0.30 56.08
N GLU E 1156 -15.30 -1.01 56.97
CA GLU E 1156 -15.79 -2.30 57.44
C GLU E 1156 -17.11 -2.22 58.21
N PRO E 1157 -17.37 -1.25 59.11
CA PRO E 1157 -18.63 -1.29 59.87
C PRO E 1157 -19.88 -1.15 59.00
N LEU E 1158 -19.75 -0.58 57.80
CA LEU E 1158 -20.86 -0.40 56.87
C LEU E 1158 -22.00 0.37 57.51
N PRO E 1159 -21.83 1.66 57.79
CA PRO E 1159 -22.88 2.43 58.46
C PRO E 1159 -24.17 2.47 57.64
N ILE E 1160 -25.28 2.14 58.29
CA ILE E 1160 -26.57 2.18 57.61
C ILE E 1160 -27.10 3.61 57.55
N PHE E 1161 -28.04 3.84 56.64
CA PHE E 1161 -28.58 5.17 56.36
C PHE E 1161 -27.47 6.17 56.06
N GLY E 1162 -26.69 5.84 55.03
CA GLY E 1162 -25.58 6.70 54.65
C GLY E 1162 -25.02 6.25 53.32
N GLY E 1163 -24.20 7.11 52.74
CA GLY E 1163 -23.55 6.85 51.48
C GLY E 1163 -22.30 6.00 51.54
N LEU E 1164 -21.92 5.53 52.73
CA LEU E 1164 -20.76 4.66 52.93
C LEU E 1164 -19.47 5.35 52.47
N ARG E 1165 -19.11 6.40 53.19
CA ARG E 1165 -17.88 7.12 52.90
C ARG E 1165 -16.67 6.19 52.97
N PRO E 1166 -15.69 6.38 52.10
CA PRO E 1166 -14.47 5.58 52.19
C PRO E 1166 -13.69 5.89 53.45
N ALA E 1167 -12.90 4.91 53.89
CA ALA E 1167 -12.18 5.03 55.15
C ALA E 1167 -11.16 6.15 55.09
N THR E 1168 -10.89 6.77 56.24
CA THR E 1168 -9.89 7.82 56.31
C THR E 1168 -8.50 7.25 56.04
N SER E 1169 -7.58 8.12 55.63
CA SER E 1169 -6.26 7.67 55.23
C SER E 1169 -5.20 8.74 55.49
N ALA E 1170 -3.94 8.38 55.30
CA ALA E 1170 -2.83 9.33 55.42
C ALA E 1170 -2.74 10.15 54.15
N GLY E 1171 -1.64 10.90 54.00
CA GLY E 1171 -1.51 11.78 52.86
C GLY E 1171 -1.58 11.03 51.54
N ILE E 1172 -2.55 11.41 50.71
CA ILE E 1172 -2.59 10.90 49.35
C ILE E 1172 -1.45 11.51 48.56
N ALA E 1173 -0.74 10.69 47.80
CA ALA E 1173 0.63 10.99 47.38
C ALA E 1173 0.75 12.38 46.74
N ARG E 1174 -0.08 12.65 45.71
CA ARG E 1174 0.12 13.89 44.97
C ARG E 1174 -1.19 14.57 44.57
N GLY E 1175 -2.24 14.47 45.37
CA GLY E 1175 -3.49 15.15 45.12
C GLY E 1175 -4.68 14.20 45.16
N GLN E 1176 -5.85 14.77 44.89
CA GLN E 1176 -7.08 14.00 44.91
C GLN E 1176 -7.03 12.91 43.86
N ALA E 1177 -7.43 11.70 44.25
CA ALA E 1177 -7.37 10.55 43.36
C ALA E 1177 -8.38 10.68 42.23
N SER E 1178 -8.04 10.07 41.09
CA SER E 1178 -8.88 10.04 39.92
C SER E 1178 -9.32 8.60 39.65
N VAL E 1179 -10.63 8.39 39.56
CA VAL E 1179 -11.19 7.05 39.46
C VAL E 1179 -11.29 6.62 38.01
N CYS E 1180 -11.19 5.30 37.79
CA CYS E 1180 -11.26 4.71 36.45
C CYS E 1180 -12.34 3.65 36.45
N GLU E 1181 -13.31 3.79 35.55
CA GLU E 1181 -14.45 2.88 35.45
C GLU E 1181 -14.28 1.96 34.26
N PHE E 1182 -14.53 0.66 34.48
CA PHE E 1182 -14.27 -0.37 33.48
C PHE E 1182 -15.52 -0.62 32.65
N VAL E 1183 -15.35 -0.60 31.32
CA VAL E 1183 -16.41 -0.90 30.37
C VAL E 1183 -15.91 -2.02 29.45
N ALA E 1184 -16.71 -3.08 29.33
CA ALA E 1184 -16.27 -4.30 28.68
C ALA E 1184 -16.61 -4.32 27.19
N MET E 1185 -15.80 -5.05 26.44
CA MET E 1185 -16.01 -5.30 25.02
C MET E 1185 -15.23 -6.55 24.64
N PRO E 1186 -15.52 -7.14 23.48
CA PRO E 1186 -14.76 -8.33 23.05
C PRO E 1186 -13.29 -7.99 22.85
N VAL E 1187 -12.44 -9.00 23.09
CA VAL E 1187 -11.01 -8.81 22.91
C VAL E 1187 -10.68 -8.43 21.48
N SER E 1188 -11.47 -8.91 20.52
CA SER E 1188 -11.27 -8.58 19.10
C SER E 1188 -12.14 -7.37 18.77
N THR E 1189 -11.63 -6.19 19.10
CA THR E 1189 -12.30 -4.93 18.84
C THR E 1189 -11.40 -4.10 17.93
N ASP E 1190 -12.01 -3.30 17.05
CA ASP E 1190 -11.23 -2.48 16.13
C ASP E 1190 -10.32 -1.56 16.92
N LEU E 1191 -9.02 -1.85 16.91
CA LEU E 1191 -8.09 -1.14 17.78
C LEU E 1191 -7.75 0.24 17.24
N GLN E 1192 -7.73 0.42 15.91
CA GLN E 1192 -7.44 1.73 15.35
C GLN E 1192 -8.52 2.75 15.68
N TYR E 1193 -9.72 2.28 16.07
CA TYR E 1193 -10.73 3.18 16.61
C TYR E 1193 -10.24 3.90 17.85
N PHE E 1194 -9.40 3.24 18.65
CA PHE E 1194 -8.90 3.81 19.89
C PHE E 1194 -7.69 4.71 19.68
N ARG E 1195 -7.18 4.82 18.44
CA ARG E 1195 -6.02 5.66 18.18
C ARG E 1195 -6.34 7.15 18.34
N THR E 1196 -7.50 7.60 17.87
CA THR E 1196 -7.85 9.02 17.89
C THR E 1196 -8.90 9.30 18.95
N ALA E 1197 -9.35 10.54 19.03
CA ALA E 1197 -10.40 10.92 19.97
C ALA E 1197 -11.69 10.21 19.58
N CYS E 1198 -12.05 9.19 20.36
CA CYS E 1198 -13.22 8.37 20.09
C CYS E 1198 -14.31 8.66 21.11
N ASN E 1199 -15.42 7.94 20.98
CA ASN E 1199 -16.54 8.08 21.88
C ASN E 1199 -16.47 7.05 23.00
N PRO E 1200 -16.75 7.43 24.24
CA PRO E 1200 -16.73 6.43 25.33
C PRO E 1200 -17.70 5.28 25.10
N ARG E 1201 -18.87 5.55 24.49
CA ARG E 1201 -19.77 4.47 24.13
C ARG E 1201 -19.26 3.71 22.91
N GLY E 1202 -18.75 4.44 21.92
CA GLY E 1202 -18.25 3.85 20.69
C GLY E 1202 -19.04 4.21 19.44
N ARG E 1203 -19.91 5.20 19.50
CA ARG E 1203 -20.75 5.57 18.36
C ARG E 1203 -20.86 7.07 18.27
N ALA E 1204 -20.71 7.61 17.06
CA ALA E 1204 -21.05 9.02 16.83
C ALA E 1204 -22.55 9.22 17.02
N SER E 1205 -22.92 10.24 17.77
CA SER E 1205 -24.28 10.27 18.30
C SER E 1205 -24.66 11.70 18.67
N GLU E 1325 -16.97 12.82 23.36
CA GLU E 1325 -15.74 12.13 23.00
C GLU E 1325 -14.75 12.25 24.14
N ALA E 1326 -14.04 11.16 24.41
CA ALA E 1326 -13.00 11.10 25.44
C ALA E 1326 -11.64 11.08 24.74
N TYR E 1327 -10.76 11.96 25.17
CA TYR E 1327 -9.44 12.04 24.56
C TYR E 1327 -8.54 10.95 25.11
N PRO E 1328 -7.97 10.09 24.25
CA PRO E 1328 -7.04 9.08 24.74
C PRO E 1328 -5.62 9.62 24.79
N PRO E 1329 -4.99 9.60 25.95
CA PRO E 1329 -3.57 9.95 26.04
C PRO E 1329 -2.67 8.82 25.59
N LEU E 1330 -1.37 9.05 25.68
CA LEU E 1330 -0.40 8.04 25.29
C LEU E 1330 -0.43 6.87 26.28
N CYS E 1331 -0.37 5.65 25.74
CA CYS E 1331 -0.41 4.46 26.57
C CYS E 1331 0.20 3.28 25.83
N SER E 1332 0.69 2.31 26.60
CA SER E 1332 1.25 1.08 26.08
C SER E 1332 0.74 -0.09 26.90
N SER E 1333 0.62 -1.25 26.26
CA SER E 1333 0.08 -2.45 26.89
C SER E 1333 1.15 -3.34 27.51
N ASP E 1334 2.43 -3.04 27.29
CA ASP E 1334 3.53 -3.69 27.99
C ASP E 1334 4.51 -2.63 28.45
N ALA E 1335 5.38 -3.01 29.38
CA ALA E 1335 6.40 -2.07 29.86
C ALA E 1335 7.40 -1.73 28.76
N ALA E 1336 7.49 -2.58 27.73
CA ALA E 1336 8.49 -2.37 26.68
C ALA E 1336 8.13 -1.17 25.81
N MET E 1337 7.00 -1.21 25.13
CA MET E 1337 6.69 -0.18 24.14
C MET E 1337 6.52 1.19 24.79
N LEU E 1338 6.22 1.23 26.09
CA LEU E 1338 6.14 2.54 26.74
C LEU E 1338 7.52 3.20 26.82
N ARG E 1339 8.54 2.45 27.25
CA ARG E 1339 9.87 3.06 27.33
C ARG E 1339 10.50 3.19 25.95
N THR E 1340 10.00 2.44 24.96
CA THR E 1340 10.45 2.69 23.59
C THR E 1340 9.65 3.81 22.93
N ALA E 1341 8.58 4.28 23.57
CA ALA E 1341 7.76 5.35 23.01
C ALA E 1341 8.33 6.73 23.33
N HIS E 1342 9.46 6.81 24.03
CA HIS E 1342 10.05 8.10 24.33
C HIS E 1342 10.77 8.68 23.11
N ALA E 1343 10.54 8.10 21.93
CA ALA E 1343 11.26 8.46 20.71
C ALA E 1343 12.75 8.21 20.85
N GLY E 1344 13.11 6.95 21.11
CA GLY E 1344 14.51 6.57 21.25
C GLY E 1344 15.31 6.83 20.00
N GLU E 1345 14.78 6.43 18.85
CA GLU E 1345 15.35 6.79 17.55
C GLU E 1345 14.34 7.62 16.77
N THR E 1346 13.72 8.54 17.50
CA THR E 1346 12.46 9.20 17.11
C THR E 1346 11.38 8.14 16.90
N GLY E 1347 11.62 6.95 17.44
CA GLY E 1347 10.85 5.77 17.12
C GLY E 1347 9.56 5.61 17.87
N ALA E 1348 8.44 5.72 17.15
CA ALA E 1348 7.12 5.42 17.68
C ALA E 1348 6.60 4.16 17.02
N ASP E 1349 6.31 3.14 17.83
CA ASP E 1349 5.77 1.88 17.34
C ASP E 1349 4.32 1.80 17.75
N GLU E 1350 3.56 0.91 17.11
CA GLU E 1350 2.15 0.74 17.42
C GLU E 1350 1.82 -0.64 17.97
N VAL E 1351 2.14 -1.70 17.23
CA VAL E 1351 1.86 -3.07 17.63
C VAL E 1351 3.09 -3.91 17.31
N HIS E 1352 3.53 -4.72 18.28
CA HIS E 1352 4.71 -5.55 18.05
C HIS E 1352 4.32 -6.94 17.57
N LEU E 1353 3.69 -7.73 18.42
CA LEU E 1353 3.07 -8.98 17.97
C LEU E 1353 1.59 -9.03 18.30
N ALA E 1354 1.24 -8.85 19.58
CA ALA E 1354 -0.16 -8.92 20.03
C ALA E 1354 -0.55 -7.80 20.97
N GLN E 1355 0.39 -7.18 21.68
CA GLN E 1355 0.10 -6.03 22.51
C GLN E 1355 0.06 -4.78 21.64
N TYR E 1356 -0.15 -3.62 22.27
CA TYR E 1356 -0.35 -2.41 21.51
C TYR E 1356 0.23 -1.21 22.26
N LEU E 1357 0.65 -0.22 21.48
CA LEU E 1357 1.17 1.05 22.00
C LEU E 1357 0.39 2.16 21.31
N ILE E 1358 -0.56 2.74 22.04
CA ILE E 1358 -1.42 3.78 21.48
C ILE E 1358 -0.84 5.14 21.83
N ARG E 1359 -0.56 5.94 20.81
CA ARG E 1359 0.03 7.26 21.03
C ARG E 1359 -1.01 8.23 21.57
N ASP E 1360 -0.55 9.41 21.95
CA ASP E 1360 -1.40 10.41 22.58
C ASP E 1360 -2.31 11.07 21.54
N ALA E 1361 -3.59 11.18 21.88
CA ALA E 1361 -4.55 12.00 21.16
C ALA E 1361 -5.21 13.03 22.07
N SER E 1362 -4.82 13.06 23.34
CA SER E 1362 -5.39 14.01 24.29
C SER E 1362 -4.78 15.39 24.08
N PRO E 1363 -5.41 16.44 24.62
CA PRO E 1363 -4.80 17.78 24.55
C PRO E 1363 -3.44 17.87 25.20
N LEU E 1364 -3.05 16.87 26.01
CA LEU E 1364 -1.76 16.89 26.70
C LEU E 1364 -0.68 16.30 25.78
N ARG E 1365 -0.61 16.85 24.57
CA ARG E 1365 0.37 16.38 23.60
C ARG E 1365 1.75 16.95 23.88
N GLY E 1366 1.87 18.28 23.88
CA GLY E 1366 3.15 18.93 24.07
C GLY E 1366 3.40 19.38 25.49
N CYS E 1367 2.71 18.76 26.44
CA CYS E 1367 2.83 19.07 27.85
C CYS E 1367 3.40 17.86 28.60
N LEU E 1368 3.47 17.99 29.93
CA LEU E 1368 3.86 16.90 30.82
C LEU E 1368 5.20 16.29 30.43
N PRO E 1369 6.31 16.98 30.65
CA PRO E 1369 7.61 16.42 30.27
C PRO E 1369 7.89 15.11 30.95
N LEU E 1370 8.49 14.19 30.20
CA LEU E 1370 8.73 12.83 30.68
C LEU E 1370 9.98 12.75 31.56
N ILE F 1 -35.47 70.38 -3.32
CA ILE F 1 -35.07 70.71 -1.96
C ILE F 1 -33.91 71.70 -1.95
N PRO F 2 -34.08 72.90 -1.39
CA PRO F 2 -32.91 73.74 -1.11
C PRO F 2 -32.13 73.18 0.08
N ALA F 3 -30.97 72.59 -0.22
CA ALA F 3 -30.22 71.90 0.82
C ALA F 3 -29.62 72.89 1.83
N GLY F 4 -28.69 73.73 1.36
CA GLY F 4 -28.09 74.73 2.23
C GLY F 4 -27.43 74.19 3.47
N ILE F 5 -26.98 72.94 3.45
CA ILE F 5 -26.41 72.26 4.61
C ILE F 5 -25.11 71.59 4.15
N ILE F 6 -24.27 71.25 5.12
CA ILE F 6 -23.04 70.52 4.76
C ILE F 6 -23.42 69.17 4.18
N PRO F 7 -22.79 68.73 3.09
CA PRO F 7 -23.14 67.43 2.50
C PRO F 7 -22.76 66.26 3.40
N THR F 8 -23.46 66.13 4.54
CA THR F 8 -23.22 65.05 5.49
C THR F 8 -21.76 65.01 5.92
N GLY F 9 -20.98 64.17 5.26
CA GLY F 9 -19.58 64.00 5.63
C GLY F 9 -19.41 63.13 6.85
N ASN F 10 -19.73 61.83 6.72
CA ASN F 10 -19.60 60.86 7.80
C ASN F 10 -20.46 61.27 9.00
N VAL F 11 -21.78 61.24 8.75
CA VAL F 11 -22.79 61.65 9.73
C VAL F 11 -22.57 60.96 11.07
N LEU F 12 -22.56 61.76 12.14
CA LEU F 12 -22.48 61.25 13.51
C LEU F 12 -23.90 61.23 14.06
N SER F 13 -24.55 60.07 13.99
CA SER F 13 -25.89 59.94 14.54
C SER F 13 -25.86 60.03 16.05
N THR F 14 -27.03 60.30 16.64
CA THR F 14 -27.16 60.53 18.07
C THR F 14 -27.80 59.33 18.75
N ILE F 15 -27.16 58.86 19.82
CA ILE F 15 -27.76 57.89 20.71
C ILE F 15 -28.66 58.64 21.69
N GLU F 16 -29.91 58.20 21.80
CA GLU F 16 -30.85 58.78 22.74
C GLU F 16 -31.32 57.70 23.69
N VAL F 17 -31.23 57.98 24.99
CA VAL F 17 -31.69 57.08 26.03
C VAL F 17 -33.12 57.44 26.39
N CYS F 18 -33.99 56.42 26.41
CA CYS F 18 -35.42 56.61 26.61
C CYS F 18 -35.78 56.24 28.05
N ILE F 19 -36.43 57.16 28.75
CA ILE F 19 -36.83 56.98 30.14
C ILE F 19 -38.35 56.82 30.17
N PHE F 20 -38.83 55.85 30.94
CA PHE F 20 -40.25 55.52 30.99
C PHE F 20 -40.84 56.04 32.30
N PHE F 21 -41.93 56.78 32.18
CA PHE F 21 -42.71 57.21 33.35
C PHE F 21 -44.17 57.41 32.97
N ARG F 57 -13.74 56.32 0.83
CA ARG F 57 -13.49 56.96 -0.45
C ARG F 57 -12.56 56.07 -1.28
N PHE F 58 -12.28 56.53 -2.51
CA PHE F 58 -11.45 55.76 -3.42
C PHE F 58 -9.99 56.18 -3.41
N LEU F 59 -9.71 57.48 -3.52
CA LEU F 59 -8.31 57.91 -3.59
C LEU F 59 -7.56 57.63 -2.29
N GLU F 60 -8.19 57.89 -1.14
CA GLU F 60 -7.56 57.57 0.13
C GLU F 60 -7.33 56.06 0.27
N LEU F 61 -8.16 55.26 -0.37
CA LEU F 61 -7.96 53.82 -0.39
C LEU F 61 -6.64 53.48 -1.07
N GLY F 62 -5.90 52.55 -0.47
CA GLY F 62 -4.57 52.23 -0.96
C GLY F 62 -4.52 51.64 -2.35
N LEU F 63 -5.55 50.86 -2.73
CA LEU F 63 -5.57 50.23 -4.05
C LEU F 63 -5.64 51.25 -5.18
N SER F 64 -6.10 52.47 -4.92
CA SER F 64 -6.23 53.47 -5.97
C SER F 64 -4.88 53.87 -6.55
N VAL F 65 -3.78 53.52 -5.88
CA VAL F 65 -2.45 53.83 -6.41
C VAL F 65 -2.15 53.07 -7.69
N ALA F 66 -2.98 52.10 -8.07
CA ALA F 66 -2.81 51.37 -9.31
C ALA F 66 -3.54 52.02 -10.49
N CYS F 67 -4.20 53.15 -10.27
CA CYS F 67 -4.94 53.81 -11.32
C CYS F 67 -4.65 55.30 -11.28
N ILE F 68 -4.82 55.95 -12.43
CA ILE F 68 -4.66 57.39 -12.56
C ILE F 68 -6.03 57.94 -12.91
N CYS F 69 -6.75 58.43 -11.90
CA CYS F 69 -8.08 58.97 -12.11
C CYS F 69 -7.99 60.35 -12.75
N THR F 70 -8.74 60.53 -13.85
CA THR F 70 -8.76 61.81 -14.54
C THR F 70 -10.19 62.13 -14.94
N LYS F 71 -10.56 63.40 -14.79
CA LYS F 71 -11.90 63.85 -15.09
C LYS F 71 -12.12 63.91 -16.59
N PHE F 72 -13.33 63.54 -17.01
CA PHE F 72 -13.72 63.58 -18.42
C PHE F 72 -15.20 63.86 -18.51
N PRO F 73 -15.60 65.11 -18.25
CA PRO F 73 -17.05 65.42 -18.21
C PRO F 73 -17.77 65.14 -19.52
N GLU F 74 -17.12 65.37 -20.65
CA GLU F 74 -17.76 65.17 -21.95
C GLU F 74 -17.56 63.73 -22.44
N LEU F 75 -18.07 62.78 -21.66
CA LEU F 75 -17.84 61.36 -21.94
C LEU F 75 -19.09 60.62 -22.39
N ALA F 76 -20.27 61.03 -21.93
CA ALA F 76 -21.50 60.33 -22.31
C ALA F 76 -21.75 60.36 -23.81
N TYR F 77 -21.23 61.35 -24.51
CA TYR F 77 -21.40 61.47 -25.95
C TYR F 77 -20.28 60.81 -26.74
N VAL F 78 -19.32 60.19 -26.07
CA VAL F 78 -18.21 59.53 -26.74
C VAL F 78 -18.70 58.21 -27.34
N ARG F 79 -18.39 58.01 -28.61
CA ARG F 79 -18.84 56.82 -29.34
C ARG F 79 -17.86 55.66 -29.18
N ASP F 80 -15.73 58.23 -30.74
CA ASP F 80 -14.92 57.18 -30.13
C ASP F 80 -13.55 57.73 -29.76
N GLY F 81 -12.85 57.03 -28.87
CA GLY F 81 -11.59 57.51 -28.33
C GLY F 81 -10.49 56.48 -28.46
N VAL F 82 -9.29 56.96 -28.81
CA VAL F 82 -8.08 56.14 -28.83
C VAL F 82 -6.92 56.98 -28.30
N ILE F 83 -5.95 56.30 -27.70
CA ILE F 83 -4.74 56.93 -27.21
C ILE F 83 -3.53 56.20 -27.80
N GLN F 84 -2.43 56.93 -27.94
CA GLN F 84 -1.24 56.42 -28.60
C GLN F 84 0.01 56.83 -27.84
N PHE F 85 1.03 55.96 -27.91
CA PHE F 85 2.33 56.19 -27.27
C PHE F 85 3.42 56.11 -28.32
N GLU F 86 4.62 56.56 -27.96
CA GLU F 86 5.75 56.66 -28.87
C GLU F 86 6.97 55.92 -28.31
N VAL F 87 6.77 54.70 -27.82
CA VAL F 87 7.89 53.94 -27.29
C VAL F 87 8.87 53.58 -28.40
N GLN F 88 10.16 53.72 -28.12
CA GLN F 88 11.20 53.34 -29.06
C GLN F 88 12.20 52.43 -28.36
N GLN F 89 12.98 51.69 -29.14
CA GLN F 89 13.91 50.73 -28.58
C GLN F 89 15.26 51.39 -28.34
N PRO F 90 15.72 51.50 -27.09
CA PRO F 90 17.05 52.04 -26.84
C PRO F 90 18.14 51.19 -27.47
N MET F 91 19.20 51.84 -27.90
CA MET F 91 20.28 51.20 -28.63
C MET F 91 21.59 51.32 -27.87
N ILE F 92 22.35 50.24 -27.83
CA ILE F 92 23.70 50.28 -27.28
C ILE F 92 24.65 50.77 -28.37
N ALA F 93 25.69 51.51 -27.96
CA ALA F 93 26.63 52.10 -28.91
C ALA F 93 27.84 51.19 -29.04
N ARG F 94 27.75 50.26 -29.99
CA ARG F 94 28.91 49.47 -30.37
C ARG F 94 29.95 50.43 -30.94
N ASP F 95 31.19 50.34 -30.45
CA ASP F 95 32.14 51.40 -30.69
C ASP F 95 32.71 51.36 -32.11
N GLY F 96 32.98 50.18 -32.64
CA GLY F 96 33.52 50.05 -33.97
C GLY F 96 32.49 50.37 -35.04
N PRO F 97 32.94 50.98 -36.13
CA PRO F 97 32.01 51.38 -37.20
C PRO F 97 31.60 50.22 -38.11
N HIS F 98 30.35 49.78 -38.00
CA HIS F 98 29.76 48.81 -38.94
C HIS F 98 28.41 49.37 -39.37
N PRO F 99 28.19 49.55 -40.67
CA PRO F 99 26.95 50.19 -41.13
C PRO F 99 25.77 49.22 -41.19
N VAL F 100 25.25 48.80 -40.04
CA VAL F 100 24.11 47.90 -40.00
C VAL F 100 23.05 48.42 -39.03
N ASP F 101 23.42 49.38 -38.20
CA ASP F 101 22.53 49.87 -37.16
C ASP F 101 21.56 50.92 -37.70
N GLN F 102 20.36 50.95 -37.12
CA GLN F 102 19.35 51.95 -37.44
C GLN F 102 18.34 52.03 -36.30
N PRO F 103 17.90 53.25 -35.94
CA PRO F 103 16.85 53.38 -34.93
C PRO F 103 15.55 52.74 -35.40
N VAL F 104 14.77 52.27 -34.42
CA VAL F 104 13.48 51.65 -34.67
C VAL F 104 12.46 52.23 -33.71
N HIS F 105 11.22 52.41 -34.17
CA HIS F 105 10.16 53.05 -33.40
C HIS F 105 8.96 52.11 -33.30
N ASN F 106 8.25 52.19 -32.18
CA ASN F 106 7.01 51.46 -32.00
C ASN F 106 5.90 52.40 -31.58
N TYR F 107 4.76 52.30 -32.28
CA TYR F 107 3.60 53.15 -32.00
C TYR F 107 2.42 52.24 -31.66
N MET F 108 2.12 52.13 -30.36
CA MET F 108 0.98 51.36 -29.89
C MET F 108 -0.21 52.28 -29.66
N VAL F 109 -1.38 51.80 -30.04
CA VAL F 109 -2.63 52.53 -29.86
C VAL F 109 -3.60 51.64 -29.08
N LYS F 110 -4.47 52.26 -28.29
CA LYS F 110 -5.27 51.55 -27.31
C LYS F 110 -6.75 51.70 -27.61
N ARG F 111 -7.53 50.70 -27.21
CA ARG F 111 -8.98 50.80 -27.24
C ARG F 111 -9.46 51.44 -25.93
N ILE F 112 -10.55 52.18 -26.01
CA ILE F 112 -10.96 53.04 -24.89
C ILE F 112 -11.78 52.26 -23.88
N HIS F 113 -12.49 51.22 -24.34
CA HIS F 113 -13.42 50.46 -23.49
C HIS F 113 -14.52 51.36 -22.94
N LYS F 114 -15.45 50.80 -22.18
CA LYS F 114 -16.55 51.61 -21.65
C LYS F 114 -17.29 50.92 -20.51
N ARG F 115 -17.49 51.64 -19.41
CA ARG F 115 -18.24 51.18 -18.24
C ARG F 115 -19.34 52.19 -17.93
N SER F 116 -20.00 52.01 -16.78
CA SER F 116 -21.08 52.89 -16.37
C SER F 116 -21.28 52.78 -14.86
N LEU F 117 -22.38 53.37 -14.38
CA LEU F 117 -22.74 53.32 -12.97
C LEU F 117 -24.27 53.36 -12.86
N SER F 118 -24.81 52.77 -11.80
CA SER F 118 -26.24 52.81 -11.52
C SER F 118 -26.50 52.36 -10.10
N ALA F 119 -27.56 52.92 -9.49
CA ALA F 119 -27.93 52.57 -8.14
C ALA F 119 -29.41 52.86 -7.93
N ALA F 120 -29.96 52.28 -6.86
CA ALA F 120 -31.37 52.44 -6.52
C ALA F 120 -31.53 53.44 -5.37
N PHE F 121 -32.54 54.29 -5.51
CA PHE F 121 -32.79 55.35 -4.53
C PHE F 121 -34.25 55.74 -4.61
N ALA F 122 -35.05 55.29 -3.64
CA ALA F 122 -36.49 55.46 -3.66
C ALA F 122 -36.94 56.50 -2.65
N ILE F 123 -37.99 57.25 -3.01
CA ILE F 123 -38.55 58.31 -2.19
C ILE F 123 -40.01 57.99 -1.90
N ALA F 124 -40.45 58.31 -0.69
CA ALA F 124 -41.86 58.17 -0.33
C ALA F 124 -42.63 59.43 -0.70
N SER F 125 -43.95 59.27 -0.83
CA SER F 125 -44.78 60.39 -1.27
C SER F 125 -44.89 61.46 -0.20
N GLU F 126 -44.90 61.06 1.08
CA GLU F 126 -44.97 62.04 2.16
C GLU F 126 -43.72 62.91 2.17
N ALA F 127 -42.55 62.31 1.91
CA ALA F 127 -41.33 63.10 1.82
C ALA F 127 -41.44 64.13 0.70
N LEU F 128 -42.00 63.74 -0.44
CA LEU F 128 -42.18 64.68 -1.54
C LEU F 128 -43.16 65.80 -1.16
N SER F 129 -44.22 65.45 -0.42
CA SER F 129 -45.20 66.45 -0.02
C SER F 129 -44.59 67.48 0.92
N LEU F 130 -43.88 67.02 1.95
CA LEU F 130 -43.19 67.95 2.84
C LEU F 130 -42.09 68.71 2.10
N LEU F 131 -41.51 68.08 1.08
CA LEU F 131 -40.58 68.76 0.18
C LEU F 131 -41.24 69.96 -0.50
N SER F 132 -42.46 69.76 -1.01
CA SER F 132 -43.10 70.80 -1.82
C SER F 132 -43.30 72.08 -1.04
N ASN F 133 -43.75 71.99 0.22
CA ASN F 133 -43.95 73.20 1.01
C ASN F 133 -42.61 73.83 1.39
N THR F 134 -41.62 73.00 1.74
CA THR F 134 -40.32 73.53 2.12
C THR F 134 -39.61 74.19 0.94
N TYR F 135 -39.90 73.75 -0.29
CA TYR F 135 -39.36 74.41 -1.46
C TYR F 135 -39.80 75.87 -1.57
N VAL F 136 -40.94 76.20 -0.96
CA VAL F 136 -41.47 77.56 -0.93
C VAL F 136 -41.48 78.03 0.52
N ALA F 137 -40.47 77.61 1.29
CA ALA F 137 -40.41 77.86 2.72
C ALA F 137 -40.78 79.30 3.08
N ALA F 138 -41.71 79.44 4.01
CA ALA F 138 -42.27 80.73 4.38
C ALA F 138 -42.63 80.66 5.87
N THR F 139 -43.50 81.58 6.31
CA THR F 139 -43.95 81.56 7.69
C THR F 139 -44.59 80.22 8.06
N GLU F 140 -45.20 79.54 7.09
CA GLU F 140 -45.78 78.23 7.29
C GLU F 140 -44.68 77.16 7.21
N ILE F 141 -45.07 75.89 7.12
CA ILE F 141 -44.17 74.76 6.96
C ILE F 141 -43.33 74.58 8.23
N ASP F 142 -43.71 73.62 9.05
CA ASP F 142 -43.00 73.32 10.29
C ASP F 142 -41.52 73.07 10.05
N SER F 143 -40.69 73.92 10.67
CA SER F 143 -39.25 73.86 10.44
C SER F 143 -38.66 72.56 10.97
N SER F 144 -39.14 72.07 12.12
CA SER F 144 -38.61 70.85 12.70
C SER F 144 -38.87 69.66 11.78
N LEU F 145 -40.11 69.52 11.29
CA LEU F 145 -40.42 68.41 10.39
C LEU F 145 -39.69 68.56 9.06
N ARG F 146 -39.57 69.79 8.56
CA ARG F 146 -38.85 70.00 7.31
C ARG F 146 -37.39 69.59 7.44
N ILE F 147 -36.74 69.98 8.54
CA ILE F 147 -35.34 69.61 8.72
C ILE F 147 -35.19 68.13 8.97
N ARG F 148 -36.17 67.50 9.65
CA ARG F 148 -36.13 66.05 9.81
C ARG F 148 -36.18 65.34 8.46
N ALA F 149 -37.10 65.75 7.60
CA ALA F 149 -37.24 65.12 6.29
C ALA F 149 -36.00 65.36 5.43
N ILE F 150 -35.47 66.58 5.45
CA ILE F 150 -34.31 66.88 4.62
C ILE F 150 -33.08 66.11 5.14
N GLN F 151 -32.98 65.94 6.45
CA GLN F 151 -31.89 65.14 7.01
C GLN F 151 -32.00 63.69 6.57
N GLN F 152 -33.21 63.14 6.62
CA GLN F 152 -33.40 61.75 6.16
C GLN F 152 -33.02 61.60 4.70
N MET F 153 -33.53 62.50 3.85
CA MET F 153 -33.22 62.40 2.43
C MET F 153 -31.74 62.59 2.16
N ALA F 154 -31.10 63.53 2.87
CA ALA F 154 -29.67 63.78 2.66
C ALA F 154 -28.83 62.58 3.08
N ARG F 155 -29.13 61.97 4.23
CA ARG F 155 -28.36 60.81 4.65
C ARG F 155 -28.54 59.66 3.66
N ASN F 156 -29.77 59.42 3.20
CA ASN F 156 -29.97 58.35 2.23
C ASN F 156 -29.24 58.63 0.92
N LEU F 157 -29.31 59.88 0.43
CA LEU F 157 -28.66 60.25 -0.81
C LEU F 157 -27.15 60.10 -0.70
N ARG F 158 -26.59 60.50 0.44
CA ARG F 158 -25.14 60.41 0.57
C ARG F 158 -24.67 58.97 0.74
N THR F 159 -25.47 58.12 1.40
CA THR F 159 -25.13 56.69 1.44
C THR F 159 -25.11 56.10 0.03
N VAL F 160 -26.17 56.35 -0.74
CA VAL F 160 -26.20 55.76 -2.08
C VAL F 160 -25.14 56.39 -2.99
N SER F 161 -24.74 57.63 -2.70
CA SER F 161 -23.67 58.26 -3.48
C SER F 161 -22.32 57.66 -3.15
N ASP F 162 -22.02 57.49 -1.86
CA ASP F 162 -20.78 56.83 -1.47
C ASP F 162 -20.72 55.38 -1.93
N SER F 163 -21.88 54.77 -2.19
CA SER F 163 -21.90 53.44 -2.78
C SER F 163 -21.13 53.40 -4.09
N PHE F 164 -21.19 54.47 -4.90
CA PHE F 164 -20.47 54.49 -6.16
C PHE F 164 -18.96 54.41 -5.94
N GLU F 165 -18.44 55.24 -5.03
CA GLU F 165 -17.01 55.18 -4.72
C GLU F 165 -16.65 53.82 -4.12
N ARG F 166 -17.56 53.23 -3.36
CA ARG F 166 -17.33 51.90 -2.80
C ARG F 166 -17.21 50.85 -3.90
N GLY F 167 -18.04 50.92 -4.92
CA GLY F 167 -18.05 49.95 -5.99
C GLY F 167 -17.01 50.19 -7.07
N THR F 168 -16.47 51.41 -7.12
CA THR F 168 -15.39 51.69 -8.06
C THR F 168 -14.18 50.80 -7.80
N ALA F 169 -13.81 50.66 -6.53
CA ALA F 169 -12.71 49.78 -6.18
C ALA F 169 -13.04 48.33 -6.54
N ASP F 170 -14.29 47.92 -6.32
CA ASP F 170 -14.71 46.58 -6.72
C ASP F 170 -14.47 46.34 -8.20
N GLN F 171 -14.96 47.26 -9.04
CA GLN F 171 -14.80 47.09 -10.48
C GLN F 171 -13.34 47.10 -10.88
N LEU F 172 -12.54 47.98 -10.28
CA LEU F 172 -11.13 48.06 -10.64
C LEU F 172 -10.38 46.79 -10.26
N LEU F 173 -10.63 46.26 -9.05
CA LEU F 173 -9.97 45.02 -8.68
C LEU F 173 -10.45 43.86 -9.54
N GLY F 174 -11.71 43.89 -9.95
CA GLY F 174 -12.20 42.87 -10.87
C GLY F 174 -11.47 42.89 -12.20
N VAL F 175 -11.30 44.08 -12.77
CA VAL F 175 -10.61 44.15 -14.06
C VAL F 175 -9.14 43.81 -13.91
N LEU F 176 -8.51 44.17 -12.78
CA LEU F 176 -7.13 43.78 -12.53
C LEU F 176 -7.00 42.26 -12.44
N LEU F 177 -7.93 41.62 -11.73
CA LEU F 177 -7.95 40.16 -11.70
C LEU F 177 -8.13 39.57 -13.09
N GLU F 178 -8.97 40.20 -13.91
CA GLU F 178 -9.20 39.72 -15.27
C GLU F 178 -8.09 40.15 -16.24
N LYS F 179 -7.08 40.86 -15.77
CA LYS F 179 -5.95 41.26 -16.59
C LYS F 179 -4.64 40.74 -16.00
N ALA F 180 -4.62 39.45 -15.63
CA ALA F 180 -3.42 38.91 -15.01
C ALA F 180 -3.19 37.44 -15.34
N PRO F 181 -1.99 37.07 -15.78
CA PRO F 181 -1.65 35.66 -15.92
C PRO F 181 -0.97 35.14 -14.67
N PRO F 182 -0.86 33.83 -14.51
CA PRO F 182 -0.24 33.29 -13.29
C PRO F 182 1.28 33.43 -13.31
N LEU F 183 1.85 33.45 -12.11
CA LEU F 183 3.30 33.49 -11.97
C LEU F 183 3.94 32.26 -12.58
N SER F 184 3.36 31.09 -12.33
CA SER F 184 3.98 29.83 -12.73
C SER F 184 4.01 29.64 -14.24
N LEU F 185 3.30 30.48 -14.99
CA LEU F 185 3.29 30.39 -16.46
C LEU F 185 3.98 31.57 -17.13
N LEU F 186 4.30 32.63 -16.37
CA LEU F 186 4.99 33.77 -16.96
C LEU F 186 6.45 33.81 -16.53
N SER F 187 6.74 33.50 -15.27
CA SER F 187 8.11 33.53 -14.79
C SER F 187 9.03 32.55 -15.52
N PRO F 188 8.65 31.29 -15.76
CA PRO F 188 9.56 30.38 -16.47
C PRO F 188 9.96 30.88 -17.85
N ILE F 189 9.02 31.42 -18.62
CA ILE F 189 9.36 31.95 -19.94
C ILE F 189 10.09 33.28 -19.79
N ASN F 190 9.78 34.03 -18.72
CA ASN F 190 10.52 35.26 -18.45
C ASN F 190 12.00 34.99 -18.24
N LYS F 191 12.34 33.89 -17.57
CA LYS F 191 13.74 33.57 -17.31
C LYS F 191 14.35 32.75 -18.45
N PHE F 192 13.59 31.79 -19.00
CA PHE F 192 14.15 30.84 -19.96
C PHE F 192 13.79 31.30 -21.37
N GLN F 193 14.26 32.52 -21.71
CA GLN F 193 14.18 33.13 -23.03
C GLN F 193 15.25 34.20 -23.18
N PRO F 194 16.49 33.81 -23.48
CA PRO F 194 17.54 34.84 -23.67
C PRO F 194 17.25 35.77 -24.84
N GLU F 195 16.92 35.23 -26.01
CA GLU F 195 16.63 36.06 -27.18
C GLU F 195 15.29 35.74 -27.83
N GLY F 196 14.88 34.48 -27.84
CA GLY F 196 13.63 34.08 -28.43
C GLY F 196 13.83 33.22 -29.66
N HIS F 197 12.73 32.59 -30.09
CA HIS F 197 12.71 31.69 -31.24
C HIS F 197 13.81 30.62 -31.13
N LEU F 198 13.86 29.97 -29.97
CA LEU F 198 14.84 28.93 -29.70
C LEU F 198 14.41 27.56 -30.19
N ASN F 199 13.51 27.51 -31.18
CA ASN F 199 13.04 26.32 -31.89
C ASN F 199 12.47 25.25 -30.95
N ARG F 200 12.33 24.03 -31.48
CA ARG F 200 11.54 23.00 -30.82
C ARG F 200 12.19 22.51 -29.53
N VAL F 201 13.48 22.21 -29.56
CA VAL F 201 14.12 21.57 -28.41
C VAL F 201 14.09 22.47 -27.18
N ALA F 202 14.42 23.75 -27.35
CA ALA F 202 14.39 24.66 -26.22
C ALA F 202 12.97 25.06 -25.84
N ARG F 203 12.03 25.05 -26.79
CA ARG F 203 10.64 25.26 -26.41
C ARG F 203 10.14 24.12 -25.53
N ALA F 204 10.56 22.89 -25.81
CA ALA F 204 10.19 21.77 -24.96
C ALA F 204 10.92 21.81 -23.63
N ALA F 205 12.17 22.30 -23.61
CA ALA F 205 12.85 22.53 -22.34
C ALA F 205 12.09 23.54 -21.49
N LEU F 206 11.64 24.63 -22.11
CA LEU F 206 10.81 25.60 -21.41
C LEU F 206 9.50 24.97 -20.94
N LEU F 207 8.92 24.11 -21.77
CA LEU F 207 7.69 23.39 -21.43
C LEU F 207 7.88 22.56 -20.15
N SER F 208 9.00 21.84 -20.08
CA SER F 208 9.32 21.09 -18.87
C SER F 208 9.59 22.02 -17.70
N ASP F 209 10.13 23.21 -17.96
CA ASP F 209 10.32 24.19 -16.90
C ASP F 209 8.98 24.62 -16.29
N LEU F 210 8.00 24.90 -17.15
CA LEU F 210 6.66 25.20 -16.64
C LEU F 210 6.05 23.97 -15.96
N LYS F 211 6.33 22.78 -16.48
CA LYS F 211 5.87 21.54 -15.85
C LYS F 211 6.30 21.49 -14.39
N ARG F 212 7.60 21.68 -14.15
CA ARG F 212 8.13 21.61 -12.81
C ARG F 212 7.70 22.78 -11.95
N ARG F 213 7.60 23.97 -12.53
CA ARG F 213 7.15 25.13 -11.75
C ARG F 213 5.70 24.95 -11.29
N VAL F 214 4.85 24.41 -12.17
CA VAL F 214 3.47 24.13 -11.79
C VAL F 214 3.42 23.04 -10.73
N CYS F 215 4.14 21.94 -10.96
CA CYS F 215 4.12 20.84 -10.00
C CYS F 215 4.65 21.26 -8.64
N ALA F 216 5.58 22.20 -8.59
CA ALA F 216 6.20 22.62 -7.34
C ALA F 216 5.29 23.48 -6.48
N ASP F 217 4.58 24.45 -7.06
CA ASP F 217 3.93 25.49 -6.25
C ASP F 217 2.55 25.79 -6.82
N MET F 218 1.52 25.29 -6.14
CA MET F 218 0.16 25.80 -6.22
C MET F 218 -0.37 26.28 -4.89
N PHE F 219 0.03 25.64 -3.80
CA PHE F 219 -0.34 26.03 -2.44
C PHE F 219 0.91 26.25 -1.60
N PHE F 220 1.89 26.96 -2.18
CA PHE F 220 3.18 27.13 -1.54
C PHE F 220 3.09 27.85 -0.20
N MET F 221 2.20 28.84 -0.07
CA MET F 221 2.18 29.64 1.14
C MET F 221 1.80 28.81 2.35
N THR F 222 0.82 27.90 2.19
CA THR F 222 0.47 26.94 3.22
C THR F 222 1.37 25.70 3.19
N ARG F 223 2.20 25.55 2.16
CA ARG F 223 3.09 24.40 2.08
C ARG F 223 4.31 24.59 2.97
N HIS F 224 5.17 25.55 2.63
CA HIS F 224 6.34 25.87 3.44
C HIS F 224 6.02 26.98 4.42
N ALA F 225 4.99 26.74 5.24
CA ALA F 225 4.59 27.73 6.23
C ALA F 225 5.63 27.89 7.33
N ARG F 226 6.47 26.89 7.56
CA ARG F 226 7.50 26.95 8.58
C ARG F 226 8.86 27.39 8.03
N GLU F 227 8.94 27.79 6.77
CA GLU F 227 10.18 28.21 6.15
C GLU F 227 10.01 29.64 5.66
N PRO F 228 10.24 30.63 6.53
CA PRO F 228 9.97 32.03 6.16
C PRO F 228 10.77 32.53 4.97
N ARG F 229 11.96 31.97 4.72
CA ARG F 229 12.79 32.46 3.62
C ARG F 229 12.13 32.23 2.27
N LEU F 230 11.48 31.07 2.10
CA LEU F 230 10.92 30.71 0.79
C LEU F 230 9.82 31.68 0.36
N ILE F 231 8.97 32.10 1.28
CA ILE F 231 7.90 33.05 0.94
C ILE F 231 8.49 34.36 0.45
N SER F 232 9.52 34.86 1.15
CA SER F 232 10.17 36.08 0.72
C SER F 232 10.79 35.93 -0.66
N ALA F 233 11.41 34.78 -0.94
CA ALA F 233 11.97 34.55 -2.26
C ALA F 233 10.90 34.55 -3.34
N TYR F 234 9.77 33.89 -3.07
CA TYR F 234 8.68 33.88 -4.05
C TYR F 234 8.09 35.26 -4.28
N LEU F 235 7.89 36.05 -3.23
CA LEU F 235 7.40 37.41 -3.42
C LEU F 235 8.41 38.27 -4.19
N SER F 236 9.70 38.11 -3.90
CA SER F 236 10.71 38.85 -4.64
C SER F 236 10.70 38.46 -6.10
N ASP F 237 10.54 37.17 -6.39
CA ASP F 237 10.46 36.72 -7.77
C ASP F 237 9.22 37.28 -8.47
N MET F 238 8.08 37.29 -7.77
CA MET F 238 6.85 37.78 -8.38
C MET F 238 6.95 39.27 -8.68
N VAL F 239 7.42 40.06 -7.72
CA VAL F 239 7.51 41.50 -7.94
C VAL F 239 8.56 41.83 -8.99
N SER F 240 9.66 41.09 -9.01
CA SER F 240 10.68 41.25 -10.04
C SER F 240 10.47 40.30 -11.21
N CYS F 241 9.26 40.30 -11.75
CA CYS F 241 8.94 39.47 -12.91
C CYS F 241 8.13 40.22 -13.97
N THR F 242 7.55 41.37 -13.63
CA THR F 242 6.81 42.18 -14.58
C THR F 242 7.57 43.45 -14.87
N GLN F 243 7.61 43.83 -16.14
CA GLN F 243 8.28 45.06 -16.53
C GLN F 243 7.44 46.26 -16.12
N PRO F 244 8.08 47.39 -15.77
CA PRO F 244 7.31 48.55 -15.31
C PRO F 244 6.52 49.21 -16.43
N SER F 245 5.84 50.29 -16.12
CA SER F 245 5.01 51.01 -17.09
C SER F 245 5.50 52.45 -17.19
N VAL F 246 4.74 53.27 -17.92
CA VAL F 246 5.12 54.66 -18.11
C VAL F 246 5.19 55.37 -16.76
N MET F 247 6.27 56.11 -16.53
CA MET F 247 6.56 56.74 -15.25
C MET F 247 5.79 58.04 -15.05
N VAL F 248 4.87 58.35 -15.95
CA VAL F 248 4.15 59.63 -15.93
C VAL F 248 3.44 59.81 -14.60
N SER F 249 3.58 60.99 -14.01
CA SER F 249 2.84 61.40 -12.81
C SER F 249 3.05 62.89 -12.62
N ARG F 250 1.99 63.57 -12.19
CA ARG F 250 2.05 64.98 -11.81
C ARG F 250 2.27 65.13 -10.32
N ILE F 251 1.38 64.58 -9.50
CA ILE F 251 1.60 64.37 -8.08
C ILE F 251 1.29 62.91 -7.79
N THR F 252 2.25 62.20 -7.20
CA THR F 252 2.16 60.75 -7.05
C THR F 252 2.02 60.40 -5.57
N HIS F 253 1.85 59.10 -5.32
CA HIS F 253 1.71 58.60 -3.96
C HIS F 253 3.10 58.32 -3.39
N THR F 254 3.38 58.86 -2.21
CA THR F 254 4.67 58.70 -1.55
C THR F 254 4.44 58.39 -0.07
N ASN F 255 5.50 57.93 0.58
CA ASN F 255 5.48 57.71 2.02
C ASN F 255 5.62 59.04 2.74
N THR F 256 5.67 58.99 4.07
CA THR F 256 5.87 60.21 4.85
C THR F 256 7.25 60.81 4.59
N ARG F 257 8.26 59.95 4.41
CA ARG F 257 9.60 60.46 4.10
C ARG F 257 9.61 61.21 2.78
N GLY F 258 8.95 60.68 1.77
CA GLY F 258 8.90 61.33 0.47
C GLY F 258 9.20 60.39 -0.68
N ARG F 259 9.76 59.23 -0.37
CA ARG F 259 10.07 58.24 -1.40
C ARG F 259 8.77 57.74 -2.05
N GLN F 260 8.78 57.66 -3.37
CA GLN F 260 7.58 57.28 -4.11
C GLN F 260 7.30 55.79 -3.95
N VAL F 261 6.05 55.47 -3.63
CA VAL F 261 5.57 54.09 -3.62
C VAL F 261 5.55 53.60 -5.06
N ASP F 262 5.65 52.29 -5.26
CA ASP F 262 5.83 51.76 -6.60
C ASP F 262 4.87 50.64 -6.98
N GLY F 263 3.88 50.33 -6.15
CA GLY F 263 2.92 49.32 -6.55
C GLY F 263 1.94 49.01 -5.44
N VAL F 264 0.99 48.13 -5.76
CA VAL F 264 -0.03 47.70 -4.82
C VAL F 264 -0.23 46.19 -4.95
N LEU F 265 -0.35 45.53 -3.81
CA LEU F 265 -0.58 44.09 -3.75
C LEU F 265 -1.92 43.85 -3.08
N VAL F 266 -2.71 42.92 -3.63
CA VAL F 266 -4.07 42.68 -3.16
C VAL F 266 -4.21 41.22 -2.73
N THR F 267 -4.80 41.03 -1.54
CA THR F 267 -5.05 39.71 -0.97
C THR F 267 -6.21 39.87 0.02
N THR F 268 -6.39 38.90 0.91
CA THR F 268 -7.33 38.98 2.01
C THR F 268 -6.55 39.12 3.32
N ALA F 269 -7.23 39.61 4.35
CA ALA F 269 -6.55 39.98 5.60
C ALA F 269 -5.83 38.80 6.24
N THR F 270 -6.24 37.57 5.94
CA THR F 270 -5.56 36.41 6.50
C THR F 270 -4.08 36.40 6.11
N LEU F 271 -3.80 36.51 4.81
CA LEU F 271 -2.42 36.56 4.38
C LEU F 271 -1.75 37.89 4.71
N LYS F 272 -2.51 38.99 4.83
CA LYS F 272 -1.93 40.20 5.40
C LYS F 272 -1.30 39.91 6.76
N ARG F 273 -2.07 39.29 7.66
CA ARG F 273 -1.56 39.01 8.99
C ARG F 273 -0.41 38.01 8.95
N GLN F 274 -0.55 36.96 8.12
CA GLN F 274 0.48 35.92 8.09
C GLN F 274 1.79 36.46 7.54
N LEU F 275 1.73 37.38 6.58
CA LEU F 275 2.96 38.00 6.09
C LEU F 275 3.50 39.03 7.07
N LEU F 276 2.61 39.81 7.70
CA LEU F 276 3.05 40.94 8.51
C LEU F 276 3.61 40.49 9.85
N GLN F 277 3.22 39.30 10.34
CA GLN F 277 3.64 38.90 11.68
C GLN F 277 5.15 38.76 11.77
N GLY F 278 5.75 37.99 10.87
CA GLY F 278 7.19 37.76 10.95
C GLY F 278 7.94 37.69 9.65
N ILE F 279 7.26 37.88 8.51
CA ILE F 279 7.89 37.63 7.23
C ILE F 279 8.33 38.93 6.59
N LEU F 280 7.46 39.93 6.58
CA LEU F 280 7.76 41.22 5.97
C LEU F 280 7.85 42.31 7.04
N GLN F 281 8.44 43.44 6.64
CA GLN F 281 8.79 44.50 7.57
C GLN F 281 7.92 45.73 7.34
N ILE F 282 7.51 46.36 8.44
CA ILE F 282 6.73 47.59 8.39
C ILE F 282 7.61 48.71 7.84
N ASP F 283 7.07 49.45 6.87
CA ASP F 283 7.72 50.69 6.44
C ASP F 283 7.16 51.90 7.17
N ASP F 284 5.84 51.99 7.29
CA ASP F 284 5.17 53.07 8.01
C ASP F 284 3.69 52.71 8.09
N THR F 285 2.91 53.58 8.73
CA THR F 285 1.47 53.38 8.88
C THR F 285 0.64 54.22 7.93
N ALA F 286 1.14 55.39 7.51
CA ALA F 286 0.41 56.28 6.63
C ALA F 286 1.25 56.59 5.39
N ALA F 287 0.65 57.31 4.45
CA ALA F 287 1.30 57.66 3.20
C ALA F 287 0.70 58.94 2.65
N ASP F 288 1.42 59.55 1.71
CA ASP F 288 0.97 60.78 1.05
C ASP F 288 0.22 60.42 -0.23
N VAL F 289 -1.03 60.88 -0.32
CA VAL F 289 -1.90 60.51 -1.44
C VAL F 289 -2.49 61.78 -2.05
N PRO F 290 -2.53 61.90 -3.38
CA PRO F 290 -3.18 63.06 -4.00
C PRO F 290 -4.69 63.03 -3.80
N VAL F 291 -5.31 64.19 -4.02
CA VAL F 291 -6.73 64.37 -3.79
C VAL F 291 -7.53 64.52 -5.09
N THR F 292 -6.90 64.32 -6.24
CA THR F 292 -7.62 64.41 -7.51
C THR F 292 -7.30 63.23 -8.41
N ALA F 354 -2.36 64.39 0.35
CA ALA F 354 -3.07 64.19 1.61
C ALA F 354 -2.45 63.07 2.43
N ARG F 355 -2.61 63.13 3.74
CA ARG F 355 -2.04 62.14 4.65
C ARG F 355 -3.15 61.19 5.09
N VAL F 356 -3.04 59.93 4.70
CA VAL F 356 -4.06 58.92 4.96
C VAL F 356 -3.36 57.70 5.55
N PRO F 357 -3.87 57.13 6.64
CA PRO F 357 -3.28 55.89 7.17
C PRO F 357 -3.43 54.75 6.17
N ALA F 358 -2.29 54.16 5.77
CA ALA F 358 -2.28 53.06 4.84
C ALA F 358 -0.96 52.33 4.97
N ASP F 359 -1.04 51.02 5.24
CA ASP F 359 0.17 50.23 5.41
C ASP F 359 0.96 50.13 4.10
N LEU F 360 2.25 49.88 4.23
CA LEU F 360 3.14 49.78 3.08
C LEU F 360 4.37 48.98 3.50
N VAL F 361 4.86 48.15 2.59
CA VAL F 361 5.87 47.15 2.90
C VAL F 361 6.92 47.12 1.79
N ILE F 362 8.18 46.95 2.20
CA ILE F 362 9.31 46.82 1.29
C ILE F 362 9.53 45.34 0.99
N VAL F 363 9.71 45.01 -0.29
CA VAL F 363 10.06 43.67 -0.73
C VAL F 363 10.97 43.81 -1.94
N GLY F 364 11.94 42.90 -2.06
CA GLY F 364 12.92 43.00 -3.13
C GLY F 364 13.77 44.24 -3.01
N ASP F 365 13.54 45.21 -3.91
CA ASP F 365 14.23 46.48 -3.86
C ASP F 365 13.29 47.65 -4.09
N LYS F 366 11.98 47.40 -4.15
CA LYS F 366 11.00 48.42 -4.45
C LYS F 366 9.84 48.33 -3.46
N LEU F 367 9.29 49.49 -3.13
CA LEU F 367 8.24 49.62 -2.13
C LEU F 367 6.89 49.34 -2.76
N VAL F 368 6.07 48.52 -2.10
CA VAL F 368 4.76 48.13 -2.61
C VAL F 368 3.74 48.19 -1.47
N PHE F 369 2.55 48.66 -1.80
CA PHE F 369 1.43 48.60 -0.87
C PHE F 369 1.06 47.15 -0.58
N LEU F 370 0.66 46.89 0.66
CA LEU F 370 0.14 45.59 1.07
C LEU F 370 -1.34 45.80 1.39
N GLU F 371 -2.19 45.65 0.37
CA GLU F 371 -3.62 45.82 0.53
C GLU F 371 -4.29 44.46 0.62
N ALA F 372 -5.13 44.29 1.63
CA ALA F 372 -5.95 43.10 1.81
C ALA F 372 -7.41 43.52 1.99
N LEU F 373 -7.90 44.31 1.05
CA LEU F 373 -9.11 45.08 1.25
C LEU F 373 -10.31 44.16 1.43
N GLU F 374 -10.68 43.94 2.68
CA GLU F 374 -11.73 43.01 3.06
C GLU F 374 -12.62 43.65 4.11
N ARG F 375 -12.13 44.71 4.76
CA ARG F 375 -12.84 45.33 5.88
C ARG F 375 -13.53 46.63 5.49
N ARG F 376 -12.88 47.48 4.70
CA ARG F 376 -13.53 48.71 4.27
C ARG F 376 -14.64 48.43 3.25
N VAL F 377 -14.70 47.20 2.73
CA VAL F 377 -15.69 46.82 1.73
C VAL F 377 -15.97 45.33 1.89
N TYR F 378 -17.12 44.90 1.35
CA TYR F 378 -17.60 43.52 1.35
C TYR F 378 -18.15 43.06 2.70
N GLN F 379 -18.63 43.99 3.53
CA GLN F 379 -19.37 43.65 4.74
C GLN F 379 -20.79 44.17 4.62
N ALA F 380 -21.75 43.37 5.07
CA ALA F 380 -23.17 43.72 5.05
C ALA F 380 -23.65 44.05 3.64
N THR F 381 -22.97 43.48 2.64
CA THR F 381 -23.38 43.60 1.25
C THR F 381 -23.41 42.21 0.64
N ARG F 382 -24.30 42.00 -0.32
CA ARG F 382 -24.61 40.68 -0.82
C ARG F 382 -23.83 40.34 -2.09
N VAL F 383 -22.60 40.84 -2.21
CA VAL F 383 -21.69 40.46 -3.28
C VAL F 383 -20.55 39.65 -2.66
N ALA F 384 -20.26 38.50 -3.27
CA ALA F 384 -19.23 37.62 -2.73
C ALA F 384 -17.84 38.19 -2.99
N TYR F 385 -16.93 37.94 -2.07
CA TYR F 385 -15.55 38.41 -2.24
C TYR F 385 -14.86 37.63 -3.35
N PRO F 386 -14.16 38.30 -4.25
CA PRO F 386 -13.31 37.57 -5.21
C PRO F 386 -12.06 37.05 -4.53
N LEU F 387 -11.14 36.49 -5.31
CA LEU F 387 -9.92 35.84 -4.83
C LEU F 387 -10.22 34.58 -4.03
N ILE F 388 -11.45 34.09 -4.09
CA ILE F 388 -11.86 32.87 -3.39
C ILE F 388 -12.25 31.86 -4.47
N GLY F 389 -11.55 31.90 -5.60
CA GLY F 389 -11.91 31.18 -6.81
C GLY F 389 -12.35 29.74 -6.65
N ASN F 390 -11.43 28.89 -6.14
CA ASN F 390 -11.53 27.45 -5.89
C ASN F 390 -10.55 26.75 -6.83
N ILE F 391 -10.58 25.41 -6.90
CA ILE F 391 -9.72 24.67 -7.81
C ILE F 391 -10.24 23.23 -7.91
N ASP F 392 -9.88 22.54 -8.99
CA ASP F 392 -10.34 21.17 -9.25
C ASP F 392 -9.12 20.39 -9.73
N ILE F 393 -8.52 19.62 -8.81
CA ILE F 393 -7.32 18.84 -9.10
C ILE F 393 -7.70 17.37 -9.23
N THR F 394 -7.00 16.67 -10.11
CA THR F 394 -7.21 15.24 -10.33
C THR F 394 -6.14 14.46 -9.59
N PHE F 395 -6.57 13.53 -8.74
CA PHE F 395 -5.69 12.74 -7.90
C PHE F 395 -5.64 11.31 -8.43
N ILE F 396 -4.44 10.74 -8.49
CA ILE F 396 -4.25 9.40 -9.05
C ILE F 396 -3.72 8.45 -7.98
N MET F 397 -4.41 7.31 -7.85
CA MET F 397 -4.22 6.20 -6.91
C MET F 397 -4.17 4.85 -7.60
N PRO F 398 -3.01 4.22 -7.74
CA PRO F 398 -2.98 2.82 -8.17
C PRO F 398 -3.59 1.92 -7.11
N MET F 399 -4.16 0.80 -7.56
CA MET F 399 -4.91 -0.08 -6.68
C MET F 399 -4.19 -1.39 -6.43
N GLY F 400 -3.84 -2.14 -7.49
CA GLY F 400 -3.27 -3.45 -7.31
C GLY F 400 -2.01 -3.72 -8.10
N VAL F 401 -1.15 -2.73 -8.24
CA VAL F 401 0.07 -2.91 -9.02
C VAL F 401 1.06 -3.79 -8.25
N PHE F 402 1.63 -4.76 -8.97
CA PHE F 402 2.52 -5.76 -8.40
C PHE F 402 3.80 -5.80 -9.22
N GLN F 403 4.90 -6.19 -8.59
CA GLN F 403 6.18 -6.24 -9.29
C GLN F 403 6.50 -7.69 -9.68
N ALA F 404 6.75 -7.90 -10.97
CA ALA F 404 7.02 -9.25 -11.46
C ALA F 404 8.45 -9.68 -11.15
N ASN F 405 9.38 -8.73 -11.14
CA ASN F 405 10.79 -9.06 -10.98
C ASN F 405 11.06 -9.69 -9.61
N SER F 406 11.84 -10.77 -9.62
CA SER F 406 12.27 -11.38 -8.36
C SER F 406 13.24 -10.48 -7.62
N MET F 407 14.06 -9.74 -8.33
CA MET F 407 14.98 -8.80 -7.71
C MET F 407 14.25 -7.65 -7.00
N ASP F 408 13.04 -7.33 -7.43
CA ASP F 408 12.31 -6.21 -6.85
C ASP F 408 11.54 -6.59 -5.59
N ARG F 409 11.52 -7.87 -5.23
CA ARG F 409 10.84 -8.31 -4.00
C ARG F 409 11.78 -8.13 -2.81
N TYR F 410 12.34 -6.93 -2.70
CA TYR F 410 13.35 -6.59 -1.71
C TYR F 410 12.76 -5.64 -0.69
N THR F 411 13.34 -5.66 0.52
CA THR F 411 12.86 -4.89 1.64
C THR F 411 13.96 -4.01 2.21
N ARG F 412 13.60 -3.17 3.19
CA ARG F 412 14.61 -2.42 3.92
C ARG F 412 15.41 -3.33 4.85
N HIS F 413 14.73 -4.17 5.62
CA HIS F 413 15.37 -5.18 6.46
C HIS F 413 14.61 -6.49 6.31
N ALA F 414 15.36 -7.58 6.13
CA ALA F 414 14.75 -8.87 5.84
C ALA F 414 13.75 -9.25 6.92
N GLY F 415 14.10 -9.03 8.18
CA GLY F 415 13.17 -9.27 9.26
C GLY F 415 12.39 -8.03 9.67
N ASP F 416 11.78 -7.34 8.71
CA ASP F 416 10.94 -6.21 9.05
C ASP F 416 9.64 -6.64 9.70
N PHE F 417 8.82 -7.41 8.98
CA PHE F 417 7.46 -7.77 9.41
C PHE F 417 7.33 -9.28 9.36
N SER F 418 7.62 -9.94 10.48
CA SER F 418 7.47 -11.38 10.61
C SER F 418 6.37 -11.71 11.62
N THR F 419 5.83 -12.92 11.48
CA THR F 419 4.76 -13.36 12.37
C THR F 419 5.09 -14.72 12.97
N VAL F 420 4.15 -15.29 13.71
CA VAL F 420 4.29 -16.65 14.23
C VAL F 420 3.86 -17.69 13.20
N SER F 421 3.22 -17.28 12.10
CA SER F 421 2.89 -18.19 11.03
C SER F 421 4.15 -18.60 10.27
N GLU F 422 4.16 -19.85 9.78
CA GLU F 422 5.32 -20.35 9.05
C GLU F 422 5.54 -19.57 7.77
N GLN F 423 4.48 -19.27 7.03
CA GLN F 423 4.56 -18.50 5.81
C GLN F 423 4.35 -17.03 6.10
N ASP F 424 5.16 -16.18 5.48
CA ASP F 424 5.04 -14.74 5.68
C ASP F 424 3.68 -14.26 5.18
N PRO F 425 2.90 -13.55 5.99
CA PRO F 425 1.67 -12.93 5.48
C PRO F 425 1.98 -11.66 4.69
N ARG F 426 3.00 -11.76 3.84
CA ARG F 426 3.52 -10.64 3.07
C ARG F 426 3.75 -11.00 1.60
N GLN F 427 3.89 -12.27 1.27
CA GLN F 427 4.08 -12.69 -0.11
C GLN F 427 2.88 -12.34 -0.98
N PHE F 428 1.72 -12.14 -0.35
CA PHE F 428 0.48 -11.98 -1.08
C PHE F 428 0.48 -10.69 -1.90
N PRO F 429 -0.13 -10.72 -3.09
CA PRO F 429 -0.15 -9.52 -3.93
C PRO F 429 -1.02 -8.44 -3.31
N PRO F 430 -0.79 -7.17 -3.66
CA PRO F 430 -1.59 -6.09 -3.08
C PRO F 430 -3.02 -6.12 -3.59
N GLN F 431 -3.95 -5.84 -2.67
CA GLN F 431 -5.37 -5.76 -3.00
C GLN F 431 -6.08 -4.57 -2.37
N GLY F 432 -5.37 -3.70 -1.63
CA GLY F 432 -5.98 -2.54 -1.02
C GLY F 432 -5.01 -1.36 -1.02
N ILE F 433 -5.59 -0.18 -0.89
CA ILE F 433 -4.82 1.06 -0.85
C ILE F 433 -5.22 1.85 0.39
N PHE F 434 -4.22 2.39 1.08
CA PHE F 434 -4.41 3.16 2.30
C PHE F 434 -3.96 4.60 2.06
N PHE F 435 -4.76 5.55 2.52
CA PHE F 435 -4.35 6.94 2.50
C PHE F 435 -5.02 7.65 3.67
N TYR F 436 -4.80 8.96 3.77
CA TYR F 436 -5.27 9.77 4.89
C TYR F 436 -6.49 10.57 4.47
N ASN F 437 -7.45 10.68 5.38
CA ASN F 437 -8.58 11.59 5.18
C ASN F 437 -8.10 13.02 5.36
N LYS F 438 -9.00 13.98 5.11
CA LYS F 438 -8.60 15.38 5.19
C LYS F 438 -8.35 15.82 6.63
N ASP F 439 -8.74 15.00 7.60
CA ASP F 439 -8.44 15.27 9.01
C ASP F 439 -7.37 14.36 9.57
N GLY F 440 -6.84 13.43 8.78
CA GLY F 440 -5.80 12.53 9.22
C GLY F 440 -6.24 11.15 9.64
N ILE F 441 -7.51 10.79 9.40
CA ILE F 441 -8.01 9.47 9.78
C ILE F 441 -7.71 8.48 8.66
N LEU F 442 -7.34 7.25 9.05
CA LEU F 442 -7.07 6.19 8.11
C LEU F 442 -8.29 5.93 7.21
N THR F 443 -8.04 5.75 5.92
CA THR F 443 -9.06 5.41 4.95
C THR F 443 -8.59 4.23 4.12
N GLN F 444 -9.52 3.35 3.76
CA GLN F 444 -9.20 2.10 3.09
C GLN F 444 -10.13 1.87 1.90
N LEU F 445 -9.54 1.44 0.78
CA LEU F 445 -10.29 0.99 -0.39
C LEU F 445 -10.01 -0.48 -0.58
N THR F 446 -11.07 -1.27 -0.78
CA THR F 446 -10.97 -2.71 -0.93
C THR F 446 -11.41 -3.06 -2.35
N LEU F 447 -10.93 -4.21 -2.84
CA LEU F 447 -11.23 -4.64 -4.20
C LEU F 447 -12.73 -4.77 -4.45
N ARG F 448 -13.53 -4.94 -3.40
CA ARG F 448 -14.98 -4.96 -3.56
C ARG F 448 -15.51 -3.64 -4.13
N ASP F 449 -14.78 -2.55 -3.92
CA ASP F 449 -15.21 -1.23 -4.39
C ASP F 449 -15.14 -1.09 -5.90
N ALA F 450 -14.47 -2.01 -6.61
CA ALA F 450 -14.36 -1.92 -8.05
C ALA F 450 -15.66 -2.22 -8.77
N MET F 451 -16.63 -2.81 -8.07
CA MET F 451 -17.91 -3.18 -8.68
C MET F 451 -18.69 -1.97 -9.17
N GLY F 452 -18.40 -0.77 -8.65
CA GLY F 452 -19.06 0.42 -9.14
C GLY F 452 -18.68 0.80 -10.55
N THR F 453 -17.55 0.32 -11.05
CA THR F 453 -17.09 0.64 -12.39
C THR F 453 -16.96 -0.58 -13.30
N ILE F 454 -16.31 -1.64 -12.85
CA ILE F 454 -16.04 -2.76 -13.74
C ILE F 454 -17.20 -3.74 -13.81
N CYS F 455 -18.09 -3.76 -12.83
CA CYS F 455 -19.10 -4.80 -12.71
C CYS F 455 -20.42 -4.41 -13.39
N HIS F 456 -20.35 -3.63 -14.46
CA HIS F 456 -21.53 -3.23 -15.23
C HIS F 456 -21.65 -4.06 -16.50
N SER F 457 -22.77 -3.86 -17.20
CA SER F 457 -23.00 -4.53 -18.48
C SER F 457 -22.24 -3.87 -19.62
N SER F 458 -21.60 -2.72 -19.37
CA SER F 458 -20.89 -2.01 -20.42
C SER F 458 -19.62 -2.74 -20.85
N LEU F 459 -19.25 -3.82 -20.19
CA LEU F 459 -18.05 -4.57 -20.53
C LEU F 459 -18.10 -5.19 -21.92
N LEU F 460 -19.29 -5.39 -22.49
CA LEU F 460 -19.42 -6.12 -23.74
C LEU F 460 -19.97 -5.23 -24.86
N ASP F 461 -19.49 -4.00 -24.93
CA ASP F 461 -19.91 -3.09 -26.00
C ASP F 461 -18.81 -2.96 -27.05
N VAL F 462 -18.12 -4.08 -27.32
CA VAL F 462 -16.99 -4.06 -28.24
C VAL F 462 -17.40 -3.92 -29.69
N GLU F 463 -18.70 -3.85 -29.98
CA GLU F 463 -19.15 -3.75 -31.36
C GLU F 463 -18.58 -2.50 -32.03
N ALA F 464 -18.56 -1.38 -31.30
CA ALA F 464 -18.00 -0.15 -31.85
C ALA F 464 -16.53 -0.30 -32.20
N THR F 465 -15.75 -0.92 -31.32
CA THR F 465 -14.31 -1.09 -31.60
C THR F 465 -14.08 -2.05 -32.76
N LEU F 466 -14.86 -3.13 -32.85
CA LEU F 466 -14.75 -4.02 -34.00
C LEU F 466 -15.06 -3.29 -35.30
N VAL F 467 -16.14 -2.49 -35.31
CA VAL F 467 -16.48 -1.74 -36.52
C VAL F 467 -15.37 -0.75 -36.86
N ALA F 468 -14.83 -0.05 -35.86
CA ALA F 468 -13.80 0.96 -36.12
C ALA F 468 -12.51 0.33 -36.61
N LEU F 469 -12.07 -0.76 -35.98
CA LEU F 469 -10.82 -1.41 -36.35
C LEU F 469 -10.96 -2.22 -37.64
N ARG F 470 -12.19 -2.56 -38.03
CA ARG F 470 -12.42 -3.24 -39.30
C ARG F 470 -11.97 -2.41 -40.50
N GLN F 471 -11.83 -1.10 -40.35
CA GLN F 471 -11.53 -0.20 -41.46
C GLN F 471 -10.07 0.24 -41.48
N GLN F 472 -9.15 -0.62 -41.05
CA GLN F 472 -7.71 -0.33 -41.09
C GLN F 472 -7.05 -1.23 -42.14
N HIS F 473 -5.72 -1.16 -42.20
CA HIS F 473 -4.96 -1.95 -43.14
C HIS F 473 -4.75 -3.36 -42.57
N LEU F 474 -5.51 -4.32 -43.09
CA LEU F 474 -5.42 -5.71 -42.67
C LEU F 474 -4.88 -6.56 -43.82
N ASP F 475 -3.69 -7.12 -43.63
CA ASP F 475 -3.06 -7.98 -44.63
C ASP F 475 -3.37 -9.44 -44.34
N ARG F 476 -3.09 -10.28 -45.33
CA ARG F 476 -3.32 -11.72 -45.19
C ARG F 476 -2.28 -12.30 -44.25
N GLN F 477 -2.74 -12.97 -43.20
CA GLN F 477 -1.88 -13.59 -42.21
C GLN F 477 -2.26 -15.05 -42.02
N CYS F 478 -1.65 -15.67 -41.00
CA CYS F 478 -1.84 -17.09 -40.77
C CYS F 478 -3.28 -17.40 -40.38
N TYR F 479 -3.80 -18.49 -40.93
CA TYR F 479 -5.17 -18.94 -40.67
C TYR F 479 -5.20 -20.21 -39.84
N PHE F 480 -4.13 -20.49 -39.07
CA PHE F 480 -4.08 -21.72 -38.29
C PHE F 480 -4.81 -21.57 -36.96
N GLY F 481 -4.54 -20.49 -36.23
CA GLY F 481 -5.11 -20.27 -34.92
C GLY F 481 -6.42 -19.53 -34.89
N VAL F 482 -7.00 -19.20 -36.05
CA VAL F 482 -8.22 -18.40 -36.10
C VAL F 482 -9.28 -19.10 -36.93
N TYR F 483 -9.09 -20.40 -37.19
CA TYR F 483 -9.98 -21.16 -38.04
C TYR F 483 -10.43 -22.43 -37.34
N VAL F 484 -11.70 -22.79 -37.56
CA VAL F 484 -12.29 -24.01 -37.03
C VAL F 484 -12.92 -24.77 -38.19
N ALA F 485 -12.68 -26.08 -38.24
CA ALA F 485 -13.19 -26.93 -39.29
C ALA F 485 -14.19 -27.95 -38.72
N GLU F 486 -14.64 -28.88 -39.55
CA GLU F 486 -15.48 -29.98 -39.14
C GLU F 486 -14.80 -31.30 -39.45
N GLY F 487 -15.16 -32.33 -38.71
CA GLY F 487 -14.63 -33.66 -38.98
C GLY F 487 -15.04 -34.14 -40.37
N THR F 488 -14.13 -34.88 -41.01
CA THR F 488 -14.35 -35.35 -42.38
C THR F 488 -14.91 -36.77 -42.42
N GLU F 489 -15.50 -37.23 -41.33
CA GLU F 489 -16.17 -38.54 -41.27
C GLU F 489 -15.20 -39.66 -41.64
N ASP F 490 -14.17 -39.82 -40.82
CA ASP F 490 -13.13 -40.82 -41.10
C ASP F 490 -12.61 -41.39 -39.78
N THR F 491 -11.75 -42.40 -39.84
CA THR F 491 -11.19 -43.04 -38.67
C THR F 491 -9.97 -42.30 -38.12
N LEU F 492 -9.83 -41.01 -38.45
CA LEU F 492 -8.89 -40.06 -37.86
C LEU F 492 -7.43 -40.31 -38.22
N ASP F 493 -7.13 -41.12 -39.24
CA ASP F 493 -5.75 -41.38 -39.63
C ASP F 493 -5.31 -40.54 -40.82
N VAL F 494 -5.99 -40.71 -41.96
CA VAL F 494 -5.70 -39.88 -43.12
C VAL F 494 -6.05 -38.43 -42.82
N GLN F 495 -6.95 -38.20 -41.88
CA GLN F 495 -7.20 -36.86 -41.37
C GLN F 495 -5.91 -36.23 -40.86
N MET F 496 -5.21 -36.95 -39.97
CA MET F 496 -3.93 -36.45 -39.47
C MET F 496 -2.93 -36.33 -40.61
N GLY F 497 -2.97 -37.27 -41.56
CA GLY F 497 -2.12 -37.22 -42.72
C GLY F 497 -2.20 -35.89 -43.48
N ARG F 498 -3.39 -35.56 -44.00
CA ARG F 498 -3.48 -34.32 -44.76
C ARG F 498 -3.38 -33.10 -43.85
N PHE F 499 -3.70 -33.24 -42.56
CA PHE F 499 -3.37 -32.17 -41.63
C PHE F 499 -1.89 -31.85 -41.60
N MET F 500 -1.03 -32.86 -41.46
CA MET F 500 0.39 -32.59 -41.44
C MET F 500 0.86 -32.06 -42.79
N GLU F 501 0.33 -32.62 -43.88
CA GLU F 501 0.76 -32.18 -45.21
C GLU F 501 0.41 -30.71 -45.45
N THR F 502 -0.78 -30.28 -45.03
CA THR F 502 -1.14 -28.87 -45.15
C THR F 502 -0.38 -28.01 -44.15
N TRP F 503 -0.24 -28.49 -42.91
CA TRP F 503 0.35 -27.73 -41.83
C TRP F 503 1.81 -27.39 -42.07
N ALA F 504 2.59 -28.33 -42.63
CA ALA F 504 4.02 -28.12 -42.76
C ALA F 504 4.36 -26.92 -43.63
N ASP F 505 3.43 -26.44 -44.45
CA ASP F 505 3.73 -25.35 -45.38
C ASP F 505 2.68 -24.25 -45.40
N MET F 506 1.67 -24.30 -44.53
CA MET F 506 0.66 -23.23 -44.53
C MET F 506 1.07 -22.06 -43.66
N MET F 507 2.26 -22.11 -43.04
CA MET F 507 2.77 -21.00 -42.24
C MET F 507 3.26 -19.90 -43.16
N PRO F 508 2.69 -18.68 -43.07
CA PRO F 508 3.30 -17.53 -43.78
C PRO F 508 4.37 -16.84 -42.97
N HIS F 509 4.33 -16.93 -41.65
CA HIS F 509 5.31 -16.34 -40.75
C HIS F 509 5.08 -16.93 -39.36
N HIS F 510 5.86 -16.46 -38.38
CA HIS F 510 5.68 -16.94 -37.02
C HIS F 510 4.37 -16.43 -36.46
N PRO F 511 3.57 -17.27 -35.80
CA PRO F 511 2.26 -16.83 -35.30
C PRO F 511 2.40 -15.71 -34.27
N HIS F 512 1.42 -14.82 -34.26
CA HIS F 512 1.43 -13.70 -33.33
C HIS F 512 1.01 -14.11 -31.93
N TRP F 513 0.43 -15.29 -31.76
CA TRP F 513 -0.07 -15.75 -30.47
C TRP F 513 0.83 -16.79 -29.81
N VAL F 514 2.03 -17.00 -30.36
CA VAL F 514 2.98 -17.96 -29.82
C VAL F 514 4.10 -17.27 -29.05
N ASN F 515 4.56 -16.12 -29.53
CA ASN F 515 5.73 -15.44 -28.97
C ASN F 515 5.36 -14.86 -27.60
N GLU F 516 5.17 -15.76 -26.64
CA GLU F 516 4.91 -15.40 -25.26
C GLU F 516 6.17 -15.09 -24.48
N HIS F 517 7.35 -15.31 -25.07
CA HIS F 517 8.62 -15.13 -24.38
C HIS F 517 8.98 -13.66 -24.18
N LEU F 518 8.30 -12.74 -24.86
CA LEU F 518 8.56 -11.33 -24.64
C LEU F 518 8.15 -10.93 -23.22
N THR F 519 8.92 -10.01 -22.64
CA THR F 519 8.58 -9.47 -21.33
C THR F 519 7.55 -8.35 -21.52
N ILE F 520 7.27 -7.61 -20.45
CA ILE F 520 6.38 -6.46 -20.56
C ILE F 520 6.98 -5.42 -21.51
N LEU F 521 8.26 -5.12 -21.33
CA LEU F 521 8.92 -4.12 -22.15
C LEU F 521 9.03 -4.58 -23.60
N GLN F 522 9.41 -5.84 -23.83
CA GLN F 522 9.54 -6.34 -25.19
C GLN F 522 8.19 -6.40 -25.89
N PHE F 523 7.15 -6.86 -25.19
CA PHE F 523 5.81 -6.87 -25.78
C PHE F 523 5.30 -5.46 -26.03
N ILE F 524 5.72 -4.50 -25.21
CA ILE F 524 5.17 -3.15 -25.31
C ILE F 524 5.98 -2.30 -26.28
N ALA F 525 7.03 -2.86 -26.87
CA ALA F 525 7.83 -2.10 -27.83
C ALA F 525 6.94 -1.62 -28.97
N PRO F 526 7.12 -0.38 -29.44
CA PRO F 526 6.24 0.14 -30.50
C PRO F 526 6.30 -0.65 -31.79
N SER F 527 7.39 -1.36 -32.06
CA SER F 527 7.48 -2.18 -33.25
C SER F 527 6.67 -3.46 -33.16
N ASN F 528 6.14 -3.79 -31.99
CA ASN F 528 5.36 -5.01 -31.82
C ASN F 528 4.05 -4.91 -32.61
N PRO F 529 3.79 -5.82 -33.54
CA PRO F 529 2.48 -5.79 -34.24
C PRO F 529 1.31 -6.16 -33.35
N ARG F 530 1.51 -6.98 -32.33
CA ARG F 530 0.45 -7.36 -31.42
C ARG F 530 0.13 -6.29 -30.40
N LEU F 531 0.89 -5.20 -30.38
CA LEU F 531 0.61 -4.09 -29.47
C LEU F 531 -0.77 -3.49 -29.73
N ARG F 532 -1.15 -3.37 -31.00
CA ARG F 532 -2.44 -2.77 -31.35
C ARG F 532 -3.61 -3.73 -31.26
N PHE F 533 -3.36 -5.03 -31.15
CA PHE F 533 -4.43 -6.03 -31.13
C PHE F 533 -4.84 -6.43 -29.71
N GLU F 534 -4.67 -5.53 -28.74
CA GLU F 534 -5.12 -5.77 -27.37
C GLU F 534 -5.97 -4.57 -26.95
N LEU F 535 -7.29 -4.75 -26.93
CA LEU F 535 -8.22 -3.67 -26.66
C LEU F 535 -8.90 -3.83 -25.31
N ASN F 536 -9.57 -4.97 -25.09
CA ASN F 536 -10.27 -5.19 -23.83
C ASN F 536 -9.64 -6.35 -23.07
N PRO F 537 -9.51 -6.22 -21.74
CA PRO F 537 -8.93 -7.32 -20.96
C PRO F 537 -9.73 -8.62 -21.05
N ALA F 538 -11.03 -8.55 -21.33
CA ALA F 538 -11.88 -9.73 -21.41
C ALA F 538 -12.04 -10.24 -22.83
N PHE F 539 -11.37 -9.63 -23.81
CA PHE F 539 -11.58 -9.95 -25.21
C PHE F 539 -10.26 -10.24 -25.90
N ASP F 540 -10.27 -11.26 -26.76
CA ASP F 540 -9.12 -11.61 -27.59
C ASP F 540 -9.42 -11.22 -29.03
N PHE F 541 -8.63 -10.29 -29.56
CA PHE F 541 -8.81 -9.77 -30.91
C PHE F 541 -7.81 -10.43 -31.85
N PHE F 542 -8.33 -11.02 -32.93
CA PHE F 542 -7.50 -11.74 -33.88
C PHE F 542 -8.04 -11.46 -35.28
N VAL F 543 -7.21 -11.76 -36.29
CA VAL F 543 -7.55 -11.54 -37.68
C VAL F 543 -8.25 -12.78 -38.22
N ALA F 544 -9.40 -12.59 -38.84
CA ALA F 544 -10.22 -13.68 -39.37
C ALA F 544 -10.61 -13.37 -40.80
N PRO F 545 -10.83 -14.40 -41.61
CA PRO F 545 -11.24 -14.16 -43.00
C PRO F 545 -12.62 -13.52 -43.09
N GLY F 546 -12.93 -13.01 -44.28
CA GLY F 546 -14.20 -12.34 -44.51
C GLY F 546 -15.26 -13.28 -45.03
N ASP F 547 -16.47 -13.16 -44.49
CA ASP F 547 -17.62 -13.98 -44.88
C ASP F 547 -17.32 -15.47 -44.76
N VAL F 548 -16.86 -15.88 -43.58
CA VAL F 548 -16.58 -17.28 -43.29
C VAL F 548 -17.37 -17.66 -42.03
N ASP F 549 -18.21 -18.68 -42.15
CA ASP F 549 -18.98 -19.16 -41.02
C ASP F 549 -18.17 -20.18 -40.23
N LEU F 550 -18.08 -19.96 -38.92
CA LEU F 550 -17.30 -20.84 -38.05
C LEU F 550 -18.21 -21.91 -37.45
N PRO F 551 -17.88 -23.20 -37.57
CA PRO F 551 -16.68 -23.72 -38.26
C PRO F 551 -16.86 -23.77 -39.77
N GLY F 552 -15.76 -23.62 -40.52
CA GLY F 552 -15.80 -23.67 -41.95
C GLY F 552 -15.32 -25.00 -42.49
N PRO F 553 -15.25 -25.12 -43.82
CA PRO F 553 -14.78 -26.36 -44.43
C PRO F 553 -13.31 -26.62 -44.10
N GLN F 554 -12.82 -27.77 -44.57
CA GLN F 554 -11.43 -28.15 -44.29
C GLN F 554 -10.46 -27.15 -44.90
N ARG F 555 -10.73 -26.71 -46.13
CA ARG F 555 -9.90 -25.70 -46.78
C ARG F 555 -10.51 -24.33 -46.53
N PRO F 556 -9.83 -23.43 -45.83
CA PRO F 556 -10.39 -22.10 -45.59
C PRO F 556 -10.52 -21.31 -46.88
N PRO F 557 -11.70 -20.76 -47.15
CA PRO F 557 -11.85 -19.89 -48.34
C PRO F 557 -11.01 -18.64 -48.21
N GLU F 558 -10.50 -18.17 -49.35
CA GLU F 558 -9.61 -17.02 -49.37
C GLU F 558 -10.37 -15.75 -49.71
N ALA F 559 -10.27 -14.75 -48.85
CA ALA F 559 -10.92 -13.47 -49.05
C ALA F 559 -10.22 -12.43 -48.20
N MET F 560 -10.77 -11.23 -48.18
CA MET F 560 -10.19 -10.14 -47.41
C MET F 560 -10.26 -10.45 -45.92
N PRO F 561 -9.15 -10.44 -45.20
CA PRO F 561 -9.19 -10.77 -43.76
C PRO F 561 -9.78 -9.62 -42.96
N THR F 562 -10.67 -9.96 -42.03
CA THR F 562 -11.31 -9.02 -41.13
C THR F 562 -10.81 -9.27 -39.70
N VAL F 563 -11.40 -8.54 -38.76
CA VAL F 563 -11.07 -8.66 -37.34
C VAL F 563 -12.23 -9.34 -36.63
N ASN F 564 -11.91 -10.34 -35.81
CA ASN F 564 -12.89 -11.03 -35.00
C ASN F 564 -12.39 -11.12 -33.56
N ALA F 565 -13.32 -11.02 -32.61
CA ALA F 565 -12.99 -10.99 -31.20
C ALA F 565 -13.78 -12.03 -30.44
N THR F 566 -13.13 -12.66 -29.47
CA THR F 566 -13.75 -13.65 -28.60
C THR F 566 -13.51 -13.26 -27.16
N LEU F 567 -14.41 -13.71 -26.29
CA LEU F 567 -14.35 -13.35 -24.88
C LEU F 567 -13.32 -14.22 -24.16
N ARG F 568 -12.60 -13.61 -23.23
CA ARG F 568 -11.58 -14.31 -22.44
C ARG F 568 -12.27 -15.00 -21.27
N ILE F 569 -12.52 -16.30 -21.43
CA ILE F 569 -13.13 -17.06 -20.34
C ILE F 569 -12.17 -17.20 -19.17
N ILE F 570 -10.94 -17.58 -19.45
CA ILE F 570 -9.92 -17.76 -18.42
C ILE F 570 -9.19 -16.44 -18.21
N ASN F 571 -9.07 -16.03 -16.94
CA ASN F 571 -8.30 -14.84 -16.62
C ASN F 571 -6.83 -14.97 -16.99
N GLY F 572 -6.32 -16.20 -17.07
CA GLY F 572 -4.97 -16.44 -17.53
C GLY F 572 -4.78 -16.44 -19.02
N ASN F 573 -5.86 -16.26 -19.79
CA ASN F 573 -5.74 -16.20 -21.25
C ASN F 573 -4.98 -14.98 -21.72
N ILE F 574 -4.79 -13.98 -20.85
CA ILE F 574 -3.93 -12.84 -21.17
C ILE F 574 -2.51 -13.36 -21.31
N PRO F 575 -1.68 -12.75 -22.17
CA PRO F 575 -0.31 -13.25 -22.36
C PRO F 575 0.48 -13.22 -21.06
N VAL F 576 1.38 -14.19 -20.91
CA VAL F 576 2.18 -14.33 -19.69
C VAL F 576 3.11 -13.14 -19.46
N PRO F 577 3.54 -12.37 -20.46
CA PRO F 577 4.13 -11.06 -20.13
C PRO F 577 3.19 -10.17 -19.35
N LEU F 578 1.90 -10.18 -19.69
CA LEU F 578 0.92 -9.38 -18.98
C LEU F 578 0.45 -10.04 -17.69
N CYS F 579 0.60 -11.36 -17.57
CA CYS F 579 0.27 -12.09 -16.35
C CYS F 579 1.51 -12.86 -15.93
N PRO F 580 2.32 -12.29 -15.04
CA PRO F 580 3.61 -12.89 -14.70
C PRO F 580 3.43 -14.25 -14.02
N ILE F 581 4.39 -15.14 -14.33
CA ILE F 581 4.40 -16.44 -13.69
C ILE F 581 4.71 -16.30 -12.20
N SER F 582 5.58 -15.35 -11.85
CA SER F 582 5.89 -15.10 -10.45
C SER F 582 4.66 -14.66 -9.67
N PHE F 583 3.86 -13.77 -10.26
CA PHE F 583 2.61 -13.35 -9.61
C PHE F 583 1.66 -14.52 -9.46
N ARG F 584 1.57 -15.38 -10.48
CA ARG F 584 0.70 -16.54 -10.39
C ARG F 584 1.14 -17.48 -9.28
N ASP F 585 2.45 -17.70 -9.15
CA ASP F 585 2.96 -18.53 -8.06
C ASP F 585 2.66 -17.89 -6.71
N CYS F 586 2.82 -16.58 -6.60
CA CYS F 586 2.53 -15.89 -5.34
C CYS F 586 1.07 -16.06 -4.94
N ARG F 587 0.14 -15.83 -5.87
CA ARG F 587 -1.27 -15.95 -5.51
C ARG F 587 -1.67 -17.40 -5.29
N GLY F 588 -1.03 -18.34 -6.00
CA GLY F 588 -1.28 -19.74 -5.75
C GLY F 588 -0.84 -20.17 -4.36
N THR F 589 0.32 -19.69 -3.92
CA THR F 589 0.74 -19.91 -2.53
C THR F 589 -0.26 -19.26 -1.58
N GLN F 590 -0.75 -18.07 -1.92
CA GLN F 590 -1.76 -17.41 -1.11
C GLN F 590 -3.04 -18.23 -1.00
N LEU F 591 -3.36 -19.02 -2.03
CA LEU F 591 -4.63 -19.74 -2.04
C LEU F 591 -4.65 -20.84 -0.99
N GLY F 592 -3.72 -21.80 -1.10
CA GLY F 592 -3.68 -22.92 -0.18
C GLY F 592 -2.71 -22.73 0.98
N LEU F 593 -2.95 -21.70 1.79
CA LEU F 593 -2.09 -21.45 2.94
C LEU F 593 -2.18 -22.59 3.95
N GLY F 594 -3.39 -23.02 4.27
CA GLY F 594 -3.61 -24.10 5.20
C GLY F 594 -4.16 -25.38 4.60
N ARG F 595 -4.30 -25.47 3.28
CA ARG F 595 -4.86 -26.64 2.66
C ARG F 595 -3.87 -27.81 2.71
N HIS F 596 -4.36 -28.99 2.36
CA HIS F 596 -3.54 -30.20 2.39
C HIS F 596 -2.45 -30.12 1.32
N THR F 597 -1.25 -30.59 1.68
CA THR F 597 -0.14 -30.66 0.74
C THR F 597 0.26 -32.11 0.49
N MET F 598 1.06 -32.36 -0.54
CA MET F 598 1.46 -33.71 -0.90
C MET F 598 2.72 -34.11 -0.14
N THR F 599 2.70 -35.31 0.42
CA THR F 599 3.85 -35.85 1.13
C THR F 599 5.03 -35.98 0.17
N PRO F 600 6.26 -35.78 0.66
CA PRO F 600 7.42 -35.97 -0.22
C PRO F 600 7.48 -37.35 -0.85
N ALA F 601 7.03 -38.40 -0.14
CA ALA F 601 7.04 -39.74 -0.71
C ALA F 601 6.14 -39.82 -1.94
N THR F 602 4.89 -39.38 -1.83
CA THR F 602 3.97 -39.49 -2.94
C THR F 602 4.39 -38.60 -4.11
N ILE F 603 4.87 -37.39 -3.83
CA ILE F 603 5.27 -36.51 -4.91
C ILE F 603 6.50 -37.05 -5.64
N LYS F 604 7.47 -37.59 -4.89
CA LYS F 604 8.64 -38.15 -5.54
C LYS F 604 8.28 -39.38 -6.37
N ALA F 605 7.37 -40.23 -5.85
CA ALA F 605 6.96 -41.40 -6.61
C ALA F 605 6.22 -41.01 -7.88
N VAL F 606 5.30 -40.04 -7.79
CA VAL F 606 4.54 -39.62 -8.96
C VAL F 606 5.45 -39.00 -9.99
N LYS F 607 6.38 -38.14 -9.57
CA LYS F 607 7.29 -37.53 -10.53
C LYS F 607 8.19 -38.57 -11.17
N ASP F 608 8.70 -39.52 -10.38
CA ASP F 608 9.59 -40.55 -10.93
C ASP F 608 8.86 -41.43 -11.94
N THR F 609 7.60 -41.77 -11.65
CA THR F 609 6.86 -42.60 -12.61
C THR F 609 6.39 -41.80 -13.81
N PHE F 610 6.16 -40.49 -13.67
CA PHE F 610 5.83 -39.67 -14.83
C PHE F 610 7.02 -39.53 -15.77
N GLU F 611 8.20 -39.27 -15.22
CA GLU F 611 9.42 -39.16 -16.01
C GLU F 611 10.07 -40.50 -16.30
N ASP F 612 9.32 -41.58 -16.19
CA ASP F 612 9.82 -42.91 -16.53
C ASP F 612 9.67 -43.14 -18.03
N ARG F 613 10.78 -43.02 -18.76
CA ARG F 613 10.76 -43.22 -20.20
C ARG F 613 10.54 -44.68 -20.60
N ALA F 614 11.00 -45.62 -19.79
CA ALA F 614 10.87 -47.05 -20.07
C ALA F 614 9.53 -47.61 -19.63
N TYR F 615 8.51 -46.77 -19.50
CA TYR F 615 7.20 -47.21 -19.06
C TYR F 615 6.65 -48.25 -20.03
N PRO F 616 6.31 -49.46 -19.56
CA PRO F 616 5.83 -50.49 -20.48
C PRO F 616 4.47 -50.14 -21.06
N THR F 617 4.19 -50.67 -22.24
CA THR F 617 2.92 -50.44 -22.91
C THR F 617 1.83 -51.39 -22.42
N ILE F 618 2.14 -52.31 -21.52
CA ILE F 618 1.13 -53.24 -21.02
C ILE F 618 0.05 -52.50 -20.23
N PHE F 619 0.47 -51.54 -19.41
CA PHE F 619 -0.49 -50.74 -18.66
C PHE F 619 -1.38 -49.93 -19.62
N TYR F 620 -0.78 -49.41 -20.70
CA TYR F 620 -1.57 -48.70 -21.70
C TYR F 620 -2.56 -49.64 -22.38
N MET F 621 -2.15 -50.86 -22.68
CA MET F 621 -3.06 -51.86 -23.24
C MET F 621 -4.24 -52.09 -22.30
N LEU F 622 -3.97 -52.30 -21.02
CA LEU F 622 -5.04 -52.55 -20.05
C LEU F 622 -5.96 -51.34 -19.93
N GLU F 623 -5.40 -50.14 -19.89
CA GLU F 623 -6.22 -48.93 -19.78
C GLU F 623 -7.12 -48.77 -21.01
N ALA F 624 -6.58 -49.01 -22.19
CA ALA F 624 -7.38 -48.91 -23.41
C ALA F 624 -8.47 -49.96 -23.45
N VAL F 625 -8.16 -51.19 -23.04
CA VAL F 625 -9.13 -52.28 -23.13
C VAL F 625 -10.25 -52.08 -22.12
N ILE F 626 -9.90 -51.74 -20.87
CA ILE F 626 -10.92 -51.50 -19.85
C ILE F 626 -11.76 -50.28 -20.23
N HIS F 627 -11.13 -49.28 -20.85
CA HIS F 627 -11.78 -48.06 -21.34
C HIS F 627 -12.71 -47.44 -20.30
N GLY F 628 -12.24 -47.41 -19.05
CA GLY F 628 -12.97 -46.72 -17.99
C GLY F 628 -14.37 -47.23 -17.74
N ASN F 629 -14.55 -48.54 -17.75
CA ASN F 629 -15.85 -49.15 -17.49
C ASN F 629 -15.78 -49.96 -16.20
N GLU F 630 -16.78 -49.80 -15.34
CA GLU F 630 -16.81 -50.52 -14.08
C GLU F 630 -16.97 -52.02 -14.30
N ARG F 631 -17.71 -52.41 -15.34
CA ARG F 631 -17.90 -53.84 -15.62
C ARG F 631 -16.58 -54.51 -15.95
N ASN F 632 -15.71 -53.83 -16.69
CA ASN F 632 -14.38 -54.38 -16.98
C ASN F 632 -13.55 -54.51 -15.72
N PHE F 633 -13.55 -53.48 -14.87
CA PHE F 633 -12.70 -53.50 -13.68
C PHE F 633 -13.20 -54.53 -12.67
N CYS F 634 -14.50 -54.84 -12.70
CA CYS F 634 -15.07 -55.77 -11.73
C CYS F 634 -14.56 -57.20 -11.89
N ALA F 635 -13.90 -57.52 -13.00
CA ALA F 635 -13.44 -58.88 -13.25
C ALA F 635 -11.93 -59.01 -13.35
N LEU F 636 -11.18 -57.92 -13.15
CA LEU F 636 -9.73 -57.94 -13.26
C LEU F 636 -9.07 -57.46 -11.97
N LEU F 637 -9.61 -57.88 -10.82
CA LEU F 637 -9.01 -57.48 -9.56
C LEU F 637 -7.64 -58.13 -9.37
N ARG F 638 -7.57 -59.45 -9.61
CA ARG F 638 -6.34 -60.19 -9.35
C ARG F 638 -5.24 -59.79 -10.32
N LEU F 639 -5.57 -59.70 -11.61
CA LEU F 639 -4.57 -59.33 -12.62
C LEU F 639 -4.02 -57.94 -12.37
N LEU F 640 -4.91 -56.98 -12.08
CA LEU F 640 -4.47 -55.62 -11.78
C LEU F 640 -3.60 -55.59 -10.54
N THR F 641 -3.99 -56.32 -9.49
CA THR F 641 -3.21 -56.35 -8.26
C THR F 641 -1.81 -56.90 -8.53
N GLN F 642 -1.72 -58.02 -9.24
CA GLN F 642 -0.43 -58.61 -9.53
C GLN F 642 0.44 -57.68 -10.37
N CYS F 643 -0.17 -57.05 -11.39
CA CYS F 643 0.60 -56.17 -12.25
C CYS F 643 1.13 -54.96 -11.50
N ILE F 644 0.28 -54.33 -10.68
CA ILE F 644 0.71 -53.13 -9.96
C ILE F 644 1.76 -53.49 -8.91
N ARG F 645 1.59 -54.64 -8.23
CA ARG F 645 2.60 -55.05 -7.26
C ARG F 645 3.93 -55.33 -7.94
N GLY F 646 3.91 -56.04 -9.06
CA GLY F 646 5.15 -56.33 -9.76
C GLY F 646 5.85 -55.08 -10.26
N TYR F 647 5.09 -54.12 -10.79
CA TYR F 647 5.70 -52.89 -11.27
C TYR F 647 6.17 -52.01 -10.10
N TRP F 648 5.53 -52.12 -8.94
CA TRP F 648 5.87 -51.24 -7.83
C TRP F 648 7.10 -51.75 -7.08
N GLU F 649 7.06 -52.99 -6.58
CA GLU F 649 8.20 -53.46 -5.80
C GLU F 649 9.30 -53.98 -6.72
N GLN F 650 9.63 -53.18 -7.74
CA GLN F 650 10.84 -53.37 -8.55
C GLN F 650 11.61 -52.09 -8.78
N SER F 651 10.97 -50.93 -8.78
CA SER F 651 11.64 -49.65 -8.85
C SER F 651 10.98 -48.59 -7.98
N HIS F 652 9.99 -48.96 -7.16
CA HIS F 652 9.28 -48.03 -6.28
C HIS F 652 8.63 -46.90 -7.07
N ARG F 653 7.86 -47.28 -8.09
CA ARG F 653 7.11 -46.33 -8.91
C ARG F 653 5.65 -46.75 -8.93
N VAL F 654 4.75 -45.81 -8.62
CA VAL F 654 3.33 -46.10 -8.67
C VAL F 654 2.81 -45.92 -10.10
N ALA F 655 2.18 -46.97 -10.61
CA ALA F 655 1.65 -46.97 -11.97
C ALA F 655 0.14 -46.73 -11.94
N PHE F 656 -0.46 -46.86 -13.11
CA PHE F 656 -1.91 -46.76 -13.29
C PHE F 656 -2.46 -45.40 -12.87
N VAL F 657 -1.61 -44.37 -12.94
CA VAL F 657 -1.99 -43.03 -12.52
C VAL F 657 -2.65 -42.24 -13.64
N ASN F 658 -2.40 -42.60 -14.89
CA ASN F 658 -2.90 -41.84 -16.02
C ASN F 658 -4.43 -41.82 -16.04
N ASN F 659 -5.05 -42.97 -16.24
CA ASN F 659 -6.49 -43.03 -16.43
C ASN F 659 -7.21 -42.71 -15.14
N PHE F 660 -8.01 -41.64 -15.16
CA PHE F 660 -8.69 -41.23 -13.93
C PHE F 660 -9.74 -42.24 -13.52
N HIS F 661 -10.37 -42.93 -14.47
CA HIS F 661 -11.26 -44.03 -14.11
C HIS F 661 -10.49 -45.32 -13.85
N MET F 662 -9.38 -45.23 -13.11
CA MET F 662 -8.66 -46.41 -12.65
C MET F 662 -8.14 -46.27 -11.23
N LEU F 663 -7.88 -45.04 -10.78
CA LEU F 663 -7.36 -44.81 -9.44
C LEU F 663 -8.44 -44.95 -8.37
N MET F 664 -9.62 -44.37 -8.60
CA MET F 664 -10.68 -44.49 -7.62
C MET F 664 -11.22 -45.91 -7.54
N TYR F 665 -11.25 -46.62 -8.66
CA TYR F 665 -11.59 -48.04 -8.63
C TYR F 665 -10.63 -48.80 -7.72
N ILE F 666 -9.34 -48.49 -7.81
CA ILE F 666 -8.35 -49.12 -6.94
C ILE F 666 -8.63 -48.76 -5.49
N THR F 667 -8.80 -47.47 -5.20
CA THR F 667 -8.92 -47.05 -3.80
C THR F 667 -10.24 -47.53 -3.18
N THR F 668 -11.22 -47.88 -4.02
CA THR F 668 -12.47 -48.41 -3.47
C THR F 668 -12.43 -49.92 -3.33
N TYR F 669 -12.21 -50.64 -4.43
CA TYR F 669 -12.23 -52.11 -4.38
C TYR F 669 -10.93 -52.67 -3.79
N LEU F 670 -9.79 -52.30 -4.36
CA LEU F 670 -8.49 -52.73 -3.88
C LEU F 670 -7.99 -51.81 -2.77
N GLY F 671 -8.75 -51.78 -1.67
CA GLY F 671 -8.46 -50.84 -0.61
C GLY F 671 -8.43 -51.44 0.79
N ASN F 672 -8.73 -52.73 0.91
CA ASN F 672 -8.72 -53.38 2.21
C ASN F 672 -7.39 -54.02 2.55
N GLY F 673 -6.40 -53.94 1.66
CA GLY F 673 -5.10 -54.51 1.92
C GLY F 673 -4.60 -55.42 0.82
N GLU F 674 -5.28 -55.38 -0.34
CA GLU F 674 -4.84 -56.19 -1.47
C GLU F 674 -3.48 -55.71 -1.98
N LEU F 675 -3.27 -54.41 -2.02
CA LEU F 675 -2.03 -53.79 -2.45
C LEU F 675 -1.17 -53.40 -1.25
N PRO F 676 0.11 -53.13 -1.45
CA PRO F 676 0.94 -52.64 -0.34
C PRO F 676 0.39 -51.33 0.22
N GLU F 677 0.63 -51.14 1.52
CA GLU F 677 0.07 -50.00 2.23
C GLU F 677 0.54 -48.67 1.63
N VAL F 678 1.74 -48.65 1.05
CA VAL F 678 2.28 -47.40 0.51
C VAL F 678 1.51 -46.96 -0.73
N CYS F 679 1.18 -47.89 -1.63
CA CYS F 679 0.52 -47.53 -2.87
C CYS F 679 -0.86 -46.92 -2.61
N ILE F 680 -1.68 -47.60 -1.81
CA ILE F 680 -3.02 -47.10 -1.49
C ILE F 680 -2.91 -45.78 -0.74
N ASN F 681 -1.86 -45.63 0.07
CA ASN F 681 -1.62 -44.35 0.73
C ASN F 681 -1.38 -43.24 -0.29
N ILE F 682 -0.61 -43.53 -1.33
CA ILE F 682 -0.33 -42.52 -2.36
C ILE F 682 -1.60 -42.18 -3.12
N TYR F 683 -2.39 -43.19 -3.48
CA TYR F 683 -3.65 -42.92 -4.17
C TYR F 683 -4.58 -42.07 -3.30
N ARG F 684 -4.70 -42.43 -2.02
CA ARG F 684 -5.56 -41.68 -1.12
C ARG F 684 -5.05 -40.26 -0.91
N ASP F 685 -3.74 -40.06 -0.86
CA ASP F 685 -3.20 -38.72 -0.69
C ASP F 685 -3.44 -37.86 -1.91
N LEU F 686 -3.32 -38.44 -3.11
CA LEU F 686 -3.65 -37.70 -4.32
C LEU F 686 -5.13 -37.33 -4.34
N LEU F 687 -5.99 -38.28 -3.95
CA LEU F 687 -7.42 -37.97 -3.87
C LEU F 687 -7.70 -36.90 -2.82
N GLN F 688 -6.96 -36.91 -1.72
CA GLN F 688 -7.10 -35.87 -0.71
C GLN F 688 -6.70 -34.51 -1.25
N HIS F 689 -5.63 -34.46 -2.04
CA HIS F 689 -5.24 -33.19 -2.66
C HIS F 689 -6.33 -32.71 -3.62
N VAL F 690 -6.91 -33.63 -4.39
CA VAL F 690 -7.97 -33.25 -5.33
C VAL F 690 -9.19 -32.71 -4.59
N ARG F 691 -9.61 -33.39 -3.52
CA ARG F 691 -10.81 -32.94 -2.81
C ARG F 691 -10.51 -31.67 -2.01
N ALA F 692 -9.26 -31.47 -1.59
CA ALA F 692 -8.87 -30.20 -0.99
C ALA F 692 -8.96 -29.07 -2.00
N LEU F 693 -8.54 -29.33 -3.24
CA LEU F 693 -8.72 -28.34 -4.30
C LEU F 693 -10.20 -28.03 -4.52
N ARG F 694 -11.03 -29.06 -4.52
CA ARG F 694 -12.47 -28.85 -4.71
C ARG F 694 -13.07 -28.06 -3.55
N GLN F 695 -12.64 -28.36 -2.33
CA GLN F 695 -13.11 -27.61 -1.16
C GLN F 695 -12.65 -26.15 -1.23
N THR F 696 -11.43 -25.93 -1.72
CA THR F 696 -10.95 -24.57 -1.91
C THR F 696 -11.79 -23.83 -2.95
N ILE F 697 -12.19 -24.54 -4.01
CA ILE F 697 -13.12 -23.96 -4.98
C ILE F 697 -14.42 -23.57 -4.30
N THR F 698 -14.95 -24.45 -3.46
CA THR F 698 -16.22 -24.18 -2.79
C THR F 698 -16.10 -22.99 -1.84
N ASP F 699 -14.95 -22.86 -1.17
CA ASP F 699 -14.75 -21.76 -0.23
C ASP F 699 -14.76 -20.42 -0.95
N PHE F 700 -14.13 -20.34 -2.11
CA PHE F 700 -13.95 -19.09 -2.81
C PHE F 700 -15.16 -18.66 -3.64
N THR F 701 -16.20 -19.50 -3.70
CA THR F 701 -17.43 -19.14 -4.37
C THR F 701 -18.51 -18.81 -3.33
N ILE F 702 -19.52 -18.08 -3.77
CA ILE F 702 -20.63 -17.67 -2.91
C ILE F 702 -21.86 -18.46 -3.32
N GLN F 703 -22.46 -19.15 -2.36
CA GLN F 703 -23.63 -19.97 -2.62
C GLN F 703 -24.92 -19.16 -2.45
N GLY F 704 -26.02 -19.72 -2.93
CA GLY F 704 -27.31 -19.08 -2.84
C GLY F 704 -27.66 -18.12 -3.96
N GLU F 705 -26.81 -18.00 -4.98
CA GLU F 705 -27.04 -17.09 -6.09
C GLU F 705 -26.87 -17.88 -7.39
N GLY F 706 -27.98 -18.05 -8.12
CA GLY F 706 -27.97 -18.70 -9.42
C GLY F 706 -28.81 -17.91 -10.40
N HIS F 707 -28.34 -17.83 -11.65
CA HIS F 707 -29.01 -17.09 -12.70
C HIS F 707 -29.33 -18.02 -13.86
N ASN F 708 -30.58 -17.96 -14.34
CA ASN F 708 -31.04 -18.74 -15.48
C ASN F 708 -30.83 -20.24 -15.28
N GLY F 709 -30.96 -20.71 -14.04
CA GLY F 709 -30.80 -22.12 -13.76
C GLY F 709 -29.38 -22.62 -13.73
N GLU F 710 -28.40 -21.74 -13.54
CA GLU F 710 -27.00 -22.13 -13.41
C GLU F 710 -26.59 -22.03 -11.94
N THR F 711 -26.06 -23.13 -11.41
CA THR F 711 -25.66 -23.16 -10.01
C THR F 711 -24.43 -22.28 -9.79
N SER F 712 -24.27 -21.86 -8.53
CA SER F 712 -23.20 -20.92 -8.20
C SER F 712 -21.82 -21.51 -8.48
N GLU F 713 -21.62 -22.80 -8.19
CA GLU F 713 -20.34 -23.42 -8.45
C GLU F 713 -20.00 -23.38 -9.94
N ALA F 714 -20.97 -23.75 -10.79
CA ALA F 714 -20.75 -23.67 -12.22
C ALA F 714 -20.76 -22.23 -12.73
N LEU F 715 -21.33 -21.30 -11.95
CA LEU F 715 -21.38 -19.90 -12.35
C LEU F 715 -20.07 -19.17 -12.04
N ASN F 716 -19.30 -19.66 -11.07
CA ASN F 716 -18.06 -18.98 -10.68
C ASN F 716 -16.82 -19.62 -11.30
N ASN F 717 -16.58 -20.88 -10.98
CA ASN F 717 -15.38 -21.59 -11.41
C ASN F 717 -15.60 -22.21 -12.79
N ILE F 718 -14.50 -22.62 -13.41
CA ILE F 718 -14.52 -23.24 -14.72
C ILE F 718 -14.51 -24.76 -14.63
N LEU F 719 -13.69 -25.32 -13.73
CA LEU F 719 -13.65 -26.76 -13.55
C LEU F 719 -14.96 -27.30 -12.97
N THR F 720 -15.79 -26.43 -12.40
CA THR F 720 -17.13 -26.81 -11.95
C THR F 720 -18.19 -26.55 -13.01
N ASP F 721 -17.82 -25.97 -14.14
CA ASP F 721 -18.76 -25.63 -15.20
C ASP F 721 -19.10 -26.88 -16.01
N ASP F 722 -20.39 -27.08 -16.28
CA ASP F 722 -20.83 -28.27 -17.02
C ASP F 722 -20.53 -28.19 -18.51
N THR F 723 -20.56 -26.98 -19.09
CA THR F 723 -20.35 -26.86 -20.53
C THR F 723 -18.96 -27.30 -20.93
N PHE F 724 -17.94 -26.91 -20.18
CA PHE F 724 -16.58 -27.30 -20.47
C PHE F 724 -16.38 -28.77 -20.14
N ILE F 725 -15.59 -29.47 -20.95
CA ILE F 725 -15.45 -30.91 -20.84
C ILE F 725 -13.97 -31.27 -20.67
N ALA F 726 -13.74 -32.47 -20.15
CA ALA F 726 -12.40 -32.98 -19.93
C ALA F 726 -11.73 -33.27 -21.27
N PRO F 727 -10.39 -33.27 -21.31
CA PRO F 727 -9.69 -33.58 -22.58
C PRO F 727 -10.02 -34.95 -23.14
N ILE F 728 -10.25 -35.94 -22.28
CA ILE F 728 -10.58 -37.30 -22.70
C ILE F 728 -11.82 -37.76 -21.94
N LEU F 729 -12.78 -38.32 -22.66
CA LEU F 729 -14.01 -38.85 -22.08
C LEU F 729 -14.15 -40.32 -22.49
N TRP F 730 -14.45 -41.17 -21.51
CA TRP F 730 -14.61 -42.59 -21.77
C TRP F 730 -16.07 -43.01 -21.88
N ASP F 731 -16.98 -42.30 -21.20
CA ASP F 731 -18.40 -42.62 -21.21
C ASP F 731 -19.20 -41.43 -21.70
N CYS F 732 -20.48 -41.65 -21.96
CA CYS F 732 -21.37 -40.61 -22.46
C CYS F 732 -22.03 -39.82 -21.34
N ASP F 733 -21.72 -40.11 -20.07
CA ASP F 733 -22.35 -39.41 -18.97
C ASP F 733 -22.03 -37.92 -18.99
N ALA F 734 -20.76 -37.58 -19.20
CA ALA F 734 -20.36 -36.17 -19.21
C ALA F 734 -21.02 -35.42 -20.36
N LEU F 735 -21.14 -36.07 -21.53
CA LEU F 735 -21.80 -35.44 -22.66
C LEU F 735 -23.27 -35.17 -22.36
N ILE F 736 -23.95 -36.12 -21.70
CA ILE F 736 -25.35 -35.92 -21.33
C ILE F 736 -25.48 -34.77 -20.35
N TYR F 737 -24.59 -34.72 -19.35
CA TYR F 737 -24.62 -33.62 -18.41
C TYR F 737 -24.41 -32.29 -19.12
N ARG F 738 -23.46 -32.24 -20.06
CA ARG F 738 -23.17 -31.01 -20.78
C ARG F 738 -24.37 -30.54 -21.59
N ASP F 739 -24.94 -31.43 -22.41
CA ASP F 739 -26.02 -31.00 -23.28
C ASP F 739 -27.39 -31.05 -22.60
N GLU F 740 -27.44 -31.31 -21.30
CA GLU F 740 -28.68 -31.11 -20.55
C GLU F 740 -28.61 -29.92 -19.61
N ALA F 741 -27.42 -29.55 -19.12
CA ALA F 741 -27.31 -28.59 -18.04
C ALA F 741 -27.73 -27.18 -18.46
N ALA F 742 -27.27 -26.70 -19.62
CA ALA F 742 -27.36 -25.27 -19.91
C ALA F 742 -28.78 -24.85 -20.29
N ARG F 743 -29.29 -25.34 -21.41
CA ARG F 743 -30.64 -25.05 -21.89
C ARG F 743 -30.86 -23.57 -22.20
N ASP F 744 -29.80 -22.76 -22.11
CA ASP F 744 -29.85 -21.38 -22.58
C ASP F 744 -28.66 -21.11 -23.49
N ARG F 745 -27.57 -21.85 -23.27
CA ARG F 745 -26.41 -21.79 -24.14
C ARG F 745 -26.71 -22.57 -25.42
N LEU F 746 -26.64 -21.91 -26.57
CA LEU F 746 -26.92 -22.55 -27.84
C LEU F 746 -25.91 -23.67 -28.09
N PRO F 747 -26.33 -24.93 -28.06
CA PRO F 747 -25.38 -26.03 -28.18
C PRO F 747 -25.17 -26.49 -29.62
N ALA F 748 -23.97 -26.98 -29.92
CA ALA F 748 -23.67 -27.57 -31.21
C ALA F 748 -22.60 -28.64 -31.03
N ILE F 749 -23.04 -29.89 -30.99
CA ILE F 749 -22.15 -31.04 -30.79
C ILE F 749 -21.80 -31.59 -32.16
N ARG F 750 -20.51 -31.79 -32.41
CA ARG F 750 -20.02 -32.29 -33.68
C ARG F 750 -19.09 -33.47 -33.40
N VAL F 751 -19.44 -34.64 -33.93
CA VAL F 751 -18.61 -35.83 -33.75
C VAL F 751 -18.10 -36.26 -35.12
N SER F 752 -16.96 -35.73 -35.53
CA SER F 752 -16.31 -36.05 -36.80
C SER F 752 -17.31 -36.04 -37.95
N GLY F 753 -17.85 -34.84 -38.21
CA GLY F 753 -18.85 -34.69 -39.24
C GLY F 753 -20.26 -34.55 -38.71
N ARG F 754 -21.02 -35.65 -38.76
CA ARG F 754 -22.42 -35.65 -38.35
C ARG F 754 -22.61 -35.02 -36.98
N ASN F 755 -23.79 -34.44 -36.77
CA ASN F 755 -24.14 -33.75 -35.54
C ASN F 755 -25.06 -34.63 -34.72
N GLY F 756 -24.75 -34.77 -33.43
CA GLY F 756 -25.56 -35.58 -32.54
C GLY F 756 -24.98 -36.98 -32.38
N TYR F 757 -25.25 -37.59 -31.22
CA TYR F 757 -24.78 -38.92 -30.90
C TYR F 757 -25.95 -39.88 -30.76
N GLN F 758 -25.63 -41.17 -30.71
CA GLN F 758 -26.62 -42.23 -30.54
C GLN F 758 -26.49 -42.96 -29.23
N ALA F 759 -25.28 -43.12 -28.71
CA ALA F 759 -25.02 -43.72 -27.40
C ALA F 759 -25.58 -45.14 -27.31
N LEU F 760 -25.03 -46.03 -28.13
CA LEU F 760 -25.37 -47.45 -28.11
C LEU F 760 -24.35 -48.19 -27.26
N HIS F 761 -24.81 -48.87 -26.22
CA HIS F 761 -23.96 -49.57 -25.28
C HIS F 761 -24.09 -51.08 -25.45
N PHE F 762 -23.26 -51.80 -24.71
CA PHE F 762 -23.24 -53.27 -24.70
C PHE F 762 -22.98 -53.81 -26.11
N VAL F 763 -21.78 -53.52 -26.59
CA VAL F 763 -21.30 -54.07 -27.86
C VAL F 763 -20.45 -55.30 -27.57
N ASP F 764 -20.69 -56.37 -28.32
CA ASP F 764 -20.01 -57.64 -28.12
C ASP F 764 -19.20 -58.01 -29.36
N MET F 765 -18.58 -59.19 -29.31
CA MET F 765 -17.74 -59.64 -30.42
C MET F 765 -18.56 -59.95 -31.66
N ALA F 766 -19.82 -60.37 -31.46
CA ALA F 766 -20.67 -60.72 -32.60
C ALA F 766 -20.93 -59.50 -33.48
N GLY F 767 -21.10 -58.34 -32.88
CA GLY F 767 -21.33 -57.11 -33.62
C GLY F 767 -20.24 -56.08 -33.41
N HIS F 768 -18.97 -56.51 -33.44
CA HIS F 768 -17.88 -55.61 -33.10
C HIS F 768 -17.81 -54.43 -34.07
N ASN F 769 -17.75 -54.72 -35.38
CA ASN F 769 -17.81 -53.70 -36.43
C ASN F 769 -16.82 -52.56 -36.18
N PHE F 770 -15.53 -52.92 -36.23
CA PHE F 770 -14.48 -51.94 -35.97
C PHE F 770 -14.49 -50.81 -36.98
N GLN F 771 -15.03 -51.05 -38.18
CA GLN F 771 -15.05 -50.04 -39.24
C GLN F 771 -16.35 -49.23 -39.20
N ARG F 772 -16.61 -48.65 -38.04
CA ARG F 772 -17.80 -47.82 -37.84
C ARG F 772 -17.45 -46.35 -38.00
N ARG F 773 -18.25 -45.65 -38.79
CA ARG F 773 -18.03 -44.23 -39.06
C ARG F 773 -19.17 -43.35 -38.58
N ASP F 774 -20.34 -43.92 -38.26
CA ASP F 774 -21.50 -43.14 -37.84
C ASP F 774 -21.33 -42.72 -36.38
N ASN F 775 -22.39 -42.17 -35.80
CA ASN F 775 -22.35 -41.55 -34.47
C ASN F 775 -22.80 -42.50 -33.37
N VAL F 776 -22.54 -43.79 -33.51
CA VAL F 776 -22.77 -44.74 -32.43
C VAL F 776 -21.65 -44.62 -31.42
N LEU F 777 -22.00 -44.23 -30.19
CA LEU F 777 -21.03 -44.07 -29.11
C LEU F 777 -21.20 -45.20 -28.11
N ILE F 778 -20.08 -45.84 -27.77
CA ILE F 778 -20.10 -47.02 -26.89
C ILE F 778 -20.17 -46.51 -25.45
N HIS F 779 -21.39 -46.44 -24.91
CA HIS F 779 -21.55 -46.01 -23.53
C HIS F 779 -21.05 -47.06 -22.54
N GLY F 780 -21.06 -48.32 -22.94
CA GLY F 780 -20.57 -49.41 -22.11
C GLY F 780 -21.68 -50.04 -21.29
N ARG F 781 -21.41 -51.27 -20.85
CA ARG F 781 -22.38 -52.03 -20.08
C ARG F 781 -22.42 -51.54 -18.63
N PRO F 782 -23.57 -51.08 -18.14
CA PRO F 782 -23.69 -50.81 -16.70
C PRO F 782 -23.62 -52.10 -15.90
N VAL F 783 -23.08 -51.99 -14.70
CA VAL F 783 -22.93 -53.15 -13.83
C VAL F 783 -24.23 -53.40 -13.09
N ARG F 784 -24.69 -52.41 -12.33
CA ARG F 784 -25.90 -52.55 -11.52
C ARG F 784 -27.11 -52.07 -12.34
N GLY F 785 -27.29 -52.71 -13.48
CA GLY F 785 -28.39 -52.36 -14.37
C GLY F 785 -28.50 -53.36 -15.50
N ASP F 786 -29.49 -53.12 -16.35
CA ASP F 786 -29.77 -53.98 -17.51
C ASP F 786 -29.44 -53.22 -18.78
N THR F 787 -28.86 -53.92 -19.75
CA THR F 787 -28.44 -53.28 -20.99
C THR F 787 -29.65 -52.96 -21.88
N GLY F 788 -30.34 -54.00 -22.34
CA GLY F 788 -31.48 -53.80 -23.21
C GLY F 788 -31.09 -53.21 -24.55
N GLN F 789 -32.10 -52.73 -25.25
CA GLN F 789 -31.90 -52.04 -26.52
C GLN F 789 -32.53 -50.67 -26.56
N ALA F 790 -33.72 -50.51 -25.97
CA ALA F 790 -34.42 -49.22 -25.96
C ALA F 790 -34.33 -48.50 -24.62
N ILE F 791 -33.56 -49.02 -23.66
CA ILE F 791 -33.41 -48.39 -22.36
C ILE F 791 -32.65 -47.09 -22.53
N PRO F 792 -33.16 -45.97 -22.02
CA PRO F 792 -32.46 -44.69 -22.17
C PRO F 792 -31.11 -44.72 -21.46
N ILE F 793 -30.16 -43.99 -22.04
CA ILE F 793 -28.81 -43.95 -21.48
C ILE F 793 -28.80 -43.10 -20.23
N THR F 794 -28.21 -43.64 -19.16
CA THR F 794 -28.11 -42.95 -17.89
C THR F 794 -26.64 -42.75 -17.51
N PRO F 795 -26.30 -41.68 -16.81
CA PRO F 795 -24.92 -41.49 -16.37
C PRO F 795 -24.47 -42.61 -15.45
N HIS F 796 -23.20 -43.01 -15.61
CA HIS F 796 -22.66 -44.09 -14.79
C HIS F 796 -22.37 -43.60 -13.37
N HIS F 797 -22.12 -42.31 -13.21
CA HIS F 797 -21.77 -41.74 -11.90
C HIS F 797 -22.47 -40.40 -11.73
N ASP F 798 -22.37 -39.87 -10.52
CA ASP F 798 -22.97 -38.58 -10.18
C ASP F 798 -22.23 -37.45 -10.90
N ARG F 799 -22.77 -36.23 -10.77
CA ARG F 799 -22.17 -35.08 -11.43
C ARG F 799 -20.79 -34.79 -10.86
N GLU F 800 -20.58 -35.07 -9.58
CA GLU F 800 -19.28 -34.82 -8.95
C GLU F 800 -18.16 -35.61 -9.61
N TRP F 801 -18.50 -36.72 -10.28
CA TRP F 801 -17.48 -37.50 -10.98
C TRP F 801 -16.84 -36.69 -12.10
N GLY F 802 -17.66 -35.97 -12.88
CA GLY F 802 -17.11 -35.11 -13.91
C GLY F 802 -16.24 -34.01 -13.32
N ILE F 803 -16.67 -33.45 -12.19
CA ILE F 803 -15.89 -32.42 -11.52
C ILE F 803 -14.52 -32.96 -11.13
N LEU F 804 -14.48 -34.14 -10.52
CA LEU F 804 -13.22 -34.74 -10.11
C LEU F 804 -12.33 -35.05 -11.31
N SER F 805 -12.93 -35.58 -12.39
CA SER F 805 -12.14 -35.92 -13.57
C SER F 805 -11.53 -34.67 -14.20
N LYS F 806 -12.34 -33.61 -14.37
CA LYS F 806 -11.81 -32.37 -14.94
C LYS F 806 -10.74 -31.77 -14.05
N ILE F 807 -10.97 -31.78 -12.73
CA ILE F 807 -9.99 -31.23 -11.80
C ILE F 807 -8.67 -31.96 -11.93
N TYR F 808 -8.72 -33.30 -11.94
CA TYR F 808 -7.50 -34.09 -12.04
C TYR F 808 -6.79 -33.80 -13.35
N TYR F 809 -7.52 -33.92 -14.47
CA TYR F 809 -6.90 -33.77 -15.79
C TYR F 809 -6.31 -32.38 -15.99
N TYR F 810 -6.93 -31.35 -15.43
CA TYR F 810 -6.46 -29.98 -15.64
C TYR F 810 -5.54 -29.48 -14.54
N ILE F 811 -5.33 -30.24 -13.47
CA ILE F 811 -4.46 -29.79 -12.39
C ILE F 811 -3.30 -30.74 -12.19
N VAL F 812 -3.60 -32.00 -11.86
CA VAL F 812 -2.55 -32.93 -11.45
C VAL F 812 -1.67 -33.31 -12.65
N ILE F 813 -2.30 -33.64 -13.78
CA ILE F 813 -1.54 -34.07 -14.95
C ILE F 813 -0.62 -32.98 -15.49
N PRO F 814 -1.09 -31.74 -15.74
CA PRO F 814 -0.17 -30.75 -16.32
C PRO F 814 0.88 -30.25 -15.35
N ALA F 815 0.56 -30.13 -14.06
CA ALA F 815 1.53 -29.64 -13.09
C ALA F 815 2.69 -30.61 -12.92
N PHE F 816 2.43 -31.92 -12.97
CA PHE F 816 3.49 -32.90 -12.86
C PHE F 816 4.20 -33.14 -14.18
N SER F 817 3.46 -33.30 -15.28
CA SER F 817 4.09 -33.55 -16.57
C SER F 817 4.82 -32.32 -17.10
N ARG F 818 4.34 -31.13 -16.75
CA ARG F 818 4.94 -29.86 -17.19
C ARG F 818 5.01 -29.80 -18.72
N GLY F 819 3.90 -30.13 -19.36
CA GLY F 819 3.81 -30.11 -20.81
C GLY F 819 4.67 -31.14 -21.51
N SER F 820 4.76 -32.35 -20.95
CA SER F 820 5.51 -33.44 -21.56
C SER F 820 4.63 -34.58 -22.03
N CYS F 821 3.58 -34.91 -21.29
CA CYS F 821 2.66 -35.96 -21.71
C CYS F 821 1.81 -35.47 -22.88
N CYS F 822 1.28 -36.43 -23.64
CA CYS F 822 0.50 -36.13 -24.83
C CYS F 822 -0.76 -36.98 -24.85
N THR F 823 -1.82 -36.44 -25.46
CA THR F 823 -3.07 -37.16 -25.66
C THR F 823 -3.16 -37.63 -27.10
N MET F 824 -3.66 -38.85 -27.29
CA MET F 824 -3.69 -39.46 -28.60
C MET F 824 -4.77 -40.52 -28.65
N GLY F 825 -5.09 -40.96 -29.86
CA GLY F 825 -6.07 -42.00 -30.07
C GLY F 825 -5.47 -43.40 -29.98
N VAL F 826 -6.31 -44.39 -30.23
CA VAL F 826 -5.91 -45.79 -30.15
C VAL F 826 -6.37 -46.50 -31.41
N ARG F 827 -5.62 -47.53 -31.82
CA ARG F 827 -5.94 -48.34 -32.99
C ARG F 827 -6.48 -49.68 -32.48
N TYR F 828 -7.81 -49.73 -32.27
CA TYR F 828 -8.43 -50.97 -31.82
C TYR F 828 -8.39 -52.04 -32.91
N ASP F 829 -8.41 -51.65 -34.18
CA ASP F 829 -8.35 -52.61 -35.27
C ASP F 829 -7.06 -53.44 -35.24
N ARG F 830 -6.01 -52.92 -34.62
CA ARG F 830 -4.77 -53.66 -34.40
C ARG F 830 -4.64 -54.18 -32.98
N LEU F 831 -5.10 -53.41 -31.99
CA LEU F 831 -4.99 -53.82 -30.60
C LEU F 831 -5.82 -55.07 -30.30
N TYR F 832 -7.06 -55.11 -30.79
CA TYR F 832 -7.95 -56.22 -30.46
C TYR F 832 -7.48 -57.57 -30.99
N PRO F 833 -7.10 -57.72 -32.26
CA PRO F 833 -6.67 -59.06 -32.72
C PRO F 833 -5.45 -59.59 -31.99
N ALA F 834 -4.56 -58.72 -31.53
CA ALA F 834 -3.38 -59.17 -30.80
C ALA F 834 -3.64 -59.38 -29.32
N LEU F 835 -4.86 -59.12 -28.85
CA LEU F 835 -5.20 -59.21 -27.43
C LEU F 835 -5.53 -60.62 -26.97
N GLN F 836 -5.75 -61.56 -27.88
CA GLN F 836 -6.25 -62.88 -27.52
C GLN F 836 -5.15 -63.94 -27.45
N ALA F 837 -3.89 -63.54 -27.54
CA ALA F 837 -2.76 -64.48 -27.60
C ALA F 837 -2.18 -64.65 -26.19
N VAL F 838 -2.89 -65.41 -25.35
CA VAL F 838 -2.42 -65.76 -24.02
C VAL F 838 -2.09 -67.24 -24.02
N ILE F 839 -0.98 -67.59 -23.37
CA ILE F 839 -0.40 -68.93 -23.51
C ILE F 839 -0.45 -69.63 -22.15
N VAL F 840 -1.49 -69.36 -21.37
CA VAL F 840 -1.64 -70.08 -20.10
C VAL F 840 -1.79 -71.57 -20.39
N PRO F 841 -1.14 -72.45 -19.62
CA PRO F 841 -1.19 -73.88 -19.91
C PRO F 841 -2.38 -74.55 -19.22
N GLU F 842 -2.60 -75.81 -19.58
CA GLU F 842 -3.67 -76.63 -18.99
C GLU F 842 -3.13 -77.23 -17.71
N ILE F 843 -3.54 -76.68 -16.57
CA ILE F 843 -3.10 -77.21 -15.28
C ILE F 843 -3.71 -78.59 -15.06
N PRO F 844 -2.94 -79.58 -14.62
CA PRO F 844 -3.53 -80.89 -14.32
C PRO F 844 -4.48 -80.81 -13.13
N ALA F 845 -5.44 -81.73 -13.12
CA ALA F 845 -6.43 -81.77 -12.05
C ALA F 845 -5.76 -82.08 -10.71
N ASP F 846 -6.28 -81.46 -9.65
CA ASP F 846 -5.76 -81.61 -8.29
C ASP F 846 -4.29 -81.21 -8.21
N GLU F 847 -3.96 -80.04 -8.76
CA GLU F 847 -2.61 -79.52 -8.74
C GLU F 847 -2.62 -78.08 -8.26
N GLU F 848 -1.60 -77.72 -7.48
CA GLU F 848 -1.49 -76.37 -6.95
C GLU F 848 -1.14 -75.38 -8.06
N ALA F 849 -1.68 -74.17 -7.94
CA ALA F 849 -1.47 -73.15 -8.96
C ALA F 849 -0.07 -72.57 -8.84
N PRO F 850 0.75 -72.65 -9.90
CA PRO F 850 2.11 -72.11 -9.81
C PRO F 850 2.11 -70.60 -9.67
N THR F 851 3.14 -70.08 -8.97
CA THR F 851 3.33 -68.66 -8.80
C THR F 851 4.65 -68.17 -9.37
N THR F 852 5.75 -68.87 -9.09
CA THR F 852 7.05 -68.45 -9.59
C THR F 852 7.13 -68.65 -11.11
N PRO F 853 7.86 -67.78 -11.81
CA PRO F 853 8.05 -67.94 -13.26
C PRO F 853 9.13 -68.93 -13.66
N GLU F 854 9.78 -69.58 -12.70
CA GLU F 854 10.87 -70.51 -13.04
C GLU F 854 10.36 -71.84 -13.58
N ASP F 855 9.18 -72.29 -13.13
CA ASP F 855 8.71 -73.58 -13.59
C ASP F 855 7.98 -73.46 -14.94
N PRO F 856 7.98 -74.52 -15.74
CA PRO F 856 7.25 -74.47 -17.02
C PRO F 856 5.75 -74.33 -16.85
N ARG F 857 5.21 -74.70 -15.69
CA ARG F 857 3.76 -74.59 -15.47
C ARG F 857 3.28 -73.15 -15.43
N HIS F 858 4.20 -72.19 -15.29
CA HIS F 858 3.80 -70.78 -15.29
C HIS F 858 3.80 -70.26 -16.73
N PRO F 859 2.81 -69.42 -17.09
CA PRO F 859 2.75 -68.92 -18.47
C PRO F 859 3.93 -68.04 -18.85
N LEU F 860 4.66 -67.49 -17.89
CA LEU F 860 5.79 -66.62 -18.16
C LEU F 860 7.10 -67.38 -18.33
N HIS F 861 7.06 -68.71 -18.32
CA HIS F 861 8.25 -69.51 -18.54
C HIS F 861 8.74 -69.34 -19.97
N ALA F 862 10.05 -69.51 -20.15
CA ALA F 862 10.66 -69.31 -21.47
C ALA F 862 10.18 -70.33 -22.48
N HIS F 863 9.98 -71.58 -22.07
CA HIS F 863 9.57 -72.63 -23.00
C HIS F 863 8.14 -72.41 -23.48
N GLN F 864 7.28 -71.85 -22.62
CA GLN F 864 5.88 -71.62 -22.94
C GLN F 864 5.62 -70.17 -23.34
N LEU F 865 6.65 -69.44 -23.76
CA LEU F 865 6.52 -68.05 -24.19
C LEU F 865 6.74 -68.02 -25.70
N VAL F 866 5.65 -68.10 -26.45
CA VAL F 866 5.71 -68.05 -27.90
C VAL F 866 5.95 -66.59 -28.32
N PRO F 867 6.75 -66.34 -29.35
CA PRO F 867 6.97 -64.96 -29.80
C PRO F 867 5.68 -64.33 -30.31
N ASN F 868 5.58 -63.01 -30.13
CA ASN F 868 4.47 -62.21 -30.64
C ASN F 868 3.14 -62.64 -30.02
N SER F 869 3.09 -62.61 -28.69
CA SER F 869 1.88 -62.91 -27.95
C SER F 869 1.89 -62.06 -26.68
N LEU F 870 0.80 -62.17 -25.91
CA LEU F 870 0.72 -61.43 -24.65
C LEU F 870 1.87 -61.78 -23.70
N ASN F 871 2.38 -63.01 -23.79
CA ASN F 871 3.42 -63.45 -22.85
C ASN F 871 4.72 -62.69 -23.06
N VAL F 872 5.12 -62.50 -24.32
CA VAL F 872 6.34 -61.72 -24.57
C VAL F 872 6.12 -60.25 -24.19
N TYR F 873 4.91 -59.74 -24.39
CA TYR F 873 4.60 -58.38 -23.95
C TYR F 873 4.77 -58.24 -22.44
N PHE F 874 4.29 -59.23 -21.67
CA PHE F 874 4.41 -59.16 -20.22
C PHE F 874 5.84 -59.37 -19.76
N HIS F 875 6.59 -60.26 -20.42
CA HIS F 875 7.95 -60.54 -19.99
C HIS F 875 8.92 -59.44 -20.43
N ASN F 876 8.50 -58.60 -21.37
CA ASN F 876 9.33 -57.44 -21.72
C ASN F 876 9.53 -56.53 -20.52
N ALA F 877 8.50 -56.37 -19.69
CA ALA F 877 8.55 -55.53 -18.51
C ALA F 877 9.00 -56.27 -17.26
N HIS F 878 9.17 -57.60 -17.33
CA HIS F 878 9.48 -58.43 -16.17
C HIS F 878 8.41 -58.26 -15.07
N LEU F 879 7.19 -58.66 -15.40
CA LEU F 879 6.07 -58.66 -14.48
C LEU F 879 5.67 -60.09 -14.16
N THR F 880 4.91 -60.25 -13.08
CA THR F 880 4.44 -61.56 -12.63
C THR F 880 2.92 -61.59 -12.63
N VAL F 881 2.36 -62.52 -13.41
CA VAL F 881 0.92 -62.69 -13.52
C VAL F 881 0.62 -64.18 -13.62
N ASP F 882 -0.44 -64.61 -12.93
CA ASP F 882 -0.81 -66.01 -12.84
C ASP F 882 -1.75 -66.40 -13.97
N GLY F 883 -2.08 -67.70 -13.99
CA GLY F 883 -2.87 -68.23 -15.10
C GLY F 883 -4.29 -67.69 -15.14
N ASP F 884 -4.95 -67.62 -13.98
CA ASP F 884 -6.31 -67.10 -13.95
C ASP F 884 -6.35 -65.62 -14.25
N ALA F 885 -5.33 -64.87 -13.84
CA ALA F 885 -5.26 -63.45 -14.14
C ALA F 885 -5.24 -63.21 -15.65
N LEU F 886 -4.65 -64.13 -16.41
CA LEU F 886 -4.63 -64.00 -17.86
C LEU F 886 -5.88 -64.59 -18.48
N LEU F 887 -6.43 -65.65 -17.88
CA LEU F 887 -7.69 -66.21 -18.37
C LEU F 887 -8.86 -65.26 -18.16
N THR F 888 -8.71 -64.26 -17.29
CA THR F 888 -9.76 -63.26 -17.13
C THR F 888 -9.97 -62.42 -18.38
N LEU F 889 -9.04 -62.48 -19.34
CA LEU F 889 -9.20 -61.75 -20.58
C LEU F 889 -10.42 -62.21 -21.36
N GLN F 890 -10.78 -63.50 -21.28
CA GLN F 890 -11.88 -64.02 -22.07
C GLN F 890 -13.21 -63.41 -21.62
N GLU F 891 -13.36 -63.10 -20.33
CA GLU F 891 -14.56 -62.42 -19.86
C GLU F 891 -14.41 -60.90 -19.86
N LEU F 892 -13.17 -60.40 -19.88
CA LEU F 892 -12.98 -58.97 -20.12
C LEU F 892 -13.37 -58.59 -21.54
N MET F 893 -13.23 -59.55 -22.47
CA MET F 893 -13.57 -59.31 -23.88
C MET F 893 -15.06 -59.02 -24.07
N GLY F 894 -15.90 -59.34 -23.09
CA GLY F 894 -17.33 -59.13 -23.25
C GLY F 894 -17.70 -57.69 -23.54
N ASP F 895 -17.10 -56.75 -22.81
CA ASP F 895 -17.31 -55.34 -23.10
C ASP F 895 -16.22 -54.83 -24.04
N MET F 896 -16.63 -54.02 -25.00
CA MET F 896 -15.77 -53.63 -26.12
C MET F 896 -15.87 -52.12 -26.34
N ALA F 897 -14.83 -51.57 -26.97
CA ALA F 897 -14.79 -50.16 -27.35
C ALA F 897 -14.35 -50.09 -28.81
N GLU F 898 -15.22 -49.51 -29.65
CA GLU F 898 -15.06 -49.68 -31.09
C GLU F 898 -13.81 -48.96 -31.61
N ARG F 899 -13.79 -47.63 -31.50
CA ARG F 899 -12.64 -46.85 -31.90
C ARG F 899 -12.79 -45.43 -31.35
N THR F 900 -11.66 -44.78 -31.12
CA THR F 900 -11.68 -43.42 -30.62
C THR F 900 -12.15 -42.46 -31.72
N THR F 901 -12.83 -41.40 -31.30
CA THR F 901 -13.40 -40.44 -32.23
C THR F 901 -13.05 -39.02 -31.78
N ALA F 902 -13.10 -38.10 -32.73
CA ALA F 902 -12.86 -36.69 -32.48
C ALA F 902 -14.19 -35.97 -32.35
N ILE F 903 -14.47 -35.44 -31.16
CA ILE F 903 -15.73 -34.78 -30.86
C ILE F 903 -15.47 -33.31 -30.65
N LEU F 904 -16.14 -32.46 -31.43
CA LEU F 904 -16.05 -31.01 -31.31
C LEU F 904 -17.37 -30.50 -30.76
N VAL F 905 -17.31 -29.78 -29.65
CA VAL F 905 -18.49 -29.20 -29.01
C VAL F 905 -18.31 -27.69 -28.95
N SER F 906 -19.43 -26.97 -28.99
CA SER F 906 -19.41 -25.52 -28.94
C SER F 906 -20.65 -25.01 -28.24
N SER F 907 -20.57 -23.80 -27.71
CA SER F 907 -21.70 -23.18 -27.03
C SER F 907 -21.53 -21.67 -27.04
N ALA F 908 -22.63 -20.98 -26.76
CA ALA F 908 -22.64 -19.53 -26.64
C ALA F 908 -21.99 -19.11 -25.32
N PRO F 909 -21.59 -17.84 -25.20
CA PRO F 909 -21.04 -17.38 -23.92
C PRO F 909 -22.09 -17.44 -22.82
N ASP F 910 -21.62 -17.58 -21.59
CA ASP F 910 -22.49 -17.83 -20.46
C ASP F 910 -23.43 -16.64 -20.22
N ALA F 911 -24.53 -16.93 -19.52
CA ALA F 911 -25.56 -15.92 -19.30
C ALA F 911 -25.04 -14.71 -18.53
N GLY F 912 -23.97 -14.88 -17.75
CA GLY F 912 -23.38 -13.74 -17.07
C GLY F 912 -22.74 -12.74 -18.02
N ALA F 913 -22.32 -13.20 -19.20
CA ALA F 913 -21.67 -12.35 -20.18
C ALA F 913 -22.20 -12.60 -21.59
N ALA F 914 -23.49 -12.92 -21.71
CA ALA F 914 -24.13 -13.11 -23.01
C ALA F 914 -25.00 -11.90 -23.32
N THR F 915 -24.57 -11.08 -24.28
CA THR F 915 -25.34 -9.93 -24.70
C THR F 915 -25.71 -10.06 -26.17
N ALA F 916 -26.28 -9.00 -26.75
CA ALA F 916 -26.75 -9.07 -28.13
C ALA F 916 -25.63 -9.40 -29.10
N THR F 917 -24.43 -8.84 -28.89
CA THR F 917 -23.33 -9.04 -29.81
C THR F 917 -22.39 -10.17 -29.41
N THR F 918 -22.35 -10.55 -28.13
CA THR F 918 -21.48 -11.64 -27.70
C THR F 918 -22.02 -13.00 -28.10
N ARG F 919 -23.35 -13.14 -28.21
CA ARG F 919 -23.92 -14.44 -28.57
C ARG F 919 -23.53 -14.86 -29.97
N ASN F 920 -23.13 -13.90 -30.82
CA ASN F 920 -22.67 -14.24 -32.17
C ASN F 920 -21.41 -15.08 -32.12
N MET F 921 -20.46 -14.71 -31.28
CA MET F 921 -19.20 -15.46 -31.16
C MET F 921 -19.37 -16.60 -30.17
N ARG F 922 -18.99 -17.80 -30.58
CA ARG F 922 -19.09 -19.01 -29.77
C ARG F 922 -17.70 -19.57 -29.49
N ILE F 923 -17.61 -20.39 -28.45
CA ILE F 923 -16.35 -21.01 -28.04
C ILE F 923 -16.24 -22.36 -28.71
N TYR F 924 -15.07 -22.64 -29.29
CA TYR F 924 -14.84 -23.88 -30.01
C TYR F 924 -13.75 -24.68 -29.32
N ASP F 925 -14.15 -25.78 -28.69
CA ASP F 925 -13.21 -26.67 -28.03
C ASP F 925 -13.56 -28.11 -28.37
N GLY F 926 -12.54 -28.97 -28.44
CA GLY F 926 -12.72 -30.36 -28.80
C GLY F 926 -12.03 -31.28 -27.81
N ALA F 927 -12.38 -32.56 -27.91
CA ALA F 927 -11.83 -33.59 -27.05
C ALA F 927 -11.82 -34.91 -27.80
N LEU F 928 -11.26 -35.94 -27.16
CA LEU F 928 -11.16 -37.27 -27.75
C LEU F 928 -11.94 -38.25 -26.89
N TYR F 929 -12.91 -38.92 -27.50
CA TYR F 929 -13.59 -40.03 -26.86
C TYR F 929 -12.81 -41.32 -27.10
N HIS F 930 -12.66 -42.12 -26.04
CA HIS F 930 -11.90 -43.37 -26.10
C HIS F 930 -10.44 -43.15 -26.47
N GLY F 931 -9.92 -41.93 -26.22
CA GLY F 931 -8.52 -41.65 -26.42
C GLY F 931 -7.68 -42.04 -25.23
N LEU F 932 -6.36 -41.96 -25.40
CA LEU F 932 -5.44 -42.37 -24.35
C LEU F 932 -4.31 -41.35 -24.24
N ILE F 933 -3.76 -41.25 -23.04
CA ILE F 933 -2.62 -40.40 -22.74
C ILE F 933 -1.47 -41.28 -22.28
N MET F 934 -0.31 -41.14 -22.92
CA MET F 934 0.89 -41.85 -22.52
C MET F 934 1.94 -40.83 -22.07
N MET F 935 2.54 -41.10 -20.91
CA MET F 935 3.27 -40.06 -20.20
C MET F 935 4.58 -39.70 -20.89
N ALA F 936 5.51 -40.66 -21.01
CA ALA F 936 6.83 -40.38 -21.57
C ALA F 936 6.94 -41.04 -22.93
N TYR F 937 7.19 -40.23 -23.96
CA TYR F 937 7.34 -40.72 -25.32
C TYR F 937 8.65 -41.48 -25.45
N GLN F 938 8.59 -42.66 -26.07
CA GLN F 938 9.78 -43.44 -26.38
C GLN F 938 9.82 -43.75 -27.86
N ALA F 939 10.96 -43.48 -28.49
CA ALA F 939 11.23 -43.91 -29.85
C ALA F 939 12.38 -44.89 -29.94
N TYR F 940 13.07 -45.15 -28.82
CA TYR F 940 14.23 -46.02 -28.78
C TYR F 940 13.89 -47.40 -28.24
N ASP F 941 12.61 -47.69 -28.03
CA ASP F 941 12.15 -49.02 -27.62
C ASP F 941 11.80 -49.78 -28.88
N GLU F 942 12.75 -50.59 -29.36
CA GLU F 942 12.63 -51.24 -30.66
C GLU F 942 11.91 -52.57 -30.60
N THR F 943 11.48 -53.03 -29.42
CA THR F 943 10.75 -54.29 -29.33
C THR F 943 9.36 -54.15 -29.91
N ILE F 944 8.78 -52.96 -29.89
CA ILE F 944 7.47 -52.69 -30.44
C ILE F 944 7.62 -51.61 -31.51
N ALA F 945 7.04 -51.85 -32.68
CA ALA F 945 7.17 -50.91 -33.78
C ALA F 945 6.49 -49.59 -33.44
N THR F 946 7.08 -48.50 -33.95
CA THR F 946 6.54 -47.17 -33.69
C THR F 946 5.15 -47.03 -34.32
N GLY F 947 4.21 -46.49 -33.55
CA GLY F 947 2.85 -46.31 -34.03
C GLY F 947 2.11 -47.59 -34.32
N THR F 948 2.20 -48.58 -33.43
CA THR F 948 1.51 -49.84 -33.66
C THR F 948 0.09 -49.82 -33.09
N PHE F 949 -0.10 -49.21 -31.94
CA PHE F 949 -1.39 -49.20 -31.25
C PHE F 949 -2.02 -47.83 -31.11
N PHE F 950 -1.22 -46.76 -31.08
CA PHE F 950 -1.73 -45.41 -30.91
C PHE F 950 -1.17 -44.50 -31.98
N TYR F 951 -1.94 -43.46 -32.32
CA TYR F 951 -1.51 -42.42 -33.24
C TYR F 951 -1.64 -41.06 -32.57
N PRO F 952 -0.60 -40.23 -32.59
CA PRO F 952 -0.67 -38.93 -31.92
C PRO F 952 -1.63 -37.99 -32.62
N VAL F 953 -2.77 -37.73 -31.99
CA VAL F 953 -3.77 -36.78 -32.49
C VAL F 953 -4.13 -35.82 -31.36
N PRO F 954 -3.21 -34.94 -30.95
CA PRO F 954 -3.43 -34.11 -29.77
C PRO F 954 -4.20 -32.85 -30.13
N VAL F 955 -5.28 -32.59 -29.40
CA VAL F 955 -5.98 -31.30 -29.46
C VAL F 955 -6.14 -30.77 -28.04
N ASN F 956 -5.13 -30.02 -27.58
CA ASN F 956 -5.07 -29.25 -26.35
C ASN F 956 -3.85 -28.35 -26.40
N PRO F 957 -3.99 -27.06 -26.11
CA PRO F 957 -2.78 -26.23 -25.96
C PRO F 957 -1.87 -26.71 -24.85
N LEU F 958 -2.44 -27.23 -23.76
CA LEU F 958 -1.64 -27.73 -22.65
C LEU F 958 -0.94 -29.03 -23.01
N PHE F 959 -1.60 -29.88 -23.80
CA PHE F 959 -1.10 -31.21 -24.11
C PHE F 959 -0.36 -31.26 -25.45
N ALA F 960 0.31 -30.17 -25.82
CA ALA F 960 1.11 -30.17 -27.05
C ALA F 960 2.30 -31.11 -26.90
N CYS F 961 2.49 -31.98 -27.89
CA CYS F 961 3.51 -33.02 -27.84
C CYS F 961 4.29 -33.00 -29.15
N PRO F 962 5.23 -32.06 -29.30
CA PRO F 962 6.02 -32.03 -30.54
C PRO F 962 6.83 -33.28 -30.78
N GLU F 963 7.36 -33.89 -29.72
CA GLU F 963 8.16 -35.10 -29.87
C GLU F 963 7.29 -36.33 -30.11
N HIS F 964 6.09 -36.38 -29.55
CA HIS F 964 5.21 -37.53 -29.73
C HIS F 964 4.71 -37.65 -31.16
N LEU F 965 4.79 -36.57 -31.95
CA LEU F 965 4.34 -36.61 -33.33
C LEU F 965 5.14 -37.59 -34.18
N ALA F 966 6.37 -37.91 -33.77
CA ALA F 966 7.17 -38.88 -34.51
C ALA F 966 6.58 -40.29 -34.44
N SER F 967 5.62 -40.52 -33.54
CA SER F 967 4.94 -41.82 -33.48
C SER F 967 4.16 -42.11 -34.76
N LEU F 968 3.51 -41.10 -35.33
CA LEU F 968 2.71 -41.28 -36.54
C LEU F 968 3.62 -41.36 -37.76
N ARG F 969 3.16 -42.08 -38.78
CA ARG F 969 3.93 -42.23 -40.00
C ARG F 969 4.05 -40.89 -40.74
N GLY F 970 4.93 -40.86 -41.72
CA GLY F 970 5.19 -39.64 -42.47
C GLY F 970 5.88 -38.57 -41.65
N MET F 971 6.82 -38.96 -40.79
CA MET F 971 7.56 -38.00 -39.97
C MET F 971 8.75 -37.46 -40.76
N THR F 972 8.79 -36.13 -40.89
CA THR F 972 9.80 -35.45 -41.69
C THR F 972 10.50 -34.40 -40.82
N ASN F 973 11.61 -33.87 -41.32
CA ASN F 973 12.32 -32.82 -40.58
C ASN F 973 11.56 -31.50 -40.59
N ALA F 974 10.87 -31.20 -41.69
CA ALA F 974 10.15 -29.93 -41.79
C ALA F 974 9.06 -29.82 -40.73
N ARG F 975 8.28 -30.88 -40.55
CA ARG F 975 7.22 -30.85 -39.54
C ARG F 975 7.80 -30.70 -38.15
N ARG F 976 8.93 -31.37 -37.88
CA ARG F 976 9.56 -31.25 -36.56
C ARG F 976 10.07 -29.84 -36.31
N VAL F 977 10.70 -29.24 -37.33
CA VAL F 977 11.17 -27.86 -37.19
C VAL F 977 10.00 -26.92 -36.95
N LEU F 978 8.90 -27.11 -37.66
CA LEU F 978 7.72 -26.28 -37.43
C LEU F 978 7.15 -26.50 -36.03
N ALA F 979 7.14 -27.75 -35.56
CA ALA F 979 6.55 -28.07 -34.27
C ALA F 979 7.41 -27.63 -33.08
N LYS F 980 8.72 -27.45 -33.27
CA LYS F 980 9.54 -27.00 -32.15
C LYS F 980 9.12 -25.63 -31.62
N MET F 981 8.39 -24.84 -32.41
CA MET F 981 7.91 -23.55 -31.95
C MET F 981 6.40 -23.41 -31.94
N VAL F 982 5.68 -24.16 -32.77
CA VAL F 982 4.23 -24.04 -32.90
C VAL F 982 3.61 -25.37 -32.53
N PRO F 983 2.68 -25.40 -31.56
CA PRO F 983 1.99 -26.66 -31.23
C PRO F 983 1.04 -27.06 -32.35
N PRO F 984 1.15 -28.30 -32.85
CA PRO F 984 0.22 -28.79 -33.87
C PRO F 984 -1.13 -29.16 -33.26
N ILE F 985 -2.16 -28.38 -33.58
CA ILE F 985 -3.50 -28.58 -33.05
C ILE F 985 -4.49 -28.54 -34.19
N PRO F 986 -5.39 -29.52 -34.32
CA PRO F 986 -6.34 -29.51 -35.42
C PRO F 986 -7.35 -28.37 -35.28
N PRO F 987 -7.80 -27.79 -36.38
CA PRO F 987 -8.85 -26.78 -36.28
C PRO F 987 -10.24 -27.38 -36.16
N PHE F 988 -10.46 -28.56 -36.71
CA PHE F 988 -11.76 -29.22 -36.62
C PHE F 988 -12.07 -29.72 -35.22
N LEU F 989 -11.20 -29.42 -34.25
CA LEU F 989 -11.41 -29.77 -32.86
C LEU F 989 -11.17 -28.56 -31.95
N GLY F 990 -11.19 -27.35 -32.52
CA GLY F 990 -10.98 -26.14 -31.74
C GLY F 990 -9.67 -25.44 -32.04
N ALA F 991 -9.74 -24.14 -32.34
CA ALA F 991 -8.55 -23.34 -32.54
C ALA F 991 -8.08 -22.74 -31.22
N ASN F 992 -6.82 -22.31 -31.20
CA ASN F 992 -6.25 -21.76 -29.97
C ASN F 992 -6.97 -20.50 -29.55
N HIS F 993 -7.27 -19.61 -30.50
CA HIS F 993 -8.04 -18.41 -30.18
C HIS F 993 -9.47 -18.72 -29.76
N HIS F 994 -10.04 -19.83 -30.23
CA HIS F 994 -11.43 -20.15 -29.98
C HIS F 994 -11.64 -21.19 -28.88
N ALA F 995 -10.57 -21.81 -28.40
CA ALA F 995 -10.67 -22.75 -27.28
C ALA F 995 -10.56 -22.01 -25.96
N THR F 996 -11.22 -22.55 -24.93
CA THR F 996 -11.13 -21.95 -23.60
C THR F 996 -9.70 -21.95 -23.09
N ILE F 997 -9.04 -23.11 -23.13
CA ILE F 997 -7.63 -23.21 -22.81
C ILE F 997 -6.83 -22.62 -23.97
N ARG F 998 -5.92 -21.72 -23.66
CA ARG F 998 -5.19 -20.96 -24.68
C ARG F 998 -3.69 -21.20 -24.53
N GLN F 999 -2.91 -20.49 -25.34
CA GLN F 999 -1.45 -20.60 -25.27
C GLN F 999 -0.85 -20.17 -23.94
N PRO F 1000 -1.21 -19.03 -23.33
CA PRO F 1000 -0.46 -18.58 -22.15
C PRO F 1000 -0.51 -19.54 -20.97
N VAL F 1001 -1.61 -20.27 -20.77
CA VAL F 1001 -1.63 -21.23 -19.67
C VAL F 1001 -0.67 -22.38 -19.94
N ALA F 1002 -0.56 -22.81 -21.20
CA ALA F 1002 0.42 -23.81 -21.57
C ALA F 1002 1.85 -23.30 -21.34
N TYR F 1003 2.10 -22.05 -21.72
CA TYR F 1003 3.42 -21.46 -21.49
C TYR F 1003 3.73 -21.37 -20.00
N HIS F 1004 2.72 -21.03 -19.19
CA HIS F 1004 2.90 -20.97 -17.75
C HIS F 1004 3.23 -22.35 -17.17
N VAL F 1005 2.53 -23.38 -17.64
CA VAL F 1005 2.73 -24.70 -17.06
C VAL F 1005 4.02 -25.34 -17.57
N THR F 1006 4.52 -24.90 -18.72
CA THR F 1006 5.72 -25.52 -19.30
C THR F 1006 7.00 -24.76 -18.98
N HIS F 1007 6.92 -23.56 -18.38
CA HIS F 1007 8.11 -22.75 -18.16
C HIS F 1007 8.25 -22.30 -16.71
N SER F 1008 7.50 -22.91 -15.79
CA SER F 1008 7.56 -22.56 -14.37
C SER F 1008 8.18 -23.71 -13.59
N LYS F 1009 9.22 -23.41 -12.82
CA LYS F 1009 9.85 -24.39 -11.92
C LYS F 1009 10.01 -23.74 -10.54
N SER F 1010 8.93 -23.78 -9.75
CA SER F 1010 8.97 -23.33 -8.37
C SER F 1010 8.62 -24.43 -7.39
N ASP F 1011 7.48 -25.08 -7.58
CA ASP F 1011 6.98 -26.15 -6.71
C ASP F 1011 5.85 -26.85 -7.45
N PHE F 1012 5.23 -27.82 -6.79
CA PHE F 1012 4.09 -28.53 -7.38
C PHE F 1012 2.78 -28.23 -6.68
N ASN F 1013 2.78 -28.14 -5.34
CA ASN F 1013 1.59 -27.67 -4.64
C ASN F 1013 1.23 -26.25 -5.08
N THR F 1014 2.23 -25.37 -5.08
CA THR F 1014 1.99 -23.99 -5.53
C THR F 1014 1.59 -23.95 -7.00
N LEU F 1015 2.19 -24.83 -7.82
CA LEU F 1015 1.81 -24.88 -9.23
C LEU F 1015 0.36 -25.33 -9.39
N THR F 1016 -0.06 -26.34 -8.62
CA THR F 1016 -1.44 -26.80 -8.69
C THR F 1016 -2.41 -25.70 -8.26
N TYR F 1017 -2.09 -25.00 -7.18
CA TYR F 1017 -2.98 -23.95 -6.70
C TYR F 1017 -3.00 -22.77 -7.67
N SER F 1018 -1.87 -22.46 -8.31
CA SER F 1018 -1.84 -21.42 -9.32
C SER F 1018 -2.70 -21.79 -10.53
N LEU F 1019 -2.61 -23.06 -10.95
CA LEU F 1019 -3.47 -23.53 -12.04
C LEU F 1019 -4.94 -23.43 -11.66
N LEU F 1020 -5.26 -23.78 -10.41
CA LEU F 1020 -6.65 -23.68 -9.95
C LEU F 1020 -7.12 -22.23 -9.95
N GLY F 1021 -6.29 -21.31 -9.44
CA GLY F 1021 -6.67 -19.91 -9.41
C GLY F 1021 -6.82 -19.31 -10.79
N GLY F 1022 -6.00 -19.74 -11.75
CA GLY F 1022 -6.20 -19.32 -13.13
C GLY F 1022 -7.49 -19.87 -13.70
N TYR F 1023 -7.94 -21.02 -13.21
CA TYR F 1023 -9.15 -21.68 -13.70
C TYR F 1023 -10.36 -21.04 -13.02
N PHE F 1024 -10.60 -19.79 -13.37
CA PHE F 1024 -11.74 -19.01 -12.89
C PHE F 1024 -12.22 -18.14 -14.05
N LYS F 1025 -13.53 -18.07 -14.26
CA LYS F 1025 -14.01 -17.25 -15.36
C LYS F 1025 -13.81 -15.77 -15.09
N PHE F 1026 -13.70 -15.01 -16.16
CA PHE F 1026 -13.48 -13.56 -16.12
C PHE F 1026 -14.79 -12.79 -16.26
N THR F 1027 -15.93 -13.47 -16.18
CA THR F 1027 -17.21 -12.82 -16.37
C THR F 1027 -17.51 -11.88 -15.20
N PRO F 1028 -18.36 -10.87 -15.42
CA PRO F 1028 -18.68 -9.93 -14.33
C PRO F 1028 -19.24 -10.60 -13.09
N ILE F 1029 -20.06 -11.64 -13.24
CA ILE F 1029 -20.56 -12.37 -12.07
C ILE F 1029 -19.41 -13.06 -11.36
N SER F 1030 -18.52 -13.71 -12.11
CA SER F 1030 -17.36 -14.34 -11.49
C SER F 1030 -16.47 -13.30 -10.82
N LEU F 1031 -16.29 -12.14 -11.47
CA LEU F 1031 -15.50 -11.08 -10.87
C LEU F 1031 -16.11 -10.60 -9.56
N THR F 1032 -17.44 -10.44 -9.53
CA THR F 1032 -18.12 -10.13 -8.29
C THR F 1032 -17.85 -11.20 -7.24
N HIS F 1033 -17.86 -12.47 -7.65
CA HIS F 1033 -17.62 -13.55 -6.72
C HIS F 1033 -16.23 -13.46 -6.10
N GLN F 1034 -15.20 -13.25 -6.92
CA GLN F 1034 -13.85 -13.16 -6.35
C GLN F 1034 -13.69 -11.90 -5.50
N LEU F 1035 -14.29 -10.79 -5.93
CA LEU F 1035 -14.16 -9.56 -5.17
C LEU F 1035 -14.84 -9.66 -3.79
N ARG F 1036 -15.99 -10.33 -3.73
CA ARG F 1036 -16.63 -10.54 -2.43
C ARG F 1036 -15.92 -11.62 -1.63
N THR F 1037 -15.21 -12.52 -2.31
CA THR F 1037 -14.46 -13.56 -1.62
C THR F 1037 -13.17 -13.01 -1.04
N GLY F 1038 -12.32 -12.42 -1.88
CA GLY F 1038 -11.03 -11.93 -1.44
C GLY F 1038 -9.89 -12.32 -2.37
N PHE F 1039 -10.20 -13.14 -3.38
CA PHE F 1039 -9.20 -13.54 -4.35
C PHE F 1039 -8.78 -12.35 -5.21
N HIS F 1040 -7.54 -12.38 -5.69
CA HIS F 1040 -6.99 -11.31 -6.52
C HIS F 1040 -6.99 -11.74 -7.97
N PRO F 1041 -7.85 -11.17 -8.81
CA PRO F 1041 -7.78 -11.45 -10.25
C PRO F 1041 -6.53 -10.83 -10.87
N GLY F 1042 -6.14 -11.38 -12.01
CA GLY F 1042 -4.93 -10.93 -12.68
C GLY F 1042 -5.07 -9.60 -13.38
N ILE F 1043 -5.63 -8.61 -12.68
CA ILE F 1043 -5.77 -7.27 -13.22
C ILE F 1043 -5.69 -6.28 -12.07
N ALA F 1044 -5.22 -5.07 -12.36
CA ALA F 1044 -5.08 -4.03 -11.37
C ALA F 1044 -6.01 -2.87 -11.72
N PHE F 1045 -5.96 -1.82 -10.92
CA PHE F 1045 -6.79 -0.64 -11.12
C PHE F 1045 -6.03 0.61 -10.72
N THR F 1046 -6.53 1.75 -11.19
CA THR F 1046 -6.11 3.06 -10.71
C THR F 1046 -7.35 3.87 -10.37
N VAL F 1047 -7.18 4.78 -9.42
CA VAL F 1047 -8.30 5.53 -8.85
C VAL F 1047 -8.08 7.02 -9.10
N VAL F 1048 -9.13 7.69 -9.57
CA VAL F 1048 -9.13 9.12 -9.81
C VAL F 1048 -10.21 9.76 -8.96
N ARG F 1049 -9.84 10.80 -8.21
CA ARG F 1049 -10.75 11.46 -7.30
C ARG F 1049 -10.64 12.97 -7.47
N GLN F 1050 -11.80 13.64 -7.56
CA GLN F 1050 -11.85 15.08 -7.77
C GLN F 1050 -11.97 15.79 -6.43
N ASP F 1051 -11.39 16.99 -6.35
CA ASP F 1051 -11.39 17.77 -5.12
C ASP F 1051 -11.70 19.23 -5.44
N ARG F 1052 -12.23 19.95 -4.45
CA ARG F 1052 -12.41 21.39 -4.54
C ARG F 1052 -11.83 22.04 -3.30
N PHE F 1053 -10.80 22.85 -3.48
CA PHE F 1053 -10.08 23.48 -2.38
C PHE F 1053 -10.26 24.99 -2.45
N ALA F 1054 -10.51 25.61 -1.29
CA ALA F 1054 -10.56 27.06 -1.23
C ALA F 1054 -9.19 27.65 -1.51
N THR F 1055 -9.09 28.46 -2.56
CA THR F 1055 -7.82 28.94 -3.06
C THR F 1055 -7.71 30.45 -2.88
N GLU F 1056 -6.56 30.89 -2.38
CA GLU F 1056 -6.24 32.30 -2.30
C GLU F 1056 -5.34 32.69 -3.47
N GLN F 1057 -5.61 33.86 -4.04
CA GLN F 1057 -4.83 34.38 -5.15
C GLN F 1057 -4.06 35.61 -4.71
N LEU F 1058 -2.77 35.60 -5.01
CA LEU F 1058 -1.84 36.66 -4.60
C LEU F 1058 -1.51 37.48 -5.83
N LEU F 1059 -1.83 38.77 -5.79
CA LEU F 1059 -1.75 39.60 -6.99
C LEU F 1059 -1.01 40.90 -6.71
N TYR F 1060 0.02 41.15 -7.50
CA TYR F 1060 0.66 42.46 -7.65
C TYR F 1060 0.60 42.89 -9.10
N ALA F 1061 0.30 44.17 -9.35
CA ALA F 1061 0.30 44.67 -10.72
C ALA F 1061 1.36 45.75 -10.95
N GLU F 1062 1.16 46.96 -10.42
CA GLU F 1062 1.93 48.14 -10.85
C GLU F 1062 1.53 49.38 -10.06
N ARG F 1063 2.25 50.48 -10.31
CA ARG F 1063 1.78 51.80 -9.94
C ARG F 1063 0.86 52.36 -11.03
N ALA F 1064 1.39 52.56 -12.23
CA ALA F 1064 0.61 53.10 -13.34
C ALA F 1064 0.23 51.99 -14.32
N SER F 1065 -0.81 51.24 -13.95
CA SER F 1065 -1.26 50.13 -14.78
C SER F 1065 -2.59 50.38 -15.47
N GLU F 1066 -3.39 51.33 -15.00
CA GLU F 1066 -4.71 51.56 -15.55
C GLU F 1066 -5.00 53.06 -15.59
N SER F 1067 -5.51 53.53 -16.72
CA SER F 1067 -6.06 54.88 -16.84
C SER F 1067 -7.56 54.78 -16.69
N TYR F 1068 -8.12 55.62 -15.82
CA TYR F 1068 -9.53 55.49 -15.42
C TYR F 1068 -10.20 56.84 -15.61
N PHE F 1069 -11.11 56.92 -16.58
CA PHE F 1069 -11.83 58.15 -16.88
C PHE F 1069 -13.16 58.12 -16.11
N VAL F 1070 -13.63 59.30 -15.71
CA VAL F 1070 -14.89 59.45 -15.00
C VAL F 1070 -15.77 60.45 -15.74
N GLY F 1071 -17.05 60.14 -15.85
CA GLY F 1071 -18.02 61.02 -16.46
C GLY F 1071 -18.75 61.87 -15.44
N GLN F 1072 -19.76 62.58 -15.91
CA GLN F 1072 -20.60 63.41 -15.06
C GLN F 1072 -21.86 62.65 -14.68
N ILE F 1073 -22.27 62.78 -13.42
CA ILE F 1073 -23.42 62.03 -12.93
C ILE F 1073 -24.72 62.59 -13.52
N GLN F 1074 -25.61 61.68 -13.92
CA GLN F 1074 -26.91 62.05 -14.44
C GLN F 1074 -27.97 61.17 -13.80
N VAL F 1075 -29.19 61.70 -13.72
CA VAL F 1075 -30.26 61.09 -12.95
C VAL F 1075 -31.45 60.85 -13.87
N HIS F 1076 -32.31 59.90 -13.48
CA HIS F 1076 -33.57 59.63 -14.17
C HIS F 1076 -34.66 59.54 -13.12
N HIS F 1077 -35.66 60.42 -13.22
CA HIS F 1077 -36.82 60.36 -12.36
C HIS F 1077 -37.83 59.39 -12.94
N HIS F 1078 -38.04 58.27 -12.24
CA HIS F 1078 -38.92 57.21 -12.71
C HIS F 1078 -40.02 56.99 -11.69
N ASP F 1079 -41.26 56.94 -12.16
CA ASP F 1079 -42.39 56.69 -11.28
C ASP F 1079 -42.32 55.27 -10.71
N ALA F 1080 -42.65 55.17 -9.42
CA ALA F 1080 -42.56 53.90 -8.70
C ALA F 1080 -43.91 53.61 -8.07
N ILE F 1081 -43.97 52.55 -7.26
CA ILE F 1081 -45.23 52.11 -6.67
C ILE F 1081 -45.67 53.07 -5.57
N GLY F 1082 -44.87 53.19 -4.51
CA GLY F 1082 -45.22 54.06 -3.41
C GLY F 1082 -44.88 55.52 -3.69
N GLY F 1083 -43.74 55.74 -4.34
CA GLY F 1083 -43.32 57.07 -4.71
C GLY F 1083 -42.72 57.11 -6.10
N VAL F 1084 -41.52 57.66 -6.21
CA VAL F 1084 -40.76 57.67 -7.45
C VAL F 1084 -39.36 57.14 -7.17
N ASN F 1085 -38.71 56.66 -8.23
CA ASN F 1085 -37.37 56.08 -8.14
C ASN F 1085 -36.39 57.01 -8.81
N PHE F 1086 -35.37 57.44 -8.07
CA PHE F 1086 -34.27 58.21 -8.62
C PHE F 1086 -33.08 57.28 -8.84
N THR F 1087 -32.62 57.19 -10.07
CA THR F 1087 -31.49 56.36 -10.43
C THR F 1087 -30.34 57.26 -10.86
N LEU F 1088 -29.17 57.07 -10.25
CA LEU F 1088 -28.01 57.90 -10.53
C LEU F 1088 -27.09 57.15 -11.48
N THR F 1089 -26.77 57.77 -12.61
CA THR F 1089 -25.98 57.15 -13.67
C THR F 1089 -24.81 58.04 -14.03
N GLN F 1090 -23.62 57.44 -14.12
CA GLN F 1090 -22.40 58.16 -14.47
C GLN F 1090 -21.49 57.21 -15.25
N PRO F 1091 -21.17 57.51 -16.50
CA PRO F 1091 -20.33 56.60 -17.29
C PRO F 1091 -18.85 56.77 -16.96
N ARG F 1092 -18.09 55.74 -17.33
CA ARG F 1092 -16.65 55.72 -17.10
C ARG F 1092 -16.03 54.69 -18.03
N ALA F 1093 -14.70 54.76 -18.15
CA ALA F 1093 -13.96 53.86 -19.04
C ALA F 1093 -12.59 53.58 -18.45
N HIS F 1094 -12.03 52.43 -18.82
CA HIS F 1094 -10.73 51.99 -18.35
C HIS F 1094 -9.86 51.61 -19.53
N VAL F 1095 -8.58 51.97 -19.47
CA VAL F 1095 -7.60 51.63 -20.50
C VAL F 1095 -6.32 51.18 -19.80
N ASP F 1096 -5.76 50.06 -20.25
CA ASP F 1096 -4.53 49.51 -19.69
C ASP F 1096 -3.35 50.07 -20.49
N LEU F 1097 -2.74 51.14 -19.96
CA LEU F 1097 -1.60 51.77 -20.62
C LEU F 1097 -0.28 51.15 -20.17
N GLY F 1098 -0.25 49.82 -20.25
CA GLY F 1098 0.93 49.05 -19.87
C GLY F 1098 1.64 48.49 -21.08
N VAL F 1099 2.97 48.38 -20.98
CA VAL F 1099 3.76 47.86 -22.08
C VAL F 1099 3.55 46.37 -22.25
N GLY F 1100 3.63 45.62 -21.15
CA GLY F 1100 3.41 44.18 -21.19
C GLY F 1100 2.37 43.72 -20.18
N TYR F 1101 2.64 42.61 -19.49
CA TYR F 1101 1.75 42.12 -18.44
C TYR F 1101 1.99 42.94 -17.19
N THR F 1102 1.03 43.81 -16.86
CA THR F 1102 1.14 44.58 -15.64
C THR F 1102 0.91 43.73 -14.40
N ALA F 1103 -0.12 42.88 -14.38
CA ALA F 1103 -0.55 42.20 -13.18
C ALA F 1103 -0.20 40.71 -13.26
N VAL F 1104 0.12 40.12 -12.10
CA VAL F 1104 0.36 38.68 -11.98
C VAL F 1104 -0.36 38.19 -10.74
N CYS F 1105 -1.18 37.15 -10.89
CA CYS F 1105 -1.91 36.55 -9.79
C CYS F 1105 -1.68 35.05 -9.78
N ALA F 1106 -1.39 34.51 -8.58
CA ALA F 1106 -1.08 33.09 -8.43
C ALA F 1106 -1.77 32.54 -7.19
N THR F 1107 -2.12 31.27 -7.23
CA THR F 1107 -2.76 30.63 -6.09
C THR F 1107 -1.79 30.53 -4.92
N ALA F 1108 -2.23 30.97 -3.75
CA ALA F 1108 -1.34 31.07 -2.60
C ALA F 1108 -1.74 30.17 -1.44
N ALA F 1109 -2.96 30.28 -0.93
CA ALA F 1109 -3.33 29.66 0.33
C ALA F 1109 -4.48 28.67 0.14
N LEU F 1110 -4.65 27.81 1.15
CA LEU F 1110 -5.55 26.67 1.09
C LEU F 1110 -6.69 26.72 2.10
N ARG F 1111 -6.44 27.26 3.30
CA ARG F 1111 -7.29 27.12 4.48
C ARG F 1111 -7.95 25.74 4.57
N CYS F 1112 -9.12 25.66 5.20
CA CYS F 1112 -9.81 24.39 5.34
C CYS F 1112 -10.29 23.89 3.98
N PRO F 1113 -10.16 22.60 3.70
CA PRO F 1113 -10.68 22.05 2.44
C PRO F 1113 -12.19 21.94 2.47
N LEU F 1114 -12.86 22.68 1.59
CA LEU F 1114 -14.32 22.66 1.57
C LEU F 1114 -14.86 21.33 1.10
N THR F 1115 -14.07 20.56 0.36
CA THR F 1115 -14.46 19.23 -0.08
C THR F 1115 -13.97 18.19 0.93
N ASP F 1116 -14.21 16.92 0.62
CA ASP F 1116 -13.82 15.82 1.48
C ASP F 1116 -12.74 14.98 0.80
N MET F 1117 -11.72 14.62 1.56
CA MET F 1117 -10.71 13.66 1.11
C MET F 1117 -11.11 12.24 1.48
N GLY F 1118 -12.35 11.88 1.13
CA GLY F 1118 -12.93 10.62 1.53
C GLY F 1118 -12.71 9.51 0.54
N ASN F 1119 -13.51 8.46 0.68
CA ASN F 1119 -13.42 7.25 -0.12
C ASN F 1119 -14.82 6.85 -0.60
N THR F 1120 -15.21 7.36 -1.77
CA THR F 1120 -16.49 7.04 -2.38
C THR F 1120 -16.26 6.62 -3.82
N ALA F 1121 -16.59 5.38 -4.14
CA ALA F 1121 -16.41 4.88 -5.50
C ALA F 1121 -17.39 5.56 -6.45
N GLN F 1122 -16.96 5.76 -7.70
CA GLN F 1122 -17.82 6.34 -8.72
C GLN F 1122 -18.62 5.23 -9.39
N ASN F 1123 -19.91 5.14 -9.06
CA ASN F 1123 -20.76 4.12 -9.65
C ASN F 1123 -20.95 4.36 -11.13
N LEU F 1124 -21.03 3.28 -11.90
CA LEU F 1124 -21.31 3.34 -13.32
C LEU F 1124 -22.74 2.95 -13.66
N PHE F 1125 -23.51 2.48 -12.68
CA PHE F 1125 -24.90 2.10 -12.91
C PHE F 1125 -25.82 3.30 -13.11
N PHE F 1126 -25.39 4.50 -12.73
CA PHE F 1126 -26.14 5.70 -13.05
C PHE F 1126 -26.23 5.97 -14.54
N SER F 1127 -25.14 5.76 -15.28
CA SER F 1127 -25.06 6.11 -16.69
C SER F 1127 -25.88 5.16 -17.54
N ARG F 1128 -26.38 5.66 -18.67
CA ARG F 1128 -27.18 4.89 -19.60
C ARG F 1128 -26.67 5.11 -21.01
N GLY F 1129 -26.74 4.06 -21.83
CA GLY F 1129 -26.27 4.14 -23.20
C GLY F 1129 -25.52 2.89 -23.64
N GLY F 1130 -24.90 2.19 -22.69
CA GLY F 1130 -24.21 0.97 -23.01
C GLY F 1130 -25.16 -0.16 -23.36
N VAL F 1131 -24.61 -1.16 -24.04
CA VAL F 1131 -25.40 -2.32 -24.46
C VAL F 1131 -25.79 -3.13 -23.22
N PRO F 1132 -27.06 -3.43 -23.04
CA PRO F 1132 -27.49 -4.18 -21.86
C PRO F 1132 -27.23 -5.67 -22.02
N MET F 1133 -27.19 -6.35 -20.87
CA MET F 1133 -27.14 -7.81 -20.87
C MET F 1133 -28.47 -8.37 -21.36
N LEU F 1134 -28.37 -9.51 -22.06
CA LEU F 1134 -29.57 -10.14 -22.60
C LEU F 1134 -30.48 -10.66 -21.49
N HIS F 1135 -29.94 -10.84 -20.30
CA HIS F 1135 -30.70 -11.32 -19.14
C HIS F 1135 -30.87 -10.18 -18.15
N ASP F 1136 -32.13 -9.84 -17.85
CA ASP F 1136 -32.41 -8.72 -16.95
C ASP F 1136 -32.00 -9.02 -15.51
N ASN F 1137 -32.19 -10.27 -15.06
CA ASN F 1137 -31.89 -10.61 -13.67
C ASN F 1137 -30.40 -10.45 -13.36
N VAL F 1138 -29.53 -10.71 -14.33
CA VAL F 1138 -28.10 -10.50 -14.12
C VAL F 1138 -27.81 -9.03 -13.82
N THR F 1139 -28.35 -8.13 -14.64
CA THR F 1139 -28.14 -6.71 -14.43
C THR F 1139 -28.77 -6.24 -13.12
N GLU F 1140 -29.94 -6.77 -12.77
CA GLU F 1140 -30.58 -6.39 -11.52
C GLU F 1140 -29.76 -6.83 -10.31
N SER F 1141 -29.23 -8.05 -10.33
CA SER F 1141 -28.40 -8.52 -9.24
C SER F 1141 -27.11 -7.72 -9.15
N LEU F 1142 -26.53 -7.37 -10.29
CA LEU F 1142 -25.31 -6.57 -10.26
C LEU F 1142 -25.59 -5.18 -9.71
N ARG F 1143 -26.76 -4.61 -10.06
CA ARG F 1143 -27.14 -3.32 -9.50
C ARG F 1143 -27.34 -3.40 -7.99
N ARG F 1144 -27.99 -4.47 -7.51
CA ARG F 1144 -28.26 -4.56 -6.09
C ARG F 1144 -26.98 -4.81 -5.29
N ILE F 1145 -26.02 -5.53 -5.88
CA ILE F 1145 -24.76 -5.75 -5.18
C ILE F 1145 -23.87 -4.51 -5.25
N THR F 1146 -24.03 -3.71 -6.30
CA THR F 1146 -23.35 -2.42 -6.36
C THR F 1146 -23.92 -1.45 -5.33
N ALA F 1147 -25.24 -1.49 -5.11
CA ALA F 1147 -25.86 -0.64 -4.11
C ALA F 1147 -25.33 -0.96 -2.71
N SER F 1148 -25.20 -2.25 -2.40
CA SER F 1148 -24.56 -2.65 -1.15
C SER F 1148 -23.07 -2.33 -1.19
N GLY F 1149 -22.57 -1.81 -0.08
CA GLY F 1149 -21.18 -1.41 -0.01
C GLY F 1149 -20.82 -0.15 -0.76
N GLY F 1150 -21.81 0.67 -1.09
CA GLY F 1150 -21.57 1.93 -1.75
C GLY F 1150 -22.24 3.07 -1.01
N ARG F 1151 -21.45 4.11 -0.77
CA ARG F 1151 -21.93 5.25 0.02
C ARG F 1151 -22.94 6.10 -0.75
N LEU F 1152 -22.89 6.09 -2.08
CA LEU F 1152 -23.87 6.75 -2.92
C LEU F 1152 -24.42 5.74 -3.92
N ASN F 1153 -25.73 5.56 -3.92
CA ASN F 1153 -26.38 4.52 -4.69
C ASN F 1153 -27.69 5.05 -5.26
N PRO F 1154 -28.17 4.48 -6.36
CA PRO F 1154 -29.44 4.96 -6.94
C PRO F 1154 -30.62 4.62 -6.05
N THR F 1155 -31.67 5.43 -6.18
CA THR F 1155 -32.90 5.17 -5.45
C THR F 1155 -33.57 3.90 -5.97
N GLU F 1156 -34.21 3.16 -5.06
CA GLU F 1156 -34.88 1.94 -5.45
C GLU F 1156 -36.02 2.12 -6.46
N PRO F 1157 -36.88 3.16 -6.38
CA PRO F 1157 -37.98 3.23 -7.35
C PRO F 1157 -37.52 3.43 -8.79
N LEU F 1158 -36.30 3.96 -9.00
CA LEU F 1158 -35.75 4.20 -10.33
C LEU F 1158 -36.68 5.07 -11.16
N PRO F 1159 -36.82 6.36 -10.81
CA PRO F 1159 -37.78 7.22 -11.54
C PRO F 1159 -37.39 7.38 -13.00
N ILE F 1160 -38.34 7.10 -13.89
CA ILE F 1160 -38.10 7.25 -15.32
C ILE F 1160 -38.22 8.72 -15.70
N PHE F 1161 -37.68 9.05 -16.88
CA PHE F 1161 -37.62 10.42 -17.39
C PHE F 1161 -36.99 11.34 -16.35
N GLY F 1162 -35.77 10.99 -15.95
CA GLY F 1162 -35.06 11.76 -14.95
C GLY F 1162 -33.62 11.28 -14.85
N GLY F 1163 -32.83 12.04 -14.09
CA GLY F 1163 -31.43 11.75 -13.94
C GLY F 1163 -31.08 10.71 -12.90
N LEU F 1164 -32.08 10.13 -12.24
CA LEU F 1164 -31.88 9.11 -11.21
C LEU F 1164 -30.99 9.64 -10.08
N ARG F 1165 -31.51 10.66 -9.39
CA ARG F 1165 -30.77 11.29 -8.31
C ARG F 1165 -30.50 10.30 -7.19
N PRO F 1166 -29.35 10.41 -6.53
CA PRO F 1166 -29.08 9.52 -5.39
C PRO F 1166 -30.03 9.81 -4.23
N ALA F 1167 -30.24 8.78 -3.41
CA ALA F 1167 -31.19 8.87 -2.31
C ALA F 1167 -30.75 9.91 -1.29
N THR F 1168 -31.71 10.53 -0.63
CA THR F 1168 -31.41 11.50 0.42
C THR F 1168 -30.75 10.80 1.60
N SER F 1169 -29.98 11.57 2.36
CA SER F 1169 -29.23 11.00 3.47
C SER F 1169 -29.08 11.99 4.62
N ALA F 1170 -28.51 11.54 5.73
CA ALA F 1170 -28.23 12.40 6.86
C ALA F 1170 -26.95 13.20 6.61
N GLY F 1171 -26.45 13.88 7.64
CA GLY F 1171 -25.28 14.73 7.45
C GLY F 1171 -24.08 13.94 6.98
N ILE F 1172 -23.57 14.31 5.80
CA ILE F 1172 -22.31 13.74 5.34
C ILE F 1172 -21.20 14.24 6.24
N ALA F 1173 -20.26 13.35 6.58
CA ALA F 1173 -19.41 13.54 7.76
C ALA F 1173 -18.70 14.88 7.75
N ARG F 1174 -18.00 15.20 6.66
CA ARG F 1174 -17.17 16.40 6.68
C ARG F 1174 -17.16 17.18 5.37
N GLY F 1175 -18.26 17.17 4.61
CA GLY F 1175 -18.37 17.94 3.40
C GLY F 1175 -18.86 17.11 2.23
N GLN F 1176 -18.90 17.76 1.07
CA GLN F 1176 -19.39 17.10 -0.13
C GLN F 1176 -18.48 15.94 -0.50
N ALA F 1177 -19.09 14.80 -0.82
CA ALA F 1177 -18.34 13.60 -1.13
C ALA F 1177 -17.58 13.74 -2.44
N SER F 1178 -16.45 13.05 -2.52
CA SER F 1178 -15.60 13.06 -3.70
C SER F 1178 -15.60 11.67 -4.34
N VAL F 1179 -16.00 11.61 -5.60
CA VAL F 1179 -16.16 10.33 -6.29
C VAL F 1179 -14.79 9.76 -6.66
N CYS F 1180 -14.74 8.44 -6.84
CA CYS F 1180 -13.52 7.73 -7.20
C CYS F 1180 -13.84 6.73 -8.28
N GLU F 1181 -13.28 6.91 -9.47
CA GLU F 1181 -13.49 6.03 -10.60
C GLU F 1181 -12.32 5.06 -10.72
N PHE F 1182 -12.57 3.92 -11.37
CA PHE F 1182 -11.59 2.85 -11.50
C PHE F 1182 -11.22 2.64 -12.96
N VAL F 1183 -9.91 2.61 -13.23
CA VAL F 1183 -9.37 2.32 -14.56
C VAL F 1183 -8.37 1.19 -14.42
N ALA F 1184 -8.51 0.16 -15.26
CA ALA F 1184 -7.80 -1.10 -15.06
C ALA F 1184 -6.50 -1.15 -15.87
N MET F 1185 -5.59 -1.99 -15.40
CA MET F 1185 -4.33 -2.28 -16.06
C MET F 1185 -3.79 -3.59 -15.53
N PRO F 1186 -2.79 -4.19 -16.18
CA PRO F 1186 -2.23 -5.45 -15.66
C PRO F 1186 -1.59 -5.24 -14.30
N VAL F 1187 -1.58 -6.33 -13.52
CA VAL F 1187 -1.05 -6.27 -12.16
C VAL F 1187 0.39 -5.81 -12.13
N SER F 1188 1.16 -6.14 -13.17
CA SER F 1188 2.55 -5.69 -13.26
C SER F 1188 2.62 -4.51 -14.22
N THR F 1189 2.52 -3.32 -13.65
CA THR F 1189 2.67 -2.06 -14.36
C THR F 1189 3.86 -1.33 -13.76
N ASP F 1190 4.58 -0.57 -14.58
CA ASP F 1190 5.80 0.09 -14.12
C ASP F 1190 5.46 0.98 -12.94
N LEU F 1191 5.90 0.59 -11.75
CA LEU F 1191 5.44 1.22 -10.52
C LEU F 1191 6.08 2.59 -10.28
N GLN F 1192 7.35 2.76 -10.65
CA GLN F 1192 8.00 4.05 -10.45
C GLN F 1192 7.37 5.13 -11.33
N TYR F 1193 6.62 4.74 -12.36
CA TYR F 1193 5.81 5.70 -13.10
C TYR F 1193 4.78 6.36 -12.19
N PHE F 1194 4.16 5.59 -11.30
CA PHE F 1194 3.16 6.12 -10.40
C PHE F 1194 3.77 6.88 -9.22
N ARG F 1195 5.10 6.80 -9.04
CA ARG F 1195 5.77 7.52 -7.96
C ARG F 1195 5.74 9.02 -8.16
N THR F 1196 5.81 9.50 -9.40
CA THR F 1196 5.85 10.93 -9.68
C THR F 1196 4.54 11.39 -10.31
N ALA F 1197 4.45 12.67 -10.63
CA ALA F 1197 3.25 13.22 -11.26
C ALA F 1197 3.14 12.65 -12.67
N CYS F 1198 2.21 11.72 -12.85
CA CYS F 1198 2.03 11.01 -14.10
C CYS F 1198 0.71 11.44 -14.76
N ASN F 1199 0.44 10.82 -15.92
CA ASN F 1199 -0.75 11.10 -16.70
C ASN F 1199 -1.87 10.13 -16.33
N PRO F 1200 -3.11 10.61 -16.17
CA PRO F 1200 -4.22 9.69 -15.87
C PRO F 1200 -4.40 8.62 -16.92
N ARG F 1201 -4.21 8.96 -18.20
CA ARG F 1201 -4.25 7.94 -19.24
C ARG F 1201 -3.01 7.06 -19.19
N GLY F 1202 -1.84 7.65 -19.00
CA GLY F 1202 -0.59 6.92 -18.88
C GLY F 1202 0.48 7.31 -19.87
N ARG F 1203 0.23 8.25 -20.77
CA ARG F 1203 1.22 8.64 -21.77
C ARG F 1203 1.30 10.16 -21.85
N ALA F 1204 2.51 10.68 -21.95
CA ALA F 1204 2.68 12.10 -22.26
C ALA F 1204 2.05 12.39 -23.62
N SER F 1205 1.26 13.45 -23.69
CA SER F 1205 0.30 13.55 -24.78
C SER F 1205 -0.07 15.02 -25.00
N GLU F 1325 -1.97 15.84 -16.38
CA GLU F 1325 -1.28 15.02 -15.39
C GLU F 1325 -2.03 15.08 -14.08
N ALA F 1326 -2.13 13.92 -13.42
CA ALA F 1326 -2.81 13.79 -12.14
C ALA F 1326 -1.75 13.66 -11.04
N TYR F 1327 -1.78 14.58 -10.09
CA TYR F 1327 -0.83 14.55 -8.98
C TYR F 1327 -1.17 13.41 -8.03
N PRO F 1328 -0.25 12.48 -7.79
CA PRO F 1328 -0.49 11.44 -6.79
C PRO F 1328 -0.06 11.88 -5.41
N PRO F 1329 -0.99 12.00 -4.48
CA PRO F 1329 -0.62 12.20 -3.07
C PRO F 1329 -0.13 10.90 -2.43
N LEU F 1330 0.33 11.04 -1.19
CA LEU F 1330 0.94 9.91 -0.50
C LEU F 1330 -0.08 8.81 -0.28
N CYS F 1331 0.31 7.57 -0.58
CA CYS F 1331 -0.60 6.44 -0.52
C CYS F 1331 0.17 5.19 -0.11
N SER F 1332 -0.57 4.24 0.47
CA SER F 1332 -0.01 3.00 0.99
C SER F 1332 -0.88 1.83 0.58
N SER F 1333 -0.23 0.73 0.21
CA SER F 1333 -0.94 -0.50 -0.11
C SER F 1333 -1.01 -1.46 1.07
N ASP F 1334 -0.50 -1.06 2.22
CA ASP F 1334 -0.58 -1.85 3.45
C ASP F 1334 -0.90 -0.94 4.62
N ALA F 1335 -1.54 -1.49 5.65
CA ALA F 1335 -1.77 -0.73 6.86
C ALA F 1335 -0.47 -0.34 7.52
N ALA F 1336 0.52 -1.24 7.50
CA ALA F 1336 1.82 -0.95 8.08
C ALA F 1336 2.52 0.18 7.34
N MET F 1337 2.44 0.19 6.01
CA MET F 1337 3.22 1.14 5.22
C MET F 1337 2.83 2.58 5.54
N LEU F 1338 1.53 2.86 5.70
CA LEU F 1338 1.11 4.23 5.94
C LEU F 1338 1.59 4.73 7.30
N ARG F 1339 1.47 3.89 8.34
CA ARG F 1339 1.86 4.34 9.67
C ARG F 1339 3.38 4.37 9.82
N THR F 1340 4.10 3.63 8.99
CA THR F 1340 5.55 3.78 8.96
C THR F 1340 5.99 4.88 7.99
N ALA F 1341 5.06 5.43 7.21
CA ALA F 1341 5.37 6.55 6.33
C ALA F 1341 5.34 7.88 7.06
N HIS F 1342 5.01 7.89 8.36
CA HIS F 1342 4.99 9.15 9.12
C HIS F 1342 6.39 9.59 9.48
N ALA F 1343 7.41 8.98 8.86
CA ALA F 1343 8.82 9.21 9.20
C ALA F 1343 9.10 8.82 10.66
N GLY F 1344 8.90 7.54 10.97
CA GLY F 1344 9.16 7.02 12.30
C GLY F 1344 10.61 7.20 12.71
N GLU F 1345 11.52 6.85 11.82
CA GLU F 1345 12.94 7.16 12.00
C GLU F 1345 13.42 8.03 10.83
N THR F 1346 12.57 8.98 10.48
CA THR F 1346 12.65 9.75 9.25
C THR F 1346 12.62 8.84 8.02
N GLY F 1347 12.15 7.61 8.26
CA GLY F 1347 12.25 6.54 7.29
C GLY F 1347 11.04 6.36 6.39
N ALA F 1348 11.27 6.45 5.09
CA ALA F 1348 10.24 6.18 4.08
C ALA F 1348 10.65 4.95 3.28
N ASP F 1349 9.71 4.04 3.08
CA ASP F 1349 9.96 2.80 2.36
C ASP F 1349 9.05 2.75 1.14
N GLU F 1350 9.44 1.95 0.15
CA GLU F 1350 8.66 1.81 -1.08
C GLU F 1350 8.00 0.45 -1.20
N VAL F 1351 8.78 -0.62 -1.23
CA VAL F 1351 8.28 -1.98 -1.35
C VAL F 1351 8.95 -2.83 -0.29
N HIS F 1352 8.16 -3.60 0.46
CA HIS F 1352 8.75 -4.51 1.44
C HIS F 1352 8.95 -5.89 0.83
N LEU F 1353 7.87 -6.56 0.43
CA LEU F 1353 8.00 -7.76 -0.39
C LEU F 1353 7.21 -7.61 -1.69
N ALA F 1354 5.92 -7.30 -1.61
CA ALA F 1354 5.04 -7.23 -2.77
C ALA F 1354 4.15 -6.01 -2.84
N GLN F 1355 3.84 -5.36 -1.71
CA GLN F 1355 3.02 -4.16 -1.73
C GLN F 1355 3.90 -2.94 -1.96
N TYR F 1356 3.29 -1.76 -1.96
CA TYR F 1356 4.01 -0.54 -2.33
C TYR F 1356 3.56 0.61 -1.45
N LEU F 1357 4.46 1.57 -1.27
CA LEU F 1357 4.21 2.78 -0.47
C LEU F 1357 4.79 3.96 -1.24
N ILE F 1358 3.91 4.77 -1.82
CA ILE F 1358 4.31 5.89 -2.67
C ILE F 1358 4.12 7.19 -1.87
N ARG F 1359 5.13 8.05 -1.88
CA ARG F 1359 4.98 9.32 -1.17
C ARG F 1359 4.02 10.26 -1.90
N ASP F 1360 3.94 11.48 -1.38
CA ASP F 1360 3.14 12.53 -1.99
C ASP F 1360 3.91 13.18 -3.14
N ALA F 1361 3.25 13.31 -4.28
CA ALA F 1361 3.69 14.17 -5.37
C ALA F 1361 2.69 15.27 -5.67
N SER F 1362 1.59 15.32 -4.92
CA SER F 1362 0.58 16.35 -5.09
C SER F 1362 1.04 17.66 -4.43
N PRO F 1363 0.42 18.78 -4.78
CA PRO F 1363 0.76 20.05 -4.12
C PRO F 1363 0.60 20.02 -2.60
N LEU F 1364 -0.05 19.01 -2.04
CA LEU F 1364 -0.30 18.97 -0.60
C LEU F 1364 0.85 18.27 0.12
N ARG F 1365 2.07 18.74 -0.18
CA ARG F 1365 3.26 18.15 0.43
C ARG F 1365 3.44 18.65 1.86
N GLY F 1366 3.58 19.95 2.03
CA GLY F 1366 3.86 20.54 3.32
C GLY F 1366 2.62 21.00 4.07
N CYS F 1367 1.47 20.48 3.68
CA CYS F 1367 0.19 20.82 4.30
C CYS F 1367 -0.40 19.58 4.96
N LEU F 1368 -1.65 19.73 5.43
CA LEU F 1368 -2.44 18.63 5.98
C LEU F 1368 -1.69 17.90 7.09
N PRO F 1369 -1.54 18.51 8.26
CA PRO F 1369 -0.82 17.85 9.36
C PRO F 1369 -1.45 16.51 9.73
N LEU F 1370 -0.59 15.53 10.01
CA LEU F 1370 -1.05 14.18 10.28
C LEU F 1370 -1.48 14.02 11.73
N MET G 1 -59.39 2.92 -57.58
CA MET G 1 -59.11 1.96 -56.51
C MET G 1 -59.48 2.59 -55.18
N ASN G 2 -59.84 3.89 -55.22
CA ASN G 2 -60.33 4.57 -54.03
C ASN G 2 -61.60 3.92 -53.50
N ALA G 3 -62.52 3.55 -54.39
CA ALA G 3 -63.73 2.84 -53.99
C ALA G 3 -63.41 1.50 -53.33
N HIS G 4 -62.30 0.87 -53.70
CA HIS G 4 -61.87 -0.35 -53.04
C HIS G 4 -61.43 -0.12 -51.61
N LEU G 5 -60.74 1.00 -51.36
CA LEU G 5 -60.41 1.38 -49.98
C LEU G 5 -61.65 1.71 -49.19
N ALA G 6 -62.61 2.41 -49.82
CA ALA G 6 -63.72 3.00 -49.12
C ALA G 6 -64.88 2.04 -48.86
N ASN G 7 -64.78 0.78 -49.30
CA ASN G 7 -65.87 -0.17 -49.09
C ASN G 7 -65.58 -1.14 -47.96
N GLU G 8 -64.33 -1.58 -47.81
CA GLU G 8 -63.99 -2.50 -46.73
C GLU G 8 -64.09 -1.84 -45.36
N VAL G 9 -63.89 -0.52 -45.28
CA VAL G 9 -64.11 0.19 -44.02
C VAL G 9 -65.58 0.11 -43.62
N GLN G 10 -66.48 0.35 -44.59
CA GLN G 10 -67.91 0.23 -44.31
C GLN G 10 -68.30 -1.19 -43.94
N TYR G 11 -67.75 -2.18 -44.65
CA TYR G 11 -68.09 -3.58 -44.39
C TYR G 11 -67.55 -4.07 -43.05
N ASP G 12 -66.40 -3.57 -42.60
CA ASP G 12 -65.79 -4.06 -41.37
C ASP G 12 -66.64 -3.72 -40.15
N LEU G 13 -67.18 -2.50 -40.11
CA LEU G 13 -67.89 -2.01 -38.93
C LEU G 13 -69.32 -2.52 -38.82
N GLY G 14 -69.68 -3.54 -39.60
CA GLY G 14 -70.99 -4.13 -39.51
C GLY G 14 -72.07 -3.35 -40.23
N HIS G 15 -71.92 -3.19 -41.53
CA HIS G 15 -72.91 -2.51 -42.35
C HIS G 15 -73.39 -3.38 -43.50
N PRO G 20 -75.00 -11.35 -40.81
CA PRO G 20 -73.72 -11.33 -41.52
C PRO G 20 -73.88 -11.54 -43.02
N SER G 21 -73.02 -10.91 -43.81
CA SER G 21 -73.06 -11.01 -45.25
C SER G 21 -71.63 -11.11 -45.79
N SER G 22 -71.50 -11.06 -47.10
CA SER G 22 -70.20 -11.15 -47.76
C SER G 22 -69.93 -9.85 -48.52
N LEU G 23 -68.86 -9.85 -49.31
CA LEU G 23 -68.51 -8.69 -50.12
C LEU G 23 -67.70 -9.17 -51.31
N VAL G 24 -68.09 -8.72 -52.50
CA VAL G 24 -67.43 -9.09 -53.75
C VAL G 24 -67.07 -7.82 -54.50
N HIS G 25 -65.82 -7.67 -54.88
CA HIS G 25 -65.37 -6.54 -55.67
C HIS G 25 -65.59 -6.82 -57.14
N VAL G 26 -66.35 -5.95 -57.80
CA VAL G 26 -66.79 -6.16 -59.18
C VAL G 26 -66.37 -4.97 -60.03
N ILE G 27 -65.74 -5.25 -61.17
CA ILE G 27 -65.32 -4.23 -62.11
C ILE G 27 -66.15 -4.40 -63.38
N ILE G 28 -66.88 -3.36 -63.76
CA ILE G 28 -67.73 -3.41 -64.93
C ILE G 28 -66.96 -2.91 -66.15
N SER G 29 -67.16 -3.57 -67.28
CA SER G 29 -66.53 -3.15 -68.53
C SER G 29 -67.26 -1.96 -69.13
N SER G 30 -66.55 -1.20 -69.96
CA SER G 30 -67.13 -0.02 -70.59
C SER G 30 -68.26 -0.40 -71.54
N GLU G 31 -68.07 -1.47 -72.32
CA GLU G 31 -69.09 -1.89 -73.27
C GLU G 31 -70.35 -2.41 -72.59
N CYS G 32 -70.21 -3.08 -71.44
CA CYS G 32 -71.40 -3.47 -70.68
C CYS G 32 -72.19 -2.26 -70.21
N LEU G 33 -71.49 -1.22 -69.73
CA LEU G 33 -72.16 0.03 -69.36
C LEU G 33 -72.85 0.66 -70.56
N ALA G 34 -72.19 0.67 -71.72
CA ALA G 34 -72.81 1.22 -72.92
C ALA G 34 -74.07 0.45 -73.30
N ALA G 35 -74.01 -0.88 -73.23
CA ALA G 35 -75.18 -1.71 -73.51
C ALA G 35 -76.28 -1.54 -72.48
N ALA G 36 -75.93 -1.16 -71.25
CA ALA G 36 -76.94 -0.92 -70.23
C ALA G 36 -77.83 0.28 -70.55
N GLY G 37 -77.37 1.17 -71.42
CA GLY G 37 -78.16 2.32 -71.82
C GLY G 37 -77.77 3.60 -71.11
N ILE G 38 -76.49 3.74 -70.80
CA ILE G 38 -76.01 4.94 -70.11
C ILE G 38 -74.93 5.61 -70.96
N PRO G 39 -74.81 6.93 -70.91
CA PRO G 39 -73.70 7.60 -71.61
C PRO G 39 -72.43 7.55 -70.77
N LEU G 40 -71.35 7.05 -71.36
CA LEU G 40 -70.08 6.96 -70.63
C LEU G 40 -69.51 8.34 -70.32
N ALA G 41 -69.89 9.36 -71.08
CA ALA G 41 -69.43 10.72 -70.80
C ALA G 41 -70.08 11.30 -69.56
N ALA G 42 -71.25 10.81 -69.16
CA ALA G 42 -71.90 11.30 -67.97
C ALA G 42 -71.08 11.02 -66.71
N LEU G 43 -70.47 9.84 -66.63
CA LEU G 43 -69.62 9.52 -65.49
C LEU G 43 -68.23 10.12 -65.61
N MET G 44 -67.91 10.74 -66.74
CA MET G 44 -66.61 11.39 -66.88
C MET G 44 -66.54 12.69 -66.09
N ARG G 45 -67.69 13.33 -65.87
CA ARG G 45 -67.73 14.56 -65.10
C ARG G 45 -67.57 14.29 -63.61
N ALA G 54 -61.66 9.98 -55.76
CA ALA G 54 -62.82 10.35 -56.56
C ALA G 54 -63.94 9.33 -56.41
N ASN G 55 -64.37 9.10 -55.16
CA ASN G 55 -65.42 8.15 -54.88
C ASN G 55 -66.77 8.66 -55.41
N PHE G 56 -67.64 7.72 -55.76
CA PHE G 56 -68.96 8.06 -56.28
C PHE G 56 -70.00 7.27 -55.48
N GLN G 57 -71.05 7.96 -55.05
CA GLN G 57 -72.08 7.33 -54.23
C GLN G 57 -73.07 6.57 -55.10
N VAL G 58 -73.27 5.29 -54.79
CA VAL G 58 -74.18 4.43 -55.54
C VAL G 58 -75.07 3.69 -54.54
N GLU G 59 -76.38 3.74 -54.77
CA GLU G 59 -77.34 3.04 -53.94
C GLU G 59 -77.44 1.58 -54.40
N ILE G 60 -77.30 0.66 -53.45
CA ILE G 60 -77.30 -0.78 -53.73
C ILE G 60 -78.22 -1.48 -52.74
N GLN G 61 -79.07 -2.37 -53.25
CA GLN G 61 -79.90 -3.23 -52.42
C GLN G 61 -80.00 -4.60 -53.09
N THR G 62 -80.30 -5.62 -52.28
CA THR G 62 -80.35 -7.00 -52.74
C THR G 62 -81.79 -7.47 -52.79
N ARG G 63 -82.08 -8.34 -53.75
CA ARG G 63 -83.41 -8.89 -53.98
C ARG G 63 -83.38 -10.41 -53.89
N ALA G 64 -84.34 -10.96 -53.17
CA ALA G 64 -84.37 -12.38 -52.84
C ALA G 64 -84.92 -13.19 -54.01
N HIS G 65 -85.18 -14.47 -53.78
CA HIS G 65 -85.65 -15.39 -54.81
C HIS G 65 -87.13 -15.70 -54.56
N ALA G 66 -87.99 -15.16 -55.41
CA ALA G 66 -89.41 -15.49 -55.45
C ALA G 66 -90.09 -15.29 -54.10
N THR G 67 -89.67 -14.27 -53.35
CA THR G 67 -90.30 -13.96 -52.08
C THR G 67 -90.91 -12.57 -52.02
N GLY G 68 -90.17 -11.54 -52.42
CA GLY G 68 -90.65 -10.18 -52.47
C GLY G 68 -89.92 -9.22 -51.54
N ASP G 69 -89.39 -9.73 -50.41
CA ASP G 69 -88.68 -8.86 -49.48
C ASP G 69 -87.38 -8.37 -50.12
N CYS G 70 -86.98 -7.15 -49.74
CA CYS G 70 -85.80 -6.53 -50.32
C CYS G 70 -85.02 -5.80 -49.24
N THR G 71 -83.71 -5.77 -49.41
CA THR G 71 -82.86 -4.99 -48.52
C THR G 71 -83.17 -3.51 -48.70
N PRO G 72 -83.22 -2.73 -47.62
CA PRO G 72 -83.43 -1.28 -47.75
C PRO G 72 -82.27 -0.62 -48.48
N TRP G 73 -82.53 0.57 -48.97
CA TRP G 73 -81.54 1.30 -49.77
C TRP G 73 -80.31 1.62 -48.94
N CYS G 74 -79.14 1.21 -49.43
CA CYS G 74 -77.86 1.50 -48.79
C CYS G 74 -76.95 2.17 -49.80
N THR G 75 -76.34 3.29 -49.38
CA THR G 75 -75.47 4.06 -50.25
C THR G 75 -74.05 3.53 -50.16
N ALA G 76 -73.58 2.94 -51.25
CA ALA G 76 -72.23 2.41 -51.35
C ALA G 76 -71.36 3.40 -52.13
N PHE G 77 -70.11 3.01 -52.38
CA PHE G 77 -69.14 3.87 -53.02
C PHE G 77 -68.66 3.25 -54.34
N ALA G 78 -68.30 4.12 -55.27
CA ALA G 78 -67.93 3.70 -56.61
C ALA G 78 -66.88 4.66 -57.17
N ALA G 79 -66.24 4.24 -58.26
CA ALA G 79 -65.21 5.05 -58.90
C ALA G 79 -65.13 4.66 -60.36
N TYR G 80 -65.27 5.65 -61.25
CA TYR G 80 -65.17 5.43 -62.69
C TYR G 80 -63.93 6.12 -63.24
N VAL G 81 -63.17 5.40 -64.06
CA VAL G 81 -61.98 5.95 -64.70
C VAL G 81 -61.94 5.56 -66.16
N PRO G 82 -61.90 6.52 -67.10
CA PRO G 82 -61.63 6.15 -68.49
C PRO G 82 -60.16 5.90 -68.70
N ALA G 83 -59.77 4.63 -68.72
CA ALA G 83 -58.37 4.22 -68.80
C ALA G 83 -58.31 2.72 -69.04
N ASP G 84 -57.11 2.14 -68.92
CA ASP G 84 -57.02 0.68 -68.84
C ASP G 84 -57.58 0.21 -67.50
N ALA G 85 -58.48 -0.77 -67.56
CA ALA G 85 -59.13 -1.24 -66.34
C ALA G 85 -58.18 -2.08 -65.49
N VAL G 86 -57.71 -3.20 -66.04
CA VAL G 86 -56.79 -4.06 -65.30
C VAL G 86 -55.43 -3.39 -65.15
N GLY G 87 -55.06 -2.53 -66.10
CA GLY G 87 -53.77 -1.85 -66.05
C GLY G 87 -53.59 -0.95 -64.85
N GLU G 88 -54.63 -0.22 -64.45
CA GLU G 88 -54.52 0.64 -63.27
C GLU G 88 -54.31 -0.20 -62.01
N LEU G 89 -54.81 -1.44 -62.00
CA LEU G 89 -54.55 -2.33 -60.87
C LEU G 89 -53.13 -2.88 -60.91
N LEU G 90 -52.75 -3.48 -62.04
CA LEU G 90 -51.45 -4.14 -62.14
C LEU G 90 -50.30 -3.14 -62.19
N ALA G 91 -50.47 -2.03 -62.92
CA ALA G 91 -49.41 -1.06 -63.15
C ALA G 91 -49.91 0.34 -62.81
N PRO G 92 -49.86 0.73 -61.54
CA PRO G 92 -50.18 2.12 -61.19
C PRO G 92 -49.15 3.07 -61.78
N VAL G 93 -49.61 4.29 -62.07
CA VAL G 93 -48.81 5.29 -62.76
C VAL G 93 -48.41 6.36 -61.74
N VAL G 94 -47.11 6.55 -61.57
CA VAL G 94 -46.62 7.60 -60.69
C VAL G 94 -46.77 8.95 -61.38
N PRO G 95 -47.46 9.92 -60.77
CA PRO G 95 -47.60 11.23 -61.42
C PRO G 95 -46.26 11.90 -61.71
N ALA G 96 -45.28 11.74 -60.83
CA ALA G 96 -43.97 12.33 -61.07
C ALA G 96 -43.20 11.55 -62.13
N HIS G 97 -43.28 10.23 -62.09
CA HIS G 97 -42.52 9.37 -63.00
C HIS G 97 -43.48 8.59 -63.89
N PRO G 98 -43.66 8.99 -65.15
CA PRO G 98 -44.63 8.29 -66.01
C PRO G 98 -44.11 6.99 -66.61
N GLY G 99 -42.81 6.87 -66.86
CA GLY G 99 -42.29 5.69 -67.51
C GLY G 99 -41.66 4.67 -66.56
N LEU G 100 -42.31 4.47 -65.41
CA LEU G 100 -41.76 3.54 -64.42
C LEU G 100 -42.21 2.11 -64.71
N LEU G 101 -43.50 1.92 -64.98
CA LEU G 101 -44.04 0.60 -65.32
C LEU G 101 -44.71 0.67 -66.70
N PRO G 102 -43.99 0.37 -67.78
CA PRO G 102 -44.63 0.34 -69.09
C PRO G 102 -45.66 -0.78 -69.19
N ARG G 103 -46.70 -0.54 -69.98
CA ARG G 103 -47.83 -1.47 -70.07
C ARG G 103 -48.51 -1.30 -71.42
N ALA G 104 -49.55 -2.10 -71.63
CA ALA G 104 -50.35 -2.04 -72.84
C ALA G 104 -51.64 -1.26 -72.61
N SER G 105 -52.42 -1.11 -73.67
CA SER G 105 -53.67 -0.36 -73.60
C SER G 105 -54.87 -1.32 -73.49
N SER G 106 -55.93 -0.82 -72.87
CA SER G 106 -57.16 -1.58 -72.71
C SER G 106 -58.28 -0.60 -72.33
N ALA G 107 -59.51 -1.09 -72.36
CA ALA G 107 -60.66 -0.30 -71.97
C ALA G 107 -60.82 -0.30 -70.45
N GLY G 108 -61.74 0.54 -69.97
CA GLY G 108 -61.95 0.66 -68.54
C GLY G 108 -63.37 1.06 -68.15
N GLY G 109 -63.77 0.69 -66.93
CA GLY G 109 -65.10 1.00 -66.44
C GLY G 109 -65.07 1.45 -64.99
N LEU G 110 -66.22 1.27 -64.34
CA LEU G 110 -66.40 1.68 -62.95
C LEU G 110 -66.13 0.53 -62.00
N PHE G 111 -65.74 0.88 -60.76
CA PHE G 111 -65.39 -0.08 -59.72
C PHE G 111 -66.45 -0.01 -58.64
N VAL G 112 -67.11 -1.14 -58.36
CA VAL G 112 -68.11 -1.23 -57.31
C VAL G 112 -67.92 -2.56 -56.57
N SER G 113 -67.89 -2.50 -55.24
CA SER G 113 -67.96 -3.70 -54.43
C SER G 113 -69.41 -4.08 -54.19
N LEU G 114 -69.68 -5.38 -54.16
CA LEU G 114 -71.04 -5.88 -54.03
C LEU G 114 -71.13 -6.87 -52.88
N PRO G 115 -72.03 -6.66 -51.91
CA PRO G 115 -72.22 -7.63 -50.84
C PRO G 115 -73.11 -8.79 -51.28
N VAL G 116 -72.90 -9.93 -50.62
CA VAL G 116 -73.68 -11.14 -50.88
C VAL G 116 -74.36 -11.54 -49.59
N VAL G 117 -75.67 -11.75 -49.64
CA VAL G 117 -76.44 -12.12 -48.45
C VAL G 117 -76.02 -13.53 -48.03
N CYS G 118 -75.52 -13.65 -46.81
CA CYS G 118 -75.02 -14.92 -46.28
C CYS G 118 -76.06 -15.58 -45.40
N ASP G 119 -75.83 -16.86 -45.10
CA ASP G 119 -76.68 -17.66 -44.22
C ASP G 119 -75.78 -18.41 -43.24
N ALA G 120 -76.40 -19.12 -42.31
CA ALA G 120 -75.65 -19.99 -41.43
C ALA G 120 -75.01 -21.11 -42.24
N GLN G 121 -73.68 -21.27 -42.08
CA GLN G 121 -72.89 -22.11 -42.97
C GLN G 121 -73.17 -21.74 -44.43
N GLY G 122 -72.80 -20.49 -44.73
CA GLY G 122 -73.26 -19.78 -45.90
C GLY G 122 -73.29 -20.53 -47.21
N VAL G 123 -74.49 -20.75 -47.73
CA VAL G 123 -74.71 -21.30 -49.06
C VAL G 123 -75.73 -20.38 -49.73
N TYR G 124 -75.35 -19.80 -50.86
CA TYR G 124 -76.10 -18.68 -51.42
C TYR G 124 -77.02 -19.14 -52.54
N ASP G 125 -78.27 -18.68 -52.47
CA ASP G 125 -79.30 -19.06 -53.43
C ASP G 125 -79.08 -18.34 -54.75
N PRO G 126 -78.91 -19.05 -55.86
CA PRO G 126 -78.90 -18.37 -57.16
C PRO G 126 -80.28 -17.83 -57.51
N TYR G 127 -80.35 -17.20 -58.68
CA TYR G 127 -81.57 -16.58 -59.20
C TYR G 127 -82.02 -15.40 -58.34
N ALA G 128 -81.26 -15.05 -57.32
CA ALA G 128 -81.46 -13.84 -56.55
C ALA G 128 -80.55 -12.75 -57.08
N VAL G 129 -81.05 -11.52 -57.06
CA VAL G 129 -80.43 -10.42 -57.78
C VAL G 129 -79.99 -9.34 -56.79
N ALA G 130 -78.72 -8.96 -56.84
CA ALA G 130 -78.23 -7.75 -56.23
C ALA G 130 -78.03 -6.72 -57.35
N ALA G 131 -78.85 -5.67 -57.33
CA ALA G 131 -78.96 -4.75 -58.46
C ALA G 131 -78.18 -3.48 -58.20
N LEU G 132 -77.60 -2.93 -59.26
CA LEU G 132 -76.87 -1.67 -59.20
C LEU G 132 -77.77 -0.52 -59.61
N ARG G 133 -77.42 0.69 -59.17
CA ARG G 133 -78.20 1.87 -59.52
C ARG G 133 -77.23 3.00 -59.84
N LEU G 134 -77.11 3.34 -61.12
CA LEU G 134 -76.21 4.38 -61.57
C LEU G 134 -77.00 5.66 -61.81
N ALA G 135 -76.78 6.67 -60.97
CA ALA G 135 -77.47 7.95 -61.07
C ALA G 135 -76.44 9.04 -61.34
N TRP G 136 -76.39 9.51 -62.58
CA TRP G 136 -75.48 10.56 -62.99
C TRP G 136 -76.13 11.94 -62.97
N GLY G 137 -77.38 12.03 -62.55
CA GLY G 137 -78.06 13.30 -62.52
C GLY G 137 -79.36 13.22 -61.75
N SER G 138 -80.02 14.36 -61.65
CA SER G 138 -81.27 14.47 -60.91
C SER G 138 -82.41 13.80 -61.66
N GLY G 139 -83.42 13.37 -60.92
CA GLY G 139 -84.59 12.77 -61.51
C GLY G 139 -84.44 11.28 -61.78
N ALA G 140 -85.56 10.59 -62.00
CA ALA G 140 -85.52 9.18 -62.35
C ALA G 140 -85.09 8.96 -63.79
N SER G 141 -85.19 10.00 -64.64
CA SER G 141 -84.82 9.85 -66.04
C SER G 141 -83.33 9.56 -66.22
N CYS G 142 -82.50 9.91 -65.25
CA CYS G 142 -81.05 9.68 -65.33
C CYS G 142 -80.62 8.50 -64.47
N ALA G 143 -81.45 7.46 -64.39
CA ALA G 143 -81.14 6.30 -63.55
C ALA G 143 -81.36 5.02 -64.35
N ARG G 144 -80.40 4.11 -64.26
CA ARG G 144 -80.52 2.79 -64.87
C ARG G 144 -80.13 1.74 -63.84
N VAL G 145 -80.77 0.57 -63.93
CA VAL G 145 -80.59 -0.52 -63.00
C VAL G 145 -80.04 -1.72 -63.76
N ILE G 146 -78.94 -2.28 -63.27
CA ILE G 146 -78.32 -3.47 -63.84
C ILE G 146 -78.49 -4.62 -62.85
N LEU G 147 -78.98 -5.75 -63.34
CA LEU G 147 -79.30 -6.90 -62.52
C LEU G 147 -78.15 -7.89 -62.49
N PHE G 148 -77.75 -8.29 -61.29
CA PHE G 148 -76.66 -9.23 -61.09
C PHE G 148 -77.16 -10.41 -60.27
N SER G 149 -77.29 -11.57 -60.91
CA SER G 149 -77.58 -12.79 -60.18
C SER G 149 -76.33 -13.30 -59.46
N TYR G 150 -76.54 -13.96 -58.33
CA TYR G 150 -75.40 -14.47 -57.56
C TYR G 150 -74.64 -15.57 -58.27
N ASP G 151 -75.26 -16.27 -59.23
CA ASP G 151 -74.51 -17.15 -60.10
C ASP G 151 -73.52 -16.39 -60.94
N GLU G 152 -73.93 -15.22 -61.45
CA GLU G 152 -73.03 -14.36 -62.23
C GLU G 152 -71.86 -13.85 -61.42
N LEU G 153 -72.12 -13.43 -60.18
CA LEU G 153 -71.11 -12.73 -59.40
C LEU G 153 -69.99 -13.66 -58.93
N VAL G 154 -70.32 -14.89 -58.57
CA VAL G 154 -69.40 -15.79 -57.89
C VAL G 154 -68.70 -16.65 -58.94
N PRO G 155 -67.39 -16.50 -59.12
CA PRO G 155 -66.64 -17.44 -59.96
C PRO G 155 -66.27 -18.68 -59.19
N PRO G 156 -65.89 -19.77 -59.87
CA PRO G 156 -65.51 -20.99 -59.14
C PRO G 156 -64.29 -20.81 -58.25
N ASN G 157 -63.18 -20.34 -58.80
CA ASN G 157 -61.94 -20.21 -58.04
C ASN G 157 -61.25 -18.90 -58.39
N THR G 158 -60.44 -18.40 -57.45
CA THR G 158 -59.63 -17.22 -57.68
C THR G 158 -58.47 -17.56 -58.61
N ARG G 159 -57.79 -16.51 -59.08
CA ARG G 159 -56.71 -16.67 -60.05
C ARG G 159 -55.47 -15.90 -59.59
N TYR G 160 -55.07 -16.12 -58.33
CA TYR G 160 -53.82 -15.56 -57.85
C TYR G 160 -52.62 -16.14 -58.59
N ALA G 161 -52.76 -17.32 -59.20
CA ALA G 161 -51.65 -17.93 -59.92
C ALA G 161 -51.19 -17.10 -61.10
N ALA G 162 -52.06 -16.29 -61.69
CA ALA G 162 -51.68 -15.42 -62.80
C ALA G 162 -50.82 -14.24 -62.37
N ASP G 163 -50.73 -13.96 -61.07
CA ASP G 163 -49.96 -12.82 -60.58
C ASP G 163 -48.52 -13.18 -60.26
N SER G 164 -48.14 -14.46 -60.43
CA SER G 164 -46.79 -14.87 -60.08
C SER G 164 -45.72 -14.16 -60.89
N THR G 165 -46.09 -13.61 -62.05
CA THR G 165 -45.13 -12.92 -62.90
C THR G 165 -45.20 -11.41 -62.78
N ARG G 166 -46.01 -10.87 -61.86
CA ARG G 166 -46.18 -9.42 -61.80
C ARG G 166 -45.22 -8.77 -60.82
N ILE G 167 -45.07 -9.35 -59.62
CA ILE G 167 -44.17 -8.79 -58.62
C ILE G 167 -42.75 -8.77 -59.15
N MET G 168 -42.32 -9.86 -59.78
CA MET G 168 -40.98 -9.91 -60.33
C MET G 168 -40.75 -8.89 -61.44
N ARG G 169 -41.72 -8.70 -62.34
CA ARG G 169 -41.49 -7.73 -63.41
C ARG G 169 -41.55 -6.30 -62.89
N VAL G 170 -42.37 -6.03 -61.87
CA VAL G 170 -42.31 -4.72 -61.21
C VAL G 170 -40.94 -4.51 -60.57
N CYS G 171 -40.39 -5.56 -59.95
CA CYS G 171 -39.04 -5.48 -59.40
C CYS G 171 -38.01 -5.20 -60.49
N ARG G 172 -38.13 -5.86 -61.65
CA ARG G 172 -37.21 -5.60 -62.75
C ARG G 172 -37.33 -4.18 -63.28
N HIS G 173 -38.57 -3.69 -63.43
CA HIS G 173 -38.79 -2.34 -63.96
C HIS G 173 -38.34 -1.26 -62.99
N LEU G 174 -38.43 -1.50 -61.68
CA LEU G 174 -37.88 -0.54 -60.73
C LEU G 174 -36.38 -0.37 -60.95
N CYS G 175 -35.65 -1.48 -61.06
CA CYS G 175 -34.21 -1.42 -61.30
C CYS G 175 -33.90 -0.78 -62.65
N ARG G 176 -34.67 -1.12 -63.68
CA ARG G 176 -34.45 -0.52 -65.00
C ARG G 176 -34.66 0.98 -64.97
N TYR G 177 -35.71 1.46 -64.30
CA TYR G 177 -36.01 2.88 -64.31
C TYR G 177 -35.01 3.65 -63.46
N VAL G 178 -34.58 3.06 -62.33
CA VAL G 178 -33.54 3.70 -61.53
C VAL G 178 -32.24 3.80 -62.33
N ALA G 179 -31.89 2.72 -63.05
CA ALA G 179 -30.67 2.76 -63.88
C ALA G 179 -30.78 3.79 -65.00
N LEU G 180 -31.95 3.89 -65.63
CA LEU G 180 -32.13 4.89 -66.69
C LEU G 180 -32.05 6.30 -66.14
N LEU G 181 -32.59 6.53 -64.93
CA LEU G 181 -32.42 7.82 -64.28
C LEU G 181 -30.95 8.10 -63.97
N GLY G 182 -30.21 7.07 -63.55
CA GLY G 182 -28.78 7.20 -63.33
C GLY G 182 -28.44 7.82 -61.98
N ALA G 183 -27.46 8.72 -61.98
CA ALA G 183 -27.06 9.40 -60.76
C ALA G 183 -28.11 10.38 -60.25
N ALA G 184 -29.12 10.68 -61.06
CA ALA G 184 -30.21 11.56 -60.64
C ALA G 184 -31.23 10.86 -59.76
N ALA G 185 -31.13 9.53 -59.61
CA ALA G 185 -32.05 8.81 -58.76
C ALA G 185 -31.73 9.06 -57.29
N PRO G 186 -32.74 9.00 -56.42
CA PRO G 186 -32.48 9.17 -54.99
C PRO G 186 -31.62 8.04 -54.46
N PRO G 187 -30.80 8.30 -53.43
CA PRO G 187 -29.92 7.24 -52.91
C PRO G 187 -30.66 6.02 -52.38
N ALA G 188 -31.85 6.20 -51.79
CA ALA G 188 -32.62 5.04 -51.36
C ALA G 188 -33.00 4.16 -52.54
N ALA G 189 -33.47 4.76 -53.64
CA ALA G 189 -33.73 3.99 -54.85
C ALA G 189 -32.45 3.42 -55.45
N LYS G 190 -31.32 4.13 -55.32
CA LYS G 190 -30.05 3.61 -55.81
C LYS G 190 -29.66 2.33 -55.08
N GLU G 191 -29.85 2.29 -53.76
CA GLU G 191 -29.59 1.07 -53.01
C GLU G 191 -30.62 -0.01 -53.35
N ALA G 192 -31.89 0.38 -53.47
CA ALA G 192 -32.95 -0.59 -53.70
C ALA G 192 -32.80 -1.30 -55.04
N ALA G 193 -32.45 -0.55 -56.10
CA ALA G 193 -32.29 -1.17 -57.41
C ALA G 193 -31.16 -2.18 -57.43
N ALA G 194 -30.02 -1.86 -56.80
CA ALA G 194 -28.92 -2.80 -56.74
C ALA G 194 -29.29 -4.04 -55.92
N HIS G 195 -29.92 -3.85 -54.76
CA HIS G 195 -30.26 -5.01 -53.93
C HIS G 195 -31.34 -5.88 -54.59
N LEU G 196 -32.26 -5.27 -55.32
CA LEU G 196 -33.26 -6.04 -56.05
C LEU G 196 -32.66 -6.68 -57.30
N SER G 197 -31.64 -6.04 -57.89
CA SER G 197 -30.93 -6.66 -59.00
C SER G 197 -30.19 -7.91 -58.53
N MET G 198 -29.65 -7.89 -57.31
CA MET G 198 -29.04 -9.10 -56.76
C MET G 198 -30.09 -10.13 -56.36
N GLY G 199 -31.35 -9.69 -56.20
CA GLY G 199 -32.42 -10.57 -55.77
C GLY G 199 -33.20 -11.25 -56.88
N LEU G 200 -32.78 -11.11 -58.13
CA LEU G 200 -33.49 -11.72 -59.25
C LEU G 200 -32.63 -12.75 -59.96
N PRO G 230 -40.30 -6.77 -72.22
CA PRO G 230 -41.72 -6.79 -72.60
C PRO G 230 -42.60 -6.02 -71.62
N PRO G 231 -43.48 -5.18 -72.12
CA PRO G 231 -44.36 -4.41 -71.23
C PRO G 231 -45.44 -5.30 -70.63
N ILE G 232 -46.21 -4.71 -69.72
CA ILE G 232 -47.24 -5.44 -68.99
C ILE G 232 -48.49 -5.51 -69.86
N SER G 233 -48.96 -6.72 -70.12
CA SER G 233 -50.19 -6.93 -70.88
C SER G 233 -51.30 -7.34 -69.93
N PRO G 234 -52.36 -6.53 -69.77
CA PRO G 234 -53.42 -6.90 -68.82
C PRO G 234 -54.31 -8.03 -69.29
N GLU G 235 -54.48 -8.22 -70.60
CA GLU G 235 -55.35 -9.27 -71.09
C GLU G 235 -54.74 -10.65 -70.96
N GLU G 236 -53.42 -10.76 -70.82
CA GLU G 236 -52.79 -12.05 -70.62
C GLU G 236 -53.24 -12.71 -69.32
N GLN G 237 -53.32 -11.93 -68.23
CA GLN G 237 -53.79 -12.49 -66.96
C GLN G 237 -55.30 -12.72 -66.98
N LEU G 238 -56.04 -11.94 -67.79
CA LEU G 238 -57.48 -12.16 -67.92
C LEU G 238 -57.79 -13.48 -68.61
N THR G 239 -57.02 -13.85 -69.63
CA THR G 239 -57.29 -15.03 -70.45
C THR G 239 -56.46 -16.23 -70.05
N ALA G 240 -55.79 -16.18 -68.90
CA ALA G 240 -54.97 -17.31 -68.45
C ALA G 240 -55.88 -18.46 -68.01
N PRO G 241 -55.78 -19.64 -68.63
CA PRO G 241 -56.66 -20.77 -68.25
C PRO G 241 -56.10 -21.59 -67.09
N GLY G 242 -56.19 -21.00 -65.89
CA GLY G 242 -55.72 -21.69 -64.70
C GLY G 242 -56.12 -21.01 -63.41
N GLY G 243 -56.66 -21.78 -62.47
CA GLY G 243 -57.06 -21.29 -61.17
C GLY G 243 -56.11 -21.72 -60.07
N ASP G 244 -56.55 -21.54 -58.83
CA ASP G 244 -55.75 -21.93 -57.67
C ASP G 244 -55.73 -23.44 -57.49
N THR G 245 -56.87 -24.10 -57.71
CA THR G 245 -56.92 -25.55 -57.59
C THR G 245 -56.04 -26.24 -58.63
N THR G 246 -56.03 -25.73 -59.86
CA THR G 246 -55.14 -26.28 -60.88
C THR G 246 -53.67 -26.11 -60.50
N ALA G 247 -53.31 -24.95 -59.94
CA ALA G 247 -51.96 -24.74 -59.47
C ALA G 247 -51.65 -25.52 -58.19
N ALA G 248 -52.66 -25.70 -57.33
CA ALA G 248 -52.45 -26.51 -56.13
C ALA G 248 -52.19 -27.97 -56.46
N GLN G 249 -52.89 -28.51 -57.47
CA GLN G 249 -52.67 -29.89 -57.88
C GLN G 249 -51.30 -30.10 -58.50
N ASP G 250 -50.67 -29.04 -59.02
CA ASP G 250 -49.36 -29.14 -59.62
C ASP G 250 -48.27 -29.54 -58.61
N VAL G 251 -48.44 -29.20 -57.34
CA VAL G 251 -47.48 -29.59 -56.32
C VAL G 251 -47.58 -31.07 -56.00
N SER G 252 -48.81 -31.58 -55.86
CA SER G 252 -49.01 -32.99 -55.60
C SER G 252 -48.63 -33.84 -56.82
N ILE G 253 -48.79 -33.30 -58.02
CA ILE G 253 -48.40 -34.04 -59.21
C ILE G 253 -46.89 -33.96 -59.46
N ALA G 254 -46.18 -33.06 -58.78
CA ALA G 254 -44.76 -32.88 -59.01
C ALA G 254 -43.91 -33.57 -57.94
N GLN G 255 -44.31 -33.47 -56.67
CA GLN G 255 -43.48 -34.02 -55.60
C GLN G 255 -43.39 -35.55 -55.67
N GLU G 256 -44.53 -36.22 -55.83
CA GLU G 256 -44.53 -37.67 -55.89
C GLU G 256 -43.87 -38.21 -57.16
N ASN G 257 -43.90 -37.45 -58.25
CA ASN G 257 -43.15 -37.82 -59.44
C ASN G 257 -41.66 -37.61 -59.28
N GLU G 258 -41.26 -36.52 -58.63
CA GLU G 258 -39.85 -36.31 -58.31
C GLU G 258 -39.30 -37.40 -57.40
N GLU G 259 -40.12 -37.91 -56.48
CA GLU G 259 -39.69 -39.02 -55.63
C GLU G 259 -39.23 -40.20 -56.48
N ILE G 260 -40.06 -40.63 -57.43
CA ILE G 260 -39.70 -41.78 -58.27
C ILE G 260 -38.56 -41.42 -59.22
N LEU G 261 -38.55 -40.20 -59.77
CA LEU G 261 -37.49 -39.79 -60.67
C LEU G 261 -36.13 -39.69 -59.98
N ALA G 262 -36.12 -39.51 -58.65
CA ALA G 262 -34.88 -39.56 -57.90
C ALA G 262 -34.54 -40.97 -57.41
N LEU G 263 -35.55 -41.80 -57.15
CA LEU G 263 -35.30 -43.20 -56.78
C LEU G 263 -34.85 -44.05 -57.95
N VAL G 264 -35.15 -43.64 -59.18
CA VAL G 264 -34.80 -44.47 -60.35
C VAL G 264 -33.29 -44.58 -60.50
N GLN G 265 -32.55 -43.49 -60.22
CA GLN G 265 -31.10 -43.55 -60.32
C GLN G 265 -30.48 -44.27 -59.14
N ARG G 266 -31.15 -44.24 -57.98
CA ARG G 266 -30.59 -44.82 -56.77
C ARG G 266 -31.31 -46.11 -56.39
N ARG G 355 -34.71 -8.63 -44.54
CA ARG G 355 -35.42 -7.70 -45.41
C ARG G 355 -35.78 -8.37 -46.73
N SER G 356 -37.07 -8.60 -46.93
CA SER G 356 -37.55 -9.33 -48.09
C SER G 356 -37.51 -8.47 -49.34
N LEU G 357 -37.69 -9.12 -50.49
CA LEU G 357 -37.85 -8.40 -51.75
C LEU G 357 -39.02 -7.43 -51.70
N VAL G 358 -40.09 -7.80 -50.99
CA VAL G 358 -41.20 -6.88 -50.78
C VAL G 358 -40.74 -5.66 -50.00
N GLU G 359 -39.91 -5.87 -48.98
CA GLU G 359 -39.39 -4.76 -48.20
C GLU G 359 -38.54 -3.82 -49.05
N TRP G 360 -37.73 -4.38 -49.96
CA TRP G 360 -36.85 -3.53 -50.77
C TRP G 360 -37.60 -2.85 -51.90
N LEU G 361 -38.72 -3.42 -52.37
CA LEU G 361 -39.55 -2.65 -53.29
C LEU G 361 -40.36 -1.59 -52.54
N ASP G 362 -40.65 -1.83 -51.25
CA ASP G 362 -41.29 -0.81 -50.42
C ASP G 362 -40.46 0.47 -50.37
N ARG G 363 -39.16 0.35 -50.13
CA ARG G 363 -38.29 1.51 -50.10
C ARG G 363 -38.16 2.20 -51.46
N GLY G 364 -38.12 1.44 -52.56
CA GLY G 364 -38.09 2.03 -53.88
C GLY G 364 -39.34 2.82 -54.16
N TRP G 365 -40.50 2.26 -53.83
CA TRP G 365 -41.75 2.99 -53.99
C TRP G 365 -41.80 4.24 -53.11
N GLU G 366 -41.32 4.11 -51.87
CA GLU G 366 -41.33 5.24 -50.93
C GLU G 366 -40.30 6.30 -51.28
N ALA G 367 -39.26 5.95 -52.04
CA ALA G 367 -38.25 6.92 -52.45
C ALA G 367 -38.58 7.60 -53.78
N LEU G 368 -39.15 6.86 -54.73
CA LEU G 368 -39.51 7.45 -56.01
C LEU G 368 -40.78 8.29 -55.89
N ALA G 369 -41.71 7.89 -55.01
CA ALA G 369 -42.94 8.63 -54.80
C ALA G 369 -42.82 9.64 -53.65
N GLY G 370 -42.54 9.14 -52.44
CA GLY G 370 -42.36 10.01 -51.31
C GLY G 370 -43.41 9.86 -50.23
N GLY G 371 -44.09 8.73 -50.20
CA GLY G 371 -45.11 8.51 -49.18
C GLY G 371 -45.63 7.09 -49.21
N ASP G 372 -46.64 6.86 -48.37
CA ASP G 372 -47.27 5.54 -48.31
C ASP G 372 -48.28 5.37 -49.43
N ARG G 373 -49.30 6.25 -49.47
CA ARG G 373 -50.35 6.22 -50.47
C ARG G 373 -51.00 4.83 -50.52
N PRO G 374 -51.87 4.52 -49.55
CA PRO G 374 -52.41 3.15 -49.45
C PRO G 374 -53.05 2.61 -50.72
N ASP G 375 -53.32 3.45 -51.72
CA ASP G 375 -53.72 2.95 -53.03
C ASP G 375 -52.62 2.08 -53.62
N TRP G 376 -51.37 2.47 -53.44
CA TRP G 376 -50.23 1.72 -53.94
C TRP G 376 -49.73 0.66 -52.97
N LEU G 377 -50.33 0.55 -51.78
CA LEU G 377 -49.92 -0.48 -50.84
C LEU G 377 -50.28 -1.88 -51.34
N TRP G 378 -51.51 -2.06 -51.84
CA TRP G 378 -51.92 -3.37 -52.32
C TRP G 378 -51.46 -3.64 -53.74
N SER G 379 -51.04 -2.62 -54.49
CA SER G 379 -50.58 -2.84 -55.85
C SER G 379 -49.28 -3.63 -55.91
N ARG G 380 -48.56 -3.71 -54.78
CA ARG G 380 -47.31 -4.45 -54.72
C ARG G 380 -47.48 -5.90 -54.29
N ARG G 381 -48.68 -6.29 -53.83
CA ARG G 381 -48.94 -7.64 -53.39
C ARG G 381 -49.48 -8.47 -54.55
N SER G 382 -50.00 -9.65 -54.24
CA SER G 382 -50.56 -10.50 -55.28
C SER G 382 -51.96 -10.02 -55.64
N ILE G 383 -52.22 -9.85 -56.94
CA ILE G 383 -53.50 -9.39 -57.43
C ILE G 383 -54.08 -10.48 -58.33
N SER G 384 -55.28 -10.94 -58.00
CA SER G 384 -55.96 -11.98 -58.75
C SER G 384 -57.03 -11.34 -59.63
N VAL G 385 -56.96 -11.61 -60.93
CA VAL G 385 -57.93 -11.10 -61.89
C VAL G 385 -58.72 -12.30 -62.40
N VAL G 386 -60.04 -12.21 -62.31
CA VAL G 386 -60.93 -13.28 -62.75
C VAL G 386 -61.88 -12.71 -63.80
N LEU G 387 -61.95 -13.37 -64.96
CA LEU G 387 -62.81 -12.92 -66.04
C LEU G 387 -64.14 -13.65 -65.98
N ARG G 388 -65.23 -12.88 -65.90
CA ARG G 388 -66.58 -13.39 -65.91
C ARG G 388 -67.40 -12.59 -66.93
N HIS G 389 -68.61 -13.06 -67.21
CA HIS G 389 -69.43 -12.45 -68.25
C HIS G 389 -70.81 -12.14 -67.68
N HIS G 390 -71.42 -11.08 -68.23
CA HIS G 390 -72.71 -10.58 -67.75
C HIS G 390 -73.85 -11.15 -68.60
N TYR G 391 -74.88 -11.64 -67.93
CA TYR G 391 -76.01 -12.24 -68.63
C TYR G 391 -76.88 -11.18 -69.31
N GLY G 392 -76.99 -9.99 -68.70
CA GLY G 392 -77.95 -9.02 -69.20
C GLY G 392 -77.49 -8.30 -70.45
N THR G 393 -76.18 -8.15 -70.63
CA THR G 393 -75.64 -7.38 -71.75
C THR G 393 -74.69 -8.19 -72.62
N LYS G 394 -74.49 -9.48 -72.33
CA LYS G 394 -73.60 -10.33 -73.09
C LYS G 394 -72.17 -9.78 -73.12
N GLN G 395 -71.78 -9.12 -72.04
CA GLN G 395 -70.43 -8.56 -71.93
C GLN G 395 -69.71 -9.10 -70.71
N ARG G 396 -68.43 -8.76 -70.60
CA ARG G 396 -67.58 -9.27 -69.54
C ARG G 396 -67.51 -8.31 -68.37
N PHE G 397 -67.03 -8.82 -67.24
CA PHE G 397 -66.72 -7.98 -66.08
C PHE G 397 -65.62 -8.68 -65.28
N VAL G 398 -65.01 -7.92 -64.37
CA VAL G 398 -63.79 -8.34 -63.69
C VAL G 398 -64.04 -8.37 -62.19
N VAL G 399 -63.64 -9.46 -61.55
CA VAL G 399 -63.66 -9.57 -60.09
C VAL G 399 -62.21 -9.66 -59.61
N VAL G 400 -61.85 -8.82 -58.65
CA VAL G 400 -60.49 -8.71 -58.16
C VAL G 400 -60.46 -9.02 -56.68
N SER G 401 -59.53 -9.87 -56.27
CA SER G 401 -59.36 -10.26 -54.88
C SER G 401 -57.93 -9.98 -54.44
N TYR G 402 -57.80 -9.33 -53.28
CA TYR G 402 -56.52 -8.93 -52.71
C TYR G 402 -56.13 -9.91 -51.61
N GLU G 403 -55.08 -9.58 -50.85
CA GLU G 403 -54.73 -10.31 -49.65
C GLU G 403 -55.14 -9.59 -48.37
N ASN G 404 -55.11 -8.26 -48.38
CA ASN G 404 -55.50 -7.45 -47.22
C ASN G 404 -56.94 -6.99 -47.33
N SER G 405 -57.80 -7.80 -47.95
CA SER G 405 -59.20 -7.47 -48.14
C SER G 405 -60.06 -8.42 -47.32
N VAL G 406 -60.92 -7.86 -46.48
CA VAL G 406 -61.86 -8.67 -45.70
C VAL G 406 -62.88 -9.33 -46.63
N ALA G 407 -63.06 -8.78 -47.83
CA ALA G 407 -64.02 -9.32 -48.79
C ALA G 407 -63.56 -10.68 -49.29
N TRP G 408 -64.35 -11.30 -50.15
CA TRP G 408 -64.05 -12.64 -50.64
C TRP G 408 -62.79 -12.64 -51.51
N GLY G 409 -62.12 -13.79 -51.55
CA GLY G 409 -60.88 -13.96 -52.27
C GLY G 409 -59.64 -13.62 -51.48
N GLY G 410 -59.76 -12.78 -50.46
CA GLY G 410 -58.63 -12.48 -49.62
C GLY G 410 -58.20 -13.67 -48.78
N ARG G 411 -56.88 -13.83 -48.64
CA ARG G 411 -56.35 -14.83 -47.74
C ARG G 411 -56.60 -14.46 -46.28
N ARG G 412 -57.01 -13.22 -46.01
CA ARG G 412 -57.40 -12.76 -44.69
C ARG G 412 -58.90 -12.48 -44.76
N ALA G 413 -59.70 -13.52 -44.55
CA ALA G 413 -61.15 -13.44 -44.67
C ALA G 413 -61.82 -13.98 -43.42
N ARG G 414 -63.06 -13.52 -43.18
CA ARG G 414 -63.83 -13.90 -42.02
C ARG G 414 -64.84 -14.99 -42.38
N PRO G 415 -64.89 -16.08 -41.61
CA PRO G 415 -65.83 -17.15 -41.92
C PRO G 415 -67.26 -16.70 -41.66
N PRO G 416 -68.25 -17.35 -42.29
CA PRO G 416 -68.14 -18.49 -43.21
C PRO G 416 -67.64 -18.11 -44.60
N LEU G 417 -67.07 -19.09 -45.31
CA LEU G 417 -66.60 -18.88 -46.66
C LEU G 417 -67.69 -19.27 -47.67
N LEU G 418 -67.48 -18.87 -48.93
CA LEU G 418 -68.46 -19.10 -49.97
C LEU G 418 -68.60 -20.59 -50.27
N SER G 419 -69.83 -21.03 -50.48
CA SER G 419 -70.11 -22.40 -50.89
C SER G 419 -71.39 -22.42 -51.71
N SER G 420 -71.25 -22.58 -53.03
CA SER G 420 -72.38 -22.58 -53.94
C SER G 420 -72.98 -24.00 -54.05
N ALA G 421 -73.41 -24.51 -52.89
CA ALA G 421 -73.97 -25.85 -52.84
C ALA G 421 -75.37 -25.91 -53.43
N LEU G 422 -76.14 -24.82 -53.32
CA LEU G 422 -77.50 -24.81 -53.87
C LEU G 422 -77.48 -24.90 -55.39
N ALA G 423 -76.66 -24.08 -56.04
CA ALA G 423 -76.57 -24.12 -57.50
C ALA G 423 -75.98 -25.43 -58.00
N THR G 424 -75.03 -26.01 -57.26
CA THR G 424 -74.49 -27.31 -57.64
C THR G 424 -75.53 -28.41 -57.53
N ALA G 425 -76.28 -28.44 -56.42
CA ALA G 425 -77.24 -29.51 -56.19
C ALA G 425 -78.43 -29.39 -57.14
N LEU G 426 -78.97 -28.19 -57.32
CA LEU G 426 -80.12 -28.01 -58.20
C LEU G 426 -79.81 -28.37 -59.64
N THR G 427 -78.54 -28.38 -60.03
CA THR G 427 -78.15 -28.78 -61.37
C THR G 427 -77.79 -30.26 -61.45
N GLU G 428 -77.12 -30.79 -60.43
CA GLU G 428 -76.71 -32.19 -60.48
C GLU G 428 -77.89 -33.13 -60.25
N ALA G 429 -78.85 -32.77 -59.39
CA ALA G 429 -80.03 -33.61 -59.21
C ALA G 429 -80.89 -33.65 -60.47
N CYS G 430 -81.04 -32.51 -61.14
CA CYS G 430 -81.79 -32.46 -62.40
C CYS G 430 -81.06 -33.13 -63.55
N ALA G 431 -79.72 -33.07 -63.57
CA ALA G 431 -78.97 -33.73 -64.64
C ALA G 431 -79.15 -35.23 -64.61
N ALA G 432 -79.14 -35.85 -63.43
CA ALA G 432 -79.42 -37.27 -63.34
C ALA G 432 -80.87 -37.61 -63.70
N GLU G 433 -81.77 -36.64 -63.61
CA GLU G 433 -83.16 -36.83 -63.98
C GLU G 433 -83.49 -36.31 -65.38
N ARG G 434 -82.58 -35.53 -65.99
CA ARG G 434 -82.76 -35.02 -67.35
C ARG G 434 -84.05 -34.20 -67.46
N VAL G 435 -84.19 -33.18 -66.62
CA VAL G 435 -85.41 -32.40 -66.51
C VAL G 435 -85.10 -30.95 -66.88
N VAL G 436 -86.00 -30.31 -67.62
CA VAL G 436 -85.78 -28.94 -68.06
C VAL G 436 -86.07 -27.93 -66.95
N ARG G 437 -86.99 -28.24 -66.04
CA ARG G 437 -87.36 -27.33 -64.96
C ARG G 437 -87.64 -28.14 -63.70
N PRO G 438 -87.06 -27.77 -62.55
CA PRO G 438 -87.24 -28.56 -61.33
C PRO G 438 -88.68 -28.62 -60.85
N HIS G 439 -89.56 -27.77 -61.38
CA HIS G 439 -90.97 -27.85 -61.05
C HIS G 439 -91.61 -29.10 -61.66
N GLN G 440 -90.92 -29.73 -62.61
CA GLN G 440 -91.31 -31.02 -63.16
C GLN G 440 -90.64 -32.19 -62.45
N LEU G 441 -89.77 -31.92 -61.48
CA LEU G 441 -89.04 -32.98 -60.80
C LEU G 441 -89.98 -33.82 -59.95
N SER G 442 -89.67 -35.11 -59.86
CA SER G 442 -90.44 -36.00 -59.02
C SER G 442 -90.29 -35.62 -57.54
N PRO G 443 -91.32 -35.85 -56.73
CA PRO G 443 -91.23 -35.47 -55.30
C PRO G 443 -90.13 -36.20 -54.55
N ALA G 444 -89.69 -37.37 -55.02
CA ALA G 444 -88.63 -38.09 -54.33
C ALA G 444 -87.33 -37.29 -54.30
N GLY G 445 -86.96 -36.68 -55.43
CA GLY G 445 -85.77 -35.84 -55.45
C GLY G 445 -85.97 -34.50 -54.80
N GLN G 446 -87.18 -33.95 -54.86
CA GLN G 446 -87.46 -32.67 -54.22
C GLN G 446 -87.37 -32.78 -52.71
N ALA G 447 -87.85 -33.90 -52.14
CA ALA G 447 -87.77 -34.11 -50.71
C ALA G 447 -86.33 -34.17 -50.22
N GLU G 448 -85.44 -34.83 -50.97
CA GLU G 448 -84.04 -34.89 -50.58
C GLU G 448 -83.42 -33.50 -50.55
N LEU G 449 -83.71 -32.68 -51.57
CA LEU G 449 -83.18 -31.31 -51.59
C LEU G 449 -83.75 -30.47 -50.47
N LEU G 450 -85.05 -30.62 -50.16
CA LEU G 450 -85.64 -29.87 -49.06
C LEU G 450 -85.05 -30.27 -47.72
N LEU G 451 -84.84 -31.58 -47.50
CA LEU G 451 -84.26 -32.03 -46.25
C LEU G 451 -82.82 -31.57 -46.10
N ARG G 452 -82.02 -31.74 -47.17
CA ARG G 452 -80.63 -31.28 -47.13
C ARG G 452 -80.54 -29.76 -47.04
N PHE G 453 -81.26 -29.06 -47.92
CA PHE G 453 -81.22 -27.60 -48.00
C PHE G 453 -82.58 -27.04 -47.66
N PRO G 454 -82.77 -26.47 -46.46
CA PRO G 454 -84.08 -25.95 -46.06
C PRO G 454 -84.42 -24.60 -46.66
N ALA G 455 -83.47 -23.92 -47.32
CA ALA G 455 -83.73 -22.59 -47.87
C ALA G 455 -84.62 -22.62 -49.10
N LEU G 456 -84.89 -23.79 -49.67
CA LEU G 456 -85.69 -23.90 -50.89
C LEU G 456 -87.17 -24.14 -50.61
N GLU G 457 -87.64 -23.82 -49.41
CA GLU G 457 -89.07 -23.94 -49.11
C GLU G 457 -89.89 -22.95 -49.94
N VAL G 458 -89.40 -21.71 -50.06
CA VAL G 458 -90.16 -20.68 -50.76
C VAL G 458 -90.36 -21.00 -52.24
N PRO G 459 -89.32 -21.31 -53.03
CA PRO G 459 -89.54 -21.53 -54.46
C PRO G 459 -90.23 -22.85 -54.80
N LEU G 460 -90.37 -23.76 -53.83
CA LEU G 460 -90.96 -25.06 -54.10
C LEU G 460 -92.35 -25.26 -53.50
N ARG G 461 -92.67 -24.56 -52.41
CA ARG G 461 -93.94 -24.75 -51.71
C ARG G 461 -94.62 -23.40 -51.46
N HIS G 462 -94.67 -22.56 -52.49
CA HIS G 462 -95.42 -21.32 -52.43
C HIS G 462 -96.39 -21.26 -53.58
N PRO G 463 -97.69 -21.07 -53.31
CA PRO G 463 -98.68 -21.15 -54.40
C PRO G 463 -98.56 -20.02 -55.42
N ARG G 464 -98.53 -18.77 -54.95
CA ARG G 464 -98.52 -17.61 -55.82
C ARG G 464 -97.40 -16.65 -55.40
N PRO G 465 -96.14 -16.99 -55.68
CA PRO G 465 -95.05 -16.05 -55.39
C PRO G 465 -95.11 -14.85 -56.32
N VAL G 466 -94.60 -13.72 -55.83
CA VAL G 466 -94.57 -12.51 -56.64
C VAL G 466 -93.64 -12.65 -57.84
N LEU G 467 -92.72 -13.60 -57.80
CA LEU G 467 -91.78 -13.82 -58.90
C LEU G 467 -91.82 -15.27 -59.36
N PRO G 468 -91.62 -15.54 -60.64
CA PRO G 468 -91.57 -16.92 -61.13
C PRO G 468 -90.34 -17.63 -60.57
N PRO G 469 -90.54 -18.67 -59.76
CA PRO G 469 -89.40 -19.36 -59.15
C PRO G 469 -88.57 -20.12 -60.16
N PHE G 470 -87.28 -20.27 -59.81
CA PHE G 470 -86.31 -21.00 -60.62
C PHE G 470 -86.20 -20.42 -62.04
N ASP G 471 -86.23 -19.10 -62.12
CA ASP G 471 -86.08 -18.39 -63.39
C ASP G 471 -85.03 -17.29 -63.27
N ILE G 472 -84.78 -16.62 -64.38
CA ILE G 472 -83.79 -15.55 -64.45
C ILE G 472 -84.46 -14.19 -64.64
N ALA G 473 -85.54 -14.14 -65.43
CA ALA G 473 -86.24 -12.89 -65.73
C ALA G 473 -87.40 -12.64 -64.78
N ALA G 474 -87.28 -13.05 -63.52
CA ALA G 474 -88.37 -12.85 -62.56
C ALA G 474 -88.69 -11.37 -62.37
N GLU G 475 -87.68 -10.55 -62.11
CA GLU G 475 -87.91 -9.12 -61.97
C GLU G 475 -88.30 -8.49 -63.30
N VAL G 476 -87.73 -9.00 -64.40
CA VAL G 476 -88.13 -8.56 -65.73
C VAL G 476 -89.60 -8.85 -65.97
N ALA G 477 -90.06 -10.04 -65.58
CA ALA G 477 -91.48 -10.36 -65.67
C ALA G 477 -92.31 -9.46 -64.77
N PHE G 478 -91.84 -9.18 -63.56
CA PHE G 478 -92.60 -8.39 -62.59
C PHE G 478 -92.81 -6.96 -63.09
N THR G 479 -91.76 -6.33 -63.62
CA THR G 479 -91.90 -4.98 -64.16
C THR G 479 -92.87 -4.93 -65.34
N ALA G 480 -92.77 -5.91 -66.25
CA ALA G 480 -93.70 -5.97 -67.37
C ALA G 480 -95.13 -6.22 -66.92
N ARG G 481 -95.34 -7.01 -65.88
CA ARG G 481 -96.68 -7.21 -65.32
C ARG G 481 -97.23 -5.93 -64.70
N ILE G 482 -96.38 -5.16 -64.01
CA ILE G 482 -96.82 -3.84 -63.54
C ILE G 482 -97.19 -2.96 -64.72
N HIS G 483 -96.40 -2.98 -65.79
CA HIS G 483 -96.70 -2.20 -66.97
C HIS G 483 -98.04 -2.60 -67.58
N LEU G 484 -98.31 -3.91 -67.65
CA LEU G 484 -99.57 -4.39 -68.21
C LEU G 484 -100.75 -3.97 -67.34
N ALA G 485 -100.61 -4.10 -66.02
CA ALA G 485 -101.67 -3.67 -65.12
C ALA G 485 -101.95 -2.17 -65.24
N CYS G 486 -100.91 -1.35 -65.33
CA CYS G 486 -101.07 0.08 -65.59
C CYS G 486 -101.71 0.36 -66.92
N LEU G 487 -101.40 -0.43 -67.95
CA LEU G 487 -102.04 -0.28 -69.25
C LEU G 487 -103.54 -0.54 -69.14
N ARG G 488 -103.92 -1.64 -68.51
CA ARG G 488 -105.33 -1.98 -68.36
C ARG G 488 -106.07 -0.96 -67.50
N ALA G 489 -105.45 -0.48 -66.43
CA ALA G 489 -106.10 0.53 -65.58
C ALA G 489 -106.39 1.80 -66.36
N LEU G 490 -105.46 2.25 -67.19
CA LEU G 490 -105.69 3.42 -68.03
C LEU G 490 -106.78 3.15 -69.06
N GLY G 491 -106.70 2.01 -69.76
CA GLY G 491 -107.64 1.73 -70.83
C GLY G 491 -109.08 1.59 -70.36
N GLN G 492 -109.30 0.82 -69.30
CA GLN G 492 -110.66 0.61 -68.80
C GLN G 492 -111.28 1.91 -68.30
N ALA G 493 -110.52 2.72 -67.57
CA ALA G 493 -111.02 4.01 -67.08
C ALA G 493 -111.21 5.03 -68.19
N ILE G 494 -110.43 4.96 -69.27
CA ILE G 494 -110.68 5.83 -70.41
C ILE G 494 -111.96 5.42 -71.12
N ARG G 495 -112.18 4.11 -71.28
CA ARG G 495 -113.42 3.64 -71.88
C ARG G 495 -114.63 4.02 -71.03
N ALA G 496 -114.52 3.89 -69.70
CA ALA G 496 -115.65 4.20 -68.83
C ALA G 496 -116.08 5.65 -68.92
N ALA G 497 -115.12 6.58 -68.97
CA ALA G 497 -115.44 8.00 -68.98
C ALA G 497 -116.02 8.48 -70.31
N LEU G 498 -115.95 7.66 -71.36
CA LEU G 498 -116.45 8.04 -72.68
C LEU G 498 -117.32 6.95 -73.27
N GLN G 499 -118.05 6.22 -72.43
CA GLN G 499 -118.93 5.16 -72.91
C GLN G 499 -120.12 5.74 -73.67
N GLY G 500 -120.93 6.55 -73.00
CA GLY G 500 -121.98 7.27 -73.69
C GLY G 500 -121.50 8.60 -74.22
N GLY G 501 -122.22 9.12 -75.22
CA GLY G 501 -121.85 10.34 -75.88
C GLY G 501 -121.79 11.53 -74.95
N PRO G 502 -120.58 12.02 -74.66
CA PRO G 502 -120.43 13.11 -73.71
C PRO G 502 -120.39 14.48 -74.35
N ARG G 503 -120.38 15.53 -73.53
CA ARG G 503 -120.11 16.90 -73.97
C ARG G 503 -118.91 17.40 -73.19
N ILE G 504 -117.74 17.41 -73.83
CA ILE G 504 -116.50 17.77 -73.15
C ILE G 504 -116.33 19.28 -73.17
N SER G 505 -116.82 19.95 -72.12
CA SER G 505 -116.63 21.38 -71.98
C SER G 505 -115.23 21.69 -71.46
N GLN G 506 -114.78 22.91 -71.69
CA GLN G 506 -113.46 23.33 -71.24
C GLN G 506 -113.47 23.60 -69.74
N ARG G 507 -112.50 23.03 -69.04
CA ARG G 507 -112.36 23.20 -67.60
C ARG G 507 -111.37 24.28 -67.22
N LEU G 508 -110.76 24.95 -68.19
CA LEU G 508 -109.72 25.93 -67.94
C LEU G 508 -110.17 27.31 -68.45
N ARG G 509 -109.27 28.28 -68.37
CA ARG G 509 -109.53 29.67 -68.73
C ARG G 509 -108.62 30.05 -69.88
N TYR G 510 -109.06 29.81 -71.11
CA TYR G 510 -108.29 30.15 -72.30
C TYR G 510 -109.17 30.95 -73.26
N ASP G 511 -108.66 32.10 -73.69
CA ASP G 511 -109.37 32.91 -74.68
C ASP G 511 -108.84 32.64 -76.07
N PHE G 512 -109.75 32.49 -77.03
CA PHE G 512 -109.40 32.06 -78.37
C PHE G 512 -109.37 33.26 -79.31
N GLY G 513 -109.10 32.99 -80.59
CA GLY G 513 -109.07 34.02 -81.62
C GLY G 513 -110.05 33.72 -82.73
N PRO G 514 -110.43 34.75 -83.48
CA PRO G 514 -111.42 34.54 -84.56
C PRO G 514 -110.97 33.55 -85.62
N ASP G 515 -109.67 33.54 -85.96
CA ASP G 515 -109.17 32.57 -86.93
C ASP G 515 -108.78 31.26 -86.26
N GLN G 516 -108.79 31.20 -84.93
CA GLN G 516 -108.39 30.00 -84.21
C GLN G 516 -109.50 28.96 -84.15
N ARG G 517 -110.71 29.29 -84.59
CA ARG G 517 -111.79 28.32 -84.61
C ARG G 517 -111.51 27.17 -85.57
N ALA G 518 -110.90 27.47 -86.72
CA ALA G 518 -110.59 26.42 -87.68
C ALA G 518 -109.61 25.40 -87.11
N TRP G 519 -108.71 25.84 -86.22
CA TRP G 519 -107.79 24.91 -85.59
C TRP G 519 -108.54 23.89 -84.73
N LEU G 520 -109.52 24.35 -83.94
CA LEU G 520 -110.34 23.43 -83.17
C LEU G 520 -111.26 22.60 -84.06
N GLY G 521 -111.63 23.12 -85.23
CA GLY G 521 -112.39 22.32 -86.18
C GLY G 521 -111.63 21.08 -86.63
N GLU G 522 -110.33 21.21 -86.84
CA GLU G 522 -109.49 20.05 -87.13
C GLU G 522 -109.35 19.15 -85.90
N VAL G 523 -109.27 19.74 -84.71
CA VAL G 523 -109.14 18.95 -83.49
C VAL G 523 -110.37 18.07 -83.27
N THR G 524 -111.55 18.58 -83.62
CA THR G 524 -112.76 17.77 -83.49
C THR G 524 -112.65 16.48 -84.27
N ARG G 525 -112.25 16.57 -85.55
CA ARG G 525 -112.06 15.36 -86.35
C ARG G 525 -110.90 14.52 -85.85
N ARG G 526 -109.83 15.16 -85.37
CA ARG G 526 -108.62 14.48 -84.95
C ARG G 526 -108.77 13.74 -83.63
N PHE G 527 -109.74 14.13 -82.80
CA PHE G 527 -109.82 13.64 -81.42
C PHE G 527 -109.79 12.12 -81.27
N PRO G 528 -110.58 11.33 -82.01
CA PRO G 528 -110.54 9.87 -81.79
C PRO G 528 -109.17 9.25 -82.04
N ILE G 529 -108.37 9.81 -82.94
CA ILE G 529 -107.04 9.27 -83.19
C ILE G 529 -106.11 9.49 -82.00
N LEU G 530 -106.23 10.63 -81.31
CA LEU G 530 -105.38 10.90 -80.16
C LEU G 530 -105.63 9.90 -79.04
N LEU G 531 -106.89 9.51 -78.84
CA LEU G 531 -107.18 8.51 -77.81
C LEU G 531 -106.50 7.19 -78.10
N GLU G 532 -106.54 6.74 -79.37
CA GLU G 532 -105.85 5.51 -79.74
C GLU G 532 -104.35 5.65 -79.56
N ASN G 533 -103.78 6.76 -80.03
CA ASN G 533 -102.34 7.00 -79.92
C ASN G 533 -101.88 7.13 -78.48
N LEU G 534 -102.73 7.59 -77.57
CA LEU G 534 -102.37 7.63 -76.16
C LEU G 534 -102.03 6.23 -75.65
N MET G 535 -102.94 5.28 -75.87
CA MET G 535 -102.72 3.90 -75.48
C MET G 535 -101.56 3.27 -76.22
N ARG G 536 -101.42 3.56 -77.53
CA ARG G 536 -100.30 3.03 -78.29
C ARG G 536 -98.97 3.51 -77.73
N ALA G 537 -98.87 4.80 -77.40
CA ALA G 537 -97.63 5.33 -76.84
C ALA G 537 -97.35 4.78 -75.45
N VAL G 538 -98.38 4.63 -74.61
CA VAL G 538 -98.16 4.10 -73.27
C VAL G 538 -97.69 2.66 -73.34
N GLU G 539 -98.28 1.85 -74.23
CA GLU G 539 -97.83 0.46 -74.36
C GLU G 539 -96.46 0.38 -75.02
N GLY G 540 -96.12 1.35 -75.85
CA GLY G 540 -94.83 1.34 -76.53
C GLY G 540 -93.64 1.59 -75.64
N THR G 541 -93.84 2.20 -74.47
CA THR G 541 -92.74 2.53 -73.59
C THR G 541 -92.01 1.28 -73.12
N ALA G 542 -90.69 1.39 -72.97
CA ALA G 542 -89.89 0.29 -72.46
C ALA G 542 -90.24 0.03 -71.00
N PRO G 543 -90.23 -1.24 -70.57
CA PRO G 543 -90.58 -1.53 -69.18
C PRO G 543 -89.70 -0.86 -68.15
N ASP G 544 -88.39 -0.73 -68.42
CA ASP G 544 -87.53 0.01 -67.51
C ASP G 544 -87.71 1.51 -67.66
N ALA G 545 -87.95 1.98 -68.88
CA ALA G 545 -88.06 3.40 -69.16
C ALA G 545 -89.48 3.95 -68.95
N PHE G 546 -90.47 3.08 -68.77
CA PHE G 546 -91.83 3.56 -68.51
C PHE G 546 -91.93 4.19 -67.13
N PHE G 547 -91.06 3.80 -66.20
CA PHE G 547 -91.11 4.26 -64.83
C PHE G 547 -90.58 5.68 -64.65
N HIS G 548 -90.38 6.40 -65.76
CA HIS G 548 -89.99 7.80 -65.71
C HIS G 548 -91.15 8.75 -65.98
N THR G 549 -92.35 8.21 -66.23
CA THR G 549 -93.52 9.04 -66.50
C THR G 549 -94.18 9.47 -65.19
N ALA G 550 -95.05 10.48 -65.29
CA ALA G 550 -95.81 10.93 -64.13
C ALA G 550 -96.79 9.89 -63.62
N TYR G 551 -97.43 9.13 -64.52
CA TYR G 551 -98.42 8.16 -64.10
C TYR G 551 -97.81 7.05 -63.26
N ALA G 552 -96.63 6.58 -63.64
CA ALA G 552 -95.96 5.52 -62.89
C ALA G 552 -95.60 5.97 -61.49
N LEU G 553 -94.99 7.16 -61.36
CA LEU G 553 -94.62 7.68 -60.05
C LEU G 553 -95.81 8.18 -59.25
N ALA G 554 -96.96 8.37 -59.87
CA ALA G 554 -98.19 8.62 -59.12
C ALA G 554 -98.80 7.34 -58.58
N VAL G 555 -98.82 6.28 -59.38
CA VAL G 555 -99.28 4.98 -58.90
C VAL G 555 -98.39 4.48 -57.77
N LEU G 556 -97.07 4.61 -57.94
CA LEU G 556 -96.14 4.14 -56.92
C LEU G 556 -96.22 4.99 -55.66
N ALA G 557 -96.55 6.28 -55.80
CA ALA G 557 -96.72 7.13 -54.62
C ALA G 557 -98.03 6.85 -53.89
N HIS G 558 -99.10 6.55 -54.62
CA HIS G 558 -100.38 6.20 -54.00
C HIS G 558 -100.35 4.83 -53.34
N LEU G 559 -99.73 3.83 -53.99
CA LEU G 559 -99.59 2.52 -53.37
C LEU G 559 -98.59 2.54 -52.22
N GLY G 560 -97.68 3.51 -52.19
CA GLY G 560 -96.75 3.60 -51.07
C GLY G 560 -97.45 3.87 -49.76
N GLY G 561 -98.51 4.67 -49.79
CA GLY G 561 -99.33 4.91 -48.62
C GLY G 561 -100.37 3.84 -48.33
N ARG G 562 -100.42 2.80 -49.16
CA ARG G 562 -101.37 1.71 -48.98
C ARG G 562 -100.79 0.63 -48.09
N VAL G 569 -94.06 7.59 -47.75
CA VAL G 569 -92.78 7.25 -48.37
C VAL G 569 -92.52 8.16 -49.57
N VAL G 570 -91.25 8.29 -49.94
CA VAL G 570 -90.83 9.13 -51.06
C VAL G 570 -90.33 8.22 -52.17
N PRO G 571 -90.98 8.21 -53.33
CA PRO G 571 -90.46 7.43 -54.47
C PRO G 571 -89.15 8.00 -54.98
N LEU G 572 -88.38 7.15 -55.64
CA LEU G 572 -87.07 7.53 -56.13
C LEU G 572 -87.18 8.57 -57.24
N GLY G 573 -86.09 9.31 -57.42
CA GLY G 573 -86.01 10.33 -58.46
C GLY G 573 -86.37 11.73 -58.02
N ASP G 574 -87.07 11.88 -56.90
CA ASP G 574 -87.45 13.19 -56.35
C ASP G 574 -88.23 14.01 -57.38
N ASP G 575 -88.86 13.31 -58.34
CA ASP G 575 -89.65 14.00 -59.36
C ASP G 575 -90.91 14.61 -58.77
N LEU G 576 -91.50 13.96 -57.76
CA LEU G 576 -92.67 14.52 -57.11
C LEU G 576 -92.29 15.76 -56.30
N PRO G 577 -93.11 16.81 -56.34
CA PRO G 577 -92.83 18.01 -55.56
C PRO G 577 -93.05 17.77 -54.07
N ALA G 578 -92.40 18.61 -53.26
CA ALA G 578 -92.56 18.52 -51.82
C ALA G 578 -93.97 18.85 -51.36
N ARG G 579 -94.75 19.56 -52.20
CA ARG G 579 -96.13 19.90 -51.89
C ARG G 579 -97.10 18.99 -52.63
N PHE G 580 -96.61 17.85 -53.11
CA PHE G 580 -97.46 16.92 -53.86
C PHE G 580 -98.55 16.32 -52.98
N ALA G 581 -98.31 16.22 -51.67
CA ALA G 581 -99.27 15.63 -50.75
C ALA G 581 -100.05 16.68 -49.95
N ASP G 582 -100.20 17.89 -50.49
CA ASP G 582 -100.91 18.96 -49.80
C ASP G 582 -102.39 19.01 -50.18
N SER G 583 -102.69 19.21 -51.46
CA SER G 583 -104.06 19.32 -51.93
C SER G 583 -104.24 18.47 -53.19
N ASP G 584 -105.50 18.33 -53.60
CA ASP G 584 -105.84 17.55 -54.79
C ASP G 584 -105.61 18.30 -56.10
N GLY G 585 -105.30 19.59 -56.04
CA GLY G 585 -105.06 20.37 -57.23
C GLY G 585 -103.65 20.30 -57.76
N HIS G 586 -102.71 19.72 -57.02
CA HIS G 586 -101.32 19.64 -57.45
C HIS G 586 -101.14 18.50 -58.44
N TYR G 587 -101.61 18.68 -59.67
CA TYR G 587 -101.50 17.67 -60.70
C TYR G 587 -100.10 17.67 -61.32
N VAL G 588 -99.67 16.49 -61.76
CA VAL G 588 -98.40 16.33 -62.48
C VAL G 588 -98.73 15.84 -63.88
N PHE G 589 -98.38 16.65 -64.88
CA PHE G 589 -98.87 16.49 -66.24
C PHE G 589 -97.78 15.89 -67.13
N ASP G 590 -98.22 15.29 -68.23
CA ASP G 590 -97.35 14.74 -69.25
C ASP G 590 -97.70 15.33 -70.61
N TYR G 591 -96.68 15.56 -71.44
CA TYR G 591 -96.85 16.30 -72.68
C TYR G 591 -96.61 15.36 -73.86
N TYR G 592 -97.57 15.28 -74.76
CA TYR G 592 -97.50 14.46 -75.96
C TYR G 592 -97.79 15.29 -77.20
N SER G 593 -97.01 15.05 -78.25
CA SER G 593 -97.19 15.78 -79.50
C SER G 593 -98.47 15.35 -80.19
N THR G 594 -99.07 16.27 -80.95
CA THR G 594 -100.30 15.97 -81.67
C THR G 594 -100.02 15.60 -83.12
N SER G 595 -99.13 16.32 -83.78
CA SER G 595 -98.81 16.10 -85.18
C SER G 595 -97.83 14.95 -85.34
N GLY G 596 -98.00 14.20 -86.43
CA GLY G 596 -97.09 13.11 -86.74
C GLY G 596 -97.10 12.03 -85.70
N ASP G 597 -95.92 11.46 -85.45
CA ASP G 597 -95.77 10.39 -84.47
C ASP G 597 -95.98 10.95 -83.07
N THR G 598 -97.05 10.51 -82.41
CA THR G 598 -97.35 10.95 -81.06
C THR G 598 -96.35 10.32 -80.10
N LEU G 599 -95.52 11.15 -79.47
CA LEU G 599 -94.47 10.71 -78.57
C LEU G 599 -94.55 11.49 -77.26
N ARG G 600 -93.88 10.98 -76.24
CA ARG G 600 -93.78 11.65 -74.95
C ARG G 600 -92.70 12.71 -75.01
N LEU G 601 -93.04 13.92 -74.55
CA LEU G 601 -92.18 15.09 -74.67
C LEU G 601 -91.76 15.60 -73.30
N ASN G 602 -91.40 14.67 -72.41
CA ASN G 602 -91.03 15.04 -71.05
C ASN G 602 -89.74 14.33 -70.65
N ASN G 603 -88.79 15.11 -70.15
CA ASN G 603 -87.63 14.54 -69.47
C ASN G 603 -87.99 14.17 -68.04
N ARG G 604 -88.40 15.16 -67.26
CA ARG G 604 -88.98 15.04 -65.93
C ARG G 604 -90.45 15.46 -65.98
N PRO G 605 -91.35 14.69 -65.37
CA PRO G 605 -92.78 15.02 -65.45
C PRO G 605 -93.08 16.42 -64.93
N ILE G 606 -94.02 17.09 -65.58
CA ILE G 606 -94.34 18.49 -65.32
C ILE G 606 -95.47 18.54 -64.29
N ALA G 607 -95.25 19.29 -63.21
CA ALA G 607 -96.24 19.45 -62.14
C ALA G 607 -96.85 20.84 -62.25
N VAL G 608 -98.18 20.90 -62.19
CA VAL G 608 -98.93 22.14 -62.32
C VAL G 608 -99.91 22.24 -61.15
N ALA G 609 -99.93 23.40 -60.50
CA ALA G 609 -100.84 23.64 -59.39
C ALA G 609 -102.08 24.37 -59.88
N MET G 610 -103.25 23.92 -59.42
CA MET G 610 -104.51 24.50 -59.84
C MET G 610 -105.43 24.74 -58.66
N ASP G 611 -106.66 25.19 -58.92
CA ASP G 611 -107.64 25.43 -57.88
C ASP G 611 -108.87 24.54 -58.06
N GLU G 618 -116.42 24.60 -61.12
CA GLU G 618 -116.50 25.50 -62.27
C GLU G 618 -115.13 25.71 -62.90
N GLN G 619 -114.85 26.93 -63.30
CA GLN G 619 -113.60 27.27 -63.98
C GLN G 619 -112.47 27.42 -62.97
N SER G 620 -111.26 27.09 -63.42
CA SER G 620 -110.06 27.22 -62.60
C SER G 620 -108.88 27.54 -63.50
N LYS G 621 -108.01 28.42 -63.04
CA LYS G 621 -106.84 28.82 -63.81
C LYS G 621 -105.64 27.94 -63.46
N CYS G 622 -104.59 28.08 -64.26
CA CYS G 622 -103.40 27.26 -64.13
C CYS G 622 -102.25 28.07 -63.52
N ARG G 623 -101.27 27.34 -62.99
CA ARG G 623 -100.11 27.96 -62.34
C ARG G 623 -99.02 26.91 -62.18
N PHE G 624 -97.79 27.28 -62.51
CA PHE G 624 -96.67 26.36 -62.42
C PHE G 624 -96.24 26.16 -60.97
N MET G 625 -95.14 25.44 -60.79
CA MET G 625 -94.56 25.22 -59.48
C MET G 625 -93.09 25.63 -59.46
N GLU G 626 -92.48 25.60 -58.28
CA GLU G 626 -91.05 25.84 -58.17
C GLU G 626 -90.27 24.57 -58.52
N ALA G 627 -88.95 24.69 -58.53
CA ALA G 627 -88.09 23.58 -58.85
C ALA G 627 -86.70 23.76 -58.25
N PRO G 633 -81.68 19.47 -68.41
CA PRO G 633 -81.51 20.82 -67.88
C PRO G 633 -82.61 21.78 -68.34
N ARG G 634 -83.17 21.51 -69.52
CA ARG G 634 -84.23 22.36 -70.07
C ARG G 634 -84.93 21.63 -71.19
N ARG G 635 -86.26 21.71 -71.20
CA ARG G 635 -87.09 21.16 -72.26
C ARG G 635 -88.01 22.25 -72.78
N VAL G 636 -88.16 22.31 -74.11
CA VAL G 636 -88.92 23.38 -74.73
C VAL G 636 -90.40 23.32 -74.36
N CYS G 637 -90.97 22.11 -74.30
CA CYS G 637 -92.39 21.96 -74.01
C CYS G 637 -92.76 22.39 -72.60
N GLU G 638 -91.79 22.58 -71.71
CA GLU G 638 -92.07 23.00 -70.34
C GLU G 638 -92.51 24.45 -70.24
N GLN G 639 -92.39 25.23 -71.31
CA GLN G 639 -92.74 26.65 -71.27
C GLN G 639 -94.23 26.87 -71.00
N TYR G 640 -95.11 26.09 -71.64
CA TYR G 640 -96.52 26.41 -71.72
C TYR G 640 -97.31 25.61 -70.69
N LEU G 641 -98.37 26.23 -70.18
CA LEU G 641 -99.30 25.58 -69.27
C LEU G 641 -100.14 24.56 -70.02
N PRO G 642 -100.76 23.62 -69.32
CA PRO G 642 -101.60 22.63 -70.00
C PRO G 642 -102.70 23.28 -70.82
N GLY G 643 -102.88 22.81 -72.05
CA GLY G 643 -103.89 23.36 -72.93
C GLY G 643 -103.62 24.78 -73.40
N GLU G 644 -102.39 25.27 -73.26
CA GLU G 644 -102.10 26.64 -73.62
C GLU G 644 -101.59 26.78 -75.05
N SER G 645 -100.85 25.78 -75.55
CA SER G 645 -100.23 25.89 -76.87
C SER G 645 -100.59 24.67 -77.70
N TYR G 646 -100.36 24.80 -79.01
CA TYR G 646 -100.75 23.80 -79.99
C TYR G 646 -99.87 22.56 -79.88
N ALA G 647 -100.43 21.43 -80.33
CA ALA G 647 -99.69 20.18 -80.52
C ALA G 647 -99.09 19.63 -79.22
N TYR G 648 -99.72 19.92 -78.08
CA TYR G 648 -99.31 19.33 -76.81
C TYR G 648 -100.53 18.75 -76.12
N LEU G 649 -100.61 17.42 -76.06
CA LEU G 649 -101.64 16.76 -75.27
C LEU G 649 -101.16 16.63 -73.83
N CYS G 650 -102.08 16.84 -72.89
CA CYS G 650 -101.75 16.86 -71.48
C CYS G 650 -102.53 15.79 -70.73
N LEU G 651 -101.85 15.13 -69.79
CA LEU G 651 -102.43 14.06 -68.98
C LEU G 651 -101.84 14.16 -67.58
N GLY G 652 -102.69 14.47 -66.60
CA GLY G 652 -102.24 14.69 -65.24
C GLY G 652 -102.78 13.64 -64.30
N PHE G 653 -102.23 13.61 -63.09
CA PHE G 653 -102.58 12.61 -62.10
C PHE G 653 -102.46 13.19 -60.69
N ASN G 654 -102.92 12.42 -59.71
CA ASN G 654 -103.01 12.84 -58.31
C ASN G 654 -102.69 11.66 -57.41
N ARG G 655 -102.57 11.93 -56.10
CA ARG G 655 -102.48 10.83 -55.15
C ARG G 655 -103.80 10.05 -55.10
N ARG G 656 -104.93 10.76 -55.22
CA ARG G 656 -106.20 10.09 -55.44
C ARG G 656 -106.19 9.28 -56.73
N LEU G 657 -105.26 9.60 -57.65
CA LEU G 657 -104.99 8.81 -58.84
C LEU G 657 -106.19 8.88 -59.81
N CYS G 658 -107.02 9.91 -59.60
CA CYS G 658 -108.07 10.27 -60.55
C CYS G 658 -107.52 11.30 -61.53
N GLY G 659 -107.25 10.86 -62.75
CA GLY G 659 -106.57 11.68 -63.73
C GLY G 659 -107.52 12.53 -64.56
N ILE G 660 -106.92 13.39 -65.38
CA ILE G 660 -107.66 14.26 -66.29
C ILE G 660 -106.78 14.54 -67.49
N VAL G 661 -107.41 14.62 -68.67
CA VAL G 661 -106.71 14.84 -69.92
C VAL G 661 -107.07 16.22 -70.43
N VAL G 662 -106.08 17.09 -70.56
CA VAL G 662 -106.26 18.46 -71.03
C VAL G 662 -105.86 18.52 -72.50
N PHE G 663 -106.77 18.97 -73.34
CA PHE G 663 -106.55 19.10 -74.77
C PHE G 663 -106.32 20.56 -75.14
N PRO G 664 -105.73 20.83 -76.31
CA PRO G 664 -105.51 22.22 -76.73
C PRO G 664 -106.82 23.00 -76.78
N GLY G 665 -106.91 24.01 -75.93
CA GLY G 665 -108.12 24.79 -75.77
C GLY G 665 -108.74 24.72 -74.40
N GLY G 666 -108.15 23.98 -73.46
CA GLY G 666 -108.67 23.87 -72.11
C GLY G 666 -109.73 22.80 -71.90
N PHE G 667 -110.10 22.07 -72.95
CA PHE G 667 -111.13 21.04 -72.82
C PHE G 667 -110.56 19.85 -72.07
N ALA G 668 -111.29 19.39 -71.05
CA ALA G 668 -110.82 18.31 -70.20
C ALA G 668 -112.01 17.61 -69.54
N PHE G 669 -111.74 16.42 -69.02
CA PHE G 669 -112.73 15.66 -68.27
C PHE G 669 -112.01 14.71 -67.33
N THR G 670 -112.51 14.60 -66.11
CA THR G 670 -111.88 13.79 -65.08
C THR G 670 -112.03 12.30 -65.40
N ILE G 671 -111.00 11.53 -65.06
CA ILE G 671 -110.98 10.09 -65.27
C ILE G 671 -110.61 9.43 -63.95
N ASN G 672 -111.38 8.43 -63.54
CA ASN G 672 -111.14 7.71 -62.29
C ASN G 672 -110.36 6.44 -62.60
N ILE G 673 -109.04 6.52 -62.46
CA ILE G 673 -108.20 5.34 -62.66
C ILE G 673 -108.22 4.44 -61.42
N ALA G 674 -108.48 5.02 -60.25
CA ALA G 674 -108.44 4.26 -59.00
C ALA G 674 -109.52 3.21 -58.91
N ALA G 675 -110.56 3.29 -59.74
CA ALA G 675 -111.64 2.31 -59.72
C ALA G 675 -111.31 1.06 -60.53
N TYR G 676 -110.14 1.02 -61.17
CA TYR G 676 -109.76 -0.11 -62.02
C TYR G 676 -108.38 -0.68 -61.73
N LEU G 677 -107.57 -0.04 -60.91
CA LEU G 677 -106.23 -0.56 -60.58
C LEU G 677 -106.37 -1.86 -59.82
N SER G 678 -105.89 -2.95 -60.40
CA SER G 678 -106.02 -4.29 -59.83
C SER G 678 -104.62 -4.87 -59.60
N LEU G 679 -104.10 -4.65 -58.39
CA LEU G 679 -102.82 -5.22 -57.97
C LEU G 679 -102.95 -5.70 -56.54
N SER G 680 -102.40 -6.89 -56.27
CA SER G 680 -102.48 -7.48 -54.94
C SER G 680 -101.52 -6.76 -53.99
N ASP G 681 -101.84 -6.86 -52.69
CA ASP G 681 -101.07 -6.22 -51.64
C ASP G 681 -99.61 -6.70 -51.58
N PRO G 682 -99.34 -8.01 -51.61
CA PRO G 682 -97.92 -8.42 -51.65
C PRO G 682 -97.19 -7.94 -52.89
N VAL G 683 -97.82 -7.99 -54.06
CA VAL G 683 -97.21 -7.45 -55.27
C VAL G 683 -96.99 -5.94 -55.13
N ALA G 684 -97.97 -5.24 -54.58
CA ALA G 684 -97.85 -3.79 -54.40
C ALA G 684 -96.67 -3.45 -53.50
N ARG G 685 -96.56 -4.13 -52.36
CA ARG G 685 -95.46 -3.85 -51.45
C ARG G 685 -94.11 -4.26 -52.03
N ALA G 686 -94.04 -5.38 -52.76
CA ALA G 686 -92.80 -5.77 -53.41
C ALA G 686 -92.36 -4.75 -54.44
N ALA G 687 -93.30 -4.17 -55.19
CA ALA G 687 -92.98 -3.10 -56.11
C ALA G 687 -92.55 -1.81 -55.41
N VAL G 688 -93.24 -1.43 -54.33
CA VAL G 688 -92.92 -0.18 -53.66
C VAL G 688 -91.54 -0.25 -53.01
N LEU G 689 -91.25 -1.36 -52.32
CA LEU G 689 -89.94 -1.50 -51.68
C LEU G 689 -88.79 -1.46 -52.70
N ARG G 690 -89.06 -1.77 -53.96
CA ARG G 690 -88.05 -1.61 -55.01
C ARG G 690 -88.10 -0.23 -55.64
N PHE G 691 -89.21 0.49 -55.53
CA PHE G 691 -89.40 1.76 -56.21
C PHE G 691 -89.74 2.92 -55.28
N CYS G 692 -89.37 2.85 -54.01
CA CYS G 692 -89.58 3.96 -53.08
C CYS G 692 -88.31 4.19 -52.27
N ARG G 693 -88.41 5.06 -51.26
CA ARG G 693 -87.32 5.32 -50.34
C ARG G 693 -87.90 5.71 -49.00
N LYS G 694 -87.26 5.25 -47.92
CA LYS G 694 -87.76 5.53 -46.58
C LYS G 694 -87.60 7.00 -46.24
N VAL G 695 -88.62 7.56 -45.58
CA VAL G 695 -88.54 8.95 -45.12
C VAL G 695 -87.77 9.00 -43.81
N SER G 696 -86.69 9.78 -43.79
CA SER G 696 -85.87 9.90 -42.59
C SER G 696 -86.42 10.97 -41.66
N MET H 1 -118.24 20.50 -87.38
CA MET H 1 -116.98 20.33 -86.67
C MET H 1 -116.58 21.62 -85.95
N ASP H 2 -117.38 22.66 -86.10
CA ASP H 2 -117.11 23.92 -85.41
C ASP H 2 -117.47 23.80 -83.94
N PRO H 3 -116.55 24.14 -83.04
CA PRO H 3 -116.86 24.08 -81.60
C PRO H 3 -117.95 25.08 -81.24
N TYR H 4 -118.83 24.66 -80.34
CA TYR H 4 -119.93 25.53 -79.92
C TYR H 4 -119.41 26.64 -79.01
N CYS H 5 -119.91 27.87 -79.23
CA CYS H 5 -119.52 29.01 -78.41
C CYS H 5 -120.67 30.01 -78.42
N PRO H 6 -121.31 30.25 -77.29
CA PRO H 6 -122.41 31.24 -77.26
C PRO H 6 -121.97 32.64 -77.66
N PHE H 7 -120.75 33.03 -77.33
CA PHE H 7 -120.23 34.35 -77.68
C PHE H 7 -119.49 34.27 -79.01
N ASP H 8 -119.77 35.22 -79.91
CA ASP H 8 -119.13 35.22 -81.21
C ASP H 8 -117.70 35.76 -81.10
N ALA H 9 -117.57 37.02 -80.71
CA ALA H 9 -116.27 37.68 -80.55
C ALA H 9 -116.52 39.03 -79.89
N LEU H 10 -115.44 39.64 -79.41
CA LEU H 10 -115.49 40.95 -78.77
C LEU H 10 -114.32 41.79 -79.25
N ASP H 11 -114.51 43.11 -79.21
CA ASP H 11 -113.47 44.08 -79.51
C ASP H 11 -113.00 44.70 -78.21
N VAL H 12 -111.74 44.48 -77.86
CA VAL H 12 -111.18 44.90 -76.57
C VAL H 12 -109.96 45.76 -76.85
N TRP H 13 -109.92 46.95 -76.27
CA TRP H 13 -108.72 47.77 -76.28
C TRP H 13 -107.95 47.55 -74.98
N GLU H 14 -106.66 47.24 -75.11
CA GLU H 14 -105.83 46.88 -73.96
C GLU H 14 -104.55 47.70 -73.98
N HIS H 15 -104.46 48.67 -73.08
CA HIS H 15 -103.20 49.35 -72.84
C HIS H 15 -102.24 48.41 -72.13
N ARG H 16 -100.94 48.57 -72.40
CA ARG H 16 -99.96 47.63 -71.86
C ARG H 16 -99.92 47.65 -70.34
N ARG H 17 -99.98 48.84 -69.73
CA ARG H 17 -99.99 48.91 -68.27
C ARG H 17 -101.35 48.54 -67.69
N PHE H 18 -102.42 48.77 -68.46
CA PHE H 18 -103.78 48.61 -67.97
C PHE H 18 -104.40 47.26 -68.33
N ILE H 19 -103.59 46.21 -68.39
CA ILE H 19 -104.16 44.87 -68.55
C ILE H 19 -104.58 44.34 -67.20
N VAL H 20 -105.86 44.04 -67.05
CA VAL H 20 -106.43 43.54 -65.81
C VAL H 20 -107.17 42.25 -66.11
N ALA H 21 -107.38 41.44 -65.07
CA ALA H 21 -107.97 40.11 -65.20
C ALA H 21 -107.16 39.27 -66.19
N ASP H 22 -105.92 38.98 -65.78
CA ASP H 22 -104.91 38.43 -66.68
C ASP H 22 -105.27 37.02 -67.11
N SER H 23 -105.94 36.90 -68.25
CA SER H 23 -106.27 35.62 -68.86
C SER H 23 -105.19 35.23 -69.87
N ARG H 24 -105.14 33.94 -70.18
CA ARG H 24 -104.14 33.39 -71.06
C ARG H 24 -104.78 32.96 -72.37
N ASN H 25 -104.22 33.43 -73.48
CA ASN H 25 -104.78 33.20 -74.80
C ASN H 25 -104.28 31.89 -75.38
N PHE H 26 -104.92 31.48 -76.48
CA PHE H 26 -104.59 30.24 -77.17
C PHE H 26 -103.63 30.55 -78.31
N ILE H 27 -102.44 29.96 -78.27
CA ILE H 27 -101.39 30.22 -79.25
C ILE H 27 -101.57 29.30 -80.44
N THR H 28 -101.45 29.86 -81.64
CA THR H 28 -101.52 29.12 -82.89
C THR H 28 -100.26 29.36 -83.71
N PRO H 29 -99.85 28.38 -84.54
CA PRO H 29 -98.57 28.52 -85.25
C PRO H 29 -98.63 29.50 -86.40
N GLU H 30 -97.51 29.68 -87.10
CA GLU H 30 -97.42 30.64 -88.18
C GLU H 30 -97.56 30.01 -89.56
N PHE H 31 -97.06 28.80 -89.76
CA PHE H 31 -97.25 28.11 -91.03
C PHE H 31 -98.68 27.56 -91.13
N PRO H 32 -99.20 27.42 -92.34
CA PRO H 32 -100.60 27.02 -92.51
C PRO H 32 -100.87 25.63 -91.95
N ARG H 33 -102.14 25.42 -91.61
CA ARG H 33 -102.59 24.15 -91.02
C ARG H 33 -102.46 22.97 -91.96
N ASP H 34 -102.34 23.21 -93.27
CA ASP H 34 -102.12 22.10 -94.20
C ASP H 34 -100.76 21.44 -93.99
N PHE H 35 -99.77 22.18 -93.48
CA PHE H 35 -98.50 21.60 -93.08
C PHE H 35 -98.60 20.87 -91.75
N TRP H 36 -99.68 21.08 -91.00
CA TRP H 36 -99.92 20.40 -89.73
C TRP H 36 -100.67 19.11 -90.03
N MET H 37 -99.91 18.04 -90.29
CA MET H 37 -100.48 16.79 -90.75
C MET H 37 -101.15 16.03 -89.61
N SER H 38 -102.00 15.08 -89.98
CA SER H 38 -102.71 14.27 -89.02
C SER H 38 -101.74 13.32 -88.32
N PRO H 39 -102.05 12.91 -87.08
CA PRO H 39 -101.14 11.99 -86.36
C PRO H 39 -101.17 10.60 -86.99
N VAL H 40 -100.00 9.99 -87.10
CA VAL H 40 -99.84 8.64 -87.63
C VAL H 40 -98.98 7.85 -86.67
N PHE H 41 -99.45 6.68 -86.27
CA PHE H 41 -98.71 5.77 -85.42
C PHE H 41 -98.31 4.56 -86.26
N ASN H 42 -97.02 4.35 -86.43
CA ASN H 42 -96.53 3.30 -87.32
C ASN H 42 -96.57 1.95 -86.62
N LEU H 43 -97.32 1.01 -87.19
CA LEU H 43 -97.37 -0.33 -86.64
C LEU H 43 -96.09 -1.08 -87.01
N PRO H 44 -95.57 -1.93 -86.12
CA PRO H 44 -94.33 -2.65 -86.43
C PRO H 44 -94.53 -3.66 -87.55
N ARG H 45 -93.44 -3.93 -88.27
CA ARG H 45 -93.47 -4.94 -89.31
C ARG H 45 -93.81 -6.32 -88.77
N GLU H 46 -93.22 -6.69 -87.64
CA GLU H 46 -93.51 -7.95 -86.97
C GLU H 46 -94.49 -7.73 -85.82
N THR H 47 -95.20 -8.80 -85.47
CA THR H 47 -96.18 -8.78 -84.40
C THR H 47 -95.51 -9.23 -83.10
N ALA H 48 -96.00 -8.67 -81.98
CA ALA H 48 -95.44 -9.04 -80.69
C ALA H 48 -95.59 -10.52 -80.40
N ALA H 49 -96.69 -11.13 -80.86
CA ALA H 49 -96.88 -12.57 -80.68
C ALA H 49 -95.92 -13.36 -81.55
N GLU H 50 -95.61 -12.87 -82.75
CA GLU H 50 -94.70 -13.59 -83.65
C GLU H 50 -93.26 -13.55 -83.15
N GLN H 51 -92.90 -12.54 -82.36
CA GLN H 51 -91.59 -12.55 -81.72
C GLN H 51 -91.46 -13.71 -80.76
N VAL H 52 -92.55 -14.06 -80.06
CA VAL H 52 -92.53 -15.25 -79.22
C VAL H 52 -92.25 -16.49 -80.05
N VAL H 53 -92.87 -16.59 -81.23
CA VAL H 53 -92.65 -17.74 -82.09
C VAL H 53 -91.20 -17.81 -82.55
N VAL H 54 -90.64 -16.66 -82.94
CA VAL H 54 -89.25 -16.63 -83.40
C VAL H 54 -88.30 -17.03 -82.28
N LEU H 55 -88.49 -16.47 -81.09
CA LEU H 55 -87.62 -16.81 -79.97
C LEU H 55 -87.78 -18.27 -79.54
N GLN H 56 -88.99 -18.81 -79.57
CA GLN H 56 -89.19 -20.22 -79.27
C GLN H 56 -88.52 -21.12 -80.30
N ALA H 57 -88.61 -20.77 -81.59
CA ALA H 57 -87.93 -21.55 -82.61
C ALA H 57 -86.42 -21.52 -82.41
N GLN H 58 -85.85 -20.36 -82.10
CA GLN H 58 -84.42 -20.30 -81.84
C GLN H 58 -84.04 -21.06 -80.57
N ARG H 59 -84.88 -21.02 -79.53
CA ARG H 59 -84.61 -21.80 -78.33
C ARG H 59 -84.61 -23.29 -78.62
N THR H 60 -85.59 -23.76 -79.41
CA THR H 60 -85.62 -25.17 -79.79
C THR H 60 -84.44 -25.56 -80.66
N ALA H 61 -83.99 -24.67 -81.55
CA ALA H 61 -82.78 -24.95 -82.33
C ALA H 61 -81.55 -25.04 -81.45
N ALA H 62 -81.44 -24.16 -80.45
CA ALA H 62 -80.28 -24.18 -79.57
C ALA H 62 -80.31 -25.36 -78.60
N ALA H 63 -81.51 -25.81 -78.22
CA ALA H 63 -81.62 -26.96 -77.33
C ALA H 63 -81.09 -28.23 -77.96
N ALA H 64 -81.33 -28.45 -79.25
CA ALA H 64 -80.77 -29.60 -79.94
C ALA H 64 -79.25 -29.57 -79.94
N ALA H 65 -78.66 -28.40 -80.20
CA ALA H 65 -77.21 -28.27 -80.16
C ALA H 65 -76.65 -28.52 -78.77
N LEU H 66 -77.32 -27.99 -77.73
CA LEU H 66 -76.89 -28.23 -76.36
C LEU H 66 -76.97 -29.70 -76.00
N GLU H 67 -78.04 -30.38 -76.42
CA GLU H 67 -78.16 -31.81 -76.18
C GLU H 67 -77.08 -32.59 -76.93
N ASN H 68 -76.77 -32.20 -78.16
CA ASN H 68 -75.70 -32.85 -78.90
C ASN H 68 -74.36 -32.68 -78.21
N ALA H 69 -74.10 -31.46 -77.69
CA ALA H 69 -72.87 -31.23 -76.95
C ALA H 69 -72.81 -32.07 -75.68
N ALA H 70 -73.94 -32.18 -74.96
CA ALA H 70 -73.99 -33.00 -73.76
C ALA H 70 -73.72 -34.47 -74.08
N MET H 71 -74.32 -34.97 -75.16
CA MET H 71 -74.07 -36.34 -75.59
C MET H 71 -72.62 -36.56 -76.00
N GLN H 72 -72.02 -35.58 -76.68
CA GLN H 72 -70.60 -35.69 -77.02
C GLN H 72 -69.73 -35.73 -75.77
N ALA H 73 -70.06 -34.91 -74.77
CA ALA H 73 -69.32 -34.89 -73.51
C ALA H 73 -69.74 -36.00 -72.54
N ALA H 74 -70.80 -36.73 -72.86
CA ALA H 74 -71.25 -37.82 -72.00
C ALA H 74 -70.38 -39.06 -72.08
N GLU H 75 -69.57 -39.19 -73.14
CA GLU H 75 -68.72 -40.37 -73.31
C GLU H 75 -67.32 -40.17 -72.76
N LEU H 76 -66.97 -38.95 -72.34
CA LEU H 76 -65.66 -38.72 -71.76
C LEU H 76 -65.43 -39.50 -70.47
N PRO H 77 -66.35 -39.54 -69.50
CA PRO H 77 -66.16 -40.45 -68.36
C PRO H 77 -66.07 -41.90 -68.75
N VAL H 78 -66.75 -42.31 -69.83
CA VAL H 78 -66.57 -43.65 -70.36
C VAL H 78 -65.15 -43.83 -70.86
N ASP H 79 -64.62 -42.82 -71.56
CA ASP H 79 -63.25 -42.91 -72.07
C ASP H 79 -62.24 -43.03 -70.94
N ILE H 80 -62.44 -42.28 -69.85
CA ILE H 80 -61.48 -42.32 -68.75
C ILE H 80 -61.31 -43.75 -68.23
N GLU H 81 -62.43 -44.41 -67.93
CA GLU H 81 -62.39 -45.77 -67.40
C GLU H 81 -62.08 -46.81 -68.47
N ARG H 82 -62.30 -46.48 -69.74
CA ARG H 82 -61.93 -47.37 -70.84
C ARG H 82 -60.44 -47.38 -71.12
N ARG H 83 -59.76 -46.25 -70.88
CA ARG H 83 -58.33 -46.18 -71.20
C ARG H 83 -57.44 -46.25 -69.96
N LEU H 84 -57.99 -46.10 -68.75
CA LEU H 84 -57.13 -46.12 -67.58
C LEU H 84 -57.12 -47.48 -66.87
N ARG H 85 -58.22 -48.24 -66.95
CA ARG H 85 -58.24 -49.58 -66.37
C ARG H 85 -57.24 -50.52 -67.05
N PRO H 86 -57.15 -50.56 -68.39
CA PRO H 86 -56.12 -51.41 -69.00
C PRO H 86 -54.70 -51.05 -68.59
N ILE H 87 -54.40 -49.77 -68.42
CA ILE H 87 -53.07 -49.38 -67.95
C ILE H 87 -52.84 -49.88 -66.53
N GLU H 88 -53.86 -49.79 -65.67
CA GLU H 88 -53.74 -50.31 -64.32
C GLU H 88 -53.50 -51.81 -64.32
N ARG H 89 -54.21 -52.55 -65.16
CA ARG H 89 -53.99 -54.00 -65.26
C ARG H 89 -52.60 -54.32 -65.77
N ASN H 90 -52.13 -53.58 -66.78
CA ASN H 90 -50.79 -53.83 -67.32
C ASN H 90 -49.71 -53.56 -66.27
N VAL H 91 -49.87 -52.49 -65.49
CA VAL H 91 -48.91 -52.22 -64.42
C VAL H 91 -49.02 -53.28 -63.33
N HIS H 92 -50.23 -53.74 -63.03
CA HIS H 92 -50.43 -54.81 -62.06
C HIS H 92 -49.75 -56.11 -62.47
N GLU H 93 -49.72 -56.42 -63.78
CA GLU H 93 -49.04 -57.63 -64.22
C GLU H 93 -47.54 -57.58 -63.91
N ILE H 94 -46.94 -56.40 -63.94
CA ILE H 94 -45.53 -56.26 -63.62
C ILE H 94 -45.30 -56.46 -62.13
N TRP I 13 -100.70 50.16 -76.44
CA TRP I 13 -101.98 49.59 -76.86
C TRP I 13 -101.79 48.31 -77.66
N GLU I 14 -102.88 47.54 -77.76
CA GLU I 14 -102.94 46.37 -78.63
C GLU I 14 -104.40 46.08 -78.94
N HIS I 15 -104.69 45.87 -80.21
CA HIS I 15 -106.06 45.65 -80.68
C HIS I 15 -106.18 44.27 -81.29
N ARG I 16 -107.19 43.52 -80.86
CA ARG I 16 -107.43 42.17 -81.35
C ARG I 16 -108.84 41.76 -80.98
N ARG I 17 -109.32 40.71 -81.64
CA ARG I 17 -110.61 40.15 -81.27
C ARG I 17 -110.47 39.35 -79.98
N PHE I 18 -111.61 39.02 -79.37
CA PHE I 18 -111.60 38.41 -78.06
C PHE I 18 -112.75 37.42 -77.95
N ILE I 19 -112.46 36.22 -77.47
CA ILE I 19 -113.48 35.20 -77.21
C ILE I 19 -113.46 34.90 -75.71
N VAL I 20 -114.64 34.99 -75.09
CA VAL I 20 -114.74 34.82 -73.65
C VAL I 20 -114.57 33.34 -73.31
N ALA I 21 -113.71 33.06 -72.33
CA ALA I 21 -113.47 31.70 -71.87
C ALA I 21 -114.65 31.28 -70.99
N ASP I 22 -115.74 30.90 -71.64
CA ASP I 22 -116.95 30.48 -70.95
C ASP I 22 -116.94 28.97 -70.76
N SER I 23 -117.39 28.54 -69.57
CA SER I 23 -117.41 27.12 -69.24
C SER I 23 -118.44 26.33 -70.05
N ARG I 24 -119.35 27.01 -70.74
CA ARG I 24 -120.35 26.34 -71.56
C ARG I 24 -119.83 25.91 -72.92
N ASN I 25 -118.59 26.26 -73.26
CA ASN I 25 -118.00 25.87 -74.53
C ASN I 25 -117.66 24.39 -74.48
N PHE I 26 -118.48 23.56 -75.14
CA PHE I 26 -118.27 22.12 -75.17
C PHE I 26 -117.84 21.69 -76.57
N ILE I 27 -117.53 20.40 -76.70
CA ILE I 27 -117.06 19.82 -77.95
C ILE I 27 -117.75 18.48 -78.14
N THR I 28 -118.07 18.16 -79.40
CA THR I 28 -118.82 16.96 -79.75
C THR I 28 -118.06 16.16 -80.80
N PRO I 29 -117.16 15.28 -80.40
CA PRO I 29 -116.49 14.40 -81.36
C PRO I 29 -117.40 13.27 -81.82
N GLU I 30 -117.01 12.66 -82.94
CA GLU I 30 -117.75 11.56 -83.54
C GLU I 30 -116.89 10.30 -83.47
N PHE I 31 -117.47 9.23 -82.92
CA PHE I 31 -116.74 7.97 -82.79
C PHE I 31 -117.21 6.95 -83.81
N PRO I 32 -116.32 6.16 -84.37
CA PRO I 32 -116.73 5.05 -85.24
C PRO I 32 -117.50 3.99 -84.48
N ARG I 33 -118.32 3.25 -85.23
CA ARG I 33 -119.13 2.20 -84.61
C ARG I 33 -118.28 1.11 -83.99
N ASP I 34 -117.11 0.84 -84.57
CA ASP I 34 -116.17 -0.14 -84.04
C ASP I 34 -114.97 0.51 -83.38
N PHE I 35 -115.17 1.69 -82.78
CA PHE I 35 -114.06 2.41 -82.14
C PHE I 35 -113.56 1.68 -80.89
N TRP I 36 -114.48 1.34 -79.98
CA TRP I 36 -114.08 0.71 -78.73
C TRP I 36 -113.82 -0.78 -78.86
N MET I 37 -114.23 -1.39 -79.98
CA MET I 37 -114.00 -2.82 -80.21
C MET I 37 -112.63 -3.05 -80.85
N SER I 38 -111.61 -2.53 -80.19
CA SER I 38 -110.24 -2.68 -80.63
C SER I 38 -109.52 -3.75 -79.81
N PRO I 39 -108.58 -4.49 -80.41
CA PRO I 39 -107.83 -5.49 -79.66
C PRO I 39 -106.85 -4.91 -78.64
N VAL I 40 -106.83 -3.60 -78.47
CA VAL I 40 -105.91 -2.94 -77.55
C VAL I 40 -106.61 -2.43 -76.30
N PHE I 41 -107.80 -1.86 -76.45
CA PHE I 41 -108.58 -1.44 -75.29
C PHE I 41 -109.02 -2.61 -74.43
N ASN I 42 -109.05 -3.82 -74.98
CA ASN I 42 -109.44 -5.02 -74.26
C ASN I 42 -108.20 -5.91 -74.16
N LEU I 43 -107.42 -5.71 -73.10
CA LEU I 43 -106.18 -6.45 -72.91
C LEU I 43 -106.37 -7.60 -71.94
N PRO I 44 -105.83 -8.78 -72.24
CA PRO I 44 -105.83 -9.86 -71.25
C PRO I 44 -104.83 -9.59 -70.14
N ARG I 45 -104.93 -10.40 -69.09
CA ARG I 45 -104.05 -10.23 -67.93
C ARG I 45 -102.60 -10.51 -68.30
N GLU I 46 -102.35 -11.27 -69.36
CA GLU I 46 -100.99 -11.60 -69.79
C GLU I 46 -100.93 -11.48 -71.31
N THR I 47 -100.11 -10.55 -71.79
CA THR I 47 -99.94 -10.36 -73.23
C THR I 47 -98.58 -10.90 -73.67
N ALA I 48 -98.28 -10.73 -74.96
CA ALA I 48 -97.06 -11.29 -75.54
C ALA I 48 -95.83 -10.40 -75.28
N ALA I 49 -96.03 -9.13 -74.92
CA ALA I 49 -94.89 -8.26 -74.67
C ALA I 49 -94.05 -8.72 -73.49
N GLU I 50 -94.70 -9.14 -72.40
CA GLU I 50 -93.99 -9.70 -71.25
C GLU I 50 -93.20 -10.94 -71.62
N GLN I 51 -93.83 -11.87 -72.35
CA GLN I 51 -93.16 -13.11 -72.71
C GLN I 51 -92.01 -12.87 -73.68
N VAL I 52 -92.13 -11.89 -74.57
CA VAL I 52 -91.02 -11.59 -75.48
C VAL I 52 -89.78 -11.20 -74.70
N VAL I 53 -89.93 -10.30 -73.72
CA VAL I 53 -88.77 -9.87 -72.95
C VAL I 53 -88.26 -11.00 -72.07
N VAL I 54 -89.14 -11.84 -71.53
CA VAL I 54 -88.69 -12.98 -70.74
C VAL I 54 -87.84 -13.93 -71.57
N LEU I 55 -88.33 -14.31 -72.75
CA LEU I 55 -87.56 -15.18 -73.64
C LEU I 55 -86.25 -14.54 -74.07
N GLN I 56 -86.26 -13.25 -74.40
CA GLN I 56 -85.02 -12.59 -74.78
C GLN I 56 -84.03 -12.57 -73.64
N ALA I 57 -84.48 -12.28 -72.42
CA ALA I 57 -83.59 -12.27 -71.27
C ALA I 57 -83.01 -13.65 -71.00
N GLN I 58 -83.84 -14.69 -71.08
CA GLN I 58 -83.33 -16.04 -70.86
C GLN I 58 -82.34 -16.45 -71.95
N ARG I 59 -82.59 -16.07 -73.20
CA ARG I 59 -81.66 -16.37 -74.28
C ARG I 59 -80.33 -15.66 -74.06
N THR I 60 -80.38 -14.39 -73.66
CA THR I 60 -79.14 -13.67 -73.36
C THR I 60 -78.39 -14.28 -72.19
N ALA I 61 -79.10 -14.71 -71.14
CA ALA I 61 -78.43 -15.36 -70.02
C ALA I 61 -77.76 -16.67 -70.46
N ALA I 62 -78.46 -17.45 -71.28
CA ALA I 62 -77.87 -18.67 -71.82
C ALA I 62 -76.65 -18.39 -72.69
N ALA I 63 -76.66 -17.31 -73.46
CA ALA I 63 -75.50 -16.97 -74.28
C ALA I 63 -74.27 -16.71 -73.42
N ALA I 64 -74.41 -15.98 -72.31
CA ALA I 64 -73.26 -15.73 -71.44
C ALA I 64 -72.87 -16.97 -70.66
N ALA I 65 -73.84 -17.81 -70.29
CA ALA I 65 -73.52 -19.09 -69.67
C ALA I 65 -72.72 -19.98 -70.61
N LEU I 66 -73.00 -19.92 -71.91
CA LEU I 66 -72.20 -20.67 -72.88
C LEU I 66 -70.73 -20.24 -72.85
N GLU I 67 -70.48 -18.92 -72.82
CA GLU I 67 -69.11 -18.44 -72.76
C GLU I 67 -68.44 -18.78 -71.43
N ASN I 68 -69.17 -18.70 -70.32
CA ASN I 68 -68.61 -19.12 -69.04
C ASN I 68 -68.23 -20.59 -69.05
N ALA I 69 -69.10 -21.44 -69.58
CA ALA I 69 -68.79 -22.86 -69.70
C ALA I 69 -67.62 -23.12 -70.62
N ALA I 70 -67.52 -22.38 -71.73
CA ALA I 70 -66.39 -22.54 -72.63
C ALA I 70 -65.08 -22.16 -71.94
N MET I 71 -65.07 -21.05 -71.20
CA MET I 71 -63.88 -20.67 -70.45
C MET I 71 -63.53 -21.69 -69.39
N GLN I 72 -64.52 -22.27 -68.72
CA GLN I 72 -64.23 -23.28 -67.71
C GLN I 72 -63.69 -24.56 -68.33
N ALA I 73 -64.24 -24.98 -69.47
CA ALA I 73 -63.88 -26.24 -70.11
C ALA I 73 -62.71 -26.13 -71.08
N ALA I 74 -62.17 -24.92 -71.28
CA ALA I 74 -60.97 -24.78 -72.10
C ALA I 74 -59.77 -25.47 -71.51
N GLU I 75 -59.80 -25.85 -70.23
CA GLU I 75 -58.71 -26.55 -69.58
C GLU I 75 -58.74 -28.06 -69.83
N LEU I 76 -59.74 -28.56 -70.56
CA LEU I 76 -59.81 -30.00 -70.82
C LEU I 76 -58.58 -30.54 -71.54
N PRO I 77 -58.08 -29.93 -72.63
CA PRO I 77 -56.80 -30.39 -73.19
C PRO I 77 -55.62 -30.12 -72.27
N VAL I 78 -55.71 -29.14 -71.38
CA VAL I 78 -54.61 -28.81 -70.49
C VAL I 78 -54.41 -29.91 -69.45
N ASP I 79 -55.51 -30.47 -68.94
CA ASP I 79 -55.44 -31.44 -67.86
C ASP I 79 -54.69 -32.71 -68.25
N ILE I 80 -54.93 -33.25 -69.44
CA ILE I 80 -54.41 -34.56 -69.81
C ILE I 80 -52.89 -34.57 -69.94
N GLU I 81 -52.29 -33.52 -70.50
CA GLU I 81 -50.88 -33.56 -70.85
C GLU I 81 -50.00 -33.66 -69.60
N ARG I 82 -50.27 -32.83 -68.59
CA ARG I 82 -49.43 -32.77 -67.41
C ARG I 82 -49.69 -33.91 -66.43
N ARG I 83 -50.76 -34.68 -66.62
CA ARG I 83 -50.96 -35.90 -65.86
C ARG I 83 -50.20 -37.10 -66.44
N LEU I 84 -49.85 -37.04 -67.73
CA LEU I 84 -49.23 -38.16 -68.40
C LEU I 84 -47.73 -37.97 -68.62
N ARG I 85 -47.31 -36.77 -69.01
CA ARG I 85 -45.89 -36.56 -69.33
C ARG I 85 -44.94 -36.90 -68.18
N PRO I 86 -45.16 -36.49 -66.93
CA PRO I 86 -44.28 -36.92 -65.84
C PRO I 86 -44.26 -38.42 -65.60
N ILE I 87 -45.31 -39.13 -66.03
CA ILE I 87 -45.35 -40.59 -65.91
C ILE I 87 -44.68 -41.20 -67.13
N GLU I 88 -44.85 -40.56 -68.29
CA GLU I 88 -44.20 -41.05 -69.51
C GLU I 88 -42.68 -40.99 -69.37
N ARG I 89 -42.15 -39.87 -68.87
CA ARG I 89 -40.71 -39.77 -68.69
C ARG I 89 -40.25 -40.69 -67.56
N ASN I 90 -41.14 -41.02 -66.64
CA ASN I 90 -40.84 -42.05 -65.63
C ASN I 90 -40.66 -43.41 -66.30
N VAL I 91 -41.53 -43.73 -67.26
CA VAL I 91 -41.47 -45.03 -67.93
C VAL I 91 -40.16 -45.17 -68.71
N HIS I 92 -39.81 -44.15 -69.48
CA HIS I 92 -38.60 -44.21 -70.30
C HIS I 92 -37.35 -44.07 -69.44
N GLN J 1 -26.88 -69.18 -69.27
CA GLN J 1 -26.83 -68.12 -70.26
C GLN J 1 -28.23 -67.64 -70.64
N ARG J 2 -29.14 -68.59 -70.85
CA ARG J 2 -30.50 -68.27 -71.25
C ARG J 2 -31.39 -67.87 -70.10
N THR J 3 -30.91 -67.96 -68.85
CA THR J 3 -31.76 -67.62 -67.72
C THR J 3 -31.83 -66.11 -67.50
N GLY J 4 -30.67 -65.48 -67.28
CA GLY J 4 -30.65 -64.04 -67.05
C GLY J 4 -30.90 -63.22 -68.31
N ARG J 5 -30.72 -63.82 -69.48
CA ARG J 5 -31.01 -63.12 -70.72
C ARG J 5 -32.48 -63.22 -71.11
N SER J 6 -33.22 -64.14 -70.48
CA SER J 6 -34.65 -64.24 -70.69
C SER J 6 -35.46 -63.63 -69.56
N ALA J 7 -34.89 -63.53 -68.35
CA ALA J 7 -35.62 -62.92 -67.24
C ALA J 7 -35.93 -61.46 -67.50
N LEU J 8 -35.00 -60.71 -68.09
CA LEU J 8 -35.23 -59.29 -68.35
C LEU J 8 -36.10 -59.06 -69.57
N ALA J 9 -36.39 -60.10 -70.35
CA ALA J 9 -37.22 -59.95 -71.53
C ALA J 9 -38.65 -59.51 -71.20
N VAL J 10 -39.23 -60.06 -70.13
CA VAL J 10 -40.59 -59.68 -69.74
C VAL J 10 -40.63 -58.19 -69.39
N LEU J 11 -39.67 -57.72 -68.61
CA LEU J 11 -39.59 -56.30 -68.27
C LEU J 11 -39.33 -55.42 -69.47
N ILE J 12 -38.47 -55.84 -70.40
CA ILE J 12 -38.21 -55.06 -71.61
C ILE J 12 -39.48 -54.92 -72.44
N ARG J 13 -40.19 -56.04 -72.65
CA ARG J 13 -41.43 -56.01 -73.40
C ARG J 13 -42.50 -55.21 -72.69
N ALA J 14 -42.51 -55.20 -71.36
CA ALA J 14 -43.48 -54.40 -70.63
C ALA J 14 -43.19 -52.91 -70.78
N CYS J 15 -41.92 -52.50 -70.62
CA CYS J 15 -41.59 -51.08 -70.66
C CYS J 15 -41.71 -50.50 -72.06
N TYR J 16 -41.20 -51.20 -73.08
CA TYR J 16 -41.26 -50.66 -74.43
C TYR J 16 -42.67 -50.70 -75.01
N ARG J 17 -43.61 -51.37 -74.35
CA ARG J 17 -45.01 -51.29 -74.73
C ARG J 17 -45.77 -50.26 -73.89
N LEU J 18 -45.40 -50.10 -72.62
CA LEU J 18 -45.96 -49.00 -71.83
C LEU J 18 -45.57 -47.65 -72.39
N GLN J 19 -44.44 -47.58 -73.09
CA GLN J 19 -44.07 -46.34 -73.76
C GLN J 19 -45.13 -45.93 -74.79
N GLN J 20 -45.59 -46.88 -75.62
CA GLN J 20 -46.63 -46.58 -76.60
C GLN J 20 -48.01 -46.50 -75.98
N GLN J 21 -48.24 -47.22 -74.87
CA GLN J 21 -49.57 -47.21 -74.26
C GLN J 21 -49.90 -45.87 -73.64
N LEU J 22 -48.89 -45.03 -73.38
CA LEU J 22 -49.15 -43.66 -72.94
C LEU J 22 -49.11 -42.68 -74.10
N GLN J 23 -48.34 -42.97 -75.15
CA GLN J 23 -48.37 -42.15 -76.36
C GLN J 23 -49.75 -42.19 -76.99
N ARG J 24 -50.40 -43.35 -77.01
CA ARG J 24 -51.75 -43.44 -77.56
C ARG J 24 -52.75 -42.64 -76.72
N THR J 25 -52.57 -42.63 -75.39
CA THR J 25 -53.40 -41.79 -74.54
C THR J 25 -53.18 -40.30 -74.82
N ARG J 26 -51.93 -39.89 -75.05
CA ARG J 26 -51.69 -38.52 -75.49
C ARG J 26 -52.35 -38.26 -76.85
N ARG J 27 -52.45 -39.29 -77.69
CA ARG J 27 -53.07 -39.12 -79.00
C ARG J 27 -54.59 -39.22 -78.92
N ALA J 28 -55.11 -40.33 -78.41
CA ALA J 28 -56.54 -40.60 -78.46
C ALA J 28 -57.36 -39.66 -77.59
N LEU J 29 -56.86 -39.28 -76.42
CA LEU J 29 -57.64 -38.46 -75.49
C LEU J 29 -57.60 -36.98 -75.82
N LEU J 30 -56.73 -36.55 -76.72
CA LEU J 30 -56.71 -35.15 -77.15
C LEU J 30 -57.52 -34.88 -78.39
N HIS J 31 -57.85 -35.91 -79.17
CA HIS J 31 -58.79 -35.76 -80.27
C HIS J 31 -60.24 -35.80 -79.82
N HIS J 32 -60.49 -36.11 -78.56
CA HIS J 32 -61.84 -36.15 -78.00
C HIS J 32 -62.26 -34.84 -77.34
N SER J 33 -61.31 -34.10 -76.79
CA SER J 33 -61.62 -32.75 -76.30
C SER J 33 -61.81 -31.78 -77.45
N ASP J 34 -61.20 -32.06 -78.61
CA ASP J 34 -61.47 -31.29 -79.80
C ASP J 34 -62.94 -31.31 -80.18
N ALA J 35 -63.61 -32.46 -80.00
CA ALA J 35 -65.04 -32.53 -80.25
C ALA J 35 -65.83 -31.63 -79.30
N VAL J 36 -65.42 -31.58 -78.03
CA VAL J 36 -66.10 -30.72 -77.07
C VAL J 36 -65.93 -29.25 -77.45
N LEU J 37 -64.70 -28.87 -77.83
CA LEU J 37 -64.46 -27.50 -78.26
C LEU J 37 -65.25 -27.16 -79.52
N THR J 38 -65.31 -28.08 -80.48
CA THR J 38 -66.09 -27.87 -81.69
C THR J 38 -67.57 -27.72 -81.37
N SER J 39 -68.08 -28.54 -80.43
CA SER J 39 -69.49 -28.41 -80.04
C SER J 39 -69.76 -27.07 -79.39
N LEU J 40 -68.87 -26.61 -78.51
CA LEU J 40 -69.05 -25.29 -77.90
C LEU J 40 -69.04 -24.19 -78.96
N HIS J 41 -68.09 -24.24 -79.90
CA HIS J 41 -68.03 -23.24 -80.95
C HIS J 41 -69.26 -23.27 -81.84
N HIS J 42 -69.75 -24.47 -82.16
CA HIS J 42 -70.95 -24.58 -82.99
C HIS J 42 -72.17 -24.03 -82.27
N VAL J 43 -72.33 -24.34 -80.98
CA VAL J 43 -73.46 -23.80 -80.23
C VAL J 43 -73.38 -22.28 -80.16
N ARG J 44 -72.18 -21.73 -79.99
CA ARG J 44 -72.03 -20.27 -80.08
C ARG J 44 -72.39 -19.78 -81.49
N MET J 45 -72.09 -20.57 -82.52
CA MET J 45 -72.39 -20.18 -83.89
C MET J 45 -73.89 -20.13 -84.15
N LEU J 46 -74.67 -20.98 -83.47
CA LEU J 46 -76.12 -20.92 -83.63
C LEU J 46 -76.69 -19.57 -83.21
N LEU J 47 -76.21 -19.01 -82.10
CA LEU J 47 -76.72 -17.74 -81.62
C LEU J 47 -76.16 -16.58 -82.41
N ALA K 1 -38.25 50.56 -16.97
CA ALA K 1 -37.41 51.75 -16.80
C ALA K 1 -36.57 52.00 -18.04
N MET K 2 -35.46 51.28 -18.15
CA MET K 2 -34.56 51.41 -19.27
C MET K 2 -34.43 50.06 -19.98
N PRO K 3 -34.09 50.06 -21.28
CA PRO K 3 -33.82 48.79 -21.97
C PRO K 3 -32.68 48.05 -21.31
N PHE K 4 -32.84 46.72 -21.20
CA PHE K 4 -31.85 45.89 -20.52
C PHE K 4 -30.72 45.60 -21.50
N GLU K 5 -29.94 46.65 -21.79
CA GLU K 5 -28.85 46.54 -22.73
C GLU K 5 -27.77 45.61 -22.20
N ILE K 6 -27.32 44.69 -23.03
CA ILE K 6 -26.30 43.71 -22.66
C ILE K 6 -25.14 43.83 -23.62
N GLU K 7 -23.91 43.77 -23.10
CA GLU K 7 -22.70 43.91 -23.88
C GLU K 7 -21.92 42.60 -23.80
N VAL K 8 -21.93 41.84 -24.89
CA VAL K 8 -21.19 40.58 -24.97
C VAL K 8 -19.86 40.85 -25.65
N LEU K 9 -18.77 40.47 -24.98
CA LEU K 9 -17.43 40.84 -25.43
C LEU K 9 -17.00 39.91 -26.57
N LEU K 10 -16.47 40.50 -27.64
CA LEU K 10 -15.82 39.71 -28.67
C LEU K 10 -14.34 39.60 -28.38
N PRO K 11 -13.75 38.41 -28.53
CA PRO K 11 -12.30 38.27 -28.26
C PRO K 11 -11.43 39.15 -29.14
N GLY K 12 -11.88 39.48 -30.35
CA GLY K 12 -11.10 40.32 -31.24
C GLY K 12 -10.03 39.60 -32.02
N GLU K 13 -9.87 38.29 -31.80
CA GLU K 13 -8.89 37.49 -32.54
C GLU K 13 -9.53 36.69 -33.67
N LEU K 14 -10.79 36.97 -33.99
CA LEU K 14 -11.45 36.31 -35.11
C LEU K 14 -10.87 36.79 -36.44
N SER K 15 -10.96 35.93 -37.44
CA SER K 15 -10.53 36.29 -38.78
C SER K 15 -11.48 37.32 -39.37
N PRO K 16 -10.98 38.15 -40.30
CA PRO K 16 -11.88 39.11 -40.97
C PRO K 16 -13.08 38.47 -41.64
N ALA K 17 -12.94 37.22 -42.09
CA ALA K 17 -14.05 36.53 -42.74
C ALA K 17 -15.16 36.15 -41.78
N GLU K 18 -14.88 36.11 -40.47
CA GLU K 18 -15.89 35.76 -39.49
C GLU K 18 -16.61 36.98 -38.91
N THR K 19 -15.96 38.14 -38.91
CA THR K 19 -16.61 39.34 -38.39
C THR K 19 -17.84 39.69 -39.21
N SER K 20 -17.75 39.59 -40.54
CA SER K 20 -18.92 39.80 -41.38
C SER K 20 -19.96 38.71 -41.17
N ALA K 21 -19.51 37.47 -40.92
CA ALA K 21 -20.45 36.38 -40.68
C ALA K 21 -21.27 36.63 -39.43
N LEU K 22 -20.65 37.20 -38.39
CA LEU K 22 -21.43 37.59 -37.21
C LEU K 22 -22.25 38.85 -37.46
N GLN K 23 -21.74 39.75 -38.31
CA GLN K 23 -22.44 40.99 -38.59
C GLN K 23 -23.76 40.73 -39.30
N LYS K 24 -23.78 39.80 -40.25
CA LYS K 24 -25.03 39.50 -40.94
C LYS K 24 -26.06 38.89 -40.01
N CYS K 25 -25.62 38.33 -38.88
CA CYS K 25 -26.53 37.83 -37.84
C CYS K 25 -26.93 39.00 -36.94
N GLU K 26 -27.73 39.90 -37.52
CA GLU K 26 -28.11 41.13 -36.85
C GLU K 26 -29.51 41.10 -36.25
N GLY K 27 -30.34 40.14 -36.64
CA GLY K 27 -31.69 40.07 -36.13
C GLY K 27 -32.09 38.68 -35.67
N LYS K 28 -31.11 37.91 -35.21
CA LYS K 28 -31.36 36.56 -34.74
C LYS K 28 -31.50 36.54 -33.22
N ILE K 29 -31.97 35.40 -32.71
CA ILE K 29 -32.24 35.24 -31.29
C ILE K 29 -31.06 34.52 -30.64
N ILE K 30 -30.47 35.15 -29.63
CA ILE K 30 -29.48 34.51 -28.78
C ILE K 30 -30.01 34.54 -27.35
N THR K 31 -29.99 33.38 -26.69
CA THR K 31 -30.66 33.21 -25.42
C THR K 31 -29.63 33.15 -24.28
N PHE K 32 -30.03 33.69 -23.13
CA PHE K 32 -29.12 33.95 -22.03
C PHE K 32 -29.49 33.09 -20.83
N SER K 33 -28.46 32.65 -20.10
CA SER K 33 -28.66 31.78 -18.94
C SER K 33 -29.32 32.52 -17.78
N THR K 34 -28.64 33.53 -17.24
CA THR K 34 -29.19 34.34 -16.14
C THR K 34 -29.01 35.83 -16.40
N LEU K 35 -29.12 36.24 -17.67
CA LEU K 35 -28.94 37.63 -18.08
C LEU K 35 -27.56 38.15 -17.68
N ARG K 36 -27.55 39.10 -16.74
CA ARG K 36 -26.35 39.83 -16.31
C ARG K 36 -25.85 40.75 -17.41
N HIS K 37 -25.41 41.95 -17.02
CA HIS K 37 -25.08 42.98 -17.99
C HIS K 37 -23.88 42.59 -18.84
N ARG K 38 -22.93 41.88 -18.26
CA ARG K 38 -21.79 41.38 -19.02
C ARG K 38 -21.83 39.86 -19.07
N ALA K 39 -21.81 39.31 -20.28
CA ALA K 39 -21.79 37.87 -20.49
C ALA K 39 -20.71 37.53 -21.52
N SER K 40 -20.04 36.41 -21.29
CA SER K 40 -18.95 35.97 -22.14
C SER K 40 -19.49 35.31 -23.40
N LEU K 41 -18.64 35.23 -24.42
CA LEU K 41 -19.01 34.57 -25.67
C LEU K 41 -19.22 33.07 -25.47
N VAL K 42 -18.58 32.48 -24.46
CA VAL K 42 -18.77 31.05 -24.20
C VAL K 42 -20.12 30.80 -23.54
N ASP K 43 -20.65 31.80 -22.83
CA ASP K 43 -21.92 31.64 -22.12
C ASP K 43 -23.12 31.59 -23.06
N ILE K 44 -22.93 31.87 -24.36
CA ILE K 44 -24.03 31.91 -25.31
C ILE K 44 -23.93 30.84 -26.38
N ALA K 45 -22.78 30.18 -26.50
CA ALA K 45 -22.56 29.21 -27.56
C ALA K 45 -23.25 27.89 -27.23
N LEU K 46 -23.02 26.88 -28.07
CA LEU K 46 -23.53 25.54 -27.80
C LEU K 46 -22.91 24.93 -26.54
N SER K 47 -21.73 25.41 -26.12
CA SER K 47 -21.13 24.91 -24.89
C SER K 47 -22.03 25.19 -23.70
N SER K 48 -22.75 26.32 -23.72
CA SER K 48 -23.75 26.57 -22.70
C SER K 48 -24.92 25.61 -22.79
N TYR K 49 -25.02 24.86 -23.89
CA TYR K 49 -26.11 23.91 -24.09
C TYR K 49 -25.72 22.48 -23.82
N TYR K 50 -24.43 22.21 -23.58
CA TYR K 50 -24.01 20.87 -23.18
C TYR K 50 -24.71 20.48 -21.89
N ILE K 51 -25.42 19.36 -21.91
CA ILE K 51 -26.19 18.90 -20.78
C ILE K 51 -25.37 18.00 -19.87
N ASN K 52 -24.65 17.04 -20.44
CA ASN K 52 -23.81 16.14 -19.66
C ASN K 52 -22.47 15.94 -20.36
N GLY K 53 -21.89 17.02 -20.86
CA GLY K 53 -20.65 16.94 -21.60
C GLY K 53 -20.85 16.45 -23.03
N ALA K 54 -22.10 16.46 -23.47
CA ALA K 54 -22.49 16.00 -24.79
C ALA K 54 -23.45 17.02 -25.40
N PRO K 55 -23.57 17.05 -26.73
CA PRO K 55 -24.56 17.93 -27.35
C PRO K 55 -25.95 17.60 -26.88
N PRO K 56 -26.80 18.62 -26.66
CA PRO K 56 -28.10 18.36 -26.05
C PRO K 56 -29.04 17.61 -26.99
N ASP K 57 -29.93 16.84 -26.37
CA ASP K 57 -31.00 16.17 -27.11
C ASP K 57 -32.13 17.16 -27.35
N THR K 58 -33.08 16.76 -28.20
CA THR K 58 -34.18 17.67 -28.55
C THR K 58 -35.08 17.95 -27.36
N LEU K 59 -35.44 16.92 -26.59
CA LEU K 59 -36.28 17.13 -25.41
C LEU K 59 -35.59 18.03 -24.40
N SER K 60 -34.30 17.76 -24.13
CA SER K 60 -33.55 18.57 -23.17
C SER K 60 -33.41 20.00 -23.65
N LEU K 61 -33.23 20.21 -24.96
CA LEU K 61 -33.08 21.57 -25.46
C LEU K 61 -34.40 22.34 -25.43
N LEU K 62 -35.52 21.66 -25.68
CA LEU K 62 -36.82 22.30 -25.48
C LEU K 62 -37.02 22.65 -24.00
N GLU K 63 -36.62 21.75 -23.10
CA GLU K 63 -36.71 22.06 -21.67
C GLU K 63 -35.86 23.26 -21.31
N ALA K 64 -34.69 23.38 -21.93
CA ALA K 64 -33.82 24.53 -21.69
C ALA K 64 -34.45 25.81 -22.22
N TYR K 65 -35.09 25.74 -23.38
CA TYR K 65 -35.78 26.92 -23.90
C TYR K 65 -36.95 27.32 -23.01
N ARG K 66 -37.59 26.33 -22.36
CA ARG K 66 -38.59 26.61 -21.34
C ARG K 66 -38.00 27.30 -20.12
N MET K 67 -37.08 26.63 -19.44
CA MET K 67 -36.51 27.03 -18.16
C MET K 67 -35.76 28.35 -18.21
N ARG K 68 -35.23 28.73 -19.35
CA ARG K 68 -34.14 29.68 -19.40
C ARG K 68 -34.36 30.75 -20.48
N PHE K 69 -33.80 31.93 -20.22
CA PHE K 69 -34.23 33.20 -20.79
C PHE K 69 -33.64 33.41 -22.18
N ALA K 70 -34.31 34.25 -22.97
CA ALA K 70 -33.88 34.55 -24.33
C ALA K 70 -33.54 36.04 -24.49
N ALA K 71 -33.03 36.39 -25.67
CA ALA K 71 -32.69 37.76 -26.01
C ALA K 71 -32.53 37.86 -27.52
N VAL K 72 -32.43 39.10 -28.01
CA VAL K 72 -32.29 39.37 -29.43
C VAL K 72 -31.08 40.28 -29.64
N ILE K 73 -30.35 40.06 -30.73
CA ILE K 73 -29.20 40.89 -31.06
C ILE K 73 -29.68 42.20 -31.66
N THR K 74 -29.01 43.30 -31.32
CA THR K 74 -29.43 44.63 -31.75
C THR K 74 -28.44 45.28 -32.70
N ARG K 75 -27.18 45.41 -32.30
CA ARG K 75 -26.17 46.10 -33.10
C ARG K 75 -24.82 45.45 -32.89
N VAL K 76 -24.22 44.95 -33.98
CA VAL K 76 -22.92 44.30 -33.89
C VAL K 76 -21.87 45.20 -34.52
N ILE K 77 -21.23 46.03 -33.69
CA ILE K 77 -20.08 46.82 -34.14
C ILE K 77 -18.86 45.92 -34.05
N PRO K 78 -17.79 46.20 -34.79
CA PRO K 78 -16.60 45.33 -34.74
C PRO K 78 -16.01 45.24 -33.34
N GLY K 79 -15.90 44.02 -32.81
CA GLY K 79 -15.33 43.79 -31.50
C GLY K 79 -16.31 43.76 -30.36
N LYS K 80 -17.57 44.12 -30.58
CA LYS K 80 -18.57 44.15 -29.54
C LYS K 80 -19.83 43.44 -30.03
N LEU K 81 -20.54 42.79 -29.11
CA LEU K 81 -21.85 42.21 -29.40
C LEU K 81 -22.87 42.81 -28.44
N LEU K 82 -23.94 43.37 -28.99
CA LEU K 82 -24.96 44.07 -28.22
C LEU K 82 -26.30 43.37 -28.40
N ALA K 83 -27.00 43.15 -27.29
CA ALA K 83 -28.28 42.45 -27.31
C ALA K 83 -29.23 43.09 -26.30
N HIS K 84 -30.53 42.86 -26.51
CA HIS K 84 -31.57 43.34 -25.61
C HIS K 84 -32.37 42.16 -25.08
N ALA K 85 -32.80 42.27 -23.83
CA ALA K 85 -33.56 41.20 -23.20
C ALA K 85 -34.95 41.09 -23.82
N ILE K 86 -35.48 39.87 -23.83
CA ILE K 86 -36.78 39.57 -24.41
C ILE K 86 -37.61 38.78 -23.40
N GLY K 87 -38.84 39.22 -23.16
CA GLY K 87 -39.75 38.52 -22.29
C GLY K 87 -39.66 38.87 -20.83
N VAL K 88 -38.57 39.51 -20.40
CA VAL K 88 -38.45 39.92 -19.00
C VAL K 88 -39.47 41.01 -18.67
N GLY K 89 -39.63 41.98 -19.56
CA GLY K 89 -40.52 43.10 -19.33
C GLY K 89 -39.85 44.46 -19.47
N THR K 90 -38.57 44.52 -19.80
CA THR K 90 -37.90 45.79 -19.97
C THR K 90 -38.43 46.51 -21.21
N PRO K 91 -38.55 47.84 -21.17
CA PRO K 91 -39.01 48.56 -22.36
C PRO K 91 -37.88 48.72 -23.36
N THR K 92 -38.16 48.32 -24.59
CA THR K 92 -37.16 48.31 -25.66
C THR K 92 -37.71 49.03 -26.88
N PRO K 93 -37.11 50.15 -27.29
CA PRO K 93 -37.58 50.85 -28.48
C PRO K 93 -36.95 50.29 -29.75
N GLY K 94 -37.73 50.24 -30.83
CA GLY K 94 -37.20 49.90 -32.13
C GLY K 94 -36.69 48.47 -32.27
N LEU K 95 -37.60 47.50 -32.21
CA LEU K 95 -37.22 46.11 -32.36
C LEU K 95 -37.22 45.71 -33.83
N PHE K 96 -36.30 44.81 -34.17
CA PHE K 96 -36.22 44.27 -35.53
C PHE K 96 -35.50 42.93 -35.46
N ILE K 97 -36.04 41.93 -36.15
CA ILE K 97 -35.51 40.58 -36.12
C ILE K 97 -35.34 40.06 -37.54
N GLN K 98 -34.49 39.04 -37.68
CA GLN K 98 -34.32 38.32 -38.92
C GLN K 98 -34.92 36.94 -38.76
N ASN K 99 -35.91 36.63 -39.60
CA ASN K 99 -36.61 35.35 -39.47
C ASN K 99 -35.78 34.22 -40.05
N THR K 100 -35.54 33.20 -39.24
CA THR K 100 -34.88 31.98 -39.68
C THR K 100 -35.85 30.88 -40.07
N SER K 101 -37.16 31.18 -40.06
CA SER K 101 -38.15 30.16 -40.36
C SER K 101 -38.08 29.73 -41.82
N PRO K 102 -38.45 28.48 -42.11
CA PRO K 102 -38.56 28.05 -43.51
C PRO K 102 -39.83 28.51 -44.20
N VAL K 103 -40.68 29.27 -43.52
CA VAL K 103 -41.96 29.70 -44.07
C VAL K 103 -42.01 31.22 -44.10
N ASP K 104 -42.90 31.74 -44.94
CA ASP K 104 -43.13 33.18 -45.03
C ASP K 104 -43.82 33.70 -43.77
N LEU K 105 -43.73 35.01 -43.56
CA LEU K 105 -44.34 35.67 -42.42
C LEU K 105 -45.32 36.72 -42.90
N CYS K 106 -46.47 36.81 -42.25
CA CYS K 106 -47.44 37.86 -42.51
C CYS K 106 -47.60 38.74 -41.27
N ASN K 107 -47.96 39.99 -41.50
CA ASN K 107 -48.12 40.94 -40.41
C ASN K 107 -49.29 40.51 -39.52
N GLY K 108 -49.10 40.63 -38.20
CA GLY K 108 -50.12 40.29 -37.24
C GLY K 108 -49.97 38.93 -36.59
N ASP K 109 -48.99 38.13 -37.01
CA ASP K 109 -48.79 36.83 -36.41
C ASP K 109 -48.01 36.92 -35.10
N TYR K 110 -48.24 35.96 -34.22
CA TYR K 110 -47.45 35.78 -33.01
C TYR K 110 -46.39 34.71 -33.26
N ILE K 111 -45.21 34.90 -32.66
CA ILE K 111 -44.04 34.11 -32.99
C ILE K 111 -43.81 33.07 -31.90
N CYS K 112 -43.62 31.82 -32.31
CA CYS K 112 -43.24 30.72 -31.44
C CYS K 112 -41.76 30.42 -31.63
N LEU K 113 -41.17 29.77 -30.63
CA LEU K 113 -39.74 29.45 -30.66
C LEU K 113 -39.55 27.95 -30.53
N LEU K 114 -38.64 27.40 -31.32
CA LEU K 114 -38.23 26.02 -31.24
C LEU K 114 -36.91 25.85 -31.98
N PRO K 115 -36.04 24.95 -31.52
CA PRO K 115 -34.73 24.79 -32.14
C PRO K 115 -34.86 24.15 -33.51
N PRO K 116 -33.86 24.35 -34.38
CA PRO K 116 -33.93 23.75 -35.72
C PRO K 116 -33.95 22.23 -35.67
N VAL K 117 -34.75 21.64 -36.57
CA VAL K 117 -34.82 20.19 -36.72
C VAL K 117 -34.65 19.85 -38.19
N TYR K 118 -34.03 20.76 -38.94
CA TYR K 118 -33.86 20.63 -40.37
C TYR K 118 -32.41 20.33 -40.74
N GLY K 119 -31.62 19.86 -39.78
CA GLY K 119 -30.23 19.56 -40.01
C GLY K 119 -29.24 20.59 -39.50
N SER K 120 -29.68 21.55 -38.68
CA SER K 120 -28.82 22.60 -38.14
C SER K 120 -28.17 23.38 -39.27
N ALA K 121 -29.02 24.05 -40.06
CA ALA K 121 -28.55 24.68 -41.30
C ALA K 121 -27.59 25.83 -41.02
N ASP K 122 -27.95 26.74 -40.11
CA ASP K 122 -27.16 27.94 -39.91
C ASP K 122 -25.84 27.59 -39.22
N SER K 123 -25.91 27.14 -37.98
CA SER K 123 -24.79 26.57 -37.23
C SER K 123 -23.50 27.39 -37.43
N ILE K 124 -23.53 28.63 -36.95
CA ILE K 124 -22.36 29.49 -37.01
C ILE K 124 -21.19 28.79 -36.33
N ARG K 125 -20.10 28.60 -37.06
CA ARG K 125 -18.92 27.90 -36.56
C ARG K 125 -17.83 28.92 -36.27
N LEU K 126 -17.37 28.93 -35.02
CA LEU K 126 -16.29 29.82 -34.59
C LEU K 126 -15.01 28.98 -34.51
N ASP K 127 -14.36 28.81 -35.65
CA ASP K 127 -13.10 28.08 -35.68
C ASP K 127 -11.99 28.83 -34.97
N SER K 128 -12.01 30.16 -35.02
CA SER K 128 -10.97 30.96 -34.38
C SER K 128 -10.98 30.75 -32.86
N VAL K 129 -12.17 30.66 -32.27
CA VAL K 129 -12.27 30.43 -30.84
C VAL K 129 -12.42 28.94 -30.54
N GLY K 130 -13.22 28.23 -31.31
CA GLY K 130 -13.46 26.83 -31.06
C GLY K 130 -14.82 26.55 -30.44
N LEU K 131 -15.85 27.26 -30.90
CA LEU K 131 -17.19 27.11 -30.38
C LEU K 131 -18.19 26.97 -31.52
N GLU K 132 -19.43 26.67 -31.18
CA GLU K 132 -20.51 26.52 -32.14
C GLU K 132 -21.71 27.34 -31.68
N ILE K 133 -22.39 27.99 -32.61
CA ILE K 133 -23.53 28.85 -32.33
C ILE K 133 -24.75 28.28 -33.02
N VAL K 134 -25.85 28.15 -32.29
CA VAL K 134 -27.12 27.68 -32.82
C VAL K 134 -28.19 28.71 -32.50
N PHE K 135 -29.18 28.83 -33.38
CA PHE K 135 -30.22 29.84 -33.26
C PHE K 135 -31.60 29.20 -33.28
N PRO K 136 -32.52 29.66 -32.44
CA PRO K 136 -33.88 29.11 -32.49
C PRO K 136 -34.61 29.55 -33.75
N LEU K 137 -35.51 28.68 -34.22
CA LEU K 137 -36.30 28.98 -35.41
C LEU K 137 -37.55 29.77 -35.01
N THR K 138 -37.91 30.74 -35.85
CA THR K 138 -39.01 31.67 -35.55
C THR K 138 -40.25 31.29 -36.34
N ILE K 139 -41.02 30.34 -35.82
CA ILE K 139 -42.25 29.87 -36.45
C ILE K 139 -43.41 30.63 -35.82
N PRO K 140 -44.35 31.15 -36.60
CA PRO K 140 -45.52 31.82 -36.02
C PRO K 140 -46.45 30.83 -35.35
N GLN K 141 -47.43 31.38 -34.63
CA GLN K 141 -48.45 30.55 -34.02
C GLN K 141 -49.31 29.88 -35.09
N THR K 142 -50.20 29.01 -34.62
CA THR K 142 -51.09 28.20 -35.46
C THR K 142 -50.32 27.28 -36.41
N LEU K 143 -49.00 27.15 -36.22
CA LEU K 143 -48.20 26.28 -37.07
C LEU K 143 -47.48 25.23 -36.23
N MET K 144 -47.14 25.59 -34.98
CA MET K 144 -46.28 24.74 -34.16
C MET K 144 -46.88 23.35 -33.96
N ARG K 145 -48.19 23.29 -33.69
CA ARG K 145 -48.85 22.02 -33.37
C ARG K 145 -48.64 21.01 -34.48
N GLU K 146 -49.09 21.34 -35.70
CA GLU K 146 -49.03 20.38 -36.79
C GLU K 146 -47.59 20.12 -37.25
N ILE K 147 -46.72 21.12 -37.18
CA ILE K 147 -45.34 20.88 -37.64
C ILE K 147 -44.62 19.93 -36.68
N ILE K 148 -44.80 20.10 -35.37
CA ILE K 148 -44.15 19.18 -34.44
C ILE K 148 -44.79 17.80 -34.55
N ALA K 149 -46.11 17.74 -34.79
CA ALA K 149 -46.75 16.45 -34.99
C ALA K 149 -46.17 15.72 -36.20
N LYS K 150 -45.99 16.44 -37.31
CA LYS K 150 -45.40 15.81 -38.49
C LYS K 150 -43.95 15.43 -38.27
N VAL K 151 -43.18 16.25 -37.55
CA VAL K 151 -41.78 15.93 -37.29
C VAL K 151 -41.67 14.63 -36.48
N VAL K 152 -42.46 14.51 -35.41
CA VAL K 152 -42.40 13.29 -34.61
C VAL K 152 -42.94 12.10 -35.40
N ALA K 153 -43.96 12.31 -36.23
CA ALA K 153 -44.48 11.21 -37.04
C ALA K 153 -43.43 10.70 -38.03
N ARG K 154 -42.74 11.61 -38.71
CA ARG K 154 -41.69 11.19 -39.64
C ARG K 154 -40.49 10.58 -38.92
N ALA K 155 -40.19 11.06 -37.70
CA ALA K 155 -39.15 10.43 -36.91
C ALA K 155 -39.51 8.98 -36.57
N VAL K 156 -40.78 8.76 -36.20
CA VAL K 156 -41.23 7.40 -35.91
C VAL K 156 -41.17 6.53 -37.16
N GLU K 157 -41.62 7.05 -38.30
CA GLU K 157 -41.69 6.25 -39.51
C GLU K 157 -40.31 5.96 -40.10
N ASP K 158 -39.39 6.92 -40.00
CA ASP K 158 -38.09 6.76 -40.64
C ASP K 158 -37.25 5.65 -40.00
N LEU K 159 -37.45 5.39 -38.71
CA LEU K 159 -36.68 4.36 -38.03
C LEU K 159 -37.37 3.00 -38.13
N ASN K 160 -31.15 12.01 -37.57
CA ASN K 160 -32.19 11.66 -36.61
C ASN K 160 -31.62 11.46 -35.21
N LEU K 161 -31.27 12.57 -34.57
CA LEU K 161 -30.75 12.57 -33.21
C LEU K 161 -31.86 12.75 -32.18
N MET K 162 -33.12 12.75 -32.60
CA MET K 162 -34.26 13.03 -31.74
C MET K 162 -34.88 11.77 -31.16
N PHE K 163 -34.06 10.74 -30.90
CA PHE K 163 -34.57 9.52 -30.27
C PHE K 163 -35.14 9.79 -28.88
N SER K 164 -34.78 10.91 -28.25
CA SER K 164 -35.35 11.24 -26.96
C SER K 164 -36.86 11.38 -27.03
N ILE K 165 -37.35 12.12 -28.03
CA ILE K 165 -38.79 12.30 -28.19
C ILE K 165 -39.46 10.98 -28.50
N ASN K 166 -38.84 10.17 -29.36
CA ASN K 166 -39.41 8.87 -29.71
C ASN K 166 -39.54 7.97 -28.48
N GLU K 167 -38.48 7.91 -27.67
CA GLU K 167 -38.53 7.10 -26.46
C GLU K 167 -39.57 7.63 -25.47
N GLY K 168 -39.63 8.96 -25.33
CA GLY K 168 -40.60 9.54 -24.41
C GLY K 168 -42.04 9.25 -24.82
N CYS K 169 -42.32 9.36 -26.12
CA CYS K 169 -43.68 9.11 -26.58
C CYS K 169 -44.02 7.62 -26.54
N LEU K 170 -43.06 6.75 -26.88
CA LEU K 170 -43.33 5.32 -26.85
C LEU K 170 -43.56 4.83 -25.43
N LEU K 171 -42.65 5.15 -24.51
CA LEU K 171 -42.74 4.62 -23.15
C LEU K 171 -44.00 5.14 -22.44
N ILE K 172 -44.33 6.41 -22.63
CA ILE K 172 -45.40 7.02 -21.85
C ILE K 172 -46.76 6.75 -22.47
N LEU K 173 -46.86 6.88 -23.79
CA LEU K 173 -48.17 6.87 -24.44
C LEU K 173 -48.64 5.46 -24.80
N ALA K 174 -47.73 4.49 -24.89
CA ALA K 174 -48.07 3.14 -25.35
C ALA K 174 -47.92 2.10 -24.25
N LEU K 175 -46.72 1.99 -23.66
CA LEU K 175 -46.48 0.91 -22.70
C LEU K 175 -47.34 1.05 -21.45
N ILE K 176 -47.48 2.26 -20.93
CA ILE K 176 -48.21 2.48 -19.69
C ILE K 176 -49.71 2.35 -19.90
N PRO K 177 -50.35 3.09 -20.82
CA PRO K 177 -51.81 2.98 -20.95
C PRO K 177 -52.17 1.69 -21.69
N ARG K 178 -53.03 0.88 -21.06
CA ARG K 178 -53.37 -0.44 -21.57
C ARG K 178 -54.62 -0.44 -22.45
N LEU K 179 -54.99 0.70 -23.01
CA LEU K 179 -56.13 0.86 -23.91
C LEU K 179 -57.47 0.60 -23.23
N LEU K 180 -57.49 0.30 -21.94
CA LEU K 180 -58.72 -0.04 -21.24
C LEU K 180 -58.83 0.80 -19.97
N ALA K 181 -58.62 2.11 -20.10
CA ALA K 181 -58.55 3.03 -18.97
C ALA K 181 -57.51 2.54 -17.96
N LEU K 182 -56.30 2.30 -18.47
CA LEU K 182 -55.16 1.75 -17.75
C LEU K 182 -55.44 0.34 -17.23
N LEU K 183 -56.43 -0.35 -17.80
CA LEU K 183 -56.78 -1.72 -17.40
C LEU K 183 -57.10 -1.81 -15.92
N ILE K 184 -57.76 -0.77 -15.40
CA ILE K 184 -58.12 -0.73 -13.99
C ILE K 184 -59.30 0.21 -13.78
N PRO K 185 -59.21 1.47 -14.22
CA PRO K 185 -60.30 2.42 -13.96
C PRO K 185 -61.65 1.99 -14.53
N ARG K 186 -61.66 1.38 -15.72
CA ARG K 186 -62.92 0.97 -16.32
C ARG K 186 -63.63 -0.08 -15.48
N LEU K 187 -62.87 -1.06 -14.97
CA LEU K 187 -63.47 -2.07 -14.11
C LEU K 187 -63.71 -1.54 -12.69
N LEU K 188 -62.82 -0.68 -12.19
CA LEU K 188 -62.96 -0.19 -10.83
C LEU K 188 -64.18 0.70 -10.66
N ALA K 189 -64.37 1.64 -11.59
CA ALA K 189 -65.46 2.60 -11.47
C ALA K 189 -66.76 2.13 -12.13
N LEU K 190 -66.79 0.92 -12.67
CA LEU K 190 -68.00 0.41 -13.31
C LEU K 190 -69.11 0.20 -12.30
N VAL K 191 -66.48 11.23 -28.76
CA VAL K 191 -67.10 9.93 -28.97
C VAL K 191 -66.99 9.10 -27.70
N THR K 192 -67.82 9.41 -26.71
CA THR K 192 -67.81 8.71 -25.43
C THR K 192 -68.47 7.35 -25.57
N ARG K 193 -67.71 6.36 -26.03
CA ARG K 193 -68.22 5.00 -26.22
C ARG K 193 -67.26 4.02 -25.59
N GLU K 194 -67.79 2.85 -25.23
CA GLU K 194 -67.01 1.80 -24.57
C GLU K 194 -66.66 0.65 -25.51
N ALA K 195 -67.45 0.41 -26.55
CA ALA K 195 -67.22 -0.70 -27.45
C ALA K 195 -66.14 -0.33 -28.47
N ALA K 196 -65.98 -1.18 -29.48
CA ALA K 196 -65.02 -0.97 -30.57
C ALA K 196 -63.59 -0.96 -30.06
N GLN K 197 -63.23 0.06 -29.28
CA GLN K 197 -61.87 0.14 -28.74
C GLN K 197 -61.58 -1.01 -27.80
N LEU K 198 -62.57 -1.40 -26.98
CA LEU K 198 -62.35 -2.48 -26.02
C LEU K 198 -62.09 -3.81 -26.72
N ILE K 199 -62.83 -4.09 -27.80
CA ILE K 199 -62.65 -5.35 -28.51
C ILE K 199 -61.25 -5.43 -29.13
N HIS K 200 -60.83 -4.36 -29.78
CA HIS K 200 -59.47 -4.31 -30.32
C HIS K 200 -58.41 -4.40 -29.22
N PRO K 201 -58.55 -3.70 -28.08
CA PRO K 201 -57.50 -3.80 -27.05
C PRO K 201 -57.29 -5.21 -26.51
N GLU K 202 -58.36 -6.01 -26.45
CA GLU K 202 -58.22 -7.37 -25.92
C GLU K 202 -57.29 -8.21 -26.79
N ALA K 203 -57.43 -8.10 -28.11
CA ALA K 203 -56.50 -8.77 -29.00
C ALA K 203 -55.08 -8.24 -28.86
N PRO K 204 -54.84 -6.93 -28.77
CA PRO K 204 -53.46 -6.42 -28.71
C PRO K 204 -52.86 -6.61 -27.32
N MET K 205 -51.85 -7.48 -27.25
CA MET K 205 -51.11 -7.69 -26.01
C MET K 205 -49.68 -8.04 -26.39
N LEU K 206 -48.81 -7.03 -26.42
CA LEU K 206 -47.42 -7.21 -26.82
C LEU K 206 -46.45 -7.14 -25.65
N MET K 207 -46.93 -6.95 -24.43
CA MET K 207 -46.05 -6.86 -23.27
C MET K 207 -46.78 -7.31 -21.99
N LEU K 208 -51.33 -2.13 -5.38
CA LEU K 208 -50.05 -1.43 -5.26
C LEU K 208 -49.46 -0.99 -6.61
N PRO K 209 -49.36 -1.89 -7.60
CA PRO K 209 -48.82 -1.47 -8.90
C PRO K 209 -49.64 -0.39 -9.57
N ILE K 210 -50.96 -0.40 -9.38
CA ILE K 210 -51.82 0.60 -10.02
C ILE K 210 -51.51 2.00 -9.52
N TYR K 211 -51.26 2.14 -8.21
CA TYR K 211 -50.81 3.41 -7.64
C TYR K 211 -49.62 3.96 -8.42
N GLU K 212 -48.53 3.19 -8.47
CA GLU K 212 -47.30 3.67 -9.09
C GLU K 212 -47.52 3.95 -10.57
N THR K 213 -48.23 3.07 -11.27
CA THR K 213 -48.36 3.24 -12.72
C THR K 213 -49.23 4.47 -13.06
N ILE K 214 -50.32 4.69 -12.32
CA ILE K 214 -51.15 5.86 -12.63
C ILE K 214 -50.43 7.14 -12.26
N SER K 215 -49.72 7.14 -11.11
CA SER K 215 -48.98 8.33 -10.72
C SER K 215 -47.91 8.68 -11.75
N SER K 216 -47.12 7.67 -12.15
CA SER K 216 -46.07 7.91 -13.13
C SER K 216 -46.65 8.38 -14.46
N TRP K 217 -47.69 7.71 -14.95
CA TRP K 217 -48.29 8.12 -16.21
C TRP K 217 -48.78 9.56 -16.15
N ILE K 218 -49.55 9.89 -15.12
CA ILE K 218 -50.18 11.21 -15.08
C ILE K 218 -49.11 12.30 -14.94
N SER K 219 -48.10 12.07 -14.10
CA SER K 219 -47.06 13.07 -13.91
C SER K 219 -46.24 13.27 -15.19
N THR K 220 -45.79 12.17 -15.80
CA THR K 220 -44.99 12.28 -17.01
C THR K 220 -45.79 12.90 -18.15
N SER K 221 -47.06 12.52 -18.30
CA SER K 221 -47.89 13.09 -19.35
C SER K 221 -48.10 14.58 -19.13
N SER K 222 -48.36 14.99 -17.88
CA SER K 222 -48.55 16.41 -17.60
C SER K 222 -47.29 17.21 -17.90
N ARG K 223 -46.13 16.70 -17.48
CA ARG K 223 -44.89 17.44 -17.74
C ARG K 223 -44.52 17.43 -19.21
N LEU K 224 -44.84 16.36 -19.93
CA LEU K 224 -44.61 16.32 -21.37
C LEU K 224 -45.50 17.32 -22.09
N GLY K 225 -46.76 17.46 -21.65
CA GLY K 225 -47.61 18.50 -22.20
C GLY K 225 -47.10 19.88 -21.88
N ASP K 226 -46.56 20.05 -20.67
CA ASP K 226 -46.01 21.36 -20.29
C ASP K 226 -44.82 21.74 -21.15
N THR K 227 -43.91 20.80 -21.40
CA THR K 227 -42.72 21.14 -22.19
C THR K 227 -43.04 21.36 -23.66
N LEU K 228 -44.03 20.65 -24.21
CA LEU K 228 -44.52 20.97 -25.55
C LEU K 228 -45.72 21.89 -25.47
N GLY K 229 -45.57 23.00 -24.76
CA GLY K 229 -46.65 23.96 -24.62
C GLY K 229 -46.16 25.39 -24.68
N THR K 230 -45.06 25.62 -25.37
CA THR K 230 -44.49 26.96 -25.45
C THR K 230 -45.45 27.93 -26.11
N ARG K 231 -45.49 29.15 -25.58
CA ARG K 231 -46.41 30.16 -26.04
C ARG K 231 -45.66 31.29 -26.73
N ALA K 232 -46.40 32.16 -27.39
CA ALA K 232 -45.81 33.24 -28.16
C ALA K 232 -45.12 34.27 -27.26
N ILE K 233 -43.99 34.79 -27.72
CA ILE K 233 -43.27 35.84 -27.02
C ILE K 233 -43.31 37.15 -27.80
N LEU K 234 -43.25 37.07 -29.13
CA LEU K 234 -43.18 38.27 -29.97
C LEU K 234 -44.43 38.37 -30.85
N ARG K 235 -44.63 39.58 -31.38
CA ARG K 235 -45.70 39.89 -32.31
C ARG K 235 -45.12 40.72 -33.45
N VAL K 236 -45.23 40.20 -34.68
CA VAL K 236 -44.76 40.96 -35.83
C VAL K 236 -45.70 42.15 -36.03
N CYS K 237 -45.11 43.35 -36.14
CA CYS K 237 -45.88 44.59 -36.23
C CYS K 237 -45.17 45.50 -37.21
N VAL K 238 -45.61 45.47 -38.46
CA VAL K 238 -44.97 46.24 -39.52
C VAL K 238 -45.73 47.55 -39.72
N PHE K 239 -45.01 48.66 -39.62
CA PHE K 239 -45.56 49.99 -39.90
C PHE K 239 -45.03 50.44 -41.26
N ASP K 240 -45.94 50.63 -42.21
CA ASP K 240 -45.61 51.18 -43.52
C ASP K 240 -44.48 50.40 -44.19
N GLY K 241 -44.77 49.14 -44.47
CA GLY K 241 -43.78 48.26 -45.06
C GLY K 241 -44.41 47.11 -45.83
N PRO K 242 -43.60 46.13 -46.20
CA PRO K 242 -44.13 44.99 -46.97
C PRO K 242 -45.14 44.19 -46.18
N SER K 243 -46.15 43.68 -46.88
CA SER K 243 -47.15 42.84 -46.24
C SER K 243 -46.54 41.54 -45.73
N THR K 244 -45.69 40.92 -46.53
CA THR K 244 -45.07 39.65 -46.18
C THR K 244 -43.59 39.84 -45.86
N VAL K 245 -43.09 38.97 -44.99
CA VAL K 245 -41.68 38.97 -44.59
C VAL K 245 -41.14 37.59 -44.92
N HIS K 246 -40.48 37.46 -46.08
CA HIS K 246 -39.96 36.18 -46.51
C HIS K 246 -38.81 35.74 -45.62
N PRO K 247 -38.49 34.44 -45.60
CA PRO K 247 -37.36 33.98 -44.78
C PRO K 247 -36.08 34.71 -45.14
N GLY K 248 -35.32 35.07 -44.10
CA GLY K 248 -34.10 35.82 -44.28
C GLY K 248 -34.27 37.32 -44.39
N ASP K 249 -35.46 37.85 -44.12
CA ASP K 249 -35.72 39.27 -44.24
C ASP K 249 -35.82 39.93 -42.87
N ARG K 250 -36.09 41.23 -42.89
CA ARG K 250 -36.17 42.02 -41.67
C ARG K 250 -37.61 42.46 -41.41
N THR K 251 -38.00 42.43 -40.14
CA THR K 251 -39.36 42.80 -39.75
C THR K 251 -39.33 43.43 -38.37
N ALA K 252 -40.37 44.20 -38.07
CA ALA K 252 -40.47 44.87 -36.78
C ALA K 252 -41.44 44.13 -35.86
N VAL K 253 -41.07 44.01 -34.59
CA VAL K 253 -41.84 43.26 -33.61
C VAL K 253 -41.97 44.10 -32.34
N ILE K 254 -42.91 43.70 -31.49
CA ILE K 254 -43.14 44.34 -30.20
C ILE K 254 -43.22 43.27 -29.13
N GLN K 255 -42.81 43.63 -27.92
CA GLN K 255 -42.86 42.72 -26.79
C GLN K 255 -44.31 42.41 -26.41
N VAL K 256 -44.56 41.14 -26.12
CA VAL K 256 -45.90 40.70 -25.73
C VAL K 256 -45.82 39.42 -24.91
N ALA L 1 -52.13 51.70 -18.58
CA ALA L 1 -50.77 51.18 -18.58
C ALA L 1 -50.16 51.29 -17.18
N MET L 2 -51.01 51.48 -16.17
CA MET L 2 -50.58 51.59 -14.80
C MET L 2 -51.06 50.38 -14.00
N PRO L 3 -50.29 49.91 -13.02
CA PRO L 3 -50.69 48.73 -12.27
C PRO L 3 -52.01 48.95 -11.55
N PHE L 4 -52.83 47.90 -11.52
CA PHE L 4 -54.14 47.94 -10.88
C PHE L 4 -53.92 47.93 -9.37
N GLU L 5 -54.10 49.09 -8.75
CA GLU L 5 -53.90 49.21 -7.31
C GLU L 5 -55.16 48.82 -6.57
N ILE L 6 -55.03 47.93 -5.59
CA ILE L 6 -56.13 47.54 -4.72
C ILE L 6 -55.66 47.68 -3.28
N GLU L 7 -56.46 48.36 -2.46
CA GLU L 7 -56.16 48.51 -1.04
C GLU L 7 -57.31 47.93 -0.22
N VAL L 8 -56.96 47.28 0.89
CA VAL L 8 -57.92 46.70 1.82
C VAL L 8 -57.73 47.39 3.16
N LEU L 9 -58.81 47.98 3.69
CA LEU L 9 -58.73 48.78 4.90
C LEU L 9 -58.87 47.89 6.13
N LEU L 10 -57.91 47.99 7.04
CA LEU L 10 -57.93 47.19 8.25
C LEU L 10 -58.74 47.89 9.34
N PRO L 11 -59.61 47.17 10.05
CA PRO L 11 -60.32 47.78 11.17
C PRO L 11 -59.34 48.36 12.19
N GLY L 12 -59.80 49.39 12.90
CA GLY L 12 -58.94 50.10 13.83
C GLY L 12 -58.69 49.39 15.15
N GLU L 13 -59.43 48.32 15.44
CA GLU L 13 -59.27 47.58 16.68
C GLU L 13 -58.29 46.42 16.57
N ILE L 14 -57.38 46.46 15.58
CA ILE L 14 -56.35 45.44 15.47
C ILE L 14 -55.23 45.76 16.44
N SER L 15 -54.82 44.76 17.22
CA SER L 15 -53.77 44.95 18.20
C SER L 15 -52.44 45.27 17.50
N PRO L 16 -51.60 46.10 18.12
CA PRO L 16 -50.31 46.44 17.49
C PRO L 16 -49.43 45.21 17.25
N ALA L 17 -49.50 44.21 18.12
CA ALA L 17 -48.74 42.98 17.87
C ALA L 17 -49.22 42.29 16.60
N GLU L 18 -50.54 42.26 16.38
CA GLU L 18 -51.07 41.68 15.15
C GLU L 18 -50.61 42.47 13.93
N THR L 19 -50.59 43.80 14.02
CA THR L 19 -50.11 44.61 12.91
C THR L 19 -48.64 44.32 12.62
N SER L 20 -47.82 44.20 13.67
CA SER L 20 -46.40 43.89 13.46
C SER L 20 -46.23 42.52 12.83
N ALA L 21 -47.02 41.53 13.28
CA ALA L 21 -46.93 40.20 12.68
C ALA L 21 -47.35 40.22 11.22
N LEU L 22 -48.40 40.95 10.89
CA LEU L 22 -48.83 41.05 9.50
C LEU L 22 -47.79 41.75 8.65
N GLN L 23 -47.14 42.77 9.22
CA GLN L 23 -46.04 43.43 8.52
C GLN L 23 -44.89 42.45 8.28
N LYS L 24 -44.61 41.59 9.26
CA LYS L 24 -43.64 40.52 9.03
C LYS L 24 -44.12 39.57 7.94
N CYS L 25 -45.43 39.44 7.76
CA CYS L 25 -46.01 38.62 6.72
C CYS L 25 -46.12 39.33 5.37
N GLU L 26 -45.32 40.38 5.17
CA GLU L 26 -45.38 41.15 3.93
C GLU L 26 -44.68 40.40 2.80
N GLY L 27 -45.26 40.50 1.60
CA GLY L 27 -44.65 39.95 0.41
C GLY L 27 -45.23 38.64 -0.08
N LYS L 28 -46.25 38.11 0.58
CA LYS L 28 -46.82 36.83 0.21
C LYS L 28 -48.07 37.03 -0.63
N ILE L 29 -48.81 35.96 -0.88
CA ILE L 29 -49.88 35.92 -1.88
C ILE L 29 -51.22 35.79 -1.19
N ILE L 30 -52.19 36.59 -1.63
CA ILE L 30 -53.58 36.48 -1.22
C ILE L 30 -54.45 36.57 -2.47
N THR L 31 -55.68 36.08 -2.37
CA THR L 31 -56.59 36.03 -3.51
C THR L 31 -57.92 36.72 -3.18
N PHE L 32 -58.51 37.32 -4.19
CA PHE L 32 -59.79 38.02 -4.07
C PHE L 32 -60.85 37.33 -4.91
N SER L 33 -62.06 37.88 -4.84
CA SER L 33 -63.14 37.57 -5.76
C SER L 33 -63.87 38.86 -6.08
N THR L 34 -64.19 39.06 -7.37
CA THR L 34 -64.85 40.27 -7.85
C THR L 34 -64.04 41.51 -7.47
N LEU L 35 -62.87 41.61 -8.11
CA LEU L 35 -61.90 42.67 -7.83
C LEU L 35 -62.56 44.02 -7.64
N ARG L 36 -62.13 44.75 -6.61
CA ARG L 36 -62.67 46.05 -6.27
C ARG L 36 -61.52 46.96 -5.86
N HIS L 37 -61.69 48.26 -6.11
CA HIS L 37 -60.63 49.21 -5.77
C HIS L 37 -60.39 49.26 -4.27
N ARG L 38 -61.45 49.11 -3.47
CA ARG L 38 -61.34 49.11 -2.01
C ARG L 38 -62.12 47.92 -1.49
N ALA L 39 -61.41 46.83 -1.16
CA ALA L 39 -62.04 45.61 -0.67
C ALA L 39 -62.14 45.66 0.85
N SER L 40 -62.48 44.53 1.47
CA SER L 40 -62.64 44.44 2.90
C SER L 40 -61.79 43.29 3.44
N LEU L 41 -61.45 43.39 4.73
CA LEU L 41 -60.64 42.37 5.37
C LEU L 41 -61.32 41.01 5.34
N VAL L 42 -62.65 40.99 5.39
CA VAL L 42 -63.38 39.73 5.36
C VAL L 42 -63.18 38.99 4.05
N ASP L 43 -62.89 39.72 2.96
CA ASP L 43 -62.76 39.08 1.66
C ASP L 43 -61.58 38.11 1.63
N ILE L 44 -60.44 38.52 2.19
CA ILE L 44 -59.25 37.67 2.16
C ILE L 44 -59.27 36.57 3.21
N ALA L 45 -60.16 36.66 4.19
CA ALA L 45 -60.18 35.70 5.28
C ALA L 45 -60.59 34.31 4.78
N LEU L 46 -60.19 33.29 5.53
CA LEU L 46 -60.54 31.92 5.19
C LEU L 46 -62.05 31.69 5.20
N SER L 47 -62.80 32.56 5.90
CA SER L 47 -64.26 32.44 5.89
C SER L 47 -64.82 32.57 4.49
N SER L 48 -64.21 33.42 3.65
CA SER L 48 -64.69 33.57 2.29
C SER L 48 -64.53 32.28 1.49
N TYR L 49 -63.56 31.44 1.85
CA TYR L 49 -63.36 30.19 1.14
C TYR L 49 -64.50 29.21 1.34
N TYR L 50 -65.30 29.39 2.40
CA TYR L 50 -66.26 28.39 2.85
C TYR L 50 -67.21 27.87 1.77
N ILE L 51 -67.12 26.57 1.50
CA ILE L 51 -68.26 25.86 0.93
C ILE L 51 -69.37 25.89 1.97
N ASN L 52 -70.60 25.62 1.52
CA ASN L 52 -71.78 25.71 2.39
C ASN L 52 -71.52 25.04 3.73
N GLY L 53 -71.51 25.84 4.80
CA GLY L 53 -71.28 25.33 6.14
C GLY L 53 -69.84 25.05 6.49
N ALA L 54 -69.29 23.96 5.95
CA ALA L 54 -67.99 23.47 6.36
C ALA L 54 -66.86 24.20 5.64
N PRO L 55 -65.65 24.21 6.22
CA PRO L 55 -64.50 24.72 5.49
C PRO L 55 -64.16 23.82 4.32
N PRO L 56 -63.54 24.35 3.27
CA PRO L 56 -63.30 23.56 2.06
C PRO L 56 -62.25 22.48 2.27
N ASP L 57 -62.36 21.43 1.47
CA ASP L 57 -61.37 20.37 1.41
C ASP L 57 -60.24 20.77 0.48
N THR L 58 -59.21 19.93 0.42
CA THR L 58 -58.04 20.24 -0.40
C THR L 58 -58.40 20.37 -1.87
N LEU L 59 -59.26 19.48 -2.38
CA LEU L 59 -59.73 19.62 -3.76
C LEU L 59 -60.51 20.91 -3.94
N SER L 60 -61.36 21.25 -2.99
CA SER L 60 -62.12 22.49 -3.09
C SER L 60 -61.21 23.71 -2.98
N LEU L 61 -60.15 23.61 -2.18
CA LEU L 61 -59.17 24.70 -2.10
C LEU L 61 -58.42 24.88 -3.42
N LEU L 62 -58.07 23.77 -4.08
CA LEU L 62 -57.47 23.87 -5.40
C LEU L 62 -58.43 24.51 -6.39
N GLU L 63 -59.70 24.10 -6.33
CA GLU L 63 -60.72 24.68 -7.20
C GLU L 63 -60.86 26.18 -6.95
N ALA L 64 -60.81 26.59 -5.68
CA ALA L 64 -60.91 28.01 -5.35
C ALA L 64 -59.70 28.78 -5.86
N TYR L 65 -58.50 28.24 -5.67
CA TYR L 65 -57.30 28.92 -6.18
C TYR L 65 -57.30 29.06 -7.68
N ARG L 66 -57.72 28.02 -8.42
CA ARG L 66 -57.83 28.16 -9.87
C ARG L 66 -59.14 28.84 -10.28
N MET L 67 -59.98 29.19 -9.31
CA MET L 67 -61.27 29.80 -9.60
C MET L 67 -61.27 31.30 -9.31
N ARG L 68 -60.49 31.74 -8.33
CA ARG L 68 -60.48 33.12 -7.89
C ARG L 68 -59.25 33.83 -8.43
N PHE L 69 -59.19 35.13 -8.19
CA PHE L 69 -58.16 36.00 -8.74
C PHE L 69 -57.26 36.50 -7.62
N ALA L 70 -55.95 36.30 -7.76
CA ALA L 70 -55.00 36.58 -6.70
C ALA L 70 -54.39 37.97 -6.83
N ALA L 71 -53.60 38.34 -5.82
CA ALA L 71 -52.92 39.62 -5.79
C ALA L 71 -51.67 39.49 -4.93
N VAL L 72 -50.79 40.48 -5.02
CA VAL L 72 -49.50 40.47 -4.33
C VAL L 72 -49.44 41.67 -3.41
N ILE L 73 -49.18 41.42 -2.12
CA ILE L 73 -49.00 42.51 -1.17
C ILE L 73 -47.65 43.18 -1.41
N THR L 74 -47.67 44.51 -1.58
CA THR L 74 -46.46 45.25 -1.87
C THR L 74 -46.11 46.31 -0.82
N ARG L 75 -47.07 46.78 -0.04
CA ARG L 75 -46.78 47.74 1.02
C ARG L 75 -47.85 47.62 2.09
N VAL L 76 -47.43 47.58 3.35
CA VAL L 76 -48.33 47.52 4.49
C VAL L 76 -48.13 48.80 5.30
N ILE L 77 -48.94 49.81 5.00
CA ILE L 77 -48.93 51.06 5.74
C ILE L 77 -50.01 50.98 6.81
N PRO L 78 -50.01 51.84 7.84
CA PRO L 78 -51.03 51.74 8.89
C PRO L 78 -52.46 51.82 8.36
N GLY L 79 -53.31 50.91 8.84
CA GLY L 79 -54.73 50.94 8.57
C GLY L 79 -55.17 50.22 7.31
N LYS L 80 -54.24 49.88 6.41
CA LYS L 80 -54.62 49.31 5.13
C LYS L 80 -53.47 48.50 4.54
N LEU L 81 -53.81 47.65 3.57
CA LEU L 81 -52.84 46.87 2.82
C LEU L 81 -52.81 47.40 1.39
N LEU L 82 -51.67 47.27 0.73
CA LEU L 82 -51.51 47.65 -0.68
C LEU L 82 -51.21 46.39 -1.48
N ALA L 83 -52.02 46.15 -2.51
CA ALA L 83 -51.88 44.94 -3.32
C ALA L 83 -51.97 45.30 -4.81
N HIS L 84 -51.32 44.47 -5.62
CA HIS L 84 -51.36 44.59 -7.08
C HIS L 84 -51.99 43.33 -7.65
N ALA L 85 -52.96 43.51 -8.54
CA ALA L 85 -53.57 42.37 -9.21
C ALA L 85 -52.60 41.76 -10.21
N ILE L 86 -52.63 40.43 -10.31
CA ILE L 86 -51.72 39.72 -11.20
C ILE L 86 -52.47 38.81 -12.18
N GLY L 87 -53.73 38.48 -11.90
CA GLY L 87 -54.48 37.65 -12.84
C GLY L 87 -54.67 38.32 -14.18
N VAL L 88 -55.00 39.61 -14.18
CA VAL L 88 -55.11 40.35 -15.43
C VAL L 88 -53.72 40.63 -15.98
N GLY L 89 -53.66 40.93 -17.28
CA GLY L 89 -52.42 41.22 -17.97
C GLY L 89 -51.87 42.60 -17.77
N THR L 90 -52.36 43.34 -16.77
CA THR L 90 -51.87 44.68 -16.51
C THR L 90 -50.39 44.64 -16.16
N PRO L 91 -49.55 45.45 -16.84
CA PRO L 91 -48.11 45.40 -16.56
C PRO L 91 -47.77 45.96 -15.20
N THR L 92 -46.71 45.43 -14.61
CA THR L 92 -46.24 45.80 -13.27
C THR L 92 -44.73 45.65 -13.25
N PRO L 93 -43.97 46.66 -12.86
CA PRO L 93 -42.51 46.60 -12.98
C PRO L 93 -41.84 45.60 -12.06
N GLY L 94 -42.07 45.73 -10.76
CA GLY L 94 -41.33 44.92 -9.80
C GLY L 94 -42.21 44.17 -8.81
N LEU L 95 -42.02 42.85 -8.74
CA LEU L 95 -42.74 42.00 -7.81
C LEU L 95 -41.75 41.37 -6.83
N PHE L 96 -42.03 41.53 -5.54
CA PHE L 96 -41.22 40.90 -4.51
C PHE L 96 -42.09 39.91 -3.75
N ILE L 97 -41.82 38.62 -3.94
CA ILE L 97 -42.57 37.56 -3.28
C ILE L 97 -41.60 36.69 -2.50
N GLN L 98 -42.09 36.13 -1.40
CA GLN L 98 -41.28 35.29 -0.52
C GLN L 98 -41.64 33.82 -0.74
N ASN L 99 -40.63 32.97 -0.69
CA ASN L 99 -40.81 31.54 -0.96
C ASN L 99 -41.68 30.92 0.12
N THR L 100 -42.95 30.71 -0.20
CA THR L 100 -43.85 29.97 0.69
C THR L 100 -43.80 28.50 0.26
N SER L 101 -42.78 27.81 0.73
CA SER L 101 -42.57 26.39 0.44
C SER L 101 -41.33 25.92 1.20
N PRO L 102 -41.23 24.63 1.47
CA PRO L 102 -39.95 24.05 1.91
C PRO L 102 -39.00 23.69 0.77
N VAL L 103 -39.27 24.15 -0.45
CA VAL L 103 -38.53 23.72 -1.64
C VAL L 103 -37.88 24.93 -2.28
N ASP L 104 -36.60 24.80 -2.59
CA ASP L 104 -35.86 25.85 -3.27
C ASP L 104 -36.36 26.05 -4.70
N LEU L 105 -36.19 27.27 -5.20
CA LEU L 105 -36.56 27.65 -6.56
C LEU L 105 -35.30 27.82 -7.39
N CYS L 106 -35.33 27.30 -8.61
CA CYS L 106 -34.26 27.54 -9.58
C CYS L 106 -34.66 28.69 -10.48
N ASN L 107 -33.66 29.46 -10.91
CA ASN L 107 -33.91 30.69 -11.66
C ASN L 107 -34.54 30.34 -13.01
N GLY L 108 -35.84 30.56 -13.14
CA GLY L 108 -36.54 30.29 -14.37
C GLY L 108 -37.78 29.43 -14.20
N ASP L 109 -38.01 28.93 -12.98
CA ASP L 109 -39.17 28.09 -12.72
C ASP L 109 -40.47 28.86 -12.91
N TYR L 110 -41.52 28.12 -13.23
CA TYR L 110 -42.88 28.65 -13.22
C TYR L 110 -43.49 28.40 -11.86
N ILE L 111 -44.11 29.41 -11.29
CA ILE L 111 -44.62 29.35 -9.92
C ILE L 111 -46.11 29.08 -9.96
N CYS L 112 -46.55 28.11 -9.17
CA CYS L 112 -47.95 27.71 -9.13
C CYS L 112 -48.41 27.70 -7.68
N LEU L 113 -49.72 27.70 -7.49
CA LEU L 113 -50.32 27.88 -6.17
C LEU L 113 -51.18 26.67 -5.82
N LEU L 114 -51.23 26.35 -4.52
CA LEU L 114 -52.05 25.27 -3.98
C LEU L 114 -52.06 25.37 -2.47
N PRO L 115 -53.06 24.78 -1.80
CA PRO L 115 -53.16 24.94 -0.36
C PRO L 115 -52.03 24.21 0.34
N PRO L 116 -51.79 24.51 1.63
CA PRO L 116 -50.74 23.80 2.38
C PRO L 116 -51.04 22.32 2.53
N VAL L 117 -50.22 21.49 1.90
CA VAL L 117 -50.39 20.05 1.96
C VAL L 117 -49.14 19.33 2.46
N PHE L 118 -47.95 19.90 2.29
CA PHE L 118 -46.73 19.23 2.74
C PHE L 118 -46.72 19.04 4.26
N GLY L 119 -47.43 19.88 4.99
CA GLY L 119 -47.48 19.76 6.44
C GLY L 119 -47.48 21.08 7.16
N SER L 120 -47.87 21.05 8.44
CA SER L 120 -47.93 22.24 9.29
C SER L 120 -48.87 23.28 8.72
N ALA L 121 -48.85 24.50 9.28
CA ALA L 121 -49.70 25.57 8.80
C ALA L 121 -49.06 26.90 9.17
N ASP L 122 -48.42 27.56 8.21
CA ASP L 122 -47.88 28.89 8.44
C ASP L 122 -48.94 29.93 8.13
N GLU L 123 -49.76 30.26 9.12
CA GLU L 123 -50.90 31.14 8.94
C GLU L 123 -50.94 32.18 10.05
N ILE L 124 -51.61 33.30 9.76
CA ILE L 124 -51.83 34.36 10.73
C ILE L 124 -53.22 34.17 11.30
N ARG L 125 -53.35 34.36 12.62
CA ARG L 125 -54.61 34.11 13.32
C ARG L 125 -55.00 35.42 14.01
N LEU L 126 -55.84 36.22 13.34
CA LEU L 126 -56.22 37.53 13.85
C LEU L 126 -57.18 37.35 15.01
N ASP L 127 -56.65 37.35 16.23
CA ASP L 127 -57.46 37.17 17.42
C ASP L 127 -58.25 38.40 17.81
N SER L 128 -57.86 39.58 17.32
CA SER L 128 -58.58 40.80 17.68
C SER L 128 -60.02 40.78 17.18
N VAL L 129 -60.22 40.31 15.96
CA VAL L 129 -61.57 40.24 15.37
C VAL L 129 -62.12 38.84 15.33
N GLY L 130 -61.26 37.82 15.31
CA GLY L 130 -61.73 36.44 15.26
C GLY L 130 -61.76 35.84 13.88
N LEU L 131 -60.80 36.20 13.01
CA LEU L 131 -60.68 35.64 11.68
C LEU L 131 -59.27 35.11 11.48
N GLU L 132 -59.15 34.04 10.70
CA GLU L 132 -57.87 33.49 10.32
C GLU L 132 -57.75 33.50 8.80
N ILE L 133 -56.53 33.71 8.31
CA ILE L 133 -56.25 33.80 6.89
C ILE L 133 -55.30 32.67 6.52
N VAL L 134 -55.65 31.91 5.49
CA VAL L 134 -54.80 30.86 4.97
C VAL L 134 -53.99 31.42 3.82
N PHE L 135 -52.74 30.99 3.73
CA PHE L 135 -51.80 31.53 2.77
C PHE L 135 -51.41 30.49 1.76
N PRO L 136 -51.67 30.74 0.46
CA PRO L 136 -51.38 29.73 -0.55
C PRO L 136 -49.89 29.38 -0.61
N LEU L 137 -49.62 28.13 -0.92
CA LEU L 137 -48.27 27.58 -0.87
C LEU L 137 -47.68 27.57 -2.28
N THR L 138 -46.62 28.36 -2.48
CA THR L 138 -46.03 28.56 -3.80
C THR L 138 -45.07 27.42 -4.11
N ILE L 139 -45.28 26.75 -5.24
CA ILE L 139 -44.48 25.60 -5.63
C ILE L 139 -43.95 25.74 -7.05
N PRO L 140 -42.71 25.32 -7.31
CA PRO L 140 -42.20 25.33 -8.68
C PRO L 140 -43.04 24.46 -9.61
N GLN L 141 -43.04 24.84 -10.89
CA GLN L 141 -43.58 23.96 -11.91
C GLN L 141 -42.75 22.68 -12.00
N THR L 142 -43.38 21.62 -12.48
CA THR L 142 -42.85 20.26 -12.66
C THR L 142 -42.67 19.54 -11.33
N LEU L 143 -42.91 20.19 -10.20
CA LEU L 143 -43.04 19.51 -8.92
C LEU L 143 -44.48 19.45 -8.46
N MET L 144 -45.25 20.51 -8.68
CA MET L 144 -46.69 20.44 -8.46
C MET L 144 -47.32 19.38 -9.36
N ARG L 145 -46.71 19.11 -10.51
CA ARG L 145 -47.16 18.00 -11.35
C ARG L 145 -47.11 16.69 -10.58
N GLU L 146 -45.97 16.40 -9.95
CA GLU L 146 -45.85 15.19 -9.14
C GLU L 146 -46.78 15.26 -7.93
N ILE L 147 -46.98 16.44 -7.36
CA ILE L 147 -47.84 16.59 -6.20
C ILE L 147 -49.29 16.25 -6.55
N ILE L 148 -49.79 16.82 -7.65
CA ILE L 148 -51.16 16.53 -8.07
C ILE L 148 -51.27 15.07 -8.51
N ALA L 149 -50.21 14.53 -9.13
CA ALA L 149 -50.19 13.10 -9.44
C ALA L 149 -50.44 12.27 -8.18
N LYS L 150 -49.67 12.55 -7.12
CA LYS L 150 -49.78 11.77 -5.90
C LYS L 150 -51.14 11.95 -5.23
N VAL L 151 -51.64 13.19 -5.18
CA VAL L 151 -52.91 13.43 -4.47
C VAL L 151 -54.07 12.80 -5.25
N VAL L 152 -54.04 12.88 -6.58
CA VAL L 152 -55.11 12.27 -7.37
C VAL L 152 -55.03 10.75 -7.27
N ALA L 153 -53.82 10.18 -7.24
CA ALA L 153 -53.69 8.74 -7.07
C ALA L 153 -54.25 8.31 -5.72
N ARG L 154 -53.94 9.07 -4.67
CA ARG L 154 -54.48 8.73 -3.36
C ARG L 154 -56.00 8.84 -3.36
N ALA L 155 -56.54 9.88 -3.99
CA ALA L 155 -57.99 10.07 -4.02
C ALA L 155 -58.68 8.94 -4.77
N VAL L 156 -58.15 8.57 -5.95
CA VAL L 156 -58.81 7.53 -6.75
C VAL L 156 -58.70 6.18 -6.06
N GLU L 157 -57.57 5.89 -5.42
CA GLU L 157 -57.45 4.60 -4.76
C GLU L 157 -58.23 4.58 -3.44
N ARG L 158 -58.50 5.75 -2.87
CA ARG L 158 -59.33 5.81 -1.67
C ARG L 158 -60.80 5.63 -2.01
N THR L 159 -61.26 6.25 -3.10
CA THR L 159 -62.65 6.10 -3.50
C THR L 159 -62.92 4.75 -4.16
N ALA L 160 -61.91 4.13 -4.79
CA ALA L 160 -62.10 2.82 -5.38
C ALA L 160 -62.09 1.72 -4.31
N ALA L 161 -61.28 1.89 -3.28
CA ALA L 161 -61.17 0.92 -2.21
C ALA L 161 -60.69 1.56 -0.91
N ASP L 162 -47.41 8.89 1.70
CA ASP L 162 -47.04 9.53 0.44
C ASP L 162 -45.75 10.35 0.60
N VAL L 163 -44.73 9.98 -0.17
CA VAL L 163 -43.45 10.69 -0.18
C VAL L 163 -43.12 11.11 -1.60
N ILE L 164 -42.69 12.36 -1.76
CA ILE L 164 -42.22 12.87 -3.04
C ILE L 164 -40.87 13.55 -2.81
N CYS L 165 -39.93 13.33 -3.74
CA CYS L 165 -38.55 13.75 -3.55
C CYS L 165 -38.14 14.72 -4.65
N TYR L 166 -37.46 15.79 -4.26
CA TYR L 166 -36.85 16.71 -5.23
C TYR L 166 -35.42 16.99 -4.74
N ASN L 167 -34.47 16.22 -5.24
CA ASN L 167 -33.05 16.41 -4.95
C ASN L 167 -32.79 16.40 -3.44
N GLY L 168 -33.06 15.26 -2.82
CA GLY L 168 -32.77 15.09 -1.41
C GLY L 168 -33.73 15.83 -0.51
N ARG L 169 -33.35 15.91 0.76
CA ARG L 169 -34.15 16.55 1.82
C ARG L 169 -35.54 15.93 1.90
N ARG L 170 -35.55 14.68 2.37
CA ARG L 170 -36.74 13.83 2.42
C ARG L 170 -37.98 14.60 2.84
N TYR L 171 -39.01 14.57 1.99
CA TYR L 171 -40.27 15.27 2.23
C TYR L 171 -41.37 14.27 2.54
N GLU L 172 -42.37 14.71 3.29
CA GLU L 172 -43.56 13.92 3.59
C GLU L 172 -44.79 14.63 3.06
N LEU L 173 -45.79 13.86 2.65
CA LEU L 173 -47.03 14.42 2.12
C LEU L 173 -48.19 14.08 3.04
N GLU L 174 -49.08 15.04 3.25
CA GLU L 174 -50.14 14.95 4.25
C GLU L 174 -51.48 15.41 3.67
N THR L 175 -51.86 14.82 2.53
CA THR L 175 -53.11 15.20 1.88
C THR L 175 -54.31 14.97 2.80
N ASN L 176 -55.16 15.98 2.91
CA ASN L 176 -56.36 15.92 3.75
C ASN L 176 -57.60 15.73 2.87
N LEU L 177 -57.84 14.48 2.50
CA LEU L 177 -59.06 14.11 1.78
C LEU L 177 -60.11 13.70 2.80
N GLN L 178 -61.08 14.57 3.04
CA GLN L 178 -62.10 14.32 4.06
C GLN L 178 -63.49 14.56 3.49
N HIS L 179 -63.68 14.20 2.21
CA HIS L 179 -64.97 14.35 1.55
C HIS L 179 -64.91 13.57 0.25
N ARG L 180 -66.07 13.03 -0.17
CA ARG L 180 -66.18 12.29 -1.42
C ARG L 180 -67.35 12.89 -2.21
N ASP L 181 -67.10 14.01 -2.88
CA ASP L 181 -68.07 14.53 -3.83
C ASP L 181 -67.44 14.91 -5.18
N GLY L 182 -66.23 15.48 -5.17
CA GLY L 182 -65.53 15.84 -6.38
C GLY L 182 -64.68 14.77 -6.99
N SER L 183 -64.54 13.64 -6.29
CA SER L 183 -63.77 12.52 -6.84
C SER L 183 -64.37 12.03 -8.14
N ASP L 184 -65.70 12.02 -8.23
CA ASP L 184 -66.36 11.62 -9.47
C ASP L 184 -66.02 12.59 -10.60
N ALA L 185 -65.98 13.89 -10.30
CA ALA L 185 -65.61 14.87 -11.31
C ALA L 185 -64.16 14.67 -11.76
N ALA L 186 -63.25 14.38 -10.82
CA ALA L 186 -61.87 14.13 -11.19
C ALA L 186 -61.75 12.88 -12.06
N ILE L 187 -62.50 11.83 -11.73
CA ILE L 187 -62.48 10.62 -12.55
C ILE L 187 -63.01 10.91 -13.94
N ARG L 188 -64.07 11.71 -14.03
CA ARG L 188 -64.61 12.09 -15.33
C ARG L 188 -63.59 12.85 -16.14
N THR L 189 -62.88 13.78 -15.50
CA THR L 189 -61.83 14.52 -16.20
C THR L 189 -60.74 13.58 -16.71
N LEU L 190 -60.32 12.63 -15.87
CA LEU L 190 -59.28 11.70 -16.28
C LEU L 190 -59.72 10.85 -17.46
N VAL L 191 -60.95 10.32 -17.41
CA VAL L 191 -61.40 9.42 -18.47
C VAL L 191 -61.63 10.19 -19.76
N LEU L 192 -62.08 11.45 -19.67
CA LEU L 192 -62.22 12.24 -20.90
C LEU L 192 -60.86 12.58 -21.48
N ASN L 193 -59.87 12.84 -20.62
CA ASN L 193 -58.51 13.05 -21.11
C ASN L 193 -57.99 11.82 -21.83
N LEU L 194 -58.29 10.63 -21.30
CA LEU L 194 -57.92 9.39 -21.99
C LEU L 194 -58.60 9.28 -23.35
N MET L 195 -59.93 9.33 -23.37
CA MET L 195 -60.70 8.87 -24.52
C MET L 195 -60.42 9.67 -25.78
N PHE L 196 -59.91 10.90 -25.65
CA PHE L 196 -59.73 11.73 -26.84
C PHE L 196 -58.72 11.16 -27.82
N SER L 197 -57.75 10.38 -27.36
CA SER L 197 -56.78 9.77 -28.26
C SER L 197 -56.50 8.30 -27.99
N ILE L 198 -56.76 7.83 -26.75
CA ILE L 198 -56.14 6.60 -26.26
C ILE L 198 -56.23 5.47 -27.29
N ASN L 199 -57.42 5.15 -27.76
CA ASN L 199 -57.62 3.99 -28.61
C ASN L 199 -56.76 4.03 -29.87
N GLU L 200 -57.04 4.97 -30.76
CA GLU L 200 -56.34 5.01 -32.04
C GLU L 200 -54.85 5.25 -31.86
N GLY L 201 -54.48 6.23 -31.03
CA GLY L 201 -53.07 6.56 -30.90
C GLY L 201 -52.27 5.40 -30.35
N THR L 202 -52.76 4.79 -29.25
CA THR L 202 -52.02 3.71 -28.62
C THR L 202 -51.98 2.48 -29.52
N THR L 203 -53.06 2.20 -30.25
CA THR L 203 -53.03 1.08 -31.17
C THR L 203 -51.96 1.27 -32.24
N LEU L 204 -51.89 2.48 -32.81
CA LEU L 204 -50.88 2.76 -33.84
C LEU L 204 -49.47 2.60 -33.27
N ILE L 205 -49.19 3.25 -32.14
CA ILE L 205 -47.82 3.21 -31.62
C ILE L 205 -47.49 1.88 -30.97
N LEU L 206 -48.48 1.10 -30.56
CA LEU L 206 -48.24 -0.27 -30.11
C LEU L 206 -47.87 -1.17 -31.28
N THR L 207 -48.55 -1.01 -32.41
CA THR L 207 -48.11 -1.72 -33.61
C THR L 207 -46.68 -1.33 -33.97
N LEU L 208 -46.36 -0.04 -33.89
CA LEU L 208 -45.00 0.40 -34.20
C LEU L 208 -43.98 -0.22 -33.25
N ILE L 209 -44.25 -0.21 -31.94
CA ILE L 209 -43.28 -0.75 -31.00
C ILE L 209 -43.17 -2.28 -31.16
N THR L 210 -44.27 -2.95 -31.48
CA THR L 210 -44.20 -4.38 -31.75
C THR L 210 -43.34 -4.67 -32.98
N ARG L 211 -43.42 -3.81 -33.98
CA ARG L 211 -42.50 -3.92 -35.12
C ARG L 211 -41.06 -3.70 -34.67
N LEU L 212 -40.84 -2.77 -33.73
CA LEU L 212 -39.48 -2.47 -33.29
C LEU L 212 -38.92 -3.60 -32.42
N LEU L 213 -39.77 -4.23 -31.62
CA LEU L 213 -39.31 -5.31 -30.74
C LEU L 213 -39.34 -6.65 -31.46
N ARG L 214 -59.38 10.50 -39.15
CA ARG L 214 -58.26 11.42 -39.02
C ARG L 214 -56.97 10.76 -39.52
N PHE L 215 -56.08 11.55 -40.11
CA PHE L 215 -54.86 11.00 -40.66
C PHE L 215 -53.98 10.48 -39.53
N PRO L 216 -53.62 9.20 -39.55
CA PRO L 216 -52.95 8.60 -38.39
C PRO L 216 -51.57 9.20 -38.15
N ILE L 217 -51.17 9.18 -36.88
CA ILE L 217 -49.83 9.56 -36.41
C ILE L 217 -49.60 11.06 -36.59
N TYR L 218 -50.49 11.73 -37.31
CA TYR L 218 -50.40 13.16 -37.54
C TYR L 218 -51.39 13.94 -36.67
N GLU L 219 -52.69 13.63 -36.79
CA GLU L 219 -53.68 14.28 -35.93
C GLU L 219 -53.68 13.67 -34.53
N ALA L 220 -53.31 12.40 -34.41
CA ALA L 220 -53.34 11.73 -33.11
C ALA L 220 -52.31 12.32 -32.15
N ILE L 221 -51.11 12.62 -32.64
CA ILE L 221 -50.08 13.24 -31.81
C ILE L 221 -50.51 14.62 -31.35
N SER L 222 -51.12 15.40 -32.26
CA SER L 222 -51.70 16.67 -31.85
C SER L 222 -52.76 16.44 -30.78
N SER L 223 -53.51 15.34 -30.88
CA SER L 223 -54.49 15.02 -29.86
C SER L 223 -53.86 14.77 -28.50
N TRP L 224 -52.81 13.94 -28.43
CA TRP L 224 -52.16 13.76 -27.13
C TRP L 224 -51.58 15.07 -26.59
N ILE L 225 -50.95 15.88 -27.45
CA ILE L 225 -50.33 17.08 -26.90
C ILE L 225 -51.38 18.04 -26.37
N SER L 226 -52.50 18.19 -27.09
CA SER L 226 -53.58 19.05 -26.61
C SER L 226 -54.18 18.51 -25.32
N THR L 227 -54.40 17.19 -25.26
CA THR L 227 -54.98 16.59 -24.07
C THR L 227 -54.06 16.73 -22.86
N SER L 228 -52.76 16.51 -23.06
CA SER L 228 -51.80 16.67 -21.97
C SER L 228 -51.74 18.12 -21.51
N SER L 229 -51.79 19.07 -22.46
CA SER L 229 -51.80 20.47 -22.08
C SER L 229 -53.01 20.80 -21.20
N ARG L 230 -54.21 20.41 -21.64
CA ARG L 230 -55.40 20.72 -20.84
C ARG L 230 -55.36 19.98 -19.51
N LEU L 231 -54.87 18.73 -19.51
CA LEU L 231 -54.78 17.97 -18.27
C LEU L 231 -53.87 18.67 -17.27
N GLY L 232 -52.72 19.16 -17.73
CA GLY L 232 -51.83 19.90 -16.84
C GLY L 232 -52.44 21.20 -16.37
N ASP L 233 -53.25 21.83 -17.23
CA ASP L 233 -53.78 23.15 -16.90
C ASP L 233 -55.08 23.12 -16.11
N THR L 234 -55.72 21.96 -15.97
CA THR L 234 -56.99 21.90 -15.25
C THR L 234 -56.85 21.35 -13.83
N LEU L 235 -56.20 20.21 -13.67
CA LEU L 235 -56.15 19.56 -12.36
C LEU L 235 -55.31 20.35 -11.35
N GLY L 236 -54.56 21.35 -11.79
CA GLY L 236 -53.72 22.11 -10.88
C GLY L 236 -53.88 23.61 -11.00
N THR L 237 -52.77 24.31 -11.20
CA THR L 237 -52.74 25.76 -11.28
C THR L 237 -52.26 26.16 -12.67
N ARG L 238 -52.51 27.41 -13.04
CA ARG L 238 -52.26 27.90 -14.39
C ARG L 238 -50.82 28.41 -14.58
N ALA L 239 -49.93 28.21 -13.59
CA ALA L 239 -48.55 28.68 -13.66
C ALA L 239 -48.49 30.20 -13.84
N ILE L 240 -48.94 30.90 -12.79
CA ILE L 240 -49.20 32.32 -12.89
C ILE L 240 -47.91 33.10 -13.16
N LEU L 241 -46.85 32.79 -12.42
CA LEU L 241 -45.63 33.61 -12.42
C LEU L 241 -44.42 32.81 -12.85
N ARG L 242 -43.36 33.54 -13.21
CA ARG L 242 -42.08 32.95 -13.59
C ARG L 242 -40.98 33.76 -12.92
N VAL L 243 -40.09 33.08 -12.20
CA VAL L 243 -39.06 33.75 -11.43
C VAL L 243 -37.92 34.19 -12.34
N CYS L 244 -37.42 35.40 -12.13
CA CYS L 244 -36.33 35.95 -12.93
C CYS L 244 -35.57 36.95 -12.06
N VAL L 245 -34.43 36.50 -11.50
CA VAL L 245 -33.60 37.33 -10.65
C VAL L 245 -32.37 37.78 -11.44
N PHE L 246 -32.01 39.05 -11.28
CA PHE L 246 -30.85 39.58 -11.99
C PHE L 246 -29.60 39.53 -11.13
N ASP L 247 -29.64 40.18 -9.97
CA ASP L 247 -28.52 40.21 -9.04
C ASP L 247 -28.85 39.37 -7.82
N GLY L 248 -28.17 38.24 -7.66
CA GLY L 248 -28.39 37.36 -6.54
C GLY L 248 -28.05 35.92 -6.85
N PRO L 249 -28.04 35.08 -5.82
CA PRO L 249 -27.81 33.64 -6.05
C PRO L 249 -28.74 33.06 -7.11
N SER L 250 -28.26 32.02 -7.76
CA SER L 250 -29.05 31.37 -8.81
C SER L 250 -30.31 30.72 -8.24
N THR L 251 -30.30 30.40 -6.95
CA THR L 251 -31.44 29.78 -6.29
C THR L 251 -31.86 30.62 -5.08
N VAL L 252 -33.14 30.57 -4.75
CA VAL L 252 -33.70 31.35 -3.66
C VAL L 252 -34.29 30.41 -2.62
N HIS L 253 -33.87 30.58 -1.37
CA HIS L 253 -34.24 29.67 -0.30
C HIS L 253 -35.60 30.04 0.27
N PRO L 254 -36.25 29.12 0.99
CA PRO L 254 -37.53 29.45 1.64
C PRO L 254 -37.41 30.64 2.57
N GLY L 255 -38.43 31.48 2.57
CA GLY L 255 -38.43 32.69 3.38
C GLY L 255 -37.67 33.85 2.80
N ASP L 256 -37.23 33.78 1.55
CA ASP L 256 -36.46 34.85 0.93
C ASP L 256 -37.28 35.55 -0.14
N ARG L 257 -37.09 36.86 -0.22
CA ARG L 257 -37.80 37.70 -1.19
C ARG L 257 -37.15 37.57 -2.56
N THR L 258 -37.98 37.45 -3.60
CA THR L 258 -37.50 37.22 -4.95
C THR L 258 -38.14 38.20 -5.90
N ALA L 259 -37.39 38.61 -6.93
CA ALA L 259 -37.95 39.41 -8.01
C ALA L 259 -38.49 38.50 -9.10
N VAL L 260 -39.79 38.62 -9.38
CA VAL L 260 -40.49 37.70 -10.26
C VAL L 260 -41.34 38.50 -11.24
N ILE L 261 -41.33 38.08 -12.50
CA ILE L 261 -42.13 38.72 -13.55
C ILE L 261 -43.39 37.90 -13.76
N GLN L 262 -44.36 38.51 -14.46
CA GLN L 262 -45.64 37.87 -14.68
C GLN L 262 -45.71 37.27 -16.09
N VAL L 263 -46.35 36.11 -16.18
CA VAL L 263 -46.54 35.45 -17.48
C VAL L 263 -47.99 35.02 -17.63
N PHE M 1 -50.03 64.89 -17.14
CA PHE M 1 -49.54 64.78 -18.51
C PHE M 1 -48.70 63.52 -18.75
N LYS M 2 -49.33 62.35 -18.63
CA LYS M 2 -48.74 61.09 -19.02
C LYS M 2 -49.68 60.37 -19.98
N SER M 3 -49.12 59.61 -20.93
CA SER M 3 -49.91 58.96 -21.96
C SER M 3 -49.22 57.69 -22.42
N THR M 4 -50.00 56.79 -23.02
CA THR M 4 -49.51 55.53 -23.56
C THR M 4 -50.58 54.92 -24.47
N THR M 5 -50.15 54.37 -25.60
CA THR M 5 -51.05 53.70 -26.54
C THR M 5 -50.25 52.82 -27.47
N GLN M 6 -50.94 52.10 -28.36
CA GLN M 6 -50.32 51.20 -29.31
C GLN M 6 -51.22 51.03 -30.53
N LEU M 7 -50.60 50.92 -31.72
CA LEU M 7 -51.33 50.87 -32.98
C LEU M 7 -50.72 49.81 -33.89
N ILE M 8 -51.54 49.30 -34.81
CA ILE M 8 -51.08 48.41 -35.87
C ILE M 8 -51.88 48.71 -37.13
N GLN M 9 -51.19 48.70 -38.28
CA GLN M 9 -51.81 48.82 -39.59
C GLN M 9 -51.57 47.52 -40.36
N GLN M 10 -52.39 47.29 -41.39
CA GLN M 10 -52.27 46.09 -42.19
C GLN M 10 -53.00 46.29 -43.52
N VAL M 11 -52.48 45.68 -44.59
CA VAL M 11 -53.05 45.85 -45.91
C VAL M 11 -53.92 44.67 -46.28
N SER M 12 -55.09 44.94 -46.83
CA SER M 12 -56.04 43.90 -47.22
C SER M 12 -56.83 44.40 -48.42
N LEU M 13 -57.95 43.73 -48.72
CA LEU M 13 -58.83 44.09 -49.81
C LEU M 13 -60.13 44.67 -49.26
N THR M 14 -60.62 45.73 -49.90
CA THR M 14 -61.77 46.45 -49.36
C THR M 14 -63.09 45.74 -49.65
N ASP M 15 -63.11 44.80 -50.60
CA ASP M 15 -64.36 44.18 -51.01
C ASP M 15 -65.06 43.52 -49.84
N PHE M 16 -64.33 42.73 -49.07
CA PHE M 16 -64.82 42.28 -47.77
C PHE M 16 -64.58 43.38 -46.75
N PHE M 17 -65.55 43.60 -45.86
CA PHE M 17 -65.40 44.58 -44.78
C PHE M 17 -65.15 45.98 -45.35
N ARG M 18 -66.19 46.50 -45.98
CA ARG M 18 -66.13 47.85 -46.54
C ARG M 18 -65.95 48.85 -45.39
N PRO M 19 -64.77 49.45 -45.22
CA PRO M 19 -64.51 50.19 -43.97
C PRO M 19 -65.42 51.38 -43.71
N ASP M 20 -65.79 52.13 -44.76
CA ASP M 20 -66.46 53.41 -44.52
C ASP M 20 -67.87 53.23 -43.98
N ILE M 21 -68.53 52.12 -44.33
CA ILE M 21 -69.93 51.95 -43.97
C ILE M 21 -70.11 51.89 -42.46
N GLU M 22 -69.27 51.13 -41.77
CA GLU M 22 -69.47 50.92 -40.34
C GLU M 22 -69.13 52.17 -39.54
N HIS M 23 -69.53 52.15 -38.27
CA HIS M 23 -69.23 53.26 -37.37
C HIS M 23 -67.73 53.38 -37.16
N ALA M 24 -67.33 54.47 -36.51
CA ALA M 24 -65.91 54.77 -36.34
C ALA M 24 -65.20 53.71 -35.50
N GLY M 25 -65.97 52.90 -34.76
CA GLY M 25 -65.38 51.85 -33.95
C GLY M 25 -65.98 50.49 -34.24
N SER M 26 -65.14 49.53 -34.62
CA SER M 26 -65.60 48.17 -34.89
C SER M 26 -64.56 47.19 -34.36
N THR M 27 -64.70 45.92 -34.73
CA THR M 27 -63.82 44.84 -34.29
C THR M 27 -63.40 44.05 -35.52
N VAL M 28 -62.16 44.26 -35.97
CA VAL M 28 -61.68 43.72 -37.24
C VAL M 28 -61.09 42.34 -37.02
N LEU M 29 -61.41 41.40 -37.92
CA LEU M 29 -60.89 40.03 -37.88
C LEU M 29 -60.17 39.74 -39.18
N ILE M 30 -58.96 39.19 -39.08
CA ILE M 30 -58.17 38.81 -40.25
C ILE M 30 -58.26 37.31 -40.42
N LEU M 31 -58.53 36.86 -41.64
CA LEU M 31 -58.57 35.44 -41.97
C LEU M 31 -57.15 35.00 -42.32
N ARG M 32 -56.40 34.62 -41.30
CA ARG M 32 -55.03 34.14 -41.48
C ARG M 32 -55.07 32.61 -41.43
N HIS M 33 -55.35 32.01 -42.58
CA HIS M 33 -55.36 30.56 -42.69
C HIS M 33 -53.93 30.02 -42.74
N PRO M 34 -53.65 28.93 -42.03
CA PRO M 34 -52.28 28.39 -42.04
C PRO M 34 -51.82 27.90 -43.41
N THR M 35 -52.73 27.64 -44.34
CA THR M 35 -52.37 27.10 -45.64
C THR M 35 -51.58 28.09 -46.50
N ASP M 36 -51.52 29.37 -46.12
CA ASP M 36 -50.82 30.36 -46.93
C ASP M 36 -49.31 30.24 -46.84
N LEU M 37 -48.78 29.27 -46.10
CA LEU M 37 -47.33 29.10 -45.92
C LEU M 37 -46.91 27.68 -46.25
N PRO M 38 -47.04 27.25 -47.51
CA PRO M 38 -46.57 25.91 -47.90
C PRO M 38 -45.18 25.88 -48.52
N ALA M 39 -44.46 26.99 -48.57
CA ALA M 39 -43.19 27.08 -49.26
C ALA M 39 -42.06 26.55 -48.36
N LEU M 40 -42.10 25.24 -48.14
CA LEU M 40 -41.09 24.56 -47.35
C LEU M 40 -41.10 23.08 -47.75
N ALA M 41 -40.20 22.32 -47.13
CA ALA M 41 -40.14 20.88 -47.41
C ALA M 41 -41.42 20.18 -46.94
N ARG M 42 -41.96 20.58 -45.80
CA ARG M 42 -43.15 19.95 -45.25
C ARG M 42 -44.42 20.28 -46.02
N HIS M 43 -44.46 21.44 -46.68
CA HIS M 43 -45.61 21.89 -47.48
C HIS M 43 -46.90 21.86 -46.64
N ARG M 44 -46.91 22.74 -45.64
CA ARG M 44 -48.01 22.80 -44.68
C ARG M 44 -49.14 23.66 -45.25
N ALA M 45 -49.94 23.06 -46.12
CA ALA M 45 -51.18 23.65 -46.62
C ALA M 45 -52.28 22.62 -46.49
N PRO M 46 -52.79 22.41 -45.27
CA PRO M 46 -53.76 21.33 -45.03
C PRO M 46 -55.02 21.53 -45.84
N PRO M 47 -55.32 20.62 -46.78
CA PRO M 47 -56.58 20.70 -47.52
C PRO M 47 -57.79 20.40 -46.63
N GLY M 48 -57.73 19.30 -45.91
CA GLY M 48 -58.80 18.89 -45.02
C GLY M 48 -59.36 17.52 -45.40
N ARG M 49 -59.95 16.86 -44.41
CA ARG M 49 -60.61 15.59 -44.66
C ARG M 49 -61.92 15.81 -45.40
N GLN M 50 -62.18 14.99 -46.41
CA GLN M 50 -63.33 15.11 -47.32
C GLN M 50 -63.60 16.57 -47.66
N THR M 51 -62.53 17.26 -48.06
CA THR M 51 -62.52 18.71 -48.24
C THR M 51 -63.05 19.14 -49.60
N GLU M 52 -63.57 18.23 -50.41
CA GLU M 52 -64.04 18.59 -51.75
C GLU M 52 -65.12 19.66 -51.67
N ARG M 53 -66.11 19.47 -50.80
CA ARG M 53 -67.09 20.54 -50.57
C ARG M 53 -66.40 21.78 -50.04
N LEU M 54 -65.47 21.62 -49.10
CA LEU M 54 -64.70 22.74 -48.59
C LEU M 54 -63.80 23.32 -49.66
N ALA M 55 -63.27 22.47 -50.54
CA ALA M 55 -62.44 22.96 -51.63
C ALA M 55 -63.22 23.91 -52.53
N GLU M 56 -64.41 23.47 -52.98
CA GLU M 56 -65.26 24.34 -53.79
C GLU M 56 -65.66 25.58 -53.01
N ALA M 57 -65.98 25.41 -51.72
CA ALA M 57 -66.38 26.52 -50.88
C ALA M 57 -65.31 27.61 -50.87
N TRP M 58 -64.11 27.28 -50.39
CA TRP M 58 -63.07 28.29 -50.30
C TRP M 58 -62.64 28.78 -51.68
N GLY M 59 -62.69 27.90 -52.69
CA GLY M 59 -62.25 28.28 -54.02
C GLY M 59 -63.11 29.36 -54.64
N GLN M 60 -64.41 29.09 -54.79
CA GLN M 60 -65.23 30.11 -55.41
C GLN M 60 -65.65 31.19 -54.41
N LEU M 61 -65.32 31.02 -53.12
CA LEU M 61 -65.36 32.16 -52.22
C LEU M 61 -64.26 33.16 -52.55
N LEU M 62 -63.04 32.67 -52.74
CA LEU M 62 -61.94 33.55 -53.14
C LEU M 62 -62.19 34.10 -54.53
N GLU M 63 -62.83 33.32 -55.40
CA GLU M 63 -63.21 33.81 -56.72
C GLU M 63 -64.23 34.94 -56.59
N ALA M 64 -65.20 34.79 -55.69
CA ALA M 64 -66.16 35.86 -55.45
C ALA M 64 -65.49 37.10 -54.87
N SER M 65 -64.42 36.91 -54.10
CA SER M 65 -63.70 38.03 -53.51
C SER M 65 -62.85 38.76 -54.55
N ARG M 66 -56.28 35.32 -49.00
CA ARG M 66 -55.20 35.84 -48.18
C ARG M 66 -55.73 36.50 -46.92
N ALA M 67 -54.96 37.45 -46.39
CA ALA M 67 -55.35 38.16 -45.16
C ALA M 67 -56.50 39.09 -45.49
N TYR M 68 -57.70 38.68 -45.08
CA TYR M 68 -58.90 39.47 -45.36
C TYR M 68 -59.52 39.98 -44.07
N VAL M 69 -59.76 41.27 -44.01
CA VAL M 69 -60.34 41.91 -42.84
C VAL M 69 -61.85 41.67 -42.86
N THR M 70 -62.44 41.58 -41.67
CA THR M 70 -63.87 41.36 -41.50
C THR M 70 -64.26 41.67 -40.06
N SER M 71 -65.40 42.32 -39.89
CA SER M 71 -65.90 42.60 -38.54
C SER M 71 -66.89 41.53 -38.10
N LEU M 72 -67.22 41.56 -36.80
CA LEU M 72 -68.33 40.75 -36.31
C LEU M 72 -69.63 41.14 -36.98
N SER M 73 -69.82 42.43 -37.31
CA SER M 73 -71.04 42.86 -37.97
C SER M 73 -71.27 42.09 -39.26
N PHE M 74 -70.24 41.98 -40.09
CA PHE M 74 -70.34 41.12 -41.27
C PHE M 74 -70.59 39.67 -40.85
N ILE M 75 -69.86 39.22 -39.82
CA ILE M 75 -70.02 37.84 -39.38
C ILE M 75 -71.38 37.65 -38.73
N ALA M 76 -71.81 38.62 -37.93
CA ALA M 76 -73.16 38.56 -37.38
C ALA M 76 -74.20 38.53 -38.48
N ALA M 77 -73.91 39.21 -39.60
CA ALA M 77 -74.80 39.15 -40.73
C ALA M 77 -74.88 37.74 -41.32
N CYS M 78 -73.72 37.13 -41.58
CA CYS M 78 -73.73 35.85 -42.27
C CYS M 78 -74.24 34.72 -41.40
N ARG M 79 -74.31 34.92 -40.08
CA ARG M 79 -74.83 33.92 -39.16
C ARG M 79 -76.18 34.33 -38.59
N ALA M 80 -76.87 35.26 -39.24
CA ALA M 80 -78.14 35.76 -38.72
C ALA M 80 -79.21 34.68 -38.65
N GLU M 81 -79.13 33.67 -39.53
CA GLU M 81 -80.18 32.66 -39.58
C GLU M 81 -80.16 31.74 -38.37
N GLU M 82 -79.00 31.46 -37.80
CA GLU M 82 -78.89 30.58 -36.65
C GLU M 82 -78.96 31.29 -35.31
N TYR M 83 -78.99 32.63 -35.31
CA TYR M 83 -79.12 33.38 -34.06
C TYR M 83 -80.49 33.15 -33.43
N THR M 84 -80.50 32.97 -32.11
CA THR M 84 -81.76 32.81 -31.39
C THR M 84 -82.59 34.08 -31.48
N ASP M 85 -81.95 35.24 -31.50
CA ASP M 85 -82.66 36.48 -31.74
C ASP M 85 -82.79 36.71 -33.24
N LYS M 86 -84.03 36.96 -33.69
CA LYS M 86 -84.27 37.15 -35.11
C LYS M 86 -84.53 38.61 -35.47
N GLN M 87 -85.02 39.42 -34.53
CA GLN M 87 -85.23 40.84 -34.81
C GLN M 87 -83.91 41.52 -35.14
N ALA M 88 -82.94 41.47 -34.22
CA ALA M 88 -81.64 42.06 -34.48
C ALA M 88 -80.95 41.39 -35.66
N ALA M 89 -81.11 40.07 -35.79
CA ALA M 89 -80.51 39.36 -36.91
C ALA M 89 -81.09 39.84 -38.24
N GLU M 90 -82.41 40.00 -38.32
CA GLU M 90 -83.04 40.47 -39.54
C GLU M 90 -82.68 41.92 -39.84
N ALA M 91 -82.60 42.75 -38.81
CA ALA M 91 -82.21 44.14 -39.01
C ALA M 91 -80.78 44.24 -39.53
N ASN M 92 -79.86 43.46 -38.95
CA ASN M 92 -78.49 43.43 -39.44
C ASN M 92 -78.44 42.90 -40.87
N ARG M 93 -79.19 41.83 -41.16
CA ARG M 93 -79.38 41.35 -42.53
C ARG M 93 -79.72 42.49 -43.49
N THR M 94 -80.84 43.18 -43.24
CA THR M 94 -81.29 44.22 -44.15
C THR M 94 -80.25 45.33 -44.29
N ALA M 95 -79.71 45.82 -43.17
CA ALA M 95 -78.73 46.90 -43.25
C ALA M 95 -77.49 46.50 -44.03
N ILE M 96 -76.97 45.31 -43.75
CA ILE M 96 -75.70 44.92 -44.34
C ILE M 96 -75.88 44.64 -45.82
N VAL M 97 -77.03 44.11 -46.21
CA VAL M 97 -77.24 43.75 -47.61
C VAL M 97 -77.78 44.97 -48.35
N SER M 98 -78.00 46.07 -47.63
CA SER M 98 -78.28 47.35 -48.24
C SER M 98 -77.15 48.35 -48.11
N ALA M 99 -76.00 47.97 -47.55
CA ALA M 99 -74.96 48.94 -47.22
C ALA M 99 -73.62 48.75 -47.93
N TYR M 100 -72.99 47.58 -47.87
CA TYR M 100 -71.69 47.39 -48.50
C TYR M 100 -71.82 47.26 -50.02
N GLY M 101 -70.71 46.88 -50.66
CA GLY M 101 -70.66 46.33 -52.01
C GLY M 101 -71.43 47.04 -53.11
N CYS M 102 -71.69 46.32 -54.20
CA CYS M 102 -72.51 46.88 -55.27
C CYS M 102 -73.76 46.05 -55.55
N SER M 103 -73.59 44.78 -55.93
CA SER M 103 -74.73 43.94 -56.29
C SER M 103 -74.66 42.50 -55.80
N ARG M 104 -73.50 42.00 -55.36
CA ARG M 104 -73.32 40.58 -55.05
C ARG M 104 -73.53 40.26 -53.57
N MET M 105 -74.33 41.07 -52.86
CA MET M 105 -74.26 41.11 -51.40
C MET M 105 -74.91 39.88 -50.77
N GLY M 106 -76.19 39.63 -51.08
CA GLY M 106 -76.82 38.42 -50.55
C GLY M 106 -76.08 37.18 -51.00
N ALA M 107 -75.54 37.20 -52.21
CA ALA M 107 -74.74 36.09 -52.71
C ALA M 107 -73.54 35.83 -51.80
N ARG M 108 -72.77 36.87 -51.44
CA ARG M 108 -71.57 36.63 -50.64
C ARG M 108 -71.94 36.24 -49.21
N LEU M 109 -73.03 36.79 -48.67
CA LEU M 109 -73.44 36.41 -47.32
C LEU M 109 -73.83 34.93 -47.25
N ILE M 110 -74.74 34.49 -48.13
CA ILE M 110 -75.13 33.08 -48.12
C ILE M 110 -73.93 32.21 -48.48
N ARG M 111 -73.05 32.75 -49.34
CA ARG M 111 -71.85 32.04 -49.73
C ARG M 111 -70.92 31.80 -48.55
N PHE M 112 -70.75 32.81 -47.71
CA PHE M 112 -69.87 32.68 -46.56
C PHE M 112 -70.48 31.76 -45.51
N SER M 113 -71.80 31.81 -45.35
CA SER M 113 -72.46 30.87 -44.44
C SER M 113 -72.23 29.43 -44.89
N GLU M 114 -72.41 29.17 -46.19
CA GLU M 114 -72.19 27.84 -46.73
C GLU M 114 -70.73 27.43 -46.58
N CYS M 115 -69.80 28.36 -46.81
CA CYS M 115 -68.38 28.03 -46.71
C CYS M 115 -68.00 27.69 -45.27
N LEU M 116 -68.52 28.43 -44.29
CA LEU M 116 -68.28 28.09 -42.89
C LEU M 116 -68.87 26.73 -42.53
N ARG M 117 -70.05 26.42 -43.06
CA ARG M 117 -70.62 25.10 -42.86
C ARG M 117 -69.69 24.02 -43.43
N ALA M 118 -69.15 24.26 -44.63
CA ALA M 118 -68.20 23.32 -45.21
C ALA M 118 -66.94 23.20 -44.35
N MET M 119 -66.46 24.32 -43.81
CA MET M 119 -65.30 24.29 -42.92
C MET M 119 -65.55 23.38 -41.73
N VAL M 120 -66.67 23.58 -41.03
CA VAL M 120 -66.92 22.78 -39.84
C VAL M 120 -67.18 21.32 -40.18
N GLN M 121 -67.84 21.04 -41.31
CA GLN M 121 -68.17 19.66 -41.64
C GLN M 121 -66.92 18.83 -41.87
N CYS M 122 -65.88 19.42 -42.47
CA CYS M 122 -64.65 18.71 -42.79
C CYS M 122 -63.71 18.57 -41.61
N HIS M 123 -64.16 18.89 -40.40
CA HIS M 123 -63.41 18.70 -39.15
C HIS M 123 -62.20 19.63 -39.05
N VAL M 124 -61.94 20.43 -40.08
CA VAL M 124 -60.97 21.53 -39.98
C VAL M 124 -61.80 22.78 -39.66
N PHE M 125 -61.93 23.03 -38.37
CA PHE M 125 -62.96 23.94 -37.87
C PHE M 125 -62.64 25.38 -38.29
N PRO M 126 -63.65 26.25 -38.40
CA PRO M 126 -63.41 27.64 -38.80
C PRO M 126 -62.64 28.46 -37.77
N HIS M 127 -62.40 27.91 -36.59
CA HIS M 127 -61.56 28.59 -35.62
C HIS M 127 -60.10 28.29 -35.93
N ARG M 128 -59.20 28.75 -35.05
CA ARG M 128 -57.74 28.66 -35.15
C ARG M 128 -57.23 29.51 -36.30
N PHE M 129 -58.15 30.09 -37.08
CA PHE M 129 -57.90 31.27 -37.88
C PHE M 129 -59.03 32.26 -37.58
N ILE M 130 -59.15 33.32 -38.40
CA ILE M 130 -60.02 34.46 -38.10
C ILE M 130 -59.49 35.13 -36.85
N SER M 131 -58.22 35.55 -36.89
CA SER M 131 -57.59 36.16 -35.73
C SER M 131 -58.07 37.60 -35.56
N PHE M 132 -58.08 38.07 -34.33
CA PHE M 132 -58.51 39.44 -34.03
C PHE M 132 -57.44 40.43 -34.43
N PHE M 133 -57.83 41.47 -35.15
CA PHE M 133 -56.86 42.46 -35.61
C PHE M 133 -56.79 43.66 -34.67
N GLY M 134 -57.90 44.35 -34.49
CA GLY M 134 -57.90 45.57 -33.70
C GLY M 134 -59.27 46.16 -33.57
N SER M 135 -59.32 47.41 -33.11
CA SER M 135 -60.57 48.10 -32.83
C SER M 135 -61.00 49.07 -33.92
N LEU M 136 -60.28 49.09 -35.05
CA LEU M 136 -60.57 49.95 -36.20
C LEU M 136 -60.32 51.42 -35.87
N LEU M 137 -59.63 52.12 -36.76
CA LEU M 137 -59.25 53.52 -36.55
C LEU M 137 -59.39 54.18 -37.92
N GLU M 138 -58.75 55.34 -38.14
CA GLU M 138 -59.11 56.21 -39.27
C GLU M 138 -59.25 55.49 -40.61
N TYR M 139 -58.64 54.31 -40.74
CA TYR M 139 -58.54 53.54 -41.99
C TYR M 139 -58.07 54.39 -43.16
N THR M 140 -58.04 53.81 -44.36
CA THR M 140 -57.47 54.51 -45.52
C THR M 140 -58.39 54.55 -46.72
N ILE M 141 -59.04 53.43 -47.04
CA ILE M 141 -59.72 53.23 -48.31
C ILE M 141 -58.80 53.66 -49.45
N GLN M 142 -57.79 52.84 -49.75
CA GLN M 142 -56.92 53.09 -50.89
C GLN M 142 -57.55 52.42 -52.11
N ASP M 143 -58.60 53.05 -52.64
CA ASP M 143 -59.41 52.46 -53.70
C ASP M 143 -59.88 51.08 -53.29
N ASN M 144 -59.29 50.04 -53.88
CA ASN M 144 -59.58 48.67 -53.49
C ASN M 144 -58.55 48.10 -52.52
N LEU M 145 -57.52 48.86 -52.18
CA LEU M 145 -56.57 48.44 -51.16
C LEU M 145 -57.07 48.87 -49.79
N CYS M 146 -56.89 48.02 -48.79
CA CYS M 146 -57.50 48.20 -47.48
C CYS M 146 -56.40 48.32 -46.43
N ASN M 147 -55.97 49.56 -46.18
CA ASN M 147 -54.97 49.85 -45.15
C ASN M 147 -55.63 50.30 -43.84
N ILE M 148 -56.20 49.35 -43.10
CA ILE M 148 -56.88 49.67 -41.86
C ILE M 148 -55.87 50.06 -40.80
N THR M 149 -56.10 51.19 -40.15
CA THR M 149 -55.43 51.49 -38.89
C THR M 149 -56.30 51.02 -37.74
N ALA M 150 -55.66 50.46 -36.71
CA ALA M 150 -56.42 49.92 -35.59
C ALA M 150 -55.55 49.83 -34.35
N VAL M 151 -56.18 49.65 -33.21
CA VAL M 151 -55.50 49.49 -31.92
C VAL M 151 -55.57 48.01 -31.56
N ALA M 152 -54.42 47.35 -31.50
CA ALA M 152 -54.41 45.91 -31.21
C ALA M 152 -54.53 45.65 -29.70
N LYS M 153 -53.66 46.27 -28.92
CA LYS M 153 -53.68 46.15 -27.47
C LYS M 153 -53.62 47.55 -26.85
N GLY M 154 -53.73 47.60 -25.53
CA GLY M 154 -53.76 48.86 -24.82
C GLY M 154 -55.17 49.39 -24.67
N PRO M 155 -55.31 50.51 -23.96
CA PRO M 155 -56.64 51.04 -23.69
C PRO M 155 -57.28 51.66 -24.92
N GLN M 156 -58.61 51.67 -24.93
CA GLN M 156 -59.36 52.43 -25.91
C GLN M 156 -59.38 53.89 -25.45
N GLU M 157 -60.20 54.73 -26.10
CA GLU M 157 -60.39 56.14 -25.75
C GLU M 157 -59.06 56.87 -25.55
N ALA M 158 -58.00 56.35 -26.18
CA ALA M 158 -56.67 56.92 -26.07
C ALA M 158 -56.05 57.29 -27.41
N ALA M 159 -56.67 56.92 -28.53
CA ALA M 159 -56.16 57.25 -29.85
C ALA M 159 -56.47 58.71 -30.17
N ARG M 160 -56.16 59.12 -31.40
CA ARG M 160 -56.37 60.50 -31.83
C ARG M 160 -57.07 60.46 -33.18
N THR M 161 -58.36 60.75 -33.19
CA THR M 161 -59.16 60.75 -34.40
C THR M 161 -59.48 62.19 -34.78
N ASP M 162 -59.27 62.53 -36.06
CA ASP M 162 -59.49 63.89 -36.52
C ASP M 162 -60.85 64.04 -37.21
N LYS M 163 -61.37 62.97 -37.79
CA LYS M 163 -62.64 63.03 -38.52
C LYS M 163 -63.84 62.65 -37.63
N THR M 164 -63.95 63.31 -36.48
CA THR M 164 -65.09 63.10 -35.58
C THR M 164 -65.17 64.29 -34.62
N SER M 165 -66.34 64.45 -34.01
CA SER M 165 -66.57 65.59 -33.13
C SER M 165 -65.79 65.47 -31.82
N THR M 166 -65.82 64.29 -31.20
CA THR M 166 -65.28 64.10 -29.87
C THR M 166 -63.82 63.69 -29.85
N ARG M 167 -63.20 63.50 -31.02
CA ARG M 167 -61.78 63.18 -31.17
C ARG M 167 -61.38 61.88 -30.50
N ARG M 168 -62.35 61.07 -30.07
CA ARG M 168 -62.08 59.74 -29.52
C ARG M 168 -63.11 58.77 -30.06
N VAL M 169 -62.81 57.48 -29.95
CA VAL M 169 -63.65 56.44 -30.52
C VAL M 169 -63.80 55.30 -29.54
N THR M 170 -64.98 54.67 -29.56
CA THR M 170 -65.26 53.48 -28.78
C THR M 170 -65.97 52.46 -29.66
N ALA M 171 -65.78 51.18 -29.36
CA ALA M 171 -66.32 50.11 -30.18
C ALA M 171 -67.81 49.93 -29.94
N ASN M 172 -68.46 49.23 -30.86
CA ASN M 172 -69.86 48.85 -30.71
C ASN M 172 -70.11 47.58 -31.50
N ILE M 173 -71.07 46.79 -31.02
CA ILE M 173 -71.29 45.43 -31.53
C ILE M 173 -72.78 45.17 -31.61
N PRO M 174 -73.21 44.53 -32.70
CA PRO M 174 -74.62 44.12 -32.79
C PRO M 174 -74.99 43.17 -31.66
N ALA M 175 -76.21 43.32 -31.16
CA ALA M 175 -76.65 42.56 -30.00
C ALA M 175 -76.76 41.07 -30.30
N CYS M 176 -76.69 40.70 -31.59
CA CYS M 176 -76.79 39.30 -31.96
C CYS M 176 -75.67 38.46 -31.34
N VAL M 177 -74.46 39.01 -31.31
CA VAL M 177 -73.31 38.31 -30.76
C VAL M 177 -73.11 38.64 -29.28
N PHE M 178 -74.14 39.19 -28.63
CA PHE M 178 -74.01 39.74 -27.28
C PHE M 178 -74.66 38.82 -26.26
N TRP M 179 -73.87 38.37 -25.27
CA TRP M 179 -74.39 37.64 -24.12
C TRP M 179 -73.90 38.30 -22.84
N ASP M 180 -74.71 38.18 -21.79
CA ASP M 180 -74.29 38.40 -20.41
C ASP M 180 -74.42 37.05 -19.72
N VAL M 181 -73.37 36.22 -19.85
CA VAL M 181 -73.45 34.85 -19.36
C VAL M 181 -73.59 34.77 -17.85
N ASP M 182 -73.20 35.82 -17.13
CA ASP M 182 -73.25 35.77 -15.67
C ASP M 182 -74.67 35.87 -15.15
N LYS M 183 -75.48 36.74 -15.74
CA LYS M 183 -76.88 36.83 -15.32
C LYS M 183 -77.65 35.58 -15.69
N ASP M 184 -77.33 34.96 -16.83
CA ASP M 184 -77.94 33.69 -17.19
C ASP M 184 -77.57 32.60 -16.17
N LEU M 185 -76.32 32.58 -15.73
CA LEU M 185 -75.89 31.67 -14.68
C LEU M 185 -76.26 32.17 -13.29
N HIS M 186 -76.80 33.39 -13.18
CA HIS M 186 -77.18 33.99 -11.90
C HIS M 186 -75.97 34.06 -10.95
N LEU M 187 -74.83 34.46 -11.50
CA LEU M 187 -73.57 34.50 -10.76
C LEU M 187 -72.94 35.88 -10.94
N SER M 188 -73.13 36.75 -9.94
CA SER M 188 -72.52 38.07 -9.87
C SER M 188 -72.98 39.00 -10.99
N ALA M 189 -72.73 40.30 -10.82
CA ALA M 189 -73.09 41.29 -11.83
C ALA M 189 -71.97 42.29 -12.06
N ASP M 190 -71.06 42.41 -11.10
CA ASP M 190 -70.01 43.42 -11.13
C ASP M 190 -68.64 42.77 -11.23
N GLY M 191 -67.62 43.63 -11.22
CA GLY M 191 -66.23 43.20 -11.25
C GLY M 191 -65.60 43.47 -12.60
N LEU M 192 -64.30 43.22 -12.67
CA LEU M 192 -63.55 43.35 -13.92
C LEU M 192 -64.03 42.27 -14.87
N LYS M 193 -64.47 42.66 -16.06
CA LYS M 193 -65.18 41.77 -16.98
C LYS M 193 -64.30 41.46 -18.17
N HIS M 194 -64.03 40.17 -18.38
CA HIS M 194 -63.28 39.75 -19.56
C HIS M 194 -64.16 39.81 -20.80
N VAL M 195 -63.50 39.95 -21.97
CA VAL M 195 -64.18 40.02 -23.25
C VAL M 195 -63.80 38.79 -24.06
N PHE M 196 -64.81 38.01 -24.47
CA PHE M 196 -64.59 36.73 -25.12
C PHE M 196 -65.31 36.67 -26.46
N LEU M 197 -64.61 36.16 -27.47
CA LEU M 197 -65.24 35.65 -28.70
C LEU M 197 -65.42 34.14 -28.54
N VAL M 198 -66.66 33.69 -28.60
CA VAL M 198 -66.99 32.29 -28.34
C VAL M 198 -67.59 31.71 -29.62
N PHE M 199 -66.94 30.70 -30.17
CA PHE M 199 -67.47 29.91 -31.27
C PHE M 199 -68.19 28.71 -30.69
N VAL M 200 -69.48 28.60 -30.93
CA VAL M 200 -70.28 27.45 -30.52
C VAL M 200 -70.61 26.63 -31.76
N TYR M 201 -70.37 25.33 -31.68
CA TYR M 201 -70.43 24.45 -32.84
C TYR M 201 -71.55 23.45 -32.67
N THR M 202 -72.13 23.00 -33.79
CA THR M 202 -73.22 22.02 -33.79
C THR M 202 -72.96 21.00 -34.90
N GLN M 203 -72.26 19.92 -34.56
CA GLN M 203 -72.13 18.80 -35.48
C GLN M 203 -73.49 18.11 -35.62
N ARG M 204 -73.80 17.68 -36.85
CA ARG M 204 -75.12 17.13 -37.16
C ARG M 204 -76.19 18.14 -36.79
N ARG M 205 -77.05 17.78 -35.84
CA ARG M 205 -78.07 18.68 -35.30
C ARG M 205 -78.97 19.23 -36.43
N GLN M 206 -79.70 18.31 -37.06
CA GLN M 206 -80.56 18.60 -38.22
C GLN M 206 -79.87 19.54 -39.22
N ARG M 207 -78.60 19.24 -39.52
CA ARG M 207 -77.80 20.00 -40.46
C ARG M 207 -77.69 21.48 -40.05
N GLU M 208 -77.22 21.68 -38.82
CA GLU M 208 -77.00 23.01 -38.30
C GLU M 208 -75.61 23.51 -38.70
N GLY M 209 -75.35 24.79 -38.44
CA GLY M 209 -74.04 25.36 -38.70
C GLY M 209 -73.31 25.72 -37.42
N VAL M 210 -72.51 26.79 -37.46
CA VAL M 210 -71.73 27.22 -36.31
C VAL M 210 -72.03 28.67 -36.02
N ARG M 211 -72.08 29.00 -34.72
CA ARG M 211 -72.46 30.33 -34.26
C ARG M 211 -71.34 30.91 -33.42
N LEU M 212 -71.31 32.24 -33.35
CA LEU M 212 -70.33 32.97 -32.56
C LEU M 212 -71.04 33.98 -31.67
N HIS M 213 -70.35 34.41 -30.62
CA HIS M 213 -70.87 35.42 -29.72
C HIS M 213 -69.72 36.16 -29.05
N LEU M 214 -69.93 37.45 -28.81
CA LEU M 214 -69.00 38.28 -28.04
C LEU M 214 -69.59 38.42 -26.65
N ALA M 215 -69.18 37.55 -25.73
CA ALA M 215 -69.74 37.51 -24.39
C ALA M 215 -68.76 38.08 -23.37
N LEU M 216 -69.31 38.77 -22.38
CA LEU M 216 -68.55 39.33 -21.28
C LEU M 216 -68.76 38.47 -20.05
N SER M 217 -67.66 38.07 -19.41
CA SER M 217 -67.73 37.17 -18.27
C SER M 217 -66.64 37.53 -17.27
N GLN M 218 -66.97 37.40 -15.99
CA GLN M 218 -65.98 37.53 -14.93
C GLN M 218 -65.27 36.22 -14.65
N LEU M 219 -65.63 35.15 -15.36
CA LEU M 219 -65.01 33.85 -15.17
C LEU M 219 -63.56 33.87 -15.63
N ASN M 220 -62.77 32.95 -15.08
CA ASN M 220 -61.37 32.86 -15.45
C ASN M 220 -61.22 32.30 -16.87
N GLU M 221 -60.12 32.67 -17.52
CA GLU M 221 -59.82 32.12 -18.84
C GLU M 221 -59.59 30.63 -18.76
N GLN M 222 -58.82 30.17 -17.77
CA GLN M 222 -58.64 28.74 -17.56
C GLN M 222 -59.97 28.08 -17.20
N CYS M 223 -60.78 28.75 -16.39
CA CYS M 223 -62.13 28.31 -16.08
C CYS M 223 -63.04 28.69 -17.24
N PHE M 224 -64.36 28.65 -17.00
CA PHE M 224 -65.38 29.08 -17.95
C PHE M 224 -65.53 28.07 -19.09
N GLY M 225 -64.64 27.07 -19.13
CA GLY M 225 -64.87 25.95 -20.01
C GLY M 225 -66.09 25.15 -19.60
N ARG M 226 -66.22 24.88 -18.30
CA ARG M 226 -67.45 24.28 -17.79
C ARG M 226 -68.64 25.22 -17.96
N GLY M 227 -68.42 26.53 -17.89
CA GLY M 227 -69.50 27.48 -18.07
C GLY M 227 -70.18 27.35 -19.41
N ILE M 228 -69.37 27.23 -20.48
CA ILE M 228 -69.94 26.92 -21.79
C ILE M 228 -70.45 25.49 -21.81
N GLY M 229 -69.71 24.57 -21.17
CA GLY M 229 -70.19 23.19 -21.08
C GLY M 229 -71.50 23.09 -20.33
N PHE M 230 -71.68 23.92 -19.31
CA PHE M 230 -72.96 24.01 -18.64
C PHE M 230 -73.93 24.84 -19.47
N LEU M 231 -75.23 24.63 -19.22
CA LEU M 231 -76.30 25.37 -19.88
C LEU M 231 -76.31 25.07 -21.37
N LEU M 232 -75.30 25.57 -22.10
CA LEU M 232 -75.23 25.32 -23.54
C LEU M 232 -75.09 23.82 -23.82
N GLY M 233 -74.21 23.14 -23.10
CA GLY M 233 -74.11 21.70 -23.21
C GLY M 233 -75.24 20.94 -22.58
N ALA M 234 -75.91 21.54 -21.60
CA ALA M 234 -77.11 20.95 -21.03
C ALA M 234 -78.32 21.10 -21.94
N ARG M 235 -78.33 22.13 -22.78
CA ARG M 235 -79.45 22.37 -23.69
C ARG M 235 -79.12 21.71 -25.03
N ILE M 236 -79.19 20.37 -25.03
CA ILE M 236 -78.92 19.59 -26.22
C ILE M 236 -80.03 18.56 -26.42
N CYS M 237 -68.91 16.01 -29.70
CA CYS M 237 -67.48 16.28 -29.56
C CYS M 237 -67.10 17.60 -30.24
N MET M 238 -66.18 18.33 -29.60
CA MET M 238 -65.70 19.61 -30.11
C MET M 238 -66.87 20.58 -30.33
N TYR M 239 -67.60 20.83 -29.24
CA TYR M 239 -68.86 21.56 -29.33
C TYR M 239 -68.70 23.08 -29.33
N ALA M 240 -67.60 23.59 -28.78
CA ALA M 240 -67.45 25.04 -28.67
C ALA M 240 -65.98 25.40 -28.53
N ALA M 241 -65.68 26.67 -28.79
CA ALA M 241 -64.33 27.20 -28.64
C ALA M 241 -64.44 28.69 -28.34
N TYR M 242 -63.56 29.19 -27.49
CA TYR M 242 -63.57 30.60 -27.09
C TYR M 242 -62.14 31.12 -26.93
N THR M 243 -62.01 32.44 -27.04
CA THR M 243 -60.73 33.11 -26.93
C THR M 243 -60.90 34.44 -26.21
N LEU M 244 -59.81 34.91 -25.61
CA LEU M 244 -59.80 36.15 -24.83
C LEU M 244 -59.19 37.27 -25.65
N ILE M 245 -59.82 38.44 -25.61
CA ILE M 245 -59.40 39.59 -26.40
C ILE M 245 -59.14 40.82 -25.54
N GLY M 246 -60.07 41.16 -24.65
CA GLY M 246 -59.92 42.38 -23.87
C GLY M 246 -60.59 42.23 -22.52
N THR M 247 -60.45 43.29 -21.72
CA THR M 247 -61.00 43.34 -20.38
C THR M 247 -61.55 44.73 -20.09
N ILE M 248 -62.44 44.80 -19.11
CA ILE M 248 -63.02 46.06 -18.67
C ILE M 248 -62.43 46.40 -17.30
N PRO M 249 -61.58 47.42 -17.19
CA PRO M 249 -60.97 47.76 -15.90
C PRO M 249 -61.86 48.55 -14.96
N SER M 250 -63.05 48.94 -15.38
CA SER M 250 -63.96 49.65 -14.50
C SER M 250 -64.54 48.69 -13.44
N GLU M 251 -64.98 49.27 -12.32
CA GLU M 251 -65.55 48.46 -11.26
C GLU M 251 -66.81 47.74 -11.73
N SER M 252 -67.70 48.45 -12.41
CA SER M 252 -68.93 47.88 -12.93
C SER M 252 -69.04 48.22 -14.41
N VAL M 253 -69.42 47.23 -15.22
CA VAL M 253 -69.57 47.45 -16.65
C VAL M 253 -70.82 48.27 -16.92
N ARG M 254 -70.80 49.03 -18.01
CA ARG M 254 -71.93 49.83 -18.44
C ARG M 254 -72.17 49.59 -19.92
N TYR M 255 -73.43 49.46 -20.31
CA TYR M 255 -73.83 49.22 -21.68
C TYR M 255 -74.63 50.40 -22.19
N THR M 256 -74.88 50.43 -23.50
CA THR M 256 -75.62 51.51 -24.12
C THR M 256 -76.31 50.97 -25.36
N ARG M 257 -77.63 50.79 -25.28
CA ARG M 257 -78.42 50.32 -26.41
C ARG M 257 -78.94 51.47 -27.25
N ARG M 258 -78.25 52.61 -27.26
CA ARG M 258 -78.63 53.72 -28.11
C ARG M 258 -78.74 53.26 -29.56
N MET M 259 -79.95 53.33 -30.09
CA MET M 259 -80.26 52.64 -31.33
C MET M 259 -79.47 53.29 -32.46
N GLU M 260 -78.80 52.47 -33.27
CA GLU M 260 -77.77 52.96 -34.18
C GLU M 260 -78.27 52.95 -35.63
N ARG M 261 -78.01 54.05 -36.33
CA ARG M 261 -78.30 54.17 -37.76
C ARG M 261 -77.06 53.77 -38.53
N PHE M 262 -77.03 52.54 -39.03
CA PHE M 262 -75.81 51.98 -39.62
C PHE M 262 -75.58 52.50 -41.03
N GLY M 263 -76.49 52.17 -41.95
CA GLY M 263 -76.38 52.58 -43.33
C GLY M 263 -77.70 53.08 -43.89
N GLY M 264 -78.49 53.72 -43.04
CA GLY M 264 -79.87 54.02 -43.36
C GLY M 264 -80.87 53.07 -42.74
N TYR M 265 -80.39 52.09 -41.98
CA TYR M 265 -81.25 51.16 -41.26
C TYR M 265 -80.76 51.05 -39.82
N ASN M 266 -81.66 50.64 -38.94
CA ASN M 266 -81.37 50.58 -37.51
C ASN M 266 -80.67 49.28 -37.14
N VAL M 267 -79.64 49.37 -36.30
CA VAL M 267 -78.91 48.21 -35.82
C VAL M 267 -78.71 48.30 -34.31
N PRO M 268 -78.87 47.20 -33.57
CA PRO M 268 -78.73 47.26 -32.11
C PRO M 268 -77.29 47.16 -31.62
N THR M 269 -76.58 48.29 -31.59
CA THR M 269 -75.23 48.31 -31.06
C THR M 269 -75.23 48.30 -29.53
N ILE M 270 -74.11 47.85 -28.96
CA ILE M 270 -74.00 47.70 -27.50
C ILE M 270 -73.18 48.84 -26.92
N TRP M 271 -72.22 49.36 -27.68
CA TRP M 271 -71.42 50.52 -27.30
C TRP M 271 -70.62 50.24 -26.01
N LEU M 272 -69.72 49.28 -26.11
CA LEU M 272 -68.75 49.07 -25.05
C LEU M 272 -67.88 50.31 -24.88
N GLU M 273 -67.75 50.78 -23.64
CA GLU M 273 -67.03 52.00 -23.32
C GLU M 273 -65.97 51.68 -22.27
N GLY M 274 -64.79 52.28 -22.43
CA GLY M 274 -63.71 52.07 -21.49
C GLY M 274 -63.22 50.64 -21.47
N VAL M 275 -62.62 50.20 -22.57
CA VAL M 275 -62.14 48.83 -22.73
C VAL M 275 -60.65 48.87 -23.04
N VAL M 276 -59.93 47.84 -22.60
CA VAL M 276 -58.52 47.68 -22.90
C VAL M 276 -58.36 46.38 -23.67
N TRP M 277 -57.77 46.45 -24.85
CA TRP M 277 -57.54 45.27 -25.66
C TRP M 277 -56.23 44.60 -25.28
N GLY M 278 -56.18 43.28 -25.48
CA GLY M 278 -54.99 42.52 -25.17
C GLY M 278 -55.05 41.08 -25.64
N GLY M 279 -54.55 40.16 -24.82
CA GLY M 279 -54.62 38.75 -25.13
C GLY M 279 -53.55 38.31 -26.13
N THR M 280 -53.39 36.98 -26.22
CA THR M 280 -52.44 36.38 -27.15
C THR M 280 -53.14 35.54 -28.20
N ASN M 281 -54.46 35.62 -28.30
CA ASN M 281 -55.26 34.90 -29.28
C ASN M 281 -55.04 33.39 -29.17
N THR M 282 -55.44 32.85 -28.02
CA THR M 282 -55.41 31.42 -27.77
C THR M 282 -56.85 30.91 -27.73
N TRP M 283 -57.14 29.89 -28.53
CA TRP M 283 -58.51 29.41 -28.71
C TRP M 283 -58.71 28.18 -27.83
N ASN M 284 -59.34 28.38 -26.68
CA ASN M 284 -59.66 27.27 -25.79
C ASN M 284 -60.92 26.58 -26.30
N GLU M 285 -60.74 25.41 -26.92
CA GLU M 285 -61.85 24.65 -27.50
C GLU M 285 -62.23 23.55 -26.53
N CYS M 286 -63.54 23.41 -26.30
CA CYS M 286 -64.05 22.39 -25.39
C CYS M 286 -65.04 21.46 -26.10
#